data_9BHH
#
_entry.id   9BHH
#
_cell.length_a   1.00
_cell.length_b   1.00
_cell.length_c   1.00
_cell.angle_alpha   90.00
_cell.angle_beta   90.00
_cell.angle_gamma   90.00
#
_symmetry.space_group_name_H-M   'P 1'
#
loop_
_entity.id
_entity.type
_entity.pdbx_description
1 polymer 'E1 glycoprotein'
2 polymer 'E2 glycoprotein'
3 polymer 'Capsid protein'
4 polymer 'Light chain of IM-CKV063'
5 polymer 'Heavy Chain of IM-CKV063'
6 polymer 'E3 glycoprotein'
#
loop_
_entity_poly.entity_id
_entity_poly.type
_entity_poly.pdbx_seq_one_letter_code
_entity_poly.pdbx_strand_id
1 'polypeptide(L)'
;YEHVTVIPNTVGVPYKTLVNRPGYSPMVLEMELLSVTLEPTLSLDYITCEYKTVIPSPYVKCCGTAECKDKSLPDYSCKV
FTGVYPFMWGGAYCFCDTENTQLSEAHVEKSESCKTEFASAYRAHTASASAKLRVLYQGNNVTVSAYANGDHAVTVKDAK
FIVGPMSSAWTPFDNKIVVYKGDVYNMDYPPFGAGRPGQFGDIQSRTPESEDVYANTQLVLQRPSAGTVHVPYSQAPSGF
KYWLKERGASLQHTAPFGCQIATNPVRAMNCAVGNMPISIDIPDAAFTRVVDAPSLTDMSCEVPACTHSSDFGGVAIIKY
AASKKGKCAVHSMTNAVTIREAEIEVEGNSQLQISFSTALASAEFRVQVCSTQVHCAAECHPPKDHIVNYPASHTTLGVQ
DISVTAMSWVQKITGGVGLVVAVAALILIVVLCVSFSR
;
A,B,C,D
2 'polypeptide(L)'
;NFNVYKAIRPYLAHCPDCGEGHSCHSPVALERIRNEATDGTLKIQVSLQIGIKTDDSHDWTKLRYMDNHMPADAERARLF
VRTSAPCTITGTMGHFILARCPKGETLTVGFTDGRKISHSCTHPFHHDPPVIGREKFHSRPQHGRELPCSTYAQSTAATA
EEIEVHMPPDTPDRTLMSQQSGNVKITVNSQTVRYKCNCGDSNEGLTTTDKVINNCKVDQCHAAVTNHKKWQYNSPLVPR
NAELGDRKGKVHIPFPLANVTCRVPKARNPTVTYGKNQVIMLLYPDHPTLLSYRNMGEEPNYQEEWVTHKKEIRLTVPTE
GLEVTWGNNEPYKYWPQLSTNGTAHGHPHEIILYYYELYPTMTVVVVSVASFVLLSMVGVAVGMCMCARRRCITPYELTP
GATVPFLLSLICCIRTAK
;
E,F,G,H
3 'polypeptide(L)'
;NDCIFEVKHEGKVTGYACLVGDKVMKPAHVKGTIDNADLAKLAFKRSSKYDLECAQIPVHMKSDASKFTHEKPEGYYNWH
HGAVQYSGGRFTIPTGAGKPGDSGRPIFDNKGRVVAIVLGGANEGARTALSVVTWNKDIVTKITPEGAEEW
;
J,I,K,L
4 'polypeptide(L)'
;EIVMTQSPATLSLSPGERATLSCRASQSVSSYLAWYQQKPGQAPRLLIYDASNRATGIPDRFSGSGSGTDFTLTISRLEP
EDFAVYYCQQYANSRRTFGQGTKVEIKRTVAAPSVFIFPPSDEQLKSGTASVVCLLNNFYPREAKVQWKVDNALQSGNSQ
ESVTEQDSKDSTYSLSSTLTLSKADYEKHKVYACEVTHQGLSSPVTKSFNRGE
;
M,O,Q,S
5 'polypeptide(L)'
;QVQLVQSGAEVKKPGSAVKVSCKASGGTLRKYAISWLRQAPGQGLEWMGGIIPIFGTANYAQKFQGRVTITADESTTTPY
TTTPYTSTAYIELTSLRSEDTAVYYCARDLGPLTGYSYSYFDYWGQGTLVTVSSASTKGPSVFPLAPSSKSTSGGTAALG
CLVKDYFPEPVTVSWNSGALTSGVHTFPAVLQSSGLYSLSSVVTVPSSSLGTQTYICNVNHKPSNTKVDKKVEPKSCDKT
HT
;
N,P,R,T
6 'polypeptide(L)' PVMCLLANTTFPCSQPPCTPCCYEKEPEETLRMLEDNVMRPGYYQLLQASLTCSPHRQRR U,V,W,X
#
# COMPACT_ATOMS: atom_id res chain seq x y z
N TYR A 1 81.05 26.73 -31.77
CA TYR A 1 80.52 27.83 -30.95
C TYR A 1 79.44 27.30 -30.04
N GLU A 2 79.50 27.60 -28.75
CA GLU A 2 78.62 27.03 -27.74
C GLU A 2 77.63 28.08 -27.24
N HIS A 3 76.35 27.89 -27.49
CA HIS A 3 75.28 28.81 -27.08
C HIS A 3 74.35 28.15 -26.09
N VAL A 4 73.91 28.85 -25.06
CA VAL A 4 73.03 28.30 -24.02
C VAL A 4 71.91 29.26 -23.70
N THR A 5 70.70 28.77 -23.55
CA THR A 5 69.51 29.61 -23.40
C THR A 5 68.41 28.87 -22.65
N VAL A 6 67.40 29.59 -22.20
CA VAL A 6 66.28 29.03 -21.45
C VAL A 6 64.99 29.36 -22.16
N ILE A 7 64.21 28.35 -22.53
CA ILE A 7 62.89 28.54 -23.11
C ILE A 7 61.83 28.17 -22.08
N PRO A 8 60.74 28.93 -21.93
CA PRO A 8 59.64 28.54 -21.06
C PRO A 8 59.09 27.17 -21.43
N ASN A 9 58.53 26.44 -20.48
CA ASN A 9 58.06 25.07 -20.70
C ASN A 9 56.74 24.98 -21.47
N THR A 10 56.17 26.10 -21.91
CA THR A 10 54.89 26.14 -22.61
C THR A 10 54.99 25.44 -23.95
N VAL A 11 54.20 24.41 -24.17
CA VAL A 11 54.09 23.69 -25.44
C VAL A 11 53.39 24.52 -26.49
N GLY A 12 53.82 24.43 -27.74
CA GLY A 12 53.09 25.01 -28.87
C GLY A 12 53.27 26.51 -29.09
N VAL A 13 54.14 27.18 -28.34
CA VAL A 13 54.52 28.58 -28.55
C VAL A 13 55.97 28.63 -29.02
N PRO A 14 56.30 29.12 -30.22
CA PRO A 14 57.66 29.11 -30.71
C PRO A 14 58.49 30.23 -30.10
N TYR A 15 59.71 29.94 -29.66
CA TYR A 15 60.64 30.90 -29.09
C TYR A 15 61.80 31.15 -30.03
N LYS A 16 62.15 32.41 -30.23
CA LYS A 16 63.32 32.85 -30.98
C LYS A 16 64.55 32.89 -30.06
N THR A 17 65.75 32.68 -30.57
CA THR A 17 66.99 33.04 -29.87
C THR A 17 68.08 33.44 -30.85
N LEU A 18 68.98 34.33 -30.44
CA LEU A 18 69.98 34.96 -31.29
C LEU A 18 71.37 34.38 -30.99
N VAL A 19 72.03 33.84 -32.00
CA VAL A 19 73.38 33.28 -31.90
C VAL A 19 74.38 34.35 -32.31
N ASN A 20 74.57 35.36 -31.47
CA ASN A 20 75.46 36.48 -31.81
C ASN A 20 76.91 36.08 -31.64
N ARG A 21 77.60 35.75 -32.72
CA ARG A 21 79.05 35.51 -32.71
C ARG A 21 79.79 36.69 -33.32
N PRO A 22 80.53 37.51 -32.57
CA PRO A 22 81.17 38.70 -33.11
C PRO A 22 82.07 38.38 -34.30
N GLY A 23 82.03 39.22 -35.34
CA GLY A 23 82.77 39.02 -36.59
C GLY A 23 82.05 38.19 -37.64
N TYR A 24 80.95 37.53 -37.29
CA TYR A 24 80.12 36.74 -38.19
C TYR A 24 78.71 37.29 -38.27
N SER A 25 78.01 37.04 -39.37
CA SER A 25 76.62 37.46 -39.48
C SER A 25 75.78 36.71 -38.46
N PRO A 26 74.95 37.39 -37.65
CA PRO A 26 74.16 36.73 -36.64
C PRO A 26 73.13 35.84 -37.31
N MET A 27 72.81 34.73 -36.67
CA MET A 27 71.77 33.81 -37.10
C MET A 27 70.78 33.61 -35.96
N VAL A 28 69.52 33.39 -36.31
CA VAL A 28 68.43 33.26 -35.35
C VAL A 28 67.79 31.90 -35.45
N LEU A 29 67.72 31.21 -34.34
CA LEU A 29 67.01 29.95 -34.23
C LEU A 29 65.60 30.25 -33.77
N GLU A 30 64.63 29.52 -34.28
CA GLU A 30 63.32 29.41 -33.65
C GLU A 30 63.14 27.97 -33.20
N MET A 31 62.82 27.71 -31.94
CA MET A 31 62.42 26.38 -31.51
C MET A 31 61.13 26.38 -30.71
N GLU A 32 60.35 25.32 -30.88
CA GLU A 32 59.02 25.16 -30.31
C GLU A 32 58.92 23.78 -29.68
N LEU A 33 58.50 23.69 -28.43
CA LEU A 33 58.23 22.40 -27.82
C LEU A 33 56.94 21.85 -28.39
N LEU A 34 56.98 20.69 -29.06
CA LEU A 34 55.78 20.01 -29.52
C LEU A 34 55.13 19.18 -28.42
N SER A 35 55.91 18.56 -27.54
CA SER A 35 55.39 17.80 -26.40
C SER A 35 56.49 17.48 -25.40
N VAL A 36 56.26 17.78 -24.12
CA VAL A 36 57.13 17.37 -23.02
C VAL A 36 56.45 16.26 -22.23
N THR A 37 57.14 15.15 -21.99
CA THR A 37 56.62 13.97 -21.30
C THR A 37 57.39 13.72 -20.03
N LEU A 38 56.74 13.60 -18.88
CA LEU A 38 57.37 13.12 -17.65
C LEU A 38 56.87 11.72 -17.38
N GLU A 39 57.76 10.74 -17.37
CA GLU A 39 57.43 9.34 -17.07
C GLU A 39 58.02 8.98 -15.71
N PRO A 40 57.22 8.63 -14.70
CA PRO A 40 57.71 8.27 -13.39
C PRO A 40 58.16 6.81 -13.36
N THR A 41 58.91 6.45 -12.33
CA THR A 41 59.41 5.11 -12.09
C THR A 41 58.49 4.41 -11.10
N LEU A 42 57.90 3.30 -11.52
CA LEU A 42 56.81 2.62 -10.81
C LEU A 42 57.30 1.34 -10.13
N SER A 43 57.04 1.21 -8.84
CA SER A 43 57.15 -0.06 -8.11
C SER A 43 55.76 -0.58 -7.77
N LEU A 44 55.41 -1.80 -8.18
CA LEU A 44 54.11 -2.40 -7.93
C LEU A 44 53.97 -2.88 -6.48
N ASP A 45 53.01 -2.37 -5.72
CA ASP A 45 52.68 -2.93 -4.41
C ASP A 45 51.73 -4.12 -4.51
N TYR A 46 50.57 -3.99 -5.17
CA TYR A 46 49.64 -5.12 -5.36
C TYR A 46 48.58 -4.89 -6.43
N ILE A 47 47.95 -5.96 -6.89
CA ILE A 47 46.69 -5.94 -7.63
C ILE A 47 45.53 -5.93 -6.65
N THR A 48 44.40 -5.34 -7.04
CA THR A 48 43.10 -5.49 -6.39
C THR A 48 42.03 -5.69 -7.44
N CYS A 49 41.05 -6.53 -7.17
CA CYS A 49 40.12 -7.05 -8.17
C CYS A 49 38.90 -7.70 -7.50
N GLU A 50 37.89 -8.09 -8.26
CA GLU A 50 36.68 -8.67 -7.67
C GLU A 50 36.91 -10.10 -7.17
N TYR A 51 36.77 -10.36 -5.87
CA TYR A 51 36.81 -11.72 -5.34
C TYR A 51 35.58 -12.53 -5.79
N LYS A 52 35.66 -13.85 -5.70
CA LYS A 52 34.50 -14.75 -5.60
C LYS A 52 34.54 -15.45 -4.25
N THR A 53 33.39 -15.73 -3.67
CA THR A 53 33.32 -16.54 -2.46
C THR A 53 32.99 -17.97 -2.86
N VAL A 54 33.75 -18.92 -2.35
CA VAL A 54 33.68 -20.33 -2.73
C VAL A 54 32.98 -21.08 -1.61
N ILE A 55 31.86 -21.70 -1.95
CA ILE A 55 30.97 -22.38 -1.02
C ILE A 55 30.69 -23.77 -1.56
N PRO A 56 31.35 -24.82 -1.05
CA PRO A 56 31.08 -26.19 -1.42
C PRO A 56 29.66 -26.61 -1.08
N SER A 57 29.16 -27.70 -1.64
CA SER A 57 27.90 -28.30 -1.16
C SER A 57 28.01 -28.63 0.33
N PRO A 58 27.00 -28.30 1.15
CA PRO A 58 27.08 -28.46 2.60
C PRO A 58 27.02 -29.94 2.98
N TYR A 59 27.73 -30.32 4.03
CA TYR A 59 27.65 -31.66 4.58
C TYR A 59 26.55 -31.68 5.63
N VAL A 60 25.55 -32.56 5.45
CA VAL A 60 24.50 -32.81 6.45
C VAL A 60 24.76 -34.18 7.06
N LYS A 61 24.86 -34.25 8.39
CA LYS A 61 24.99 -35.51 9.13
C LYS A 61 23.63 -35.93 9.64
N CYS A 62 23.08 -36.99 9.06
CA CYS A 62 21.88 -37.65 9.56
C CYS A 62 22.20 -38.32 10.90
N CYS A 63 21.40 -38.05 11.93
CA CYS A 63 21.52 -38.70 13.24
C CYS A 63 22.93 -38.59 13.85
N GLY A 64 23.42 -37.37 14.08
CA GLY A 64 24.71 -37.14 14.75
C GLY A 64 25.30 -35.75 14.53
N THR A 65 26.42 -35.46 15.21
CA THR A 65 27.10 -34.16 15.13
C THR A 65 28.33 -34.23 14.23
N ALA A 66 28.33 -33.44 13.16
CA ALA A 66 29.51 -33.20 12.32
C ALA A 66 30.58 -32.41 13.08
N GLU A 67 31.86 -32.65 12.79
CA GLU A 67 32.95 -31.95 13.46
C GLU A 67 33.53 -30.86 12.57
N CYS A 68 33.55 -29.63 13.09
CA CYS A 68 34.17 -28.48 12.45
C CYS A 68 35.67 -28.73 12.22
N LYS A 69 36.21 -28.33 11.07
CA LYS A 69 37.60 -28.64 10.69
C LYS A 69 38.35 -27.43 10.15
N ASP A 70 39.59 -27.29 10.58
CA ASP A 70 40.39 -26.08 10.41
C ASP A 70 41.46 -26.25 9.32
N LYS A 71 41.53 -25.31 8.38
CA LYS A 71 42.49 -25.30 7.26
C LYS A 71 42.79 -23.85 6.84
N SER A 72 43.95 -23.62 6.25
CA SER A 72 44.39 -22.27 5.87
C SER A 72 43.99 -21.94 4.45
N LEU A 73 43.01 -21.06 4.30
CA LEU A 73 42.53 -20.51 3.02
C LEU A 73 42.17 -19.03 3.27
N PRO A 74 42.13 -18.17 2.25
CA PRO A 74 42.38 -16.73 2.42
C PRO A 74 41.51 -15.97 3.41
N ASP A 75 40.23 -16.34 3.54
CA ASP A 75 39.29 -15.73 4.49
C ASP A 75 38.35 -16.78 5.08
N TYR A 76 38.90 -17.96 5.37
CA TYR A 76 38.14 -19.17 5.69
C TYR A 76 37.29 -19.07 6.93
N SER A 77 36.10 -19.65 6.87
CA SER A 77 35.29 -19.93 8.05
C SER A 77 34.47 -21.19 7.85
N CYS A 78 34.19 -21.86 8.97
CA CYS A 78 33.44 -23.10 8.99
C CYS A 78 32.64 -23.19 10.28
N LYS A 79 31.42 -23.71 10.21
CA LYS A 79 30.47 -23.72 11.32
C LYS A 79 29.54 -24.92 11.25
N VAL A 80 29.08 -25.37 12.42
CA VAL A 80 28.14 -26.49 12.54
C VAL A 80 26.84 -26.01 13.15
N PHE A 81 25.75 -26.18 12.41
CA PHE A 81 24.40 -25.85 12.81
C PHE A 81 23.67 -27.10 13.26
N THR A 82 22.85 -27.00 14.30
CA THR A 82 22.23 -28.16 14.97
C THR A 82 20.72 -28.12 14.90
N GLY A 83 20.10 -29.29 14.80
CA GLY A 83 18.64 -29.45 14.66
C GLY A 83 18.10 -29.15 13.26
N VAL A 84 18.96 -28.92 12.27
CA VAL A 84 18.51 -28.63 10.91
C VAL A 84 17.94 -29.89 10.29
N TYR A 85 16.71 -29.82 9.78
CA TYR A 85 15.96 -30.95 9.26
C TYR A 85 15.56 -30.72 7.78
N PRO A 86 16.47 -30.97 6.84
CA PRO A 86 16.29 -30.57 5.45
C PRO A 86 15.40 -31.50 4.64
N PHE A 87 14.63 -30.90 3.73
CA PHE A 87 13.84 -31.60 2.72
C PHE A 87 14.44 -31.42 1.33
N MET A 88 14.64 -32.51 0.61
CA MET A 88 14.77 -32.48 -0.84
C MET A 88 13.41 -32.73 -1.48
N TRP A 89 13.32 -32.61 -2.80
CA TRP A 89 12.03 -32.50 -3.48
C TRP A 89 11.08 -33.67 -3.21
N GLY A 90 11.60 -34.88 -3.06
CA GLY A 90 10.80 -36.08 -2.83
C GLY A 90 10.55 -36.46 -1.37
N GLY A 91 11.16 -35.79 -0.39
CA GLY A 91 10.99 -36.11 1.03
C GLY A 91 12.13 -35.64 1.93
N ALA A 92 12.06 -35.95 3.22
CA ALA A 92 13.12 -35.61 4.18
C ALA A 92 14.43 -36.32 3.84
N TYR A 93 15.54 -35.60 3.85
CA TYR A 93 16.86 -36.15 3.51
C TYR A 93 17.44 -36.97 4.68
N CYS A 94 17.32 -36.48 5.91
CA CYS A 94 17.59 -37.27 7.09
C CYS A 94 16.44 -38.23 7.42
N PHE A 95 16.78 -39.36 8.04
CA PHE A 95 15.84 -40.05 8.92
C PHE A 95 15.82 -39.31 10.27
N CYS A 96 14.65 -39.28 10.93
CA CYS A 96 14.37 -38.55 12.18
C CYS A 96 14.43 -37.02 12.12
N ASP A 97 13.63 -36.37 12.97
CA ASP A 97 13.34 -34.93 12.92
C ASP A 97 14.42 -34.06 13.57
N THR A 98 15.33 -34.63 14.36
CA THR A 98 16.17 -33.86 15.31
C THR A 98 17.45 -34.62 15.65
N GLU A 99 18.45 -33.95 16.24
CA GLU A 99 19.81 -34.46 16.43
C GLU A 99 20.59 -34.66 15.11
N ASN A 100 20.07 -34.13 14.00
CA ASN A 100 20.84 -33.89 12.78
C ASN A 100 21.70 -32.62 12.91
N THR A 101 22.78 -32.53 12.14
CA THR A 101 23.57 -31.30 12.02
C THR A 101 23.96 -31.02 10.58
N GLN A 102 24.13 -29.74 10.26
CA GLN A 102 24.70 -29.29 8.98
C GLN A 102 26.03 -28.60 9.24
N LEU A 103 27.07 -28.98 8.51
CA LEU A 103 28.37 -28.32 8.51
C LEU A 103 28.48 -27.48 7.24
N SER A 104 28.75 -26.20 7.42
CA SER A 104 28.93 -25.24 6.34
C SER A 104 30.36 -24.72 6.36
N GLU A 105 30.95 -24.48 5.21
CA GLU A 105 32.32 -23.96 5.09
C GLU A 105 32.42 -23.04 3.88
N ALA A 106 33.29 -22.03 3.95
CA ALA A 106 33.50 -21.09 2.84
C ALA A 106 34.87 -20.41 2.93
N HIS A 107 35.37 -19.89 1.81
CA HIS A 107 36.59 -19.07 1.74
C HIS A 107 36.56 -18.21 0.47
N VAL A 108 37.40 -17.18 0.35
CA VAL A 108 37.37 -16.25 -0.80
C VAL A 108 38.62 -16.37 -1.67
N GLU A 109 38.45 -16.14 -2.95
CA GLU A 109 39.42 -16.46 -3.99
C GLU A 109 39.34 -15.41 -5.12
N LYS A 110 40.42 -15.17 -5.87
CA LYS A 110 40.35 -14.25 -7.02
C LYS A 110 39.47 -14.82 -8.13
N SER A 111 38.61 -13.98 -8.71
CA SER A 111 37.76 -14.38 -9.85
C SER A 111 38.56 -14.59 -11.13
N GLU A 112 38.01 -15.29 -12.11
CA GLU A 112 38.63 -15.40 -13.44
C GLU A 112 38.86 -14.05 -14.10
N SER A 113 38.08 -13.03 -13.73
CA SER A 113 38.21 -11.67 -14.24
C SER A 113 39.48 -10.97 -13.79
N CYS A 114 40.22 -11.45 -12.80
CA CYS A 114 41.40 -10.73 -12.30
C CYS A 114 42.58 -10.76 -13.27
N LYS A 115 42.46 -11.50 -14.37
CA LYS A 115 43.37 -11.42 -15.51
C LYS A 115 43.05 -10.24 -16.44
N THR A 116 41.99 -9.46 -16.18
CA THR A 116 41.37 -8.53 -17.14
C THR A 116 40.78 -7.27 -16.53
N GLU A 117 40.20 -7.35 -15.33
CA GLU A 117 39.58 -6.25 -14.60
C GLU A 117 40.22 -6.13 -13.23
N PHE A 118 41.35 -5.44 -13.17
CA PHE A 118 42.10 -5.21 -11.93
C PHE A 118 42.56 -3.77 -11.85
N ALA A 119 42.45 -3.15 -10.68
CA ALA A 119 43.25 -1.97 -10.36
C ALA A 119 44.63 -2.44 -9.95
N SER A 120 45.64 -1.65 -10.25
CA SER A 120 47.03 -1.94 -9.89
C SER A 120 47.57 -0.83 -9.02
N ALA A 121 48.06 -1.11 -7.83
CA ALA A 121 48.50 -0.08 -6.90
C ALA A 121 50.01 0.03 -6.87
N TYR A 122 50.57 1.22 -7.07
CA TYR A 122 52.00 1.45 -7.25
C TYR A 122 52.52 2.56 -6.34
N ARG A 123 53.83 2.58 -6.14
CA ARG A 123 54.58 3.73 -5.67
C ARG A 123 55.30 4.32 -6.85
N ALA A 124 55.35 5.65 -6.95
CA ALA A 124 55.90 6.34 -8.10
C ALA A 124 56.87 7.44 -7.63
N HIS A 125 58.15 7.14 -7.56
CA HIS A 125 59.08 7.89 -6.69
C HIS A 125 60.10 8.80 -7.39
N THR A 126 60.34 8.69 -8.69
CA THR A 126 61.15 9.68 -9.44
C THR A 126 60.86 9.62 -10.94
N ALA A 127 61.15 10.67 -11.70
CA ALA A 127 60.70 10.82 -13.09
C ALA A 127 61.79 11.18 -14.10
N SER A 128 61.60 10.74 -15.35
CA SER A 128 62.62 10.78 -16.41
C SER A 128 62.05 11.41 -17.67
N ALA A 129 62.20 12.73 -17.82
CA ALA A 129 61.53 13.50 -18.85
C ALA A 129 62.05 13.27 -20.27
N SER A 130 61.21 13.57 -21.26
CA SER A 130 61.54 13.57 -22.69
C SER A 130 60.85 14.73 -23.39
N ALA A 131 61.39 15.21 -24.50
CA ALA A 131 60.81 16.30 -25.23
C ALA A 131 60.87 16.04 -26.73
N LYS A 132 59.83 16.43 -27.45
CA LYS A 132 59.85 16.52 -28.91
C LYS A 132 59.83 17.97 -29.29
N LEU A 133 60.77 18.41 -30.10
CA LEU A 133 61.10 19.80 -30.34
C LEU A 133 61.13 20.03 -31.85
N ARG A 134 60.52 21.10 -32.34
CA ARG A 134 60.72 21.56 -33.71
C ARG A 134 61.70 22.69 -33.64
N VAL A 135 62.73 22.69 -34.47
CA VAL A 135 63.66 23.80 -34.58
C VAL A 135 63.81 24.22 -36.03
N LEU A 136 63.83 25.51 -36.27
CA LEU A 136 64.00 26.13 -37.57
C LEU A 136 65.42 26.68 -37.62
N TYR A 137 66.23 26.12 -38.50
CA TYR A 137 67.67 26.34 -38.53
C TYR A 137 68.13 26.39 -39.98
N GLN A 138 68.83 27.47 -40.35
CA GLN A 138 69.21 27.75 -41.75
C GLN A 138 68.03 27.61 -42.72
N GLY A 139 66.86 28.11 -42.32
CA GLY A 139 65.65 28.11 -43.15
C GLY A 139 64.94 26.77 -43.35
N ASN A 140 65.35 25.67 -42.70
CA ASN A 140 64.60 24.40 -42.74
C ASN A 140 63.87 24.15 -41.43
N ASN A 141 62.58 23.84 -41.47
CA ASN A 141 61.87 23.24 -40.34
C ASN A 141 62.41 21.82 -40.15
N VAL A 142 62.87 21.46 -38.96
CA VAL A 142 63.24 20.07 -38.66
C VAL A 142 62.81 19.65 -37.25
N THR A 143 62.31 18.43 -37.12
CA THR A 143 61.74 17.91 -35.87
C THR A 143 62.70 16.93 -35.24
N VAL A 144 62.96 17.08 -33.96
CA VAL A 144 63.91 16.26 -33.21
C VAL A 144 63.31 15.79 -31.89
N SER A 145 63.58 14.56 -31.49
CA SER A 145 63.03 13.96 -30.27
C SER A 145 64.14 13.47 -29.37
N ALA A 146 64.11 13.82 -28.09
CA ALA A 146 65.25 13.67 -27.18
C ALA A 146 64.81 13.43 -25.75
N TYR A 147 65.64 12.76 -24.95
CA TYR A 147 65.44 12.73 -23.50
C TYR A 147 65.85 14.08 -22.94
N ALA A 148 65.16 14.56 -21.92
CA ALA A 148 65.35 15.91 -21.42
C ALA A 148 65.93 15.90 -20.00
N ASN A 149 66.66 14.85 -19.66
CA ASN A 149 67.28 14.67 -18.35
C ASN A 149 68.60 15.43 -18.21
N GLY A 150 69.02 16.16 -19.24
CA GLY A 150 70.28 16.89 -19.31
C GLY A 150 71.36 16.19 -20.13
N ASP A 151 71.24 14.89 -20.38
CA ASP A 151 72.08 14.14 -21.31
C ASP A 151 71.41 14.07 -22.69
N HIS A 152 71.84 13.14 -23.54
CA HIS A 152 71.29 12.91 -24.89
C HIS A 152 71.30 14.13 -25.79
N ALA A 153 72.48 14.52 -26.26
CA ALA A 153 72.58 15.53 -27.31
C ALA A 153 72.16 14.95 -28.66
N VAL A 154 71.19 15.58 -29.33
CA VAL A 154 70.67 15.16 -30.63
C VAL A 154 71.24 16.02 -31.74
N THR A 155 71.79 15.37 -32.76
CA THR A 155 72.30 16.05 -33.95
C THR A 155 71.14 16.46 -34.83
N VAL A 156 71.19 17.61 -35.46
CA VAL A 156 70.30 17.93 -36.58
C VAL A 156 70.92 18.96 -37.52
N LYS A 157 70.95 18.67 -38.82
CA LYS A 157 71.71 19.45 -39.82
C LYS A 157 73.11 19.83 -39.32
N ASP A 158 73.81 18.87 -38.74
CA ASP A 158 75.17 18.98 -38.21
C ASP A 158 75.40 19.86 -36.95
N ALA A 159 74.44 20.64 -36.47
CA ALA A 159 74.50 21.19 -35.12
C ALA A 159 74.11 20.13 -34.08
N LYS A 160 74.45 20.30 -32.81
CA LYS A 160 74.01 19.40 -31.73
C LYS A 160 73.25 20.14 -30.65
N PHE A 161 72.01 19.75 -30.42
CA PHE A 161 71.13 20.32 -29.41
C PHE A 161 71.08 19.39 -28.21
N ILE A 162 71.25 19.91 -27.01
CA ILE A 162 71.18 19.14 -25.78
C ILE A 162 70.25 19.88 -24.83
N VAL A 163 69.28 19.19 -24.27
CA VAL A 163 68.09 19.81 -23.67
C VAL A 163 67.86 19.33 -22.25
N GLY A 164 67.44 20.22 -21.37
CA GLY A 164 67.22 19.93 -19.97
C GLY A 164 68.50 20.00 -19.13
N PRO A 165 68.45 19.63 -17.85
CA PRO A 165 67.27 19.14 -17.13
C PRO A 165 66.29 20.26 -16.82
N MET A 166 65.00 19.96 -16.75
CA MET A 166 63.95 20.94 -16.47
C MET A 166 64.12 21.58 -15.11
N SER A 167 63.78 22.86 -14.98
CA SER A 167 64.10 23.65 -13.81
C SER A 167 63.21 23.42 -12.60
N SER A 168 62.28 22.47 -12.64
CA SER A 168 61.46 22.10 -11.49
C SER A 168 61.18 20.61 -11.44
N ALA A 169 61.07 20.08 -10.23
CA ALA A 169 60.87 18.66 -9.96
C ALA A 169 59.38 18.25 -9.95
N TRP A 170 58.47 19.19 -10.19
CA TRP A 170 57.03 18.97 -10.06
C TRP A 170 56.51 17.87 -10.97
N THR A 171 55.54 17.10 -10.47
CA THR A 171 54.78 16.07 -11.18
C THR A 171 53.37 16.04 -10.61
N PRO A 172 52.34 15.64 -11.37
CA PRO A 172 51.01 15.51 -10.82
C PRO A 172 50.87 14.34 -9.87
N PHE A 173 51.68 13.29 -10.02
CA PHE A 173 51.62 12.06 -9.24
C PHE A 173 52.10 12.25 -7.80
N ASP A 174 51.31 11.80 -6.82
CA ASP A 174 51.75 11.63 -5.44
C ASP A 174 52.72 10.44 -5.31
N ASN A 175 53.24 10.19 -4.11
CA ASN A 175 54.10 9.02 -3.87
C ASN A 175 53.38 7.69 -4.16
N LYS A 176 52.07 7.63 -3.94
CA LYS A 176 51.23 6.47 -4.20
C LYS A 176 50.19 6.77 -5.26
N ILE A 177 50.01 5.85 -6.20
CA ILE A 177 49.16 6.01 -7.38
C ILE A 177 48.44 4.68 -7.62
N VAL A 178 47.21 4.67 -8.13
CA VAL A 178 46.58 3.45 -8.62
C VAL A 178 46.14 3.63 -10.04
N VAL A 179 46.20 2.60 -10.87
CA VAL A 179 45.79 2.67 -12.27
C VAL A 179 44.77 1.61 -12.59
N TYR A 180 43.76 2.00 -13.35
CA TYR A 180 42.77 1.11 -13.93
C TYR A 180 42.98 1.10 -15.45
N LYS A 181 41.97 0.90 -16.28
CA LYS A 181 42.11 0.70 -17.73
C LYS A 181 42.40 2.00 -18.48
N GLY A 182 43.53 2.63 -18.22
CA GLY A 182 43.94 3.90 -18.84
C GLY A 182 43.60 5.16 -18.05
N ASP A 183 43.18 5.02 -16.81
CA ASP A 183 42.93 6.11 -15.87
C ASP A 183 43.74 5.91 -14.61
N VAL A 184 44.34 6.97 -14.07
CA VAL A 184 45.23 6.89 -12.91
C VAL A 184 44.83 7.90 -11.84
N TYR A 185 44.94 7.54 -10.57
CA TYR A 185 44.42 8.32 -9.44
C TYR A 185 45.47 8.45 -8.36
N ASN A 186 45.59 9.62 -7.76
CA ASN A 186 46.33 9.77 -6.52
C ASN A 186 45.44 9.29 -5.37
N MET A 187 45.81 8.24 -4.67
CA MET A 187 45.17 7.89 -3.40
C MET A 187 46.11 7.13 -2.48
N ASP A 188 46.02 7.37 -1.18
CA ASP A 188 46.80 6.67 -0.17
C ASP A 188 46.14 5.33 0.17
N TYR A 189 46.22 4.36 -0.74
CA TYR A 189 45.65 3.04 -0.54
C TYR A 189 46.24 2.33 0.69
N PRO A 190 45.53 1.37 1.31
CA PRO A 190 46.02 0.68 2.49
C PRO A 190 47.22 -0.21 2.14
N PRO A 191 48.24 -0.31 2.99
CA PRO A 191 49.37 -1.22 2.79
C PRO A 191 48.96 -2.66 2.53
N PHE A 192 49.86 -3.47 1.98
CA PHE A 192 49.53 -4.89 1.80
C PHE A 192 49.31 -5.57 3.15
N GLY A 193 48.23 -6.34 3.26
CA GLY A 193 47.85 -7.03 4.49
C GLY A 193 47.12 -6.17 5.51
N ALA A 194 46.85 -4.90 5.21
CA ALA A 194 46.11 -4.00 6.09
C ALA A 194 44.72 -3.64 5.53
N GLY A 195 44.27 -4.29 4.46
CA GLY A 195 43.02 -3.97 3.80
C GLY A 195 41.80 -4.20 4.68
N ARG A 196 40.73 -3.43 4.47
CA ARG A 196 39.49 -3.46 5.27
C ARG A 196 38.26 -3.68 4.39
N PRO A 197 37.18 -4.29 4.91
CA PRO A 197 36.05 -4.72 4.11
C PRO A 197 35.30 -3.57 3.46
N GLY A 198 34.79 -3.79 2.26
CA GLY A 198 33.92 -2.83 1.56
C GLY A 198 34.60 -1.55 1.08
N GLN A 199 35.92 -1.52 1.02
CA GLN A 199 36.73 -0.37 0.61
C GLN A 199 37.78 -0.80 -0.41
N PHE A 200 38.46 0.12 -1.09
CA PHE A 200 39.53 -0.25 -1.99
C PHE A 200 40.59 -1.09 -1.26
N GLY A 201 40.98 -2.21 -1.85
CA GLY A 201 41.97 -3.10 -1.25
C GLY A 201 41.38 -4.05 -0.20
N ASP A 202 40.12 -4.43 -0.28
CA ASP A 202 39.56 -5.47 0.58
C ASP A 202 40.12 -6.86 0.25
N ILE A 203 40.53 -7.10 -0.99
CA ILE A 203 41.37 -8.21 -1.45
C ILE A 203 42.63 -7.66 -2.10
N GLN A 204 43.76 -8.30 -1.87
CA GLN A 204 45.08 -7.86 -2.32
C GLN A 204 45.88 -9.05 -2.82
N SER A 205 46.80 -8.82 -3.75
CA SER A 205 47.59 -9.88 -4.37
C SER A 205 48.91 -9.31 -4.86
N ARG A 206 50.08 -9.82 -4.43
CA ARG A 206 51.38 -9.16 -4.70
C ARG A 206 51.69 -8.95 -6.17
N THR A 207 51.20 -9.82 -7.04
CA THR A 207 51.37 -9.76 -8.51
C THR A 207 50.09 -10.28 -9.17
N PRO A 208 49.84 -10.07 -10.47
CA PRO A 208 48.66 -10.60 -11.14
C PRO A 208 48.72 -12.12 -11.40
N GLU A 209 49.73 -12.80 -10.88
CA GLU A 209 49.93 -14.25 -11.02
C GLU A 209 50.27 -14.97 -9.70
N SER A 210 50.45 -14.24 -8.59
CA SER A 210 50.72 -14.82 -7.28
C SER A 210 49.50 -15.55 -6.71
N GLU A 211 49.75 -16.57 -5.89
CA GLU A 211 48.72 -17.24 -5.08
C GLU A 211 48.60 -16.65 -3.67
N ASP A 212 49.48 -15.72 -3.28
CA ASP A 212 49.51 -15.05 -1.97
C ASP A 212 48.36 -14.05 -1.82
N VAL A 213 47.12 -14.50 -1.91
CA VAL A 213 45.94 -13.66 -1.71
C VAL A 213 45.83 -13.27 -0.25
N TYR A 214 45.66 -12.00 0.05
CA TYR A 214 45.14 -11.53 1.33
C TYR A 214 43.71 -11.08 1.12
N ALA A 215 42.79 -11.42 2.00
CA ALA A 215 41.42 -10.92 1.92
C ALA A 215 40.83 -10.70 3.31
N ASN A 216 39.95 -9.72 3.43
CA ASN A 216 39.31 -9.35 4.69
C ASN A 216 37.90 -8.86 4.40
N THR A 217 37.05 -9.77 3.91
CA THR A 217 35.68 -9.48 3.49
C THR A 217 34.66 -9.58 4.62
N GLN A 218 35.10 -9.95 5.82
CA GLN A 218 34.28 -10.20 7.02
C GLN A 218 33.10 -11.14 6.77
N LEU A 219 33.36 -12.23 6.07
CA LEU A 219 32.41 -13.30 5.78
C LEU A 219 31.97 -14.02 7.06
N VAL A 220 30.67 -14.11 7.28
CA VAL A 220 30.01 -14.83 8.38
C VAL A 220 28.97 -15.78 7.81
N LEU A 221 29.07 -17.06 8.13
CA LEU A 221 28.05 -18.06 7.79
C LEU A 221 26.88 -17.98 8.75
N GLN A 222 25.65 -18.13 8.26
CA GLN A 222 24.43 -17.98 9.03
C GLN A 222 23.63 -19.28 9.06
N ARG A 223 22.80 -19.49 10.09
CA ARG A 223 22.03 -20.72 10.23
C ARG A 223 21.03 -20.87 9.08
N PRO A 224 20.93 -22.04 8.42
CA PRO A 224 19.87 -22.34 7.45
C PRO A 224 18.48 -22.19 8.05
N SER A 225 17.43 -22.23 7.23
CA SER A 225 16.06 -22.00 7.69
C SER A 225 15.00 -22.84 7.00
N ALA A 226 13.88 -23.08 7.69
CA ALA A 226 12.66 -23.71 7.16
C ALA A 226 12.85 -25.09 6.51
N GLY A 227 13.84 -25.86 6.94
CA GLY A 227 14.14 -27.15 6.31
C GLY A 227 14.66 -27.03 4.88
N THR A 228 15.28 -25.91 4.53
CA THR A 228 15.96 -25.71 3.25
C THR A 228 17.39 -26.26 3.32
N VAL A 229 17.92 -26.81 2.22
CA VAL A 229 19.27 -27.40 2.14
C VAL A 229 20.43 -26.39 1.96
N HIS A 230 20.17 -25.10 1.75
CA HIS A 230 21.17 -24.12 1.28
C HIS A 230 22.15 -23.58 2.34
N VAL A 231 23.19 -22.87 1.92
CA VAL A 231 24.10 -22.11 2.79
C VAL A 231 23.87 -20.60 2.66
N PRO A 232 23.33 -19.90 3.67
CA PRO A 232 23.27 -18.45 3.69
C PRO A 232 24.46 -17.86 4.44
N TYR A 233 24.83 -16.63 4.10
CA TYR A 233 25.97 -15.93 4.69
C TYR A 233 25.83 -14.42 4.51
N SER A 234 26.66 -13.66 5.22
CA SER A 234 26.82 -12.22 5.08
C SER A 234 28.30 -11.90 4.91
N GLN A 235 28.67 -11.10 3.90
CA GLN A 235 30.01 -10.55 3.75
C GLN A 235 29.90 -9.15 3.16
N ALA A 236 30.90 -8.31 3.33
CA ALA A 236 30.89 -7.01 2.68
C ALA A 236 31.04 -7.18 1.17
N PRO A 237 30.24 -6.51 0.32
CA PRO A 237 30.35 -6.62 -1.13
C PRO A 237 31.74 -6.21 -1.62
N SER A 238 32.10 -6.52 -2.86
CA SER A 238 33.46 -6.25 -3.32
C SER A 238 33.79 -4.76 -3.28
N GLY A 239 34.81 -4.40 -2.51
CA GLY A 239 35.29 -3.04 -2.40
C GLY A 239 35.87 -2.52 -3.72
N PHE A 240 36.34 -3.40 -4.60
CA PHE A 240 36.66 -3.05 -5.97
C PHE A 240 35.40 -2.70 -6.76
N LYS A 241 34.36 -3.53 -6.79
CA LYS A 241 33.10 -3.19 -7.48
C LYS A 241 32.52 -1.87 -6.99
N TYR A 242 32.61 -1.55 -5.71
CA TYR A 242 32.24 -0.23 -5.22
C TYR A 242 33.16 0.85 -5.73
N TRP A 243 34.47 0.69 -5.64
CA TRP A 243 35.40 1.72 -6.10
C TRP A 243 35.18 2.10 -7.55
N LEU A 244 34.85 1.16 -8.44
CA LEU A 244 34.56 1.49 -9.84
C LEU A 244 33.41 2.49 -10.02
N LYS A 245 32.48 2.60 -9.08
CA LYS A 245 31.39 3.58 -9.08
C LYS A 245 31.75 4.85 -8.34
N GLU A 246 32.43 4.73 -7.21
CA GLU A 246 32.76 5.84 -6.32
C GLU A 246 33.94 6.71 -6.75
N ARG A 247 34.67 6.36 -7.81
CA ARG A 247 36.02 6.87 -8.13
C ARG A 247 36.23 8.38 -8.00
N GLY A 248 35.30 9.17 -8.50
CA GLY A 248 35.57 10.56 -8.90
C GLY A 248 36.28 10.62 -10.25
N ALA A 249 36.99 11.70 -10.53
CA ALA A 249 37.60 11.92 -11.83
C ALA A 249 39.07 11.51 -11.87
N SER A 250 39.48 10.89 -12.98
CA SER A 250 40.84 10.47 -13.27
C SER A 250 41.81 11.66 -13.31
N LEU A 251 43.11 11.49 -13.08
CA LEU A 251 44.03 12.63 -13.09
C LEU A 251 44.06 13.36 -14.44
N GLN A 252 43.71 12.71 -15.54
CA GLN A 252 43.59 13.36 -16.84
C GLN A 252 42.65 14.57 -16.82
N HIS A 253 41.65 14.56 -15.95
CA HIS A 253 40.66 15.61 -15.85
C HIS A 253 40.92 16.61 -14.73
N THR A 254 41.80 16.33 -13.76
CA THR A 254 41.90 17.16 -12.55
C THR A 254 43.28 17.70 -12.24
N ALA A 255 44.34 17.25 -12.91
CA ALA A 255 45.69 17.72 -12.63
C ALA A 255 45.88 19.22 -12.88
N PRO A 256 46.76 19.92 -12.14
CA PRO A 256 47.16 21.29 -12.43
C PRO A 256 47.84 21.48 -13.78
N PHE A 257 48.21 22.73 -14.07
CA PHE A 257 49.08 23.12 -15.18
C PHE A 257 48.66 22.62 -16.56
N GLY A 258 47.38 22.35 -16.77
CA GLY A 258 46.88 21.90 -18.06
C GLY A 258 47.40 20.52 -18.45
N CYS A 259 47.91 19.78 -17.48
CA CYS A 259 48.55 18.49 -17.66
C CYS A 259 47.62 17.45 -18.28
N GLN A 260 48.16 16.53 -19.09
CA GLN A 260 47.47 15.38 -19.66
C GLN A 260 48.09 14.08 -19.15
N ILE A 261 47.35 12.99 -19.15
CA ILE A 261 47.81 11.69 -18.63
C ILE A 261 47.57 10.60 -19.66
N ALA A 262 48.39 9.57 -19.65
CA ALA A 262 48.27 8.39 -20.51
C ALA A 262 48.71 7.13 -19.77
N THR A 263 48.67 5.96 -20.36
CA THR A 263 49.06 4.69 -19.71
C THR A 263 49.64 3.69 -20.72
N ASN A 264 50.40 2.71 -20.25
CA ASN A 264 51.25 1.82 -21.05
C ASN A 264 52.35 2.56 -21.83
N PRO A 265 53.36 3.15 -21.15
CA PRO A 265 53.50 3.31 -19.70
C PRO A 265 52.75 4.55 -19.23
N VAL A 266 52.71 4.81 -17.92
CA VAL A 266 52.08 6.04 -17.40
C VAL A 266 52.97 7.24 -17.65
N ARG A 267 52.38 8.36 -18.08
CA ARG A 267 53.08 9.63 -18.33
C ARG A 267 52.25 10.78 -17.84
N ALA A 268 52.86 11.84 -17.36
CA ALA A 268 52.30 13.17 -17.42
C ALA A 268 52.79 13.85 -18.69
N MET A 269 52.03 14.75 -19.29
CA MET A 269 52.44 15.44 -20.52
C MET A 269 52.04 16.90 -20.53
N ASN A 270 52.82 17.73 -21.20
CA ASN A 270 52.49 19.12 -21.51
C ASN A 270 52.26 20.01 -20.30
N CYS A 271 52.84 19.72 -19.13
CA CYS A 271 52.66 20.57 -17.96
C CYS A 271 53.26 21.95 -18.19
N ALA A 272 52.50 23.01 -18.03
CA ALA A 272 52.97 24.39 -18.23
C ALA A 272 53.83 24.91 -17.07
N VAL A 273 54.65 24.09 -16.42
CA VAL A 273 55.39 24.43 -15.20
C VAL A 273 56.87 24.73 -15.47
N GLY A 274 57.40 25.78 -14.86
CA GLY A 274 58.82 26.11 -14.91
C GLY A 274 59.32 26.46 -16.31
N ASN A 275 60.60 26.19 -16.57
CA ASN A 275 61.24 26.43 -17.85
C ASN A 275 62.35 25.41 -18.11
N MET A 276 62.78 25.30 -19.35
CA MET A 276 63.71 24.28 -19.80
C MET A 276 64.97 24.92 -20.35
N PRO A 277 66.15 24.66 -19.79
CA PRO A 277 67.38 25.09 -20.40
C PRO A 277 67.67 24.23 -21.62
N ILE A 278 68.30 24.81 -22.62
CA ILE A 278 68.72 24.13 -23.84
C ILE A 278 70.04 24.72 -24.31
N SER A 279 70.94 23.89 -24.83
CA SER A 279 72.24 24.33 -25.31
C SER A 279 72.46 23.85 -26.73
N ILE A 280 73.07 24.69 -27.53
CA ILE A 280 73.39 24.43 -28.92
C ILE A 280 74.90 24.43 -29.08
N ASP A 281 75.45 23.40 -29.70
CA ASP A 281 76.79 23.43 -30.27
C ASP A 281 76.65 23.56 -31.78
N ILE A 282 77.09 24.69 -32.33
CA ILE A 282 76.99 24.99 -33.76
C ILE A 282 78.41 24.97 -34.35
N PRO A 283 78.68 24.20 -35.41
CA PRO A 283 80.02 24.02 -35.91
C PRO A 283 80.52 25.31 -36.54
N ASP A 284 81.81 25.57 -36.44
CA ASP A 284 82.43 26.81 -36.90
C ASP A 284 82.15 27.10 -38.39
N ALA A 285 82.05 26.05 -39.20
CA ALA A 285 81.75 26.16 -40.62
C ALA A 285 80.30 26.57 -40.95
N ALA A 286 79.38 26.60 -39.98
CA ALA A 286 78.00 27.00 -40.24
C ALA A 286 77.82 28.52 -40.38
N PHE A 287 78.73 29.32 -39.82
CA PHE A 287 78.63 30.78 -39.83
C PHE A 287 79.14 31.39 -41.13
N THR A 288 78.56 32.52 -41.54
CA THR A 288 79.04 33.33 -42.67
C THR A 288 79.73 34.58 -42.17
N ARG A 289 80.92 34.90 -42.69
CA ARG A 289 81.74 36.05 -42.31
C ARG A 289 80.95 37.34 -42.48
N VAL A 290 81.08 38.32 -41.59
CA VAL A 290 80.20 39.52 -41.66
C VAL A 290 80.33 40.29 -42.97
N VAL A 291 81.50 40.25 -43.60
CA VAL A 291 81.75 40.90 -44.91
C VAL A 291 81.18 40.14 -46.10
N ASP A 292 80.87 38.86 -45.94
CA ASP A 292 80.37 38.00 -47.01
C ASP A 292 78.83 37.92 -47.03
N ALA A 293 78.20 38.29 -45.93
CA ALA A 293 76.76 38.41 -45.80
C ALA A 293 76.22 39.69 -46.44
N PRO A 294 74.89 39.85 -46.59
CA PRO A 294 74.27 41.15 -46.66
C PRO A 294 74.67 42.05 -45.50
N SER A 295 74.53 43.35 -45.67
CA SER A 295 74.57 44.32 -44.58
C SER A 295 73.62 45.47 -44.92
N LEU A 296 72.97 46.04 -43.91
CA LEU A 296 71.91 47.02 -44.09
C LEU A 296 72.29 48.35 -43.46
N THR A 297 71.94 49.45 -44.13
CA THR A 297 72.27 50.81 -43.71
C THR A 297 71.11 51.77 -44.00
N ASP A 298 71.17 52.96 -43.43
CA ASP A 298 70.23 54.06 -43.63
C ASP A 298 68.76 53.68 -43.38
N MET A 299 68.54 52.75 -42.45
CA MET A 299 67.21 52.21 -42.17
C MET A 299 66.42 53.04 -41.17
N SER A 300 65.10 52.92 -41.22
CA SER A 300 64.15 53.63 -40.36
C SER A 300 62.87 52.84 -40.26
N CYS A 301 62.14 53.02 -39.18
CA CYS A 301 61.04 52.13 -38.81
C CYS A 301 59.77 52.90 -38.53
N GLU A 302 58.65 52.40 -39.03
CA GLU A 302 57.34 53.01 -39.03
C GLU A 302 56.33 51.95 -38.59
N VAL A 303 55.35 52.28 -37.76
CA VAL A 303 54.39 51.29 -37.26
C VAL A 303 52.98 51.69 -37.66
N PRO A 304 52.46 51.21 -38.79
CA PRO A 304 51.12 51.51 -39.22
C PRO A 304 50.05 51.14 -38.19
N ALA A 305 50.15 49.94 -37.59
CA ALA A 305 49.10 49.41 -36.74
C ALA A 305 49.64 48.64 -35.56
N CYS A 306 48.98 48.73 -34.41
CA CYS A 306 49.39 48.02 -33.22
C CYS A 306 48.20 47.69 -32.32
N THR A 307 47.67 46.48 -32.44
CA THR A 307 46.68 45.97 -31.48
C THR A 307 47.37 44.97 -30.58
N HIS A 308 47.28 45.11 -29.25
CA HIS A 308 47.96 44.21 -28.32
C HIS A 308 47.18 42.91 -28.11
N SER A 309 46.91 42.21 -29.19
CA SER A 309 46.22 40.93 -29.27
C SER A 309 47.09 39.80 -28.73
N SER A 310 46.62 38.57 -28.82
CA SER A 310 47.42 37.39 -28.48
C SER A 310 48.27 36.85 -29.64
N ASP A 311 48.18 37.42 -30.84
CA ASP A 311 48.41 36.65 -32.08
C ASP A 311 48.97 37.46 -33.26
N PHE A 312 49.98 38.30 -33.00
CA PHE A 312 50.64 39.15 -34.00
C PHE A 312 49.76 40.28 -34.53
N GLY A 313 49.27 41.11 -33.61
CA GLY A 313 48.39 42.22 -33.89
C GLY A 313 49.07 43.52 -34.26
N GLY A 314 50.39 43.54 -34.36
CA GLY A 314 51.16 44.71 -34.80
C GLY A 314 51.91 44.43 -36.10
N VAL A 315 52.15 45.46 -36.91
CA VAL A 315 53.02 45.37 -38.08
C VAL A 315 53.92 46.57 -38.12
N ALA A 316 55.20 46.37 -38.36
CA ALA A 316 56.19 47.44 -38.48
C ALA A 316 56.81 47.35 -39.86
N ILE A 317 56.98 48.49 -40.51
CA ILE A 317 57.54 48.57 -41.85
C ILE A 317 58.85 49.31 -41.75
N ILE A 318 59.92 48.70 -42.25
CA ILE A 318 61.29 49.18 -42.13
C ILE A 318 61.79 49.55 -43.51
N LYS A 319 62.16 50.82 -43.72
CA LYS A 319 62.93 51.29 -44.88
C LYS A 319 64.36 50.83 -44.69
N TYR A 320 65.08 50.49 -45.75
CA TYR A 320 66.50 50.16 -45.66
C TYR A 320 67.24 50.39 -46.97
N ALA A 321 68.55 50.50 -46.93
CA ALA A 321 69.42 50.28 -48.09
C ALA A 321 70.33 49.07 -47.83
N ALA A 322 70.52 48.18 -48.80
CA ALA A 322 71.29 46.95 -48.61
C ALA A 322 72.41 46.75 -49.65
N SER A 323 73.54 46.17 -49.22
CA SER A 323 74.75 46.04 -50.06
C SER A 323 74.76 44.84 -51.02
N LYS A 324 74.03 43.75 -50.73
CA LYS A 324 73.85 42.58 -51.61
C LYS A 324 72.53 41.85 -51.33
N LYS A 325 72.06 41.06 -52.30
CA LYS A 325 70.89 40.16 -52.16
C LYS A 325 71.19 39.02 -51.19
N GLY A 326 70.35 38.83 -50.18
CA GLY A 326 70.42 37.66 -49.30
C GLY A 326 69.48 37.77 -48.12
N LYS A 327 69.32 36.68 -47.38
CA LYS A 327 68.53 36.64 -46.16
C LYS A 327 69.20 37.47 -45.08
N CYS A 328 68.43 37.99 -44.13
CA CYS A 328 68.92 38.60 -42.91
C CYS A 328 68.19 38.07 -41.69
N ALA A 329 68.90 37.78 -40.62
CA ALA A 329 68.29 37.43 -39.36
C ALA A 329 67.61 38.65 -38.75
N VAL A 330 66.38 38.51 -38.28
CA VAL A 330 65.64 39.59 -37.65
C VAL A 330 65.24 39.21 -36.24
N HIS A 331 65.57 40.05 -35.26
CA HIS A 331 65.39 39.74 -33.85
C HIS A 331 64.99 40.97 -33.06
N SER A 332 64.33 40.81 -31.93
CA SER A 332 63.94 41.90 -31.05
C SER A 332 64.91 42.04 -29.90
N MET A 333 65.41 43.24 -29.63
CA MET A 333 66.27 43.47 -28.46
C MET A 333 65.47 43.69 -27.17
N THR A 334 64.14 43.64 -27.21
CA THR A 334 63.27 43.91 -26.07
C THR A 334 62.39 42.70 -25.79
N ASN A 335 62.44 42.14 -24.58
CA ASN A 335 61.73 40.89 -24.25
C ASN A 335 60.21 41.00 -24.35
N ALA A 336 59.67 42.20 -24.15
CA ALA A 336 58.24 42.48 -24.22
C ALA A 336 57.62 42.45 -25.62
N VAL A 337 58.42 42.30 -26.68
CA VAL A 337 57.93 42.24 -28.07
C VAL A 337 58.47 41.02 -28.79
N THR A 338 57.58 40.20 -29.35
CA THR A 338 57.92 38.98 -30.07
C THR A 338 57.67 39.17 -31.54
N ILE A 339 58.60 38.77 -32.41
CA ILE A 339 58.50 38.96 -33.85
C ILE A 339 58.19 37.64 -34.54
N ARG A 340 57.21 37.58 -35.44
CA ARG A 340 56.81 36.34 -36.11
C ARG A 340 57.85 35.84 -37.09
N GLU A 341 58.52 36.76 -37.77
CA GLU A 341 59.57 36.46 -38.75
C GLU A 341 60.82 35.85 -38.09
N ALA A 342 61.80 35.39 -38.87
CA ALA A 342 63.08 34.96 -38.33
C ALA A 342 64.24 35.25 -39.29
N GLU A 343 64.06 34.96 -40.57
CA GLU A 343 64.86 35.55 -41.65
C GLU A 343 63.95 36.09 -42.73
N ILE A 344 64.22 37.29 -43.22
CA ILE A 344 63.53 37.85 -44.39
C ILE A 344 64.51 38.16 -45.51
N GLU A 345 64.03 38.08 -46.75
CA GLU A 345 64.76 38.52 -47.93
C GLU A 345 65.07 40.01 -47.86
N VAL A 346 66.28 40.40 -48.24
CA VAL A 346 66.70 41.80 -48.34
C VAL A 346 67.30 42.05 -49.73
N GLU A 347 66.88 43.12 -50.39
CA GLU A 347 67.38 43.54 -51.70
C GLU A 347 67.29 45.06 -51.91
N GLY A 348 68.21 45.64 -52.67
CA GLY A 348 68.10 46.99 -53.20
C GLY A 348 68.07 48.11 -52.15
N ASN A 349 67.46 49.23 -52.51
CA ASN A 349 67.09 50.30 -51.60
C ASN A 349 65.57 50.33 -51.58
N SER A 350 64.96 50.00 -50.45
CA SER A 350 63.61 49.45 -50.42
C SER A 350 63.02 49.46 -49.01
N GLN A 351 62.04 48.60 -48.73
CA GLN A 351 61.45 48.39 -47.42
C GLN A 351 60.96 46.95 -47.24
N LEU A 352 60.85 46.51 -45.99
CA LEU A 352 60.34 45.20 -45.59
C LEU A 352 59.32 45.37 -44.48
N GLN A 353 58.45 44.38 -44.27
CA GLN A 353 57.55 44.39 -43.12
C GLN A 353 57.72 43.17 -42.24
N ILE A 354 57.64 43.40 -40.94
CA ILE A 354 57.63 42.36 -39.93
C ILE A 354 56.32 42.46 -39.19
N SER A 355 55.74 41.33 -38.82
CA SER A 355 54.58 41.27 -37.95
C SER A 355 55.05 40.90 -36.57
N PHE A 356 54.55 41.56 -35.55
CA PHE A 356 55.02 41.41 -34.19
C PHE A 356 53.86 41.35 -33.22
N SER A 357 54.09 40.91 -32.00
CA SER A 357 53.07 40.78 -30.98
C SER A 357 53.56 41.32 -29.66
N THR A 358 52.70 41.97 -28.87
CA THR A 358 53.10 42.50 -27.58
C THR A 358 51.92 42.65 -26.62
N ALA A 359 52.19 42.66 -25.32
CA ALA A 359 51.25 43.12 -24.29
C ALA A 359 51.39 44.61 -23.99
N LEU A 360 52.40 45.30 -24.55
CA LEU A 360 52.64 46.71 -24.24
C LEU A 360 51.48 47.57 -24.71
N ALA A 361 51.11 48.54 -23.89
CA ALA A 361 50.12 49.54 -24.26
C ALA A 361 50.72 50.72 -25.05
N SER A 362 52.04 50.85 -25.08
CA SER A 362 52.79 51.85 -25.84
C SER A 362 54.11 51.24 -26.26
N ALA A 363 54.13 50.50 -27.36
CA ALA A 363 55.30 49.75 -27.79
C ALA A 363 56.50 50.64 -28.08
N GLU A 364 57.65 50.35 -27.46
CA GLU A 364 58.96 50.85 -27.88
C GLU A 364 59.92 49.68 -27.89
N PHE A 365 60.65 49.44 -28.97
CA PHE A 365 61.58 48.32 -29.05
C PHE A 365 62.66 48.58 -30.08
N ARG A 366 63.81 47.90 -29.97
CA ARG A 366 64.81 47.94 -31.02
C ARG A 366 64.74 46.64 -31.78
N VAL A 367 64.59 46.68 -33.09
CA VAL A 367 64.73 45.51 -33.95
C VAL A 367 66.16 45.46 -34.42
N GLN A 368 66.75 44.28 -34.48
CA GLN A 368 68.03 44.06 -35.12
C GLN A 368 67.79 43.32 -36.41
N VAL A 369 68.19 43.87 -37.55
CA VAL A 369 68.00 43.23 -38.86
C VAL A 369 69.36 43.07 -39.49
N CYS A 370 69.97 41.90 -39.32
CA CYS A 370 71.34 41.63 -39.69
C CYS A 370 72.33 42.69 -39.19
N SER A 371 72.72 42.59 -37.94
CA SER A 371 73.75 43.41 -37.30
C SER A 371 73.39 44.88 -37.07
N THR A 372 72.73 45.55 -38.00
CA THR A 372 72.20 46.90 -37.81
C THR A 372 70.97 46.90 -36.92
N GLN A 373 70.84 47.88 -36.03
CA GLN A 373 69.70 48.01 -35.15
C GLN A 373 68.89 49.25 -35.46
N VAL A 374 67.57 49.18 -35.34
CA VAL A 374 66.67 50.32 -35.53
C VAL A 374 65.71 50.44 -34.37
N HIS A 375 65.55 51.64 -33.84
CA HIS A 375 64.57 51.94 -32.80
C HIS A 375 63.22 52.18 -33.43
N CYS A 376 62.17 51.66 -32.80
CA CYS A 376 60.85 51.53 -33.38
C CYS A 376 59.81 51.74 -32.28
N ALA A 377 58.81 52.59 -32.50
CA ALA A 377 57.85 52.93 -31.46
C ALA A 377 56.46 53.24 -32.00
N ALA A 378 55.43 52.95 -31.19
CA ALA A 378 54.04 53.01 -31.60
C ALA A 378 53.07 53.20 -30.43
N GLU A 379 51.84 53.58 -30.73
CA GLU A 379 50.76 53.73 -29.77
C GLU A 379 49.73 52.61 -29.98
N CYS A 380 49.46 51.79 -28.97
CA CYS A 380 48.67 50.57 -29.13
C CYS A 380 47.19 50.76 -28.81
N HIS A 381 46.34 49.87 -29.33
CA HIS A 381 44.93 49.80 -28.98
C HIS A 381 44.52 48.40 -28.54
N PRO A 382 43.60 48.23 -27.59
CA PRO A 382 43.23 46.92 -27.11
C PRO A 382 42.34 46.18 -28.11
N PRO A 383 42.37 44.83 -28.16
CA PRO A 383 41.47 44.03 -28.96
C PRO A 383 40.03 44.10 -28.44
N LYS A 384 39.07 43.72 -29.28
CA LYS A 384 37.63 43.84 -28.99
C LYS A 384 36.95 42.51 -28.64
N ASP A 385 37.68 41.40 -28.58
CA ASP A 385 37.10 40.06 -28.73
C ASP A 385 36.95 39.22 -27.45
N HIS A 386 37.49 39.67 -26.32
CA HIS A 386 37.43 39.04 -25.01
C HIS A 386 38.08 37.66 -24.84
N ILE A 387 37.82 36.67 -25.69
CA ILE A 387 38.22 35.27 -25.49
C ILE A 387 38.76 34.68 -26.80
N VAL A 388 39.77 33.81 -26.73
CA VAL A 388 40.38 33.14 -27.89
C VAL A 388 40.83 31.73 -27.59
N ASN A 389 41.02 30.91 -28.61
CA ASN A 389 41.39 29.49 -28.49
C ASN A 389 42.89 29.19 -28.48
N TYR A 390 43.77 30.15 -28.21
CA TYR A 390 45.21 29.94 -28.22
C TYR A 390 45.91 30.78 -27.15
N PRO A 391 47.04 30.33 -26.60
CA PRO A 391 47.75 31.04 -25.57
C PRO A 391 48.36 32.32 -26.11
N ALA A 392 48.68 33.28 -25.26
CA ALA A 392 49.37 34.49 -25.67
C ALA A 392 50.70 34.15 -26.36
N SER A 393 50.94 34.67 -27.56
CA SER A 393 52.19 34.45 -28.27
C SER A 393 53.35 35.31 -27.79
N HIS A 394 53.08 36.35 -27.00
CA HIS A 394 54.08 37.27 -26.45
C HIS A 394 54.45 36.95 -25.01
N THR A 395 55.55 37.53 -24.53
CA THR A 395 55.94 37.46 -23.13
C THR A 395 55.01 38.32 -22.29
N THR A 396 54.64 37.86 -21.09
CA THR A 396 53.73 38.62 -20.20
C THR A 396 54.31 39.94 -19.72
N LEU A 397 53.45 40.89 -19.35
CA LEU A 397 53.85 42.27 -19.03
C LEU A 397 54.58 42.38 -17.69
N GLY A 398 55.59 43.24 -17.63
CA GLY A 398 56.20 43.71 -16.38
C GLY A 398 55.24 44.61 -15.60
N VAL A 399 54.31 43.99 -14.87
CA VAL A 399 53.36 44.66 -13.96
C VAL A 399 54.10 45.50 -12.90
N GLN A 400 53.44 46.57 -12.46
CA GLN A 400 53.97 47.61 -11.56
C GLN A 400 55.34 48.16 -11.98
N ASP A 401 55.64 48.16 -13.28
CA ASP A 401 56.93 48.60 -13.82
C ASP A 401 56.79 49.30 -15.18
N ILE A 402 56.22 48.63 -16.17
CA ILE A 402 56.33 49.07 -17.56
C ILE A 402 55.38 50.23 -17.92
N SER A 403 54.06 50.03 -17.93
CA SER A 403 53.07 51.06 -18.29
C SER A 403 53.36 51.76 -19.63
N VAL A 404 53.15 53.09 -19.78
CA VAL A 404 53.08 53.79 -21.09
C VAL A 404 53.60 55.22 -21.12
N THR A 405 54.03 55.74 -22.27
CA THR A 405 53.96 57.20 -22.50
C THR A 405 52.50 57.63 -22.40
N ALA A 406 52.20 58.85 -21.96
CA ALA A 406 50.90 59.23 -21.39
C ALA A 406 50.60 58.66 -20.00
N MET A 407 51.53 57.90 -19.39
CA MET A 407 51.63 57.84 -17.92
C MET A 407 52.38 59.07 -17.40
N SER A 408 52.73 60.04 -18.26
CA SER A 408 53.48 61.26 -17.92
C SER A 408 52.92 61.98 -16.71
N TRP A 409 51.64 61.81 -16.41
CA TRP A 409 51.02 62.20 -15.14
C TRP A 409 51.80 61.75 -13.90
N VAL A 410 52.41 60.57 -13.88
CA VAL A 410 53.28 60.13 -12.78
C VAL A 410 54.46 61.08 -12.60
N GLN A 411 55.11 61.51 -13.68
CA GLN A 411 56.14 62.54 -13.63
C GLN A 411 55.53 63.91 -13.30
N LYS A 412 54.41 64.30 -13.92
CA LYS A 412 53.79 65.62 -13.72
C LYS A 412 53.18 65.82 -12.34
N ILE A 413 52.90 64.77 -11.56
CA ILE A 413 52.53 64.88 -10.14
C ILE A 413 53.68 64.60 -9.19
N THR A 414 54.62 63.70 -9.49
CA THR A 414 55.80 63.52 -8.62
C THR A 414 56.73 64.74 -8.72
N GLY A 415 56.86 65.31 -9.92
CA GLY A 415 57.45 66.63 -10.20
C GLY A 415 56.53 67.81 -9.90
N GLY A 416 55.48 67.60 -9.12
CA GLY A 416 54.75 68.64 -8.39
C GLY A 416 55.03 68.50 -6.90
N VAL A 417 54.62 67.38 -6.30
CA VAL A 417 54.81 67.12 -4.86
C VAL A 417 56.29 67.16 -4.45
N GLY A 418 57.20 66.67 -5.29
CA GLY A 418 58.65 66.73 -5.04
C GLY A 418 59.19 68.16 -4.95
N LEU A 419 58.56 69.14 -5.60
CA LEU A 419 58.89 70.56 -5.41
C LEU A 419 58.30 71.11 -4.13
N VAL A 420 57.08 70.73 -3.76
CA VAL A 420 56.46 71.13 -2.49
C VAL A 420 57.27 70.63 -1.31
N VAL A 421 57.76 69.39 -1.35
CA VAL A 421 58.74 68.88 -0.39
C VAL A 421 60.06 69.65 -0.44
N ALA A 422 60.63 69.91 -1.61
CA ALA A 422 61.91 70.62 -1.70
C ALA A 422 61.84 72.05 -1.14
N VAL A 423 60.78 72.80 -1.42
CA VAL A 423 60.57 74.15 -0.84
C VAL A 423 60.35 74.09 0.67
N ALA A 424 59.63 73.08 1.17
CA ALA A 424 59.48 72.90 2.62
C ALA A 424 60.82 72.58 3.30
N ALA A 425 61.62 71.65 2.76
CA ALA A 425 62.94 71.34 3.28
C ALA A 425 63.90 72.54 3.17
N LEU A 426 63.82 73.32 2.09
CA LEU A 426 64.59 74.55 1.94
C LEU A 426 64.29 75.53 3.08
N ILE A 427 63.02 75.88 3.29
CA ILE A 427 62.64 76.85 4.33
C ILE A 427 63.09 76.36 5.71
N LEU A 428 62.95 75.08 6.02
CA LEU A 428 63.45 74.53 7.28
C LEU A 428 64.97 74.66 7.43
N ILE A 429 65.74 74.37 6.38
CA ILE A 429 67.20 74.54 6.41
C ILE A 429 67.60 76.02 6.50
N VAL A 430 66.88 76.93 5.83
CA VAL A 430 67.10 78.38 5.95
C VAL A 430 66.93 78.81 7.41
N VAL A 431 65.82 78.51 8.07
CA VAL A 431 65.63 78.97 9.46
C VAL A 431 66.52 78.26 10.46
N LEU A 432 66.96 77.02 10.20
CA LEU A 432 68.04 76.42 10.97
C LEU A 432 69.34 77.23 10.84
N CYS A 433 69.67 77.71 9.63
CA CYS A 433 70.83 78.59 9.45
C CYS A 433 70.68 79.96 10.13
N VAL A 434 69.54 80.66 9.99
CA VAL A 434 69.39 81.97 10.65
C VAL A 434 69.44 81.88 12.17
N SER A 435 69.03 80.73 12.76
CA SER A 435 69.10 80.53 14.21
C SER A 435 70.53 80.64 14.78
N PHE A 436 71.55 80.42 13.96
CA PHE A 436 72.95 80.60 14.35
C PHE A 436 73.61 81.83 13.74
N SER A 437 73.55 82.00 12.42
CA SER A 437 74.31 83.02 11.69
C SER A 437 73.67 84.42 11.75
N ARG A 438 72.38 84.51 12.09
CA ARG A 438 71.63 85.76 12.30
C ARG A 438 70.75 85.65 13.55
N TYR B 1 -34.83 62.21 -23.19
CA TYR B 1 -34.09 62.89 -22.10
C TYR B 1 -32.80 62.14 -21.78
N GLU B 2 -31.64 62.78 -21.98
CA GLU B 2 -30.33 62.16 -21.76
C GLU B 2 -29.87 62.23 -20.29
N HIS B 3 -29.78 61.08 -19.65
CA HIS B 3 -29.16 60.90 -18.33
C HIS B 3 -27.80 60.21 -18.48
N VAL B 4 -26.74 60.83 -17.97
CA VAL B 4 -25.36 60.35 -18.10
C VAL B 4 -24.72 60.13 -16.73
N THR B 5 -24.01 59.01 -16.59
CA THR B 5 -23.51 58.53 -15.30
C THR B 5 -22.31 57.59 -15.47
N VAL B 6 -21.59 57.28 -14.39
CA VAL B 6 -20.35 56.50 -14.43
C VAL B 6 -20.44 55.35 -13.43
N ILE B 7 -20.08 54.14 -13.83
CA ILE B 7 -20.12 52.92 -13.00
C ILE B 7 -18.73 52.26 -12.90
N PRO B 8 -18.38 51.58 -11.80
CA PRO B 8 -17.15 50.79 -11.73
C PRO B 8 -17.10 49.74 -12.84
N ASN B 9 -15.91 49.38 -13.31
CA ASN B 9 -15.77 48.48 -14.44
C ASN B 9 -15.92 46.99 -14.07
N THR B 10 -16.31 46.68 -12.84
CA THR B 10 -16.39 45.30 -12.34
C THR B 10 -17.56 44.55 -12.97
N VAL B 11 -17.29 43.48 -13.72
CA VAL B 11 -18.32 42.63 -14.31
C VAL B 11 -19.06 41.83 -13.24
N GLY B 12 -20.36 41.60 -13.42
CA GLY B 12 -21.15 40.72 -12.57
C GLY B 12 -21.67 41.33 -11.25
N VAL B 13 -21.49 42.63 -11.03
CA VAL B 13 -22.06 43.35 -9.88
C VAL B 13 -23.09 44.38 -10.36
N PRO B 14 -24.33 44.37 -9.84
CA PRO B 14 -25.32 45.35 -10.24
C PRO B 14 -25.14 46.71 -9.57
N TYR B 15 -25.44 47.78 -10.30
CA TYR B 15 -25.42 49.15 -9.81
C TYR B 15 -26.78 49.81 -10.00
N LYS B 16 -27.18 50.70 -9.09
CA LYS B 16 -28.41 51.50 -9.17
C LYS B 16 -28.05 52.94 -9.49
N THR B 17 -28.67 53.54 -10.52
CA THR B 17 -28.56 54.97 -10.82
C THR B 17 -29.93 55.62 -10.76
N LEU B 18 -30.00 56.87 -10.30
CA LEU B 18 -31.23 57.59 -10.07
C LEU B 18 -31.41 58.71 -11.10
N VAL B 19 -32.43 58.58 -11.94
CA VAL B 19 -32.91 59.65 -12.81
C VAL B 19 -33.81 60.57 -11.99
N ASN B 20 -33.61 61.88 -12.10
CA ASN B 20 -34.28 62.87 -11.24
C ASN B 20 -34.70 64.11 -12.07
N ARG B 21 -35.45 63.87 -13.15
CA ARG B 21 -35.91 64.87 -14.11
C ARG B 21 -36.82 65.90 -13.42
N PRO B 22 -36.46 67.20 -13.35
CA PRO B 22 -37.22 68.19 -12.60
C PRO B 22 -38.71 68.24 -12.96
N GLY B 23 -39.57 68.29 -11.95
CA GLY B 23 -41.03 68.30 -12.09
C GLY B 23 -41.69 66.95 -12.42
N TYR B 24 -40.90 65.94 -12.78
CA TYR B 24 -41.39 64.57 -12.90
C TYR B 24 -41.01 63.74 -11.68
N SER B 25 -41.69 62.60 -11.50
CA SER B 25 -41.30 61.63 -10.49
C SER B 25 -39.89 61.09 -10.79
N PRO B 26 -39.05 60.85 -9.78
CA PRO B 26 -37.75 60.23 -9.99
C PRO B 26 -37.92 58.76 -10.40
N MET B 27 -36.93 58.22 -11.09
CA MET B 27 -36.93 56.84 -11.57
C MET B 27 -35.57 56.20 -11.36
N VAL B 28 -35.52 54.97 -10.86
CA VAL B 28 -34.25 54.27 -10.64
C VAL B 28 -34.02 53.21 -11.71
N LEU B 29 -32.81 53.13 -12.23
CA LEU B 29 -32.38 52.10 -13.18
C LEU B 29 -31.32 51.23 -12.50
N GLU B 30 -31.55 49.93 -12.41
CA GLU B 30 -30.45 48.99 -12.14
C GLU B 30 -29.74 48.66 -13.46
N MET B 31 -28.43 48.53 -13.43
CA MET B 31 -27.65 48.09 -14.58
C MET B 31 -26.42 47.29 -14.17
N GLU B 32 -25.94 46.42 -15.05
CA GLU B 32 -24.90 45.43 -14.73
C GLU B 32 -24.10 45.05 -15.97
N LEU B 33 -22.78 45.24 -15.93
CA LEU B 33 -21.89 44.74 -16.97
C LEU B 33 -21.88 43.21 -16.92
N LEU B 34 -22.37 42.57 -17.98
CA LEU B 34 -22.31 41.12 -18.15
C LEU B 34 -20.96 40.67 -18.70
N SER B 35 -20.35 41.48 -19.57
CA SER B 35 -18.95 41.34 -19.95
C SER B 35 -18.36 42.64 -20.48
N VAL B 36 -17.04 42.76 -20.44
CA VAL B 36 -16.29 43.74 -21.23
C VAL B 36 -15.18 43.00 -21.95
N THR B 37 -14.66 43.57 -23.00
CA THR B 37 -13.79 42.84 -23.93
C THR B 37 -12.86 43.81 -24.61
N LEU B 38 -11.55 43.62 -24.43
CA LEU B 38 -10.53 44.37 -25.14
C LEU B 38 -9.98 43.47 -26.23
N GLU B 39 -10.12 43.86 -27.48
CA GLU B 39 -9.62 43.09 -28.61
C GLU B 39 -8.53 43.90 -29.32
N PRO B 40 -7.26 43.47 -29.28
CA PRO B 40 -6.16 44.15 -29.94
C PRO B 40 -6.27 44.10 -31.45
N THR B 41 -5.56 44.99 -32.12
CA THR B 41 -5.33 45.01 -33.56
C THR B 41 -4.01 44.30 -33.82
N LEU B 42 -4.04 43.17 -34.53
CA LEU B 42 -2.87 42.30 -34.65
C LEU B 42 -2.20 42.45 -36.01
N SER B 43 -0.89 42.64 -36.02
CA SER B 43 -0.06 42.50 -37.22
C SER B 43 0.87 41.31 -37.03
N LEU B 44 0.79 40.33 -37.93
CA LEU B 44 1.63 39.15 -37.90
C LEU B 44 3.06 39.50 -38.30
N ASP B 45 4.05 39.27 -37.45
CA ASP B 45 5.45 39.37 -37.86
C ASP B 45 5.91 38.07 -38.53
N TYR B 46 5.82 36.92 -37.86
CA TYR B 46 6.21 35.64 -38.44
C TYR B 46 5.63 34.45 -37.71
N ILE B 47 5.69 33.30 -38.35
CA ILE B 47 5.38 31.96 -37.83
C ILE B 47 6.67 31.26 -37.43
N THR B 48 6.63 30.50 -36.35
CA THR B 48 7.70 29.59 -35.93
C THR B 48 7.14 28.22 -35.67
N CYS B 49 7.93 27.19 -35.95
CA CYS B 49 7.48 25.82 -36.04
C CYS B 49 8.67 24.87 -36.00
N GLU B 50 8.52 23.59 -36.33
CA GLU B 50 9.64 22.65 -36.25
C GLU B 50 10.25 22.42 -37.63
N TYR B 51 11.55 22.63 -37.78
CA TYR B 51 12.23 22.37 -39.04
C TYR B 51 12.36 20.87 -39.31
N LYS B 52 12.50 20.48 -40.58
CA LYS B 52 13.13 19.19 -40.94
C LYS B 52 14.45 19.49 -41.59
N THR B 53 15.52 18.81 -41.19
CA THR B 53 16.76 18.87 -41.97
C THR B 53 16.66 17.85 -43.08
N VAL B 54 17.06 18.26 -44.29
CA VAL B 54 16.99 17.44 -45.50
C VAL B 54 18.38 17.04 -45.89
N ILE B 55 18.60 15.74 -46.07
CA ILE B 55 19.89 15.18 -46.47
C ILE B 55 19.63 14.28 -47.68
N PRO B 56 19.97 14.71 -48.90
CA PRO B 56 20.04 13.83 -50.06
C PRO B 56 21.05 12.72 -49.85
N SER B 57 20.94 11.60 -50.56
CA SER B 57 21.96 10.54 -50.49
C SER B 57 23.34 11.11 -50.79
N PRO B 58 24.38 10.74 -50.05
CA PRO B 58 25.70 11.30 -50.25
C PRO B 58 26.28 10.78 -51.55
N TYR B 59 26.78 11.67 -52.39
CA TYR B 59 27.55 11.25 -53.55
C TYR B 59 28.92 10.77 -53.10
N VAL B 60 29.34 9.62 -53.57
CA VAL B 60 30.69 9.12 -53.34
C VAL B 60 31.37 8.93 -54.70
N LYS B 61 32.52 9.58 -54.87
CA LYS B 61 33.28 9.56 -56.10
C LYS B 61 34.33 8.47 -56.00
N CYS B 62 34.23 7.46 -56.85
CA CYS B 62 35.28 6.46 -57.01
C CYS B 62 36.54 7.12 -57.55
N CYS B 63 37.69 6.88 -56.93
CA CYS B 63 39.01 7.16 -57.50
C CYS B 63 39.26 8.64 -57.85
N GLY B 64 38.68 9.59 -57.13
CA GLY B 64 38.89 11.02 -57.38
C GLY B 64 38.21 11.95 -56.36
N THR B 65 38.57 13.22 -56.39
CA THR B 65 37.94 14.26 -55.56
C THR B 65 36.59 14.69 -56.14
N ALA B 66 35.54 14.69 -55.33
CA ALA B 66 34.24 15.25 -55.69
C ALA B 66 34.26 16.78 -55.67
N GLU B 67 33.43 17.40 -56.50
CA GLU B 67 33.36 18.84 -56.66
C GLU B 67 32.34 19.46 -55.70
N CYS B 68 32.80 20.28 -54.77
CA CYS B 68 31.92 20.98 -53.85
C CYS B 68 31.19 22.15 -54.55
N LYS B 69 29.95 21.93 -54.95
CA LYS B 69 29.06 22.95 -55.51
C LYS B 69 28.72 24.02 -54.44
N ASP B 70 28.05 25.10 -54.82
CA ASP B 70 27.36 25.98 -53.88
C ASP B 70 25.99 26.40 -54.45
N LYS B 71 24.99 26.53 -53.59
CA LYS B 71 23.61 26.96 -53.90
C LYS B 71 22.94 27.56 -52.67
N SER B 72 22.06 28.53 -52.87
CA SER B 72 21.28 29.14 -51.78
C SER B 72 20.08 28.27 -51.43
N LEU B 73 20.07 27.69 -50.23
CA LEU B 73 18.94 27.05 -49.58
C LEU B 73 18.99 27.41 -48.08
N PRO B 74 17.88 27.35 -47.33
CA PRO B 74 17.72 28.07 -46.08
C PRO B 74 18.81 27.97 -45.02
N ASP B 75 19.56 26.87 -44.92
CA ASP B 75 20.78 26.83 -44.10
C ASP B 75 21.84 25.92 -44.74
N TYR B 76 22.01 26.01 -46.06
CA TYR B 76 22.77 25.04 -46.83
C TYR B 76 24.19 24.86 -46.31
N SER B 77 24.61 23.62 -46.15
CA SER B 77 25.97 23.26 -45.78
C SER B 77 26.45 22.10 -46.64
N CYS B 78 27.70 22.15 -47.07
CA CYS B 78 28.26 21.12 -47.92
C CYS B 78 29.75 20.94 -47.64
N LYS B 79 30.22 19.69 -47.71
CA LYS B 79 31.58 19.31 -47.34
C LYS B 79 32.03 18.13 -48.17
N VAL B 80 33.33 18.02 -48.42
CA VAL B 80 33.94 16.86 -49.07
C VAL B 80 34.86 16.15 -48.08
N PHE B 81 34.62 14.86 -47.85
CA PHE B 81 35.42 14.03 -46.96
C PHE B 81 36.29 13.11 -47.78
N THR B 82 37.58 13.02 -47.46
CA THR B 82 38.58 12.38 -48.29
C THR B 82 39.23 11.17 -47.62
N GLY B 83 39.60 10.16 -48.39
CA GLY B 83 40.11 8.90 -47.86
C GLY B 83 39.03 8.05 -47.19
N VAL B 84 37.79 8.11 -47.69
CA VAL B 84 36.70 7.21 -47.30
C VAL B 84 36.83 5.88 -48.01
N TYR B 85 36.25 4.81 -47.44
CA TYR B 85 36.16 3.52 -48.12
C TYR B 85 34.92 2.75 -47.70
N PRO B 86 33.75 3.09 -48.26
CA PRO B 86 32.48 2.57 -47.76
C PRO B 86 32.18 1.15 -48.25
N PHE B 87 31.58 0.34 -47.39
CA PHE B 87 31.04 -0.98 -47.73
C PHE B 87 29.52 -0.93 -47.81
N MET B 88 28.95 -1.52 -48.86
CA MET B 88 27.56 -1.97 -48.83
C MET B 88 27.51 -3.46 -48.42
N TRP B 89 26.32 -4.03 -48.36
CA TRP B 89 26.10 -5.38 -47.82
C TRP B 89 26.84 -6.49 -48.56
N GLY B 90 27.16 -6.32 -49.83
CA GLY B 90 27.86 -7.30 -50.66
C GLY B 90 29.34 -7.04 -50.90
N GLY B 91 29.91 -5.92 -50.47
CA GLY B 91 31.32 -5.59 -50.66
C GLY B 91 31.63 -4.09 -50.73
N ALA B 92 32.89 -3.73 -50.89
CA ALA B 92 33.31 -2.33 -50.96
C ALA B 92 32.75 -1.64 -52.21
N TYR B 93 32.35 -0.39 -52.08
CA TYR B 93 31.67 0.32 -53.16
C TYR B 93 32.61 0.76 -54.29
N CYS B 94 33.75 1.37 -53.94
CA CYS B 94 34.75 1.82 -54.89
C CYS B 94 35.75 0.73 -55.28
N PHE B 95 36.43 0.90 -56.42
CA PHE B 95 37.40 -0.07 -56.93
C PHE B 95 38.70 -0.17 -56.12
N CYS B 96 38.99 0.77 -55.22
CA CYS B 96 40.30 0.90 -54.57
C CYS B 96 40.19 1.38 -53.12
N ASP B 97 41.13 0.98 -52.28
CA ASP B 97 41.12 1.24 -50.83
C ASP B 97 41.41 2.69 -50.44
N THR B 98 41.71 3.55 -51.41
CA THR B 98 42.28 4.89 -51.25
C THR B 98 41.81 5.82 -52.36
N GLU B 99 42.02 7.12 -52.20
CA GLU B 99 41.71 8.17 -53.20
C GLU B 99 40.23 8.34 -53.55
N ASN B 100 39.31 7.72 -52.81
CA ASN B 100 37.89 8.03 -52.91
C ASN B 100 37.52 9.24 -52.06
N THR B 101 36.44 9.93 -52.41
CA THR B 101 35.89 11.01 -51.59
C THR B 101 34.38 10.97 -51.56
N GLN B 102 33.78 11.46 -50.49
CA GLN B 102 32.34 11.59 -50.33
C GLN B 102 31.96 13.06 -50.21
N LEU B 103 31.00 13.49 -51.02
CA LEU B 103 30.40 14.81 -50.98
C LEU B 103 29.13 14.73 -50.14
N SER B 104 29.16 15.28 -48.93
CA SER B 104 28.00 15.35 -48.04
C SER B 104 27.37 16.72 -48.15
N GLU B 105 26.05 16.81 -48.27
CA GLU B 105 25.36 18.11 -48.33
C GLU B 105 24.01 18.04 -47.61
N ALA B 106 23.55 19.16 -47.06
CA ALA B 106 22.32 19.21 -46.29
C ALA B 106 21.76 20.64 -46.21
N HIS B 107 20.47 20.77 -45.92
CA HIS B 107 19.83 22.07 -45.60
C HIS B 107 18.66 21.86 -44.65
N VAL B 108 17.84 22.89 -44.42
CA VAL B 108 16.64 22.79 -43.60
C VAL B 108 15.42 23.35 -44.32
N GLU B 109 14.25 22.88 -43.95
CA GLU B 109 12.96 23.32 -44.48
C GLU B 109 11.92 23.34 -43.37
N LYS B 110 10.79 23.99 -43.58
CA LYS B 110 9.65 23.79 -42.68
C LYS B 110 9.15 22.36 -42.77
N SER B 111 8.86 21.73 -41.63
CA SER B 111 8.15 20.44 -41.64
C SER B 111 6.75 20.62 -42.23
N GLU B 112 6.17 19.59 -42.83
CA GLU B 112 4.78 19.73 -43.32
C GLU B 112 3.75 19.82 -42.19
N SER B 113 4.16 19.70 -40.94
CA SER B 113 3.35 20.10 -39.78
C SER B 113 3.14 21.60 -39.66
N CYS B 114 3.96 22.45 -40.28
CA CYS B 114 3.98 23.87 -39.96
C CYS B 114 2.71 24.64 -40.34
N LYS B 115 1.80 24.04 -41.11
CA LYS B 115 0.46 24.59 -41.35
C LYS B 115 -0.60 24.17 -40.33
N THR B 116 -0.23 23.42 -39.27
CA THR B 116 -1.16 23.00 -38.19
C THR B 116 -0.57 23.04 -36.78
N GLU B 117 0.73 22.80 -36.58
CA GLU B 117 1.42 22.98 -35.30
C GLU B 117 2.49 24.05 -35.42
N PHE B 118 2.16 25.28 -35.04
CA PHE B 118 3.06 26.43 -35.09
C PHE B 118 2.68 27.46 -34.02
N ALA B 119 3.61 28.31 -33.65
CA ALA B 119 3.36 29.48 -32.84
C ALA B 119 3.43 30.71 -33.72
N SER B 120 2.51 31.64 -33.52
CA SER B 120 2.37 32.81 -34.36
C SER B 120 2.75 34.06 -33.58
N ALA B 121 3.74 34.83 -34.04
CA ALA B 121 4.23 35.98 -33.31
C ALA B 121 3.66 37.27 -33.88
N TYR B 122 2.95 38.03 -33.06
CA TYR B 122 2.22 39.23 -33.44
C TYR B 122 2.79 40.46 -32.76
N ARG B 123 2.55 41.60 -33.37
CA ARG B 123 2.72 42.91 -32.78
C ARG B 123 1.33 43.51 -32.65
N ALA B 124 0.95 43.94 -31.45
CA ALA B 124 -0.45 44.11 -31.05
C ALA B 124 -0.66 45.47 -30.39
N HIS B 125 -0.88 46.50 -31.19
CA HIS B 125 -0.55 47.89 -30.80
C HIS B 125 -1.70 48.73 -30.24
N THR B 126 -2.95 48.51 -30.66
CA THR B 126 -4.10 49.26 -30.15
C THR B 126 -5.35 48.41 -30.11
N ALA B 127 -6.27 48.68 -29.18
CA ALA B 127 -7.34 47.78 -28.82
C ALA B 127 -8.71 48.47 -28.71
N SER B 128 -9.77 47.80 -29.15
CA SER B 128 -11.13 48.32 -29.17
C SER B 128 -11.96 47.72 -28.05
N ALA B 129 -12.47 48.55 -27.13
CA ALA B 129 -13.34 48.09 -26.05
C ALA B 129 -14.74 47.74 -26.57
N SER B 130 -15.29 46.62 -26.12
CA SER B 130 -16.66 46.17 -26.40
C SER B 130 -17.31 45.74 -25.09
N ALA B 131 -18.61 45.95 -24.92
CA ALA B 131 -19.30 45.63 -23.67
C ALA B 131 -20.72 45.13 -23.89
N LYS B 132 -21.19 44.31 -22.95
CA LYS B 132 -22.53 43.75 -22.92
C LYS B 132 -23.14 43.95 -21.54
N LEU B 133 -24.37 44.41 -21.49
CA LEU B 133 -24.88 45.20 -20.37
C LEU B 133 -26.35 44.90 -20.14
N ARG B 134 -26.71 44.42 -18.95
CA ARG B 134 -28.09 44.29 -18.50
C ARG B 134 -28.55 45.61 -17.91
N VAL B 135 -29.79 45.99 -18.16
CA VAL B 135 -30.47 47.09 -17.49
C VAL B 135 -31.88 46.67 -17.11
N LEU B 136 -32.33 47.03 -15.91
CA LEU B 136 -33.68 46.77 -15.43
C LEU B 136 -34.55 47.99 -15.74
N TYR B 137 -35.19 47.96 -16.91
CA TYR B 137 -35.95 49.07 -17.45
C TYR B 137 -37.43 48.71 -17.50
N GLN B 138 -38.27 49.50 -16.83
CA GLN B 138 -39.73 49.29 -16.76
C GLN B 138 -40.09 47.84 -16.37
N GLY B 139 -39.42 47.29 -15.36
CA GLY B 139 -39.63 45.92 -14.90
C GLY B 139 -39.16 44.82 -15.85
N ASN B 140 -38.45 45.14 -16.94
CA ASN B 140 -37.84 44.15 -17.81
C ASN B 140 -36.31 44.14 -17.62
N ASN B 141 -35.74 42.96 -17.34
CA ASN B 141 -34.34 42.71 -17.60
C ASN B 141 -34.13 42.74 -19.12
N VAL B 142 -33.49 43.77 -19.65
CA VAL B 142 -33.18 43.90 -21.08
C VAL B 142 -31.69 44.08 -21.30
N THR B 143 -31.15 43.49 -22.36
CA THR B 143 -29.71 43.44 -22.63
C THR B 143 -29.33 44.31 -23.82
N VAL B 144 -28.30 45.13 -23.67
CA VAL B 144 -27.72 45.95 -24.75
C VAL B 144 -26.25 45.56 -24.94
N SER B 145 -25.75 45.67 -26.17
CA SER B 145 -24.43 45.19 -26.57
C SER B 145 -23.81 46.13 -27.61
N ALA B 146 -22.71 46.81 -27.27
CA ALA B 146 -22.18 47.92 -28.05
C ALA B 146 -20.68 48.14 -27.85
N TYR B 147 -20.02 48.78 -28.81
CA TYR B 147 -18.59 49.10 -28.69
C TYR B 147 -18.41 50.29 -27.74
N ALA B 148 -17.72 50.11 -26.62
CA ALA B 148 -17.54 51.12 -25.58
C ALA B 148 -16.53 52.21 -25.95
N ASN B 149 -16.50 52.66 -27.20
CA ASN B 149 -15.57 53.67 -27.69
C ASN B 149 -16.05 55.11 -27.49
N GLY B 150 -17.23 55.32 -26.89
CA GLY B 150 -17.84 56.64 -26.67
C GLY B 150 -18.71 57.16 -27.81
N ASP B 151 -18.63 56.58 -29.00
CA ASP B 151 -19.55 56.82 -30.11
C ASP B 151 -20.56 55.65 -30.19
N HIS B 152 -21.21 55.46 -31.34
CA HIS B 152 -22.01 54.26 -31.66
C HIS B 152 -23.07 53.92 -30.60
N ALA B 153 -24.10 54.75 -30.50
CA ALA B 153 -25.28 54.44 -29.70
C ALA B 153 -26.04 53.22 -30.24
N VAL B 154 -26.67 52.46 -29.33
CA VAL B 154 -27.58 51.35 -29.65
C VAL B 154 -28.93 51.59 -28.97
N THR B 155 -30.03 51.25 -29.64
CA THR B 155 -31.39 51.45 -29.12
C THR B 155 -32.12 50.13 -28.86
N VAL B 156 -32.76 50.00 -27.70
CA VAL B 156 -33.64 48.88 -27.33
C VAL B 156 -34.74 49.37 -26.38
N LYS B 157 -35.94 48.76 -26.39
CA LYS B 157 -37.11 49.25 -25.61
C LYS B 157 -37.41 50.74 -25.89
N ASP B 158 -37.11 51.19 -27.11
CA ASP B 158 -37.15 52.60 -27.54
C ASP B 158 -36.26 53.57 -26.75
N ALA B 159 -35.35 53.05 -25.91
CA ALA B 159 -34.34 53.81 -25.19
C ALA B 159 -32.97 53.66 -25.87
N LYS B 160 -32.25 54.77 -25.97
CA LYS B 160 -30.97 54.87 -26.69
C LYS B 160 -29.82 54.91 -25.69
N PHE B 161 -28.89 53.98 -25.80
CA PHE B 161 -27.75 53.80 -24.91
C PHE B 161 -26.46 54.10 -25.66
N ILE B 162 -25.54 54.85 -25.06
CA ILE B 162 -24.21 55.09 -25.61
C ILE B 162 -23.18 54.99 -24.47
N VAL B 163 -22.06 54.30 -24.71
CA VAL B 163 -21.21 53.76 -23.64
C VAL B 163 -19.73 53.98 -23.93
N GLY B 164 -18.95 54.18 -22.87
CA GLY B 164 -17.56 54.62 -22.98
C GLY B 164 -17.43 56.12 -23.28
N PRO B 165 -16.24 56.61 -23.66
CA PRO B 165 -15.01 55.85 -23.83
C PRO B 165 -14.48 55.39 -22.48
N MET B 166 -13.88 54.21 -22.46
CA MET B 166 -13.44 53.57 -21.22
C MET B 166 -12.27 54.33 -20.58
N SER B 167 -12.32 54.55 -19.27
CA SER B 167 -11.42 55.51 -18.60
C SER B 167 -9.95 55.13 -18.56
N SER B 168 -9.59 53.85 -18.57
CA SER B 168 -8.19 53.39 -18.55
C SER B 168 -7.83 52.65 -19.82
N ALA B 169 -6.74 53.07 -20.46
CA ALA B 169 -6.19 52.43 -21.65
C ALA B 169 -5.46 51.11 -21.34
N TRP B 170 -5.35 50.73 -20.06
CA TRP B 170 -4.64 49.53 -19.62
C TRP B 170 -5.13 48.26 -20.31
N THR B 171 -4.20 47.39 -20.64
CA THR B 171 -4.46 46.13 -21.32
C THR B 171 -3.38 45.12 -20.92
N PRO B 172 -3.66 43.81 -20.82
CA PRO B 172 -2.69 42.87 -20.31
C PRO B 172 -1.56 42.58 -21.31
N PHE B 173 -1.77 42.83 -22.60
CA PHE B 173 -0.80 42.50 -23.65
C PHE B 173 0.30 43.56 -23.78
N ASP B 174 1.56 43.14 -23.83
CA ASP B 174 2.65 44.00 -24.27
C ASP B 174 2.57 44.26 -25.78
N ASN B 175 3.44 45.10 -26.33
CA ASN B 175 3.42 45.43 -27.75
C ASN B 175 3.74 44.21 -28.63
N LYS B 176 4.63 43.33 -28.19
CA LYS B 176 4.94 42.05 -28.81
C LYS B 176 4.26 40.93 -28.06
N ILE B 177 3.63 40.00 -28.75
CA ILE B 177 2.86 38.91 -28.17
C ILE B 177 3.00 37.66 -29.04
N VAL B 178 2.89 36.46 -28.49
CA VAL B 178 2.86 35.21 -29.27
C VAL B 178 1.70 34.34 -28.87
N VAL B 179 1.04 33.69 -29.82
CA VAL B 179 -0.09 32.78 -29.55
C VAL B 179 0.23 31.39 -30.04
N TYR B 180 -0.23 30.37 -29.33
CA TYR B 180 -0.02 28.99 -29.74
C TYR B 180 -1.32 28.29 -30.09
N LYS B 181 -2.30 28.24 -29.18
CA LYS B 181 -3.62 27.64 -29.41
C LYS B 181 -4.69 28.49 -28.75
N GLY B 182 -5.04 28.19 -27.52
CA GLY B 182 -5.77 29.07 -26.61
C GLY B 182 -4.86 29.91 -25.73
N ASP B 183 -3.57 29.58 -25.65
CA ASP B 183 -2.58 30.34 -24.89
C ASP B 183 -2.08 31.56 -25.65
N VAL B 184 -1.75 32.64 -24.94
CA VAL B 184 -0.95 33.75 -25.47
C VAL B 184 0.07 34.20 -24.44
N TYR B 185 1.24 34.66 -24.87
CA TYR B 185 2.34 35.01 -23.98
C TYR B 185 2.91 36.39 -24.32
N ASN B 186 3.22 37.20 -23.32
CA ASN B 186 4.02 38.40 -23.53
C ASN B 186 5.48 38.01 -23.61
N MET B 187 6.13 38.11 -24.77
CA MET B 187 7.57 37.93 -24.84
C MET B 187 8.21 38.74 -25.96
N ASP B 188 9.47 39.12 -25.77
CA ASP B 188 10.24 39.91 -26.70
C ASP B 188 10.95 39.02 -27.72
N TYR B 189 10.21 38.44 -28.65
CA TYR B 189 10.74 37.50 -29.64
C TYR B 189 11.81 38.15 -30.54
N PRO B 190 12.76 37.39 -31.07
CA PRO B 190 13.86 37.92 -31.86
C PRO B 190 13.40 38.41 -33.24
N PRO B 191 14.11 39.34 -33.89
CA PRO B 191 13.74 39.88 -35.18
C PRO B 191 13.58 38.84 -36.27
N PHE B 192 12.80 39.15 -37.31
CA PHE B 192 12.72 38.26 -38.45
C PHE B 192 14.04 38.26 -39.19
N GLY B 193 14.64 37.09 -39.36
CA GLY B 193 15.94 36.98 -39.99
C GLY B 193 17.12 37.18 -39.04
N ALA B 194 16.90 37.15 -37.72
CA ALA B 194 17.96 37.25 -36.73
C ALA B 194 17.81 36.33 -35.51
N GLY B 195 17.01 35.27 -35.62
CA GLY B 195 16.83 34.31 -34.54
C GLY B 195 18.07 33.46 -34.31
N ARG B 196 18.41 33.20 -33.03
CA ARG B 196 19.53 32.38 -32.59
C ARG B 196 19.20 30.89 -32.67
N PRO B 197 20.17 29.97 -32.72
CA PRO B 197 19.90 28.53 -32.74
C PRO B 197 19.34 28.05 -31.42
N GLY B 198 18.53 26.99 -31.42
CA GLY B 198 18.13 26.30 -30.19
C GLY B 198 17.26 27.10 -29.22
N GLN B 199 16.72 28.24 -29.64
CA GLN B 199 15.84 29.12 -28.87
C GLN B 199 14.63 29.49 -29.72
N PHE B 200 13.58 30.06 -29.12
CA PHE B 200 12.40 30.39 -29.89
C PHE B 200 12.73 31.26 -31.09
N GLY B 201 12.23 30.89 -32.27
CA GLY B 201 12.53 31.60 -33.50
C GLY B 201 13.81 31.17 -34.21
N ASP B 202 14.38 30.02 -33.93
CA ASP B 202 15.51 29.50 -34.72
C ASP B 202 15.16 29.20 -36.18
N ILE B 203 13.89 28.96 -36.50
CA ILE B 203 13.34 28.96 -37.86
C ILE B 203 12.13 29.90 -37.91
N GLN B 204 11.98 30.65 -38.99
CA GLN B 204 11.01 31.73 -39.13
C GLN B 204 10.47 31.81 -40.55
N SER B 205 9.20 32.13 -40.72
CA SER B 205 8.62 32.39 -42.04
C SER B 205 7.48 33.39 -41.95
N ARG B 206 7.18 34.17 -43.00
CA ARG B 206 6.25 35.30 -42.87
C ARG B 206 4.81 34.88 -42.61
N THR B 207 4.40 33.73 -43.12
CA THR B 207 3.06 33.13 -42.97
C THR B 207 3.19 31.62 -43.06
N PRO B 208 2.22 30.80 -42.59
CA PRO B 208 2.37 29.35 -42.66
C PRO B 208 2.37 28.82 -44.11
N GLU B 209 1.78 29.56 -45.05
CA GLU B 209 1.76 29.21 -46.48
C GLU B 209 2.97 29.71 -47.26
N SER B 210 3.79 30.63 -46.73
CA SER B 210 4.91 31.23 -47.46
C SER B 210 5.97 30.21 -47.85
N GLU B 211 6.58 30.39 -49.01
CA GLU B 211 7.67 29.54 -49.49
C GLU B 211 9.05 29.93 -48.93
N ASP B 212 9.23 31.19 -48.51
CA ASP B 212 10.51 31.70 -47.99
C ASP B 212 10.69 31.40 -46.50
N VAL B 213 11.92 31.05 -46.12
CA VAL B 213 12.32 30.63 -44.78
C VAL B 213 13.62 31.30 -44.40
N TYR B 214 13.73 31.76 -43.16
CA TYR B 214 15.01 31.95 -42.51
C TYR B 214 15.20 30.84 -41.50
N ALA B 215 16.37 30.25 -41.42
CA ALA B 215 16.70 29.33 -40.35
C ALA B 215 18.16 29.39 -40.00
N ASN B 216 18.49 29.24 -38.71
CA ASN B 216 19.85 29.34 -38.24
C ASN B 216 20.06 28.31 -37.14
N THR B 217 20.29 27.06 -37.52
CA THR B 217 20.35 25.93 -36.59
C THR B 217 21.78 25.48 -36.27
N GLN B 218 22.78 26.20 -36.76
CA GLN B 218 24.20 25.86 -36.70
C GLN B 218 24.50 24.41 -37.07
N LEU B 219 23.94 23.96 -38.20
CA LEU B 219 24.19 22.63 -38.76
C LEU B 219 25.63 22.49 -39.21
N VAL B 220 26.33 21.47 -38.74
CA VAL B 220 27.70 21.14 -39.11
C VAL B 220 27.80 19.68 -39.51
N LEU B 221 28.19 19.38 -40.73
CA LEU B 221 28.42 18.02 -41.20
C LEU B 221 29.70 17.45 -40.58
N GLN B 222 29.79 16.12 -40.44
CA GLN B 222 30.92 15.46 -39.80
C GLN B 222 31.39 14.25 -40.59
N ARG B 223 32.63 13.81 -40.36
CA ARG B 223 33.25 12.77 -41.18
C ARG B 223 32.59 11.42 -40.93
N PRO B 224 32.16 10.68 -41.97
CA PRO B 224 31.47 9.41 -41.79
C PRO B 224 32.38 8.37 -41.14
N SER B 225 31.82 7.40 -40.43
CA SER B 225 32.54 6.61 -39.41
C SER B 225 33.52 5.54 -39.92
N ALA B 226 34.10 5.72 -41.10
CA ALA B 226 35.06 4.82 -41.75
C ALA B 226 34.49 3.42 -42.02
N GLY B 227 33.65 3.34 -43.04
CA GLY B 227 33.09 2.09 -43.57
C GLY B 227 31.59 2.19 -43.84
N THR B 228 30.88 2.97 -43.04
CA THR B 228 29.47 3.33 -43.25
C THR B 228 29.31 4.41 -44.30
N VAL B 229 28.22 4.34 -45.07
CA VAL B 229 27.86 5.29 -46.14
C VAL B 229 27.10 6.52 -45.67
N HIS B 230 26.74 6.62 -44.40
CA HIS B 230 25.85 7.66 -43.86
C HIS B 230 26.40 9.09 -43.91
N VAL B 231 25.61 10.04 -43.43
CA VAL B 231 25.99 11.45 -43.24
C VAL B 231 25.74 11.86 -41.79
N PRO B 232 26.73 11.83 -40.89
CA PRO B 232 26.54 12.34 -39.54
C PRO B 232 26.64 13.85 -39.51
N TYR B 233 25.96 14.49 -38.56
CA TYR B 233 25.97 15.94 -38.40
C TYR B 233 25.64 16.36 -36.98
N SER B 234 26.01 17.57 -36.61
CA SER B 234 25.69 18.20 -35.32
C SER B 234 24.82 19.41 -35.56
N GLN B 235 23.75 19.58 -34.80
CA GLN B 235 22.79 20.66 -34.98
C GLN B 235 22.12 21.00 -33.66
N ALA B 236 21.73 22.25 -33.43
CA ALA B 236 20.93 22.61 -32.27
C ALA B 236 19.50 22.08 -32.43
N PRO B 237 18.95 21.26 -31.51
CA PRO B 237 17.59 20.75 -31.63
C PRO B 237 16.55 21.87 -31.68
N SER B 238 15.38 21.62 -32.26
CA SER B 238 14.45 22.68 -32.61
C SER B 238 14.07 23.58 -31.46
N GLY B 239 14.28 24.88 -31.62
CA GLY B 239 13.96 25.86 -30.61
C GLY B 239 12.47 25.93 -30.28
N PHE B 240 11.62 25.62 -31.25
CA PHE B 240 10.18 25.47 -31.02
C PHE B 240 9.87 24.26 -30.14
N LYS B 241 10.36 23.07 -30.45
CA LYS B 241 10.11 21.89 -29.61
C LYS B 241 10.67 22.04 -28.20
N TYR B 242 11.73 22.81 -27.98
CA TYR B 242 12.14 23.18 -26.63
C TYR B 242 11.19 24.17 -26.01
N TRP B 243 10.76 25.20 -26.73
CA TRP B 243 9.81 26.15 -26.19
C TRP B 243 8.53 25.46 -25.73
N LEU B 244 7.98 24.49 -26.47
CA LEU B 244 6.78 23.79 -26.03
C LEU B 244 6.89 23.12 -24.66
N LYS B 245 8.10 22.78 -24.19
CA LYS B 245 8.34 22.22 -22.86
C LYS B 245 8.70 23.27 -21.81
N GLU B 246 9.04 24.48 -22.21
CA GLU B 246 9.53 25.54 -21.34
C GLU B 246 8.62 26.77 -21.33
N ARG B 247 7.41 26.69 -21.89
CA ARG B 247 6.52 27.85 -22.09
C ARG B 247 6.28 28.66 -20.83
N GLY B 248 6.15 28.00 -19.68
CA GLY B 248 5.63 28.63 -18.48
C GLY B 248 4.14 28.93 -18.61
N ALA B 249 3.63 29.83 -17.78
CA ALA B 249 2.21 30.07 -17.67
C ALA B 249 1.72 31.14 -18.66
N SER B 250 0.70 30.80 -19.45
CA SER B 250 0.00 31.71 -20.36
C SER B 250 -0.52 32.97 -19.66
N LEU B 251 -0.88 34.02 -20.40
CA LEU B 251 -1.52 35.18 -19.80
C LEU B 251 -2.81 34.84 -19.06
N GLN B 252 -3.55 33.83 -19.52
CA GLN B 252 -4.80 33.43 -18.88
C GLN B 252 -4.64 33.14 -17.39
N HIS B 253 -3.51 32.58 -16.98
CA HIS B 253 -3.25 32.23 -15.59
C HIS B 253 -2.47 33.29 -14.82
N THR B 254 -1.94 34.33 -15.47
CA THR B 254 -0.94 35.23 -14.86
C THR B 254 -1.27 36.71 -14.95
N ALA B 255 -2.20 37.15 -15.79
CA ALA B 255 -2.54 38.56 -15.92
C ALA B 255 -3.12 39.15 -14.62
N PRO B 256 -2.91 40.44 -14.30
CA PRO B 256 -3.52 41.11 -13.17
C PRO B 256 -4.98 41.50 -13.44
N PHE B 257 -5.61 42.20 -12.50
CA PHE B 257 -7.00 42.65 -12.58
C PHE B 257 -8.00 41.53 -12.92
N GLY B 258 -7.67 40.27 -12.62
CA GLY B 258 -8.57 39.16 -12.81
C GLY B 258 -8.93 38.85 -14.26
N CYS B 259 -8.14 39.30 -15.24
CA CYS B 259 -8.44 39.08 -16.65
C CYS B 259 -8.59 37.60 -16.98
N GLN B 260 -9.35 37.31 -18.03
CA GLN B 260 -9.36 36.03 -18.73
C GLN B 260 -9.03 36.27 -20.18
N ILE B 261 -8.36 35.34 -20.86
CA ILE B 261 -7.89 35.53 -22.24
C ILE B 261 -8.41 34.40 -23.13
N ALA B 262 -8.68 34.71 -24.38
CA ALA B 262 -9.16 33.78 -25.41
C ALA B 262 -8.54 34.12 -26.76
N THR B 263 -8.74 33.29 -27.80
CA THR B 263 -8.11 33.44 -29.13
C THR B 263 -9.08 33.25 -30.30
N ASN B 264 -8.65 33.67 -31.50
CA ASN B 264 -9.42 33.77 -32.75
C ASN B 264 -10.83 34.37 -32.61
N PRO B 265 -10.94 35.70 -32.51
CA PRO B 265 -9.87 36.68 -32.35
C PRO B 265 -9.36 36.66 -30.90
N VAL B 266 -8.20 37.25 -30.61
CA VAL B 266 -7.71 37.32 -29.23
C VAL B 266 -8.41 38.40 -28.43
N ARG B 267 -8.75 38.14 -27.17
CA ARG B 267 -9.42 39.12 -26.31
C ARG B 267 -8.87 39.05 -24.91
N ALA B 268 -8.88 40.17 -24.20
CA ALA B 268 -8.95 40.14 -22.75
C ALA B 268 -10.39 40.36 -22.32
N MET B 269 -10.96 39.45 -21.54
CA MET B 269 -12.29 39.57 -20.97
C MET B 269 -12.26 40.23 -19.59
N ASN B 270 -13.30 40.95 -19.24
CA ASN B 270 -13.71 41.19 -17.86
C ASN B 270 -12.65 41.83 -16.92
N CYS B 271 -11.71 42.61 -17.45
CA CYS B 271 -10.67 43.25 -16.67
C CYS B 271 -11.27 44.16 -15.59
N ALA B 272 -10.99 43.92 -14.32
CA ALA B 272 -11.56 44.67 -13.21
C ALA B 272 -10.83 46.00 -12.94
N VAL B 273 -10.62 46.83 -13.97
CA VAL B 273 -9.82 48.06 -13.88
C VAL B 273 -10.57 49.32 -14.32
N GLY B 274 -10.42 50.41 -13.57
CA GLY B 274 -11.03 51.70 -13.87
C GLY B 274 -12.55 51.73 -13.74
N ASN B 275 -13.18 52.63 -14.49
CA ASN B 275 -14.63 52.85 -14.51
C ASN B 275 -15.16 53.21 -15.91
N MET B 276 -16.46 53.03 -16.09
CA MET B 276 -17.16 53.07 -17.38
C MET B 276 -18.20 54.19 -17.40
N PRO B 277 -18.05 55.21 -18.25
CA PRO B 277 -19.12 56.13 -18.57
C PRO B 277 -20.23 55.44 -19.35
N ILE B 278 -21.47 55.73 -19.01
CA ILE B 278 -22.67 55.26 -19.70
C ILE B 278 -23.68 56.40 -19.78
N SER B 279 -24.31 56.59 -20.93
CA SER B 279 -25.35 57.60 -21.12
C SER B 279 -26.57 56.99 -21.79
N ILE B 280 -27.76 57.35 -21.29
CA ILE B 280 -29.02 56.86 -21.81
C ILE B 280 -29.91 58.04 -22.18
N ASP B 281 -30.32 58.13 -23.43
CA ASP B 281 -31.42 58.99 -23.87
C ASP B 281 -32.74 58.21 -23.74
N ILE B 282 -33.43 58.46 -22.62
CA ILE B 282 -34.67 57.80 -22.23
C ILE B 282 -35.87 58.45 -22.94
N PRO B 283 -36.76 57.69 -23.60
CA PRO B 283 -37.95 58.23 -24.24
C PRO B 283 -38.93 58.79 -23.22
N ASP B 284 -39.78 59.70 -23.66
CA ASP B 284 -40.58 60.54 -22.75
C ASP B 284 -41.69 59.77 -21.99
N ALA B 285 -42.13 58.63 -22.53
CA ALA B 285 -43.27 57.89 -22.02
C ALA B 285 -43.08 57.36 -20.58
N ALA B 286 -41.85 57.08 -20.16
CA ALA B 286 -41.58 56.51 -18.84
C ALA B 286 -41.85 57.50 -17.68
N PHE B 287 -41.88 58.80 -17.95
CA PHE B 287 -41.88 59.84 -16.92
C PHE B 287 -43.29 60.23 -16.48
N THR B 288 -43.75 59.69 -15.35
CA THR B 288 -44.97 60.16 -14.69
C THR B 288 -44.73 61.51 -14.02
N ARG B 289 -45.65 62.47 -14.16
CA ARG B 289 -45.58 63.79 -13.50
C ARG B 289 -45.55 63.64 -11.97
N VAL B 290 -44.86 64.52 -11.26
CA VAL B 290 -44.78 64.42 -9.78
C VAL B 290 -46.17 64.54 -9.12
N VAL B 291 -47.07 65.32 -9.72
CA VAL B 291 -48.46 65.48 -9.28
C VAL B 291 -49.38 64.30 -9.64
N ASP B 292 -49.01 63.45 -10.61
CA ASP B 292 -49.79 62.30 -11.04
C ASP B 292 -49.38 61.01 -10.34
N ALA B 293 -48.11 60.90 -9.93
CA ALA B 293 -47.56 59.75 -9.22
C ALA B 293 -48.12 59.61 -7.78
N PRO B 294 -48.14 58.41 -7.18
CA PRO B 294 -48.43 58.27 -5.75
C PRO B 294 -47.46 59.10 -4.92
N SER B 295 -47.97 59.83 -3.92
CA SER B 295 -47.14 60.52 -2.93
C SER B 295 -47.34 59.94 -1.55
N LEU B 296 -46.24 59.57 -0.89
CA LEU B 296 -46.23 59.15 0.50
C LEU B 296 -46.33 60.36 1.44
N THR B 297 -46.72 60.08 2.67
CA THR B 297 -46.55 60.94 3.84
C THR B 297 -46.54 60.10 5.11
N ASP B 298 -46.06 60.68 6.20
CA ASP B 298 -46.11 60.09 7.55
C ASP B 298 -45.44 58.71 7.63
N MET B 299 -44.39 58.51 6.84
CA MET B 299 -43.59 57.30 6.83
C MET B 299 -42.47 57.34 7.87
N SER B 300 -42.08 56.16 8.37
CA SER B 300 -41.03 55.98 9.38
C SER B 300 -40.55 54.54 9.39
N CYS B 301 -39.37 54.29 9.94
CA CYS B 301 -38.60 53.10 9.60
C CYS B 301 -38.01 52.34 10.80
N GLU B 302 -37.73 51.06 10.61
CA GLU B 302 -37.06 50.17 11.56
C GLU B 302 -36.14 49.19 10.81
N VAL B 303 -35.07 48.76 11.46
CA VAL B 303 -34.06 47.83 10.96
C VAL B 303 -34.00 46.62 11.88
N PRO B 304 -34.85 45.60 11.66
CA PRO B 304 -34.93 44.46 12.57
C PRO B 304 -33.60 43.73 12.77
N ALA B 305 -32.75 43.65 11.74
CA ALA B 305 -31.41 43.09 11.84
C ALA B 305 -30.47 43.62 10.76
N CYS B 306 -29.18 43.67 11.09
CA CYS B 306 -28.15 44.05 10.14
C CYS B 306 -26.82 43.33 10.38
N THR B 307 -26.15 42.98 9.30
CA THR B 307 -24.82 42.35 9.29
C THR B 307 -23.98 42.83 8.11
N HIS B 308 -22.65 42.81 8.23
CA HIS B 308 -21.73 43.28 7.16
C HIS B 308 -21.58 42.31 5.95
N SER B 309 -22.57 41.47 5.69
CA SER B 309 -22.41 40.17 5.00
C SER B 309 -22.20 40.20 3.47
N SER B 310 -21.73 41.29 2.87
CA SER B 310 -21.45 41.41 1.44
C SER B 310 -22.64 41.27 0.46
N ASP B 311 -23.77 40.69 0.85
CA ASP B 311 -24.78 40.12 -0.06
C ASP B 311 -26.23 40.49 0.29
N PHE B 312 -26.43 41.69 0.86
CA PHE B 312 -27.72 42.17 1.37
C PHE B 312 -28.16 41.45 2.65
N GLY B 313 -27.27 41.43 3.64
CA GLY B 313 -27.55 40.92 4.98
C GLY B 313 -28.31 41.87 5.91
N GLY B 314 -28.49 43.14 5.53
CA GLY B 314 -29.34 44.09 6.24
C GLY B 314 -30.78 44.05 5.73
N VAL B 315 -31.75 44.13 6.64
CA VAL B 315 -33.18 44.17 6.31
C VAL B 315 -33.85 45.33 7.04
N ALA B 316 -34.76 46.04 6.37
CA ALA B 316 -35.46 47.18 6.93
C ALA B 316 -36.94 47.19 6.51
N ILE B 317 -37.76 47.86 7.32
CA ILE B 317 -39.20 48.02 7.12
C ILE B 317 -39.59 49.47 7.27
N ILE B 318 -40.38 49.99 6.35
CA ILE B 318 -40.88 51.36 6.35
C ILE B 318 -42.40 51.33 6.43
N LYS B 319 -42.97 51.91 7.48
CA LYS B 319 -44.41 52.23 7.53
C LYS B 319 -44.67 53.43 6.63
N TYR B 320 -45.86 53.52 6.04
CA TYR B 320 -46.26 54.66 5.21
C TYR B 320 -47.77 54.82 5.10
N ALA B 321 -48.20 56.03 4.70
CA ALA B 321 -49.49 56.25 4.07
C ALA B 321 -49.29 57.01 2.76
N ALA B 322 -50.16 56.80 1.76
CA ALA B 322 -49.99 57.36 0.43
C ALA B 322 -51.32 57.76 -0.23
N SER B 323 -51.24 58.70 -1.17
CA SER B 323 -52.41 59.38 -1.76
C SER B 323 -53.23 58.56 -2.76
N LYS B 324 -52.72 57.42 -3.27
CA LYS B 324 -53.38 56.54 -4.24
C LYS B 324 -52.69 55.18 -4.30
N LYS B 325 -53.28 54.20 -5.00
CA LYS B 325 -52.58 52.99 -5.44
C LYS B 325 -51.62 53.31 -6.59
N GLY B 326 -50.42 52.73 -6.59
CA GLY B 326 -49.51 52.78 -7.75
C GLY B 326 -48.15 52.11 -7.52
N LYS B 327 -47.19 52.43 -8.39
CA LYS B 327 -45.81 51.91 -8.39
C LYS B 327 -44.82 53.01 -8.01
N CYS B 328 -43.88 52.73 -7.12
CA CYS B 328 -43.04 53.74 -6.48
C CYS B 328 -41.55 53.34 -6.45
N ALA B 329 -40.66 54.25 -6.87
CA ALA B 329 -39.22 54.02 -6.93
C ALA B 329 -38.52 54.30 -5.59
N VAL B 330 -37.47 53.53 -5.26
CA VAL B 330 -36.67 53.70 -4.02
C VAL B 330 -35.17 53.79 -4.30
N HIS B 331 -34.45 54.61 -3.53
CA HIS B 331 -33.01 54.84 -3.70
C HIS B 331 -32.35 55.28 -2.40
N SER B 332 -31.05 55.05 -2.21
CA SER B 332 -30.34 55.45 -0.98
C SER B 332 -29.44 56.64 -1.23
N MET B 333 -29.60 57.71 -0.45
CA MET B 333 -28.80 58.92 -0.59
C MET B 333 -27.36 58.76 -0.12
N THR B 334 -27.05 57.70 0.63
CA THR B 334 -25.74 57.47 1.24
C THR B 334 -24.98 56.40 0.47
N ASN B 335 -23.86 56.75 -0.17
CA ASN B 335 -23.13 55.82 -1.05
C ASN B 335 -22.60 54.58 -0.32
N ALA B 336 -22.32 54.70 0.98
CA ALA B 336 -21.85 53.60 1.82
C ALA B 336 -22.89 52.47 2.08
N VAL B 337 -24.15 52.62 1.64
CA VAL B 337 -25.22 51.65 1.88
C VAL B 337 -26.03 51.41 0.62
N THR B 338 -25.83 50.28 -0.05
CA THR B 338 -26.60 49.93 -1.25
C THR B 338 -27.89 49.21 -0.89
N ILE B 339 -28.95 49.47 -1.65
CA ILE B 339 -30.29 48.91 -1.46
C ILE B 339 -30.60 47.91 -2.59
N ARG B 340 -31.12 46.74 -2.28
CA ARG B 340 -31.34 45.69 -3.29
C ARG B 340 -32.53 46.00 -4.18
N GLU B 341 -33.69 46.27 -3.60
CA GLU B 341 -34.92 46.56 -4.33
C GLU B 341 -34.85 47.89 -5.13
N ALA B 342 -35.74 48.06 -6.11
CA ALA B 342 -35.70 49.19 -7.05
C ALA B 342 -37.04 49.95 -7.14
N GLU B 343 -38.15 49.24 -7.34
CA GLU B 343 -39.49 49.83 -7.27
C GLU B 343 -40.52 48.82 -6.75
N ILE B 344 -41.57 49.34 -6.12
CA ILE B 344 -42.49 48.58 -5.27
C ILE B 344 -43.90 49.20 -5.30
N GLU B 345 -44.91 48.39 -4.99
CA GLU B 345 -46.30 48.82 -4.93
C GLU B 345 -46.59 49.63 -3.67
N VAL B 346 -47.34 50.71 -3.84
CA VAL B 346 -47.73 51.66 -2.79
C VAL B 346 -49.24 51.84 -2.82
N GLU B 347 -49.92 51.69 -1.69
CA GLU B 347 -51.37 51.90 -1.56
C GLU B 347 -51.80 52.21 -0.12
N GLY B 348 -52.81 53.08 0.05
CA GLY B 348 -53.46 53.32 1.35
C GLY B 348 -52.47 53.63 2.49
N ASN B 349 -52.70 53.05 3.66
CA ASN B 349 -51.77 53.01 4.79
C ASN B 349 -51.30 51.56 4.99
N SER B 350 -49.99 51.33 5.00
CA SER B 350 -49.40 49.99 5.18
C SER B 350 -47.90 50.09 5.50
N GLN B 351 -47.13 49.01 5.32
CA GLN B 351 -45.67 49.03 5.40
C GLN B 351 -45.05 48.24 4.24
N LEU B 352 -43.84 48.60 3.88
CA LEU B 352 -43.00 47.98 2.85
C LEU B 352 -41.69 47.51 3.47
N GLN B 353 -41.10 46.45 2.93
CA GLN B 353 -39.84 45.89 3.40
C GLN B 353 -38.79 45.93 2.28
N ILE B 354 -37.54 46.22 2.63
CA ILE B 354 -36.40 46.31 1.72
C ILE B 354 -35.15 45.70 2.34
N SER B 355 -34.17 45.40 1.50
CA SER B 355 -32.90 44.77 1.84
C SER B 355 -31.75 45.71 1.48
N PHE B 356 -30.69 45.72 2.28
CA PHE B 356 -29.55 46.60 2.07
C PHE B 356 -28.25 45.93 2.47
N SER B 357 -27.13 46.43 1.97
CA SER B 357 -25.80 45.92 2.33
C SER B 357 -24.83 47.05 2.64
N THR B 358 -23.92 46.85 3.59
CA THR B 358 -22.91 47.85 3.93
C THR B 358 -21.74 47.27 4.71
N ALA B 359 -20.59 47.95 4.67
CA ALA B 359 -19.47 47.73 5.56
C ALA B 359 -19.65 48.37 6.95
N LEU B 360 -20.60 49.29 7.10
CA LEU B 360 -20.74 50.10 8.32
C LEU B 360 -21.18 49.29 9.54
N ALA B 361 -20.54 49.54 10.68
CA ALA B 361 -20.82 48.87 11.94
C ALA B 361 -22.04 49.44 12.71
N SER B 362 -22.46 50.65 12.32
CA SER B 362 -23.72 51.27 12.71
C SER B 362 -24.26 51.99 11.49
N ALA B 363 -25.20 51.38 10.79
CA ALA B 363 -25.75 51.96 9.57
C ALA B 363 -26.56 53.20 9.90
N GLU B 364 -26.39 54.27 9.13
CA GLU B 364 -27.28 55.42 9.06
C GLU B 364 -27.45 55.80 7.60
N PHE B 365 -28.67 56.03 7.12
CA PHE B 365 -28.90 56.44 5.74
C PHE B 365 -30.28 57.09 5.56
N ARG B 366 -30.43 57.86 4.47
CA ARG B 366 -31.71 58.37 4.00
C ARG B 366 -32.17 57.51 2.84
N VAL B 367 -33.37 56.94 2.92
CA VAL B 367 -33.99 56.28 1.78
C VAL B 367 -34.94 57.27 1.16
N GLN B 368 -34.77 57.56 -0.12
CA GLN B 368 -35.77 58.28 -0.88
C GLN B 368 -36.82 57.30 -1.36
N VAL B 369 -38.08 57.54 -1.04
CA VAL B 369 -39.24 56.83 -1.62
C VAL B 369 -40.08 57.86 -2.37
N CYS B 370 -40.32 57.64 -3.66
CA CYS B 370 -40.73 58.64 -4.66
C CYS B 370 -41.04 60.06 -4.14
N SER B 371 -40.08 60.96 -4.33
CA SER B 371 -40.15 62.39 -3.96
C SER B 371 -40.30 62.70 -2.46
N THR B 372 -40.07 61.74 -1.58
CA THR B 372 -40.05 61.92 -0.12
C THR B 372 -38.88 61.16 0.49
N GLN B 373 -38.42 61.53 1.70
CA GLN B 373 -37.24 60.90 2.30
C GLN B 373 -37.48 60.49 3.74
N VAL B 374 -37.08 59.27 4.10
CA VAL B 374 -37.12 58.75 5.47
C VAL B 374 -35.71 58.51 5.98
N HIS B 375 -35.42 58.91 7.21
CA HIS B 375 -34.17 58.56 7.90
C HIS B 375 -34.26 57.15 8.48
N CYS B 376 -33.17 56.40 8.40
CA CYS B 376 -33.08 55.03 8.89
C CYS B 376 -31.71 54.78 9.53
N ALA B 377 -31.65 54.07 10.67
CA ALA B 377 -30.38 53.74 11.33
C ALA B 377 -30.48 52.57 12.33
N ALA B 378 -29.41 51.79 12.49
CA ALA B 378 -29.26 50.75 13.52
C ALA B 378 -27.83 50.20 13.67
N GLU B 379 -27.58 49.43 14.73
CA GLU B 379 -26.37 48.62 14.90
C GLU B 379 -26.27 47.49 13.87
N CYS B 380 -25.05 47.07 13.52
CA CYS B 380 -24.78 45.94 12.64
C CYS B 380 -23.82 44.96 13.29
N HIS B 381 -24.06 43.65 13.19
CA HIS B 381 -23.15 42.63 13.70
C HIS B 381 -22.15 42.15 12.64
N PRO B 382 -20.96 41.64 13.03
CA PRO B 382 -20.03 41.04 12.08
C PRO B 382 -20.53 39.66 11.59
N PRO B 383 -20.30 39.29 10.33
CA PRO B 383 -20.47 37.92 9.86
C PRO B 383 -19.44 36.98 10.49
N LYS B 384 -19.73 35.66 10.44
CA LYS B 384 -19.04 34.63 11.23
C LYS B 384 -17.92 33.88 10.51
N ASP B 385 -17.75 34.04 9.20
CA ASP B 385 -17.20 32.98 8.34
C ASP B 385 -15.96 33.31 7.49
N HIS B 386 -15.34 34.48 7.65
CA HIS B 386 -14.08 34.90 7.01
C HIS B 386 -14.05 35.04 5.47
N ILE B 387 -14.52 34.06 4.69
CA ILE B 387 -14.32 33.95 3.24
C ILE B 387 -15.65 33.75 2.50
N VAL B 388 -15.79 34.30 1.30
CA VAL B 388 -16.95 34.08 0.41
C VAL B 388 -16.53 33.95 -1.06
N ASN B 389 -17.41 33.42 -1.90
CA ASN B 389 -17.17 33.23 -3.33
C ASN B 389 -17.75 34.32 -4.24
N TYR B 390 -18.03 35.51 -3.71
CA TYR B 390 -18.57 36.63 -4.49
C TYR B 390 -18.01 37.96 -4.00
N PRO B 391 -17.89 38.97 -4.89
CA PRO B 391 -17.41 40.29 -4.50
C PRO B 391 -18.47 41.03 -3.69
N ALA B 392 -18.06 42.00 -2.90
CA ALA B 392 -18.99 42.78 -2.07
C ALA B 392 -20.00 43.57 -2.92
N SER B 393 -21.27 43.62 -2.49
CA SER B 393 -22.34 44.37 -3.16
C SER B 393 -22.37 45.86 -2.81
N HIS B 394 -21.32 46.39 -2.18
CA HIS B 394 -21.23 47.76 -1.69
C HIS B 394 -19.80 48.29 -1.83
N THR B 395 -19.63 49.61 -1.75
CA THR B 395 -18.29 50.22 -1.77
C THR B 395 -17.47 49.80 -0.56
N THR B 396 -16.16 50.01 -0.63
CA THR B 396 -15.30 49.98 0.57
C THR B 396 -15.71 51.07 1.58
N LEU B 397 -15.28 50.91 2.84
CA LEU B 397 -15.55 51.81 3.95
C LEU B 397 -14.76 53.13 3.86
N GLY B 398 -15.38 54.25 4.28
CA GLY B 398 -14.69 55.48 4.65
C GLY B 398 -13.91 55.31 5.95
N VAL B 399 -12.78 54.59 5.90
CA VAL B 399 -12.07 54.04 7.08
C VAL B 399 -11.55 55.10 8.05
N GLN B 400 -11.14 56.28 7.55
CA GLN B 400 -10.74 57.41 8.40
C GLN B 400 -11.94 58.22 8.91
N ASP B 401 -12.97 58.39 8.08
CA ASP B 401 -14.02 59.41 8.26
C ASP B 401 -15.35 58.90 8.84
N ILE B 402 -15.64 57.59 8.82
CA ILE B 402 -16.90 57.02 9.31
C ILE B 402 -16.66 55.84 10.24
N SER B 403 -17.33 55.83 11.39
CA SER B 403 -17.13 54.83 12.44
C SER B 403 -18.36 54.68 13.35
N VAL B 404 -18.33 53.66 14.21
CA VAL B 404 -19.44 53.22 15.06
C VAL B 404 -20.12 54.33 15.87
N THR B 405 -21.42 54.25 16.12
CA THR B 405 -21.97 54.88 17.34
C THR B 405 -21.29 54.22 18.53
N ALA B 406 -21.03 54.95 19.62
CA ALA B 406 -19.92 54.70 20.54
C ALA B 406 -18.56 55.27 20.08
N MET B 407 -18.52 55.94 18.93
CA MET B 407 -17.55 57.01 18.64
C MET B 407 -17.70 58.16 19.67
N SER B 408 -18.82 58.24 20.37
CA SER B 408 -19.01 59.11 21.53
C SER B 408 -17.94 58.91 22.62
N TRP B 409 -17.25 57.76 22.72
CA TRP B 409 -16.07 57.65 23.57
C TRP B 409 -14.95 58.62 23.16
N VAL B 410 -14.78 58.87 21.86
CA VAL B 410 -13.84 59.89 21.35
C VAL B 410 -14.30 61.27 21.78
N GLN B 411 -15.57 61.60 21.58
CA GLN B 411 -16.12 62.90 22.00
C GLN B 411 -15.97 63.11 23.51
N LYS B 412 -16.21 62.09 24.35
CA LYS B 412 -15.97 62.18 25.79
C LYS B 412 -14.51 62.49 26.11
N ILE B 413 -13.56 61.65 25.67
CA ILE B 413 -12.16 61.84 26.10
C ILE B 413 -11.52 63.08 25.48
N THR B 414 -11.83 63.41 24.23
CA THR B 414 -11.31 64.62 23.57
C THR B 414 -12.01 65.89 24.06
N GLY B 415 -13.28 65.81 24.46
CA GLY B 415 -14.02 66.90 25.09
C GLY B 415 -13.57 67.16 26.53
N GLY B 416 -13.26 66.13 27.32
CA GLY B 416 -12.71 66.27 28.66
C GLY B 416 -11.32 66.88 28.66
N VAL B 417 -10.40 66.34 27.85
CA VAL B 417 -9.05 66.90 27.70
C VAL B 417 -9.09 68.30 27.06
N GLY B 418 -9.96 68.51 26.08
CA GLY B 418 -10.17 69.83 25.46
C GLY B 418 -10.69 70.89 26.45
N LEU B 419 -11.62 70.51 27.33
CA LEU B 419 -12.12 71.38 28.39
C LEU B 419 -11.00 71.73 29.36
N VAL B 420 -10.24 70.75 29.84
CA VAL B 420 -9.08 71.00 30.71
C VAL B 420 -8.08 71.96 30.07
N VAL B 421 -7.64 71.73 28.83
CA VAL B 421 -6.64 72.63 28.22
C VAL B 421 -7.21 74.02 27.91
N ALA B 422 -8.52 74.15 27.70
CA ALA B 422 -9.17 75.47 27.61
C ALA B 422 -9.29 76.17 28.98
N VAL B 423 -9.62 75.44 30.06
CA VAL B 423 -9.62 75.98 31.43
C VAL B 423 -8.22 76.44 31.83
N ALA B 424 -7.20 75.65 31.50
CA ALA B 424 -5.81 76.04 31.68
C ALA B 424 -5.49 77.35 30.95
N ALA B 425 -5.80 77.47 29.66
CA ALA B 425 -5.57 78.70 28.91
C ALA B 425 -6.34 79.90 29.50
N LEU B 426 -7.57 79.71 29.98
CA LEU B 426 -8.33 80.79 30.61
C LEU B 426 -7.68 81.28 31.91
N ILE B 427 -7.32 80.38 32.83
CA ILE B 427 -6.66 80.76 34.08
C ILE B 427 -5.30 81.44 33.80
N LEU B 428 -4.57 80.96 32.80
CA LEU B 428 -3.33 81.62 32.37
C LEU B 428 -3.60 83.05 31.86
N ILE B 429 -4.66 83.25 31.06
CA ILE B 429 -5.05 84.58 30.59
C ILE B 429 -5.46 85.49 31.76
N VAL B 430 -6.12 84.98 32.80
CA VAL B 430 -6.43 85.78 34.00
C VAL B 430 -5.15 86.25 34.70
N VAL B 431 -4.20 85.37 35.01
CA VAL B 431 -2.98 85.83 35.70
C VAL B 431 -2.11 86.69 34.79
N LEU B 432 -2.07 86.41 33.48
CA LEU B 432 -1.39 87.26 32.50
C LEU B 432 -1.99 88.68 32.49
N CYS B 433 -3.32 88.78 32.49
CA CYS B 433 -4.05 90.03 32.52
C CYS B 433 -3.74 90.85 33.78
N VAL B 434 -3.81 90.27 34.99
CA VAL B 434 -3.46 91.05 36.20
C VAL B 434 -1.98 91.38 36.29
N SER B 435 -1.09 90.57 35.73
CA SER B 435 0.35 90.91 35.66
C SER B 435 0.64 92.08 34.70
N PHE B 436 -0.15 92.26 33.64
CA PHE B 436 -0.12 93.43 32.77
C PHE B 436 -0.80 94.64 33.41
N SER B 437 -1.85 94.42 34.21
CA SER B 437 -2.65 95.44 34.89
C SER B 437 -2.00 95.98 36.16
N ARG B 438 -0.67 96.08 36.19
CA ARG B 438 0.15 96.57 37.33
C ARG B 438 1.36 97.38 36.83
N TYR C 1 13.29 -19.55 56.32
CA TYR C 1 13.83 -18.30 56.87
C TYR C 1 13.47 -17.15 55.95
N GLU C 2 12.79 -16.11 56.46
CA GLU C 2 12.38 -14.91 55.73
C GLU C 2 13.54 -13.94 55.48
N HIS C 3 13.78 -13.55 54.22
CA HIS C 3 14.77 -12.53 53.82
C HIS C 3 14.15 -11.54 52.82
N VAL C 4 14.54 -10.26 52.87
CA VAL C 4 13.95 -9.18 52.06
C VAL C 4 15.03 -8.32 51.41
N THR C 5 14.82 -7.90 50.16
CA THR C 5 15.83 -7.16 49.38
C THR C 5 15.20 -6.34 48.25
N VAL C 6 15.98 -5.45 47.63
CA VAL C 6 15.56 -4.65 46.48
C VAL C 6 16.57 -4.79 45.35
N ILE C 7 16.09 -4.99 44.12
CA ILE C 7 16.91 -5.10 42.91
C ILE C 7 16.52 -3.99 41.92
N PRO C 8 17.46 -3.40 41.17
CA PRO C 8 17.14 -2.44 40.11
C PRO C 8 16.21 -3.06 39.06
N ASN C 9 15.34 -2.26 38.43
CA ASN C 9 14.39 -2.77 37.43
C ASN C 9 15.05 -2.94 36.06
N THR C 10 16.20 -3.61 36.01
CA THR C 10 16.99 -3.81 34.78
C THR C 10 16.97 -5.28 34.41
N VAL C 11 16.45 -5.62 33.24
CA VAL C 11 16.35 -7.00 32.79
C VAL C 11 17.72 -7.56 32.45
N GLY C 12 17.92 -8.86 32.67
CA GLY C 12 19.11 -9.59 32.20
C GLY C 12 20.45 -9.24 32.86
N VAL C 13 20.45 -8.50 33.98
CA VAL C 13 21.63 -8.28 34.82
C VAL C 13 21.46 -9.00 36.16
N PRO C 14 22.39 -9.89 36.57
CA PRO C 14 22.29 -10.59 37.83
C PRO C 14 22.62 -9.66 39.00
N TYR C 15 21.68 -9.55 39.94
CA TYR C 15 21.87 -8.89 41.22
C TYR C 15 22.02 -9.95 42.31
N LYS C 16 22.95 -9.73 43.21
CA LYS C 16 23.54 -10.78 44.04
C LYS C 16 23.68 -10.30 45.48
N THR C 17 23.23 -11.12 46.42
CA THR C 17 22.99 -10.69 47.81
C THR C 17 23.17 -11.82 48.82
N LEU C 18 23.45 -11.45 50.06
CA LEU C 18 23.86 -12.37 51.12
C LEU C 18 22.69 -12.66 52.06
N VAL C 19 22.34 -13.94 52.24
CA VAL C 19 21.49 -14.38 53.34
C VAL C 19 22.38 -14.62 54.56
N ASN C 20 22.19 -13.84 55.62
CA ASN C 20 22.99 -13.87 56.84
C ASN C 20 22.11 -14.26 58.03
N ARG C 21 21.69 -15.53 58.10
CA ARG C 21 20.87 -16.04 59.20
C ARG C 21 21.69 -16.14 60.51
N PRO C 22 21.23 -15.57 61.63
CA PRO C 22 21.88 -15.73 62.92
C PRO C 22 22.14 -17.20 63.31
N GLY C 23 23.36 -17.54 63.71
CA GLY C 23 23.74 -18.88 64.17
C GLY C 23 24.02 -19.91 63.08
N TYR C 24 23.81 -19.56 61.82
CA TYR C 24 24.02 -20.44 60.66
C TYR C 24 25.01 -19.82 59.69
N SER C 25 25.65 -20.66 58.87
CA SER C 25 26.55 -20.15 57.83
C SER C 25 25.81 -19.20 56.89
N PRO C 26 26.45 -18.14 56.39
CA PRO C 26 25.87 -17.32 55.36
C PRO C 26 25.83 -18.08 54.02
N MET C 27 24.96 -17.64 53.11
CA MET C 27 24.93 -18.10 51.73
C MET C 27 24.57 -16.94 50.79
N VAL C 28 24.94 -17.02 49.52
CA VAL C 28 24.71 -15.93 48.55
C VAL C 28 23.69 -16.35 47.50
N LEU C 29 22.63 -15.56 47.39
CA LEU C 29 21.66 -15.63 46.31
C LEU C 29 22.13 -14.76 45.15
N GLU C 30 21.80 -15.15 43.93
CA GLU C 30 21.68 -14.18 42.84
C GLU C 30 20.38 -14.39 42.09
N MET C 31 19.85 -13.31 41.54
CA MET C 31 18.63 -13.33 40.76
C MET C 31 18.64 -12.26 39.68
N GLU C 32 17.88 -12.48 38.62
CA GLU C 32 17.71 -11.50 37.55
C GLU C 32 16.30 -11.53 36.99
N LEU C 33 15.82 -10.37 36.59
CA LEU C 33 14.57 -10.24 35.88
C LEU C 33 14.76 -10.77 34.47
N LEU C 34 14.06 -11.85 34.12
CA LEU C 34 14.05 -12.33 32.74
C LEU C 34 13.08 -11.54 31.89
N SER C 35 12.00 -11.04 32.46
CA SER C 35 11.01 -10.23 31.77
C SER C 35 10.21 -9.41 32.78
N VAL C 36 9.86 -8.19 32.42
CA VAL C 36 8.90 -7.36 33.17
C VAL C 36 7.90 -6.83 32.19
N THR C 37 6.61 -7.01 32.45
CA THR C 37 5.54 -6.59 31.56
C THR C 37 4.63 -5.59 32.25
N LEU C 38 4.53 -4.38 31.73
CA LEU C 38 3.39 -3.53 31.96
C LEU C 38 2.32 -3.88 30.93
N GLU C 39 1.06 -3.84 31.31
CA GLU C 39 -0.06 -4.25 30.48
C GLU C 39 -1.27 -3.39 30.80
N PRO C 40 -1.56 -2.33 30.03
CA PRO C 40 -2.60 -1.38 30.35
C PRO C 40 -4.00 -1.97 30.18
N THR C 41 -5.02 -1.25 30.63
CA THR C 41 -6.42 -1.66 30.50
C THR C 41 -7.08 -0.84 29.40
N LEU C 42 -7.64 -1.46 28.38
CA LEU C 42 -8.01 -0.78 27.13
C LEU C 42 -9.51 -0.59 27.01
N SER C 43 -9.93 0.62 26.67
CA SER C 43 -11.31 0.97 26.33
C SER C 43 -11.44 1.24 24.85
N LEU C 44 -12.11 0.37 24.09
CA LEU C 44 -12.31 0.58 22.66
C LEU C 44 -13.26 1.74 22.41
N ASP C 45 -12.80 2.80 21.76
CA ASP C 45 -13.67 3.86 21.27
C ASP C 45 -14.27 3.51 19.90
N TYR C 46 -13.45 3.16 18.92
CA TYR C 46 -13.92 2.79 17.58
C TYR C 46 -12.88 2.06 16.74
N ILE C 47 -13.37 1.40 15.70
CA ILE C 47 -12.62 0.73 14.66
C ILE C 47 -12.65 1.60 13.42
N THR C 48 -11.50 1.79 12.79
CA THR C 48 -11.33 2.47 11.50
C THR C 48 -10.86 1.47 10.47
N CYS C 49 -11.28 1.61 9.23
CA CYS C 49 -10.94 0.68 8.16
C CYS C 49 -11.21 1.34 6.81
N GLU C 50 -10.88 0.68 5.71
CA GLU C 50 -11.19 1.24 4.40
C GLU C 50 -12.71 1.20 4.11
N TYR C 51 -13.30 2.31 3.65
CA TYR C 51 -14.68 2.31 3.16
C TYR C 51 -14.77 1.79 1.72
N LYS C 52 -15.94 1.33 1.31
CA LYS C 52 -16.33 1.16 -0.09
C LYS C 52 -17.45 2.13 -0.42
N THR C 53 -17.54 2.58 -1.66
CA THR C 53 -18.68 3.39 -2.10
C THR C 53 -19.59 2.51 -2.93
N VAL C 54 -20.88 2.49 -2.61
CA VAL C 54 -21.86 1.67 -3.29
C VAL C 54 -22.63 2.56 -4.23
N ILE C 55 -22.65 2.20 -5.51
CA ILE C 55 -23.28 2.98 -6.56
C ILE C 55 -24.14 2.02 -7.39
N PRO C 56 -25.43 1.90 -7.11
CA PRO C 56 -26.33 1.07 -7.90
C PRO C 56 -26.38 1.53 -9.35
N SER C 57 -26.79 0.65 -10.27
CA SER C 57 -27.06 1.07 -11.64
C SER C 57 -27.92 2.33 -11.65
N PRO C 58 -27.58 3.38 -12.42
CA PRO C 58 -28.36 4.59 -12.45
C PRO C 58 -29.68 4.34 -13.15
N TYR C 59 -30.78 4.87 -12.62
CA TYR C 59 -32.05 4.87 -13.32
C TYR C 59 -32.13 6.00 -14.34
N VAL C 60 -32.52 5.70 -15.58
CA VAL C 60 -32.75 6.73 -16.60
C VAL C 60 -34.23 6.74 -16.98
N LYS C 61 -34.89 7.88 -16.76
CA LYS C 61 -36.27 8.11 -17.19
C LYS C 61 -36.22 8.59 -18.63
N CYS C 62 -36.74 7.80 -19.55
CA CYS C 62 -37.04 8.33 -20.87
C CYS C 62 -38.19 9.34 -20.76
N CYS C 63 -38.15 10.38 -21.59
CA CYS C 63 -39.30 11.24 -21.85
C CYS C 63 -39.94 11.89 -20.60
N GLY C 64 -39.18 12.14 -19.53
CA GLY C 64 -39.70 12.78 -18.32
C GLY C 64 -38.66 12.89 -17.21
N THR C 65 -39.00 13.59 -16.13
CA THR C 65 -38.17 13.61 -14.92
C THR C 65 -38.31 12.31 -14.13
N ALA C 66 -37.20 11.77 -13.66
CA ALA C 66 -37.19 10.92 -12.47
C ALA C 66 -37.42 11.81 -11.24
N GLU C 67 -38.27 11.39 -10.30
CA GLU C 67 -38.32 12.07 -9.00
C GLU C 67 -37.09 11.67 -8.17
N CYS C 68 -36.46 12.66 -7.53
CA CYS C 68 -35.45 12.40 -6.52
C CYS C 68 -36.11 11.88 -5.23
N LYS C 69 -35.38 11.12 -4.39
CA LYS C 69 -35.85 10.77 -3.04
C LYS C 69 -34.74 10.60 -2.02
N ASP C 70 -35.11 10.75 -0.76
CA ASP C 70 -34.24 10.59 0.40
C ASP C 70 -33.97 9.12 0.77
N LYS C 71 -32.85 8.84 1.43
CA LYS C 71 -32.58 7.58 2.13
C LYS C 71 -31.60 7.82 3.29
N SER C 72 -31.64 7.01 4.34
CA SER C 72 -30.97 7.30 5.61
C SER C 72 -29.48 6.89 5.71
N LEU C 73 -28.88 6.41 4.62
CA LEU C 73 -27.60 5.66 4.65
C LEU C 73 -26.38 6.56 4.96
N PRO C 74 -25.24 6.01 5.44
CA PRO C 74 -24.24 6.73 6.23
C PRO C 74 -23.63 8.02 5.68
N ASP C 75 -23.55 8.16 4.36
CA ASP C 75 -23.03 9.38 3.71
C ASP C 75 -23.76 9.61 2.37
N TYR C 76 -25.04 9.23 2.34
CA TYR C 76 -25.87 9.17 1.14
C TYR C 76 -25.89 10.50 0.38
N SER C 77 -25.77 10.44 -0.93
CA SER C 77 -25.91 11.59 -1.81
C SER C 77 -26.64 11.21 -3.09
N CYS C 78 -27.43 12.12 -3.65
CA CYS C 78 -28.30 11.84 -4.78
C CYS C 78 -28.58 13.09 -5.61
N LYS C 79 -28.68 12.94 -6.93
CA LYS C 79 -29.00 14.01 -7.90
C LYS C 79 -29.79 13.47 -9.07
N VAL C 80 -30.55 14.36 -9.70
CA VAL C 80 -31.18 14.11 -10.99
C VAL C 80 -30.53 15.01 -12.03
N PHE C 81 -30.07 14.45 -13.13
CA PHE C 81 -29.47 15.17 -14.25
C PHE C 81 -30.43 15.18 -15.42
N THR C 82 -30.46 16.28 -16.17
CA THR C 82 -31.45 16.51 -17.23
C THR C 82 -30.81 16.76 -18.58
N GLY C 83 -31.51 16.44 -19.66
CA GLY C 83 -31.01 16.63 -21.03
C GLY C 83 -29.98 15.58 -21.46
N VAL C 84 -29.95 14.44 -20.78
CA VAL C 84 -29.13 13.28 -21.16
C VAL C 84 -29.68 12.61 -22.43
N TYR C 85 -28.81 11.92 -23.16
CA TYR C 85 -29.21 11.12 -24.32
C TYR C 85 -28.24 9.95 -24.53
N PRO C 86 -28.18 8.99 -23.60
CA PRO C 86 -27.18 7.94 -23.63
C PRO C 86 -27.33 7.00 -24.82
N PHE C 87 -26.21 6.57 -25.37
CA PHE C 87 -26.13 5.51 -26.36
C PHE C 87 -25.59 4.24 -25.71
N MET C 88 -26.22 3.11 -25.98
CA MET C 88 -25.61 1.80 -25.79
C MET C 88 -25.10 1.28 -27.12
N TRP C 89 -24.47 0.11 -27.13
CA TRP C 89 -23.75 -0.39 -28.30
C TRP C 89 -24.61 -0.46 -29.56
N GLY C 90 -25.89 -0.79 -29.44
CA GLY C 90 -26.79 -0.96 -30.58
C GLY C 90 -27.56 0.29 -31.02
N GLY C 91 -27.52 1.39 -30.27
CA GLY C 91 -28.37 2.54 -30.55
C GLY C 91 -28.56 3.50 -29.38
N ALA C 92 -29.27 4.60 -29.61
CA ALA C 92 -29.72 5.46 -28.53
C ALA C 92 -30.65 4.67 -27.60
N TYR C 93 -30.50 4.81 -26.30
CA TYR C 93 -31.36 4.11 -25.34
C TYR C 93 -32.74 4.77 -25.21
N CYS C 94 -32.81 6.09 -25.38
CA CYS C 94 -34.03 6.86 -25.18
C CYS C 94 -34.85 7.01 -26.47
N PHE C 95 -36.17 7.08 -26.33
CA PHE C 95 -37.09 7.18 -27.48
C PHE C 95 -37.17 8.59 -28.10
N CYS C 96 -36.71 9.63 -27.40
CA CYS C 96 -36.71 11.01 -27.87
C CYS C 96 -35.36 11.72 -27.59
N ASP C 97 -35.03 12.69 -28.43
CA ASP C 97 -33.70 13.30 -28.54
C ASP C 97 -33.28 14.13 -27.31
N THR C 98 -34.25 14.55 -26.50
CA THR C 98 -34.08 15.35 -25.29
C THR C 98 -35.31 15.21 -24.39
N GLU C 99 -35.35 15.87 -23.24
CA GLU C 99 -36.36 15.71 -22.18
C GLU C 99 -36.31 14.37 -21.43
N ASN C 100 -35.22 13.61 -21.59
CA ASN C 100 -34.87 12.49 -20.73
C ASN C 100 -34.16 12.97 -19.46
N THR C 101 -34.13 12.16 -18.41
CA THR C 101 -33.34 12.45 -17.21
C THR C 101 -32.71 11.21 -16.61
N GLN C 102 -31.61 11.38 -15.89
CA GLN C 102 -30.93 10.32 -15.16
C GLN C 102 -30.94 10.63 -13.67
N LEU C 103 -31.48 9.73 -12.87
CA LEU C 103 -31.30 9.71 -11.43
C LEU C 103 -29.96 9.05 -11.11
N SER C 104 -29.22 9.54 -10.11
CA SER C 104 -28.01 8.87 -9.62
C SER C 104 -27.87 9.05 -8.13
N GLU C 105 -27.38 8.02 -7.46
CA GLU C 105 -27.41 7.90 -6.01
C GLU C 105 -26.25 7.02 -5.54
N ALA C 106 -25.69 7.30 -4.37
CA ALA C 106 -24.56 6.58 -3.84
C ALA C 106 -24.45 6.73 -2.32
N HIS C 107 -23.84 5.77 -1.65
CA HIS C 107 -23.53 5.86 -0.21
C HIS C 107 -22.30 5.05 0.14
N VAL C 108 -21.63 5.37 1.24
CA VAL C 108 -20.47 4.61 1.71
C VAL C 108 -20.85 3.51 2.68
N GLU C 109 -20.03 2.47 2.76
CA GLU C 109 -20.16 1.36 3.70
C GLU C 109 -18.78 0.89 4.14
N LYS C 110 -18.69 0.09 5.21
CA LYS C 110 -17.46 -0.67 5.49
C LYS C 110 -17.16 -1.61 4.32
N SER C 111 -15.89 -1.77 3.98
CA SER C 111 -15.46 -2.75 2.99
C SER C 111 -15.65 -4.18 3.48
N GLU C 112 -15.61 -5.14 2.57
CA GLU C 112 -15.63 -6.55 2.96
C GLU C 112 -14.44 -6.93 3.84
N SER C 113 -13.32 -6.23 3.67
CA SER C 113 -12.04 -6.46 4.34
C SER C 113 -11.99 -6.07 5.80
N CYS C 114 -12.97 -5.34 6.33
CA CYS C 114 -12.85 -4.72 7.65
C CYS C 114 -12.88 -5.72 8.82
N LYS C 115 -13.11 -7.01 8.51
CA LYS C 115 -12.85 -8.13 9.41
C LYS C 115 -11.37 -8.31 9.74
N THR C 116 -10.48 -7.84 8.86
CA THR C 116 -9.03 -8.17 8.84
C THR C 116 -8.13 -6.93 8.72
N GLU C 117 -8.37 -6.06 7.74
CA GLU C 117 -7.63 -4.82 7.57
C GLU C 117 -8.39 -3.67 8.25
N PHE C 118 -8.04 -3.39 9.50
CA PHE C 118 -8.65 -2.35 10.31
C PHE C 118 -7.67 -1.91 11.39
N ALA C 119 -7.91 -0.78 12.03
CA ALA C 119 -7.14 -0.33 13.17
C ALA C 119 -8.07 0.11 14.30
N SER C 120 -7.62 -0.05 15.53
CA SER C 120 -8.43 0.14 16.73
C SER C 120 -7.99 1.36 17.50
N ALA C 121 -8.89 2.30 17.78
CA ALA C 121 -8.61 3.44 18.62
C ALA C 121 -9.03 3.14 20.06
N TYR C 122 -8.10 3.19 21.00
CA TYR C 122 -8.32 2.84 22.40
C TYR C 122 -7.95 3.98 23.32
N ARG C 123 -8.70 4.19 24.40
CA ARG C 123 -8.12 4.84 25.59
C ARG C 123 -7.44 3.79 26.44
N ALA C 124 -6.31 4.13 27.05
CA ALA C 124 -5.54 3.19 27.85
C ALA C 124 -5.44 3.67 29.30
N HIS C 125 -5.96 2.88 30.23
CA HIS C 125 -5.90 3.13 31.66
C HIS C 125 -4.79 2.32 32.32
N THR C 126 -4.55 2.53 33.61
CA THR C 126 -3.36 2.00 34.30
C THR C 126 -3.22 0.47 34.25
N ALA C 127 -2.02 -0.01 34.57
CA ALA C 127 -1.49 -1.25 34.04
C ALA C 127 -1.16 -2.33 35.08
N SER C 128 -1.46 -3.57 34.71
CA SER C 128 -1.30 -4.77 35.54
C SER C 128 0.12 -5.32 35.47
N ALA C 129 1.05 -4.76 36.24
CA ALA C 129 2.45 -5.18 36.20
C ALA C 129 2.66 -6.67 36.55
N SER C 130 3.44 -7.36 35.74
CA SER C 130 3.73 -8.79 35.81
C SER C 130 5.22 -9.04 35.58
N ALA C 131 5.82 -10.07 36.16
CA ALA C 131 7.26 -10.29 36.12
C ALA C 131 7.66 -11.76 36.13
N LYS C 132 8.84 -12.04 35.57
CA LYS C 132 9.43 -13.37 35.41
C LYS C 132 10.87 -13.31 35.91
N LEU C 133 11.29 -14.22 36.79
CA LEU C 133 12.56 -14.06 37.51
C LEU C 133 13.32 -15.39 37.65
N ARG C 134 14.64 -15.35 37.46
CA ARG C 134 15.56 -16.48 37.71
C ARG C 134 16.27 -16.24 39.02
N VAL C 135 16.47 -17.27 39.84
CA VAL C 135 17.22 -17.22 41.10
C VAL C 135 18.10 -18.46 41.29
N LEU C 136 19.30 -18.27 41.83
CA LEU C 136 20.29 -19.30 42.10
C LEU C 136 20.61 -19.40 43.58
N TYR C 137 20.48 -20.57 44.19
CA TYR C 137 20.98 -20.84 45.55
C TYR C 137 21.51 -22.27 45.71
N GLN C 138 22.74 -22.43 46.22
CA GLN C 138 23.38 -23.73 46.47
C GLN C 138 23.38 -24.70 45.25
N GLY C 139 23.45 -24.17 44.03
CA GLY C 139 23.36 -24.95 42.79
C GLY C 139 21.93 -25.27 42.31
N ASN C 140 20.90 -24.89 43.06
CA ASN C 140 19.52 -24.84 42.58
C ASN C 140 19.34 -23.60 41.69
N ASN C 141 19.40 -23.77 40.37
CA ASN C 141 19.09 -22.73 39.40
C ASN C 141 17.60 -22.85 39.03
N VAL C 142 16.76 -21.91 39.43
CA VAL C 142 15.29 -22.04 39.34
C VAL C 142 14.61 -20.75 38.90
N THR C 143 13.44 -20.87 38.26
CA THR C 143 12.69 -19.76 37.67
C THR C 143 11.29 -19.66 38.28
N VAL C 144 10.79 -18.45 38.47
CA VAL C 144 9.46 -18.17 39.03
C VAL C 144 8.76 -17.10 38.19
N SER C 145 7.43 -17.15 38.15
CA SER C 145 6.58 -16.20 37.44
C SER C 145 5.51 -15.65 38.38
N ALA C 146 5.25 -14.35 38.37
CA ALA C 146 4.33 -13.74 39.33
C ALA C 146 3.75 -12.40 38.87
N TYR C 147 2.64 -11.96 39.48
CA TYR C 147 2.26 -10.56 39.43
C TYR C 147 3.14 -9.72 40.35
N ALA C 148 3.26 -8.43 40.10
CA ALA C 148 4.06 -7.52 40.91
C ALA C 148 3.29 -6.86 42.07
N ASN C 149 2.19 -7.43 42.55
CA ASN C 149 1.31 -6.76 43.52
C ASN C 149 1.81 -6.77 44.98
N GLY C 150 3.00 -7.32 45.27
CA GLY C 150 3.56 -7.40 46.63
C GLY C 150 2.94 -8.49 47.52
N ASP C 151 2.04 -9.29 46.98
CA ASP C 151 1.47 -10.50 47.57
C ASP C 151 1.46 -11.61 46.50
N HIS C 152 0.48 -12.51 46.45
CA HIS C 152 0.45 -13.63 45.52
C HIS C 152 1.75 -14.45 45.56
N ALA C 153 2.10 -14.91 46.76
CA ALA C 153 3.32 -15.68 46.97
C ALA C 153 3.32 -16.96 46.14
N VAL C 154 4.40 -17.22 45.40
CA VAL C 154 4.57 -18.45 44.63
C VAL C 154 5.62 -19.32 45.28
N THR C 155 5.32 -20.59 45.53
CA THR C 155 6.29 -21.56 46.08
C THR C 155 6.86 -22.46 44.99
N VAL C 156 8.16 -22.72 45.05
CA VAL C 156 8.83 -23.75 44.24
C VAL C 156 10.01 -24.34 45.01
N LYS C 157 10.24 -25.66 44.92
CA LYS C 157 11.24 -26.42 45.70
C LYS C 157 11.20 -26.11 47.21
N ASP C 158 9.99 -25.87 47.73
CA ASP C 158 9.71 -25.40 49.10
C ASP C 158 10.32 -24.03 49.49
N ALA C 159 10.99 -23.33 48.58
CA ALA C 159 11.17 -21.89 48.71
C ALA C 159 9.87 -21.15 48.33
N LYS C 160 9.73 -19.90 48.75
CA LYS C 160 8.54 -19.08 48.47
C LYS C 160 8.91 -17.63 48.17
N PHE C 161 8.32 -17.04 47.13
CA PHE C 161 8.75 -15.78 46.52
C PHE C 161 7.60 -14.79 46.42
N ILE C 162 7.87 -13.52 46.70
CA ILE C 162 6.91 -12.41 46.57
C ILE C 162 7.64 -11.24 45.93
N VAL C 163 7.02 -10.52 44.98
CA VAL C 163 7.70 -9.46 44.21
C VAL C 163 6.83 -8.21 44.04
N GLY C 164 7.48 -7.05 43.92
CA GLY C 164 6.83 -5.79 43.60
C GLY C 164 6.04 -5.16 44.74
N PRO C 165 5.34 -4.05 44.49
CA PRO C 165 5.31 -3.32 43.23
C PRO C 165 6.60 -2.53 43.02
N MET C 166 6.98 -2.26 41.77
CA MET C 166 8.13 -1.43 41.48
C MET C 166 7.89 0.02 41.86
N SER C 167 8.95 0.75 42.19
CA SER C 167 8.86 2.16 42.60
C SER C 167 8.34 3.08 41.49
N SER C 168 8.63 2.76 40.24
CA SER C 168 8.19 3.52 39.08
C SER C 168 6.72 3.27 38.75
N ALA C 169 6.02 4.33 38.35
CA ALA C 169 4.65 4.28 37.84
C ALA C 169 4.54 4.87 36.43
N TRP C 170 5.68 5.05 35.74
CA TRP C 170 5.77 5.44 34.35
C TRP C 170 5.31 4.32 33.42
N THR C 171 4.70 4.68 32.28
CA THR C 171 4.36 3.74 31.21
C THR C 171 4.48 4.44 29.85
N PRO C 172 4.88 3.78 28.76
CA PRO C 172 5.09 4.46 27.49
C PRO C 172 3.78 4.82 26.80
N PHE C 173 2.70 4.06 27.03
CA PHE C 173 1.41 4.33 26.43
C PHE C 173 0.80 5.61 26.98
N ASP C 174 0.45 6.53 26.09
CA ASP C 174 -0.30 7.74 26.47
C ASP C 174 -1.81 7.43 26.55
N ASN C 175 -2.60 8.39 27.00
CA ASN C 175 -4.02 8.24 27.34
C ASN C 175 -4.88 7.78 26.16
N LYS C 176 -4.48 8.14 24.95
CA LYS C 176 -5.07 7.73 23.67
C LYS C 176 -4.03 6.93 22.91
N ILE C 177 -4.38 5.75 22.39
CA ILE C 177 -3.51 4.98 21.49
C ILE C 177 -4.28 4.44 20.30
N VAL C 178 -3.59 4.16 19.20
CA VAL C 178 -4.13 3.39 18.08
C VAL C 178 -3.30 2.15 17.91
N VAL C 179 -3.90 1.00 17.62
CA VAL C 179 -3.15 -0.22 17.25
C VAL C 179 -3.60 -0.71 15.89
N TYR C 180 -2.68 -1.29 15.12
CA TYR C 180 -2.97 -1.82 13.78
C TYR C 180 -2.78 -3.32 13.70
N LYS C 181 -1.57 -3.81 13.95
CA LYS C 181 -1.27 -5.24 14.06
C LYS C 181 -0.28 -5.49 15.18
N GLY C 182 1.01 -5.60 14.88
CA GLY C 182 2.07 -5.50 15.88
C GLY C 182 2.36 -4.05 16.26
N ASP C 183 2.04 -3.10 15.38
CA ASP C 183 2.28 -1.69 15.63
C ASP C 183 1.22 -1.05 16.52
N VAL C 184 1.66 -0.23 17.49
CA VAL C 184 0.82 0.58 18.36
C VAL C 184 1.43 1.97 18.55
N TYR C 185 0.59 2.99 18.52
CA TYR C 185 0.97 4.39 18.41
C TYR C 185 0.32 5.25 19.48
N ASN C 186 1.07 6.14 20.13
CA ASN C 186 0.47 7.27 20.81
C ASN C 186 -0.01 8.26 19.74
N MET C 187 -1.31 8.46 19.58
CA MET C 187 -1.80 9.60 18.81
C MET C 187 -3.13 10.11 19.32
N ASP C 188 -3.36 11.42 19.22
CA ASP C 188 -4.56 12.08 19.71
C ASP C 188 -5.69 11.99 18.67
N TYR C 189 -6.11 10.78 18.36
CA TYR C 189 -7.11 10.51 17.34
C TYR C 189 -8.42 11.29 17.58
N PRO C 190 -9.18 11.65 16.55
CA PRO C 190 -10.40 12.42 16.72
C PRO C 190 -11.43 11.58 17.46
N PRO C 191 -12.19 12.12 18.44
CA PRO C 191 -13.26 11.39 19.12
C PRO C 191 -14.30 10.81 18.17
N PHE C 192 -15.09 9.84 18.63
CA PHE C 192 -16.12 9.23 17.77
C PHE C 192 -17.07 10.29 17.23
N GLY C 193 -17.37 10.21 15.94
CA GLY C 193 -18.18 11.21 15.24
C GLY C 193 -17.47 12.55 14.96
N ALA C 194 -16.22 12.75 15.40
CA ALA C 194 -15.45 13.97 15.17
C ALA C 194 -14.53 13.96 13.93
N GLY C 195 -14.31 12.82 13.28
CA GLY C 195 -13.30 12.67 12.21
C GLY C 195 -13.67 13.35 10.89
N ARG C 196 -12.67 14.00 10.26
CA ARG C 196 -12.73 14.75 8.98
C ARG C 196 -12.47 13.86 7.76
N PRO C 197 -12.75 14.30 6.52
CA PRO C 197 -12.45 13.55 5.31
C PRO C 197 -10.96 13.37 5.11
N GLY C 198 -10.55 12.27 4.47
CA GLY C 198 -9.17 12.06 4.04
C GLY C 198 -8.12 12.00 5.15
N GLN C 199 -8.50 11.74 6.40
CA GLN C 199 -7.60 11.56 7.54
C GLN C 199 -8.00 10.34 8.37
N PHE C 200 -7.17 9.89 9.29
CA PHE C 200 -7.48 8.75 10.13
C PHE C 200 -8.80 8.95 10.88
N GLY C 201 -9.77 8.09 10.63
CA GLY C 201 -11.11 8.20 11.19
C GLY C 201 -12.13 8.89 10.30
N ASP C 202 -11.92 8.99 8.99
CA ASP C 202 -12.95 9.45 8.04
C ASP C 202 -14.15 8.51 7.93
N ILE C 203 -14.02 7.28 8.40
CA ILE C 203 -15.08 6.30 8.63
C ILE C 203 -14.80 5.63 9.96
N GLN C 204 -15.82 5.42 10.79
CA GLN C 204 -15.66 4.82 12.11
C GLN C 204 -16.84 3.92 12.45
N SER C 205 -16.60 2.88 13.24
CA SER C 205 -17.62 1.98 13.74
C SER C 205 -17.36 1.68 15.19
N ARG C 206 -18.39 1.59 16.04
CA ARG C 206 -18.23 1.41 17.49
C ARG C 206 -17.55 0.09 17.87
N THR C 207 -17.74 -0.92 17.06
CA THR C 207 -17.17 -2.27 17.17
C THR C 207 -16.94 -2.78 15.75
N PRO C 208 -16.14 -3.83 15.51
CA PRO C 208 -15.88 -4.27 14.14
C PRO C 208 -17.13 -4.85 13.46
N GLU C 209 -18.03 -5.41 14.25
CA GLU C 209 -19.25 -6.07 13.78
C GLU C 209 -20.48 -5.15 13.70
N SER C 210 -20.47 -3.98 14.36
CA SER C 210 -21.61 -3.06 14.34
C SER C 210 -21.96 -2.55 12.94
N GLU C 211 -23.22 -2.21 12.72
CA GLU C 211 -23.71 -1.57 11.49
C GLU C 211 -23.82 -0.04 11.60
N ASP C 212 -23.55 0.57 12.76
CA ASP C 212 -23.70 2.02 12.97
C ASP C 212 -22.51 2.85 12.46
N VAL C 213 -22.19 2.67 11.18
CA VAL C 213 -21.13 3.37 10.47
C VAL C 213 -21.29 4.89 10.55
N TYR C 214 -20.37 5.58 11.22
CA TYR C 214 -20.15 7.01 10.99
C TYR C 214 -19.25 7.16 9.78
N ALA C 215 -19.56 8.07 8.86
CA ALA C 215 -18.65 8.36 7.76
C ALA C 215 -18.75 9.81 7.31
N ASN C 216 -17.62 10.40 6.93
CA ASN C 216 -17.49 11.82 6.62
C ASN C 216 -16.58 12.03 5.40
N THR C 217 -16.90 11.39 4.28
CA THR C 217 -16.00 11.32 3.11
C THR C 217 -16.17 12.47 2.13
N GLN C 218 -17.13 13.35 2.35
CA GLN C 218 -17.50 14.46 1.47
C GLN C 218 -17.70 14.06 0.00
N LEU C 219 -18.36 12.93 -0.21
CA LEU C 219 -18.82 12.44 -1.51
C LEU C 219 -19.71 13.45 -2.22
N VAL C 220 -19.46 13.71 -3.50
CA VAL C 220 -20.24 14.59 -4.37
C VAL C 220 -20.46 13.89 -5.70
N LEU C 221 -21.69 13.76 -6.17
CA LEU C 221 -21.95 13.24 -7.52
C LEU C 221 -21.70 14.33 -8.56
N GLN C 222 -21.48 13.97 -9.82
CA GLN C 222 -21.19 14.93 -10.88
C GLN C 222 -21.99 14.65 -12.14
N ARG C 223 -22.09 15.63 -13.04
CA ARG C 223 -22.82 15.53 -14.30
C ARG C 223 -22.28 14.37 -15.14
N PRO C 224 -23.08 13.35 -15.49
CA PRO C 224 -22.68 12.33 -16.45
C PRO C 224 -22.25 12.94 -17.77
N SER C 225 -21.18 12.41 -18.35
CA SER C 225 -20.63 12.91 -19.61
C SER C 225 -21.54 12.62 -20.80
N ALA C 226 -21.32 13.30 -21.91
CA ALA C 226 -22.19 13.21 -23.08
C ALA C 226 -22.30 11.77 -23.62
N GLY C 227 -23.51 11.38 -24.03
CA GLY C 227 -23.77 10.12 -24.72
C GLY C 227 -23.48 8.85 -23.92
N THR C 228 -23.21 8.93 -22.61
CA THR C 228 -22.58 7.83 -21.85
C THR C 228 -23.35 7.51 -20.57
N VAL C 229 -23.53 6.22 -20.26
CA VAL C 229 -24.39 5.74 -19.15
C VAL C 229 -23.75 5.70 -17.76
N HIS C 230 -22.48 6.03 -17.60
CA HIS C 230 -21.75 5.94 -16.33
C HIS C 230 -22.28 6.88 -15.23
N VAL C 231 -21.77 6.69 -14.00
CA VAL C 231 -22.01 7.57 -12.84
C VAL C 231 -20.71 8.16 -12.32
N PRO C 232 -20.28 9.35 -12.75
CA PRO C 232 -19.09 9.99 -12.22
C PRO C 232 -19.36 10.58 -10.84
N TYR C 233 -18.33 10.70 -10.02
CA TYR C 233 -18.40 11.27 -8.67
C TYR C 233 -17.04 11.78 -8.22
N SER C 234 -16.98 12.46 -7.09
CA SER C 234 -15.77 13.02 -6.48
C SER C 234 -15.81 12.75 -4.99
N GLN C 235 -14.71 12.36 -4.37
CA GLN C 235 -14.70 11.91 -2.97
C GLN C 235 -13.29 11.90 -2.41
N ALA C 236 -13.09 12.28 -1.14
CA ALA C 236 -11.79 12.15 -0.49
C ALA C 236 -11.35 10.69 -0.42
N PRO C 237 -10.18 10.29 -0.95
CA PRO C 237 -9.68 8.93 -0.85
C PRO C 237 -9.56 8.47 0.60
N SER C 238 -9.55 7.16 0.83
CA SER C 238 -9.64 6.59 2.16
C SER C 238 -8.59 7.15 3.11
N GLY C 239 -9.03 7.78 4.19
CA GLY C 239 -8.12 8.29 5.20
C GLY C 239 -7.31 7.21 5.89
N PHE C 240 -7.83 5.99 5.94
CA PHE C 240 -7.10 4.84 6.43
C PHE C 240 -5.94 4.48 5.51
N LYS C 241 -6.18 4.29 4.21
CA LYS C 241 -5.12 3.92 3.26
C LYS C 241 -3.99 4.92 3.29
N TYR C 242 -4.29 6.21 3.33
CA TYR C 242 -3.26 7.24 3.52
C TYR C 242 -2.52 7.07 4.84
N TRP C 243 -3.20 6.88 5.97
CA TRP C 243 -2.52 6.70 7.24
C TRP C 243 -1.55 5.51 7.21
N LEU C 244 -1.89 4.40 6.54
CA LEU C 244 -0.98 3.27 6.43
C LEU C 244 0.36 3.65 5.78
N LYS C 245 0.37 4.59 4.83
CA LYS C 245 1.61 5.10 4.21
C LYS C 245 2.32 6.13 5.07
N GLU C 246 1.58 7.05 5.68
CA GLU C 246 2.14 8.18 6.43
C GLU C 246 2.67 7.83 7.82
N ARG C 247 2.15 6.79 8.46
CA ARG C 247 2.18 6.61 9.92
C ARG C 247 3.52 6.76 10.62
N GLY C 248 4.61 6.34 10.00
CA GLY C 248 5.92 6.36 10.64
C GLY C 248 6.06 5.28 11.72
N ALA C 249 7.12 5.39 12.52
CA ALA C 249 7.51 4.34 13.45
C ALA C 249 6.57 4.26 14.65
N SER C 250 6.17 3.04 14.99
CA SER C 250 5.37 2.75 16.19
C SER C 250 6.22 2.80 17.46
N LEU C 251 5.58 2.71 18.62
CA LEU C 251 6.27 2.75 19.92
C LEU C 251 7.36 1.69 20.05
N GLN C 252 7.30 0.60 19.30
CA GLN C 252 8.33 -0.43 19.31
C GLN C 252 9.72 0.13 18.98
N HIS C 253 9.81 1.28 18.31
CA HIS C 253 11.07 1.94 17.97
C HIS C 253 11.23 3.31 18.62
N THR C 254 10.15 4.07 18.81
CA THR C 254 10.24 5.45 19.30
C THR C 254 10.23 5.59 20.81
N ALA C 255 9.88 4.54 21.57
CA ALA C 255 9.63 4.68 23.00
C ALA C 255 10.89 4.89 23.87
N PRO C 256 10.78 5.65 24.98
CA PRO C 256 11.84 5.81 25.99
C PRO C 256 12.25 4.52 26.71
N PHE C 257 13.27 4.62 27.56
CA PHE C 257 13.74 3.58 28.47
C PHE C 257 14.07 2.22 27.83
N GLY C 258 14.33 2.16 26.53
CA GLY C 258 14.77 0.95 25.85
C GLY C 258 13.74 -0.18 25.82
N CYS C 259 12.47 0.13 26.07
CA CYS C 259 11.41 -0.86 26.16
C CYS C 259 11.03 -1.48 24.82
N GLN C 260 10.46 -2.68 24.87
CA GLN C 260 9.91 -3.43 23.73
C GLN C 260 8.39 -3.45 23.83
N ILE C 261 7.65 -3.37 22.73
CA ILE C 261 6.20 -3.22 22.71
C ILE C 261 5.57 -4.33 21.87
N ALA C 262 4.48 -4.92 22.34
CA ALA C 262 3.82 -6.08 21.74
C ALA C 262 2.31 -5.95 21.79
N THR C 263 1.55 -6.78 21.08
CA THR C 263 0.09 -6.69 20.98
C THR C 263 -0.63 -8.02 21.21
N ASN C 264 -1.95 -7.94 21.38
CA ASN C 264 -2.87 -9.02 21.80
C ASN C 264 -2.30 -9.96 22.88
N PRO C 265 -2.23 -9.54 24.15
CA PRO C 265 -2.62 -8.23 24.67
C PRO C 265 -1.60 -7.13 24.37
N VAL C 266 -2.03 -5.87 24.34
CA VAL C 266 -1.13 -4.70 24.28
C VAL C 266 -0.25 -4.67 25.52
N ARG C 267 1.08 -4.65 25.35
CA ARG C 267 2.06 -4.78 26.45
C ARG C 267 3.25 -3.88 26.22
N ALA C 268 3.87 -3.41 27.27
CA ALA C 268 5.19 -2.81 27.23
C ALA C 268 6.13 -3.61 28.11
N MET C 269 7.33 -3.92 27.62
CA MET C 269 8.20 -4.90 28.24
C MET C 269 9.60 -4.36 28.49
N ASN C 270 10.18 -4.79 29.59
CA ASN C 270 11.58 -4.60 29.93
C ASN C 270 11.99 -3.13 30.05
N CYS C 271 11.07 -2.23 30.39
CA CYS C 271 11.39 -0.83 30.67
C CYS C 271 12.43 -0.72 31.78
N ALA C 272 13.54 -0.03 31.54
CA ALA C 272 14.66 0.04 32.49
C ALA C 272 14.45 1.05 33.64
N VAL C 273 13.22 1.32 34.07
CA VAL C 273 12.87 2.45 34.96
C VAL C 273 12.53 2.01 36.38
N GLY C 274 13.15 2.64 37.38
CA GLY C 274 12.90 2.37 38.80
C GLY C 274 13.57 1.11 39.33
N ASN C 275 13.09 0.62 40.47
CA ASN C 275 13.60 -0.58 41.15
C ASN C 275 12.47 -1.39 41.79
N MET C 276 12.76 -2.64 42.11
CA MET C 276 11.77 -3.65 42.45
C MET C 276 12.10 -4.35 43.77
N PRO C 277 11.22 -4.32 44.78
CA PRO C 277 11.40 -5.10 45.99
C PRO C 277 11.04 -6.57 45.74
N ILE C 278 11.76 -7.48 46.38
CA ILE C 278 11.41 -8.91 46.44
C ILE C 278 11.66 -9.48 47.83
N SER C 279 10.87 -10.45 48.23
CA SER C 279 11.00 -11.16 49.50
C SER C 279 11.02 -12.65 49.23
N ILE C 280 11.93 -13.38 49.88
CA ILE C 280 12.06 -14.82 49.67
C ILE C 280 12.22 -15.57 51.00
N ASP C 281 11.53 -16.69 51.12
CA ASP C 281 11.66 -17.64 52.21
C ASP C 281 12.33 -18.91 51.65
N ILE C 282 13.49 -19.27 52.19
CA ILE C 282 14.21 -20.50 51.84
C ILE C 282 14.17 -21.47 53.02
N PRO C 283 13.94 -22.77 52.79
CA PRO C 283 13.56 -23.69 53.84
C PRO C 283 14.69 -23.86 54.86
N ASP C 284 14.36 -23.98 56.14
CA ASP C 284 15.36 -23.92 57.21
C ASP C 284 16.36 -25.11 57.15
N ALA C 285 16.04 -26.17 56.41
CA ALA C 285 16.94 -27.28 56.12
C ALA C 285 18.13 -26.92 55.20
N ALA C 286 18.06 -25.83 54.44
CA ALA C 286 19.10 -25.43 53.49
C ALA C 286 20.35 -24.80 54.14
N PHE C 287 20.36 -24.58 55.45
CA PHE C 287 21.43 -23.93 56.18
C PHE C 287 22.30 -24.93 56.96
N THR C 288 23.61 -24.84 56.83
CA THR C 288 24.55 -25.52 57.74
C THR C 288 24.79 -24.65 58.98
N ARG C 289 24.91 -25.25 60.17
CA ARG C 289 25.16 -24.50 61.40
C ARG C 289 26.49 -23.79 61.33
N VAL C 290 26.68 -22.69 62.04
CA VAL C 290 27.94 -21.92 61.99
C VAL C 290 29.18 -22.75 62.38
N VAL C 291 29.05 -23.80 63.18
CA VAL C 291 30.13 -24.74 63.51
C VAL C 291 30.34 -25.85 62.47
N ASP C 292 29.33 -26.15 61.63
CA ASP C 292 29.45 -27.14 60.56
C ASP C 292 30.14 -26.57 59.30
N ALA C 293 30.39 -25.26 59.29
CA ALA C 293 31.20 -24.54 58.32
C ALA C 293 32.65 -25.10 58.23
N PRO C 294 33.43 -24.70 57.21
CA PRO C 294 34.84 -25.10 57.14
C PRO C 294 35.69 -24.51 58.27
N SER C 295 35.24 -23.39 58.87
CA SER C 295 35.94 -22.62 59.89
C SER C 295 37.36 -22.25 59.46
N LEU C 296 37.49 -21.08 58.84
CA LEU C 296 38.72 -20.59 58.24
C LEU C 296 39.15 -19.24 58.79
N THR C 297 40.46 -19.00 58.83
CA THR C 297 41.08 -17.86 59.51
C THR C 297 42.44 -17.53 58.91
N ASP C 298 43.06 -16.45 59.40
CA ASP C 298 44.38 -15.98 58.99
C ASP C 298 44.50 -15.68 57.49
N MET C 299 43.47 -15.03 56.94
CA MET C 299 43.44 -14.65 55.54
C MET C 299 44.37 -13.48 55.21
N SER C 300 44.76 -13.39 53.95
CA SER C 300 45.24 -12.15 53.33
C SER C 300 44.88 -12.15 51.85
N CYS C 301 44.79 -10.97 51.24
CA CYS C 301 44.30 -10.83 49.88
C CYS C 301 45.29 -10.10 48.96
N GLU C 302 45.34 -10.52 47.70
CA GLU C 302 46.35 -10.18 46.71
C GLU C 302 45.68 -9.96 45.35
N VAL C 303 46.15 -9.01 44.55
CA VAL C 303 45.49 -8.63 43.28
C VAL C 303 46.50 -8.62 42.14
N PRO C 304 46.63 -9.71 41.37
CA PRO C 304 47.49 -9.74 40.21
C PRO C 304 47.19 -8.67 39.17
N ALA C 305 45.91 -8.42 38.88
CA ALA C 305 45.48 -7.45 37.87
C ALA C 305 44.10 -6.87 38.18
N CYS C 306 43.86 -5.63 37.78
CA CYS C 306 42.55 -5.01 37.88
C CYS C 306 42.30 -4.04 36.73
N THR C 307 41.08 -3.99 36.21
CA THR C 307 40.70 -3.12 35.07
C THR C 307 39.21 -2.85 35.11
N HIS C 308 38.78 -1.60 34.97
CA HIS C 308 37.38 -1.22 35.13
C HIS C 308 36.52 -1.46 33.85
N SER C 309 36.49 -2.71 33.39
CA SER C 309 36.00 -3.14 32.07
C SER C 309 34.49 -3.24 31.86
N SER C 310 33.65 -2.66 32.72
CA SER C 310 32.19 -2.92 32.71
C SER C 310 31.77 -4.39 32.93
N ASP C 311 32.72 -5.29 33.10
CA ASP C 311 32.54 -6.70 33.48
C ASP C 311 33.71 -7.11 34.37
N PHE C 312 33.95 -8.40 34.59
CA PHE C 312 34.86 -8.87 35.65
C PHE C 312 36.36 -8.77 35.30
N GLY C 313 36.82 -7.54 35.07
CA GLY C 313 38.21 -7.21 34.74
C GLY C 313 39.17 -7.19 35.94
N GLY C 314 38.67 -7.35 37.16
CA GLY C 314 39.48 -7.60 38.36
C GLY C 314 39.63 -9.08 38.65
N VAL C 315 40.82 -9.51 39.07
CA VAL C 315 41.09 -10.85 39.57
C VAL C 315 41.93 -10.77 40.85
N ALA C 316 41.58 -11.58 41.85
CA ALA C 316 42.24 -11.56 43.16
C ALA C 316 42.50 -12.98 43.66
N ILE C 317 43.54 -13.12 44.46
CA ILE C 317 43.93 -14.31 45.20
C ILE C 317 43.66 -14.07 46.68
N ILE C 318 42.98 -14.98 47.36
CA ILE C 318 42.83 -14.97 48.81
C ILE C 318 43.60 -16.14 49.40
N LYS C 319 44.57 -15.86 50.28
CA LYS C 319 45.25 -16.86 51.12
C LYS C 319 44.33 -17.21 52.27
N TYR C 320 44.36 -18.46 52.76
CA TYR C 320 43.54 -18.87 53.90
C TYR C 320 44.10 -20.09 54.64
N ALA C 321 43.71 -20.30 55.90
CA ALA C 321 43.81 -21.58 56.58
C ALA C 321 42.44 -22.04 57.08
N ALA C 322 41.96 -23.20 56.63
CA ALA C 322 40.66 -23.77 56.96
C ALA C 322 40.79 -25.08 57.74
N SER C 323 39.93 -25.29 58.74
CA SER C 323 40.06 -26.44 59.65
C SER C 323 39.74 -27.80 59.00
N LYS C 324 38.89 -27.82 57.97
CA LYS C 324 38.45 -29.02 57.24
C LYS C 324 37.93 -28.66 55.85
N LYS C 325 37.69 -29.65 55.00
CA LYS C 325 36.88 -29.48 53.79
C LYS C 325 35.48 -28.97 54.16
N GLY C 326 35.01 -27.95 53.45
CA GLY C 326 33.63 -27.48 53.54
C GLY C 326 33.30 -26.48 52.44
N LYS C 327 32.02 -26.41 52.05
CA LYS C 327 31.55 -25.40 51.09
C LYS C 327 31.43 -24.04 51.78
N CYS C 328 31.84 -22.99 51.08
CA CYS C 328 32.04 -21.65 51.61
C CYS C 328 31.37 -20.61 50.70
N ALA C 329 30.69 -19.60 51.25
CA ALA C 329 30.15 -18.48 50.49
C ALA C 329 31.14 -17.32 50.37
N VAL C 330 31.06 -16.50 49.33
CA VAL C 330 31.90 -15.30 49.15
C VAL C 330 31.08 -14.10 48.70
N HIS C 331 31.33 -12.93 49.26
CA HIS C 331 30.57 -11.71 49.00
C HIS C 331 31.38 -10.43 49.22
N SER C 332 30.96 -9.32 48.61
CA SER C 332 31.67 -8.04 48.65
C SER C 332 30.89 -7.02 49.48
N MET C 333 31.54 -6.43 50.48
CA MET C 333 30.88 -5.54 51.45
C MET C 333 30.44 -4.18 50.89
N THR C 334 31.04 -3.73 49.78
CA THR C 334 30.95 -2.34 49.31
C THR C 334 30.26 -2.23 47.95
N ASN C 335 29.26 -1.35 47.82
CA ASN C 335 28.38 -1.28 46.65
C ASN C 335 29.10 -1.00 45.31
N ALA C 336 30.27 -0.36 45.35
CA ALA C 336 31.07 -0.04 44.16
C ALA C 336 31.92 -1.21 43.64
N VAL C 337 31.87 -2.40 44.24
CA VAL C 337 32.64 -3.57 43.80
C VAL C 337 31.77 -4.82 43.80
N THR C 338 31.33 -5.25 42.62
CA THR C 338 30.59 -6.53 42.46
C THR C 338 31.56 -7.67 42.22
N ILE C 339 31.11 -8.90 42.44
CA ILE C 339 31.94 -10.11 42.43
C ILE C 339 31.29 -11.19 41.55
N ARG C 340 32.08 -11.95 40.78
CA ARG C 340 31.53 -12.96 39.85
C ARG C 340 31.06 -14.21 40.58
N GLU C 341 31.87 -14.68 41.51
CA GLU C 341 31.62 -15.89 42.29
C GLU C 341 30.45 -15.74 43.27
N ALA C 342 30.05 -16.80 43.96
CA ALA C 342 29.08 -16.75 45.04
C ALA C 342 29.35 -17.81 46.13
N GLU C 343 29.77 -19.01 45.76
CA GLU C 343 30.25 -20.01 46.70
C GLU C 343 31.30 -20.92 46.05
N ILE C 344 32.20 -21.46 46.88
CA ILE C 344 33.43 -22.17 46.51
C ILE C 344 33.79 -23.24 47.56
N GLU C 345 34.66 -24.18 47.23
CA GLU C 345 35.16 -25.16 48.20
C GLU C 345 36.55 -24.80 48.72
N VAL C 346 36.72 -24.89 50.04
CA VAL C 346 38.02 -24.70 50.71
C VAL C 346 38.41 -25.97 51.45
N GLU C 347 39.70 -26.24 51.54
CA GLU C 347 40.28 -27.14 52.54
C GLU C 347 41.72 -26.74 52.87
N GLY C 348 42.20 -27.16 54.04
CA GLY C 348 43.61 -27.03 54.44
C GLY C 348 44.13 -25.59 54.51
N ASN C 349 45.44 -25.45 54.45
CA ASN C 349 46.14 -24.17 54.34
C ASN C 349 46.53 -23.99 52.88
N SER C 350 45.95 -23.01 52.19
CA SER C 350 46.09 -22.87 50.74
C SER C 350 45.68 -21.46 50.27
N GLN C 351 45.30 -21.33 49.00
CA GLN C 351 44.81 -20.09 48.39
C GLN C 351 43.75 -20.38 47.33
N LEU C 352 42.93 -19.37 47.03
CA LEU C 352 41.81 -19.45 46.08
C LEU C 352 41.72 -18.17 45.24
N GLN C 353 41.04 -18.22 44.10
CA GLN C 353 40.85 -17.07 43.20
C GLN C 353 39.38 -16.64 43.06
N ILE C 354 39.16 -15.34 42.88
CA ILE C 354 37.87 -14.71 42.56
C ILE C 354 38.04 -13.68 41.44
N SER C 355 36.95 -13.36 40.76
CA SER C 355 36.90 -12.27 39.76
C SER C 355 35.88 -11.22 40.18
N PHE C 356 36.15 -9.94 39.90
CA PHE C 356 35.35 -8.83 40.39
C PHE C 356 35.30 -7.69 39.38
N SER C 357 34.33 -6.78 39.54
CA SER C 357 34.09 -5.68 38.63
C SER C 357 33.83 -4.38 39.38
N THR C 358 34.32 -3.26 38.87
CA THR C 358 34.16 -1.96 39.54
C THR C 358 34.30 -0.81 38.56
N ALA C 359 33.76 0.36 38.89
CA ALA C 359 34.10 1.63 38.25
C ALA C 359 35.41 2.25 38.77
N LEU C 360 35.91 1.81 39.93
CA LEU C 360 36.98 2.48 40.68
C LEU C 360 38.35 2.34 40.00
N ALA C 361 39.10 3.44 39.89
CA ALA C 361 40.51 3.40 39.49
C ALA C 361 41.47 3.04 40.64
N SER C 362 40.98 2.92 41.86
CA SER C 362 41.68 2.33 43.00
C SER C 362 40.69 1.50 43.82
N ALA C 363 40.67 0.19 43.60
CA ALA C 363 39.69 -0.70 44.20
C ALA C 363 40.09 -1.02 45.64
N GLU C 364 39.38 -0.46 46.62
CA GLU C 364 39.51 -0.83 48.03
C GLU C 364 38.16 -1.33 48.57
N PHE C 365 38.13 -2.56 49.08
CA PHE C 365 36.91 -3.25 49.50
C PHE C 365 37.21 -4.39 50.46
N ARG C 366 36.18 -4.90 51.14
CA ARG C 366 36.30 -6.10 51.98
C ARG C 366 35.50 -7.25 51.39
N VAL C 367 36.10 -8.44 51.43
CA VAL C 367 35.46 -9.70 51.05
C VAL C 367 35.03 -10.43 52.31
N GLN C 368 33.75 -10.76 52.40
CA GLN C 368 33.18 -11.63 53.42
C GLN C 368 33.16 -13.04 52.85
N VAL C 369 34.02 -13.93 53.33
CA VAL C 369 33.92 -15.36 53.01
C VAL C 369 32.91 -16.02 53.96
N CYS C 370 33.00 -17.32 54.25
CA CYS C 370 32.16 -17.94 55.27
C CYS C 370 32.43 -17.34 56.65
N SER C 371 31.44 -16.59 57.16
CA SER C 371 31.42 -15.84 58.45
C SER C 371 32.50 -14.77 58.65
N THR C 372 33.58 -14.80 57.87
CA THR C 372 34.87 -14.19 58.22
C THR C 372 35.29 -13.20 57.14
N GLN C 373 36.00 -12.14 57.49
CA GLN C 373 36.20 -11.00 56.59
C GLN C 373 37.68 -10.73 56.30
N VAL C 374 38.01 -10.26 55.10
CA VAL C 374 39.37 -9.85 54.70
C VAL C 374 39.33 -8.57 53.87
N HIS C 375 40.33 -7.70 54.01
CA HIS C 375 40.44 -6.45 53.26
C HIS C 375 41.30 -6.61 52.02
N CYS C 376 40.88 -6.00 50.91
CA CYS C 376 41.50 -6.11 49.60
C CYS C 376 41.67 -4.71 49.01
N ALA C 377 42.84 -4.42 48.43
CA ALA C 377 43.17 -3.08 47.95
C ALA C 377 44.18 -3.13 46.81
N ALA C 378 43.84 -2.58 45.64
CA ALA C 378 44.77 -2.45 44.52
C ALA C 378 44.38 -1.36 43.51
N GLU C 379 45.38 -0.87 42.77
CA GLU C 379 45.16 0.09 41.70
C GLU C 379 44.58 -0.59 40.45
N CYS C 380 43.67 0.10 39.76
CA CYS C 380 42.87 -0.45 38.68
C CYS C 380 43.05 0.38 37.40
N HIS C 381 43.45 -0.26 36.30
CA HIS C 381 43.77 0.43 35.04
C HIS C 381 42.52 0.64 34.17
N PRO C 382 42.45 1.65 33.29
CA PRO C 382 41.32 1.80 32.41
C PRO C 382 41.26 0.70 31.34
N PRO C 383 40.06 0.30 30.88
CA PRO C 383 39.89 -0.61 29.75
C PRO C 383 40.22 0.09 28.44
N LYS C 384 40.50 -0.68 27.38
CA LYS C 384 41.13 -0.13 26.17
C LYS C 384 40.27 -0.10 24.91
N ASP C 385 39.09 -0.72 24.92
CA ASP C 385 38.36 -1.02 23.68
C ASP C 385 37.23 -0.05 23.31
N HIS C 386 36.96 0.98 24.10
CA HIS C 386 35.75 1.81 23.96
C HIS C 386 34.48 0.92 23.98
N ILE C 387 33.44 1.30 23.24
CA ILE C 387 32.08 0.73 23.24
C ILE C 387 31.98 -0.81 23.34
N VAL C 388 30.99 -1.32 24.10
CA VAL C 388 30.68 -2.76 24.26
C VAL C 388 29.18 -3.06 24.21
N ASN C 389 28.82 -4.31 23.96
CA ASN C 389 27.44 -4.76 23.70
C ASN C 389 26.61 -5.18 24.92
N TYR C 390 27.03 -4.87 26.14
CA TYR C 390 26.34 -5.28 27.36
C TYR C 390 26.42 -4.20 28.44
N PRO C 391 25.40 -4.10 29.31
CA PRO C 391 25.35 -3.06 30.33
C PRO C 391 26.41 -3.28 31.41
N ALA C 392 26.83 -2.20 32.07
CA ALA C 392 27.86 -2.28 33.10
C ALA C 392 27.46 -3.18 34.27
N SER C 393 28.32 -4.13 34.63
CA SER C 393 28.07 -5.18 35.63
C SER C 393 28.27 -4.71 37.08
N HIS C 394 28.12 -3.41 37.36
CA HIS C 394 28.38 -2.80 38.66
C HIS C 394 27.65 -1.47 38.83
N THR C 395 27.54 -0.99 40.06
CA THR C 395 26.99 0.34 40.40
C THR C 395 27.80 1.47 39.74
N THR C 396 27.16 2.60 39.41
CA THR C 396 27.90 3.80 38.97
C THR C 396 28.77 4.39 40.08
N LEU C 397 29.78 5.17 39.72
CA LEU C 397 30.73 5.78 40.66
C LEU C 397 30.10 6.93 41.46
N GLY C 398 30.45 7.05 42.73
CA GLY C 398 30.33 8.31 43.47
C GLY C 398 31.31 9.35 42.96
N VAL C 399 30.97 10.03 41.85
CA VAL C 399 31.88 10.92 41.09
C VAL C 399 32.40 12.09 41.92
N GLN C 400 31.70 12.48 42.99
CA GLN C 400 32.10 13.55 43.89
C GLN C 400 33.03 13.09 45.03
N ASP C 401 32.87 11.85 45.52
CA ASP C 401 33.41 11.44 46.83
C ASP C 401 34.24 10.13 46.82
N ILE C 402 34.35 9.43 45.68
CA ILE C 402 35.18 8.22 45.55
C ILE C 402 36.27 8.40 44.47
N SER C 403 36.94 9.54 44.50
CA SER C 403 38.22 9.76 43.81
C SER C 403 39.28 8.79 44.30
N VAL C 404 40.32 8.53 43.50
CA VAL C 404 41.32 7.49 43.81
C VAL C 404 42.16 7.77 45.07
N THR C 405 42.76 6.74 45.66
CA THR C 405 44.01 6.94 46.41
C THR C 405 45.10 7.47 45.46
N ALA C 406 46.09 8.19 45.96
CA ALA C 406 46.91 9.10 45.15
C ALA C 406 46.14 10.31 44.56
N MET C 407 44.86 10.52 44.94
CA MET C 407 44.29 11.88 44.97
C MET C 407 44.73 12.61 46.23
N SER C 408 45.54 12.00 47.10
CA SER C 408 46.03 12.60 48.35
C SER C 408 46.73 13.95 48.15
N TRP C 409 47.11 14.32 46.93
CA TRP C 409 47.35 15.70 46.50
C TRP C 409 46.29 16.69 46.99
N VAL C 410 45.00 16.34 46.97
CA VAL C 410 43.90 17.17 47.48
C VAL C 410 44.06 17.46 48.97
N GLN C 411 44.35 16.45 49.79
CA GLN C 411 44.66 16.67 51.20
C GLN C 411 45.96 17.46 51.39
N LYS C 412 47.00 17.11 50.64
CA LYS C 412 48.32 17.77 50.69
C LYS C 412 48.23 19.27 50.38
N ILE C 413 47.52 19.69 49.33
CA ILE C 413 47.34 21.11 49.03
C ILE C 413 46.30 21.77 49.95
N THR C 414 45.27 21.04 50.40
CA THR C 414 44.30 21.62 51.34
C THR C 414 44.93 21.95 52.68
N GLY C 415 45.78 21.09 53.23
CA GLY C 415 46.63 21.42 54.39
C GLY C 415 47.70 22.46 54.05
N GLY C 416 48.26 22.40 52.84
CA GLY C 416 49.27 23.35 52.34
C GLY C 416 48.80 24.81 52.25
N VAL C 417 47.50 25.06 52.19
CA VAL C 417 46.91 26.41 52.34
C VAL C 417 46.07 26.57 53.62
N GLY C 418 45.48 25.51 54.15
CA GLY C 418 44.76 25.53 55.42
C GLY C 418 45.66 25.94 56.60
N LEU C 419 46.91 25.49 56.64
CA LEU C 419 47.89 25.94 57.64
C LEU C 419 48.35 27.39 57.43
N VAL C 420 48.38 27.87 56.18
CA VAL C 420 48.63 29.30 55.88
C VAL C 420 47.51 30.16 56.47
N VAL C 421 46.25 29.79 56.24
CA VAL C 421 45.10 30.46 56.86
C VAL C 421 45.12 30.33 58.39
N ALA C 422 45.52 29.19 58.95
CA ALA C 422 45.60 29.02 60.39
C ALA C 422 46.61 29.99 61.04
N VAL C 423 47.82 30.09 60.46
CA VAL C 423 48.85 31.02 60.94
C VAL C 423 48.40 32.47 60.77
N ALA C 424 47.80 32.83 59.64
CA ALA C 424 47.27 34.17 59.44
C ALA C 424 46.22 34.55 60.50
N ALA C 425 45.33 33.64 60.86
CA ALA C 425 44.33 33.89 61.90
C ALA C 425 44.98 33.99 63.30
N LEU C 426 45.92 33.11 63.63
CA LEU C 426 46.58 33.13 64.93
C LEU C 426 47.40 34.42 65.14
N ILE C 427 48.14 34.85 64.12
CA ILE C 427 48.82 36.15 64.12
C ILE C 427 47.83 37.27 64.37
N LEU C 428 46.73 37.32 63.61
CA LEU C 428 45.75 38.39 63.74
C LEU C 428 45.09 38.40 65.13
N ILE C 429 44.87 37.24 65.73
CA ILE C 429 44.34 37.10 67.11
C ILE C 429 45.31 37.68 68.15
N VAL C 430 46.62 37.40 68.04
CA VAL C 430 47.61 37.96 68.98
C VAL C 430 47.65 39.49 68.87
N VAL C 431 47.79 40.06 67.67
CA VAL C 431 47.87 41.53 67.56
C VAL C 431 46.55 42.20 67.90
N LEU C 432 45.41 41.56 67.65
CA LEU C 432 44.11 42.06 68.08
C LEU C 432 43.99 42.07 69.61
N CYS C 433 44.41 40.99 70.27
CA CYS C 433 44.39 40.86 71.73
C CYS C 433 45.23 41.95 72.43
N VAL C 434 46.46 42.22 72.00
CA VAL C 434 47.25 43.31 72.62
C VAL C 434 46.57 44.66 72.41
N SER C 435 45.93 44.89 71.26
CA SER C 435 45.20 46.14 71.00
C SER C 435 43.95 46.32 71.87
N PHE C 436 43.35 45.24 72.36
CA PHE C 436 42.31 45.30 73.41
C PHE C 436 42.92 45.46 74.81
N SER C 437 44.14 44.97 75.02
CA SER C 437 44.78 44.93 76.35
C SER C 437 45.31 46.28 76.82
N ARG C 438 45.86 47.09 75.90
CA ARG C 438 46.38 48.43 76.20
C ARG C 438 45.28 49.49 76.22
N TYR D 1 -29.48 26.53 11.43
CA TYR D 1 -29.02 27.67 12.25
C TYR D 1 -28.59 27.17 13.61
N GLU D 2 -27.37 27.49 14.05
CA GLU D 2 -26.75 26.86 15.21
C GLU D 2 -26.84 27.73 16.47
N HIS D 3 -27.30 27.13 17.56
CA HIS D 3 -27.52 27.76 18.88
C HIS D 3 -26.84 26.89 19.94
N VAL D 4 -26.16 27.51 20.90
CA VAL D 4 -25.42 26.83 21.96
C VAL D 4 -25.93 27.27 23.33
N THR D 5 -25.94 26.35 24.29
CA THR D 5 -26.48 26.56 25.65
C THR D 5 -25.85 25.60 26.65
N VAL D 6 -26.08 25.83 27.95
CA VAL D 6 -25.70 24.91 29.03
C VAL D 6 -26.89 24.73 29.97
N ILE D 7 -27.15 23.52 30.44
CA ILE D 7 -28.21 23.25 31.42
C ILE D 7 -27.63 22.50 32.62
N PRO D 8 -28.13 22.72 33.85
CA PRO D 8 -27.69 21.96 35.02
C PRO D 8 -27.87 20.47 34.79
N ASN D 9 -26.92 19.66 35.27
CA ASN D 9 -27.01 18.22 35.11
C ASN D 9 -27.92 17.68 36.21
N THR D 10 -29.22 17.67 35.96
CA THR D 10 -30.26 17.35 36.95
C THR D 10 -31.44 16.76 36.22
N VAL D 11 -31.65 15.46 36.38
CA VAL D 11 -32.56 14.68 35.55
C VAL D 11 -34.03 14.97 35.84
N GLY D 12 -34.85 14.99 34.80
CA GLY D 12 -36.29 15.15 34.93
C GLY D 12 -36.78 16.59 35.18
N VAL D 13 -35.90 17.59 35.12
CA VAL D 13 -36.27 19.00 35.20
C VAL D 13 -36.16 19.64 33.81
N PRO D 14 -37.21 20.23 33.25
CA PRO D 14 -37.12 20.91 31.98
C PRO D 14 -36.42 22.26 32.12
N TYR D 15 -35.64 22.64 31.12
CA TYR D 15 -34.96 23.93 31.01
C TYR D 15 -35.31 24.62 29.71
N LYS D 16 -35.24 25.95 29.69
CA LYS D 16 -35.80 26.80 28.63
C LYS D 16 -34.72 27.68 28.02
N THR D 17 -34.72 27.86 26.70
CA THR D 17 -33.79 28.76 26.00
C THR D 17 -34.42 29.40 24.76
N LEU D 18 -33.96 30.59 24.40
CA LEU D 18 -34.56 31.44 23.37
C LEU D 18 -33.73 31.41 22.09
N VAL D 19 -34.28 30.86 21.00
CA VAL D 19 -33.68 30.89 19.67
C VAL D 19 -33.83 32.28 19.08
N ASN D 20 -32.75 32.78 18.49
CA ASN D 20 -32.47 34.22 18.43
C ASN D 20 -32.23 34.80 17.02
N ARG D 21 -32.26 33.99 15.95
CA ARG D 21 -31.73 34.32 14.61
C ARG D 21 -32.08 35.73 14.11
N PRO D 22 -31.11 36.64 14.00
CA PRO D 22 -31.36 38.03 13.59
C PRO D 22 -32.17 38.13 12.30
N GLY D 23 -33.25 38.92 12.31
CA GLY D 23 -34.13 39.15 11.16
C GLY D 23 -35.28 38.15 11.04
N TYR D 24 -35.34 37.16 11.92
CA TYR D 24 -36.39 36.17 11.97
C TYR D 24 -37.06 36.19 13.34
N SER D 25 -38.36 35.91 13.36
CA SER D 25 -39.11 35.84 14.62
C SER D 25 -38.52 34.76 15.53
N PRO D 26 -38.39 35.02 16.83
CA PRO D 26 -37.78 34.06 17.74
C PRO D 26 -38.68 32.84 17.95
N MET D 27 -38.12 31.78 18.52
CA MET D 27 -38.86 30.63 19.03
C MET D 27 -38.19 30.11 20.31
N VAL D 28 -38.88 29.31 21.10
CA VAL D 28 -38.36 28.83 22.38
C VAL D 28 -38.13 27.33 22.35
N LEU D 29 -36.94 26.93 22.78
CA LEU D 29 -36.51 25.53 22.89
C LEU D 29 -36.64 25.12 24.35
N GLU D 30 -37.34 24.03 24.62
CA GLU D 30 -37.32 23.40 25.94
C GLU D 30 -36.64 22.05 25.82
N MET D 31 -35.74 21.72 26.75
CA MET D 31 -35.14 20.40 26.81
C MET D 31 -35.02 19.87 28.23
N GLU D 32 -34.91 18.56 28.35
CA GLU D 32 -34.97 17.82 29.60
C GLU D 32 -34.08 16.59 29.51
N LEU D 33 -33.12 16.44 30.41
CA LEU D 33 -32.37 15.20 30.53
C LEU D 33 -33.30 14.13 31.09
N LEU D 34 -33.67 13.15 30.27
CA LEU D 34 -34.51 12.04 30.67
C LEU D 34 -33.72 11.03 31.51
N SER D 35 -32.45 10.82 31.18
CA SER D 35 -31.47 10.19 32.08
C SER D 35 -30.05 10.52 31.64
N VAL D 36 -29.10 10.36 32.54
CA VAL D 36 -27.67 10.40 32.23
C VAL D 36 -27.02 9.22 32.92
N THR D 37 -26.07 8.59 32.27
CA THR D 37 -25.47 7.33 32.71
C THR D 37 -23.97 7.46 32.69
N LEU D 38 -23.29 7.07 33.76
CA LEU D 38 -21.84 6.87 33.77
C LEU D 38 -21.58 5.37 33.81
N GLU D 39 -20.76 4.86 32.90
CA GLU D 39 -20.37 3.46 32.87
C GLU D 39 -18.85 3.36 33.08
N PRO D 40 -18.38 2.91 34.24
CA PRO D 40 -16.96 2.81 34.52
C PRO D 40 -16.32 1.66 33.76
N THR D 41 -15.00 1.72 33.62
CA THR D 41 -14.23 0.72 32.89
C THR D 41 -13.68 -0.30 33.88
N LEU D 42 -14.09 -1.55 33.78
CA LEU D 42 -13.82 -2.56 34.81
C LEU D 42 -12.69 -3.50 34.41
N SER D 43 -11.72 -3.69 35.30
CA SER D 43 -10.75 -4.79 35.23
C SER D 43 -11.02 -5.78 36.36
N LEU D 44 -11.30 -7.04 36.03
CA LEU D 44 -11.58 -8.08 37.00
C LEU D 44 -10.30 -8.51 37.71
N ASP D 45 -10.22 -8.31 39.02
CA ASP D 45 -9.12 -8.87 39.82
C ASP D 45 -9.38 -10.33 40.14
N TYR D 46 -10.52 -10.69 40.72
CA TYR D 46 -10.85 -12.10 40.96
C TYR D 46 -12.32 -12.33 41.30
N ILE D 47 -12.74 -13.57 41.18
CA ILE D 47 -14.00 -14.10 41.68
C ILE D 47 -13.78 -14.70 43.05
N THR D 48 -14.77 -14.62 43.93
CA THR D 48 -14.86 -15.47 45.13
C THR D 48 -16.26 -16.00 45.25
N CYS D 49 -16.43 -17.02 46.07
CA CYS D 49 -17.62 -17.86 46.12
C CYS D 49 -17.54 -18.74 47.36
N GLU D 50 -18.56 -19.51 47.69
CA GLU D 50 -18.39 -20.51 48.74
C GLU D 50 -17.39 -21.60 48.30
N TYR D 51 -16.42 -21.94 49.16
CA TYR D 51 -15.61 -23.14 48.96
C TYR D 51 -16.41 -24.42 49.25
N LYS D 52 -15.92 -25.58 48.82
CA LYS D 52 -16.26 -26.87 49.42
C LYS D 52 -15.00 -27.54 49.91
N THR D 53 -15.05 -28.28 51.01
CA THR D 53 -13.95 -29.17 51.38
C THR D 53 -14.22 -30.57 50.88
N VAL D 54 -13.18 -31.23 50.37
CA VAL D 54 -13.23 -32.62 49.93
C VAL D 54 -12.45 -33.45 50.93
N ILE D 55 -13.09 -34.50 51.46
CA ILE D 55 -12.54 -35.33 52.52
C ILE D 55 -12.77 -36.78 52.12
N PRO D 56 -11.82 -37.40 51.39
CA PRO D 56 -11.95 -38.78 50.95
C PRO D 56 -12.09 -39.73 52.13
N SER D 57 -12.57 -40.94 51.90
CA SER D 57 -12.61 -41.97 52.95
C SER D 57 -11.22 -42.12 53.59
N PRO D 58 -11.10 -42.22 54.91
CA PRO D 58 -9.82 -42.35 55.56
C PRO D 58 -9.19 -43.71 55.26
N TYR D 59 -7.92 -43.74 54.86
CA TYR D 59 -7.16 -44.98 54.87
C TYR D 59 -6.83 -45.35 56.30
N VAL D 60 -7.27 -46.53 56.73
CA VAL D 60 -6.83 -47.13 57.98
C VAL D 60 -5.96 -48.34 57.68
N LYS D 61 -4.71 -48.29 58.14
CA LYS D 61 -3.77 -49.40 58.13
C LYS D 61 -4.03 -50.24 59.36
N CYS D 62 -4.51 -51.45 59.17
CA CYS D 62 -4.43 -52.45 60.24
C CYS D 62 -2.97 -52.83 60.49
N CYS D 63 -2.61 -53.00 61.77
CA CYS D 63 -1.39 -53.70 62.14
C CYS D 63 -0.12 -53.10 61.51
N GLY D 64 0.04 -51.79 61.54
CA GLY D 64 1.17 -51.08 60.96
C GLY D 64 1.01 -49.56 60.92
N THR D 65 1.94 -48.89 60.24
CA THR D 65 1.85 -47.43 60.00
C THR D 65 1.48 -47.13 58.55
N ALA D 66 0.46 -46.31 58.36
CA ALA D 66 0.31 -45.49 57.17
C ALA D 66 1.25 -44.26 57.25
N GLU D 67 1.50 -43.58 56.14
CA GLU D 67 2.32 -42.36 56.11
C GLU D 67 1.93 -41.43 54.96
N CYS D 68 2.16 -40.14 55.14
CA CYS D 68 1.79 -39.11 54.17
C CYS D 68 2.54 -39.26 52.83
N LYS D 69 1.83 -39.11 51.71
CA LYS D 69 2.40 -38.72 50.43
C LYS D 69 1.87 -37.35 50.07
N ASP D 70 2.75 -36.36 49.93
CA ASP D 70 2.35 -34.97 49.68
C ASP D 70 1.89 -34.73 48.23
N LYS D 71 1.01 -33.75 48.02
CA LYS D 71 0.45 -33.35 46.71
C LYS D 71 -0.09 -31.93 46.78
N SER D 72 0.17 -31.12 45.76
CA SER D 72 0.10 -29.65 45.80
C SER D 72 -1.31 -29.04 45.73
N LEU D 73 -2.34 -29.73 46.20
CA LEU D 73 -3.74 -29.30 46.11
C LEU D 73 -4.01 -28.02 46.92
N PRO D 74 -5.01 -27.19 46.55
CA PRO D 74 -5.11 -25.77 46.91
C PRO D 74 -5.01 -25.39 48.39
N ASP D 75 -5.43 -26.26 49.32
CA ASP D 75 -5.22 -26.06 50.75
C ASP D 75 -5.02 -27.42 51.44
N TYR D 76 -4.18 -28.27 50.83
CA TYR D 76 -4.02 -29.67 51.23
C TYR D 76 -3.62 -29.81 52.68
N SER D 77 -4.09 -30.86 53.35
CA SER D 77 -3.58 -31.30 54.63
C SER D 77 -3.64 -32.80 54.76
N CYS D 78 -2.69 -33.35 55.49
CA CYS D 78 -2.62 -34.76 55.80
C CYS D 78 -2.16 -34.93 57.25
N LYS D 79 -2.67 -35.95 57.92
CA LYS D 79 -2.30 -36.30 59.30
C LYS D 79 -2.36 -37.81 59.45
N VAL D 80 -1.61 -38.37 60.39
CA VAL D 80 -1.68 -39.79 60.74
C VAL D 80 -1.89 -39.92 62.24
N PHE D 81 -2.85 -40.74 62.64
CA PHE D 81 -3.21 -40.96 64.03
C PHE D 81 -2.95 -42.40 64.44
N THR D 82 -2.60 -42.60 65.70
CA THR D 82 -2.10 -43.86 66.26
C THR D 82 -3.01 -44.39 67.37
N GLY D 83 -3.04 -45.71 67.54
CA GLY D 83 -3.84 -46.36 68.59
C GLY D 83 -5.34 -46.37 68.32
N VAL D 84 -5.77 -46.05 67.11
CA VAL D 84 -7.20 -46.15 66.72
C VAL D 84 -7.67 -47.60 66.77
N TYR D 85 -8.95 -47.80 67.06
CA TYR D 85 -9.56 -49.13 67.09
C TYR D 85 -11.00 -49.08 66.56
N PRO D 86 -11.20 -48.72 65.28
CA PRO D 86 -12.52 -48.42 64.75
C PRO D 86 -13.42 -49.66 64.73
N PHE D 87 -14.65 -49.51 65.19
CA PHE D 87 -15.72 -50.48 64.96
C PHE D 87 -16.51 -50.13 63.70
N MET D 88 -17.05 -51.13 63.05
CA MET D 88 -18.20 -51.00 62.16
C MET D 88 -19.37 -51.80 62.74
N TRP D 89 -20.49 -51.84 62.03
CA TRP D 89 -21.75 -52.30 62.60
C TRP D 89 -21.74 -53.75 63.11
N GLY D 90 -20.88 -54.61 62.55
CA GLY D 90 -20.77 -56.01 62.93
C GLY D 90 -19.62 -56.38 63.87
N GLY D 91 -18.72 -55.45 64.19
CA GLY D 91 -17.56 -55.70 65.06
C GLY D 91 -16.36 -54.82 64.75
N ALA D 92 -15.21 -55.12 65.36
CA ALA D 92 -13.98 -54.37 65.16
C ALA D 92 -13.44 -54.52 63.73
N TYR D 93 -13.04 -53.42 63.11
CA TYR D 93 -12.49 -53.45 61.76
C TYR D 93 -11.05 -53.95 61.72
N CYS D 94 -10.21 -53.56 62.67
CA CYS D 94 -8.83 -54.02 62.75
C CYS D 94 -8.69 -55.39 63.41
N PHE D 95 -7.68 -56.16 63.00
CA PHE D 95 -7.45 -57.51 63.50
C PHE D 95 -6.98 -57.56 64.97
N CYS D 96 -6.32 -56.51 65.46
CA CYS D 96 -5.75 -56.45 66.80
C CYS D 96 -5.97 -55.11 67.48
N ASP D 97 -5.91 -55.13 68.82
CA ASP D 97 -6.45 -54.10 69.72
C ASP D 97 -5.75 -52.74 69.63
N THR D 98 -4.52 -52.71 69.12
CA THR D 98 -3.69 -51.52 68.94
C THR D 98 -2.69 -51.78 67.81
N GLU D 99 -1.67 -50.93 67.65
CA GLU D 99 -0.73 -50.95 66.52
C GLU D 99 -1.40 -50.68 65.15
N ASN D 100 -2.60 -50.10 65.15
CA ASN D 100 -3.27 -49.61 63.95
C ASN D 100 -3.04 -48.11 63.77
N THR D 101 -3.18 -47.61 62.54
CA THR D 101 -3.11 -46.18 62.28
C THR D 101 -4.10 -45.74 61.22
N GLN D 102 -4.60 -44.51 61.35
CA GLN D 102 -5.50 -43.89 60.39
C GLN D 102 -4.80 -42.70 59.75
N LEU D 103 -4.57 -42.73 58.45
CA LEU D 103 -4.24 -41.54 57.70
C LEU D 103 -5.53 -40.81 57.38
N SER D 104 -5.56 -39.50 57.60
CA SER D 104 -6.67 -38.64 57.18
C SER D 104 -6.12 -37.53 56.31
N GLU D 105 -6.80 -37.19 55.24
CA GLU D 105 -6.37 -36.17 54.29
C GLU D 105 -7.56 -35.38 53.78
N ALA D 106 -7.35 -34.12 53.41
CA ALA D 106 -8.40 -33.24 52.95
C ALA D 106 -7.85 -32.08 52.14
N HIS D 107 -8.68 -31.45 51.32
CA HIS D 107 -8.34 -30.20 50.65
C HIS D 107 -9.61 -29.39 50.37
N VAL D 108 -9.48 -28.23 49.75
CA VAL D 108 -10.60 -27.35 49.41
C VAL D 108 -10.62 -27.02 47.93
N GLU D 109 -11.80 -26.75 47.42
CA GLU D 109 -12.07 -26.45 46.01
C GLU D 109 -13.15 -25.39 45.93
N LYS D 110 -13.32 -24.74 44.79
CA LYS D 110 -14.56 -24.01 44.55
C LYS D 110 -15.75 -24.97 44.66
N SER D 111 -16.86 -24.55 45.27
CA SER D 111 -18.07 -25.36 45.26
C SER D 111 -18.63 -25.42 43.84
N GLU D 112 -19.58 -26.29 43.57
CA GLU D 112 -20.22 -26.33 42.26
C GLU D 112 -21.08 -25.07 42.01
N SER D 113 -21.39 -24.33 43.07
CA SER D 113 -22.22 -23.12 43.04
C SER D 113 -21.65 -21.99 42.22
N CYS D 114 -20.36 -21.99 41.91
CA CYS D 114 -19.64 -20.76 41.57
C CYS D 114 -19.95 -20.19 40.17
N LYS D 115 -20.82 -20.85 39.40
CA LYS D 115 -21.44 -20.29 38.20
C LYS D 115 -22.69 -19.43 38.53
N THR D 116 -23.23 -19.53 39.74
CA THR D 116 -24.49 -18.91 40.16
C THR D 116 -24.33 -18.01 41.39
N GLU D 117 -23.71 -18.50 42.45
CA GLU D 117 -23.50 -17.77 43.71
C GLU D 117 -22.03 -17.43 43.89
N PHE D 118 -21.64 -16.27 43.39
CA PHE D 118 -20.28 -15.77 43.45
C PHE D 118 -20.28 -14.24 43.48
N ALA D 119 -19.20 -13.62 43.90
CA ALA D 119 -19.01 -12.17 43.86
C ALA D 119 -17.73 -11.83 43.13
N SER D 120 -17.71 -10.66 42.52
CA SER D 120 -16.72 -10.31 41.52
C SER D 120 -15.98 -9.03 41.90
N ALA D 121 -14.70 -9.11 42.22
CA ALA D 121 -13.91 -7.98 42.67
C ALA D 121 -13.24 -7.27 41.49
N TYR D 122 -13.51 -5.99 41.31
CA TYR D 122 -13.06 -5.21 40.16
C TYR D 122 -12.27 -3.99 40.57
N ARG D 123 -11.26 -3.61 39.78
CA ARG D 123 -10.83 -2.21 39.73
C ARG D 123 -11.75 -1.44 38.80
N ALA D 124 -12.01 -0.16 39.07
CA ALA D 124 -12.96 0.66 38.31
C ALA D 124 -12.28 1.92 37.79
N HIS D 125 -11.69 1.82 36.61
CA HIS D 125 -11.09 2.95 35.89
C HIS D 125 -12.17 3.85 35.29
N THR D 126 -11.77 5.03 34.82
CA THR D 126 -12.71 6.12 34.51
C THR D 126 -13.82 5.75 33.54
N ALA D 127 -14.94 6.44 33.68
CA ALA D 127 -16.19 6.15 32.99
C ALA D 127 -16.39 6.94 31.70
N SER D 128 -17.26 6.46 30.82
CA SER D 128 -17.81 7.22 29.71
C SER D 128 -19.28 7.59 29.98
N ALA D 129 -19.64 8.82 29.60
CA ALA D 129 -20.95 9.40 29.87
C ALA D 129 -21.90 9.24 28.69
N SER D 130 -23.06 8.63 28.92
CA SER D 130 -24.13 8.50 27.93
C SER D 130 -25.36 9.26 28.41
N ALA D 131 -26.06 9.98 27.53
CA ALA D 131 -27.19 10.82 27.90
C ALA D 131 -28.39 10.59 26.98
N LYS D 132 -29.58 10.56 27.57
CA LYS D 132 -30.87 10.47 26.87
C LYS D 132 -31.64 11.76 27.13
N LEU D 133 -32.08 12.44 26.08
CA LEU D 133 -32.60 13.81 26.17
C LEU D 133 -33.92 13.97 25.39
N ARG D 134 -34.84 14.77 25.92
CA ARG D 134 -36.06 15.25 25.24
C ARG D 134 -35.85 16.70 24.87
N VAL D 135 -36.30 17.12 23.69
CA VAL D 135 -36.29 18.52 23.29
C VAL D 135 -37.53 18.86 22.46
N LEU D 136 -38.01 20.09 22.59
CA LEU D 136 -39.30 20.54 22.08
C LEU D 136 -39.17 21.90 21.40
N TYR D 137 -39.58 21.95 20.13
CA TYR D 137 -39.72 23.14 19.28
C TYR D 137 -40.74 22.87 18.17
N GLN D 138 -41.27 23.91 17.54
CA GLN D 138 -42.29 23.77 16.48
C GLN D 138 -43.45 22.84 16.90
N GLY D 139 -43.86 22.92 18.16
CA GLY D 139 -44.93 22.12 18.75
C GLY D 139 -44.65 20.62 18.87
N ASN D 140 -43.47 20.12 18.51
CA ASN D 140 -43.17 18.69 18.49
C ASN D 140 -42.12 18.31 19.54
N ASN D 141 -42.50 17.41 20.46
CA ASN D 141 -41.55 16.70 21.31
C ASN D 141 -40.74 15.74 20.44
N VAL D 142 -39.42 15.73 20.59
CA VAL D 142 -38.53 14.75 19.97
C VAL D 142 -37.47 14.31 20.97
N THR D 143 -36.92 13.11 20.84
CA THR D 143 -35.97 12.57 21.81
C THR D 143 -34.75 11.94 21.15
N VAL D 144 -33.60 12.14 21.76
CA VAL D 144 -32.28 11.84 21.21
C VAL D 144 -31.42 11.15 22.25
N SER D 145 -30.60 10.19 21.84
CA SER D 145 -29.64 9.49 22.69
C SER D 145 -28.24 9.65 22.14
N ALA D 146 -27.27 9.99 22.98
CA ALA D 146 -25.92 10.29 22.54
C ALA D 146 -24.88 9.96 23.61
N TYR D 147 -23.66 9.65 23.20
CA TYR D 147 -22.51 9.77 24.10
C TYR D 147 -22.25 11.25 24.33
N ALA D 148 -22.05 11.65 25.58
CA ALA D 148 -21.76 13.04 25.94
C ALA D 148 -20.28 13.40 25.75
N ASN D 149 -19.67 13.00 24.64
CA ASN D 149 -18.26 13.29 24.37
C ASN D 149 -18.01 14.74 23.90
N GLY D 150 -19.08 15.48 23.60
CA GLY D 150 -19.03 16.87 23.14
C GLY D 150 -18.91 17.06 21.63
N ASP D 151 -18.87 15.99 20.83
CA ASP D 151 -18.63 16.04 19.38
C ASP D 151 -19.53 15.11 18.55
N HIS D 152 -20.04 14.01 19.11
CA HIS D 152 -20.79 12.99 18.39
C HIS D 152 -22.19 13.46 18.01
N ALA D 153 -22.29 14.29 16.98
CA ALA D 153 -23.54 14.89 16.55
C ALA D 153 -24.56 13.84 16.08
N VAL D 154 -25.77 13.88 16.63
CA VAL D 154 -26.89 13.01 16.25
C VAL D 154 -27.93 13.85 15.53
N THR D 155 -28.42 13.40 14.39
CA THR D 155 -29.47 14.12 13.64
C THR D 155 -30.80 13.41 13.81
N VAL D 156 -31.87 14.14 14.13
CA VAL D 156 -33.24 13.63 14.17
C VAL D 156 -34.24 14.72 13.79
N LYS D 157 -35.33 14.36 13.10
CA LYS D 157 -36.35 15.29 12.57
C LYS D 157 -35.73 16.48 11.81
N ASP D 158 -34.69 16.21 11.03
CA ASP D 158 -33.92 17.17 10.23
C ASP D 158 -33.16 18.25 11.05
N ALA D 159 -32.98 18.04 12.36
CA ALA D 159 -32.21 18.89 13.26
C ALA D 159 -31.03 18.11 13.86
N LYS D 160 -29.91 18.80 14.12
CA LYS D 160 -28.65 18.18 14.56
C LYS D 160 -28.28 18.60 15.97
N PHE D 161 -28.10 17.63 16.88
CA PHE D 161 -27.86 17.82 18.32
C PHE D 161 -26.51 17.25 18.73
N ILE D 162 -25.76 17.96 19.58
CA ILE D 162 -24.50 17.47 20.15
C ILE D 162 -24.45 17.87 21.62
N VAL D 163 -23.89 17.03 22.49
CA VAL D 163 -23.99 17.19 23.95
C VAL D 163 -22.72 16.79 24.68
N GLY D 164 -22.41 17.48 25.76
CA GLY D 164 -21.19 17.32 26.54
C GLY D 164 -20.08 18.29 26.13
N PRO D 165 -18.87 18.16 26.69
CA PRO D 165 -18.48 17.14 27.62
C PRO D 165 -19.12 17.32 28.99
N MET D 166 -19.17 16.26 29.78
CA MET D 166 -19.64 16.31 31.17
C MET D 166 -18.74 17.24 31.99
N SER D 167 -19.28 18.28 32.63
CA SER D 167 -18.45 19.30 33.31
C SER D 167 -17.98 18.94 34.71
N SER D 168 -18.03 17.67 35.11
CA SER D 168 -17.35 17.18 36.32
C SER D 168 -16.93 15.71 36.18
N ALA D 169 -15.88 15.33 36.90
CA ALA D 169 -15.35 13.97 36.89
C ALA D 169 -16.05 13.03 37.88
N TRP D 170 -16.86 13.59 38.79
CA TRP D 170 -17.29 12.86 39.99
C TRP D 170 -18.03 11.57 39.68
N THR D 171 -17.68 10.51 40.39
CA THR D 171 -18.16 9.14 40.15
C THR D 171 -18.40 8.42 41.48
N PRO D 172 -19.53 7.73 41.69
CA PRO D 172 -19.83 7.13 42.99
C PRO D 172 -18.98 5.90 43.32
N PHE D 173 -18.37 5.27 42.32
CA PHE D 173 -17.46 4.15 42.52
C PHE D 173 -16.09 4.61 43.01
N ASP D 174 -15.57 3.97 44.05
CA ASP D 174 -14.16 4.05 44.44
C ASP D 174 -13.28 3.27 43.45
N ASN D 175 -11.95 3.36 43.60
CA ASN D 175 -11.01 2.73 42.67
C ASN D 175 -11.12 1.21 42.64
N LYS D 176 -11.57 0.57 43.72
CA LYS D 176 -11.90 -0.85 43.80
C LYS D 176 -13.33 -1.04 44.26
N ILE D 177 -14.05 -1.98 43.68
CA ILE D 177 -15.46 -2.29 44.00
C ILE D 177 -15.68 -3.80 44.00
N VAL D 178 -16.74 -4.30 44.63
CA VAL D 178 -17.22 -5.65 44.38
C VAL D 178 -18.66 -5.59 43.93
N VAL D 179 -19.10 -6.54 43.11
CA VAL D 179 -20.51 -6.71 42.76
C VAL D 179 -20.96 -8.11 43.11
N TYR D 180 -22.23 -8.28 43.41
CA TYR D 180 -22.82 -9.59 43.69
C TYR D 180 -23.86 -9.97 42.65
N LYS D 181 -24.97 -9.22 42.54
CA LYS D 181 -25.98 -9.42 41.51
C LYS D 181 -26.49 -8.09 40.99
N GLY D 182 -27.45 -7.49 41.68
CA GLY D 182 -27.80 -6.08 41.53
C GLY D 182 -26.97 -5.21 42.47
N ASP D 183 -26.52 -5.75 43.60
CA ASP D 183 -25.70 -5.02 44.56
C ASP D 183 -24.29 -4.75 44.04
N VAL D 184 -23.81 -3.53 44.24
CA VAL D 184 -22.40 -3.14 44.10
C VAL D 184 -21.94 -2.40 45.35
N TYR D 185 -20.69 -2.58 45.76
CA TYR D 185 -20.12 -2.00 46.98
C TYR D 185 -18.75 -1.40 46.71
N ASN D 186 -18.50 -0.20 47.20
CA ASN D 186 -17.12 0.26 47.36
C ASN D 186 -16.51 -0.51 48.51
N MET D 187 -15.45 -1.30 48.29
CA MET D 187 -14.66 -1.81 49.41
C MET D 187 -13.23 -2.15 49.03
N ASP D 188 -12.35 -2.00 50.01
CA ASP D 188 -10.92 -2.25 49.93
C ASP D 188 -10.59 -3.76 50.05
N TYR D 189 -11.08 -4.57 49.12
CA TYR D 189 -10.89 -6.02 49.16
C TYR D 189 -9.40 -6.42 49.17
N PRO D 190 -9.03 -7.58 49.74
CA PRO D 190 -7.63 -8.00 49.78
C PRO D 190 -7.11 -8.38 48.40
N PRO D 191 -5.87 -8.04 48.00
CA PRO D 191 -5.29 -8.45 46.71
C PRO D 191 -5.31 -9.97 46.49
N PHE D 192 -5.09 -10.41 45.26
CA PHE D 192 -5.08 -11.85 44.97
C PHE D 192 -4.00 -12.54 45.80
N GLY D 193 -4.32 -13.66 46.43
CA GLY D 193 -3.42 -14.38 47.33
C GLY D 193 -3.24 -13.74 48.71
N ALA D 194 -3.80 -12.56 48.98
CA ALA D 194 -3.71 -11.89 50.27
C ALA D 194 -4.81 -12.26 51.29
N GLY D 195 -5.80 -13.07 50.90
CA GLY D 195 -6.98 -13.35 51.71
C GLY D 195 -6.71 -14.15 52.99
N ARG D 196 -7.36 -13.75 54.08
CA ARG D 196 -7.26 -14.31 55.44
C ARG D 196 -8.41 -15.29 55.70
N PRO D 197 -8.30 -16.24 56.64
CA PRO D 197 -9.38 -17.14 56.96
C PRO D 197 -10.61 -16.40 57.45
N GLY D 198 -11.80 -16.89 57.13
CA GLY D 198 -13.04 -16.43 57.75
C GLY D 198 -13.50 -15.03 57.34
N GLN D 199 -13.05 -14.50 56.21
CA GLN D 199 -13.38 -13.17 55.71
C GLN D 199 -13.61 -13.18 54.20
N PHE D 200 -14.17 -12.12 53.64
CA PHE D 200 -14.27 -12.02 52.18
C PHE D 200 -12.89 -12.13 51.53
N GLY D 201 -12.74 -13.04 50.56
CA GLY D 201 -11.45 -13.35 49.95
C GLY D 201 -10.76 -14.60 50.49
N ASP D 202 -11.33 -15.36 51.41
CA ASP D 202 -10.68 -16.57 51.91
C ASP D 202 -10.54 -17.70 50.87
N ILE D 203 -11.21 -17.59 49.72
CA ILE D 203 -10.98 -18.38 48.50
C ILE D 203 -11.11 -17.46 47.30
N GLN D 204 -10.24 -17.55 46.30
CA GLN D 204 -10.19 -16.63 45.16
C GLN D 204 -9.82 -17.38 43.88
N SER D 205 -10.26 -16.91 42.72
CA SER D 205 -9.77 -17.37 41.42
C SER D 205 -9.89 -16.28 40.36
N ARG D 206 -8.99 -16.23 39.38
CA ARG D 206 -8.88 -15.05 38.48
C ARG D 206 -9.99 -14.97 37.43
N THR D 207 -10.76 -16.04 37.20
CA THR D 207 -12.02 -16.06 36.42
C THR D 207 -12.91 -17.18 36.97
N PRO D 208 -14.23 -17.22 36.72
CA PRO D 208 -15.11 -18.21 37.37
C PRO D 208 -14.89 -19.63 36.84
N GLU D 209 -14.41 -19.75 35.60
CA GLU D 209 -14.08 -21.03 34.94
C GLU D 209 -12.63 -21.50 35.15
N SER D 210 -11.76 -20.65 35.71
CA SER D 210 -10.36 -20.98 36.00
C SER D 210 -10.17 -22.08 37.07
N GLU D 211 -9.01 -22.72 37.11
CA GLU D 211 -8.59 -23.69 38.14
C GLU D 211 -7.55 -23.13 39.13
N ASP D 212 -7.15 -21.86 39.00
CA ASP D 212 -6.13 -21.23 39.85
C ASP D 212 -6.63 -20.84 41.27
N VAL D 213 -7.28 -21.76 41.97
CA VAL D 213 -7.82 -21.55 43.30
C VAL D 213 -6.73 -21.15 44.30
N TYR D 214 -6.68 -19.91 44.72
CA TYR D 214 -6.08 -19.55 46.00
C TYR D 214 -7.09 -19.84 47.09
N ALA D 215 -6.66 -20.39 48.22
CA ALA D 215 -7.52 -20.58 49.38
C ALA D 215 -6.72 -20.49 50.66
N ASN D 216 -7.35 -20.04 51.75
CA ASN D 216 -6.70 -19.91 53.04
C ASN D 216 -7.71 -20.12 54.16
N THR D 217 -8.17 -21.34 54.33
CA THR D 217 -9.25 -21.67 55.28
C THR D 217 -8.78 -21.99 56.70
N GLN D 218 -7.47 -22.14 56.89
CA GLN D 218 -6.85 -22.75 58.08
C GLN D 218 -7.46 -24.09 58.50
N LEU D 219 -7.84 -24.93 57.53
CA LEU D 219 -8.24 -26.30 57.78
C LEU D 219 -7.17 -27.05 58.57
N VAL D 220 -7.54 -27.62 59.72
CA VAL D 220 -6.70 -28.54 60.50
C VAL D 220 -7.50 -29.75 60.90
N LEU D 221 -6.94 -30.93 60.73
CA LEU D 221 -7.59 -32.17 61.13
C LEU D 221 -7.51 -32.36 62.64
N GLN D 222 -8.36 -33.22 63.17
CA GLN D 222 -8.32 -33.64 64.58
C GLN D 222 -8.30 -35.15 64.68
N ARG D 223 -7.70 -35.68 65.75
CA ARG D 223 -7.70 -37.11 66.02
C ARG D 223 -9.15 -37.61 66.16
N PRO D 224 -9.53 -38.78 65.58
CA PRO D 224 -10.87 -39.30 65.71
C PRO D 224 -11.22 -39.64 67.14
N SER D 225 -12.51 -39.69 67.46
CA SER D 225 -12.98 -40.12 68.77
C SER D 225 -12.73 -41.62 69.00
N ALA D 226 -13.02 -42.10 70.20
CA ALA D 226 -12.90 -43.51 70.53
C ALA D 226 -13.77 -44.37 69.59
N GLY D 227 -13.22 -45.47 69.08
CA GLY D 227 -13.97 -46.52 68.40
C GLY D 227 -14.66 -46.16 67.09
N THR D 228 -14.43 -44.99 66.51
CA THR D 228 -15.29 -44.43 65.45
C THR D 228 -14.48 -44.04 64.22
N VAL D 229 -15.08 -44.13 63.03
CA VAL D 229 -14.35 -44.16 61.75
C VAL D 229 -14.35 -42.84 60.97
N HIS D 230 -14.86 -41.74 61.54
CA HIS D 230 -14.98 -40.46 60.83
C HIS D 230 -13.69 -39.63 60.80
N VAL D 231 -13.72 -38.51 60.10
CA VAL D 231 -12.61 -37.56 59.96
C VAL D 231 -13.04 -36.20 60.52
N PRO D 232 -12.84 -35.93 61.82
CA PRO D 232 -13.17 -34.64 62.39
C PRO D 232 -12.09 -33.60 62.06
N TYR D 233 -12.49 -32.34 61.93
CA TYR D 233 -11.60 -31.25 61.57
C TYR D 233 -12.14 -29.89 62.03
N SER D 234 -11.28 -28.89 62.05
CA SER D 234 -11.64 -27.49 62.30
C SER D 234 -11.25 -26.63 61.11
N GLN D 235 -12.08 -25.67 60.73
CA GLN D 235 -11.87 -24.83 59.56
C GLN D 235 -12.59 -23.50 59.76
N ALA D 236 -12.08 -22.39 59.23
CA ALA D 236 -12.82 -21.14 59.29
C ALA D 236 -14.03 -21.19 58.34
N PRO D 237 -15.28 -21.01 58.81
CA PRO D 237 -16.45 -21.05 57.94
C PRO D 237 -16.33 -20.13 56.73
N SER D 238 -16.91 -20.53 55.60
CA SER D 238 -16.67 -19.89 54.31
C SER D 238 -16.96 -18.40 54.34
N GLY D 239 -15.94 -17.56 54.23
CA GLY D 239 -16.05 -16.13 54.48
C GLY D 239 -17.02 -15.40 53.55
N PHE D 240 -17.24 -15.91 52.33
CA PHE D 240 -18.29 -15.41 51.46
C PHE D 240 -19.69 -15.60 52.04
N LYS D 241 -19.98 -16.72 52.71
CA LYS D 241 -21.27 -16.92 53.37
C LYS D 241 -21.49 -15.96 54.52
N TYR D 242 -20.45 -15.58 55.25
CA TYR D 242 -20.58 -14.47 56.21
C TYR D 242 -20.81 -13.15 55.49
N TRP D 243 -20.05 -12.80 54.46
CA TRP D 243 -20.25 -11.53 53.77
C TRP D 243 -21.64 -11.39 53.14
N LEU D 244 -22.31 -12.48 52.77
CA LEU D 244 -23.72 -12.39 52.37
C LEU D 244 -24.65 -11.94 53.49
N LYS D 245 -24.35 -12.23 54.76
CA LYS D 245 -25.09 -11.75 55.94
C LYS D 245 -24.66 -10.34 56.38
N GLU D 246 -23.37 -10.14 56.59
CA GLU D 246 -22.79 -8.92 57.17
C GLU D 246 -22.68 -7.76 56.18
N ARG D 247 -23.45 -7.83 55.10
CA ARG D 247 -23.17 -7.16 53.82
C ARG D 247 -23.20 -5.63 53.89
N GLY D 248 -24.01 -5.06 54.78
CA GLY D 248 -24.33 -3.64 54.78
C GLY D 248 -25.26 -3.25 53.63
N ALA D 249 -25.31 -1.96 53.31
CA ALA D 249 -26.18 -1.43 52.28
C ALA D 249 -25.42 -1.15 50.98
N SER D 250 -25.92 -1.66 49.86
CA SER D 250 -25.31 -1.43 48.55
C SER D 250 -25.38 0.03 48.13
N LEU D 251 -24.47 0.47 47.26
CA LEU D 251 -24.37 1.87 46.87
C LEU D 251 -25.68 2.45 46.33
N GLN D 252 -26.58 1.63 45.80
CA GLN D 252 -27.89 2.09 45.37
C GLN D 252 -28.65 2.81 46.48
N HIS D 253 -28.44 2.42 47.75
CA HIS D 253 -29.09 3.05 48.90
C HIS D 253 -28.25 4.12 49.56
N THR D 254 -26.92 4.11 49.42
CA THR D 254 -26.02 4.99 50.20
C THR D 254 -25.31 6.07 49.41
N ALA D 255 -25.33 6.06 48.07
CA ALA D 255 -24.46 6.92 47.29
C ALA D 255 -24.87 8.41 47.32
N PRO D 256 -23.91 9.35 47.22
CA PRO D 256 -24.19 10.77 47.10
C PRO D 256 -25.01 11.20 45.88
N PHE D 257 -25.40 12.47 45.85
CA PHE D 257 -26.06 13.14 44.73
C PHE D 257 -27.34 12.47 44.21
N GLY D 258 -27.96 11.63 45.04
CA GLY D 258 -29.25 11.01 44.74
C GLY D 258 -29.23 10.08 43.53
N CYS D 259 -28.07 9.55 43.16
CA CYS D 259 -27.95 8.69 41.99
C CYS D 259 -28.57 7.31 42.19
N GLN D 260 -28.90 6.65 41.09
CA GLN D 260 -29.32 5.26 41.02
C GLN D 260 -28.20 4.42 40.43
N ILE D 261 -28.01 3.19 40.90
CA ILE D 261 -26.90 2.33 40.49
C ILE D 261 -27.42 0.95 40.11
N ALA D 262 -26.91 0.38 39.02
CA ALA D 262 -27.41 -0.86 38.43
C ALA D 262 -26.27 -1.68 37.80
N THR D 263 -26.53 -2.94 37.44
CA THR D 263 -25.54 -3.88 36.88
C THR D 263 -25.88 -4.34 35.46
N ASN D 264 -25.01 -5.13 34.82
CA ASN D 264 -25.09 -5.57 33.43
C ASN D 264 -25.30 -4.44 32.40
N PRO D 265 -24.28 -3.65 32.06
CA PRO D 265 -23.01 -3.49 32.77
C PRO D 265 -23.20 -2.64 34.03
N VAL D 266 -22.20 -2.53 34.91
CA VAL D 266 -22.33 -1.63 36.06
C VAL D 266 -22.45 -0.19 35.60
N ARG D 267 -23.43 0.54 36.11
CA ARG D 267 -23.75 1.91 35.70
C ARG D 267 -24.15 2.73 36.92
N ALA D 268 -23.71 3.97 36.99
CA ALA D 268 -24.36 4.98 37.81
C ALA D 268 -25.27 5.82 36.93
N MET D 269 -26.43 6.24 37.43
CA MET D 269 -27.42 6.99 36.69
C MET D 269 -27.89 8.22 37.46
N ASN D 270 -28.12 9.31 36.74
CA ASN D 270 -28.83 10.48 37.23
C ASN D 270 -28.15 11.17 38.42
N CYS D 271 -26.82 11.15 38.52
CA CYS D 271 -26.10 11.95 39.51
C CYS D 271 -26.38 13.43 39.29
N ALA D 272 -26.97 14.11 40.26
CA ALA D 272 -27.30 15.52 40.14
C ALA D 272 -26.08 16.43 40.44
N VAL D 273 -25.05 16.37 39.60
CA VAL D 273 -23.78 17.09 39.82
C VAL D 273 -23.22 17.74 38.55
N GLY D 274 -22.74 18.98 38.65
CA GLY D 274 -22.20 19.74 37.52
C GLY D 274 -23.26 20.19 36.51
N ASN D 275 -22.86 20.40 35.26
CA ASN D 275 -23.75 20.84 34.18
C ASN D 275 -23.40 20.22 32.82
N MET D 276 -24.32 20.36 31.88
CA MET D 276 -24.30 19.70 30.58
C MET D 276 -24.33 20.74 29.46
N PRO D 277 -23.24 20.95 28.72
CA PRO D 277 -23.23 21.78 27.53
C PRO D 277 -23.98 21.12 26.37
N ILE D 278 -24.73 21.91 25.59
CA ILE D 278 -25.55 21.43 24.47
C ILE D 278 -25.41 22.40 23.29
N SER D 279 -25.29 21.89 22.07
CA SER D 279 -25.44 22.67 20.84
C SER D 279 -26.51 22.04 19.95
N ILE D 280 -27.44 22.84 19.43
CA ILE D 280 -28.48 22.36 18.51
C ILE D 280 -28.57 23.25 17.27
N ASP D 281 -28.64 22.61 16.11
CA ASP D 281 -28.62 23.24 14.80
C ASP D 281 -29.89 22.86 14.04
N ILE D 282 -30.96 23.55 14.37
CA ILE D 282 -32.29 23.38 13.79
C ILE D 282 -32.35 23.90 12.36
N PRO D 283 -33.18 23.32 11.47
CA PRO D 283 -33.21 23.69 10.07
C PRO D 283 -33.73 25.11 9.88
N ASP D 284 -33.19 25.81 8.90
CA ASP D 284 -33.58 27.20 8.62
C ASP D 284 -35.04 27.33 8.16
N ALA D 285 -35.65 26.22 7.72
CA ALA D 285 -37.07 26.15 7.37
C ALA D 285 -38.04 26.25 8.58
N ALA D 286 -37.55 26.16 9.81
CA ALA D 286 -38.40 26.31 11.00
C ALA D 286 -38.75 27.78 11.33
N PHE D 287 -38.00 28.74 10.80
CA PHE D 287 -38.18 30.17 11.06
C PHE D 287 -39.26 30.82 10.18
N THR D 288 -39.66 32.05 10.51
CA THR D 288 -40.40 32.95 9.60
C THR D 288 -39.96 34.39 9.83
N ARG D 289 -39.90 35.19 8.76
CA ARG D 289 -39.28 36.53 8.78
C ARG D 289 -39.94 37.43 9.81
N VAL D 290 -39.16 38.23 10.52
CA VAL D 290 -39.72 39.16 11.52
C VAL D 290 -40.59 40.24 10.86
N VAL D 291 -40.32 40.57 9.60
CA VAL D 291 -41.14 41.49 8.80
C VAL D 291 -42.50 40.90 8.39
N ASP D 292 -42.73 39.60 8.60
CA ASP D 292 -44.03 38.93 8.40
C ASP D 292 -44.76 38.65 9.73
N ALA D 293 -44.03 38.36 10.81
CA ALA D 293 -44.57 37.94 12.11
C ALA D 293 -45.54 38.97 12.75
N PRO D 294 -46.45 38.55 13.64
CA PRO D 294 -47.54 39.38 14.16
C PRO D 294 -47.09 40.34 15.28
N SER D 295 -45.97 41.04 15.09
CA SER D 295 -45.22 41.74 16.14
C SER D 295 -46.11 42.65 17.02
N LEU D 296 -46.02 42.46 18.32
CA LEU D 296 -46.92 43.07 19.30
C LEU D 296 -46.61 44.55 19.52
N THR D 297 -47.62 45.28 20.00
CA THR D 297 -47.49 46.65 20.47
C THR D 297 -48.40 46.92 21.66
N ASP D 298 -48.13 48.01 22.38
CA ASP D 298 -48.90 48.48 23.55
C ASP D 298 -48.94 47.49 24.74
N MET D 299 -47.98 46.57 24.83
CA MET D 299 -47.99 45.50 25.82
C MET D 299 -48.06 46.04 27.25
N SER D 300 -48.97 45.49 28.06
CA SER D 300 -49.23 45.94 29.43
C SER D 300 -49.42 44.74 30.36
N CYS D 301 -48.46 44.49 31.24
CA CYS D 301 -48.48 43.40 32.21
C CYS D 301 -49.38 43.66 33.43
N GLU D 302 -49.89 42.60 34.02
CA GLU D 302 -50.58 42.58 35.31
C GLU D 302 -50.38 41.20 35.95
N VAL D 303 -50.31 41.11 37.29
CA VAL D 303 -50.07 39.84 37.99
C VAL D 303 -51.13 39.62 39.06
N PRO D 304 -52.29 39.05 38.71
CA PRO D 304 -53.41 38.89 39.64
C PRO D 304 -53.09 38.18 40.95
N ALA D 305 -52.26 37.13 40.92
CA ALA D 305 -51.80 36.43 42.12
C ALA D 305 -50.43 35.79 41.92
N CYS D 306 -49.63 35.76 42.97
CA CYS D 306 -48.33 35.10 42.94
C CYS D 306 -47.97 34.46 44.28
N THR D 307 -47.34 33.29 44.22
CA THR D 307 -46.73 32.60 45.36
C THR D 307 -45.42 31.97 44.92
N HIS D 308 -44.38 32.01 45.75
CA HIS D 308 -43.12 31.30 45.52
C HIS D 308 -43.22 29.83 45.90
N SER D 309 -44.25 29.16 45.38
CA SER D 309 -44.38 27.71 45.39
C SER D 309 -43.30 27.06 44.51
N SER D 310 -43.03 25.77 44.71
CA SER D 310 -42.01 25.05 43.92
C SER D 310 -42.46 24.65 42.51
N ASP D 311 -43.76 24.67 42.22
CA ASP D 311 -44.31 24.57 40.88
C ASP D 311 -44.61 25.99 40.32
N PHE D 312 -45.50 26.11 39.34
CA PHE D 312 -45.82 27.39 38.70
C PHE D 312 -46.79 28.23 39.51
N GLY D 313 -46.29 28.73 40.64
CA GLY D 313 -47.06 29.38 41.69
C GLY D 313 -47.53 30.81 41.43
N GLY D 314 -47.24 31.40 40.27
CA GLY D 314 -47.71 32.74 39.90
C GLY D 314 -48.27 32.81 38.49
N VAL D 315 -49.20 33.73 38.26
CA VAL D 315 -49.89 33.88 36.99
C VAL D 315 -49.96 35.34 36.58
N ALA D 316 -49.63 35.63 35.32
CA ALA D 316 -49.61 36.96 34.75
C ALA D 316 -50.58 37.06 33.57
N ILE D 317 -51.13 38.25 33.36
CA ILE D 317 -52.00 38.58 32.24
C ILE D 317 -51.39 39.76 31.50
N ILE D 318 -51.32 39.67 30.17
CA ILE D 318 -50.74 40.70 29.32
C ILE D 318 -51.81 41.23 28.37
N LYS D 319 -52.22 42.48 28.53
CA LYS D 319 -53.04 43.19 27.53
C LYS D 319 -52.13 43.53 26.35
N TYR D 320 -52.60 43.37 25.12
CA TYR D 320 -51.78 43.56 23.93
C TYR D 320 -52.60 44.06 22.72
N ALA D 321 -51.93 44.67 21.75
CA ALA D 321 -52.43 44.81 20.39
C ALA D 321 -51.49 44.11 19.38
N ALA D 322 -52.04 43.37 18.43
CA ALA D 322 -51.31 42.63 17.41
C ALA D 322 -51.92 42.79 16.02
N SER D 323 -51.09 42.95 15.00
CA SER D 323 -51.50 43.35 13.64
C SER D 323 -52.24 42.27 12.83
N LYS D 324 -52.05 40.98 13.17
CA LYS D 324 -52.59 39.81 12.46
C LYS D 324 -52.56 38.59 13.38
N LYS D 325 -53.23 37.49 13.03
CA LYS D 325 -53.06 36.23 13.77
C LYS D 325 -51.74 35.54 13.46
N GLY D 326 -51.04 35.05 14.48
CA GLY D 326 -49.87 34.18 14.28
C GLY D 326 -49.24 33.65 15.57
N LYS D 327 -48.20 32.84 15.41
CA LYS D 327 -47.39 32.27 16.51
C LYS D 327 -46.53 33.36 17.15
N CYS D 328 -46.26 33.22 18.44
CA CYS D 328 -45.59 34.24 19.26
C CYS D 328 -44.79 33.58 20.40
N ALA D 329 -43.47 33.74 20.43
CA ALA D 329 -42.66 33.24 21.53
C ALA D 329 -42.90 34.00 22.84
N VAL D 330 -42.71 33.35 23.99
CA VAL D 330 -42.55 34.02 25.29
C VAL D 330 -41.33 33.50 26.06
N HIS D 331 -40.52 34.38 26.63
CA HIS D 331 -39.34 34.01 27.39
C HIS D 331 -39.04 35.00 28.52
N SER D 332 -38.37 34.55 29.58
CA SER D 332 -38.10 35.34 30.77
C SER D 332 -36.67 35.85 30.78
N MET D 333 -36.50 37.17 30.85
CA MET D 333 -35.17 37.77 30.86
C MET D 333 -34.45 37.64 32.20
N THR D 334 -35.16 37.31 33.27
CA THR D 334 -34.63 37.28 34.64
C THR D 334 -34.46 35.84 35.11
N ASN D 335 -33.25 35.42 35.47
CA ASN D 335 -32.99 34.02 35.82
C ASN D 335 -33.77 33.53 37.06
N ALA D 336 -34.14 34.44 37.96
CA ALA D 336 -34.95 34.16 39.14
C ALA D 336 -36.45 33.91 38.85
N VAL D 337 -36.90 33.98 37.60
CA VAL D 337 -38.29 33.73 37.20
C VAL D 337 -38.31 32.83 35.98
N THR D 338 -38.94 31.66 36.04
CA THR D 338 -39.09 30.76 34.88
C THR D 338 -40.52 30.73 34.39
N ILE D 339 -40.74 30.98 33.10
CA ILE D 339 -42.07 30.93 32.47
C ILE D 339 -42.44 29.50 32.10
N ARG D 340 -43.70 29.10 32.27
CA ARG D 340 -44.15 27.72 31.99
C ARG D 340 -44.27 27.44 30.50
N GLU D 341 -44.86 28.38 29.78
CA GLU D 341 -45.23 28.28 28.35
C GLU D 341 -44.01 28.31 27.40
N ALA D 342 -44.22 28.47 26.10
CA ALA D 342 -43.12 28.59 25.13
C ALA D 342 -43.50 29.39 23.89
N GLU D 343 -44.44 28.91 23.09
CA GLU D 343 -44.70 29.42 21.74
C GLU D 343 -46.21 29.48 21.46
N ILE D 344 -46.86 30.39 22.18
CA ILE D 344 -48.29 30.66 22.13
C ILE D 344 -48.71 31.34 20.82
N GLU D 345 -49.98 31.72 20.68
CA GLU D 345 -50.46 32.41 19.49
C GLU D 345 -51.47 33.51 19.82
N VAL D 346 -51.46 34.55 18.99
CA VAL D 346 -51.92 35.90 19.32
C VAL D 346 -52.66 36.51 18.13
N GLU D 347 -53.74 37.25 18.38
CA GLU D 347 -54.40 38.09 17.37
C GLU D 347 -55.15 39.29 17.97
N GLY D 348 -55.33 40.35 17.18
CA GLY D 348 -56.21 41.48 17.50
C GLY D 348 -55.76 42.34 18.69
N ASN D 349 -56.71 43.07 19.28
CA ASN D 349 -56.53 43.78 20.53
C ASN D 349 -57.27 42.99 21.62
N SER D 350 -56.54 42.49 22.61
CA SER D 350 -57.07 41.49 23.56
C SER D 350 -56.13 41.36 24.77
N GLN D 351 -56.19 40.24 25.48
CA GLN D 351 -55.18 39.85 26.45
C GLN D 351 -54.87 38.36 26.35
N LEU D 352 -53.73 37.96 26.89
CA LEU D 352 -53.32 36.57 27.05
C LEU D 352 -52.85 36.35 28.49
N GLN D 353 -52.82 35.11 28.95
CA GLN D 353 -52.32 34.77 30.29
C GLN D 353 -51.27 33.67 30.23
N ILE D 354 -50.30 33.75 31.13
CA ILE D 354 -49.13 32.87 31.20
C ILE D 354 -48.73 32.69 32.67
N SER D 355 -48.13 31.56 33.02
CA SER D 355 -47.79 31.22 34.41
C SER D 355 -46.30 31.07 34.60
N PHE D 356 -45.79 31.38 35.79
CA PHE D 356 -44.37 31.38 36.09
C PHE D 356 -44.07 30.82 37.48
N SER D 357 -42.81 30.43 37.69
CA SER D 357 -42.29 29.95 38.98
C SER D 357 -41.11 30.81 39.41
N THR D 358 -41.02 31.15 40.69
CA THR D 358 -39.96 32.04 41.20
C THR D 358 -39.71 31.86 42.69
N ALA D 359 -38.49 32.11 43.15
CA ALA D 359 -38.16 32.22 44.56
C ALA D 359 -38.33 33.64 45.13
N LEU D 360 -38.57 34.65 44.29
CA LEU D 360 -38.60 36.05 44.70
C LEU D 360 -39.79 36.32 45.61
N ALA D 361 -39.54 36.99 46.74
CA ALA D 361 -40.61 37.43 47.63
C ALA D 361 -41.44 38.60 47.03
N SER D 362 -40.83 39.37 46.12
CA SER D 362 -41.42 40.56 45.49
C SER D 362 -41.03 40.60 44.01
N ALA D 363 -41.58 39.68 43.22
CA ALA D 363 -41.13 39.45 41.86
C ALA D 363 -41.26 40.68 40.96
N GLU D 364 -40.15 41.15 40.40
CA GLU D 364 -40.10 42.03 39.24
C GLU D 364 -39.23 41.40 38.16
N PHE D 365 -39.72 41.35 36.93
CA PHE D 365 -39.05 40.68 35.82
C PHE D 365 -39.51 41.22 34.47
N ARG D 366 -38.68 41.04 33.45
CA ARG D 366 -39.00 41.40 32.06
C ARG D 366 -39.36 40.18 31.26
N VAL D 367 -40.48 40.25 30.56
CA VAL D 367 -40.96 39.19 29.68
C VAL D 367 -40.70 39.63 28.25
N GLN D 368 -39.93 38.84 27.52
CA GLN D 368 -39.75 39.01 26.09
C GLN D 368 -40.79 38.16 25.37
N VAL D 369 -41.82 38.81 24.84
CA VAL D 369 -42.79 38.20 23.94
C VAL D 369 -42.21 38.16 22.51
N CYS D 370 -43.00 38.07 21.44
CA CYS D 370 -42.44 38.18 20.09
C CYS D 370 -41.68 39.50 19.89
N SER D 371 -40.37 39.39 19.66
CA SER D 371 -39.45 40.46 19.23
C SER D 371 -39.36 41.71 20.12
N THR D 372 -40.05 41.75 21.25
CA THR D 372 -40.26 42.94 22.08
C THR D 372 -40.41 42.56 23.55
N GLN D 373 -40.17 43.51 24.45
CA GLN D 373 -40.17 43.26 25.89
C GLN D 373 -41.23 44.08 26.62
N VAL D 374 -41.70 43.57 27.75
CA VAL D 374 -42.59 44.26 28.69
C VAL D 374 -42.15 44.00 30.12
N HIS D 375 -42.33 44.97 31.00
CA HIS D 375 -41.89 44.91 32.40
C HIS D 375 -43.06 44.49 33.30
N CYS D 376 -42.82 43.54 34.20
CA CYS D 376 -43.86 42.81 34.93
C CYS D 376 -43.51 42.76 36.43
N ALA D 377 -44.47 43.01 37.32
CA ALA D 377 -44.18 43.24 38.74
C ALA D 377 -45.30 42.83 39.71
N ALA D 378 -44.93 42.34 40.89
CA ALA D 378 -45.85 41.70 41.83
C ALA D 378 -45.33 41.64 43.28
N GLU D 379 -46.23 41.30 44.21
CA GLU D 379 -45.90 40.76 45.53
C GLU D 379 -46.18 39.25 45.55
N CYS D 380 -45.31 38.44 46.13
CA CYS D 380 -45.52 37.00 46.27
C CYS D 380 -45.87 36.64 47.71
N HIS D 381 -46.91 35.83 47.93
CA HIS D 381 -47.25 35.32 49.25
C HIS D 381 -46.70 33.90 49.41
N PRO D 382 -46.03 33.57 50.52
CA PRO D 382 -45.32 32.31 50.65
C PRO D 382 -46.30 31.13 50.62
N PRO D 383 -45.85 29.96 50.15
CA PRO D 383 -46.71 28.79 50.03
C PRO D 383 -47.04 28.25 51.42
N LYS D 384 -48.25 27.71 51.59
CA LYS D 384 -48.73 27.22 52.89
C LYS D 384 -48.15 25.86 53.26
N ASP D 385 -47.97 24.97 52.30
CA ASP D 385 -47.48 23.62 52.56
C ASP D 385 -45.97 23.59 52.76
N HIS D 386 -45.51 23.13 53.91
CA HIS D 386 -44.17 22.55 54.03
C HIS D 386 -44.12 21.28 53.16
N ILE D 387 -42.95 20.92 52.65
CA ILE D 387 -42.67 19.66 51.93
C ILE D 387 -43.42 19.45 50.60
N VAL D 388 -42.71 19.03 49.55
CA VAL D 388 -43.28 18.66 48.24
C VAL D 388 -42.56 17.45 47.64
N ASN D 389 -43.24 16.69 46.79
CA ASN D 389 -42.73 15.46 46.17
C ASN D 389 -41.94 15.68 44.87
N TYR D 390 -41.45 16.88 44.59
CA TYR D 390 -40.75 17.21 43.36
C TYR D 390 -39.76 18.35 43.56
N PRO D 391 -38.68 18.44 42.77
CA PRO D 391 -37.69 19.49 42.91
C PRO D 391 -38.23 20.83 42.43
N ALA D 392 -37.58 21.92 42.83
CA ALA D 392 -37.98 23.27 42.50
C ALA D 392 -37.94 23.56 41.00
N SER D 393 -39.02 24.12 40.45
CA SER D 393 -39.13 24.51 39.03
C SER D 393 -38.51 25.87 38.72
N HIS D 394 -37.65 26.39 39.60
CA HIS D 394 -37.03 27.70 39.49
C HIS D 394 -35.57 27.66 39.96
N THR D 395 -34.78 28.64 39.53
CA THR D 395 -33.38 28.83 39.95
C THR D 395 -33.30 29.07 41.46
N THR D 396 -32.18 28.67 42.09
CA THR D 396 -31.91 29.01 43.50
C THR D 396 -31.72 30.53 43.66
N LEU D 397 -32.27 31.12 44.72
CA LEU D 397 -32.22 32.57 44.92
C LEU D 397 -30.78 33.09 45.10
N GLY D 398 -30.47 34.21 44.48
CA GLY D 398 -29.25 34.99 44.76
C GLY D 398 -29.32 35.75 46.08
N VAL D 399 -29.64 35.07 47.18
CA VAL D 399 -29.94 35.64 48.51
C VAL D 399 -28.81 36.51 49.10
N GLN D 400 -27.62 36.46 48.48
CA GLN D 400 -26.52 37.38 48.74
C GLN D 400 -26.93 38.85 48.56
N ASP D 401 -27.91 39.17 47.70
CA ASP D 401 -28.56 40.49 47.64
C ASP D 401 -30.00 40.48 47.11
N ILE D 402 -30.41 39.48 46.33
CA ILE D 402 -31.74 39.43 45.72
C ILE D 402 -32.81 39.22 46.79
N SER D 403 -33.62 40.24 47.04
CA SER D 403 -34.50 40.36 48.21
C SER D 403 -35.70 41.25 47.93
N VAL D 404 -36.62 41.35 48.89
CA VAL D 404 -37.92 42.04 48.76
C VAL D 404 -37.82 43.47 48.23
N THR D 405 -38.90 43.99 47.64
CA THR D 405 -39.18 45.43 47.65
C THR D 405 -39.88 45.72 48.97
N ALA D 406 -39.81 46.94 49.49
CA ALA D 406 -39.89 47.19 50.95
C ALA D 406 -38.66 46.68 51.73
N MET D 407 -37.53 46.41 51.04
CA MET D 407 -36.19 46.52 51.62
C MET D 407 -35.74 47.99 51.71
N SER D 408 -36.55 48.93 51.27
CA SER D 408 -36.29 50.37 51.35
C SER D 408 -36.07 50.83 52.78
N TRP D 409 -36.48 50.07 53.80
CA TRP D 409 -36.01 50.23 55.18
C TRP D 409 -34.48 50.27 55.31
N VAL D 410 -33.74 49.49 54.51
CA VAL D 410 -32.28 49.61 54.42
C VAL D 410 -31.90 50.97 53.87
N GLN D 411 -32.50 51.41 52.77
CA GLN D 411 -32.24 52.74 52.23
C GLN D 411 -32.57 53.86 53.23
N LYS D 412 -33.64 53.72 54.03
CA LYS D 412 -33.97 54.66 55.11
C LYS D 412 -32.87 54.70 56.17
N ILE D 413 -32.52 53.58 56.80
CA ILE D 413 -31.54 53.63 57.90
C ILE D 413 -30.11 53.90 57.41
N THR D 414 -29.70 53.34 56.27
CA THR D 414 -28.36 53.59 55.71
C THR D 414 -28.24 55.04 55.22
N GLY D 415 -29.34 55.62 54.70
CA GLY D 415 -29.40 57.04 54.33
C GLY D 415 -29.32 57.96 55.54
N GLY D 416 -30.05 57.67 56.61
CA GLY D 416 -30.00 58.45 57.86
C GLY D 416 -28.62 58.42 58.51
N VAL D 417 -28.04 57.22 58.68
CA VAL D 417 -26.69 57.06 59.24
C VAL D 417 -25.62 57.66 58.31
N GLY D 418 -25.78 57.54 57.00
CA GLY D 418 -24.91 58.20 56.03
C GLY D 418 -24.95 59.72 56.17
N LEU D 419 -26.13 60.30 56.33
CA LEU D 419 -26.28 61.75 56.50
C LEU D 419 -25.76 62.28 57.84
N VAL D 420 -26.02 61.61 58.97
CA VAL D 420 -25.43 62.07 60.25
C VAL D 420 -23.90 61.97 60.25
N VAL D 421 -23.32 60.95 59.62
CA VAL D 421 -21.87 60.89 59.37
C VAL D 421 -21.41 62.01 58.43
N ALA D 422 -22.09 62.22 57.30
CA ALA D 422 -21.70 63.26 56.36
C ALA D 422 -21.76 64.67 56.97
N VAL D 423 -22.80 64.99 57.73
CA VAL D 423 -22.91 66.27 58.44
C VAL D 423 -21.83 66.39 59.51
N ALA D 424 -21.60 65.37 60.33
CA ALA D 424 -20.54 65.40 61.32
C ALA D 424 -19.15 65.62 60.68
N ALA D 425 -18.87 64.96 59.55
CA ALA D 425 -17.63 65.16 58.81
C ALA D 425 -17.54 66.56 58.19
N LEU D 426 -18.62 67.09 57.60
CA LEU D 426 -18.64 68.46 57.08
C LEU D 426 -18.39 69.49 58.19
N ILE D 427 -19.03 69.36 59.34
CA ILE D 427 -18.78 70.22 60.50
C ILE D 427 -17.31 70.15 60.89
N LEU D 428 -16.74 68.96 61.04
CA LEU D 428 -15.31 68.81 61.31
C LEU D 428 -14.45 69.51 60.25
N ILE D 429 -14.73 69.32 58.97
CA ILE D 429 -13.97 69.92 57.88
C ILE D 429 -14.04 71.46 57.92
N VAL D 430 -15.20 72.05 58.20
CA VAL D 430 -15.32 73.51 58.31
C VAL D 430 -14.49 74.03 59.49
N VAL D 431 -14.67 73.49 60.69
CA VAL D 431 -13.92 73.99 61.86
C VAL D 431 -12.44 73.70 61.74
N LEU D 432 -12.04 72.58 61.16
CA LEU D 432 -10.65 72.27 60.87
C LEU D 432 -10.06 73.27 59.87
N CYS D 433 -10.83 73.71 58.88
CA CYS D 433 -10.34 74.69 57.90
C CYS D 433 -10.17 76.10 58.51
N VAL D 434 -11.10 76.57 59.36
CA VAL D 434 -10.90 77.89 60.01
C VAL D 434 -9.88 77.86 61.15
N SER D 435 -9.68 76.73 61.82
CA SER D 435 -8.56 76.57 62.77
C SER D 435 -7.21 76.28 62.07
N PHE D 436 -7.22 75.92 60.79
CA PHE D 436 -6.04 75.99 59.92
C PHE D 436 -5.81 77.41 59.38
N SER D 437 -6.85 78.22 59.24
CA SER D 437 -6.79 79.65 58.86
C SER D 437 -6.27 80.58 59.98
N ARG D 438 -5.44 80.06 60.89
CA ARG D 438 -4.98 80.70 62.14
C ARG D 438 -3.52 80.35 62.43
N ASN E 1 31.71 -32.17 -29.70
CA ASN E 1 33.14 -31.79 -29.48
C ASN E 1 33.47 -31.88 -28.00
N PHE E 2 33.03 -30.94 -27.16
CA PHE E 2 33.33 -30.88 -25.73
C PHE E 2 32.50 -31.91 -24.92
N ASN E 3 32.63 -33.19 -25.25
CA ASN E 3 31.80 -34.29 -24.76
C ASN E 3 32.03 -34.65 -23.28
N VAL E 4 32.85 -33.90 -22.54
CA VAL E 4 32.98 -34.02 -21.08
C VAL E 4 31.63 -34.02 -20.34
N TYR E 5 30.62 -33.32 -20.85
CA TYR E 5 29.27 -33.38 -20.30
C TYR E 5 28.66 -34.79 -20.24
N LYS E 6 29.18 -35.76 -20.99
CA LYS E 6 28.70 -37.15 -20.96
C LYS E 6 28.72 -37.77 -19.57
N ALA E 7 29.65 -37.36 -18.73
CA ALA E 7 29.76 -37.86 -17.36
C ALA E 7 28.77 -37.23 -16.38
N ILE E 8 28.11 -36.11 -16.71
CA ILE E 8 27.47 -35.23 -15.72
C ILE E 8 26.04 -34.83 -16.12
N ARG E 9 25.09 -34.89 -15.17
CA ARG E 9 23.65 -34.68 -15.45
C ARG E 9 23.04 -33.47 -14.72
N PRO E 10 21.92 -32.91 -15.21
CA PRO E 10 21.21 -31.81 -14.55
C PRO E 10 20.79 -32.15 -13.13
N TYR E 11 20.18 -31.21 -12.42
CA TYR E 11 19.70 -31.43 -11.05
C TYR E 11 18.55 -30.49 -10.70
N LEU E 12 17.83 -30.80 -9.62
CA LEU E 12 16.80 -29.93 -9.05
C LEU E 12 17.34 -29.22 -7.82
N ALA E 13 17.09 -27.92 -7.71
CA ALA E 13 17.49 -27.13 -6.56
C ALA E 13 16.43 -26.09 -6.21
N HIS E 14 16.53 -25.56 -4.99
CA HIS E 14 15.52 -24.72 -4.38
C HIS E 14 15.45 -23.32 -5.00
N CYS E 15 14.33 -22.98 -5.64
CA CYS E 15 14.07 -21.66 -6.19
C CYS E 15 13.31 -20.79 -5.19
N PRO E 16 13.69 -19.52 -4.97
CA PRO E 16 12.99 -18.66 -4.05
C PRO E 16 11.60 -18.26 -4.55
N ASP E 17 11.38 -18.10 -5.86
CA ASP E 17 10.10 -17.62 -6.40
C ASP E 17 9.86 -18.08 -7.84
N CYS E 18 8.85 -18.92 -8.05
CA CYS E 18 8.45 -19.45 -9.35
C CYS E 18 7.32 -18.67 -10.05
N GLY E 19 7.19 -17.37 -9.80
CA GLY E 19 6.20 -16.48 -10.42
C GLY E 19 4.87 -16.39 -9.67
N GLU E 20 4.62 -17.34 -8.79
CA GLU E 20 3.45 -17.38 -7.91
C GLU E 20 3.73 -16.79 -6.52
N GLY E 21 5.00 -16.54 -6.17
CA GLY E 21 5.42 -16.19 -4.81
C GLY E 21 5.69 -17.39 -3.90
N HIS E 22 5.40 -18.61 -4.35
CA HIS E 22 5.80 -19.84 -3.67
C HIS E 22 7.27 -20.18 -3.95
N SER E 23 7.96 -20.82 -3.02
CA SER E 23 9.31 -21.36 -3.24
C SER E 23 9.25 -22.86 -3.47
N CYS E 24 10.02 -23.40 -4.41
CA CYS E 24 10.04 -24.85 -4.62
C CYS E 24 11.29 -25.32 -5.35
N HIS E 25 11.56 -26.63 -5.31
CA HIS E 25 12.59 -27.27 -6.12
C HIS E 25 12.22 -27.18 -7.59
N SER E 26 13.14 -26.84 -8.49
CA SER E 26 12.85 -26.78 -9.93
C SER E 26 14.08 -26.87 -10.81
N PRO E 27 13.94 -27.26 -12.09
CA PRO E 27 15.05 -27.50 -12.99
C PRO E 27 15.81 -26.26 -13.46
N VAL E 28 15.39 -25.06 -13.06
CA VAL E 28 15.97 -23.79 -13.50
C VAL E 28 16.44 -22.94 -12.34
N ALA E 29 16.85 -23.55 -11.23
CA ALA E 29 17.44 -22.78 -10.15
C ALA E 29 18.71 -22.10 -10.63
N LEU E 30 18.79 -20.79 -10.47
CA LEU E 30 19.99 -20.00 -10.70
C LEU E 30 21.00 -20.28 -9.59
N GLU E 31 22.25 -20.49 -9.95
CA GLU E 31 23.33 -20.72 -8.99
C GLU E 31 24.07 -19.45 -8.63
N ARG E 32 24.48 -18.72 -9.65
CA ARG E 32 25.30 -17.52 -9.55
C ARG E 32 25.13 -16.74 -10.84
N ILE E 33 24.96 -15.43 -10.71
CA ILE E 33 25.00 -14.50 -11.84
C ILE E 33 26.29 -13.71 -11.72
N ARG E 34 27.09 -13.62 -12.77
CA ARG E 34 28.27 -12.75 -12.77
C ARG E 34 28.20 -11.75 -13.91
N ASN E 35 28.72 -10.57 -13.63
CA ASN E 35 28.54 -9.35 -14.37
C ASN E 35 29.82 -8.53 -14.29
N GLU E 36 30.97 -9.16 -14.54
CA GLU E 36 32.27 -8.50 -14.59
C GLU E 36 32.45 -7.69 -15.87
N ALA E 37 31.79 -8.09 -16.96
CA ALA E 37 31.87 -7.42 -18.24
C ALA E 37 31.33 -5.99 -18.16
N THR E 38 32.19 -5.00 -18.36
CA THR E 38 31.81 -3.59 -18.27
C THR E 38 30.88 -3.15 -19.39
N ASP E 39 30.82 -3.86 -20.52
CA ASP E 39 29.84 -3.55 -21.55
C ASP E 39 28.40 -3.81 -21.08
N GLY E 40 28.20 -4.61 -20.04
CA GLY E 40 26.89 -4.92 -19.47
C GLY E 40 26.33 -6.29 -19.84
N THR E 41 27.01 -7.10 -20.62
CA THR E 41 26.64 -8.51 -20.85
C THR E 41 26.66 -9.29 -19.53
N LEU E 42 25.76 -10.25 -19.37
CA LEU E 42 25.58 -11.05 -18.16
C LEU E 42 25.98 -12.49 -18.44
N LYS E 43 26.69 -13.19 -17.54
CA LYS E 43 26.86 -14.65 -17.61
C LYS E 43 26.17 -15.31 -16.43
N ILE E 44 25.14 -16.07 -16.70
CA ILE E 44 24.20 -16.66 -15.73
C ILE E 44 24.47 -18.15 -15.64
N GLN E 45 24.61 -18.73 -14.45
CA GLN E 45 24.75 -20.18 -14.28
C GLN E 45 23.46 -20.78 -13.76
N VAL E 46 22.94 -21.81 -14.43
CA VAL E 46 21.64 -22.40 -14.16
C VAL E 46 21.71 -23.91 -14.08
N SER E 47 20.74 -24.56 -13.44
CA SER E 47 20.74 -26.02 -13.21
C SER E 47 20.49 -26.88 -14.44
N LEU E 48 19.88 -26.36 -15.50
CA LEU E 48 19.72 -27.04 -16.80
C LEU E 48 21.06 -27.44 -17.40
N GLN E 49 21.04 -28.18 -18.50
CA GLN E 49 22.15 -28.17 -19.46
C GLN E 49 21.63 -27.80 -20.85
N ILE E 50 22.20 -26.76 -21.47
CA ILE E 50 21.78 -26.23 -22.77
C ILE E 50 22.69 -26.76 -23.88
N GLY E 51 22.13 -27.09 -25.04
CA GLY E 51 22.91 -27.52 -26.20
C GLY E 51 23.33 -28.99 -26.20
N ILE E 52 22.70 -29.82 -25.39
CA ILE E 52 22.97 -31.25 -25.18
C ILE E 52 21.67 -31.96 -24.82
N LYS E 53 21.49 -33.21 -25.22
CA LYS E 53 20.24 -33.95 -24.93
C LYS E 53 20.44 -35.24 -24.15
N THR E 54 19.36 -35.92 -23.80
CA THR E 54 19.44 -37.28 -23.27
C THR E 54 19.98 -38.19 -24.37
N ASP E 55 20.85 -39.15 -24.05
CA ASP E 55 21.85 -39.78 -24.93
C ASP E 55 23.21 -39.08 -25.00
N ASP E 56 23.38 -37.92 -24.37
CA ASP E 56 24.66 -37.20 -24.25
C ASP E 56 25.28 -36.73 -25.57
N SER E 57 24.56 -36.77 -26.70
CA SER E 57 25.01 -36.05 -27.90
C SER E 57 24.83 -34.54 -27.76
N HIS E 58 25.82 -33.78 -28.23
CA HIS E 58 25.69 -32.33 -28.40
C HIS E 58 24.66 -32.02 -29.47
N ASP E 59 23.83 -31.02 -29.20
CA ASP E 59 22.67 -30.68 -30.02
C ASP E 59 22.24 -29.24 -29.77
N TRP E 60 22.68 -28.32 -30.63
CA TRP E 60 22.38 -26.90 -30.48
C TRP E 60 20.90 -26.52 -30.66
N THR E 61 20.01 -27.46 -30.94
CA THR E 61 18.55 -27.21 -30.98
C THR E 61 17.81 -27.84 -29.80
N LYS E 62 18.49 -28.45 -28.82
CA LYS E 62 17.83 -29.02 -27.64
C LYS E 62 18.53 -28.66 -26.34
N LEU E 63 17.83 -28.78 -25.23
CA LEU E 63 18.35 -28.64 -23.88
C LEU E 63 17.78 -29.76 -23.02
N ARG E 64 18.36 -30.04 -21.86
CA ARG E 64 17.88 -31.12 -20.99
C ARG E 64 17.79 -30.74 -19.52
N TYR E 65 16.88 -31.39 -18.82
CA TYR E 65 16.48 -31.06 -17.45
C TYR E 65 16.08 -32.31 -16.67
N MET E 66 16.03 -32.27 -15.34
CA MET E 66 15.50 -33.39 -14.55
C MET E 66 13.97 -33.44 -14.52
N ASP E 67 13.40 -34.61 -14.82
CA ASP E 67 12.06 -34.99 -14.41
C ASP E 67 12.18 -36.04 -13.29
N ASN E 68 11.90 -35.64 -12.05
CA ASN E 68 12.02 -36.50 -10.87
C ASN E 68 13.41 -37.16 -10.72
N HIS E 69 13.61 -38.36 -11.26
CA HIS E 69 14.87 -39.13 -11.21
C HIS E 69 15.58 -39.26 -12.55
N MET E 70 14.97 -38.87 -13.67
CA MET E 70 15.51 -39.11 -15.01
C MET E 70 15.62 -37.82 -15.80
N PRO E 71 16.73 -37.56 -16.51
CA PRO E 71 16.80 -36.43 -17.40
C PRO E 71 15.82 -36.56 -18.56
N ALA E 72 15.37 -35.44 -19.11
CA ALA E 72 14.46 -35.33 -20.24
C ALA E 72 14.80 -34.12 -21.10
N ASP E 73 14.25 -34.03 -22.32
CA ASP E 73 14.66 -33.03 -23.32
C ASP E 73 13.59 -31.95 -23.56
N ALA E 74 14.02 -30.76 -23.95
CA ALA E 74 13.14 -29.64 -24.33
C ALA E 74 13.75 -28.76 -25.42
N GLU E 75 12.93 -27.92 -26.03
CA GLU E 75 13.31 -27.06 -27.17
C GLU E 75 14.24 -25.90 -26.75
N ARG E 76 15.36 -25.70 -27.44
CA ARG E 76 16.19 -24.49 -27.26
C ARG E 76 15.43 -23.22 -27.63
N ALA E 77 14.45 -23.31 -28.52
CA ALA E 77 13.60 -22.18 -28.89
C ALA E 77 12.76 -21.61 -27.76
N ARG E 78 12.42 -22.42 -26.75
CA ARG E 78 11.47 -22.03 -25.68
C ARG E 78 12.15 -21.40 -24.46
N LEU E 79 13.47 -21.46 -24.36
CA LEU E 79 14.25 -20.84 -23.28
C LEU E 79 14.09 -19.32 -23.30
N PHE E 80 13.93 -18.67 -22.15
CA PHE E 80 13.83 -17.22 -22.06
C PHE E 80 14.49 -16.70 -20.80
N VAL E 81 14.85 -15.41 -20.82
CA VAL E 81 15.31 -14.69 -19.64
C VAL E 81 14.80 -13.26 -19.67
N ARG E 82 14.46 -12.69 -18.52
CA ARG E 82 13.90 -11.33 -18.39
C ARG E 82 14.47 -10.63 -17.18
N THR E 83 14.53 -9.30 -17.24
CA THR E 83 14.75 -8.47 -16.06
C THR E 83 13.50 -7.66 -15.80
N SER E 84 13.49 -6.34 -15.97
CA SER E 84 12.23 -5.59 -16.02
C SER E 84 11.46 -5.86 -17.32
N ALA E 85 12.16 -6.22 -18.39
CA ALA E 85 11.61 -6.52 -19.72
C ALA E 85 12.44 -7.65 -20.38
N PRO E 86 11.99 -8.27 -21.49
CA PRO E 86 12.63 -9.43 -22.09
C PRO E 86 14.07 -9.21 -22.51
N CYS E 87 14.96 -10.14 -22.21
CA CYS E 87 16.37 -10.07 -22.59
C CYS E 87 16.66 -10.72 -23.93
N THR E 88 17.84 -10.45 -24.49
CA THR E 88 18.36 -11.17 -25.64
C THR E 88 19.41 -12.17 -25.19
N ILE E 89 19.30 -13.43 -25.58
CA ILE E 89 20.29 -14.46 -25.27
C ILE E 89 21.33 -14.48 -26.39
N THR E 90 22.59 -14.20 -26.08
CA THR E 90 23.66 -14.11 -27.07
C THR E 90 24.54 -15.34 -27.13
N GLY E 91 24.43 -16.30 -26.20
CA GLY E 91 25.19 -17.54 -26.26
C GLY E 91 24.83 -18.50 -25.14
N THR E 92 24.92 -19.81 -25.38
CA THR E 92 24.55 -20.84 -24.41
C THR E 92 25.35 -22.12 -24.59
N MET E 93 25.93 -22.68 -23.53
CA MET E 93 26.30 -24.09 -23.50
C MET E 93 26.35 -24.62 -22.08
N GLY E 94 25.98 -25.88 -21.87
CA GLY E 94 26.11 -26.50 -20.55
C GLY E 94 25.27 -25.76 -19.53
N HIS E 95 25.83 -25.46 -18.38
CA HIS E 95 25.13 -24.72 -17.35
C HIS E 95 25.06 -23.20 -17.56
N PHE E 96 25.63 -22.64 -18.64
CA PHE E 96 25.85 -21.20 -18.74
C PHE E 96 25.06 -20.54 -19.85
N ILE E 97 24.53 -19.36 -19.58
CA ILE E 97 23.79 -18.52 -20.52
C ILE E 97 24.43 -17.13 -20.53
N LEU E 98 24.60 -16.55 -21.71
CA LEU E 98 24.97 -15.15 -21.90
C LEU E 98 23.75 -14.36 -22.29
N ALA E 99 23.51 -13.23 -21.65
CA ALA E 99 22.35 -12.41 -21.94
C ALA E 99 22.67 -10.92 -21.90
N ARG E 100 21.97 -10.14 -22.72
CA ARG E 100 21.97 -8.68 -22.69
C ARG E 100 20.62 -8.20 -22.19
N CYS E 101 20.61 -7.45 -21.10
CA CYS E 101 19.39 -7.19 -20.33
C CYS E 101 19.15 -5.69 -20.12
N PRO E 102 17.91 -5.21 -20.21
CA PRO E 102 17.56 -3.87 -19.77
C PRO E 102 17.63 -3.78 -18.25
N LYS E 103 17.90 -2.61 -17.68
CA LYS E 103 18.11 -2.46 -16.22
C LYS E 103 16.91 -2.92 -15.41
N GLY E 104 17.12 -3.38 -14.19
CA GLY E 104 16.03 -3.79 -13.30
C GLY E 104 16.49 -4.50 -12.04
N GLU E 105 15.55 -4.94 -11.23
CA GLU E 105 15.84 -5.38 -9.85
C GLU E 105 15.69 -6.88 -9.62
N THR E 106 15.22 -7.63 -10.61
CA THR E 106 15.08 -9.07 -10.49
C THR E 106 15.31 -9.76 -11.82
N LEU E 107 16.08 -10.84 -11.81
CA LEU E 107 16.41 -11.62 -13.00
C LEU E 107 15.62 -12.91 -12.97
N THR E 108 14.98 -13.27 -14.07
CA THR E 108 14.24 -14.52 -14.15
C THR E 108 14.59 -15.30 -15.40
N VAL E 109 14.72 -16.60 -15.26
CA VAL E 109 15.09 -17.55 -16.31
C VAL E 109 14.03 -18.62 -16.34
N GLY E 110 13.61 -19.06 -17.52
CA GLY E 110 12.59 -20.10 -17.63
C GLY E 110 12.54 -20.77 -18.98
N PHE E 111 11.72 -21.80 -19.13
CA PHE E 111 11.53 -22.55 -20.37
C PHE E 111 10.19 -23.27 -20.38
N THR E 112 9.74 -23.73 -21.55
CA THR E 112 8.58 -24.63 -21.70
C THR E 112 9.09 -26.05 -21.90
N ASP E 113 8.56 -27.00 -21.15
CA ASP E 113 9.04 -28.37 -21.16
C ASP E 113 8.29 -29.28 -22.17
N GLY E 114 8.67 -30.56 -22.25
CA GLY E 114 8.07 -31.52 -23.20
C GLY E 114 6.57 -31.79 -23.03
N ARG E 115 5.94 -31.46 -21.91
CA ARG E 115 4.48 -31.58 -21.71
C ARG E 115 3.75 -30.26 -21.97
N LYS E 116 4.45 -29.20 -22.36
CA LYS E 116 3.97 -27.81 -22.31
C LYS E 116 3.81 -27.26 -20.89
N ILE E 117 4.45 -27.83 -19.86
CA ILE E 117 4.58 -27.13 -18.57
C ILE E 117 5.51 -25.93 -18.77
N SER E 118 5.32 -24.83 -18.03
CA SER E 118 6.27 -23.71 -18.01
C SER E 118 6.97 -23.60 -16.67
N HIS E 119 8.29 -23.57 -16.66
CA HIS E 119 9.08 -23.46 -15.44
C HIS E 119 9.87 -22.16 -15.40
N SER E 120 10.06 -21.58 -14.23
CA SER E 120 10.87 -20.38 -14.07
C SER E 120 11.42 -20.23 -12.65
N CYS E 121 12.45 -19.40 -12.50
CA CYS E 121 13.02 -19.00 -11.21
C CYS E 121 13.36 -17.51 -11.23
N THR E 122 13.37 -16.82 -10.10
CA THR E 122 13.27 -15.35 -10.04
C THR E 122 14.06 -14.78 -8.89
N HIS E 123 15.39 -14.79 -8.99
CA HIS E 123 16.24 -14.19 -7.95
C HIS E 123 16.09 -12.67 -7.88
N PRO E 124 16.28 -12.06 -6.71
CA PRO E 124 16.52 -10.63 -6.62
C PRO E 124 17.91 -10.35 -7.19
N PHE E 125 18.05 -9.34 -8.03
CA PHE E 125 19.32 -9.03 -8.68
C PHE E 125 19.33 -7.61 -9.22
N HIS E 126 20.11 -6.73 -8.60
CA HIS E 126 20.21 -5.35 -9.05
C HIS E 126 21.10 -5.25 -10.29
N HIS E 127 20.50 -5.15 -11.47
CA HIS E 127 21.22 -4.98 -12.72
C HIS E 127 21.16 -3.54 -13.18
N ASP E 128 22.30 -2.87 -13.16
CA ASP E 128 22.49 -1.53 -13.69
C ASP E 128 23.93 -1.41 -14.20
N PRO E 129 24.20 -1.66 -15.49
CA PRO E 129 25.57 -1.78 -15.97
C PRO E 129 26.29 -0.43 -15.83
N PRO E 130 27.53 -0.40 -15.33
CA PRO E 130 28.30 0.84 -15.23
C PRO E 130 28.38 1.56 -16.57
N VAL E 131 28.44 2.88 -16.54
CA VAL E 131 28.52 3.70 -17.75
C VAL E 131 29.92 3.66 -18.37
N ILE E 132 30.01 3.66 -19.70
CA ILE E 132 31.29 3.75 -20.40
C ILE E 132 31.51 5.18 -20.89
N GLY E 133 32.61 5.78 -20.50
CA GLY E 133 32.89 7.17 -20.83
C GLY E 133 32.04 8.13 -20.00
N ARG E 134 31.65 9.25 -20.61
CA ARG E 134 31.12 10.43 -19.89
C ARG E 134 29.65 10.72 -20.18
N GLU E 135 28.97 9.87 -20.90
CA GLU E 135 27.57 10.02 -21.27
C GLU E 135 26.79 8.76 -20.91
N LYS E 136 25.65 8.86 -20.26
CA LYS E 136 24.75 7.72 -20.02
C LYS E 136 23.87 7.58 -21.25
N PHE E 137 23.77 6.40 -21.87
CA PHE E 137 23.07 6.25 -23.15
C PHE E 137 22.45 4.88 -23.32
N HIS E 138 21.46 4.76 -24.22
CA HIS E 138 20.52 3.65 -24.19
C HIS E 138 20.52 2.73 -25.41
N SER E 139 21.18 3.11 -26.50
CA SER E 139 21.45 2.23 -27.63
C SER E 139 22.75 2.65 -28.28
N ARG E 140 23.52 1.75 -28.89
CA ARG E 140 24.72 2.19 -29.60
C ARG E 140 24.33 3.14 -30.73
N PRO E 141 25.00 4.28 -30.91
CA PRO E 141 24.67 5.25 -31.92
C PRO E 141 25.21 4.83 -33.28
N GLN E 142 24.80 5.47 -34.37
CA GLN E 142 25.48 5.28 -35.63
C GLN E 142 26.90 5.84 -35.56
N HIS E 143 27.01 7.13 -35.26
CA HIS E 143 28.23 7.91 -35.24
C HIS E 143 28.67 8.19 -33.82
N GLY E 144 29.94 7.97 -33.51
CA GLY E 144 30.45 8.06 -32.15
C GLY E 144 31.95 7.88 -32.13
N ARG E 145 32.50 7.46 -30.99
CA ARG E 145 33.89 7.04 -30.91
C ARG E 145 34.06 5.76 -30.12
N GLU E 146 35.20 5.09 -30.27
CA GLU E 146 35.42 3.76 -29.71
C GLU E 146 36.22 3.88 -28.42
N LEU E 147 35.72 3.30 -27.32
CA LEU E 147 36.38 3.28 -26.02
C LEU E 147 36.66 1.83 -25.58
N PRO E 148 37.68 1.59 -24.76
CA PRO E 148 37.97 0.27 -24.23
C PRO E 148 36.93 -0.16 -23.21
N CYS E 149 36.54 -1.43 -23.25
CA CYS E 149 35.62 -2.05 -22.29
C CYS E 149 35.86 -3.56 -22.27
N SER E 150 34.96 -4.36 -21.70
CA SER E 150 35.15 -5.80 -21.55
C SER E 150 33.84 -6.56 -21.63
N THR E 151 33.90 -7.76 -22.21
CA THR E 151 32.74 -8.53 -22.68
C THR E 151 33.03 -10.01 -22.50
N TYR E 152 32.02 -10.85 -22.25
CA TYR E 152 32.24 -12.30 -22.32
C TYR E 152 32.31 -12.71 -23.79
N ALA E 153 33.47 -13.21 -24.23
CA ALA E 153 33.66 -13.63 -25.61
C ALA E 153 32.73 -14.80 -25.93
N GLN E 154 32.16 -14.85 -27.13
CA GLN E 154 31.15 -15.87 -27.42
C GLN E 154 31.72 -17.28 -27.69
N SER E 155 33.03 -17.47 -27.74
CA SER E 155 33.62 -18.78 -28.00
C SER E 155 33.39 -19.76 -26.84
N THR E 156 33.06 -21.01 -27.16
CA THR E 156 32.80 -22.05 -26.17
C THR E 156 34.03 -22.90 -25.81
N ALA E 157 35.20 -22.59 -26.35
CA ALA E 157 36.42 -23.37 -26.11
C ALA E 157 36.77 -23.46 -24.61
N ALA E 158 37.25 -24.62 -24.18
CA ALA E 158 37.71 -24.85 -22.82
C ALA E 158 38.79 -23.84 -22.46
N THR E 159 38.56 -23.03 -21.42
CA THR E 159 39.42 -21.89 -21.10
C THR E 159 39.49 -21.66 -19.60
N ALA E 160 40.69 -21.76 -19.02
CA ALA E 160 41.02 -21.36 -17.65
C ALA E 160 40.09 -21.95 -16.56
N GLU E 161 39.12 -21.19 -16.06
CA GLU E 161 38.37 -21.50 -14.84
C GLU E 161 37.56 -22.81 -14.91
N GLU E 162 37.55 -23.54 -13.81
CA GLU E 162 36.85 -24.82 -13.69
C GLU E 162 35.69 -24.80 -12.70
N ILE E 163 34.70 -25.65 -12.96
CA ILE E 163 33.61 -26.00 -12.06
C ILE E 163 33.89 -27.40 -11.49
N GLU E 164 33.76 -27.55 -10.16
CA GLU E 164 33.98 -28.82 -9.47
C GLU E 164 32.79 -29.76 -9.62
N VAL E 165 33.03 -31.06 -9.79
CA VAL E 165 31.96 -32.03 -10.06
C VAL E 165 32.09 -33.32 -9.22
N HIS E 166 30.97 -33.79 -8.70
CA HIS E 166 30.84 -34.66 -7.52
C HIS E 166 29.83 -35.78 -7.75
N MET E 167 29.83 -36.76 -6.86
CA MET E 167 28.68 -37.67 -6.72
C MET E 167 27.45 -36.88 -6.30
N PRO E 168 26.27 -37.10 -6.89
CA PRO E 168 25.01 -36.70 -6.29
C PRO E 168 24.82 -37.33 -4.91
N PRO E 169 24.08 -36.71 -3.98
CA PRO E 169 23.65 -37.37 -2.76
C PRO E 169 22.55 -38.40 -3.03
N ASP E 170 22.24 -39.24 -2.06
CA ASP E 170 21.08 -40.13 -2.12
C ASP E 170 19.78 -39.30 -2.18
N THR E 171 19.06 -39.32 -3.30
CA THR E 171 17.85 -38.51 -3.46
C THR E 171 16.66 -39.22 -2.84
N PRO E 172 16.05 -38.71 -1.74
CA PRO E 172 14.90 -39.34 -1.14
C PRO E 172 13.69 -39.22 -2.04
N ASP E 173 12.81 -40.22 -2.01
CA ASP E 173 11.50 -40.18 -2.65
C ASP E 173 10.57 -41.17 -1.94
N ARG E 174 9.60 -40.67 -1.19
CA ARG E 174 8.66 -41.53 -0.46
C ARG E 174 7.89 -42.49 -1.35
N THR E 175 7.71 -42.18 -2.63
CA THR E 175 6.99 -43.03 -3.58
C THR E 175 7.81 -44.22 -4.06
N LEU E 176 9.05 -44.39 -3.59
CA LEU E 176 9.75 -45.68 -3.67
C LEU E 176 9.11 -46.75 -2.77
N MET E 177 8.20 -46.39 -1.86
CA MET E 177 7.54 -47.31 -0.93
C MET E 177 6.04 -47.36 -1.18
N SER E 178 5.43 -48.53 -1.00
CA SER E 178 3.97 -48.66 -0.97
C SER E 178 3.51 -49.61 0.15
N GLN E 179 2.43 -49.22 0.83
CA GLN E 179 1.79 -49.99 1.89
C GLN E 179 0.92 -51.11 1.29
N GLN E 180 0.96 -52.30 1.88
CA GLN E 180 0.05 -53.40 1.57
C GLN E 180 -0.31 -54.22 2.83
N SER E 181 -1.44 -53.87 3.43
CA SER E 181 -2.13 -54.57 4.54
C SER E 181 -1.36 -54.71 5.86
N GLY E 182 -0.33 -53.90 6.09
CA GLY E 182 0.60 -54.01 7.21
C GLY E 182 2.02 -54.38 6.80
N ASN E 183 2.39 -54.21 5.53
CA ASN E 183 3.69 -54.54 4.96
C ASN E 183 4.10 -53.41 4.00
N VAL E 184 5.40 -53.21 3.79
CA VAL E 184 5.90 -52.17 2.88
C VAL E 184 6.69 -52.82 1.76
N LYS E 185 6.29 -52.61 0.49
CA LYS E 185 7.12 -52.98 -0.65
C LYS E 185 7.91 -51.78 -1.14
N ILE E 186 9.16 -51.99 -1.53
CA ILE E 186 10.10 -50.92 -1.90
C ILE E 186 10.34 -50.95 -3.43
N THR E 187 9.33 -50.55 -4.19
CA THR E 187 9.28 -50.63 -5.66
C THR E 187 10.49 -49.98 -6.30
N VAL E 188 11.26 -50.74 -7.08
CA VAL E 188 12.67 -50.42 -7.37
C VAL E 188 12.94 -49.73 -8.72
N ASN E 189 12.02 -49.80 -9.68
CA ASN E 189 12.07 -49.07 -10.96
C ASN E 189 13.45 -49.07 -11.64
N SER E 190 14.13 -50.23 -11.68
CA SER E 190 15.43 -50.44 -12.34
C SER E 190 16.64 -49.67 -11.78
N GLN E 191 16.60 -49.18 -10.54
CA GLN E 191 17.75 -48.46 -9.93
C GLN E 191 17.91 -48.74 -8.43
N THR E 192 19.14 -48.82 -7.92
CA THR E 192 19.38 -49.26 -6.55
C THR E 192 18.82 -48.29 -5.52
N VAL E 193 18.08 -48.81 -4.56
CA VAL E 193 17.50 -48.04 -3.45
C VAL E 193 18.26 -48.35 -2.17
N ARG E 194 18.69 -47.33 -1.43
CA ARG E 194 19.00 -47.47 -0.01
C ARG E 194 17.70 -47.39 0.76
N TYR E 195 17.48 -48.27 1.74
CA TYR E 195 16.30 -48.21 2.59
C TYR E 195 16.65 -48.37 4.07
N LYS E 196 15.76 -47.94 4.95
CA LYS E 196 15.90 -48.01 6.40
C LYS E 196 14.53 -48.20 7.04
N CYS E 197 14.44 -48.87 8.18
CA CYS E 197 13.21 -48.98 8.94
C CYS E 197 13.50 -49.11 10.45
N ASN E 198 12.60 -48.63 11.30
CA ASN E 198 12.78 -48.68 12.76
C ASN E 198 11.81 -49.65 13.48
N CYS E 199 11.06 -50.49 12.74
CA CYS E 199 10.04 -51.36 13.32
C CYS E 199 10.11 -52.81 12.83
N GLY E 200 9.98 -53.07 11.52
CA GLY E 200 9.76 -54.42 10.99
C GLY E 200 10.92 -55.37 11.30
N ASP E 201 12.13 -54.87 11.09
CA ASP E 201 13.40 -55.38 11.64
C ASP E 201 14.44 -54.26 11.54
N SER E 202 15.59 -54.41 12.17
CA SER E 202 16.71 -53.43 12.10
C SER E 202 17.45 -53.40 10.75
N ASN E 203 16.81 -53.83 9.65
CA ASN E 203 17.45 -53.89 8.34
C ASN E 203 17.51 -52.50 7.64
N GLU E 204 18.63 -52.26 6.95
CA GLU E 204 19.01 -50.95 6.43
C GLU E 204 19.76 -51.06 5.08
N GLY E 205 19.41 -52.06 4.28
CA GLY E 205 20.22 -52.48 3.15
C GLY E 205 20.13 -51.61 1.88
N LEU E 206 20.97 -51.94 0.92
CA LEU E 206 20.68 -51.69 -0.49
C LEU E 206 19.61 -52.69 -0.96
N THR E 207 18.94 -52.38 -2.08
CA THR E 207 18.22 -53.38 -2.87
C THR E 207 18.23 -53.02 -4.35
N THR E 208 18.19 -54.03 -5.21
CA THR E 208 17.91 -53.88 -6.67
C THR E 208 16.66 -54.68 -7.07
N THR E 209 15.90 -55.17 -6.09
CA THR E 209 14.60 -55.85 -6.27
C THR E 209 13.52 -55.17 -5.42
N ASP E 210 12.28 -55.23 -5.87
CA ASP E 210 11.11 -54.64 -5.20
C ASP E 210 10.67 -55.48 -4.00
N LYS E 211 11.58 -55.63 -3.03
CA LYS E 211 11.41 -56.46 -1.82
C LYS E 211 10.40 -55.91 -0.83
N VAL E 212 10.08 -56.72 0.18
CA VAL E 212 9.03 -56.43 1.17
C VAL E 212 9.59 -56.42 2.59
N ILE E 213 9.03 -55.54 3.43
CA ILE E 213 9.21 -55.45 4.89
C ILE E 213 7.86 -55.78 5.55
N ASN E 214 7.84 -56.47 6.70
CA ASN E 214 6.60 -57.00 7.31
C ASN E 214 6.27 -56.39 8.68
N ASN E 215 4.97 -56.27 8.98
CA ASN E 215 4.41 -55.59 10.15
C ASN E 215 4.93 -54.15 10.34
N CYS E 216 4.66 -53.27 9.38
CA CYS E 216 5.17 -51.90 9.38
C CYS E 216 4.21 -50.87 8.76
N LYS E 217 4.22 -49.65 9.31
CA LYS E 217 3.60 -48.46 8.69
C LYS E 217 4.61 -47.83 7.73
N VAL E 218 4.16 -47.19 6.67
CA VAL E 218 5.08 -46.69 5.63
C VAL E 218 6.00 -45.60 6.17
N ASP E 219 5.51 -44.74 7.07
CA ASP E 219 6.31 -43.68 7.69
C ASP E 219 7.24 -44.16 8.82
N GLN E 220 7.22 -45.45 9.18
CA GLN E 220 8.27 -46.09 9.97
C GLN E 220 9.45 -46.57 9.09
N CYS E 221 9.39 -46.33 7.78
CA CYS E 221 10.36 -46.74 6.79
C CYS E 221 10.79 -45.54 5.91
N HIS E 222 11.96 -45.62 5.29
CA HIS E 222 12.57 -44.54 4.52
C HIS E 222 13.39 -45.10 3.36
N ALA E 223 13.48 -44.36 2.25
CA ALA E 223 14.13 -44.81 1.03
C ALA E 223 14.76 -43.66 0.23
N ALA E 224 15.86 -43.92 -0.47
CA ALA E 224 16.47 -42.99 -1.41
C ALA E 224 17.17 -43.73 -2.56
N VAL E 225 17.12 -43.21 -3.79
CA VAL E 225 17.95 -43.75 -4.88
C VAL E 225 19.40 -43.43 -4.57
N THR E 226 20.29 -44.42 -4.59
CA THR E 226 21.64 -44.31 -4.00
C THR E 226 22.79 -44.70 -4.91
N ASN E 227 22.57 -45.56 -5.90
CA ASN E 227 23.58 -45.88 -6.89
C ASN E 227 23.54 -44.82 -7.98
N HIS E 228 24.60 -44.02 -8.12
CA HIS E 228 24.71 -43.00 -9.16
C HIS E 228 26.00 -43.15 -9.96
N LYS E 229 25.85 -43.34 -11.27
CA LYS E 229 26.94 -43.31 -12.26
C LYS E 229 27.30 -41.88 -12.65
N LYS E 230 26.29 -41.08 -12.99
CA LYS E 230 26.43 -39.70 -13.47
C LYS E 230 26.90 -38.77 -12.34
N TRP E 231 27.88 -37.92 -12.62
CA TRP E 231 28.33 -36.84 -11.75
C TRP E 231 27.36 -35.64 -11.77
N GLN E 232 27.61 -34.63 -10.94
CA GLN E 232 26.82 -33.40 -10.81
C GLN E 232 27.69 -32.23 -10.35
N TYR E 233 27.34 -30.97 -10.62
CA TYR E 233 28.02 -29.81 -10.03
C TYR E 233 27.78 -29.74 -8.52
N ASN E 234 28.76 -29.37 -7.72
CA ASN E 234 28.64 -29.37 -6.25
C ASN E 234 27.96 -28.10 -5.69
N SER E 235 26.77 -27.74 -6.19
CA SER E 235 26.07 -26.52 -5.82
C SER E 235 25.94 -26.27 -4.31
N PRO E 236 25.98 -25.03 -3.84
CA PRO E 236 25.86 -24.70 -2.43
C PRO E 236 24.44 -24.88 -1.86
N LEU E 237 23.54 -25.54 -2.59
CA LEU E 237 22.18 -25.83 -2.17
C LEU E 237 21.70 -27.22 -2.60
N VAL E 238 22.62 -28.17 -2.72
CA VAL E 238 22.36 -29.61 -2.79
C VAL E 238 23.31 -30.29 -1.80
N PRO E 239 22.86 -31.22 -0.93
CA PRO E 239 23.73 -31.82 0.08
C PRO E 239 24.91 -32.58 -0.51
N ARG E 240 26.05 -32.55 0.18
CA ARG E 240 27.27 -33.31 -0.14
C ARG E 240 27.01 -34.80 -0.04
N ASN E 241 27.57 -35.62 -0.93
CA ASN E 241 27.32 -37.06 -0.92
C ASN E 241 27.95 -37.72 0.32
N ALA E 242 29.27 -37.74 0.37
CA ALA E 242 30.01 -38.35 1.45
C ALA E 242 30.05 -37.44 2.69
N GLU E 243 30.21 -38.06 3.85
CA GLU E 243 30.37 -37.36 5.11
C GLU E 243 31.76 -36.74 5.24
N LEU E 244 31.86 -35.53 5.79
CA LEU E 244 33.10 -34.77 5.85
C LEU E 244 33.70 -34.55 4.44
N GLY E 245 34.82 -35.21 4.10
CA GLY E 245 35.42 -35.13 2.76
C GLY E 245 34.58 -35.83 1.69
N ASP E 246 34.74 -35.45 0.43
CA ASP E 246 34.00 -36.00 -0.71
C ASP E 246 34.84 -36.02 -2.01
N ARG E 247 34.28 -36.58 -3.08
CA ARG E 247 34.87 -36.62 -4.43
C ARG E 247 35.35 -35.25 -4.92
N LYS E 248 36.14 -35.23 -5.99
CA LYS E 248 36.33 -34.06 -6.84
C LYS E 248 36.55 -34.48 -8.29
N GLY E 249 36.45 -33.51 -9.18
CA GLY E 249 36.68 -33.56 -10.63
C GLY E 249 36.44 -32.16 -11.19
N LYS E 250 36.75 -31.87 -12.44
CA LYS E 250 36.73 -30.51 -12.97
C LYS E 250 36.21 -30.43 -14.39
N VAL E 251 35.53 -29.34 -14.72
CA VAL E 251 35.11 -29.00 -16.10
C VAL E 251 35.44 -27.54 -16.43
N HIS E 252 36.07 -27.28 -17.56
CA HIS E 252 36.45 -25.94 -18.00
C HIS E 252 35.27 -25.18 -18.62
N ILE E 253 34.89 -24.07 -18.03
CA ILE E 253 33.64 -23.38 -18.38
C ILE E 253 33.77 -22.47 -19.61
N PRO E 254 32.70 -22.30 -20.39
CA PRO E 254 32.72 -21.49 -21.60
C PRO E 254 32.71 -20.00 -21.30
N PHE E 255 32.82 -19.20 -22.36
CA PHE E 255 32.63 -17.76 -22.38
C PHE E 255 33.60 -17.00 -21.49
N PRO E 256 34.88 -16.92 -21.87
CA PRO E 256 35.88 -16.22 -21.11
C PRO E 256 35.75 -14.72 -21.28
N LEU E 257 36.05 -13.95 -20.24
CA LEU E 257 36.00 -12.49 -20.28
C LEU E 257 37.14 -11.95 -21.12
N ALA E 258 36.91 -11.00 -22.02
CA ALA E 258 37.91 -10.45 -22.91
C ALA E 258 37.77 -8.93 -23.09
N ASN E 259 38.87 -8.21 -23.26
CA ASN E 259 38.83 -6.78 -23.53
C ASN E 259 38.61 -6.49 -25.02
N VAL E 260 37.83 -5.46 -25.32
CA VAL E 260 37.38 -5.10 -26.67
C VAL E 260 36.86 -3.66 -26.67
N THR E 261 36.75 -3.01 -27.82
CA THR E 261 36.14 -1.67 -27.89
C THR E 261 34.63 -1.74 -27.91
N CYS E 262 33.95 -0.67 -27.48
CA CYS E 262 32.56 -0.43 -27.80
C CYS E 262 32.35 1.04 -28.19
N ARG E 263 31.26 1.34 -28.88
CA ARG E 263 31.02 2.66 -29.46
C ARG E 263 30.17 3.49 -28.52
N VAL E 264 30.62 4.70 -28.22
CA VAL E 264 29.87 5.67 -27.40
C VAL E 264 29.51 6.88 -28.23
N PRO E 265 28.38 7.55 -27.97
CA PRO E 265 28.01 8.77 -28.67
C PRO E 265 28.91 9.92 -28.28
N LYS E 266 28.92 10.97 -29.11
CA LYS E 266 29.55 12.26 -28.83
C LYS E 266 28.45 13.32 -28.72
N ALA E 267 28.34 14.05 -27.61
CA ALA E 267 27.34 15.09 -27.47
C ALA E 267 27.46 16.21 -28.52
N ARG E 268 26.34 16.87 -28.82
CA ARG E 268 26.19 17.92 -29.84
C ARG E 268 27.08 19.12 -29.54
N ASN E 269 27.50 19.88 -30.54
CA ASN E 269 28.28 21.10 -30.31
C ASN E 269 27.48 22.09 -29.45
N PRO E 270 28.03 22.68 -28.40
CA PRO E 270 27.34 23.68 -27.63
C PRO E 270 27.33 24.99 -28.38
N THR E 271 26.29 25.80 -28.26
CA THR E 271 26.30 27.17 -28.79
C THR E 271 27.07 28.04 -27.81
N VAL E 272 28.21 28.61 -28.20
CA VAL E 272 29.07 29.39 -27.29
C VAL E 272 29.08 30.85 -27.66
N THR E 273 29.15 31.73 -26.68
CA THR E 273 29.36 33.15 -26.92
C THR E 273 30.13 33.80 -25.78
N TYR E 274 30.87 34.87 -26.03
CA TYR E 274 31.94 35.32 -25.16
C TYR E 274 31.60 36.61 -24.42
N GLY E 275 31.82 36.64 -23.12
CA GLY E 275 31.78 37.84 -22.32
C GLY E 275 33.17 38.21 -21.82
N LYS E 276 33.31 39.38 -21.20
CA LYS E 276 34.58 39.79 -20.59
C LYS E 276 34.96 38.81 -19.49
N ASN E 277 36.04 38.06 -19.67
CA ASN E 277 36.44 36.92 -18.83
C ASN E 277 35.42 35.80 -18.70
N GLN E 278 34.52 35.58 -19.65
CA GLN E 278 33.54 34.48 -19.60
C GLN E 278 33.34 33.77 -20.91
N VAL E 279 33.10 32.47 -20.86
CA VAL E 279 32.34 31.78 -21.89
C VAL E 279 30.94 31.56 -21.38
N ILE E 280 29.96 31.86 -22.22
CA ILE E 280 28.56 31.55 -22.01
C ILE E 280 28.28 30.36 -22.91
N MET E 281 27.81 29.24 -22.40
CA MET E 281 27.60 28.03 -23.20
C MET E 281 26.19 27.54 -23.04
N LEU E 282 25.52 27.26 -24.14
CA LEU E 282 24.18 26.70 -24.15
C LEU E 282 24.29 25.25 -24.59
N LEU E 283 23.90 24.30 -23.73
CA LEU E 283 24.20 22.88 -23.89
C LEU E 283 22.97 22.08 -24.29
N TYR E 284 23.09 21.16 -25.24
CA TYR E 284 21.97 20.35 -25.72
C TYR E 284 22.16 18.85 -25.45
N PRO E 285 22.03 18.36 -24.22
CA PRO E 285 22.16 16.95 -23.95
C PRO E 285 20.99 16.17 -24.55
N ASP E 286 21.27 15.07 -25.25
CA ASP E 286 20.25 14.10 -25.63
C ASP E 286 19.87 13.16 -24.47
N HIS E 287 20.80 12.96 -23.55
CA HIS E 287 20.78 12.04 -22.42
C HIS E 287 21.79 12.52 -21.38
N PRO E 288 21.76 12.06 -20.12
CA PRO E 288 22.61 12.61 -19.07
C PRO E 288 24.09 12.63 -19.45
N THR E 289 24.66 13.82 -19.51
CA THR E 289 26.01 14.05 -20.04
C THR E 289 26.85 14.79 -19.01
N LEU E 290 28.10 14.39 -18.79
CA LEU E 290 28.98 15.06 -17.85
C LEU E 290 29.62 16.29 -18.48
N LEU E 291 29.53 17.44 -17.84
CA LEU E 291 30.35 18.61 -18.12
C LEU E 291 31.42 18.68 -17.05
N SER E 292 32.69 18.86 -17.39
CA SER E 292 33.75 19.16 -16.43
C SER E 292 34.60 20.29 -16.92
N TYR E 293 35.20 21.04 -16.03
CA TYR E 293 36.17 22.07 -16.39
C TYR E 293 37.21 22.30 -15.33
N ARG E 294 38.37 22.80 -15.71
CA ARG E 294 39.47 23.15 -14.80
C ARG E 294 40.21 24.37 -15.28
N ASN E 295 40.85 25.10 -14.38
CA ASN E 295 41.86 26.08 -14.77
C ASN E 295 43.09 25.35 -15.29
N MET E 296 43.83 25.92 -16.23
CA MET E 296 45.13 25.38 -16.64
C MET E 296 46.30 25.97 -15.85
N GLY E 297 46.03 26.50 -14.66
CA GLY E 297 47.01 27.11 -13.77
C GLY E 297 47.47 26.20 -12.63
N GLU E 298 48.07 26.78 -11.60
CA GLU E 298 48.58 26.06 -10.44
C GLU E 298 47.47 25.50 -9.55
N GLU E 299 46.36 26.22 -9.43
CA GLU E 299 45.18 25.83 -8.66
C GLU E 299 44.08 25.40 -9.64
N PRO E 300 43.89 24.10 -9.91
CA PRO E 300 43.06 23.66 -11.01
C PRO E 300 41.58 23.85 -10.78
N ASN E 301 41.13 23.87 -9.52
CA ASN E 301 39.76 24.18 -9.14
C ASN E 301 38.71 23.36 -9.93
N TYR E 302 38.91 22.05 -10.01
CA TYR E 302 38.08 21.18 -10.84
C TYR E 302 36.63 21.17 -10.39
N GLN E 303 35.70 21.22 -11.33
CA GLN E 303 34.26 21.12 -11.06
C GLN E 303 33.55 20.36 -12.17
N GLU E 304 32.43 19.74 -11.85
CA GLU E 304 31.68 18.94 -12.82
C GLU E 304 30.20 18.88 -12.46
N GLU E 305 29.35 18.55 -13.41
CA GLU E 305 27.93 18.28 -13.17
C GLU E 305 27.35 17.44 -14.30
N TRP E 306 26.49 16.47 -13.99
CA TRP E 306 25.68 15.86 -15.03
C TRP E 306 24.60 16.84 -15.44
N VAL E 307 24.50 17.18 -16.72
CA VAL E 307 23.35 17.91 -17.25
C VAL E 307 22.42 16.93 -17.93
N THR E 308 21.13 17.08 -17.71
CA THR E 308 20.10 16.12 -18.11
C THR E 308 19.05 16.72 -19.02
N HIS E 309 18.98 18.04 -19.11
CA HIS E 309 18.11 18.82 -19.98
C HIS E 309 18.86 20.08 -20.44
N LYS E 310 18.40 20.73 -21.51
CA LYS E 310 19.00 21.97 -22.03
C LYS E 310 19.30 22.96 -20.92
N LYS E 311 20.47 23.60 -20.93
CA LYS E 311 20.93 24.52 -19.88
C LYS E 311 21.89 25.57 -20.40
N GLU E 312 22.02 26.70 -19.71
CA GLU E 312 23.08 27.69 -19.95
C GLU E 312 24.07 27.76 -18.78
N ILE E 313 25.36 27.75 -19.08
CA ILE E 313 26.44 27.83 -18.10
C ILE E 313 27.23 29.11 -18.34
N ARG E 314 27.80 29.72 -17.30
CA ARG E 314 28.72 30.85 -17.45
C ARG E 314 29.98 30.56 -16.67
N LEU E 315 31.10 30.32 -17.34
CA LEU E 315 32.34 29.92 -16.69
C LEU E 315 33.27 31.11 -16.67
N THR E 316 33.85 31.45 -15.53
CA THR E 316 34.86 32.51 -15.49
C THR E 316 36.17 31.96 -16.02
N VAL E 317 36.74 32.60 -17.03
CA VAL E 317 37.99 32.16 -17.68
C VAL E 317 39.15 32.94 -17.09
N PRO E 318 40.05 32.34 -16.31
CA PRO E 318 41.13 33.05 -15.65
C PRO E 318 42.28 33.31 -16.60
N THR E 319 43.24 34.14 -16.22
CA THR E 319 44.43 34.45 -17.05
C THR E 319 45.17 33.23 -17.55
N GLU E 320 45.25 32.17 -16.76
CA GLU E 320 45.93 30.93 -17.13
C GLU E 320 45.20 30.15 -18.23
N GLY E 321 43.92 30.42 -18.42
CA GLY E 321 43.03 29.73 -19.35
C GLY E 321 42.18 28.66 -18.69
N LEU E 322 41.09 28.30 -19.34
CA LEU E 322 40.11 27.30 -18.89
C LEU E 322 40.05 26.16 -19.89
N GLU E 323 39.99 24.93 -19.41
CA GLU E 323 39.74 23.76 -20.23
C GLU E 323 38.36 23.21 -19.91
N VAL E 324 37.49 23.05 -20.88
CA VAL E 324 36.11 22.58 -20.70
C VAL E 324 35.91 21.32 -21.51
N THR E 325 35.51 20.23 -20.89
CA THR E 325 35.30 18.97 -21.59
C THR E 325 33.88 18.49 -21.38
N TRP E 326 33.18 18.30 -22.49
CA TRP E 326 31.74 18.18 -22.58
C TRP E 326 31.39 16.83 -23.17
N GLY E 327 30.82 15.92 -22.39
CA GLY E 327 30.53 14.59 -22.89
C GLY E 327 31.80 13.87 -23.34
N ASN E 328 31.72 13.06 -24.39
CA ASN E 328 32.87 12.36 -24.94
C ASN E 328 33.68 13.20 -25.96
N ASN E 329 33.37 14.47 -26.15
CA ASN E 329 34.14 15.34 -27.03
C ASN E 329 35.57 15.58 -26.51
N GLU E 330 36.50 15.92 -27.40
CA GLU E 330 37.82 16.42 -26.99
C GLU E 330 37.68 17.78 -26.27
N PRO E 331 38.57 18.14 -25.33
CA PRO E 331 38.44 19.36 -24.58
C PRO E 331 38.46 20.61 -25.44
N TYR E 332 37.61 21.58 -25.11
CA TYR E 332 37.74 22.94 -25.57
C TYR E 332 38.68 23.70 -24.65
N LYS E 333 39.38 24.71 -25.17
CA LYS E 333 40.30 25.56 -24.39
C LYS E 333 40.10 27.01 -24.71
N TYR E 334 40.11 27.87 -23.69
CA TYR E 334 39.81 29.28 -23.82
C TYR E 334 40.77 30.11 -23.00
N TRP E 335 41.28 31.21 -23.54
CA TRP E 335 42.09 32.18 -22.81
C TRP E 335 41.49 33.57 -22.95
N PRO E 336 41.60 34.42 -21.94
CA PRO E 336 41.17 35.80 -22.05
C PRO E 336 42.21 36.61 -22.82
N GLN E 337 41.84 37.74 -23.39
CA GLN E 337 42.82 38.70 -23.88
C GLN E 337 42.49 40.14 -23.54
N LEU E 338 43.54 40.94 -23.36
CA LEU E 338 43.50 42.23 -22.68
C LEU E 338 42.56 43.19 -23.40
N SER E 339 41.33 43.33 -22.95
CA SER E 339 40.28 44.09 -23.63
C SER E 339 39.55 44.96 -22.63
N THR E 340 39.22 46.18 -23.01
CA THR E 340 38.52 47.12 -22.14
C THR E 340 37.81 48.22 -22.91
N ASN E 341 36.79 48.82 -22.29
CA ASN E 341 36.13 50.02 -22.78
C ASN E 341 36.97 51.28 -22.53
N GLY E 342 37.95 51.23 -21.61
CA GLY E 342 38.85 52.35 -21.33
C GLY E 342 39.92 52.52 -22.39
N THR E 343 40.81 53.48 -22.19
CA THR E 343 42.04 53.58 -22.98
C THR E 343 43.17 54.24 -22.22
N ALA E 344 44.40 53.77 -22.42
CA ALA E 344 45.58 54.63 -22.24
C ALA E 344 45.58 55.73 -23.30
N HIS E 345 46.48 56.69 -23.23
CA HIS E 345 46.54 57.83 -24.16
C HIS E 345 45.34 58.80 -24.09
N GLY E 346 44.38 58.54 -23.21
CA GLY E 346 43.24 59.41 -22.94
C GLY E 346 43.47 60.36 -21.78
N HIS E 347 42.42 61.00 -21.29
CA HIS E 347 42.47 61.81 -20.07
C HIS E 347 42.78 60.89 -18.87
N PRO E 348 43.36 61.38 -17.77
CA PRO E 348 43.87 60.50 -16.72
C PRO E 348 42.81 59.62 -16.05
N HIS E 349 41.52 59.95 -16.04
CA HIS E 349 40.51 58.99 -15.56
C HIS E 349 40.40 57.77 -16.48
N GLU E 350 40.57 57.95 -17.79
CA GLU E 350 40.49 56.86 -18.76
C GLU E 350 41.68 55.93 -18.63
N ILE E 351 42.89 56.45 -18.38
CA ILE E 351 44.05 55.58 -18.20
C ILE E 351 43.90 54.74 -16.93
N ILE E 352 43.29 55.27 -15.87
CA ILE E 352 43.07 54.46 -14.66
C ILE E 352 42.03 53.39 -14.96
N LEU E 353 40.93 53.73 -15.64
CA LEU E 353 39.91 52.77 -16.02
C LEU E 353 40.48 51.69 -16.95
N TYR E 354 41.43 52.04 -17.81
CA TYR E 354 42.16 51.10 -18.64
C TYR E 354 43.01 50.13 -17.83
N TYR E 355 43.80 50.55 -16.85
CA TYR E 355 44.58 49.58 -16.07
C TYR E 355 43.72 48.69 -15.20
N TYR E 356 42.54 49.13 -14.84
CA TYR E 356 41.52 48.29 -14.23
C TYR E 356 40.95 47.21 -15.19
N GLU E 357 41.48 47.03 -16.41
CA GLU E 357 41.05 46.01 -17.37
C GLU E 357 41.19 44.60 -16.86
N LEU E 358 42.38 44.27 -16.37
CA LEU E 358 42.85 42.92 -16.05
C LEU E 358 44.12 42.98 -15.18
N TYR E 359 44.52 44.18 -14.78
CA TYR E 359 45.43 44.36 -13.67
C TYR E 359 44.71 44.99 -12.47
N PRO E 360 43.48 44.59 -12.07
CA PRO E 360 42.76 45.29 -11.00
C PRO E 360 43.45 45.10 -9.66
N THR E 361 44.04 43.93 -9.40
CA THR E 361 44.79 43.68 -8.16
C THR E 361 46.07 44.53 -8.07
N MET E 362 46.88 44.58 -9.14
CA MET E 362 47.99 45.55 -9.23
C MET E 362 47.45 46.96 -9.05
N THR E 363 46.44 47.37 -9.82
CA THR E 363 45.98 48.75 -9.87
C THR E 363 45.52 49.26 -8.52
N VAL E 364 44.63 48.56 -7.84
CA VAL E 364 44.09 49.06 -6.57
C VAL E 364 45.16 49.12 -5.50
N VAL E 365 46.13 48.22 -5.50
CA VAL E 365 47.32 48.38 -4.67
C VAL E 365 48.07 49.64 -5.07
N VAL E 366 48.55 49.76 -6.31
CA VAL E 366 49.50 50.81 -6.66
C VAL E 366 48.89 52.20 -6.65
N VAL E 367 47.64 52.43 -7.07
CA VAL E 367 47.08 53.78 -6.96
C VAL E 367 46.73 54.16 -5.53
N SER E 368 46.38 53.20 -4.67
CA SER E 368 46.13 53.52 -3.26
C SER E 368 47.42 53.85 -2.54
N VAL E 369 48.46 53.01 -2.58
CA VAL E 369 49.71 53.33 -1.87
C VAL E 369 50.46 54.51 -2.48
N ALA E 370 50.39 54.73 -3.80
CA ALA E 370 50.93 55.95 -4.38
C ALA E 370 50.20 57.18 -3.83
N SER E 371 48.86 57.16 -3.77
CA SER E 371 48.14 58.26 -3.13
C SER E 371 48.54 58.42 -1.66
N PHE E 372 48.70 57.33 -0.91
CA PHE E 372 49.14 57.41 0.49
C PHE E 372 50.49 58.11 0.63
N VAL E 373 51.52 57.76 -0.14
CA VAL E 373 52.79 58.50 -0.04
C VAL E 373 52.66 59.93 -0.54
N LEU E 374 51.87 60.22 -1.57
CA LEU E 374 51.74 61.59 -2.07
C LEU E 374 51.01 62.51 -1.08
N LEU E 375 49.81 62.15 -0.62
CA LEU E 375 49.13 63.00 0.37
C LEU E 375 49.73 62.89 1.79
N SER E 376 50.59 61.89 2.05
CA SER E 376 51.52 61.95 3.19
C SER E 376 52.58 63.04 2.98
N MET E 377 53.28 63.05 1.84
CA MET E 377 54.34 64.01 1.57
C MET E 377 53.88 65.46 1.63
N VAL E 378 52.71 65.83 1.11
CA VAL E 378 52.23 67.22 1.26
C VAL E 378 51.91 67.56 2.72
N GLY E 379 51.46 66.59 3.51
CA GLY E 379 51.30 66.74 4.96
C GLY E 379 52.63 66.96 5.68
N VAL E 380 53.66 66.18 5.35
CA VAL E 380 55.03 66.35 5.86
C VAL E 380 55.65 67.66 5.38
N ALA E 381 55.39 68.10 4.15
CA ALA E 381 55.84 69.38 3.65
C ALA E 381 55.21 70.56 4.42
N VAL E 382 53.89 70.58 4.59
CA VAL E 382 53.24 71.58 5.45
C VAL E 382 53.72 71.47 6.90
N GLY E 383 53.96 70.25 7.40
CA GLY E 383 54.53 70.02 8.72
C GLY E 383 55.94 70.60 8.88
N MET E 384 56.84 70.40 7.93
CA MET E 384 58.16 71.04 7.95
C MET E 384 58.05 72.56 7.82
N CYS E 385 57.11 73.09 7.03
CA CYS E 385 56.86 74.52 7.00
C CYS E 385 56.42 75.05 8.37
N MET E 386 55.56 74.33 9.10
CA MET E 386 55.16 74.73 10.46
C MET E 386 56.28 74.56 11.49
N CYS E 387 57.07 73.48 11.42
CA CYS E 387 58.25 73.32 12.27
C CYS E 387 59.24 74.47 12.05
N ALA E 388 59.44 74.88 10.80
CA ALA E 388 60.23 76.06 10.47
C ALA E 388 59.60 77.33 11.04
N ARG E 389 58.30 77.58 10.82
CA ARG E 389 57.61 78.79 11.28
C ARG E 389 57.63 78.94 12.81
N ARG E 390 57.54 77.83 13.55
CA ARG E 390 57.74 77.77 15.01
C ARG E 390 59.16 78.18 15.42
N ARG E 391 60.21 77.56 14.84
CA ARG E 391 61.62 77.94 15.07
C ARG E 391 61.91 79.38 14.64
N CYS E 392 61.20 79.91 13.65
CA CYS E 392 61.38 81.26 13.14
C CYS E 392 60.79 82.32 14.09
N ILE E 393 59.48 82.33 14.33
CA ILE E 393 58.84 83.49 14.97
C ILE E 393 59.08 83.51 16.50
N THR E 394 59.57 82.42 17.10
CA THR E 394 59.82 82.33 18.55
C THR E 394 60.49 83.58 19.17
N PRO E 395 61.70 84.04 18.77
CA PRO E 395 62.28 85.26 19.34
C PRO E 395 61.43 86.52 19.18
N TYR E 396 60.64 86.65 18.12
CA TYR E 396 59.74 87.79 17.92
C TYR E 396 58.52 87.73 18.85
N GLU E 397 58.16 86.56 19.37
CA GLU E 397 57.18 86.42 20.46
C GLU E 397 57.81 86.69 21.82
N LEU E 398 59.03 86.16 22.07
CA LEU E 398 59.71 86.28 23.37
C LEU E 398 60.17 87.71 23.71
N THR E 399 60.45 88.57 22.73
CA THR E 399 60.92 89.94 23.01
C THR E 399 59.83 90.81 23.64
N PRO E 400 60.13 91.69 24.60
CA PRO E 400 59.15 92.65 25.11
C PRO E 400 58.79 93.75 24.09
N GLY E 401 59.71 94.06 23.16
CA GLY E 401 59.45 94.91 21.99
C GLY E 401 58.77 94.13 20.87
N ALA E 402 57.57 93.62 21.13
CA ALA E 402 56.87 92.61 20.33
C ALA E 402 56.31 93.08 18.96
N THR E 403 56.89 94.11 18.36
CA THR E 403 56.52 94.59 17.01
C THR E 403 57.13 93.70 15.92
N VAL E 404 56.39 92.67 15.48
CA VAL E 404 56.73 91.90 14.27
C VAL E 404 56.80 92.85 13.05
N PRO E 405 57.88 92.82 12.23
CA PRO E 405 58.02 93.74 11.10
C PRO E 405 56.89 93.59 10.08
N PHE E 406 56.50 94.69 9.40
CA PHE E 406 55.45 94.66 8.38
C PHE E 406 55.74 93.66 7.24
N LEU E 407 57.02 93.49 6.89
CA LEU E 407 57.47 92.50 5.92
C LEU E 407 57.32 91.06 6.44
N LEU E 408 57.80 90.80 7.65
CA LEU E 408 57.78 89.46 8.26
C LEU E 408 56.35 89.00 8.60
N SER E 409 55.43 89.94 8.80
CA SER E 409 54.01 89.70 9.11
C SER E 409 53.32 88.73 8.14
N LEU E 410 53.83 88.60 6.92
CA LEU E 410 53.33 87.70 5.89
C LEU E 410 53.57 86.22 6.20
N ILE E 411 54.58 85.87 7.00
CA ILE E 411 54.77 84.51 7.55
C ILE E 411 53.81 84.23 8.72
N CYS E 412 53.36 85.29 9.42
CA CYS E 412 52.27 85.23 10.40
C CYS E 412 50.87 85.25 9.71
N CYS E 413 50.83 85.59 8.42
CA CYS E 413 49.66 85.75 7.55
C CYS E 413 48.73 86.94 7.91
N ILE E 414 49.27 87.99 8.56
CA ILE E 414 48.50 89.16 9.03
C ILE E 414 48.12 90.12 7.87
N ARG E 415 46.92 90.73 7.95
CA ARG E 415 46.24 91.52 6.90
C ARG E 415 46.75 92.95 6.66
N THR E 416 46.38 93.46 5.47
CA THR E 416 46.50 94.82 4.92
C THR E 416 47.91 95.38 4.71
N ALA E 417 48.17 95.85 3.48
CA ALA E 417 49.34 96.65 3.10
C ALA E 417 49.28 98.08 3.67
N LYS E 418 49.24 98.17 5.01
CA LYS E 418 49.04 99.37 5.82
C LYS E 418 50.25 100.31 5.87
N ASN F 1 -7.50 4.78 -59.27
CA ASN F 1 -6.29 5.60 -59.03
C ASN F 1 -5.01 4.84 -59.41
N PHE F 2 -3.96 5.57 -59.76
CA PHE F 2 -2.61 5.00 -59.97
C PHE F 2 -2.00 4.39 -58.71
N ASN F 3 -1.02 3.50 -58.90
CA ASN F 3 -0.32 2.85 -57.81
C ASN F 3 1.19 3.07 -57.92
N VAL F 4 1.69 4.10 -57.22
CA VAL F 4 3.08 4.53 -57.30
C VAL F 4 4.07 3.49 -56.76
N TYR F 5 3.65 2.61 -55.87
CA TYR F 5 4.47 1.50 -55.40
C TYR F 5 4.83 0.48 -56.48
N LYS F 6 4.29 0.61 -57.70
CA LYS F 6 4.72 -0.20 -58.84
C LYS F 6 6.12 0.17 -59.34
N ALA F 7 6.49 1.44 -59.31
CA ALA F 7 7.76 1.93 -59.87
C ALA F 7 8.96 1.77 -58.93
N ILE F 8 8.74 1.50 -57.64
CA ILE F 8 9.76 1.63 -56.58
C ILE F 8 9.75 0.41 -55.67
N ARG F 9 10.85 0.11 -54.97
CA ARG F 9 10.97 -1.15 -54.19
C ARG F 9 11.73 -0.97 -52.87
N PRO F 10 11.60 -1.89 -51.89
CA PRO F 10 12.30 -1.80 -50.62
C PRO F 10 13.81 -1.96 -50.81
N TYR F 11 14.60 -1.75 -49.77
CA TYR F 11 16.06 -1.86 -49.84
C TYR F 11 16.70 -2.20 -48.50
N LEU F 12 17.87 -2.82 -48.53
CA LEU F 12 18.73 -2.90 -47.35
C LEU F 12 19.42 -1.56 -47.15
N ALA F 13 19.51 -1.09 -45.92
CA ALA F 13 20.31 0.08 -45.55
C ALA F 13 20.96 -0.13 -44.20
N HIS F 14 21.96 0.69 -43.87
CA HIS F 14 22.76 0.49 -42.67
C HIS F 14 21.93 0.62 -41.40
N CYS F 15 22.31 -0.06 -40.31
CA CYS F 15 21.61 -0.02 -39.04
C CYS F 15 22.59 0.00 -37.87
N PRO F 16 22.38 0.80 -36.82
CA PRO F 16 23.33 0.89 -35.73
C PRO F 16 23.35 -0.34 -34.85
N ASP F 17 22.26 -1.08 -34.75
CA ASP F 17 22.14 -2.24 -33.88
C ASP F 17 21.02 -3.16 -34.34
N CYS F 18 21.36 -4.35 -34.83
CA CYS F 18 20.41 -5.36 -35.30
C CYS F 18 19.72 -6.14 -34.16
N GLY F 19 19.83 -5.69 -32.92
CA GLY F 19 19.23 -6.33 -31.75
C GLY F 19 20.21 -7.15 -30.91
N GLU F 20 21.51 -6.91 -31.04
CA GLU F 20 22.55 -7.66 -30.34
C GLU F 20 23.74 -6.80 -29.88
N GLY F 21 23.74 -5.50 -30.18
CA GLY F 21 24.88 -4.62 -29.98
C GLY F 21 25.84 -4.56 -31.18
N HIS F 22 25.49 -5.16 -32.30
CA HIS F 22 26.28 -5.19 -33.53
C HIS F 22 25.48 -4.62 -34.69
N SER F 23 26.04 -3.65 -35.40
CA SER F 23 25.47 -3.05 -36.61
C SER F 23 25.57 -3.99 -37.80
N CYS F 24 24.53 -4.11 -38.61
CA CYS F 24 24.61 -4.71 -39.94
C CYS F 24 23.54 -4.14 -40.88
N HIS F 25 23.82 -4.09 -42.18
CA HIS F 25 22.85 -3.78 -43.22
C HIS F 25 21.62 -4.65 -43.04
N SER F 26 20.43 -4.03 -43.05
CA SER F 26 19.20 -4.68 -42.61
C SER F 26 18.00 -4.19 -43.40
N PRO F 27 16.94 -4.99 -43.56
CA PRO F 27 15.74 -4.57 -44.27
C PRO F 27 14.80 -3.68 -43.47
N VAL F 28 14.78 -3.75 -42.14
CA VAL F 28 14.10 -2.78 -41.27
C VAL F 28 15.00 -1.61 -40.89
N ALA F 29 15.83 -1.14 -41.80
CA ALA F 29 16.56 0.09 -41.55
C ALA F 29 15.57 1.24 -41.37
N LEU F 30 15.75 1.96 -40.26
CA LEU F 30 14.81 2.89 -39.68
C LEU F 30 15.37 4.29 -39.91
N GLU F 31 14.63 5.16 -40.59
CA GLU F 31 15.27 6.33 -41.23
C GLU F 31 14.90 7.66 -40.64
N ARG F 32 13.65 7.84 -40.22
CA ARG F 32 13.17 9.06 -39.60
C ARG F 32 11.98 8.76 -38.73
N ILE F 33 12.18 8.82 -37.43
CA ILE F 33 11.11 8.82 -36.43
C ILE F 33 10.63 10.25 -36.30
N ARG F 34 9.33 10.52 -36.37
CA ARG F 34 8.81 11.88 -36.26
C ARG F 34 7.58 11.94 -35.39
N ASN F 35 7.46 13.00 -34.62
CA ASN F 35 6.54 13.09 -33.50
C ASN F 35 5.98 14.50 -33.35
N GLU F 36 5.57 15.10 -34.48
CA GLU F 36 4.95 16.40 -34.51
C GLU F 36 3.59 16.42 -33.80
N ALA F 37 2.86 15.30 -33.79
CA ALA F 37 1.55 15.19 -33.17
C ALA F 37 1.62 15.32 -31.65
N THR F 38 0.76 16.13 -31.06
CA THR F 38 0.79 16.39 -29.62
C THR F 38 0.14 15.32 -28.76
N ASP F 39 -0.67 14.43 -29.31
CA ASP F 39 -1.28 13.35 -28.53
C ASP F 39 -0.33 12.20 -28.19
N GLY F 40 0.92 12.24 -28.68
CA GLY F 40 1.94 11.23 -28.44
C GLY F 40 2.02 10.13 -29.49
N THR F 41 1.19 10.14 -30.53
CA THR F 41 1.33 9.21 -31.67
C THR F 41 2.65 9.47 -32.39
N LEU F 42 3.40 8.43 -32.74
CA LEU F 42 4.56 8.54 -33.61
C LEU F 42 4.16 8.25 -35.05
N LYS F 43 4.85 8.83 -36.02
CA LYS F 43 4.91 8.33 -37.40
C LYS F 43 6.34 7.92 -37.66
N ILE F 44 6.56 6.77 -38.26
CA ILE F 44 7.86 6.13 -38.39
C ILE F 44 8.10 5.82 -39.86
N GLN F 45 9.28 6.11 -40.40
CA GLN F 45 9.67 5.71 -41.75
C GLN F 45 10.67 4.56 -41.71
N VAL F 46 10.41 3.52 -42.50
CA VAL F 46 11.24 2.31 -42.51
C VAL F 46 11.44 1.79 -43.93
N SER F 47 12.48 0.99 -44.15
CA SER F 47 12.88 0.52 -45.48
C SER F 47 12.08 -0.66 -46.05
N LEU F 48 11.14 -1.23 -45.29
CA LEU F 48 10.13 -2.15 -45.80
C LEU F 48 9.11 -1.42 -46.67
N GLN F 49 8.20 -2.14 -47.32
CA GLN F 49 6.94 -1.56 -47.79
C GLN F 49 5.78 -2.38 -47.23
N ILE F 50 4.88 -1.77 -46.46
CA ILE F 50 3.81 -2.47 -45.75
C ILE F 50 2.51 -2.38 -46.56
N GLY F 51 1.81 -3.50 -46.74
CA GLY F 51 0.51 -3.53 -47.42
C GLY F 51 0.57 -3.80 -48.91
N ILE F 52 1.76 -3.91 -49.50
CA ILE F 52 2.00 -4.19 -50.93
C ILE F 52 2.87 -5.43 -51.08
N LYS F 53 2.60 -6.30 -52.05
CA LYS F 53 3.35 -7.56 -52.29
C LYS F 53 4.24 -7.50 -53.53
N THR F 54 5.08 -8.50 -53.79
CA THR F 54 6.10 -8.45 -54.85
C THR F 54 5.58 -8.48 -56.29
N ASP F 55 4.32 -8.84 -56.54
CA ASP F 55 3.70 -8.69 -57.86
C ASP F 55 3.09 -7.29 -58.09
N ASP F 56 3.38 -6.33 -57.19
CA ASP F 56 2.90 -4.95 -57.19
C ASP F 56 1.40 -4.79 -56.90
N SER F 57 0.70 -5.82 -56.44
CA SER F 57 -0.64 -5.65 -55.87
C SER F 57 -0.59 -4.97 -54.50
N HIS F 58 -1.58 -4.11 -54.20
CA HIS F 58 -1.98 -3.88 -52.81
C HIS F 58 -2.59 -5.16 -52.24
N ASP F 59 -2.53 -5.34 -50.92
CA ASP F 59 -2.95 -6.61 -50.31
C ASP F 59 -3.39 -6.52 -48.84
N TRP F 60 -2.84 -5.59 -48.05
CA TRP F 60 -3.07 -5.43 -46.61
C TRP F 60 -2.71 -6.58 -45.68
N THR F 61 -2.57 -7.83 -46.13
CA THR F 61 -2.08 -8.91 -45.26
C THR F 61 -0.57 -9.11 -45.37
N LYS F 62 0.05 -8.69 -46.47
CA LYS F 62 1.49 -8.82 -46.70
C LYS F 62 2.26 -7.51 -46.50
N LEU F 63 3.56 -7.64 -46.37
CA LEU F 63 4.56 -6.60 -46.58
C LEU F 63 5.65 -7.18 -47.45
N ARG F 64 6.45 -6.34 -48.09
CA ARG F 64 7.62 -6.77 -48.86
C ARG F 64 8.87 -6.10 -48.39
N TYR F 65 9.97 -6.81 -48.46
CA TYR F 65 11.28 -6.40 -47.96
C TYR F 65 12.36 -6.77 -48.97
N MET F 66 13.61 -6.41 -48.75
CA MET F 66 14.71 -6.74 -49.66
C MET F 66 15.49 -7.98 -49.19
N ASP F 67 15.53 -9.04 -49.99
CA ASP F 67 16.33 -10.25 -49.77
C ASP F 67 17.52 -10.24 -50.73
N ASN F 68 18.68 -9.79 -50.26
CA ASN F 68 19.87 -9.60 -51.10
C ASN F 68 19.52 -8.76 -52.34
N HIS F 69 19.59 -9.27 -53.57
CA HIS F 69 19.22 -8.52 -54.78
C HIS F 69 17.73 -8.53 -55.14
N MET F 70 16.87 -9.27 -54.44
CA MET F 70 15.48 -9.48 -54.84
C MET F 70 14.47 -9.06 -53.75
N PRO F 71 13.39 -8.33 -54.10
CA PRO F 71 12.23 -8.20 -53.24
C PRO F 71 11.62 -9.55 -52.85
N ALA F 72 11.07 -9.65 -51.65
CA ALA F 72 10.43 -10.85 -51.10
C ALA F 72 9.33 -10.47 -50.10
N ASP F 73 8.47 -11.42 -49.70
CA ASP F 73 7.24 -11.14 -48.95
C ASP F 73 7.18 -11.78 -47.55
N ALA F 74 6.45 -11.16 -46.63
CA ALA F 74 6.15 -11.66 -45.28
C ALA F 74 4.78 -11.14 -44.81
N GLU F 75 4.22 -11.65 -43.71
CA GLU F 75 2.91 -11.18 -43.23
C GLU F 75 3.01 -9.89 -42.42
N ARG F 76 2.08 -8.96 -42.64
CA ARG F 76 1.83 -7.81 -41.75
C ARG F 76 1.51 -8.27 -40.33
N ALA F 77 1.01 -9.48 -40.17
CA ALA F 77 0.65 -10.07 -38.88
C ALA F 77 1.80 -10.19 -37.88
N ARG F 78 3.06 -10.21 -38.33
CA ARG F 78 4.23 -10.37 -37.47
C ARG F 78 5.17 -9.16 -37.43
N LEU F 79 4.75 -8.04 -38.02
CA LEU F 79 5.40 -6.74 -37.82
C LEU F 79 5.20 -6.29 -36.36
N PHE F 80 6.19 -5.65 -35.75
CA PHE F 80 6.06 -5.09 -34.42
C PHE F 80 6.90 -3.83 -34.26
N VAL F 81 6.52 -2.96 -33.32
CA VAL F 81 7.39 -1.88 -32.85
C VAL F 81 7.36 -1.84 -31.33
N ARG F 82 8.46 -1.46 -30.70
CA ARG F 82 8.64 -1.54 -29.25
C ARG F 82 9.59 -0.46 -28.78
N THR F 83 9.15 0.42 -27.89
CA THR F 83 10.04 1.30 -27.12
C THR F 83 10.55 0.58 -25.88
N SER F 84 10.12 0.95 -24.67
CA SER F 84 10.45 0.22 -23.44
C SER F 84 9.54 -0.99 -23.21
N ALA F 85 8.39 -1.07 -23.86
CA ALA F 85 7.46 -2.20 -23.86
C ALA F 85 6.57 -2.15 -25.12
N PRO F 86 5.92 -3.24 -25.55
CA PRO F 86 5.28 -3.31 -26.86
C PRO F 86 4.31 -2.18 -27.15
N CYS F 87 4.41 -1.59 -28.33
CA CYS F 87 3.55 -0.51 -28.79
C CYS F 87 2.37 -1.03 -29.59
N THR F 88 1.23 -0.36 -29.56
CA THR F 88 0.17 -0.63 -30.52
C THR F 88 0.54 -0.01 -31.86
N ILE F 89 0.32 -0.71 -32.96
CA ILE F 89 0.47 -0.15 -34.31
C ILE F 89 -0.91 0.23 -34.82
N THR F 90 -1.12 1.49 -35.18
CA THR F 90 -2.48 2.00 -35.47
C THR F 90 -2.78 2.17 -36.94
N GLY F 91 -1.79 2.11 -37.82
CA GLY F 91 -2.02 2.19 -39.26
C GLY F 91 -0.71 2.11 -40.04
N THR F 92 -0.73 1.53 -41.23
CA THR F 92 0.50 1.28 -42.01
C THR F 92 0.24 1.36 -43.50
N MET F 93 1.18 1.90 -44.26
CA MET F 93 1.07 2.02 -45.72
C MET F 93 2.42 2.37 -46.32
N GLY F 94 2.89 1.60 -47.29
CA GLY F 94 4.16 1.89 -47.93
C GLY F 94 5.30 1.90 -46.91
N HIS F 95 6.19 2.88 -46.96
CA HIS F 95 7.28 3.03 -46.02
C HIS F 95 6.88 3.50 -44.61
N PHE F 96 5.61 3.84 -44.35
CA PHE F 96 5.20 4.56 -43.14
C PHE F 96 4.34 3.75 -42.18
N ILE F 97 4.64 3.86 -40.90
CA ILE F 97 3.96 3.20 -39.80
C ILE F 97 3.49 4.26 -38.81
N LEU F 98 2.29 4.15 -38.24
CA LEU F 98 1.88 4.90 -37.06
C LEU F 98 1.91 4.00 -35.84
N ALA F 99 2.38 4.48 -34.69
CA ALA F 99 2.36 3.69 -33.47
C ALA F 99 2.06 4.53 -32.23
N ARG F 100 1.49 3.91 -31.21
CA ARG F 100 1.29 4.49 -29.88
C ARG F 100 2.15 3.75 -28.88
N CYS F 101 3.05 4.46 -28.22
CA CYS F 101 4.20 3.84 -27.58
C CYS F 101 4.36 4.34 -26.15
N PRO F 102 4.72 3.48 -25.19
CA PRO F 102 5.00 3.92 -23.84
C PRO F 102 6.32 4.69 -23.77
N LYS F 103 6.47 5.54 -22.76
CA LYS F 103 7.67 6.34 -22.51
C LYS F 103 8.92 5.46 -22.53
N GLY F 104 9.97 5.88 -23.22
CA GLY F 104 11.20 5.11 -23.34
C GLY F 104 12.30 5.85 -24.08
N GLU F 105 13.54 5.43 -23.90
CA GLU F 105 14.71 6.16 -24.41
C GLU F 105 15.21 5.62 -25.76
N THR F 106 14.52 4.64 -26.31
CA THR F 106 14.89 3.96 -27.55
C THR F 106 13.65 3.45 -28.26
N LEU F 107 13.72 3.27 -29.56
CA LEU F 107 12.66 2.69 -30.38
C LEU F 107 13.24 1.55 -31.17
N THR F 108 12.52 0.44 -31.25
CA THR F 108 12.88 -0.69 -32.11
C THR F 108 11.72 -1.04 -33.03
N VAL F 109 12.03 -1.54 -34.20
CA VAL F 109 11.04 -2.01 -35.17
C VAL F 109 11.55 -3.30 -35.77
N GLY F 110 10.68 -4.25 -36.06
CA GLY F 110 11.09 -5.57 -36.48
C GLY F 110 9.97 -6.41 -37.08
N PHE F 111 10.34 -7.52 -37.68
CA PHE F 111 9.41 -8.46 -38.30
C PHE F 111 10.03 -9.84 -38.44
N THR F 112 9.23 -10.84 -38.74
CA THR F 112 9.70 -12.20 -39.02
C THR F 112 9.48 -12.53 -40.49
N ASP F 113 10.56 -12.89 -41.16
CA ASP F 113 10.65 -13.29 -42.56
C ASP F 113 9.82 -14.55 -42.86
N GLY F 114 9.47 -14.81 -44.11
CA GLY F 114 8.85 -16.06 -44.54
C GLY F 114 9.71 -17.29 -44.23
N ARG F 115 11.04 -17.14 -44.21
CA ARG F 115 11.99 -18.17 -43.74
C ARG F 115 11.97 -18.39 -42.22
N LYS F 116 11.12 -17.72 -41.45
CA LYS F 116 11.10 -17.66 -39.97
C LYS F 116 12.31 -16.97 -39.33
N ILE F 117 13.22 -16.39 -40.11
CA ILE F 117 14.28 -15.50 -39.62
C ILE F 117 13.64 -14.25 -39.01
N SER F 118 14.12 -13.75 -37.87
CA SER F 118 13.63 -12.49 -37.30
C SER F 118 14.62 -11.36 -37.44
N HIS F 119 14.16 -10.21 -37.88
CA HIS F 119 14.95 -9.00 -38.09
C HIS F 119 14.45 -7.88 -37.20
N SER F 120 15.35 -7.05 -36.69
CA SER F 120 14.98 -5.87 -35.92
C SER F 120 16.05 -4.80 -36.02
N CYS F 121 15.71 -3.56 -35.64
CA CYS F 121 16.57 -2.39 -35.73
C CYS F 121 16.25 -1.45 -34.59
N THR F 122 17.24 -0.75 -34.02
CA THR F 122 17.13 -0.20 -32.65
C THR F 122 17.83 1.16 -32.49
N HIS F 123 17.16 2.25 -32.86
CA HIS F 123 17.72 3.58 -32.69
C HIS F 123 17.59 4.11 -31.25
N PRO F 124 18.49 4.98 -30.78
CA PRO F 124 18.21 5.82 -29.64
C PRO F 124 17.15 6.84 -30.04
N PHE F 125 16.19 7.11 -29.17
CA PHE F 125 15.11 8.06 -29.43
C PHE F 125 14.38 8.38 -28.14
N HIS F 126 14.48 9.61 -27.66
CA HIS F 126 13.87 10.01 -26.39
C HIS F 126 12.37 10.25 -26.54
N HIS F 127 11.56 9.22 -26.35
CA HIS F 127 10.10 9.34 -26.42
C HIS F 127 9.53 9.71 -25.06
N ASP F 128 8.99 10.91 -24.94
CA ASP F 128 8.32 11.40 -23.75
C ASP F 128 7.23 12.38 -24.16
N PRO F 129 5.99 11.93 -24.40
CA PRO F 129 4.94 12.77 -24.96
C PRO F 129 4.72 14.05 -24.15
N PRO F 130 4.42 15.17 -24.80
CA PRO F 130 4.16 16.41 -24.10
C PRO F 130 2.84 16.31 -23.33
N VAL F 131 2.75 16.94 -22.18
CA VAL F 131 1.53 16.93 -21.38
C VAL F 131 0.45 17.79 -22.04
N ILE F 132 -0.80 17.35 -22.04
CA ILE F 132 -1.95 18.12 -22.51
C ILE F 132 -2.69 18.65 -21.30
N GLY F 133 -3.02 19.94 -21.27
CA GLY F 133 -3.60 20.55 -20.08
C GLY F 133 -2.62 20.56 -18.90
N ARG F 134 -3.13 20.39 -17.69
CA ARG F 134 -2.46 20.76 -16.43
C ARG F 134 -2.27 19.60 -15.45
N GLU F 135 -2.45 18.36 -15.90
CA GLU F 135 -2.31 17.14 -15.09
C GLU F 135 -1.53 16.09 -15.86
N LYS F 136 -0.51 15.46 -15.26
CA LYS F 136 0.37 14.48 -15.94
C LYS F 136 -0.21 13.07 -15.90
N PHE F 137 -1.42 12.90 -16.40
CA PHE F 137 -2.19 11.65 -16.40
C PHE F 137 -1.60 10.57 -17.32
N HIS F 138 -1.85 9.30 -17.03
CA HIS F 138 -1.16 8.18 -17.72
C HIS F 138 -1.97 7.47 -18.79
N SER F 139 -3.28 7.35 -18.63
CA SER F 139 -4.19 6.75 -19.63
C SER F 139 -5.54 7.45 -19.56
N ARG F 140 -6.28 7.53 -20.66
CA ARG F 140 -7.48 8.38 -20.69
C ARG F 140 -8.56 7.92 -19.72
N PRO F 141 -9.23 8.84 -19.02
CA PRO F 141 -10.23 8.50 -18.02
C PRO F 141 -11.62 8.33 -18.66
N GLN F 142 -12.58 7.82 -17.89
CA GLN F 142 -13.99 7.87 -18.29
C GLN F 142 -14.53 9.29 -18.26
N HIS F 143 -14.29 9.99 -17.14
CA HIS F 143 -14.83 11.32 -16.87
C HIS F 143 -13.76 12.40 -16.92
N GLY F 144 -13.99 13.47 -17.67
CA GLY F 144 -13.04 14.55 -17.82
C GLY F 144 -13.54 15.63 -18.77
N ARG F 145 -12.70 16.61 -19.09
CA ARG F 145 -12.99 17.61 -20.13
C ARG F 145 -12.30 17.27 -21.43
N GLU F 146 -12.69 17.92 -22.51
CA GLU F 146 -12.01 17.83 -23.82
C GLU F 146 -11.12 19.06 -24.04
N LEU F 147 -9.88 18.87 -24.50
CA LEU F 147 -8.96 19.94 -24.89
C LEU F 147 -8.49 19.76 -26.33
N PRO F 148 -8.15 20.82 -27.07
CA PRO F 148 -7.70 20.69 -28.44
C PRO F 148 -6.26 20.19 -28.50
N CYS F 149 -5.99 19.23 -29.37
CA CYS F 149 -4.65 18.71 -29.64
C CYS F 149 -4.54 18.23 -31.09
N SER F 150 -3.52 17.45 -31.44
CA SER F 150 -3.25 17.06 -32.82
C SER F 150 -2.71 15.63 -32.93
N THR F 151 -3.04 14.98 -34.03
CA THR F 151 -2.88 13.54 -34.26
C THR F 151 -2.60 13.31 -35.73
N TYR F 152 -1.85 12.28 -36.10
CA TYR F 152 -1.80 11.87 -37.50
C TYR F 152 -3.11 11.19 -37.89
N ALA F 153 -3.84 11.73 -38.85
CA ALA F 153 -5.09 11.14 -39.30
C ALA F 153 -4.85 9.75 -39.91
N GLN F 154 -5.85 8.89 -39.89
CA GLN F 154 -5.75 7.51 -40.37
C GLN F 154 -5.67 7.38 -41.90
N SER F 155 -6.07 8.41 -42.63
CA SER F 155 -6.24 8.31 -44.08
C SER F 155 -4.92 8.06 -44.80
N THR F 156 -4.96 7.26 -45.87
CA THR F 156 -3.85 7.09 -46.81
C THR F 156 -4.03 7.90 -48.10
N ALA F 157 -5.08 8.70 -48.19
CA ALA F 157 -5.31 9.58 -49.33
C ALA F 157 -4.16 10.57 -49.51
N ALA F 158 -3.78 10.85 -50.76
CA ALA F 158 -2.62 11.69 -51.05
C ALA F 158 -2.79 13.12 -50.51
N THR F 159 -1.69 13.68 -49.99
CA THR F 159 -1.60 15.07 -49.51
C THR F 159 -0.28 15.70 -49.96
N ALA F 160 -0.20 17.02 -49.93
CA ALA F 160 0.91 17.82 -50.47
C ALA F 160 2.15 17.76 -49.57
N GLU F 161 2.74 16.58 -49.45
CA GLU F 161 3.86 16.24 -48.60
C GLU F 161 4.55 15.01 -49.18
N GLU F 162 5.45 15.23 -50.14
CA GLU F 162 6.04 14.16 -50.92
C GLU F 162 7.36 13.64 -50.35
N ILE F 163 7.82 12.49 -50.85
CA ILE F 163 9.17 11.97 -50.69
C ILE F 163 9.77 11.65 -52.07
N GLU F 164 11.08 11.84 -52.26
CA GLU F 164 11.71 11.79 -53.59
C GLU F 164 12.31 10.43 -53.95
N VAL F 165 12.11 9.94 -55.18
CA VAL F 165 12.52 8.59 -55.58
C VAL F 165 13.49 8.51 -56.77
N HIS F 166 14.64 7.87 -56.55
CA HIS F 166 15.84 7.90 -57.38
C HIS F 166 16.24 6.53 -57.90
N MET F 167 16.96 6.51 -59.00
CA MET F 167 17.68 5.34 -59.49
C MET F 167 18.64 4.83 -58.39
N PRO F 168 18.68 3.53 -58.07
CA PRO F 168 19.61 2.97 -57.11
C PRO F 168 21.08 3.19 -57.48
N PRO F 169 22.00 3.12 -56.53
CA PRO F 169 23.41 2.97 -56.83
C PRO F 169 23.73 1.58 -57.37
N ASP F 170 24.84 1.43 -58.08
CA ASP F 170 25.33 0.11 -58.46
C ASP F 170 25.57 -0.71 -57.20
N THR F 171 25.04 -1.91 -57.12
CA THR F 171 25.04 -2.70 -55.88
C THR F 171 26.21 -3.67 -55.86
N PRO F 172 27.31 -3.41 -55.13
CA PRO F 172 28.49 -4.24 -55.22
C PRO F 172 28.25 -5.60 -54.57
N ASP F 173 28.74 -6.66 -55.19
CA ASP F 173 28.58 -8.02 -54.67
C ASP F 173 29.72 -8.94 -55.15
N ARG F 174 30.66 -9.26 -54.26
CA ARG F 174 31.75 -10.20 -54.53
C ARG F 174 31.25 -11.54 -55.07
N THR F 175 30.10 -12.00 -54.61
CA THR F 175 29.60 -13.34 -54.93
C THR F 175 28.96 -13.44 -56.31
N LEU F 176 28.91 -12.35 -57.08
CA LEU F 176 28.68 -12.43 -58.53
C LEU F 176 29.77 -13.22 -59.25
N MET F 177 30.95 -13.39 -58.66
CA MET F 177 32.11 -13.90 -59.38
C MET F 177 32.94 -14.89 -58.57
N SER F 178 33.58 -15.81 -59.30
CA SER F 178 34.27 -16.97 -58.73
C SER F 178 35.58 -17.22 -59.48
N GLN F 179 36.57 -17.79 -58.80
CA GLN F 179 37.92 -17.97 -59.33
C GLN F 179 38.17 -19.44 -59.65
N GLN F 180 38.65 -19.73 -60.85
CA GLN F 180 38.93 -21.10 -61.30
C GLN F 180 40.06 -21.10 -62.33
N SER F 181 40.93 -22.12 -62.30
CA SER F 181 42.04 -22.34 -63.24
C SER F 181 43.03 -21.17 -63.44
N GLY F 182 43.13 -20.23 -62.50
CA GLY F 182 43.93 -18.99 -62.69
C GLY F 182 43.18 -17.88 -63.44
N ASN F 183 41.86 -17.97 -63.50
CA ASN F 183 40.93 -17.08 -64.19
C ASN F 183 39.73 -16.78 -63.26
N VAL F 184 38.89 -15.82 -63.63
CA VAL F 184 37.63 -15.48 -62.94
C VAL F 184 36.48 -15.67 -63.91
N LYS F 185 35.27 -15.99 -63.45
CA LYS F 185 34.07 -15.73 -64.25
C LYS F 185 33.07 -14.83 -63.53
N ILE F 186 32.48 -13.90 -64.27
CA ILE F 186 31.40 -13.04 -63.79
C ILE F 186 30.08 -13.75 -64.09
N THR F 187 29.44 -14.36 -63.09
CA THR F 187 28.39 -15.38 -63.27
C THR F 187 27.01 -14.86 -63.67
N VAL F 188 26.76 -13.56 -63.54
CA VAL F 188 25.54 -12.82 -63.97
C VAL F 188 24.20 -13.23 -63.35
N ASN F 189 23.89 -14.50 -63.12
CA ASN F 189 22.70 -14.96 -62.41
C ASN F 189 21.39 -14.29 -62.91
N SER F 190 21.27 -14.13 -64.22
CA SER F 190 20.15 -13.48 -64.96
C SER F 190 19.95 -11.96 -64.78
N GLN F 191 20.89 -11.21 -64.22
CA GLN F 191 20.75 -9.75 -64.03
C GLN F 191 22.01 -8.96 -64.44
N THR F 192 21.85 -7.81 -65.08
CA THR F 192 22.97 -7.10 -65.73
C THR F 192 24.07 -6.72 -64.73
N VAL F 193 25.31 -7.12 -65.01
CA VAL F 193 26.47 -6.82 -64.17
C VAL F 193 27.35 -5.76 -64.82
N ARG F 194 27.88 -4.83 -64.04
CA ARG F 194 29.03 -4.01 -64.41
C ARG F 194 30.25 -4.57 -63.70
N TYR F 195 31.35 -4.74 -64.39
CA TYR F 195 32.55 -5.37 -63.85
C TYR F 195 33.80 -4.57 -64.20
N LYS F 196 34.87 -4.80 -63.44
CA LYS F 196 36.19 -4.22 -63.64
C LYS F 196 37.27 -5.21 -63.24
N CYS F 197 38.45 -5.12 -63.84
CA CYS F 197 39.66 -5.80 -63.38
C CYS F 197 40.88 -4.91 -63.67
N ASN F 198 41.94 -4.99 -62.84
CA ASN F 198 43.06 -4.05 -62.93
C ASN F 198 44.45 -4.70 -63.03
N CYS F 199 44.56 -6.02 -62.90
CA CYS F 199 45.78 -6.76 -63.21
C CYS F 199 45.89 -7.04 -64.73
N GLY F 200 46.47 -8.19 -65.13
CA GLY F 200 46.30 -8.73 -66.48
C GLY F 200 44.82 -8.95 -66.81
N ASP F 201 44.48 -8.93 -68.10
CA ASP F 201 43.11 -8.77 -68.60
C ASP F 201 42.45 -7.51 -67.99
N SER F 202 43.12 -6.37 -68.19
CA SER F 202 42.94 -5.08 -67.52
C SER F 202 41.63 -4.32 -67.86
N ASN F 203 40.60 -5.04 -68.27
CA ASN F 203 39.39 -4.50 -68.90
C ASN F 203 38.21 -4.37 -67.93
N GLU F 204 37.16 -3.71 -68.41
CA GLU F 204 35.91 -3.46 -67.71
C GLU F 204 34.75 -3.38 -68.70
N GLY F 205 33.51 -3.46 -68.21
CA GLY F 205 32.34 -3.21 -69.04
C GLY F 205 31.05 -3.63 -68.37
N LEU F 206 29.93 -3.45 -69.07
CA LEU F 206 28.71 -4.17 -68.72
C LEU F 206 28.73 -5.57 -69.33
N THR F 207 27.96 -6.48 -68.76
CA THR F 207 27.54 -7.70 -69.46
C THR F 207 26.14 -8.16 -69.02
N THR F 208 25.41 -8.78 -69.95
CA THR F 208 24.06 -9.34 -69.71
C THR F 208 24.07 -10.88 -69.67
N THR F 209 25.23 -11.53 -69.88
CA THR F 209 25.44 -12.98 -69.74
C THR F 209 26.90 -13.27 -69.37
N ASP F 210 27.15 -14.37 -68.68
CA ASP F 210 28.45 -14.62 -68.05
C ASP F 210 29.60 -14.82 -69.06
N LYS F 211 30.82 -14.49 -68.63
CA LYS F 211 32.05 -14.87 -69.34
C LYS F 211 33.23 -14.98 -68.39
N VAL F 212 34.29 -15.63 -68.86
CA VAL F 212 35.58 -15.74 -68.17
C VAL F 212 36.46 -14.51 -68.44
N ILE F 213 37.16 -14.04 -67.41
CA ILE F 213 38.22 -13.04 -67.44
C ILE F 213 39.52 -13.76 -67.07
N ASN F 214 40.59 -13.55 -67.83
CA ASN F 214 41.79 -14.38 -67.73
C ASN F 214 42.85 -13.87 -66.74
N ASN F 215 43.75 -14.76 -66.30
CA ASN F 215 44.97 -14.48 -65.52
C ASN F 215 44.80 -13.85 -64.12
N CYS F 216 43.61 -13.37 -63.77
CA CYS F 216 43.36 -12.60 -62.56
C CYS F 216 43.07 -13.46 -61.31
N LYS F 217 43.40 -12.92 -60.13
CA LYS F 217 42.81 -13.33 -58.85
C LYS F 217 41.48 -12.58 -58.65
N VAL F 218 40.53 -13.14 -57.91
CA VAL F 218 39.18 -12.54 -57.78
C VAL F 218 39.17 -11.24 -56.96
N ASP F 219 40.23 -10.98 -56.19
CA ASP F 219 40.48 -9.71 -55.51
C ASP F 219 41.30 -8.70 -56.33
N GLN F 220 41.64 -9.02 -57.59
CA GLN F 220 42.12 -8.06 -58.60
C GLN F 220 40.99 -7.64 -59.56
N CYS F 221 39.76 -7.88 -59.14
CA CYS F 221 38.52 -7.69 -59.89
C CYS F 221 37.44 -7.07 -58.98
N HIS F 222 36.41 -6.47 -59.55
CA HIS F 222 35.28 -5.86 -58.84
C HIS F 222 34.00 -5.99 -59.68
N ALA F 223 32.85 -6.15 -59.06
CA ALA F 223 31.58 -6.33 -59.77
C ALA F 223 30.37 -5.78 -59.01
N ALA F 224 29.37 -5.30 -59.74
CA ALA F 224 28.13 -4.80 -59.18
C ALA F 224 26.94 -5.01 -60.12
N VAL F 225 25.75 -5.25 -59.58
CA VAL F 225 24.51 -5.24 -60.38
C VAL F 225 24.16 -3.79 -60.71
N THR F 226 23.75 -3.49 -61.96
CA THR F 226 23.82 -2.11 -62.46
C THR F 226 22.53 -1.49 -63.00
N ASN F 227 21.80 -2.16 -63.90
CA ASN F 227 20.80 -1.47 -64.73
C ASN F 227 19.38 -1.62 -64.16
N HIS F 228 19.18 -1.18 -62.93
CA HIS F 228 17.94 -1.38 -62.19
C HIS F 228 16.72 -0.76 -62.87
N LYS F 229 15.59 -1.46 -62.81
CA LYS F 229 14.29 -0.95 -63.30
C LYS F 229 13.51 -0.17 -62.24
N LYS F 230 13.64 -0.55 -60.96
CA LYS F 230 12.84 -0.04 -59.84
C LYS F 230 13.62 1.00 -59.03
N TRP F 231 12.96 2.07 -58.59
CA TRP F 231 13.61 3.17 -57.87
C TRP F 231 13.58 2.96 -56.35
N GLN F 232 14.24 3.82 -55.58
CA GLN F 232 14.24 3.84 -54.12
C GLN F 232 13.96 5.27 -53.64
N TYR F 233 13.54 5.45 -52.40
CA TYR F 233 13.75 6.74 -51.73
C TYR F 233 15.25 7.06 -51.72
N ASN F 234 15.65 8.32 -51.95
CA ASN F 234 17.06 8.74 -51.87
C ASN F 234 17.51 8.88 -50.41
N SER F 235 17.56 7.75 -49.72
CA SER F 235 17.83 7.69 -48.30
C SER F 235 19.22 8.23 -47.93
N PRO F 236 19.38 8.90 -46.79
CA PRO F 236 20.66 9.46 -46.38
C PRO F 236 21.70 8.44 -45.95
N LEU F 237 21.46 7.14 -46.14
CA LEU F 237 22.45 6.10 -45.87
C LEU F 237 22.48 4.98 -46.92
N VAL F 238 22.26 5.35 -48.18
CA VAL F 238 22.74 4.64 -49.38
C VAL F 238 23.47 5.64 -50.27
N PRO F 239 24.53 5.29 -51.00
CA PRO F 239 25.27 6.25 -51.82
C PRO F 239 24.47 6.70 -53.04
N ARG F 240 24.72 7.91 -53.53
CA ARG F 240 24.02 8.50 -54.68
C ARG F 240 24.52 7.90 -55.99
N ASN F 241 23.65 7.74 -56.98
CA ASN F 241 24.00 7.11 -58.25
C ASN F 241 25.05 7.88 -59.08
N ALA F 242 24.98 9.22 -59.06
CA ALA F 242 25.80 10.13 -59.85
C ALA F 242 25.84 11.53 -59.21
N GLU F 243 26.72 12.43 -59.66
CA GLU F 243 26.88 13.77 -59.08
C GLU F 243 25.57 14.53 -58.89
N LEU F 244 24.74 14.58 -59.93
CA LEU F 244 23.45 15.28 -59.93
C LEU F 244 22.27 14.35 -59.63
N GLY F 245 22.55 13.09 -59.31
CA GLY F 245 21.55 12.05 -59.10
C GLY F 245 20.66 11.85 -60.32
N ASP F 246 19.35 11.77 -60.09
CA ASP F 246 18.32 11.75 -61.11
C ASP F 246 17.01 12.32 -60.53
N ARG F 247 16.04 12.61 -61.40
CA ARG F 247 14.60 12.60 -61.10
C ARG F 247 14.18 13.01 -59.68
N LYS F 248 13.65 14.22 -59.51
CA LYS F 248 12.73 14.54 -58.40
C LYS F 248 11.37 13.85 -58.59
N GLY F 249 11.34 12.51 -58.71
CA GLY F 249 10.12 11.71 -58.79
C GLY F 249 9.42 11.69 -57.43
N LYS F 250 8.10 11.58 -57.37
CA LYS F 250 7.36 11.90 -56.15
C LYS F 250 6.42 10.79 -55.71
N VAL F 251 6.33 10.64 -54.39
CA VAL F 251 5.35 9.78 -53.72
C VAL F 251 4.69 10.59 -52.60
N HIS F 252 3.38 10.70 -52.59
CA HIS F 252 2.63 11.41 -51.56
C HIS F 252 2.53 10.59 -50.29
N ILE F 253 3.15 11.01 -49.19
CA ILE F 253 3.20 10.20 -47.97
C ILE F 253 1.85 10.20 -47.25
N PRO F 254 1.46 9.09 -46.60
CA PRO F 254 0.18 8.97 -45.92
C PRO F 254 0.11 9.71 -44.59
N PHE F 255 -1.04 9.64 -43.93
CA PHE F 255 -1.27 10.07 -42.56
C PHE F 255 -0.96 11.56 -42.33
N PRO F 256 -1.75 12.46 -42.90
CA PRO F 256 -1.57 13.89 -42.70
C PRO F 256 -1.84 14.28 -41.26
N LEU F 257 -1.12 15.27 -40.74
CA LEU F 257 -1.36 15.78 -39.40
C LEU F 257 -2.72 16.49 -39.34
N ALA F 258 -3.47 16.34 -38.25
CA ALA F 258 -4.83 16.86 -38.13
C ALA F 258 -5.16 17.34 -36.72
N ASN F 259 -6.14 18.24 -36.60
CA ASN F 259 -6.64 18.74 -35.31
C ASN F 259 -7.69 17.78 -34.74
N VAL F 260 -7.69 17.55 -33.42
CA VAL F 260 -8.76 16.80 -32.77
C VAL F 260 -8.89 17.15 -31.29
N THR F 261 -10.09 17.01 -30.73
CA THR F 261 -10.33 17.09 -29.29
C THR F 261 -9.86 15.82 -28.59
N CYS F 262 -9.22 15.96 -27.44
CA CYS F 262 -8.69 14.86 -26.65
C CYS F 262 -9.09 14.99 -25.18
N ARG F 263 -9.50 13.90 -24.52
CA ARG F 263 -9.96 13.92 -23.14
C ARG F 263 -8.82 14.00 -22.15
N VAL F 264 -8.95 14.83 -21.13
CA VAL F 264 -8.06 14.85 -19.95
C VAL F 264 -8.89 14.78 -18.67
N PRO F 265 -8.41 14.18 -17.59
CA PRO F 265 -9.13 14.09 -16.33
C PRO F 265 -9.25 15.43 -15.64
N LYS F 266 -10.16 15.53 -14.67
CA LYS F 266 -10.24 16.66 -13.73
C LYS F 266 -9.96 16.16 -12.33
N ALA F 267 -8.96 16.71 -11.64
CA ALA F 267 -8.66 16.32 -10.27
C ALA F 267 -9.84 16.53 -9.31
N ARG F 268 -9.90 15.71 -8.25
CA ARG F 268 -10.92 15.73 -7.18
C ARG F 268 -11.09 17.10 -6.56
N ASN F 269 -12.28 17.40 -6.06
CA ASN F 269 -12.51 18.60 -5.26
C ASN F 269 -11.62 18.58 -4.02
N PRO F 270 -10.89 19.65 -3.70
CA PRO F 270 -10.06 19.69 -2.51
C PRO F 270 -10.90 19.95 -1.27
N THR F 271 -10.42 19.54 -0.11
CA THR F 271 -11.10 19.80 1.17
C THR F 271 -10.78 21.21 1.62
N VAL F 272 -11.62 22.18 1.28
CA VAL F 272 -11.44 23.59 1.64
C VAL F 272 -11.83 23.87 3.09
N THR F 273 -11.20 24.86 3.70
CA THR F 273 -11.48 25.34 5.06
C THR F 273 -11.03 26.79 5.16
N TYR F 274 -11.56 27.58 6.10
CA TYR F 274 -11.36 29.02 6.12
C TYR F 274 -10.75 29.52 7.43
N GLY F 275 -9.98 30.60 7.36
CA GLY F 275 -9.44 31.31 8.52
C GLY F 275 -9.28 32.80 8.25
N LYS F 276 -8.68 33.53 9.19
CA LYS F 276 -8.40 34.98 9.10
C LYS F 276 -7.65 35.32 7.80
N ASN F 277 -8.34 35.81 6.78
CA ASN F 277 -7.78 36.01 5.44
C ASN F 277 -7.05 34.78 4.87
N GLN F 278 -7.52 33.55 5.12
CA GLN F 278 -6.89 32.34 4.60
C GLN F 278 -7.90 31.36 4.03
N VAL F 279 -7.50 30.67 2.96
CA VAL F 279 -8.06 29.37 2.59
C VAL F 279 -7.05 28.30 2.89
N ILE F 280 -7.49 27.25 3.55
CA ILE F 280 -6.72 26.06 3.88
C ILE F 280 -7.24 24.95 2.98
N MET F 281 -6.37 24.16 2.38
CA MET F 281 -6.79 23.06 1.52
C MET F 281 -6.04 21.79 1.81
N LEU F 282 -6.71 20.65 1.81
CA LEU F 282 -6.05 19.38 1.47
C LEU F 282 -6.28 19.10 0.00
N LEU F 283 -5.21 18.69 -0.69
CA LEU F 283 -5.21 18.38 -2.11
C LEU F 283 -5.06 16.89 -2.31
N TYR F 284 -5.88 16.27 -3.17
CA TYR F 284 -5.85 14.83 -3.41
C TYR F 284 -5.47 14.51 -4.86
N PRO F 285 -4.18 14.52 -5.22
CA PRO F 285 -3.76 14.20 -6.57
C PRO F 285 -3.74 12.70 -6.80
N ASP F 286 -4.37 12.23 -7.87
CA ASP F 286 -4.19 10.84 -8.33
C ASP F 286 -2.87 10.66 -9.10
N HIS F 287 -2.37 11.74 -9.69
CA HIS F 287 -1.17 11.87 -10.51
C HIS F 287 -0.69 13.32 -10.45
N PRO F 288 0.56 13.64 -10.83
CA PRO F 288 1.09 14.98 -10.63
C PRO F 288 0.20 16.05 -11.25
N THR F 289 -0.23 16.99 -10.43
CA THR F 289 -1.29 17.95 -10.75
C THR F 289 -0.83 19.35 -10.47
N LEU F 290 -1.05 20.27 -11.40
CA LEU F 290 -0.58 21.65 -11.25
C LEU F 290 -1.55 22.49 -10.43
N LEU F 291 -1.06 23.14 -9.39
CA LEU F 291 -1.77 24.14 -8.59
C LEU F 291 -1.23 25.51 -8.97
N SER F 292 -2.07 26.47 -9.34
CA SER F 292 -1.69 27.86 -9.60
C SER F 292 -2.60 28.78 -8.84
N TYR F 293 -2.10 29.91 -8.38
CA TYR F 293 -2.96 30.95 -7.83
C TYR F 293 -2.42 32.34 -8.08
N ARG F 294 -3.31 33.32 -8.10
CA ARG F 294 -2.98 34.73 -8.31
C ARG F 294 -3.91 35.64 -7.53
N ASN F 295 -3.42 36.79 -7.12
CA ASN F 295 -4.24 37.85 -6.58
C ASN F 295 -4.98 38.55 -7.71
N MET F 296 -6.21 38.98 -7.51
CA MET F 296 -7.01 39.64 -8.55
C MET F 296 -6.83 41.17 -8.59
N GLY F 297 -5.82 41.69 -7.89
CA GLY F 297 -5.49 43.12 -7.80
C GLY F 297 -4.57 43.60 -8.91
N GLU F 298 -3.83 44.68 -8.66
CA GLU F 298 -2.93 45.29 -9.65
C GLU F 298 -1.65 44.48 -9.87
N GLU F 299 -1.04 43.91 -8.84
CA GLU F 299 0.07 42.98 -9.00
C GLU F 299 -0.40 41.55 -8.73
N PRO F 300 -0.28 40.61 -9.67
CA PRO F 300 -0.96 39.34 -9.56
C PRO F 300 -0.22 38.39 -8.64
N ASN F 301 1.08 38.59 -8.42
CA ASN F 301 1.94 37.73 -7.61
C ASN F 301 1.72 36.24 -7.88
N TYR F 302 1.76 35.86 -9.15
CA TYR F 302 1.50 34.49 -9.58
C TYR F 302 2.46 33.49 -8.97
N GLN F 303 1.95 32.35 -8.51
CA GLN F 303 2.77 31.24 -8.05
C GLN F 303 2.16 29.91 -8.45
N GLU F 304 2.98 28.89 -8.62
CA GLU F 304 2.53 27.56 -8.99
C GLU F 304 3.41 26.46 -8.40
N GLU F 305 2.89 25.25 -8.29
CA GLU F 305 3.66 24.06 -8.04
C GLU F 305 2.95 22.82 -8.58
N TRP F 306 3.70 21.83 -9.07
CA TRP F 306 3.13 20.49 -9.22
C TRP F 306 3.06 19.83 -7.85
N VAL F 307 1.90 19.30 -7.48
CA VAL F 307 1.80 18.41 -6.32
C VAL F 307 1.69 16.98 -6.81
N THR F 308 2.43 16.09 -6.16
CA THR F 308 2.62 14.70 -6.58
C THR F 308 2.05 13.71 -5.57
N HIS F 309 1.62 14.17 -4.40
CA HIS F 309 1.02 13.38 -3.33
C HIS F 309 0.14 14.27 -2.46
N LYS F 310 -0.75 13.71 -1.62
CA LYS F 310 -1.56 14.49 -0.68
C LYS F 310 -0.76 15.47 0.16
N LYS F 311 -1.28 16.70 0.30
CA LYS F 311 -0.59 17.86 0.88
C LYS F 311 -1.59 18.84 1.46
N GLU F 312 -1.20 19.63 2.46
CA GLU F 312 -1.98 20.76 2.98
C GLU F 312 -1.37 22.10 2.55
N ILE F 313 -2.19 23.00 2.00
CA ILE F 313 -1.78 24.31 1.46
C ILE F 313 -2.55 25.44 2.14
N ARG F 314 -1.93 26.61 2.33
CA ARG F 314 -2.53 27.76 3.06
C ARG F 314 -2.38 29.08 2.31
N LEU F 315 -3.25 29.40 1.35
CA LEU F 315 -3.15 30.65 0.60
C LEU F 315 -3.70 31.81 1.42
N THR F 316 -3.02 32.95 1.43
CA THR F 316 -3.50 34.18 2.07
C THR F 316 -4.36 34.98 1.10
N VAL F 317 -5.63 35.18 1.42
CA VAL F 317 -6.59 35.84 0.55
C VAL F 317 -6.53 37.36 0.75
N PRO F 318 -6.11 38.15 -0.25
CA PRO F 318 -6.00 39.59 -0.13
C PRO F 318 -7.36 40.26 -0.31
N THR F 319 -7.51 41.53 0.04
CA THR F 319 -8.81 42.24 -0.06
C THR F 319 -9.36 42.28 -1.47
N GLU F 320 -8.49 42.20 -2.47
CA GLU F 320 -8.81 42.23 -3.89
C GLU F 320 -9.45 40.94 -4.38
N GLY F 321 -9.29 39.84 -3.65
CA GLY F 321 -9.70 38.49 -4.04
C GLY F 321 -8.53 37.64 -4.52
N LEU F 322 -8.63 36.33 -4.29
CA LEU F 322 -7.69 35.30 -4.74
C LEU F 322 -8.38 34.42 -5.77
N GLU F 323 -7.69 34.05 -6.83
CA GLU F 323 -8.12 32.99 -7.72
C GLU F 323 -7.19 31.80 -7.58
N VAL F 324 -7.72 30.61 -7.31
CA VAL F 324 -6.97 29.36 -7.26
C VAL F 324 -7.45 28.46 -8.38
N THR F 325 -6.57 27.81 -9.11
CA THR F 325 -6.95 26.86 -10.15
C THR F 325 -6.10 25.61 -10.04
N TRP F 326 -6.76 24.46 -10.19
CA TRP F 326 -6.31 23.18 -9.67
C TRP F 326 -6.54 22.08 -10.69
N GLY F 327 -5.47 21.50 -11.23
CA GLY F 327 -5.61 20.54 -12.32
C GLY F 327 -6.31 21.17 -13.51
N ASN F 328 -7.15 20.42 -14.21
CA ASN F 328 -7.95 20.94 -15.32
C ASN F 328 -9.33 21.50 -14.92
N ASN F 329 -9.62 21.64 -13.63
CA ASN F 329 -10.87 22.24 -13.15
C ASN F 329 -11.01 23.71 -13.58
N GLU F 330 -12.21 24.26 -13.48
CA GLU F 330 -12.40 25.71 -13.55
C GLU F 330 -11.88 26.40 -12.28
N PRO F 331 -11.50 27.68 -12.32
CA PRO F 331 -10.91 28.35 -11.17
C PRO F 331 -11.89 28.56 -10.03
N TYR F 332 -11.46 28.31 -8.80
CA TYR F 332 -12.14 28.79 -7.61
C TYR F 332 -11.80 30.25 -7.37
N LYS F 333 -12.71 31.03 -6.81
CA LYS F 333 -12.44 32.42 -6.41
C LYS F 333 -12.81 32.64 -4.96
N TYR F 334 -12.03 33.43 -4.24
CA TYR F 334 -12.27 33.74 -2.85
C TYR F 334 -12.07 35.22 -2.57
N TRP F 335 -12.98 35.85 -1.85
CA TRP F 335 -12.79 37.18 -1.27
C TRP F 335 -12.94 37.09 0.25
N PRO F 336 -12.19 37.87 1.03
CA PRO F 336 -12.41 37.94 2.46
C PRO F 336 -13.64 38.78 2.77
N GLN F 337 -14.23 38.63 3.96
CA GLN F 337 -15.21 39.61 4.46
C GLN F 337 -15.00 39.97 5.93
N LEU F 338 -15.37 41.21 6.26
CA LEU F 338 -15.03 41.86 7.52
C LEU F 338 -15.61 41.07 8.68
N SER F 339 -14.77 40.50 9.53
CA SER F 339 -15.20 39.62 10.63
C SER F 339 -14.19 39.63 11.76
N THR F 340 -14.65 39.43 12.99
CA THR F 340 -13.82 39.59 14.19
C THR F 340 -14.42 38.85 15.39
N ASN F 341 -13.56 38.43 16.31
CA ASN F 341 -13.93 37.83 17.59
C ASN F 341 -14.40 38.90 18.59
N GLY F 342 -14.02 40.17 18.38
CA GLY F 342 -14.47 41.33 19.14
C GLY F 342 -15.84 41.85 18.70
N THR F 343 -16.20 43.06 19.13
CA THR F 343 -17.42 43.73 18.67
C THR F 343 -17.29 45.24 18.66
N ALA F 344 -17.96 45.88 17.70
CA ALA F 344 -18.40 47.26 17.82
C ALA F 344 -19.43 47.36 18.95
N HIS F 345 -19.70 48.57 19.44
CA HIS F 345 -20.59 48.77 20.60
C HIS F 345 -20.02 48.11 21.87
N GLY F 346 -20.66 48.25 23.03
CA GLY F 346 -20.08 47.77 24.29
C GLY F 346 -18.80 48.52 24.69
N HIS F 347 -18.00 47.91 25.58
CA HIS F 347 -16.88 48.55 26.26
C HIS F 347 -15.75 48.98 25.30
N PRO F 348 -14.98 50.04 25.59
CA PRO F 348 -14.04 50.61 24.62
C PRO F 348 -12.86 49.71 24.31
N HIS F 349 -12.43 48.83 25.21
CA HIS F 349 -11.41 47.83 24.89
C HIS F 349 -11.91 46.78 23.88
N GLU F 350 -13.22 46.53 23.81
CA GLU F 350 -13.81 45.70 22.76
C GLU F 350 -13.77 46.45 21.43
N ILE F 351 -14.12 47.74 21.43
CA ILE F 351 -14.17 48.54 20.20
C ILE F 351 -12.80 48.63 19.53
N ILE F 352 -11.73 48.90 20.28
CA ILE F 352 -10.40 48.97 19.64
C ILE F 352 -9.91 47.60 19.18
N LEU F 353 -10.30 46.51 19.82
CA LEU F 353 -9.99 45.16 19.33
C LEU F 353 -10.77 44.86 18.05
N TYR F 354 -12.06 45.18 18.02
CA TYR F 354 -12.86 45.13 16.80
C TYR F 354 -12.22 45.94 15.66
N TYR F 355 -11.63 47.10 15.94
CA TYR F 355 -10.97 47.90 14.91
C TYR F 355 -9.53 47.48 14.63
N TYR F 356 -8.95 46.58 15.41
CA TYR F 356 -7.66 45.96 15.06
C TYR F 356 -7.87 44.80 14.09
N GLU F 357 -8.91 44.00 14.31
CA GLU F 357 -9.30 42.95 13.37
C GLU F 357 -9.97 43.54 12.12
N LEU F 358 -9.24 43.50 11.01
CA LEU F 358 -9.44 44.35 9.83
C LEU F 358 -9.25 45.84 10.17
N TYR F 359 -8.59 46.56 9.26
CA TYR F 359 -7.97 47.85 9.51
C TYR F 359 -6.86 47.90 10.60
N PRO F 360 -6.01 46.87 10.79
CA PRO F 360 -4.74 47.07 11.46
C PRO F 360 -3.85 47.99 10.62
N THR F 361 -2.70 48.40 11.14
CA THR F 361 -1.97 49.61 10.70
C THR F 361 -2.78 50.88 10.94
N MET F 362 -3.91 51.10 10.27
CA MET F 362 -4.80 52.25 10.50
C MET F 362 -5.08 52.45 11.99
N THR F 363 -5.54 51.40 12.68
CA THR F 363 -5.82 51.46 14.12
C THR F 363 -4.60 51.80 14.97
N VAL F 364 -3.49 51.06 14.86
CA VAL F 364 -2.32 51.37 15.72
C VAL F 364 -1.74 52.74 15.42
N VAL F 365 -1.85 53.25 14.19
CA VAL F 365 -1.53 54.65 13.91
C VAL F 365 -2.47 55.58 14.67
N VAL F 366 -3.79 55.55 14.42
CA VAL F 366 -4.67 56.57 15.01
C VAL F 366 -4.70 56.51 16.54
N VAL F 367 -4.72 55.33 17.17
CA VAL F 367 -4.74 55.27 18.64
C VAL F 367 -3.43 55.73 19.26
N SER F 368 -2.28 55.45 18.63
CA SER F 368 -1.00 55.93 19.15
C SER F 368 -0.89 57.45 18.99
N VAL F 369 -1.06 58.01 17.79
CA VAL F 369 -0.88 59.46 17.62
C VAL F 369 -1.91 60.27 18.40
N ALA F 370 -3.16 59.81 18.49
CA ALA F 370 -4.14 60.44 19.38
C ALA F 370 -3.64 60.40 20.83
N SER F 371 -3.16 59.26 21.32
CA SER F 371 -2.63 59.18 22.70
C SER F 371 -1.43 60.11 22.92
N PHE F 372 -0.57 60.31 21.92
CA PHE F 372 0.56 61.24 22.04
C PHE F 372 0.05 62.68 22.19
N VAL F 373 -0.85 63.14 21.31
CA VAL F 373 -1.34 64.52 21.39
C VAL F 373 -2.22 64.73 22.62
N LEU F 374 -3.07 63.77 23.03
CA LEU F 374 -3.86 63.89 24.26
C LEU F 374 -2.95 64.04 25.48
N LEU F 375 -1.92 63.21 25.61
CA LEU F 375 -0.95 63.35 26.68
C LEU F 375 -0.18 64.68 26.59
N SER F 376 0.08 65.20 25.38
CA SER F 376 0.65 66.55 25.24
C SER F 376 -0.30 67.63 25.76
N MET F 377 -1.62 67.49 25.61
CA MET F 377 -2.56 68.51 26.10
C MET F 377 -2.65 68.52 27.63
N VAL F 378 -2.71 67.37 28.30
CA VAL F 378 -2.62 67.39 29.78
C VAL F 378 -1.23 67.85 30.24
N GLY F 379 -0.17 67.54 29.48
CA GLY F 379 1.18 68.07 29.73
C GLY F 379 1.24 69.60 29.64
N VAL F 380 0.65 70.19 28.59
CA VAL F 380 0.49 71.64 28.45
C VAL F 380 -0.34 72.21 29.58
N ALA F 381 -1.44 71.59 29.97
CA ALA F 381 -2.26 72.07 31.07
C ALA F 381 -1.48 72.14 32.39
N VAL F 382 -0.71 71.11 32.75
CA VAL F 382 0.14 71.15 33.94
C VAL F 382 1.30 72.14 33.79
N GLY F 383 1.88 72.27 32.59
CA GLY F 383 2.90 73.28 32.31
C GLY F 383 2.38 74.71 32.46
N MET F 384 1.15 74.96 32.03
CA MET F 384 0.42 76.19 32.31
C MET F 384 0.19 76.37 33.82
N CYS F 385 -0.18 75.32 34.57
CA CYS F 385 -0.40 75.46 36.01
C CYS F 385 0.89 75.81 36.75
N MET F 386 2.02 75.20 36.37
CA MET F 386 3.34 75.60 36.86
C MET F 386 3.62 77.07 36.52
N CYS F 387 3.40 77.48 35.27
CA CYS F 387 3.64 78.85 34.82
C CYS F 387 2.78 79.89 35.55
N ALA F 388 1.47 79.67 35.61
CA ALA F 388 0.53 80.59 36.25
C ALA F 388 0.72 80.69 37.76
N ARG F 389 1.11 79.60 38.43
CA ARG F 389 1.53 79.64 39.83
C ARG F 389 2.76 80.53 39.98
N ARG F 390 3.84 80.27 39.22
CA ARG F 390 5.10 81.03 39.28
C ARG F 390 4.91 82.52 39.00
N ARG F 391 4.05 82.88 38.04
CA ARG F 391 3.73 84.29 37.74
C ARG F 391 2.86 84.93 38.80
N CYS F 392 1.80 84.26 39.26
CA CYS F 392 0.91 84.85 40.25
C CYS F 392 1.59 85.03 41.61
N ILE F 393 2.39 84.05 42.05
CA ILE F 393 2.92 84.06 43.42
C ILE F 393 4.16 84.96 43.59
N THR F 394 4.96 85.23 42.55
CA THR F 394 6.22 85.97 42.74
C THR F 394 6.06 87.37 43.35
N PRO F 395 5.10 88.23 42.98
CA PRO F 395 4.87 89.49 43.68
C PRO F 395 4.58 89.37 45.18
N TYR F 396 4.05 88.24 45.66
CA TYR F 396 3.95 87.94 47.10
C TYR F 396 5.26 87.39 47.65
N GLU F 397 6.00 86.59 46.89
CA GLU F 397 7.20 85.90 47.37
C GLU F 397 8.47 86.78 47.39
N LEU F 398 8.54 87.79 46.51
CA LEU F 398 9.62 88.79 46.46
C LEU F 398 9.44 89.93 47.47
N THR F 399 8.23 90.23 47.95
CA THR F 399 7.97 91.38 48.83
C THR F 399 8.55 91.17 50.24
N PRO F 400 9.11 92.20 50.90
CA PRO F 400 9.60 92.06 52.27
C PRO F 400 8.43 91.94 53.26
N GLY F 401 8.47 90.93 54.15
CA GLY F 401 7.44 90.73 55.18
C GLY F 401 6.05 90.43 54.62
N ALA F 402 5.94 89.40 53.77
CA ALA F 402 4.78 89.11 52.94
C ALA F 402 3.45 88.90 53.70
N THR F 403 2.34 89.21 53.03
CA THR F 403 0.97 89.24 53.60
C THR F 403 -0.05 88.42 52.79
N VAL F 404 0.38 87.29 52.19
CA VAL F 404 -0.46 86.49 51.27
C VAL F 404 -1.79 86.05 51.90
N PRO F 405 -2.94 86.27 51.25
CA PRO F 405 -4.25 85.94 51.79
C PRO F 405 -4.53 84.43 51.70
N PHE F 406 -5.30 83.89 52.65
CA PHE F 406 -5.47 82.45 52.82
C PHE F 406 -6.10 81.78 51.58
N LEU F 407 -7.02 82.48 50.90
CA LEU F 407 -7.65 82.02 49.67
C LEU F 407 -6.60 81.72 48.57
N LEU F 408 -5.70 82.66 48.27
CA LEU F 408 -4.64 82.42 47.30
C LEU F 408 -3.60 81.42 47.80
N SER F 409 -3.35 81.35 49.10
CA SER F 409 -2.43 80.36 49.68
C SER F 409 -2.86 78.93 49.38
N LEU F 410 -4.13 78.62 49.61
CA LEU F 410 -4.70 77.31 49.31
C LEU F 410 -4.85 77.09 47.80
N ILE F 411 -5.39 78.06 47.04
CA ILE F 411 -5.59 77.90 45.60
C ILE F 411 -4.25 77.66 44.88
N CYS F 412 -3.27 78.55 45.05
CA CYS F 412 -1.98 78.45 44.38
C CYS F 412 -1.01 77.47 45.08
N CYS F 413 -1.48 76.75 46.09
CA CYS F 413 -0.78 75.65 46.74
C CYS F 413 0.62 76.04 47.25
N ILE F 414 0.68 76.81 48.33
CA ILE F 414 1.93 77.13 49.05
C ILE F 414 1.97 76.42 50.42
N ARG F 415 3.01 76.71 51.23
CA ARG F 415 3.21 76.14 52.58
C ARG F 415 2.06 76.52 53.53
N THR F 416 1.88 75.74 54.60
CA THR F 416 0.86 75.98 55.65
C THR F 416 0.85 77.44 56.14
N ALA F 417 -0.34 78.05 56.23
CA ALA F 417 -0.54 79.50 56.32
C ALA F 417 0.13 80.26 55.14
N LYS F 418 1.32 80.85 55.34
CA LYS F 418 2.13 81.41 54.24
C LYS F 418 2.72 80.28 53.38
N ASN G 1 -19.69 -26.31 -6.50
CA ASN G 1 -19.51 -24.99 -5.84
C ASN G 1 -20.06 -23.86 -6.72
N PHE G 2 -20.90 -22.97 -6.17
CA PHE G 2 -21.49 -21.79 -6.85
C PHE G 2 -22.01 -22.05 -8.29
N ASN G 3 -23.05 -22.87 -8.49
CA ASN G 3 -23.69 -22.99 -9.82
C ASN G 3 -24.73 -21.89 -10.10
N VAL G 4 -24.76 -20.83 -9.30
CA VAL G 4 -25.61 -19.64 -9.50
C VAL G 4 -25.39 -18.96 -10.84
N TYR G 5 -24.24 -19.18 -11.48
CA TYR G 5 -23.98 -18.82 -12.88
C TYR G 5 -24.95 -19.48 -13.87
N LYS G 6 -25.86 -20.32 -13.42
CA LYS G 6 -27.02 -20.74 -14.20
C LYS G 6 -27.95 -19.59 -14.54
N ALA G 7 -28.24 -18.71 -13.59
CA ALA G 7 -29.15 -17.59 -13.81
C ALA G 7 -28.46 -16.33 -14.36
N ILE G 8 -27.23 -16.05 -13.94
CA ILE G 8 -26.58 -14.74 -14.14
C ILE G 8 -25.55 -14.83 -15.28
N ARG G 9 -25.52 -13.86 -16.20
CA ARG G 9 -24.79 -13.97 -17.48
C ARG G 9 -23.90 -12.75 -17.78
N PRO G 10 -22.91 -12.84 -18.67
CA PRO G 10 -22.02 -11.72 -18.98
C PRO G 10 -22.76 -10.61 -19.71
N TYR G 11 -22.13 -9.45 -19.86
CA TYR G 11 -22.70 -8.28 -20.53
C TYR G 11 -21.63 -7.40 -21.19
N LEU G 12 -22.03 -6.55 -22.13
CA LEU G 12 -21.19 -5.45 -22.62
C LEU G 12 -21.40 -4.22 -21.74
N ALA G 13 -20.33 -3.46 -21.50
CA ALA G 13 -20.40 -2.16 -20.85
C ALA G 13 -19.41 -1.19 -21.47
N HIS G 14 -19.61 0.11 -21.25
CA HIS G 14 -18.75 1.15 -21.80
C HIS G 14 -17.35 1.10 -21.18
N CYS G 15 -16.32 1.20 -22.00
CA CYS G 15 -14.91 1.12 -21.60
C CYS G 15 -14.12 2.29 -22.18
N PRO G 16 -13.25 2.94 -21.41
CA PRO G 16 -12.65 4.20 -21.81
C PRO G 16 -11.55 4.09 -22.86
N ASP G 17 -10.75 3.03 -22.89
CA ASP G 17 -9.65 2.87 -23.84
C ASP G 17 -9.44 1.43 -24.24
N CYS G 18 -9.75 1.13 -25.49
CA CYS G 18 -9.69 -0.19 -26.09
C CYS G 18 -8.42 -0.44 -26.91
N GLY G 19 -7.29 0.11 -26.47
CA GLY G 19 -5.96 -0.20 -27.01
C GLY G 19 -5.44 0.77 -28.06
N GLU G 20 -6.27 1.68 -28.54
CA GLU G 20 -5.94 2.70 -29.54
C GLU G 20 -6.38 4.10 -29.12
N GLY G 21 -6.72 4.33 -27.85
CA GLY G 21 -7.21 5.62 -27.36
C GLY G 21 -8.68 5.91 -27.68
N HIS G 22 -9.35 5.05 -28.47
CA HIS G 22 -10.80 5.06 -28.62
C HIS G 22 -11.49 4.44 -27.40
N SER G 23 -12.63 5.00 -27.00
CA SER G 23 -13.58 4.31 -26.13
C SER G 23 -14.53 3.46 -26.94
N CYS G 24 -15.05 2.38 -26.36
CA CYS G 24 -16.20 1.65 -26.93
C CYS G 24 -16.86 0.76 -25.89
N HIS G 25 -18.02 0.23 -26.23
CA HIS G 25 -18.64 -0.85 -25.46
C HIS G 25 -17.83 -2.13 -25.62
N SER G 26 -17.43 -2.77 -24.53
CA SER G 26 -16.43 -3.84 -24.55
C SER G 26 -16.85 -5.02 -23.69
N PRO G 27 -16.65 -6.27 -24.15
CA PRO G 27 -16.96 -7.44 -23.36
C PRO G 27 -16.05 -7.61 -22.15
N VAL G 28 -14.95 -6.86 -22.05
CA VAL G 28 -13.97 -7.00 -20.98
C VAL G 28 -13.99 -5.81 -20.02
N ALA G 29 -15.04 -4.99 -20.03
CA ALA G 29 -15.06 -3.79 -19.21
C ALA G 29 -14.79 -4.09 -17.74
N LEU G 30 -13.81 -3.40 -17.16
CA LEU G 30 -13.47 -3.47 -15.75
C LEU G 30 -14.57 -2.82 -14.92
N GLU G 31 -14.91 -3.43 -13.79
CA GLU G 31 -15.89 -2.87 -12.85
C GLU G 31 -15.21 -2.17 -11.68
N ARG G 32 -14.25 -2.85 -11.06
CA ARG G 32 -13.63 -2.41 -9.82
C ARG G 32 -12.36 -3.19 -9.58
N ILE G 33 -11.30 -2.53 -9.17
CA ILE G 33 -10.06 -3.19 -8.76
C ILE G 33 -9.98 -3.12 -7.24
N ARG G 34 -10.20 -4.25 -6.56
CA ARG G 34 -10.03 -4.37 -5.11
C ARG G 34 -8.53 -4.35 -4.81
N ASN G 35 -8.13 -3.88 -3.64
CA ASN G 35 -6.73 -3.52 -3.37
C ASN G 35 -6.41 -3.51 -1.87
N GLU G 36 -6.93 -4.47 -1.11
CA GLU G 36 -6.77 -4.52 0.35
C GLU G 36 -5.64 -5.45 0.81
N ALA G 37 -5.28 -6.44 0.02
CA ALA G 37 -4.25 -7.39 0.37
C ALA G 37 -2.90 -6.69 0.51
N THR G 38 -2.31 -6.68 1.69
CA THR G 38 -1.00 -6.04 1.90
C THR G 38 0.16 -6.79 1.26
N ASP G 39 0.01 -8.04 0.84
CA ASP G 39 1.05 -8.68 0.02
C ASP G 39 1.12 -8.16 -1.42
N GLY G 40 0.22 -7.25 -1.81
CA GLY G 40 0.18 -6.63 -3.13
C GLY G 40 -0.59 -7.39 -4.20
N THR G 41 -1.28 -8.49 -3.88
CA THR G 41 -2.19 -9.14 -4.83
C THR G 41 -3.34 -8.22 -5.20
N LEU G 42 -3.81 -8.26 -6.44
CA LEU G 42 -5.02 -7.56 -6.88
C LEU G 42 -6.17 -8.54 -7.04
N LYS G 43 -7.38 -8.16 -6.64
CA LYS G 43 -8.61 -8.85 -7.03
C LYS G 43 -9.38 -7.94 -7.97
N ILE G 44 -9.63 -8.39 -9.19
CA ILE G 44 -10.15 -7.58 -10.27
C ILE G 44 -11.53 -8.08 -10.64
N GLN G 45 -12.55 -7.22 -10.70
CA GLN G 45 -13.87 -7.60 -11.18
C GLN G 45 -14.11 -7.11 -12.61
N VAL G 46 -14.61 -7.98 -13.49
CA VAL G 46 -14.65 -7.77 -14.94
C VAL G 46 -15.93 -8.32 -15.57
N SER G 47 -16.35 -7.78 -16.71
CA SER G 47 -17.64 -8.13 -17.32
C SER G 47 -17.72 -9.52 -17.96
N LEU G 48 -16.61 -10.22 -18.17
CA LEU G 48 -16.60 -11.61 -18.61
C LEU G 48 -17.15 -12.52 -17.50
N GLN G 49 -17.45 -13.77 -17.84
CA GLN G 49 -17.53 -14.84 -16.86
C GLN G 49 -16.52 -15.92 -17.19
N ILE G 50 -15.64 -16.24 -16.25
CA ILE G 50 -14.50 -17.14 -16.48
C ILE G 50 -14.68 -18.41 -15.65
N GLY G 51 -14.51 -19.58 -16.27
CA GLY G 51 -14.77 -20.88 -15.64
C GLY G 51 -16.13 -21.53 -15.97
N ILE G 52 -16.94 -20.97 -16.89
CA ILE G 52 -18.22 -21.54 -17.33
C ILE G 52 -18.26 -21.59 -18.86
N LYS G 53 -18.61 -22.72 -19.48
CA LYS G 53 -18.47 -22.93 -20.93
C LYS G 53 -19.74 -22.65 -21.76
N THR G 54 -20.57 -21.71 -21.31
CA THR G 54 -21.99 -21.64 -21.75
C THR G 54 -22.72 -22.94 -21.41
N ASP G 55 -24.04 -23.02 -21.63
CA ASP G 55 -24.85 -24.15 -21.15
C ASP G 55 -24.69 -24.35 -19.63
N ASP G 56 -24.38 -23.26 -18.93
CA ASP G 56 -24.31 -23.11 -17.48
C ASP G 56 -23.47 -24.17 -16.74
N SER G 57 -22.47 -24.72 -17.43
CA SER G 57 -21.64 -25.83 -16.95
C SER G 57 -20.24 -25.34 -16.56
N HIS G 58 -19.82 -25.58 -15.32
CA HIS G 58 -18.48 -25.23 -14.86
C HIS G 58 -17.42 -26.02 -15.61
N ASP G 59 -16.41 -25.33 -16.15
CA ASP G 59 -15.29 -25.89 -16.91
C ASP G 59 -14.10 -24.94 -16.87
N TRP G 60 -13.03 -25.31 -16.18
CA TRP G 60 -11.87 -24.43 -15.99
C TRP G 60 -11.12 -24.10 -17.28
N THR G 61 -11.38 -24.78 -18.40
CA THR G 61 -10.69 -24.49 -19.66
C THR G 61 -11.30 -23.35 -20.46
N LYS G 62 -12.46 -22.80 -20.08
CA LYS G 62 -13.14 -21.77 -20.88
C LYS G 62 -13.68 -20.58 -20.07
N LEU G 63 -14.02 -19.54 -20.81
CA LEU G 63 -14.77 -18.38 -20.36
C LEU G 63 -15.86 -18.07 -21.37
N ARG G 64 -16.89 -17.36 -20.95
CA ARG G 64 -17.95 -16.90 -21.83
C ARG G 64 -18.05 -15.39 -21.79
N TYR G 65 -18.25 -14.80 -22.96
CA TYR G 65 -18.28 -13.37 -23.18
C TYR G 65 -19.61 -13.00 -23.82
N MET G 66 -20.11 -11.79 -23.58
CA MET G 66 -21.33 -11.35 -24.22
C MET G 66 -21.06 -10.96 -25.68
N ASP G 67 -21.73 -11.58 -26.64
CA ASP G 67 -21.52 -11.29 -28.06
C ASP G 67 -22.80 -10.70 -28.66
N ASN G 68 -22.87 -9.38 -28.70
CA ASN G 68 -24.07 -8.65 -29.09
C ASN G 68 -25.27 -9.09 -28.25
N HIS G 69 -26.21 -9.90 -28.76
CA HIS G 69 -27.38 -10.34 -28.00
C HIS G 69 -27.29 -11.66 -27.25
N MET G 70 -26.26 -12.49 -27.40
CA MET G 70 -26.18 -13.75 -26.64
C MET G 70 -24.75 -14.12 -26.23
N PRO G 71 -24.56 -14.87 -25.13
CA PRO G 71 -23.25 -15.37 -24.77
C PRO G 71 -22.59 -16.23 -25.85
N ALA G 72 -21.26 -16.29 -25.82
CA ALA G 72 -20.42 -17.15 -26.65
C ALA G 72 -19.11 -17.47 -25.91
N ASP G 73 -18.32 -18.44 -26.38
CA ASP G 73 -17.22 -19.03 -25.60
C ASP G 73 -15.83 -18.72 -26.15
N ALA G 74 -14.83 -18.75 -25.27
CA ALA G 74 -13.41 -18.67 -25.60
C ALA G 74 -12.55 -19.37 -24.54
N GLU G 75 -11.27 -19.56 -24.80
CA GLU G 75 -10.36 -20.31 -23.93
C GLU G 75 -9.90 -19.52 -22.70
N ARG G 76 -9.76 -20.18 -21.54
CA ARG G 76 -9.06 -19.61 -20.38
C ARG G 76 -7.57 -19.41 -20.66
N ALA G 77 -7.03 -20.07 -21.67
CA ALA G 77 -5.62 -19.99 -22.04
C ALA G 77 -5.17 -18.58 -22.43
N ARG G 78 -6.03 -17.82 -23.13
CA ARG G 78 -5.64 -16.56 -23.80
C ARG G 78 -6.05 -15.29 -23.08
N LEU G 79 -6.71 -15.39 -21.93
CA LEU G 79 -6.92 -14.27 -21.01
C LEU G 79 -5.58 -13.73 -20.51
N PHE G 80 -5.43 -12.42 -20.40
CA PHE G 80 -4.25 -11.79 -19.79
C PHE G 80 -4.64 -10.56 -18.99
N VAL G 81 -3.85 -10.23 -17.97
CA VAL G 81 -3.85 -8.92 -17.34
C VAL G 81 -2.42 -8.40 -17.31
N ARG G 82 -2.26 -7.10 -17.56
CA ARG G 82 -0.98 -6.43 -17.80
C ARG G 82 -1.00 -5.07 -17.14
N THR G 83 0.07 -4.70 -16.44
CA THR G 83 0.24 -3.38 -15.85
C THR G 83 1.23 -2.62 -16.72
N SER G 84 2.39 -2.23 -16.22
CA SER G 84 3.51 -1.78 -17.04
C SER G 84 4.13 -2.91 -17.86
N ALA G 85 4.12 -4.13 -17.33
CA ALA G 85 4.60 -5.37 -17.97
C ALA G 85 3.73 -6.56 -17.52
N PRO G 86 3.72 -7.70 -18.23
CA PRO G 86 2.76 -8.78 -18.00
C PRO G 86 2.68 -9.29 -16.56
N CYS G 87 1.47 -9.46 -16.05
CA CYS G 87 1.18 -9.94 -14.70
C CYS G 87 0.99 -11.46 -14.68
N THR G 88 1.18 -12.11 -13.54
CA THR G 88 0.74 -13.51 -13.38
C THR G 88 -0.68 -13.56 -12.83
N ILE G 89 -1.44 -14.57 -13.23
CA ILE G 89 -2.81 -14.78 -12.75
C ILE G 89 -2.80 -15.97 -11.81
N THR G 90 -3.25 -15.78 -10.58
CA THR G 90 -3.16 -16.78 -9.50
C THR G 90 -4.50 -17.39 -9.12
N GLY G 91 -5.60 -16.99 -9.76
CA GLY G 91 -6.91 -17.60 -9.58
C GLY G 91 -7.97 -16.92 -10.42
N THR G 92 -9.02 -17.63 -10.82
CA THR G 92 -10.04 -17.13 -11.74
C THR G 92 -11.38 -17.80 -11.51
N MET G 93 -12.45 -17.04 -11.26
CA MET G 93 -13.77 -17.60 -11.00
C MET G 93 -14.89 -16.58 -11.23
N GLY G 94 -15.86 -16.89 -12.09
CA GLY G 94 -17.01 -16.02 -12.29
C GLY G 94 -16.60 -14.68 -12.88
N HIS G 95 -16.97 -13.57 -12.25
CA HIS G 95 -16.57 -12.22 -12.65
C HIS G 95 -15.20 -11.78 -12.12
N PHE G 96 -14.42 -12.64 -11.45
CA PHE G 96 -13.26 -12.21 -10.66
C PHE G 96 -11.95 -12.89 -11.05
N ILE G 97 -10.88 -12.11 -11.13
CA ILE G 97 -9.51 -12.54 -11.40
C ILE G 97 -8.62 -12.16 -10.23
N LEU G 98 -7.75 -13.04 -9.75
CA LEU G 98 -6.63 -12.65 -8.89
C LEU G 98 -5.36 -12.52 -9.72
N ALA G 99 -4.57 -11.49 -9.50
CA ALA G 99 -3.34 -11.26 -10.22
C ALA G 99 -2.25 -10.68 -9.34
N ARG G 100 -0.99 -10.96 -9.66
CA ARG G 100 0.20 -10.35 -9.04
C ARG G 100 0.94 -9.56 -10.09
N CYS G 101 1.23 -8.30 -9.81
CA CYS G 101 1.63 -7.34 -10.83
C CYS G 101 2.95 -6.64 -10.51
N PRO G 102 3.73 -6.23 -11.53
CA PRO G 102 4.79 -5.27 -11.34
C PRO G 102 4.18 -3.87 -11.16
N LYS G 103 4.87 -3.00 -10.42
CA LYS G 103 4.46 -1.62 -10.16
C LYS G 103 4.15 -0.86 -11.45
N GLY G 104 3.10 -0.05 -11.49
CA GLY G 104 2.75 0.72 -12.69
C GLY G 104 1.46 1.51 -12.59
N GLU G 105 1.32 2.51 -13.45
CA GLU G 105 0.28 3.55 -13.36
C GLU G 105 -0.99 3.27 -14.16
N THR G 106 -1.09 2.12 -14.79
CA THR G 106 -2.27 1.73 -15.55
C THR G 106 -2.46 0.23 -15.49
N LEU G 107 -3.70 -0.25 -15.58
CA LEU G 107 -4.03 -1.66 -15.61
C LEU G 107 -4.87 -1.96 -16.83
N THR G 108 -4.57 -3.05 -17.52
CA THR G 108 -5.39 -3.52 -18.63
C THR G 108 -5.56 -5.01 -18.60
N VAL G 109 -6.75 -5.47 -18.98
CA VAL G 109 -7.15 -6.87 -19.04
C VAL G 109 -7.76 -7.14 -20.39
N GLY G 110 -7.53 -8.31 -20.97
CA GLY G 110 -7.95 -8.61 -22.32
C GLY G 110 -7.91 -10.10 -22.63
N PHE G 111 -8.47 -10.48 -23.76
CA PHE G 111 -8.55 -11.87 -24.20
C PHE G 111 -8.76 -11.93 -25.71
N THR G 112 -8.63 -13.12 -26.29
CA THR G 112 -8.92 -13.37 -27.71
C THR G 112 -10.18 -14.21 -27.83
N ASP G 113 -11.19 -13.77 -28.57
CA ASP G 113 -12.43 -14.52 -28.76
C ASP G 113 -12.30 -15.59 -29.86
N GLY G 114 -13.30 -16.47 -29.98
CA GLY G 114 -13.24 -17.65 -30.85
C GLY G 114 -12.89 -17.35 -32.31
N ARG G 115 -13.22 -16.15 -32.80
CA ARG G 115 -12.98 -15.73 -34.19
C ARG G 115 -11.56 -15.22 -34.42
N LYS G 116 -10.70 -15.24 -33.40
CA LYS G 116 -9.36 -14.64 -33.34
C LYS G 116 -9.33 -13.11 -33.27
N ILE G 117 -10.47 -12.47 -33.01
CA ILE G 117 -10.53 -11.05 -32.61
C ILE G 117 -9.97 -10.92 -31.19
N SER G 118 -9.28 -9.83 -30.86
CA SER G 118 -8.82 -9.57 -29.48
C SER G 118 -9.47 -8.33 -28.89
N HIS G 119 -9.87 -8.40 -27.63
CA HIS G 119 -10.51 -7.32 -26.90
C HIS G 119 -9.70 -6.96 -25.67
N SER G 120 -9.70 -5.70 -25.28
CA SER G 120 -9.06 -5.26 -24.05
C SER G 120 -9.74 -4.03 -23.49
N CYS G 121 -9.56 -3.82 -22.19
CA CYS G 121 -10.02 -2.66 -21.45
C CYS G 121 -8.86 -2.12 -20.64
N THR G 122 -8.75 -0.80 -20.50
CA THR G 122 -7.63 -0.16 -19.81
C THR G 122 -8.13 0.90 -18.86
N HIS G 123 -7.75 0.89 -17.60
CA HIS G 123 -8.05 1.94 -16.64
C HIS G 123 -6.76 2.58 -16.11
N PRO G 124 -6.78 3.86 -15.75
CA PRO G 124 -5.74 4.41 -14.92
C PRO G 124 -5.89 3.81 -13.53
N PHE G 125 -4.82 3.32 -12.94
CA PHE G 125 -4.82 2.70 -11.62
C PHE G 125 -3.40 2.68 -11.08
N HIS G 126 -3.18 3.30 -9.92
CA HIS G 126 -1.86 3.47 -9.35
C HIS G 126 -1.46 2.25 -8.54
N HIS G 127 -0.99 1.19 -9.20
CA HIS G 127 -0.52 0.02 -8.48
C HIS G 127 0.87 0.24 -7.91
N ASP G 128 0.97 0.30 -6.59
CA ASP G 128 2.22 0.45 -5.87
C ASP G 128 2.07 -0.16 -4.47
N PRO G 129 2.39 -1.44 -4.26
CA PRO G 129 2.06 -2.12 -3.03
C PRO G 129 2.83 -1.54 -1.84
N PRO G 130 2.22 -1.43 -0.66
CA PRO G 130 2.88 -0.83 0.49
C PRO G 130 3.96 -1.77 1.00
N VAL G 131 5.09 -1.22 1.44
CA VAL G 131 6.23 -2.04 1.89
C VAL G 131 5.90 -2.84 3.16
N ILE G 132 6.09 -4.15 3.14
CA ILE G 132 6.09 -4.97 4.36
C ILE G 132 7.44 -4.82 5.05
N GLY G 133 7.47 -4.51 6.35
CA GLY G 133 8.73 -4.44 7.08
C GLY G 133 9.52 -3.16 6.81
N ARG G 134 10.86 -3.25 6.80
CA ARG G 134 11.77 -2.09 6.89
C ARG G 134 12.72 -1.97 5.70
N GLU G 135 12.53 -2.76 4.66
CA GLU G 135 13.32 -2.74 3.44
C GLU G 135 12.39 -2.81 2.24
N LYS G 136 12.57 -1.97 1.21
CA LYS G 136 11.87 -2.19 -0.07
C LYS G 136 12.53 -3.38 -0.75
N PHE G 137 11.80 -4.30 -1.36
CA PHE G 137 12.42 -5.39 -2.12
C PHE G 137 11.51 -5.85 -3.26
N HIS G 138 12.10 -6.49 -4.26
CA HIS G 138 11.44 -6.67 -5.58
C HIS G 138 11.09 -8.11 -5.92
N SER G 139 11.70 -9.08 -5.27
CA SER G 139 11.34 -10.49 -5.32
C SER G 139 11.60 -11.10 -3.95
N ARG G 140 10.87 -12.12 -3.53
CA ARG G 140 11.11 -12.71 -2.21
C ARG G 140 12.48 -13.38 -2.16
N PRO G 141 13.22 -13.26 -1.07
CA PRO G 141 14.61 -13.68 -1.01
C PRO G 141 14.76 -15.16 -0.67
N GLN G 142 15.93 -15.72 -0.96
CA GLN G 142 16.28 -17.10 -0.61
C GLN G 142 16.38 -17.35 0.90
N HIS G 143 16.73 -16.32 1.67
CA HIS G 143 16.89 -16.35 3.13
C HIS G 143 16.42 -15.03 3.72
N GLY G 144 15.85 -15.04 4.92
CA GLY G 144 15.23 -13.85 5.49
C GLY G 144 14.51 -14.17 6.79
N ARG G 145 13.43 -13.45 7.11
CA ARG G 145 12.49 -13.86 8.15
C ARG G 145 11.05 -13.59 7.77
N GLU G 146 10.14 -14.22 8.49
CA GLU G 146 8.71 -14.18 8.19
C GLU G 146 8.05 -13.04 8.96
N LEU G 147 7.15 -12.30 8.32
CA LEU G 147 6.32 -11.26 8.93
C LEU G 147 4.84 -11.46 8.58
N PRO G 148 3.90 -10.98 9.40
CA PRO G 148 2.48 -11.07 9.11
C PRO G 148 2.07 -10.09 8.01
N CYS G 149 1.20 -10.52 7.10
CA CYS G 149 0.57 -9.70 6.08
C CYS G 149 -0.81 -10.27 5.73
N SER G 150 -1.42 -9.87 4.62
CA SER G 150 -2.76 -10.29 4.22
C SER G 150 -2.85 -10.51 2.72
N THR G 151 -3.65 -11.48 2.32
CA THR G 151 -3.71 -12.01 0.96
C THR G 151 -5.13 -12.43 0.61
N TYR G 152 -5.55 -12.33 -0.65
CA TYR G 152 -6.76 -13.01 -1.08
C TYR G 152 -6.49 -14.51 -1.18
N ALA G 153 -7.07 -15.32 -0.30
CA ALA G 153 -6.92 -16.76 -0.35
C ALA G 153 -7.57 -17.32 -1.62
N GLN G 154 -7.08 -18.44 -2.14
CA GLN G 154 -7.48 -18.95 -3.45
C GLN G 154 -8.74 -19.81 -3.45
N SER G 155 -9.33 -20.15 -2.29
CA SER G 155 -10.53 -20.97 -2.24
C SER G 155 -11.74 -20.28 -2.88
N THR G 156 -12.38 -20.94 -3.84
CA THR G 156 -13.56 -20.38 -4.53
C THR G 156 -14.87 -20.67 -3.78
N ALA G 157 -14.89 -21.59 -2.81
CA ALA G 157 -16.04 -21.93 -1.98
C ALA G 157 -16.33 -20.86 -0.91
N ALA G 158 -16.44 -19.61 -1.34
CA ALA G 158 -16.39 -18.44 -0.48
C ALA G 158 -17.69 -18.14 0.27
N THR G 159 -17.61 -17.11 1.11
CA THR G 159 -18.57 -16.81 2.18
C THR G 159 -18.59 -15.32 2.48
N ALA G 160 -19.67 -14.87 3.12
CA ALA G 160 -19.87 -13.56 3.74
C ALA G 160 -19.83 -12.32 2.85
N GLU G 161 -18.90 -12.17 1.91
CA GLU G 161 -18.93 -11.09 0.92
C GLU G 161 -19.78 -11.48 -0.30
N GLU G 162 -20.52 -10.50 -0.82
CA GLU G 162 -21.72 -10.70 -1.64
C GLU G 162 -21.85 -9.63 -2.73
N ILE G 163 -22.57 -9.96 -3.80
CA ILE G 163 -22.87 -9.09 -4.95
C ILE G 163 -24.34 -9.26 -5.32
N GLU G 164 -24.91 -8.37 -6.11
CA GLU G 164 -26.35 -8.33 -6.44
C GLU G 164 -26.58 -8.46 -7.94
N VAL G 165 -27.74 -8.93 -8.37
CA VAL G 165 -28.10 -8.94 -9.80
C VAL G 165 -29.52 -8.45 -10.03
N HIS G 166 -29.83 -7.98 -11.23
CA HIS G 166 -31.12 -7.39 -11.58
C HIS G 166 -31.64 -7.96 -12.90
N MET G 167 -32.92 -7.80 -13.19
CA MET G 167 -33.47 -8.09 -14.52
C MET G 167 -32.88 -7.04 -15.48
N PRO G 168 -31.96 -7.39 -16.40
CA PRO G 168 -31.20 -6.39 -17.11
C PRO G 168 -32.07 -5.58 -18.08
N PRO G 169 -31.75 -4.30 -18.29
CA PRO G 169 -32.59 -3.35 -19.01
C PRO G 169 -32.80 -3.74 -20.47
N ASP G 170 -33.80 -3.14 -21.11
CA ASP G 170 -34.02 -3.30 -22.55
C ASP G 170 -32.74 -2.97 -23.32
N THR G 171 -32.32 -3.84 -24.24
CA THR G 171 -31.13 -3.59 -25.06
C THR G 171 -31.54 -2.93 -26.37
N PRO G 172 -31.28 -1.64 -26.61
CA PRO G 172 -31.63 -0.99 -27.86
C PRO G 172 -30.78 -1.55 -28.99
N ASP G 173 -31.37 -1.79 -30.15
CA ASP G 173 -30.64 -2.25 -31.33
C ASP G 173 -31.34 -1.77 -32.61
N ARG G 174 -30.71 -0.82 -33.30
CA ARG G 174 -31.17 -0.28 -34.58
C ARG G 174 -31.36 -1.32 -35.66
N THR G 175 -30.77 -2.50 -35.53
CA THR G 175 -30.81 -3.57 -36.53
C THR G 175 -31.87 -4.63 -36.26
N LEU G 176 -32.69 -4.48 -35.21
CA LEU G 176 -33.97 -5.19 -35.12
C LEU G 176 -34.94 -4.74 -36.21
N MET G 177 -34.74 -3.53 -36.74
CA MET G 177 -35.59 -2.89 -37.76
C MET G 177 -34.88 -2.84 -39.11
N SER G 178 -35.59 -3.13 -40.19
CA SER G 178 -35.12 -2.96 -41.57
C SER G 178 -36.17 -2.23 -42.41
N GLN G 179 -35.76 -1.33 -43.29
CA GLN G 179 -36.69 -0.50 -44.07
C GLN G 179 -36.74 -0.95 -45.52
N GLN G 180 -37.95 -1.23 -46.03
CA GLN G 180 -38.19 -1.63 -47.42
C GLN G 180 -39.63 -1.30 -47.82
N SER G 181 -39.91 -1.16 -49.12
CA SER G 181 -41.26 -0.90 -49.68
C SER G 181 -42.01 0.31 -49.11
N GLY G 182 -41.33 1.25 -48.43
CA GLY G 182 -41.98 2.35 -47.71
C GLY G 182 -42.53 1.95 -46.33
N ASN G 183 -42.09 0.82 -45.79
CA ASN G 183 -42.51 0.22 -44.53
C ASN G 183 -41.27 -0.24 -43.72
N VAL G 184 -41.44 -0.52 -42.43
CA VAL G 184 -40.39 -1.05 -41.57
C VAL G 184 -40.77 -2.45 -41.14
N LYS G 185 -39.95 -3.46 -41.48
CA LYS G 185 -40.06 -4.78 -40.86
C LYS G 185 -39.29 -4.78 -39.56
N ILE G 186 -39.91 -5.28 -38.50
CA ILE G 186 -39.24 -5.59 -37.25
C ILE G 186 -38.99 -7.09 -37.24
N THR G 187 -37.73 -7.52 -37.23
CA THR G 187 -37.34 -8.90 -37.57
C THR G 187 -37.35 -9.85 -36.38
N VAL G 188 -37.15 -9.34 -35.17
CA VAL G 188 -37.31 -10.02 -33.86
C VAL G 188 -36.44 -11.24 -33.56
N ASN G 189 -36.14 -12.12 -34.51
CA ASN G 189 -35.22 -13.25 -34.39
C ASN G 189 -35.39 -14.07 -33.08
N SER G 190 -36.63 -14.45 -32.79
CA SER G 190 -37.06 -15.20 -31.60
C SER G 190 -36.84 -14.53 -30.23
N GLN G 191 -36.44 -13.25 -30.20
CA GLN G 191 -36.35 -12.48 -28.95
C GLN G 191 -37.74 -11.99 -28.50
N THR G 192 -37.83 -11.33 -27.34
CA THR G 192 -38.99 -10.50 -26.98
C THR G 192 -38.62 -9.04 -27.19
N VAL G 193 -39.37 -8.32 -28.01
CA VAL G 193 -38.99 -7.00 -28.53
C VAL G 193 -40.02 -5.94 -28.13
N ARG G 194 -39.57 -4.71 -27.92
CA ARG G 194 -40.43 -3.53 -27.82
C ARG G 194 -40.10 -2.59 -28.95
N TYR G 195 -41.10 -1.92 -29.49
CA TYR G 195 -40.91 -0.92 -30.53
C TYR G 195 -41.79 0.30 -30.26
N LYS G 196 -41.41 1.43 -30.86
CA LYS G 196 -42.01 2.74 -30.65
C LYS G 196 -41.87 3.57 -31.92
N CYS G 197 -42.76 4.51 -32.19
CA CYS G 197 -42.71 5.30 -33.42
C CYS G 197 -43.45 6.63 -33.29
N ASN G 198 -43.25 7.49 -34.29
CA ASN G 198 -43.99 8.73 -34.49
C ASN G 198 -44.27 9.01 -35.99
N CYS G 199 -44.15 7.96 -36.80
CA CYS G 199 -43.92 7.97 -38.24
C CYS G 199 -45.14 8.31 -39.12
N GLY G 200 -46.13 9.04 -38.58
CA GLY G 200 -47.50 9.04 -39.11
C GLY G 200 -48.31 7.85 -38.59
N ASP G 201 -47.74 7.05 -37.70
CA ASP G 201 -48.43 6.09 -36.83
C ASP G 201 -47.99 6.31 -35.38
N SER G 202 -48.91 6.21 -34.44
CA SER G 202 -48.67 6.28 -33.00
C SER G 202 -48.58 4.91 -32.32
N ASN G 203 -48.96 3.82 -33.01
CA ASN G 203 -49.18 2.50 -32.41
C ASN G 203 -47.87 1.72 -32.16
N GLU G 204 -47.15 2.12 -31.11
CA GLU G 204 -46.06 1.39 -30.46
C GLU G 204 -46.49 0.03 -29.89
N GLY G 205 -45.56 -0.80 -29.42
CA GLY G 205 -45.93 -1.95 -28.60
C GLY G 205 -44.82 -2.98 -28.34
N LEU G 206 -45.10 -3.90 -27.44
CA LEU G 206 -44.35 -5.15 -27.33
C LEU G 206 -44.68 -6.08 -28.53
N THR G 207 -43.77 -6.99 -28.85
CA THR G 207 -44.03 -8.16 -29.68
C THR G 207 -43.13 -9.34 -29.28
N THR G 208 -43.57 -10.56 -29.59
CA THR G 208 -42.78 -11.80 -29.52
C THR G 208 -42.57 -12.44 -30.90
N THR G 209 -42.98 -11.76 -31.98
CA THR G 209 -42.90 -12.23 -33.38
C THR G 209 -42.69 -11.07 -34.35
N ASP G 210 -42.14 -11.35 -35.52
CA ASP G 210 -41.91 -10.32 -36.54
C ASP G 210 -43.21 -9.81 -37.15
N LYS G 211 -43.19 -8.55 -37.59
CA LYS G 211 -44.27 -7.90 -38.36
C LYS G 211 -43.75 -6.69 -39.11
N VAL G 212 -44.54 -6.14 -40.04
CA VAL G 212 -44.34 -4.77 -40.53
C VAL G 212 -45.08 -3.74 -39.69
N ILE G 213 -44.54 -2.52 -39.65
CA ILE G 213 -45.32 -1.29 -39.44
C ILE G 213 -45.19 -0.46 -40.71
N ASN G 214 -46.30 0.13 -41.17
CA ASN G 214 -46.40 0.64 -42.53
C ASN G 214 -46.02 2.10 -42.68
N ASN G 215 -45.91 2.57 -43.93
CA ASN G 215 -45.88 3.98 -44.33
C ASN G 215 -44.83 4.84 -43.59
N CYS G 216 -43.62 4.32 -43.41
CA CYS G 216 -42.61 4.92 -42.53
C CYS G 216 -41.16 4.65 -42.97
N LYS G 217 -40.25 5.48 -42.45
CA LYS G 217 -38.80 5.29 -42.52
C LYS G 217 -38.25 4.97 -41.14
N VAL G 218 -37.22 4.11 -41.05
CA VAL G 218 -36.79 3.50 -39.79
C VAL G 218 -36.31 4.49 -38.73
N ASP G 219 -35.78 5.65 -39.12
CA ASP G 219 -35.41 6.72 -38.18
C ASP G 219 -36.61 7.40 -37.49
N GLN G 220 -37.83 7.17 -37.98
CA GLN G 220 -39.09 7.55 -37.34
C GLN G 220 -39.60 6.47 -36.38
N CYS G 221 -38.74 5.50 -36.03
CA CYS G 221 -39.05 4.36 -35.18
C CYS G 221 -37.86 4.03 -34.27
N HIS G 222 -38.09 3.27 -33.20
CA HIS G 222 -37.09 2.83 -32.21
C HIS G 222 -37.46 1.44 -31.70
N ALA G 223 -36.47 0.60 -31.37
CA ALA G 223 -36.72 -0.75 -30.90
C ALA G 223 -35.62 -1.29 -29.96
N ALA G 224 -35.98 -2.25 -29.11
CA ALA G 224 -35.07 -2.89 -28.18
C ALA G 224 -35.50 -4.33 -27.87
N VAL G 225 -34.57 -5.23 -27.56
CA VAL G 225 -34.91 -6.50 -26.90
C VAL G 225 -35.32 -6.18 -25.47
N THR G 226 -36.57 -6.45 -25.10
CA THR G 226 -37.24 -5.76 -23.96
C THR G 226 -37.37 -6.60 -22.70
N ASN G 227 -37.25 -7.92 -22.81
CA ASN G 227 -37.44 -8.81 -21.67
C ASN G 227 -36.37 -9.90 -21.63
N HIS G 228 -35.92 -10.25 -20.43
CA HIS G 228 -34.83 -11.20 -20.22
C HIS G 228 -35.19 -12.26 -19.18
N LYS G 229 -34.64 -13.45 -19.39
CA LYS G 229 -34.74 -14.61 -18.48
C LYS G 229 -33.53 -14.76 -17.55
N LYS G 230 -32.42 -14.07 -17.86
CA LYS G 230 -31.11 -14.22 -17.23
C LYS G 230 -30.63 -12.87 -16.68
N TRP G 231 -29.93 -12.87 -15.56
CA TRP G 231 -29.65 -11.63 -14.80
C TRP G 231 -28.23 -11.07 -15.03
N GLN G 232 -27.99 -9.80 -14.71
CA GLN G 232 -26.67 -9.15 -14.75
C GLN G 232 -26.35 -8.50 -13.41
N TYR G 233 -25.08 -8.32 -13.09
CA TYR G 233 -24.67 -7.47 -11.97
C TYR G 233 -25.21 -6.05 -12.15
N ASN G 234 -25.61 -5.39 -11.07
CA ASN G 234 -26.12 -4.02 -11.11
C ASN G 234 -25.00 -2.98 -11.19
N SER G 235 -24.12 -3.11 -12.17
CA SER G 235 -23.01 -2.19 -12.42
C SER G 235 -23.50 -0.76 -12.63
N PRO G 236 -22.77 0.26 -12.14
CA PRO G 236 -23.04 1.65 -12.48
C PRO G 236 -22.79 1.98 -13.95
N LEU G 237 -22.35 1.03 -14.77
CA LEU G 237 -22.17 1.21 -16.21
C LEU G 237 -23.34 0.70 -17.05
N VAL G 238 -24.43 0.21 -16.46
CA VAL G 238 -25.65 -0.20 -17.19
C VAL G 238 -26.90 0.45 -16.60
N PRO G 239 -27.88 0.87 -17.40
CA PRO G 239 -29.04 1.58 -16.88
C PRO G 239 -29.96 0.65 -16.07
N ARG G 240 -30.56 1.14 -14.99
CA ARG G 240 -31.51 0.36 -14.17
C ARG G 240 -32.83 0.17 -14.90
N ASN G 241 -33.50 -0.95 -14.68
CA ASN G 241 -34.75 -1.29 -15.38
C ASN G 241 -35.97 -0.48 -14.92
N ALA G 242 -36.02 -0.08 -13.65
CA ALA G 242 -37.15 0.61 -13.01
C ALA G 242 -36.67 1.53 -11.89
N GLU G 243 -37.53 2.45 -11.44
CA GLU G 243 -37.17 3.45 -10.43
C GLU G 243 -36.68 2.83 -9.10
N LEU G 244 -37.18 1.64 -8.74
CA LEU G 244 -36.80 0.88 -7.53
C LEU G 244 -36.04 -0.43 -7.82
N GLY G 245 -35.64 -0.66 -9.07
CA GLY G 245 -34.95 -1.89 -9.48
C GLY G 245 -35.81 -3.16 -9.33
N ASP G 246 -35.18 -4.32 -9.49
CA ASP G 246 -35.83 -5.63 -9.37
C ASP G 246 -34.81 -6.76 -9.10
N ARG G 247 -35.30 -7.96 -8.77
CA ARG G 247 -34.55 -9.20 -8.51
C ARG G 247 -33.40 -9.05 -7.49
N LYS G 248 -33.47 -8.07 -6.59
CA LYS G 248 -32.35 -7.56 -5.78
C LYS G 248 -31.61 -8.57 -4.88
N GLY G 249 -32.04 -9.83 -4.83
CA GLY G 249 -31.33 -10.92 -4.15
C GLY G 249 -29.87 -11.11 -4.58
N LYS G 250 -29.06 -11.63 -3.65
CA LYS G 250 -27.60 -11.70 -3.71
C LYS G 250 -27.03 -12.94 -4.40
N VAL G 251 -25.72 -12.93 -4.57
CA VAL G 251 -24.80 -14.00 -4.99
C VAL G 251 -23.50 -13.85 -4.19
N HIS G 252 -22.80 -14.92 -3.81
CA HIS G 252 -21.50 -14.81 -3.15
C HIS G 252 -20.35 -14.62 -4.13
N ILE G 253 -19.26 -13.97 -3.69
CA ILE G 253 -18.08 -13.68 -4.52
C ILE G 253 -16.82 -14.37 -3.98
N PRO G 254 -15.94 -14.87 -4.86
CA PRO G 254 -14.84 -15.75 -4.49
C PRO G 254 -13.70 -15.01 -3.79
N PHE G 255 -12.69 -15.78 -3.37
CA PHE G 255 -11.38 -15.32 -2.92
C PHE G 255 -11.42 -14.42 -1.68
N PRO G 256 -11.68 -14.98 -0.49
CA PRO G 256 -11.83 -14.19 0.72
C PRO G 256 -10.48 -13.68 1.21
N LEU G 257 -10.43 -12.47 1.77
CA LEU G 257 -9.21 -11.93 2.36
C LEU G 257 -8.84 -12.70 3.64
N ALA G 258 -7.58 -13.10 3.81
CA ALA G 258 -7.13 -13.86 4.96
C ALA G 258 -5.72 -13.48 5.42
N ASN G 259 -5.46 -13.49 6.72
CA ASN G 259 -4.14 -13.20 7.27
C ASN G 259 -3.16 -14.34 7.03
N VAL G 260 -1.92 -14.04 6.62
CA VAL G 260 -0.89 -15.04 6.33
C VAL G 260 0.50 -14.44 6.54
N THR G 261 1.52 -15.22 6.86
CA THR G 261 2.90 -14.70 6.89
C THR G 261 3.55 -14.70 5.52
N CYS G 262 4.46 -13.76 5.26
CA CYS G 262 5.34 -13.78 4.08
C CYS G 262 6.78 -13.42 4.46
N ARG G 263 7.74 -13.72 3.59
CA ARG G 263 9.18 -13.58 3.86
C ARG G 263 9.72 -12.24 3.40
N VAL G 264 10.53 -11.60 4.22
CA VAL G 264 11.25 -10.37 3.91
C VAL G 264 12.76 -10.56 4.07
N PRO G 265 13.59 -9.90 3.26
CA PRO G 265 15.03 -10.02 3.35
C PRO G 265 15.55 -9.37 4.60
N LYS G 266 16.74 -9.76 5.05
CA LYS G 266 17.47 -9.07 6.12
C LYS G 266 18.73 -8.44 5.55
N ALA G 267 18.89 -7.12 5.65
CA ALA G 267 20.08 -6.45 5.16
C ALA G 267 21.35 -7.00 5.81
N ARG G 268 22.42 -7.14 5.03
CA ARG G 268 23.67 -7.74 5.51
C ARG G 268 24.31 -6.92 6.63
N ASN G 269 25.16 -7.55 7.41
CA ASN G 269 25.72 -6.93 8.60
C ASN G 269 26.51 -5.66 8.24
N PRO G 270 26.34 -4.56 8.95
CA PRO G 270 27.18 -3.39 8.78
C PRO G 270 28.58 -3.69 9.31
N THR G 271 29.62 -3.17 8.67
CA THR G 271 30.95 -3.17 9.28
C THR G 271 31.01 -2.04 10.28
N VAL G 272 31.29 -2.34 11.54
CA VAL G 272 31.31 -1.34 12.60
C VAL G 272 32.64 -1.30 13.31
N THR G 273 33.07 -0.12 13.71
CA THR G 273 34.30 0.10 14.47
C THR G 273 34.08 1.20 15.48
N TYR G 274 34.71 1.12 16.63
CA TYR G 274 34.38 1.96 17.77
C TYR G 274 35.37 3.11 17.91
N GLY G 275 34.86 4.32 18.09
CA GLY G 275 35.66 5.51 18.35
C GLY G 275 35.63 5.91 19.82
N LYS G 276 36.22 7.06 20.15
CA LYS G 276 36.15 7.66 21.49
C LYS G 276 34.72 8.09 21.77
N ASN G 277 33.98 7.27 22.52
CA ASN G 277 32.57 7.49 22.86
C ASN G 277 31.60 7.57 21.65
N GLN G 278 31.85 6.84 20.56
CA GLN G 278 30.92 6.76 19.43
C GLN G 278 31.09 5.46 18.63
N VAL G 279 30.09 5.08 17.84
CA VAL G 279 30.20 3.99 16.86
C VAL G 279 30.26 4.53 15.44
N ILE G 280 31.13 3.95 14.62
CA ILE G 280 31.25 4.24 13.21
C ILE G 280 30.71 3.03 12.44
N MET G 281 29.78 3.19 11.52
CA MET G 281 29.24 2.07 10.76
C MET G 281 29.27 2.32 9.27
N LEU G 282 29.84 1.42 8.48
CA LEU G 282 29.51 1.32 7.06
C LEU G 282 28.22 0.54 6.88
N LEU G 283 27.42 0.88 5.88
CA LEU G 283 26.18 0.20 5.57
C LEU G 283 26.23 -0.35 4.14
N TYR G 284 25.59 -1.48 3.85
CA TYR G 284 25.68 -2.11 2.53
C TYR G 284 24.33 -2.50 1.93
N PRO G 285 23.42 -1.55 1.69
CA PRO G 285 22.09 -1.85 1.21
C PRO G 285 22.06 -2.39 -0.21
N ASP G 286 21.45 -3.55 -0.44
CA ASP G 286 21.11 -4.02 -1.79
C ASP G 286 19.86 -3.34 -2.36
N HIS G 287 19.07 -2.72 -1.51
CA HIS G 287 17.81 -2.04 -1.84
C HIS G 287 17.48 -1.06 -0.71
N PRO G 288 16.60 -0.08 -0.93
CA PRO G 288 16.41 0.98 0.05
C PRO G 288 16.00 0.43 1.41
N THR G 289 16.75 0.79 2.43
CA THR G 289 16.71 0.15 3.75
C THR G 289 16.60 1.19 4.84
N LEU G 290 15.78 0.95 5.85
CA LEU G 290 15.58 1.90 6.92
C LEU G 290 16.57 1.66 8.06
N LEU G 291 17.25 2.71 8.49
CA LEU G 291 18.03 2.75 9.72
C LEU G 291 17.27 3.56 10.77
N SER G 292 17.22 3.11 12.02
CA SER G 292 16.71 3.92 13.14
C SER G 292 17.54 3.69 14.38
N TYR G 293 17.58 4.66 15.28
CA TYR G 293 18.25 4.48 16.56
C TYR G 293 17.63 5.35 17.66
N ARG G 294 17.80 4.93 18.91
CA ARG G 294 17.34 5.66 20.10
C ARG G 294 18.27 5.45 21.27
N ASN G 295 18.30 6.40 22.18
CA ASN G 295 18.98 6.26 23.46
C ASN G 295 18.15 5.34 24.38
N MET G 296 18.80 4.48 25.14
CA MET G 296 18.13 3.59 26.08
C MET G 296 17.87 4.27 27.44
N GLY G 297 17.33 5.49 27.43
CA GLY G 297 17.16 6.33 28.63
C GLY G 297 15.89 7.16 28.63
N GLU G 298 15.80 8.09 29.58
CA GLU G 298 14.58 8.86 29.87
C GLU G 298 14.19 9.90 28.81
N GLU G 299 15.04 10.16 27.82
CA GLU G 299 14.60 10.62 26.51
C GLU G 299 15.19 9.71 25.43
N PRO G 300 14.46 9.36 24.36
CA PRO G 300 15.00 8.51 23.31
C PRO G 300 15.84 9.29 22.30
N ASN G 301 15.60 10.59 22.18
CA ASN G 301 16.02 11.49 21.11
C ASN G 301 15.50 11.12 19.71
N TYR G 302 15.71 9.87 19.28
CA TYR G 302 15.19 9.22 18.08
C TYR G 302 15.45 9.89 16.73
N GLN G 303 16.11 9.18 15.82
CA GLN G 303 16.17 9.52 14.40
C GLN G 303 16.12 8.28 13.53
N GLU G 304 15.72 8.47 12.29
CA GLU G 304 15.68 7.44 11.26
C GLU G 304 16.04 8.02 9.90
N GLU G 305 16.54 7.19 8.98
CA GLU G 305 16.67 7.56 7.58
C GLU G 305 16.60 6.32 6.68
N TRP G 306 15.98 6.43 5.51
CA TRP G 306 16.19 5.45 4.47
C TRP G 306 17.57 5.65 3.85
N VAL G 307 18.30 4.58 3.56
CA VAL G 307 19.56 4.63 2.83
C VAL G 307 19.51 3.78 1.57
N THR G 308 20.18 4.21 0.52
CA THR G 308 20.00 3.69 -0.85
C THR G 308 21.30 3.25 -1.53
N HIS G 309 22.44 3.47 -0.89
CA HIS G 309 23.79 3.23 -1.37
C HIS G 309 24.73 3.16 -0.17
N LYS G 310 25.95 2.65 -0.34
CA LYS G 310 26.91 2.58 0.77
C LYS G 310 27.05 3.93 1.45
N LYS G 311 27.01 3.98 2.78
CA LYS G 311 27.23 5.17 3.60
C LYS G 311 28.13 4.81 4.77
N GLU G 312 28.79 5.81 5.33
CA GLU G 312 29.33 5.75 6.68
C GLU G 312 28.49 6.64 7.60
N ILE G 313 28.09 6.12 8.75
CA ILE G 313 27.34 6.86 9.77
C ILE G 313 28.15 6.90 11.06
N ARG G 314 28.14 8.03 11.79
CA ARG G 314 28.69 8.10 13.15
C ARG G 314 27.57 8.37 14.12
N LEU G 315 27.37 7.51 15.12
CA LEU G 315 26.38 7.73 16.17
C LEU G 315 27.08 7.96 17.51
N THR G 316 26.73 9.04 18.21
CA THR G 316 27.22 9.26 19.57
C THR G 316 26.51 8.32 20.52
N VAL G 317 27.23 7.52 21.31
CA VAL G 317 26.62 6.62 22.29
C VAL G 317 26.59 7.33 23.63
N PRO G 318 25.42 7.66 24.20
CA PRO G 318 25.35 8.32 25.49
C PRO G 318 25.54 7.31 26.64
N THR G 319 25.70 7.81 27.86
CA THR G 319 25.98 7.01 29.07
C THR G 319 25.04 5.83 29.30
N GLU G 320 23.75 6.02 29.03
CA GLU G 320 22.70 5.02 29.19
C GLU G 320 22.71 3.94 28.10
N GLY G 321 23.46 4.13 27.02
CA GLY G 321 23.56 3.22 25.88
C GLY G 321 22.67 3.59 24.71
N LEU G 322 22.98 3.06 23.54
CA LEU G 322 22.31 3.31 22.27
C LEU G 322 21.78 1.99 21.70
N GLU G 323 20.55 2.00 21.21
CA GLU G 323 19.96 0.90 20.46
C GLU G 323 19.81 1.31 19.00
N VAL G 324 20.33 0.49 18.09
CA VAL G 324 20.39 0.77 16.65
C VAL G 324 19.77 -0.38 15.89
N THR G 325 18.81 -0.11 15.02
CA THR G 325 18.12 -1.15 14.26
C THR G 325 18.23 -0.92 12.77
N TRP G 326 18.84 -1.88 12.08
CA TRP G 326 19.19 -1.82 10.68
C TRP G 326 18.30 -2.76 9.89
N GLY G 327 17.53 -2.24 8.94
CA GLY G 327 16.69 -3.06 8.08
C GLY G 327 15.76 -3.93 8.90
N ASN G 328 15.65 -5.20 8.57
CA ASN G 328 14.83 -6.14 9.31
C ASN G 328 15.52 -6.88 10.46
N ASN G 329 16.77 -6.58 10.81
CA ASN G 329 17.50 -7.32 11.85
C ASN G 329 16.98 -7.09 13.26
N GLU G 330 17.28 -7.98 14.19
CA GLU G 330 17.16 -7.69 15.62
C GLU G 330 18.06 -6.51 16.01
N PRO G 331 17.61 -5.53 16.80
CA PRO G 331 18.39 -4.34 17.12
C PRO G 331 19.73 -4.66 17.78
N TYR G 332 20.77 -3.94 17.41
CA TYR G 332 22.04 -3.93 18.11
C TYR G 332 21.97 -3.00 19.32
N LYS G 333 22.72 -3.30 20.38
CA LYS G 333 22.84 -2.43 21.55
C LYS G 333 24.31 -2.13 21.84
N TYR G 334 24.58 -0.91 22.27
CA TYR G 334 25.92 -0.42 22.55
C TYR G 334 25.94 0.42 23.82
N TRP G 335 26.92 0.23 24.70
CA TRP G 335 27.19 1.10 25.85
C TRP G 335 28.61 1.62 25.82
N PRO G 336 28.88 2.84 26.32
CA PRO G 336 30.23 3.26 26.61
C PRO G 336 30.85 2.38 27.71
N GLN G 337 32.17 2.41 27.82
CA GLN G 337 32.91 2.01 29.02
C GLN G 337 34.06 3.00 29.24
N LEU G 338 34.72 2.92 30.39
CA LEU G 338 35.57 3.98 30.94
C LEU G 338 36.94 4.13 30.25
N SER G 339 36.98 4.08 28.93
CA SER G 339 38.18 4.23 28.12
C SER G 339 38.76 5.64 28.23
N THR G 340 40.07 5.74 28.42
CA THR G 340 40.83 7.00 28.35
C THR G 340 42.28 6.71 28.00
N ASN G 341 42.92 7.65 27.30
CA ASN G 341 44.35 7.65 26.99
C ASN G 341 45.18 8.27 28.13
N GLY G 342 44.55 8.99 29.06
CA GLY G 342 45.15 9.42 30.32
C GLY G 342 45.20 8.31 31.36
N THR G 343 45.66 8.63 32.57
CA THR G 343 45.56 7.71 33.72
C THR G 343 45.47 8.45 35.06
N ALA G 344 44.71 7.89 36.00
CA ALA G 344 44.90 8.17 37.42
C ALA G 344 46.25 7.59 37.88
N HIS G 345 46.65 7.86 39.13
CA HIS G 345 48.02 7.62 39.60
C HIS G 345 49.04 8.44 38.82
N GLY G 346 50.32 8.40 39.18
CA GLY G 346 51.32 9.25 38.52
C GLY G 346 51.16 10.73 38.87
N HIS G 347 51.41 11.62 37.91
CA HIS G 347 51.59 13.05 38.18
C HIS G 347 50.24 13.79 38.25
N PRO G 348 50.13 14.88 39.02
CA PRO G 348 48.85 15.53 39.24
C PRO G 348 48.29 16.26 38.01
N HIS G 349 49.06 16.48 36.94
CA HIS G 349 48.50 16.91 35.65
C HIS G 349 47.88 15.75 34.85
N GLU G 350 48.25 14.50 35.13
CA GLU G 350 47.71 13.32 34.48
C GLU G 350 46.36 12.91 35.11
N ILE G 351 46.24 12.92 36.44
CA ILE G 351 44.99 12.50 37.08
C ILE G 351 43.83 13.43 36.70
N ILE G 352 44.04 14.74 36.59
CA ILE G 352 42.99 15.67 36.16
C ILE G 352 42.66 15.52 34.68
N LEU G 353 43.53 14.90 33.87
CA LEU G 353 43.24 14.56 32.48
C LEU G 353 42.46 13.25 32.40
N TYR G 354 42.79 12.26 33.21
CA TYR G 354 41.94 11.07 33.40
C TYR G 354 40.52 11.49 33.79
N TYR G 355 40.37 12.28 34.84
CA TYR G 355 39.09 12.87 35.23
C TYR G 355 38.58 13.97 34.29
N TYR G 356 39.08 14.12 33.06
CA TYR G 356 38.46 14.99 32.06
C TYR G 356 38.12 14.25 30.77
N GLU G 357 38.93 13.29 30.33
CA GLU G 357 38.50 12.34 29.31
C GLU G 357 37.33 11.47 29.78
N LEU G 358 37.17 11.34 31.10
CA LEU G 358 36.00 10.78 31.76
C LEU G 358 35.44 11.79 32.76
N TYR G 359 34.11 11.87 32.92
CA TYR G 359 33.43 12.93 33.70
C TYR G 359 33.74 14.41 33.31
N PRO G 360 33.84 14.77 32.02
CA PRO G 360 33.91 16.18 31.63
C PRO G 360 32.65 16.93 32.04
N THR G 361 32.72 18.25 32.07
CA THR G 361 31.81 19.16 32.79
C THR G 361 31.81 18.97 34.31
N MET G 362 31.54 17.76 34.83
CA MET G 362 31.53 17.47 36.27
C MET G 362 32.86 17.88 36.91
N THR G 363 33.99 17.48 36.31
CA THR G 363 35.32 17.88 36.78
C THR G 363 35.58 19.36 36.62
N VAL G 364 35.22 19.93 35.47
CA VAL G 364 35.51 21.35 35.18
C VAL G 364 34.84 22.26 36.20
N VAL G 365 33.65 21.89 36.68
CA VAL G 365 33.05 22.55 37.84
C VAL G 365 33.95 22.42 39.06
N VAL G 366 34.23 21.21 39.56
CA VAL G 366 34.94 21.08 40.85
C VAL G 366 36.36 21.65 40.83
N VAL G 367 37.14 21.52 39.75
CA VAL G 367 38.49 22.11 39.72
C VAL G 367 38.46 23.63 39.54
N SER G 368 37.47 24.20 38.86
CA SER G 368 37.37 25.66 38.73
C SER G 368 36.91 26.31 40.05
N VAL G 369 35.92 25.75 40.76
CA VAL G 369 35.58 26.28 42.08
C VAL G 369 36.70 26.05 43.08
N ALA G 370 37.32 24.86 43.11
CA ALA G 370 38.40 24.60 44.05
C ALA G 370 39.57 25.54 43.80
N SER G 371 40.06 25.68 42.57
CA SER G 371 41.17 26.60 42.29
C SER G 371 40.80 28.06 42.54
N PHE G 372 39.54 28.46 42.36
CA PHE G 372 39.08 29.80 42.72
C PHE G 372 39.05 30.02 44.23
N VAL G 373 38.40 29.16 45.00
CA VAL G 373 38.29 29.35 46.45
C VAL G 373 39.60 29.09 47.18
N LEU G 374 40.44 28.16 46.72
CA LEU G 374 41.78 27.95 47.28
C LEU G 374 42.77 29.06 46.92
N LEU G 375 42.52 29.84 45.86
CA LEU G 375 43.20 31.13 45.69
C LEU G 375 42.63 32.18 46.65
N SER G 376 41.31 32.24 46.83
CA SER G 376 40.71 33.15 47.81
C SER G 376 41.20 32.90 49.24
N MET G 377 41.62 31.68 49.58
CA MET G 377 42.21 31.38 50.90
C MET G 377 43.51 32.14 51.14
N VAL G 378 44.43 32.21 50.18
CA VAL G 378 45.59 33.11 50.36
C VAL G 378 45.18 34.57 50.29
N GLY G 379 44.14 34.91 49.51
CA GLY G 379 43.56 36.26 49.49
C GLY G 379 43.04 36.73 50.86
N VAL G 380 42.46 35.84 51.66
CA VAL G 380 42.13 36.09 53.07
C VAL G 380 43.38 36.06 53.94
N ALA G 381 44.27 35.08 53.76
CA ALA G 381 45.45 34.94 54.61
C ALA G 381 46.39 36.14 54.55
N VAL G 382 46.45 36.86 53.41
CA VAL G 382 47.17 38.13 53.26
C VAL G 382 46.76 39.21 54.27
N GLY G 383 45.63 39.06 54.98
CA GLY G 383 45.35 39.80 56.22
C GLY G 383 46.49 39.78 57.25
N MET G 384 47.35 38.75 57.27
CA MET G 384 48.59 38.67 58.06
C MET G 384 49.61 39.77 57.74
N CYS G 385 49.45 40.48 56.62
CA CYS G 385 50.24 41.65 56.25
C CYS G 385 49.33 42.87 56.10
N MET G 386 48.28 42.76 55.27
CA MET G 386 47.42 43.88 54.90
C MET G 386 46.56 44.44 56.06
N CYS G 387 46.40 43.68 57.15
CA CYS G 387 45.62 44.08 58.32
C CYS G 387 46.43 43.99 59.61
N ALA G 388 46.97 42.80 59.93
CA ALA G 388 47.66 42.54 61.19
C ALA G 388 48.87 43.46 61.42
N ARG G 389 49.63 43.77 60.37
CA ARG G 389 50.77 44.71 60.43
C ARG G 389 50.31 46.09 60.89
N ARG G 390 49.33 46.67 60.21
CA ARG G 390 48.78 48.01 60.54
C ARG G 390 48.23 48.08 61.96
N ARG G 391 47.49 47.07 62.40
CA ARG G 391 46.93 47.01 63.78
C ARG G 391 48.01 46.94 64.86
N CYS G 392 49.20 46.43 64.56
CA CYS G 392 50.32 46.39 65.50
C CYS G 392 51.19 47.66 65.41
N ILE G 393 51.49 48.12 64.19
CA ILE G 393 52.48 49.18 63.93
C ILE G 393 51.96 50.58 64.17
N THR G 394 50.69 50.89 63.91
CA THR G 394 50.21 52.28 64.05
C THR G 394 50.41 52.88 65.46
N PRO G 395 50.18 52.17 66.59
CA PRO G 395 50.60 52.64 67.91
C PRO G 395 52.05 53.08 68.05
N TYR G 396 52.99 52.51 67.30
CA TYR G 396 54.36 53.02 67.22
C TYR G 396 54.45 54.18 66.22
N GLU G 397 53.94 54.02 65.01
CA GLU G 397 54.10 54.98 63.91
C GLU G 397 53.57 56.38 64.24
N LEU G 398 52.54 56.48 65.07
CA LEU G 398 51.96 57.76 65.51
C LEU G 398 52.77 58.48 66.61
N THR G 399 53.72 57.83 67.30
CA THR G 399 54.51 58.47 68.36
C THR G 399 55.44 59.56 67.81
N PRO G 400 55.54 60.73 68.43
CA PRO G 400 56.62 61.67 68.16
C PRO G 400 57.98 61.04 68.49
N GLY G 401 58.99 61.30 67.67
CA GLY G 401 60.31 60.68 67.80
C GLY G 401 60.26 59.17 67.58
N ALA G 402 59.57 58.73 66.53
CA ALA G 402 59.15 57.34 66.36
C ALA G 402 60.32 56.35 66.41
N THR G 403 60.31 55.49 67.42
CA THR G 403 61.38 54.52 67.71
C THR G 403 60.77 53.14 67.96
N VAL G 404 61.29 52.10 67.33
CA VAL G 404 60.82 50.71 67.51
C VAL G 404 62.00 49.76 67.74
N PRO G 405 61.94 48.84 68.73
CA PRO G 405 62.99 47.85 68.98
C PRO G 405 63.33 46.97 67.77
N PHE G 406 64.58 46.49 67.71
CA PHE G 406 65.15 45.84 66.53
C PHE G 406 64.41 44.54 66.17
N LEU G 407 64.05 43.73 67.17
CA LEU G 407 63.34 42.48 66.94
C LEU G 407 62.00 42.70 66.24
N LEU G 408 61.17 43.63 66.74
CA LEU G 408 59.89 43.94 66.10
C LEU G 408 60.06 44.62 64.73
N SER G 409 61.09 45.45 64.57
CA SER G 409 61.45 46.04 63.27
C SER G 409 61.68 44.97 62.22
N LEU G 410 62.38 43.89 62.58
CA LEU G 410 62.62 42.74 61.68
C LEU G 410 61.35 41.89 61.49
N ILE G 411 60.60 41.57 62.56
CA ILE G 411 59.39 40.75 62.48
C ILE G 411 58.36 41.34 61.52
N CYS G 412 58.09 42.63 61.62
CA CYS G 412 57.16 43.33 60.72
C CYS G 412 57.85 44.03 59.54
N CYS G 413 59.14 43.76 59.32
CA CYS G 413 59.94 44.27 58.20
C CYS G 413 59.83 45.79 58.01
N ILE G 414 59.80 46.55 59.10
CA ILE G 414 59.40 47.96 59.11
C ILE G 414 60.37 48.82 58.29
N ARG G 415 61.68 48.63 58.55
CA ARG G 415 62.79 49.39 57.97
C ARG G 415 64.11 48.63 58.19
N THR G 416 65.20 49.06 57.57
CA THR G 416 66.56 48.66 57.97
C THR G 416 66.88 49.13 59.40
N ALA G 417 67.68 48.34 60.13
CA ALA G 417 68.00 48.55 61.55
C ALA G 417 66.72 48.66 62.44
N LYS G 418 66.73 49.57 63.43
CA LYS G 418 65.76 49.64 64.55
C LYS G 418 65.19 51.06 64.78
N ASN H 1 -30.77 -40.35 29.18
CA ASN H 1 -31.22 -41.41 30.10
C ASN H 1 -30.05 -41.92 30.96
N PHE H 2 -30.33 -42.52 32.13
CA PHE H 2 -29.32 -43.02 33.08
C PHE H 2 -29.81 -44.29 33.80
N ASN H 3 -28.88 -45.17 34.21
CA ASN H 3 -29.17 -46.28 35.12
C ASN H 3 -27.95 -46.64 35.99
N VAL H 4 -27.17 -45.64 36.40
CA VAL H 4 -25.88 -45.86 37.09
C VAL H 4 -26.04 -46.65 38.38
N TYR H 5 -27.16 -46.48 39.07
CA TYR H 5 -27.54 -47.21 40.28
C TYR H 5 -27.71 -48.72 40.06
N LYS H 6 -27.52 -49.22 38.83
CA LYS H 6 -27.23 -50.63 38.55
C LYS H 6 -26.01 -51.12 39.34
N ALA H 7 -24.95 -50.32 39.39
CA ALA H 7 -23.70 -50.72 40.02
C ALA H 7 -23.53 -50.23 41.48
N ILE H 8 -23.93 -48.99 41.75
CA ILE H 8 -23.82 -48.36 43.07
C ILE H 8 -24.92 -48.88 43.99
N ARG H 9 -24.70 -49.03 45.31
CA ARG H 9 -25.73 -49.49 46.27
C ARG H 9 -25.76 -48.68 47.57
N PRO H 10 -26.82 -48.75 48.40
CA PRO H 10 -26.89 -48.03 49.67
C PRO H 10 -25.93 -48.62 50.70
N TYR H 11 -25.76 -47.97 51.86
CA TYR H 11 -24.84 -48.40 52.91
C TYR H 11 -25.29 -48.02 54.31
N LEU H 12 -24.74 -48.67 55.33
CA LEU H 12 -24.77 -48.18 56.70
C LEU H 12 -23.60 -47.23 56.94
N ALA H 13 -23.76 -46.27 57.84
CA ALA H 13 -22.68 -45.46 58.39
C ALA H 13 -22.99 -45.06 59.83
N HIS H 14 -21.97 -44.73 60.61
CA HIS H 14 -22.13 -44.20 61.97
C HIS H 14 -22.75 -42.82 61.94
N CYS H 15 -23.64 -42.51 62.88
CA CYS H 15 -24.25 -41.19 62.99
C CYS H 15 -24.35 -40.71 64.45
N PRO H 16 -24.49 -39.41 64.70
CA PRO H 16 -24.34 -38.86 66.04
C PRO H 16 -25.50 -39.20 66.96
N ASP H 17 -26.72 -39.30 66.46
CA ASP H 17 -27.91 -39.60 67.25
C ASP H 17 -29.00 -40.22 66.39
N CYS H 18 -29.44 -41.43 66.72
CA CYS H 18 -30.53 -42.08 66.01
C CYS H 18 -31.92 -41.65 66.47
N GLY H 19 -32.07 -41.03 67.63
CA GLY H 19 -33.36 -40.56 68.14
C GLY H 19 -33.54 -40.67 69.65
N GLU H 20 -32.57 -41.20 70.39
CA GLU H 20 -32.62 -41.33 71.85
C GLU H 20 -31.33 -40.82 72.54
N GLY H 21 -30.54 -39.98 71.86
CA GLY H 21 -29.30 -39.42 72.40
C GLY H 21 -28.10 -40.37 72.37
N HIS H 22 -28.28 -41.61 71.93
CA HIS H 22 -27.21 -42.60 71.79
C HIS H 22 -26.87 -42.85 70.33
N SER H 23 -25.61 -42.66 69.97
CA SER H 23 -25.12 -42.81 68.61
C SER H 23 -25.19 -44.26 68.13
N CYS H 24 -25.42 -44.46 66.82
CA CYS H 24 -25.48 -45.78 66.22
C CYS H 24 -25.24 -45.71 64.70
N HIS H 25 -24.95 -46.87 64.10
CA HIS H 25 -24.97 -47.09 62.65
C HIS H 25 -26.40 -47.07 62.12
N SER H 26 -26.64 -46.41 60.98
CA SER H 26 -28.01 -46.20 60.49
C SER H 26 -28.15 -46.32 58.98
N PRO H 27 -29.23 -46.92 58.46
CA PRO H 27 -29.54 -46.92 57.03
C PRO H 27 -29.76 -45.53 56.45
N VAL H 28 -30.25 -44.61 57.27
CA VAL H 28 -30.56 -43.21 56.89
C VAL H 28 -29.45 -42.26 57.32
N ALA H 29 -28.26 -42.75 57.63
CA ALA H 29 -27.16 -41.91 58.09
C ALA H 29 -26.84 -40.81 57.07
N LEU H 30 -26.44 -39.65 57.57
CA LEU H 30 -26.57 -38.35 56.92
C LEU H 30 -25.20 -37.72 56.66
N GLU H 31 -25.04 -37.02 55.54
CA GLU H 31 -23.73 -36.50 55.07
C GLU H 31 -23.77 -34.99 54.84
N ARG H 32 -23.02 -34.43 53.89
CA ARG H 32 -23.02 -32.98 53.63
C ARG H 32 -24.43 -32.47 53.33
N ILE H 33 -24.99 -31.66 54.20
CA ILE H 33 -26.20 -30.87 53.94
C ILE H 33 -25.82 -29.62 53.16
N ARG H 34 -26.34 -29.44 51.95
CA ARG H 34 -25.95 -28.32 51.06
C ARG H 34 -27.07 -27.29 51.04
N ASN H 35 -26.75 -26.01 51.18
CA ASN H 35 -27.74 -24.94 51.35
C ASN H 35 -27.29 -23.66 50.65
N GLU H 36 -26.75 -23.78 49.45
CA GLU H 36 -26.22 -22.64 48.69
C GLU H 36 -27.31 -21.79 48.03
N ALA H 37 -28.51 -22.35 47.84
CA ALA H 37 -29.66 -21.66 47.28
C ALA H 37 -30.21 -20.57 48.19
N THR H 38 -30.34 -19.34 47.71
CA THR H 38 -30.86 -18.24 48.55
C THR H 38 -32.36 -18.27 48.76
N ASP H 39 -33.15 -19.00 47.98
CA ASP H 39 -34.57 -19.21 48.32
C ASP H 39 -34.78 -20.07 49.59
N GLY H 40 -33.72 -20.68 50.11
CA GLY H 40 -33.76 -21.49 51.33
C GLY H 40 -34.08 -22.97 51.14
N THR H 41 -34.17 -23.47 49.91
CA THR H 41 -34.29 -24.92 49.65
C THR H 41 -33.02 -25.66 50.02
N LEU H 42 -33.08 -26.70 50.82
CA LEU H 42 -31.93 -27.57 51.12
C LEU H 42 -31.72 -28.60 50.02
N LYS H 43 -30.48 -29.03 49.79
CA LYS H 43 -30.13 -30.26 49.08
C LYS H 43 -29.38 -31.18 50.04
N ILE H 44 -30.11 -32.07 50.69
CA ILE H 44 -29.57 -33.05 51.63
C ILE H 44 -28.97 -34.23 50.86
N GLN H 45 -27.93 -34.87 51.39
CA GLN H 45 -27.37 -36.11 50.91
C GLN H 45 -27.38 -37.17 52.00
N VAL H 46 -27.76 -38.41 51.69
CA VAL H 46 -28.05 -39.45 52.68
C VAL H 46 -27.63 -40.83 52.20
N SER H 47 -27.42 -41.77 53.11
CA SER H 47 -26.98 -43.14 52.80
C SER H 47 -28.01 -44.03 52.11
N LEU H 48 -29.27 -43.61 52.02
CA LEU H 48 -30.28 -44.28 51.21
C LEU H 48 -29.99 -44.17 49.72
N GLN H 49 -30.69 -44.98 48.93
CA GLN H 49 -30.99 -44.63 47.54
C GLN H 49 -32.49 -44.58 47.35
N ILE H 50 -33.00 -43.49 46.78
CA ILE H 50 -34.44 -43.24 46.67
C ILE H 50 -34.85 -43.07 45.22
N GLY H 51 -35.94 -43.72 44.82
CA GLY H 51 -36.35 -43.87 43.42
C GLY H 51 -35.85 -45.16 42.74
N ILE H 52 -35.12 -46.04 43.43
CA ILE H 52 -34.54 -47.27 42.88
C ILE H 52 -34.89 -48.48 43.75
N LYS H 53 -35.24 -49.63 43.16
CA LYS H 53 -35.56 -50.89 43.87
C LYS H 53 -34.32 -51.71 44.19
N THR H 54 -34.43 -52.73 45.03
CA THR H 54 -33.36 -53.76 45.16
C THR H 54 -33.03 -54.38 43.81
N ASP H 55 -34.03 -54.49 42.93
CA ASP H 55 -33.95 -55.02 41.57
C ASP H 55 -33.28 -54.07 40.55
N ASP H 56 -32.44 -53.13 40.97
CA ASP H 56 -31.62 -52.24 40.14
C ASP H 56 -32.37 -51.41 39.07
N SER H 57 -33.68 -51.27 39.26
CA SER H 57 -34.61 -50.71 38.30
C SER H 57 -35.48 -49.67 39.01
N HIS H 58 -35.75 -48.57 38.31
CA HIS H 58 -36.33 -47.39 38.94
C HIS H 58 -37.82 -47.57 39.29
N ASP H 59 -38.29 -46.91 40.34
CA ASP H 59 -39.69 -46.91 40.76
C ASP H 59 -39.95 -45.74 41.71
N TRP H 60 -40.75 -44.75 41.30
CA TRP H 60 -40.99 -43.57 42.13
C TRP H 60 -41.70 -43.91 43.46
N THR H 61 -42.25 -45.11 43.63
CA THR H 61 -42.86 -45.50 44.90
C THR H 61 -41.86 -46.09 45.90
N LYS H 62 -40.61 -46.36 45.51
CA LYS H 62 -39.68 -47.12 46.36
C LYS H 62 -38.35 -46.41 46.62
N LEU H 63 -37.75 -46.81 47.72
CA LEU H 63 -36.37 -46.55 48.07
C LEU H 63 -35.75 -47.83 48.62
N ARG H 64 -34.44 -47.92 48.56
CA ARG H 64 -33.69 -49.08 49.01
C ARG H 64 -32.59 -48.67 49.97
N TYR H 65 -32.33 -49.54 50.93
CA TYR H 65 -31.44 -49.25 52.02
C TYR H 65 -30.64 -50.48 52.38
N MET H 66 -29.47 -50.28 53.01
CA MET H 66 -28.65 -51.39 53.46
C MET H 66 -29.26 -52.04 54.71
N ASP H 67 -29.27 -53.36 54.76
CA ASP H 67 -29.77 -54.13 55.90
C ASP H 67 -28.78 -55.26 56.21
N ASN H 68 -28.04 -55.13 57.30
CA ASN H 68 -26.95 -56.03 57.63
C ASN H 68 -25.96 -56.15 56.46
N HIS H 69 -25.92 -57.30 55.76
CA HIS H 69 -25.03 -57.53 54.60
C HIS H 69 -25.63 -57.27 53.23
N MET H 70 -26.96 -57.17 53.07
CA MET H 70 -27.59 -57.12 51.74
C MET H 70 -28.79 -56.15 51.69
N PRO H 71 -28.93 -55.31 50.67
CA PRO H 71 -30.03 -54.36 50.51
C PRO H 71 -31.45 -54.89 50.73
N ALA H 72 -32.38 -53.97 50.94
CA ALA H 72 -33.83 -54.19 51.03
C ALA H 72 -34.62 -52.95 50.57
N ASP H 73 -35.95 -53.04 50.43
CA ASP H 73 -36.82 -51.94 49.94
C ASP H 73 -37.76 -51.39 51.02
N ALA H 74 -38.18 -50.13 50.87
CA ALA H 74 -39.26 -49.49 51.64
C ALA H 74 -40.04 -48.44 50.82
N GLU H 75 -41.21 -48.06 51.31
CA GLU H 75 -42.11 -47.11 50.65
C GLU H 75 -41.62 -45.68 50.70
N ARG H 76 -41.51 -45.00 49.55
CA ARG H 76 -41.28 -43.55 49.46
C ARG H 76 -42.29 -42.75 50.29
N ALA H 77 -43.50 -43.26 50.43
CA ALA H 77 -44.58 -42.63 51.19
C ALA H 77 -44.31 -42.46 52.70
N ARG H 78 -43.30 -43.12 53.27
CA ARG H 78 -42.92 -42.97 54.69
C ARG H 78 -41.56 -42.31 54.91
N LEU H 79 -40.90 -41.80 53.88
CA LEU H 79 -39.71 -40.97 54.03
C LEU H 79 -40.12 -39.63 54.63
N PHE H 80 -39.40 -39.14 55.63
CA PHE H 80 -39.65 -37.81 56.21
C PHE H 80 -38.35 -37.08 56.53
N VAL H 81 -38.42 -35.76 56.55
CA VAL H 81 -37.39 -34.87 57.06
C VAL H 81 -38.08 -33.78 57.86
N ARG H 82 -37.50 -33.38 58.98
CA ARG H 82 -38.03 -32.30 59.83
C ARG H 82 -36.91 -31.50 60.47
N THR H 83 -37.15 -30.23 60.69
CA THR H 83 -36.24 -29.32 61.39
C THR H 83 -36.82 -29.07 62.78
N SER H 84 -37.22 -27.85 63.14
CA SER H 84 -38.02 -27.63 64.35
C SER H 84 -39.43 -28.21 64.24
N ALA H 85 -39.96 -28.32 63.02
CA ALA H 85 -41.25 -28.91 62.68
C ALA H 85 -41.21 -29.50 61.26
N PRO H 86 -42.15 -30.38 60.86
CA PRO H 86 -42.11 -31.11 59.60
C PRO H 86 -41.84 -30.26 58.37
N CYS H 87 -40.88 -30.69 57.55
CA CYS H 87 -40.57 -30.08 56.28
C CYS H 87 -41.50 -30.57 55.18
N THR H 88 -41.48 -29.94 54.02
CA THR H 88 -42.06 -30.52 52.81
C THR H 88 -40.95 -30.90 51.84
N ILE H 89 -40.88 -32.15 51.43
CA ILE H 89 -39.94 -32.62 50.40
C ILE H 89 -40.41 -32.13 49.03
N THR H 90 -39.55 -31.49 48.24
CA THR H 90 -39.93 -31.01 46.90
C THR H 90 -39.60 -32.02 45.80
N GLY H 91 -38.63 -32.91 46.00
CA GLY H 91 -38.16 -33.84 44.97
C GLY H 91 -37.02 -34.72 45.49
N THR H 92 -36.88 -35.92 44.94
CA THR H 92 -36.02 -36.98 45.50
C THR H 92 -35.40 -37.83 44.42
N MET H 93 -34.10 -38.11 44.48
CA MET H 93 -33.42 -38.93 43.48
C MET H 93 -32.08 -39.47 43.96
N GLY H 94 -31.87 -40.78 43.90
CA GLY H 94 -30.57 -41.38 44.23
C GLY H 94 -30.20 -41.11 45.68
N HIS H 95 -29.04 -40.51 45.92
CA HIS H 95 -28.60 -40.12 47.27
C HIS H 95 -29.18 -38.80 47.77
N PHE H 96 -29.94 -38.05 46.96
CA PHE H 96 -30.26 -36.65 47.25
C PHE H 96 -31.73 -36.39 47.54
N ILE H 97 -32.02 -35.58 48.55
CA ILE H 97 -33.36 -35.07 48.87
C ILE H 97 -33.36 -33.55 48.76
N LEU H 98 -34.37 -32.96 48.12
CA LEU H 98 -34.67 -31.54 48.26
C LEU H 98 -35.77 -31.32 49.27
N ALA H 99 -35.64 -30.33 50.15
CA ALA H 99 -36.64 -30.03 51.16
C ALA H 99 -36.75 -28.52 51.43
N ARG H 100 -37.92 -28.08 51.86
CA ARG H 100 -38.22 -26.74 52.37
C ARG H 100 -38.57 -26.86 53.84
N CYS H 101 -37.94 -26.08 54.69
CA CYS H 101 -37.99 -26.29 56.14
C CYS H 101 -38.33 -25.01 56.91
N PRO H 102 -39.04 -25.09 58.03
CA PRO H 102 -39.11 -23.99 58.98
C PRO H 102 -37.77 -23.82 59.66
N LYS H 103 -37.41 -22.60 60.07
CA LYS H 103 -36.14 -22.32 60.75
C LYS H 103 -35.94 -23.22 61.97
N GLY H 104 -34.71 -23.66 62.21
CA GLY H 104 -34.36 -24.39 63.42
C GLY H 104 -32.90 -24.81 63.46
N GLU H 105 -32.46 -25.30 64.62
CA GLU H 105 -31.05 -25.56 64.93
C GLU H 105 -30.63 -27.03 64.73
N THR H 106 -31.53 -27.88 64.27
CA THR H 106 -31.25 -29.30 64.05
C THR H 106 -32.03 -29.82 62.86
N LEU H 107 -31.50 -30.83 62.18
CA LEU H 107 -32.13 -31.42 61.02
C LEU H 107 -32.14 -32.92 61.19
N THR H 108 -33.28 -33.54 60.99
CA THR H 108 -33.43 -34.98 61.15
C THR H 108 -34.17 -35.57 59.97
N VAL H 109 -33.74 -36.74 59.52
CA VAL H 109 -34.29 -37.47 58.38
C VAL H 109 -34.51 -38.92 58.77
N GLY H 110 -35.55 -39.56 58.26
CA GLY H 110 -35.91 -40.89 58.70
C GLY H 110 -36.95 -41.58 57.82
N PHE H 111 -37.26 -42.83 58.13
CA PHE H 111 -38.16 -43.65 57.32
C PHE H 111 -38.74 -44.85 58.09
N THR H 112 -39.31 -45.84 57.40
CA THR H 112 -39.82 -47.06 58.04
C THR H 112 -39.61 -48.30 57.16
N ASP H 113 -39.16 -49.41 57.74
CA ASP H 113 -39.05 -50.71 57.06
C ASP H 113 -40.42 -51.31 56.72
N GLY H 114 -40.45 -52.30 55.81
CA GLY H 114 -41.59 -53.23 55.75
C GLY H 114 -41.88 -53.89 57.10
N ARG H 115 -40.84 -54.07 57.93
CA ARG H 115 -40.91 -54.62 59.30
C ARG H 115 -41.65 -53.73 60.32
N LYS H 116 -42.15 -52.55 59.92
CA LYS H 116 -42.67 -51.48 60.80
C LYS H 116 -41.64 -50.81 61.73
N ILE H 117 -40.41 -51.33 61.82
CA ILE H 117 -39.30 -50.66 62.49
C ILE H 117 -39.00 -49.35 61.76
N SER H 118 -38.70 -48.28 62.50
CA SER H 118 -38.38 -46.96 61.95
C SER H 118 -37.00 -46.52 62.36
N HIS H 119 -36.36 -45.74 61.51
CA HIS H 119 -35.00 -45.23 61.72
C HIS H 119 -34.98 -43.75 61.45
N SER H 120 -34.09 -43.06 62.13
CA SER H 120 -33.84 -41.64 61.94
C SER H 120 -32.38 -41.33 62.21
N CYS H 121 -31.92 -40.21 61.70
CA CYS H 121 -30.60 -39.66 61.98
C CYS H 121 -30.72 -38.16 62.18
N THR H 122 -30.20 -37.61 63.27
CA THR H 122 -30.35 -36.19 63.62
C THR H 122 -29.01 -35.48 63.71
N HIS H 123 -28.77 -34.50 62.86
CA HIS H 123 -27.59 -33.64 62.94
C HIS H 123 -27.89 -32.32 63.64
N PRO H 124 -26.90 -31.67 64.24
CA PRO H 124 -26.95 -30.25 64.51
C PRO H 124 -26.83 -29.49 63.18
N PHE H 125 -27.66 -28.49 62.96
CA PHE H 125 -27.63 -27.73 61.70
C PHE H 125 -28.35 -26.39 61.84
N HIS H 126 -27.64 -25.29 61.64
CA HIS H 126 -28.20 -23.95 61.78
C HIS H 126 -28.99 -23.51 60.54
N HIS H 127 -30.24 -23.94 60.38
CA HIS H 127 -31.06 -23.54 59.24
C HIS H 127 -31.73 -22.19 59.46
N ASP H 128 -31.29 -21.16 58.74
CA ASP H 128 -31.92 -19.84 58.76
C ASP H 128 -31.72 -19.16 57.40
N PRO H 129 -32.73 -19.17 56.51
CA PRO H 129 -32.61 -18.62 55.18
C PRO H 129 -32.16 -17.16 55.19
N PRO H 130 -31.21 -16.75 54.36
CA PRO H 130 -30.93 -15.35 54.12
C PRO H 130 -32.20 -14.58 53.75
N VAL H 131 -32.25 -13.30 54.11
CA VAL H 131 -33.32 -12.40 53.72
C VAL H 131 -33.25 -12.12 52.22
N ILE H 132 -34.39 -12.12 51.53
CA ILE H 132 -34.48 -11.62 50.15
C ILE H 132 -35.13 -10.24 50.21
N GLY H 133 -34.54 -9.24 49.54
CA GLY H 133 -35.06 -7.87 49.61
C GLY H 133 -34.86 -7.24 50.98
N ARG H 134 -35.83 -6.46 51.45
CA ARG H 134 -35.71 -5.58 52.63
C ARG H 134 -36.75 -5.83 53.73
N GLU H 135 -37.45 -6.96 53.68
CA GLU H 135 -38.53 -7.30 54.62
C GLU H 135 -38.42 -8.77 55.02
N LYS H 136 -38.41 -9.09 56.31
CA LYS H 136 -38.16 -10.46 56.80
C LYS H 136 -39.43 -11.29 56.90
N PHE H 137 -40.17 -11.41 55.81
CA PHE H 137 -41.45 -12.10 55.75
C PHE H 137 -41.35 -13.62 55.96
N HIS H 138 -42.46 -14.25 56.37
CA HIS H 138 -42.48 -15.65 56.82
C HIS H 138 -43.11 -16.66 55.85
N SER H 139 -43.93 -16.20 54.92
CA SER H 139 -44.56 -17.04 53.89
C SER H 139 -44.82 -16.22 52.64
N ARG H 140 -44.82 -16.82 51.44
CA ARG H 140 -44.94 -16.03 50.21
C ARG H 140 -46.29 -15.32 50.16
N PRO H 141 -46.34 -14.05 49.78
CA PRO H 141 -47.57 -13.28 49.79
C PRO H 141 -48.30 -13.40 48.46
N GLN H 142 -49.63 -13.26 48.48
CA GLN H 142 -50.42 -13.29 47.24
C GLN H 142 -50.46 -11.92 46.53
N HIS H 143 -49.74 -10.91 47.02
CA HIS H 143 -49.41 -9.66 46.32
C HIS H 143 -48.02 -9.16 46.71
N GLY H 144 -47.31 -8.45 45.83
CA GLY H 144 -45.92 -8.06 46.06
C GLY H 144 -45.16 -7.74 44.79
N ARG H 145 -43.83 -7.91 44.80
CA ARG H 145 -42.97 -7.76 43.62
C ARG H 145 -42.01 -8.94 43.48
N GLU H 146 -41.38 -9.06 42.31
CA GLU H 146 -40.42 -10.12 42.02
C GLU H 146 -38.99 -9.63 42.22
N LEU H 147 -38.16 -10.41 42.92
CA LEU H 147 -36.72 -10.19 43.05
C LEU H 147 -35.93 -11.43 42.62
N PRO H 148 -34.73 -11.28 42.07
CA PRO H 148 -33.93 -12.42 41.63
C PRO H 148 -33.34 -13.17 42.83
N CYS H 149 -33.29 -14.48 42.77
CA CYS H 149 -32.66 -15.33 43.77
C CYS H 149 -32.12 -16.62 43.10
N SER H 150 -31.87 -17.69 43.85
CA SER H 150 -31.40 -18.95 43.27
C SER H 150 -31.99 -20.15 43.98
N THR H 151 -32.10 -21.28 43.29
CA THR H 151 -32.83 -22.44 43.77
C THR H 151 -32.26 -23.72 43.21
N TYR H 152 -32.20 -24.78 44.01
CA TYR H 152 -31.92 -26.10 43.47
C TYR H 152 -33.11 -26.55 42.62
N ALA H 153 -32.97 -26.52 41.31
CA ALA H 153 -34.03 -26.82 40.36
C ALA H 153 -34.47 -28.29 40.43
N GLN H 154 -35.73 -28.56 40.10
CA GLN H 154 -36.33 -29.88 40.28
C GLN H 154 -35.78 -30.98 39.34
N SER H 155 -35.10 -30.65 38.24
CA SER H 155 -34.73 -31.63 37.22
C SER H 155 -33.71 -32.68 37.71
N THR H 156 -34.01 -33.96 37.48
CA THR H 156 -33.13 -35.11 37.76
C THR H 156 -32.16 -35.41 36.62
N ALA H 157 -32.00 -34.48 35.67
CA ALA H 157 -31.12 -34.60 34.51
C ALA H 157 -29.64 -34.43 34.91
N ALA H 158 -29.10 -35.43 35.60
CA ALA H 158 -27.80 -35.42 36.27
C ALA H 158 -26.66 -35.03 35.30
N THR H 159 -26.08 -33.85 35.53
CA THR H 159 -25.10 -33.19 34.64
C THR H 159 -24.18 -32.22 35.41
N ALA H 160 -23.01 -31.93 34.83
CA ALA H 160 -22.01 -30.93 35.24
C ALA H 160 -21.32 -31.10 36.60
N GLU H 161 -22.04 -31.47 37.66
CA GLU H 161 -21.48 -31.77 38.98
C GLU H 161 -21.49 -33.28 39.24
N GLU H 162 -20.39 -33.80 39.76
CA GLU H 162 -20.18 -35.24 39.90
C GLU H 162 -19.69 -35.62 41.30
N ILE H 163 -20.25 -36.68 41.87
CA ILE H 163 -19.73 -37.36 43.06
C ILE H 163 -18.80 -38.50 42.64
N GLU H 164 -17.95 -39.02 43.52
CA GLU H 164 -17.09 -40.18 43.24
C GLU H 164 -17.70 -41.50 43.70
N VAL H 165 -17.18 -42.64 43.22
CA VAL H 165 -17.47 -43.97 43.77
C VAL H 165 -16.22 -44.84 43.89
N HIS H 166 -16.21 -45.75 44.85
CA HIS H 166 -15.14 -46.69 45.17
C HIS H 166 -15.72 -48.07 45.51
N MET H 167 -14.88 -49.10 45.54
CA MET H 167 -15.31 -50.41 46.01
C MET H 167 -15.43 -50.41 47.54
N PRO H 168 -16.45 -51.05 48.15
CA PRO H 168 -16.54 -51.16 49.60
C PRO H 168 -15.32 -51.84 50.23
N PRO H 169 -14.99 -51.53 51.49
CA PRO H 169 -14.00 -52.26 52.26
C PRO H 169 -14.53 -53.62 52.72
N ASP H 170 -13.65 -54.47 53.28
CA ASP H 170 -14.08 -55.63 54.05
C ASP H 170 -15.14 -55.24 55.09
N THR H 171 -16.23 -56.01 55.20
CA THR H 171 -17.28 -55.77 56.21
C THR H 171 -17.09 -56.74 57.37
N PRO H 172 -16.62 -56.30 58.53
CA PRO H 172 -16.43 -57.18 59.67
C PRO H 172 -17.77 -57.59 60.28
N ASP H 173 -17.88 -58.84 60.72
CA ASP H 173 -19.07 -59.37 61.38
C ASP H 173 -18.71 -60.58 62.24
N ARG H 174 -18.78 -60.44 63.56
CA ARG H 174 -18.51 -61.53 64.50
C ARG H 174 -19.40 -62.74 64.28
N THR H 175 -20.63 -62.58 63.79
CA THR H 175 -21.59 -63.68 63.63
C THR H 175 -21.34 -64.55 62.39
N LEU H 176 -20.35 -64.23 61.55
CA LEU H 176 -19.78 -65.19 60.60
C LEU H 176 -19.16 -66.39 61.31
N MET H 177 -18.66 -66.20 62.53
CA MET H 177 -17.95 -67.20 63.31
C MET H 177 -18.83 -67.80 64.41
N SER H 178 -18.76 -69.12 64.58
CA SER H 178 -19.43 -69.83 65.68
C SER H 178 -18.56 -71.00 66.13
N GLN H 179 -18.66 -71.43 67.38
CA GLN H 179 -17.72 -72.39 67.96
C GLN H 179 -18.43 -73.51 68.71
N GLN H 180 -17.98 -74.75 68.53
CA GLN H 180 -18.44 -75.91 69.28
C GLN H 180 -17.30 -76.91 69.50
N SER H 181 -17.28 -77.60 70.64
CA SER H 181 -16.22 -78.56 71.04
C SER H 181 -14.78 -78.00 71.05
N GLY H 182 -14.62 -76.68 71.04
CA GLY H 182 -13.32 -76.02 70.86
C GLY H 182 -12.88 -75.86 69.40
N ASN H 183 -13.73 -76.16 68.41
CA ASN H 183 -13.48 -75.93 66.99
C ASN H 183 -14.39 -74.82 66.45
N VAL H 184 -13.87 -73.92 65.62
CA VAL H 184 -14.63 -72.76 65.13
C VAL H 184 -15.13 -73.03 63.71
N LYS H 185 -16.44 -72.98 63.51
CA LYS H 185 -17.13 -72.92 62.23
C LYS H 185 -17.05 -71.49 61.69
N ILE H 186 -16.82 -71.33 60.40
CA ILE H 186 -17.16 -70.08 59.70
C ILE H 186 -18.31 -70.43 58.76
N THR H 187 -19.46 -69.78 58.89
CA THR H 187 -20.68 -70.19 58.16
C THR H 187 -20.73 -69.67 56.72
N VAL H 188 -20.07 -68.54 56.43
CA VAL H 188 -19.78 -67.95 55.10
C VAL H 188 -20.96 -67.58 54.20
N ASN H 189 -22.02 -68.37 54.16
CA ASN H 189 -23.34 -68.02 53.64
C ASN H 189 -23.34 -67.25 52.32
N SER H 190 -23.05 -67.94 51.22
CA SER H 190 -23.23 -67.47 49.84
C SER H 190 -22.38 -66.29 49.37
N GLN H 191 -21.35 -65.88 50.11
CA GLN H 191 -20.49 -64.76 49.71
C GLN H 191 -19.02 -64.92 50.15
N THR H 192 -18.13 -64.26 49.43
CA THR H 192 -16.67 -64.28 49.68
C THR H 192 -16.32 -63.69 51.04
N VAL H 193 -15.62 -64.47 51.86
CA VAL H 193 -15.20 -64.13 53.24
C VAL H 193 -13.68 -64.21 53.35
N ARG H 194 -13.09 -63.40 54.24
CA ARG H 194 -11.70 -63.52 54.67
C ARG H 194 -11.69 -63.75 56.17
N TYR H 195 -10.73 -64.51 56.67
CA TYR H 195 -10.58 -64.80 58.09
C TYR H 195 -9.11 -64.82 58.50
N LYS H 196 -8.86 -64.70 59.80
CA LYS H 196 -7.54 -64.85 60.43
C LYS H 196 -7.66 -65.56 61.77
N CYS H 197 -6.73 -66.43 62.11
CA CYS H 197 -6.63 -67.07 63.43
C CYS H 197 -5.28 -66.74 64.07
N ASN H 198 -5.25 -66.55 65.39
CA ASN H 198 -4.01 -66.57 66.18
C ASN H 198 -4.22 -67.27 67.54
N CYS H 199 -5.18 -68.19 67.60
CA CYS H 199 -5.43 -69.13 68.70
C CYS H 199 -4.27 -70.13 68.91
N GLY H 200 -3.42 -70.28 67.90
CA GLY H 200 -2.26 -71.16 67.86
C GLY H 200 -1.84 -71.35 66.41
N ASP H 201 -2.63 -72.12 65.67
CA ASP H 201 -2.45 -72.39 64.25
C ASP H 201 -2.60 -71.11 63.40
N SER H 202 -1.69 -70.91 62.44
CA SER H 202 -1.52 -69.68 61.66
C SER H 202 -2.56 -69.46 60.54
N ASN H 203 -3.77 -70.01 60.66
CA ASN H 203 -4.75 -70.06 59.57
C ASN H 203 -5.30 -68.68 59.14
N GLU H 204 -5.53 -68.54 57.84
CA GLU H 204 -5.79 -67.28 57.16
C GLU H 204 -6.44 -67.49 55.78
N GLY H 205 -6.98 -66.42 55.19
CA GLY H 205 -7.14 -66.33 53.73
C GLY H 205 -8.58 -66.30 53.23
N LEU H 206 -8.74 -65.94 51.96
CA LEU H 206 -10.04 -65.86 51.30
C LEU H 206 -10.73 -67.23 51.20
N THR H 207 -12.05 -67.25 51.31
CA THR H 207 -12.90 -68.40 50.96
C THR H 207 -14.22 -67.95 50.34
N THR H 208 -14.84 -68.79 49.49
CA THR H 208 -16.24 -68.63 49.03
C THR H 208 -17.18 -69.67 49.66
N THR H 209 -16.67 -70.54 50.54
CA THR H 209 -17.40 -71.63 51.18
C THR H 209 -17.03 -71.76 52.66
N ASP H 210 -17.91 -72.38 53.43
CA ASP H 210 -17.73 -72.61 54.87
C ASP H 210 -16.60 -73.59 55.19
N LYS H 211 -16.09 -73.53 56.42
CA LYS H 211 -15.00 -74.37 56.92
C LYS H 211 -15.06 -74.53 58.44
N VAL H 212 -14.22 -75.39 58.99
CA VAL H 212 -13.94 -75.48 60.43
C VAL H 212 -12.44 -75.38 60.67
N ILE H 213 -12.03 -74.71 61.73
CA ILE H 213 -10.64 -74.67 62.20
C ILE H 213 -10.54 -75.28 63.60
N ASN H 214 -9.59 -76.19 63.78
CA ASN H 214 -9.42 -76.95 65.02
C ASN H 214 -8.96 -76.09 66.19
N ASN H 215 -9.25 -76.51 67.42
CA ASN H 215 -8.80 -75.97 68.72
C ASN H 215 -8.87 -74.45 68.96
N CYS H 216 -9.64 -73.73 68.14
CA CYS H 216 -9.85 -72.29 68.25
C CYS H 216 -10.78 -71.91 69.41
N LYS H 217 -10.27 -71.15 70.37
CA LYS H 217 -11.11 -70.27 71.20
C LYS H 217 -11.71 -69.19 70.29
N VAL H 218 -13.01 -68.95 70.37
CA VAL H 218 -13.77 -68.22 69.34
C VAL H 218 -13.31 -66.76 69.16
N ASP H 219 -12.80 -66.13 70.21
CA ASP H 219 -12.33 -64.74 70.18
C ASP H 219 -10.86 -64.57 69.78
N GLN H 220 -10.08 -65.65 69.69
CA GLN H 220 -8.67 -65.63 69.21
C GLN H 220 -8.60 -65.74 67.67
N CYS H 221 -9.59 -65.17 67.01
CA CYS H 221 -9.85 -65.30 65.59
C CYS H 221 -10.76 -64.14 65.14
N HIS H 222 -10.80 -63.86 63.83
CA HIS H 222 -11.50 -62.72 63.22
C HIS H 222 -11.98 -63.07 61.81
N ALA H 223 -13.08 -62.47 61.34
CA ALA H 223 -13.60 -62.68 59.98
C ALA H 223 -14.34 -61.46 59.43
N ALA H 224 -14.41 -61.34 58.10
CA ALA H 224 -15.13 -60.29 57.38
C ALA H 224 -15.58 -60.72 55.97
N VAL H 225 -16.70 -60.20 55.45
CA VAL H 225 -17.06 -60.34 54.04
C VAL H 225 -16.13 -59.47 53.20
N THR H 226 -15.48 -60.00 52.17
CA THR H 226 -14.20 -59.43 51.68
C THR H 226 -14.15 -58.94 50.22
N ASN H 227 -15.19 -59.16 49.43
CA ASN H 227 -15.22 -58.66 48.06
C ASN H 227 -16.66 -58.36 47.65
N HIS H 228 -16.87 -57.34 46.82
CA HIS H 228 -18.18 -56.91 46.38
C HIS H 228 -18.19 -56.52 44.89
N LYS H 229 -19.21 -56.97 44.17
CA LYS H 229 -19.46 -56.57 42.77
C LYS H 229 -20.12 -55.19 42.67
N LYS H 230 -20.76 -54.74 43.75
CA LYS H 230 -21.42 -53.44 43.90
C LYS H 230 -20.44 -52.37 44.41
N TRP H 231 -20.76 -51.09 44.24
CA TRP H 231 -19.90 -49.95 44.60
C TRP H 231 -20.63 -48.92 45.49
N GLN H 232 -19.90 -47.97 46.06
CA GLN H 232 -20.43 -46.93 46.99
C GLN H 232 -19.79 -45.57 46.74
N TYR H 233 -20.40 -44.48 47.20
CA TYR H 233 -19.68 -43.21 47.38
C TYR H 233 -18.54 -43.39 48.39
N ASN H 234 -17.39 -42.78 48.16
CA ASN H 234 -16.26 -42.77 49.07
C ASN H 234 -16.43 -41.68 50.14
N SER H 235 -17.53 -41.73 50.87
CA SER H 235 -17.73 -40.87 52.04
C SER H 235 -16.65 -41.11 53.09
N PRO H 236 -16.41 -40.17 54.01
CA PRO H 236 -15.87 -40.52 55.33
C PRO H 236 -16.87 -41.42 56.05
N LEU H 237 -16.70 -41.65 57.34
CA LEU H 237 -17.54 -42.58 58.14
C LEU H 237 -17.33 -44.07 57.80
N VAL H 238 -16.60 -44.42 56.73
CA VAL H 238 -16.26 -45.78 56.31
C VAL H 238 -14.78 -45.90 55.89
N PRO H 239 -14.10 -47.03 56.16
CA PRO H 239 -12.71 -47.25 55.73
C PRO H 239 -12.50 -47.16 54.22
N ARG H 240 -11.40 -46.55 53.78
CA ARG H 240 -10.90 -46.69 52.39
C ARG H 240 -10.25 -48.05 52.22
N ASN H 241 -10.64 -48.82 51.21
CA ASN H 241 -10.24 -50.23 51.12
C ASN H 241 -8.74 -50.44 50.82
N ALA H 242 -8.11 -49.51 50.10
CA ALA H 242 -6.71 -49.56 49.71
C ALA H 242 -6.05 -48.19 49.82
N GLU H 243 -4.72 -48.14 49.88
CA GLU H 243 -3.97 -46.90 50.14
C GLU H 243 -4.34 -45.75 49.20
N LEU H 244 -4.58 -46.05 47.92
CA LEU H 244 -4.94 -45.08 46.87
C LEU H 244 -6.36 -45.27 46.32
N GLY H 245 -7.20 -46.03 47.03
CA GLY H 245 -8.55 -46.37 46.59
C GLY H 245 -8.58 -47.36 45.42
N ASP H 246 -9.79 -47.76 45.07
CA ASP H 246 -10.10 -48.80 44.09
C ASP H 246 -11.49 -48.56 43.49
N ARG H 247 -11.76 -49.11 42.31
CA ARG H 247 -12.86 -48.72 41.39
C ARG H 247 -12.76 -47.28 40.90
N LYS H 248 -12.73 -46.29 41.80
CA LYS H 248 -12.42 -44.87 41.57
C LYS H 248 -13.34 -44.19 40.54
N GLY H 249 -13.24 -42.88 40.34
CA GLY H 249 -14.01 -42.17 39.31
C GLY H 249 -15.42 -41.73 39.70
N LYS H 250 -16.23 -41.34 38.70
CA LYS H 250 -17.31 -40.35 38.84
C LYS H 250 -18.73 -40.83 38.55
N VAL H 251 -19.71 -40.15 39.14
CA VAL H 251 -21.16 -40.30 38.90
C VAL H 251 -21.81 -38.92 38.95
N HIS H 252 -22.70 -38.56 38.02
CA HIS H 252 -23.36 -37.25 38.04
C HIS H 252 -24.41 -37.14 39.13
N ILE H 253 -24.61 -35.95 39.71
CA ILE H 253 -25.58 -35.72 40.80
C ILE H 253 -26.68 -34.70 40.43
N PRO H 254 -27.91 -34.90 40.91
CA PRO H 254 -29.08 -34.18 40.43
C PRO H 254 -29.21 -32.76 40.99
N PHE H 255 -30.24 -32.04 40.54
CA PHE H 255 -30.71 -30.78 41.10
C PHE H 255 -29.67 -29.65 41.03
N PRO H 256 -29.47 -29.03 39.86
CA PRO H 256 -28.51 -27.95 39.68
C PRO H 256 -28.99 -26.64 40.32
N LEU H 257 -28.07 -25.73 40.63
CA LEU H 257 -28.38 -24.44 41.25
C LEU H 257 -28.77 -23.39 40.20
N ALA H 258 -30.04 -23.37 39.81
CA ALA H 258 -30.59 -22.46 38.81
C ALA H 258 -30.87 -21.05 39.33
N ASN H 259 -31.02 -20.11 38.41
CA ASN H 259 -31.31 -18.71 38.66
C ASN H 259 -32.80 -18.43 38.40
N VAL H 260 -33.53 -17.86 39.37
CA VAL H 260 -35.00 -17.77 39.34
C VAL H 260 -35.52 -16.60 40.19
N THR H 261 -36.71 -16.08 39.92
CA THR H 261 -37.31 -15.03 40.75
C THR H 261 -38.06 -15.59 41.96
N CYS H 262 -38.11 -14.80 43.03
CA CYS H 262 -38.94 -15.03 44.21
C CYS H 262 -39.85 -13.83 44.42
N ARG H 263 -41.08 -14.07 44.89
CA ARG H 263 -42.03 -13.02 45.22
C ARG H 263 -41.82 -12.56 46.65
N VAL H 264 -41.72 -11.26 46.85
CA VAL H 264 -41.58 -10.63 48.16
C VAL H 264 -42.71 -9.63 48.39
N PRO H 265 -43.17 -9.46 49.63
CA PRO H 265 -44.23 -8.51 49.95
C PRO H 265 -43.71 -7.08 49.87
N LYS H 266 -44.63 -6.12 49.81
CA LYS H 266 -44.34 -4.69 49.96
C LYS H 266 -45.04 -4.15 51.21
N ALA H 267 -44.31 -3.58 52.16
CA ALA H 267 -44.89 -3.00 53.37
C ALA H 267 -45.86 -1.86 53.03
N ARG H 268 -46.99 -1.80 53.74
CA ARG H 268 -48.07 -0.83 53.46
C ARG H 268 -47.65 0.63 53.65
N ASN H 269 -48.34 1.56 53.01
CA ASN H 269 -47.93 2.96 52.99
C ASN H 269 -47.82 3.56 54.39
N PRO H 270 -46.78 4.35 54.69
CA PRO H 270 -46.74 5.17 55.89
C PRO H 270 -47.90 6.15 55.94
N THR H 271 -48.34 6.56 57.13
CA THR H 271 -49.13 7.79 57.26
C THR H 271 -48.18 8.96 57.37
N VAL H 272 -48.01 9.74 56.32
CA VAL H 272 -47.11 10.89 56.34
C VAL H 272 -47.80 12.16 56.81
N THR H 273 -47.05 13.06 57.42
CA THR H 273 -47.49 14.37 57.91
C THR H 273 -46.31 15.32 57.81
N TYR H 274 -46.52 16.61 57.60
CA TYR H 274 -45.42 17.53 57.30
C TYR H 274 -45.26 18.62 58.36
N GLY H 275 -44.03 19.06 58.57
CA GLY H 275 -43.70 20.24 59.37
C GLY H 275 -42.59 21.03 58.69
N LYS H 276 -42.30 22.24 59.15
CA LYS H 276 -41.22 23.06 58.59
C LYS H 276 -39.87 22.33 58.66
N ASN H 277 -39.36 21.92 57.51
CA ASN H 277 -38.19 21.03 57.34
C ASN H 277 -38.30 19.66 58.03
N GLN H 278 -39.50 19.12 58.25
CA GLN H 278 -39.68 17.75 58.74
C GLN H 278 -40.71 16.98 57.94
N VAL H 279 -40.49 15.69 57.74
CA VAL H 279 -41.60 14.75 57.53
C VAL H 279 -41.74 13.88 58.75
N ILE H 280 -42.97 13.71 59.18
CA ILE H 280 -43.36 12.79 60.23
C ILE H 280 -43.94 11.59 59.54
N MET H 281 -43.52 10.39 59.90
CA MET H 281 -44.12 9.17 59.42
C MET H 281 -44.62 8.37 60.60
N LEU H 282 -45.78 7.75 60.46
CA LEU H 282 -46.18 6.63 61.30
C LEU H 282 -46.12 5.37 60.42
N LEU H 283 -45.37 4.38 60.87
CA LEU H 283 -44.97 3.20 60.09
C LEU H 283 -45.71 1.96 60.55
N TYR H 284 -46.21 1.13 59.65
CA TYR H 284 -47.03 -0.04 59.97
C TYR H 284 -46.36 -1.36 59.52
N PRO H 285 -45.36 -1.87 60.23
CA PRO H 285 -44.72 -3.11 59.85
C PRO H 285 -45.64 -4.29 60.14
N ASP H 286 -45.93 -5.10 59.13
CA ASP H 286 -46.56 -6.41 59.34
C ASP H 286 -45.57 -7.43 59.96
N HIS H 287 -44.29 -7.23 59.68
CA HIS H 287 -43.17 -8.10 59.99
C HIS H 287 -41.87 -7.28 59.91
N PRO H 288 -40.74 -7.74 60.44
CA PRO H 288 -39.56 -6.91 60.59
C PRO H 288 -39.12 -6.28 59.26
N THR H 289 -39.15 -4.95 59.20
CA THR H 289 -39.00 -4.22 57.94
C THR H 289 -37.91 -3.19 58.05
N LEU H 290 -37.12 -3.01 57.00
CA LEU H 290 -36.00 -2.08 57.01
C LEU H 290 -36.41 -0.71 56.47
N LEU H 291 -36.12 0.34 57.22
CA LEU H 291 -36.23 1.74 56.80
C LEU H 291 -34.83 2.30 56.58
N SER H 292 -34.58 2.93 55.45
CA SER H 292 -33.31 3.63 55.15
C SER H 292 -33.58 4.99 54.56
N TYR H 293 -32.73 5.97 54.79
CA TYR H 293 -32.86 7.26 54.14
C TYR H 293 -31.52 7.96 53.91
N ARG H 294 -31.44 8.76 52.85
CA ARG H 294 -30.27 9.57 52.51
C ARG H 294 -30.67 10.97 52.08
N ASN H 295 -29.87 11.97 52.44
CA ASN H 295 -29.94 13.27 51.82
C ASN H 295 -29.55 13.14 50.35
N MET H 296 -30.17 13.88 49.44
CA MET H 296 -29.81 13.82 48.01
C MET H 296 -28.65 14.74 47.63
N GLY H 297 -28.00 15.37 48.60
CA GLY H 297 -26.93 16.34 48.38
C GLY H 297 -25.55 15.71 48.19
N GLU H 298 -24.52 16.53 48.27
CA GLU H 298 -23.12 16.12 48.18
C GLU H 298 -22.66 15.22 49.34
N GLU H 299 -23.37 15.24 50.47
CA GLU H 299 -23.08 14.41 51.63
C GLU H 299 -24.34 13.67 52.09
N PRO H 300 -24.47 12.35 51.84
CA PRO H 300 -25.73 11.65 51.92
C PRO H 300 -26.17 11.37 53.35
N ASN H 301 -25.23 11.26 54.29
CA ASN H 301 -25.50 10.99 55.70
C ASN H 301 -26.48 9.83 55.90
N TYR H 302 -26.21 8.72 55.22
CA TYR H 302 -27.09 7.56 55.20
C TYR H 302 -27.32 6.95 56.58
N GLN H 303 -28.56 6.59 56.91
CA GLN H 303 -28.91 5.89 58.14
C GLN H 303 -30.05 4.90 57.90
N GLU H 304 -30.13 3.87 58.74
CA GLU H 304 -31.14 2.83 58.60
C GLU H 304 -31.50 2.18 59.94
N GLU H 305 -32.68 1.57 60.02
CA GLU H 305 -33.07 0.72 61.15
C GLU H 305 -34.11 -0.32 60.74
N TRP H 306 -34.07 -1.51 61.32
CA TRP H 306 -35.21 -2.42 61.29
C TRP H 306 -36.28 -1.93 62.26
N VAL H 307 -37.53 -1.83 61.82
CA VAL H 307 -38.68 -1.52 62.66
C VAL H 307 -39.58 -2.74 62.81
N THR H 308 -40.13 -2.98 63.99
CA THR H 308 -40.83 -4.22 64.30
C THR H 308 -42.20 -4.04 64.96
N HIS H 309 -42.66 -2.80 65.16
CA HIS H 309 -43.98 -2.44 65.68
C HIS H 309 -44.33 -1.00 65.27
N LYS H 310 -45.59 -0.58 65.37
CA LYS H 310 -46.01 0.77 64.97
C LYS H 310 -45.16 1.82 65.66
N LYS H 311 -44.51 2.71 64.92
CA LYS H 311 -43.70 3.79 65.52
C LYS H 311 -43.72 5.05 64.68
N GLU H 312 -43.47 6.18 65.33
CA GLU H 312 -43.36 7.48 64.70
C GLU H 312 -41.88 7.83 64.46
N ILE H 313 -41.54 8.23 63.25
CA ILE H 313 -40.20 8.65 62.85
C ILE H 313 -40.27 10.06 62.28
N ARG H 314 -39.29 10.91 62.61
CA ARG H 314 -39.28 12.33 62.24
C ARG H 314 -38.00 12.65 61.49
N LEU H 315 -38.06 12.75 60.16
CA LEU H 315 -36.88 12.98 59.34
C LEU H 315 -36.72 14.46 59.06
N THR H 316 -35.56 15.03 59.39
CA THR H 316 -35.27 16.41 59.01
C THR H 316 -34.94 16.48 57.53
N VAL H 317 -35.75 17.18 56.74
CA VAL H 317 -35.56 17.33 55.30
C VAL H 317 -34.62 18.51 55.02
N PRO H 318 -33.44 18.32 54.45
CA PRO H 318 -32.51 19.40 54.13
C PRO H 318 -32.89 20.12 52.84
N THR H 319 -32.21 21.22 52.53
CA THR H 319 -32.39 22.03 51.32
C THR H 319 -32.29 21.26 50.00
N GLU H 320 -31.48 20.21 49.95
CA GLU H 320 -31.28 19.36 48.78
C GLU H 320 -32.40 18.33 48.59
N GLY H 321 -33.24 18.14 49.60
CA GLY H 321 -34.21 17.07 49.67
C GLY H 321 -33.65 15.77 50.24
N LEU H 322 -34.56 14.85 50.48
CA LEU H 322 -34.39 13.59 51.18
C LEU H 322 -35.00 12.48 50.35
N GLU H 323 -34.38 11.31 50.32
CA GLU H 323 -34.97 10.09 49.77
C GLU H 323 -35.15 9.04 50.86
N VAL H 324 -36.36 8.53 51.04
CA VAL H 324 -36.69 7.55 52.08
C VAL H 324 -37.13 6.25 51.45
N THR H 325 -36.49 5.13 51.80
CA THR H 325 -36.84 3.80 51.28
C THR H 325 -37.46 2.98 52.39
N TRP H 326 -38.73 2.62 52.24
CA TRP H 326 -39.46 1.85 53.24
C TRP H 326 -39.73 0.45 52.73
N GLY H 327 -39.15 -0.57 53.36
CA GLY H 327 -39.34 -1.95 52.91
C GLY H 327 -38.95 -2.13 51.45
N ASN H 328 -39.71 -2.93 50.71
CA ASN H 328 -39.50 -3.21 49.29
C ASN H 328 -40.18 -2.18 48.36
N ASN H 329 -40.82 -1.14 48.88
CA ASN H 329 -41.46 -0.12 48.04
C ASN H 329 -40.46 0.63 47.16
N GLU H 330 -40.96 1.28 46.13
CA GLU H 330 -40.23 2.36 45.47
C GLU H 330 -39.89 3.45 46.49
N PRO H 331 -38.73 4.10 46.41
CA PRO H 331 -38.34 5.14 47.35
C PRO H 331 -39.17 6.41 47.17
N TYR H 332 -39.47 7.08 48.28
CA TYR H 332 -40.13 8.38 48.32
C TYR H 332 -39.09 9.49 48.28
N LYS H 333 -39.34 10.56 47.51
CA LYS H 333 -38.49 11.74 47.50
C LYS H 333 -39.25 12.95 48.03
N TYR H 334 -38.64 13.72 48.92
CA TYR H 334 -39.21 14.91 49.54
C TYR H 334 -38.25 16.09 49.45
N TRP H 335 -38.74 17.27 49.15
CA TRP H 335 -37.99 18.52 49.18
C TRP H 335 -38.70 19.55 50.05
N PRO H 336 -37.98 20.44 50.73
CA PRO H 336 -38.58 21.52 51.46
C PRO H 336 -39.04 22.62 50.50
N GLN H 337 -39.90 23.52 50.96
CA GLN H 337 -40.20 24.75 50.21
C GLN H 337 -40.45 25.93 51.15
N LEU H 338 -40.51 27.14 50.59
CA LEU H 338 -40.33 28.42 51.28
C LEU H 338 -41.49 28.87 52.19
N SER H 339 -42.10 27.97 52.95
CA SER H 339 -43.17 28.29 53.90
C SER H 339 -42.66 29.04 55.12
N THR H 340 -43.38 30.06 55.59
CA THR H 340 -43.11 30.74 56.87
C THR H 340 -44.36 31.37 57.46
N ASN H 341 -44.42 31.47 58.80
CA ASN H 341 -45.47 32.17 59.52
C ASN H 341 -45.23 33.70 59.56
N GLY H 342 -44.05 34.18 59.19
CA GLY H 342 -43.79 35.61 58.94
C GLY H 342 -44.37 36.07 57.60
N THR H 343 -44.05 37.29 57.18
CA THR H 343 -44.36 37.74 55.81
C THR H 343 -43.34 38.73 55.27
N ALA H 344 -43.12 38.68 53.96
CA ALA H 344 -42.55 39.79 53.21
C ALA H 344 -43.52 40.99 53.23
N HIS H 345 -43.00 42.18 52.95
CA HIS H 345 -43.76 43.43 52.99
C HIS H 345 -44.29 43.77 54.42
N GLY H 346 -44.91 44.92 54.62
CA GLY H 346 -45.33 45.34 55.95
C GLY H 346 -44.17 45.65 56.91
N HIS H 347 -44.39 45.53 58.22
CA HIS H 347 -43.51 46.10 59.24
C HIS H 347 -42.16 45.40 59.38
N PRO H 348 -41.09 46.09 59.83
CA PRO H 348 -39.80 45.50 60.12
C PRO H 348 -39.81 44.23 60.97
N HIS H 349 -40.65 44.17 62.01
CA HIS H 349 -40.74 42.96 62.85
C HIS H 349 -41.36 41.76 62.13
N GLU H 350 -42.10 41.97 61.03
CA GLU H 350 -42.51 40.89 60.14
C GLU H 350 -41.32 40.44 59.30
N ILE H 351 -40.68 41.35 58.57
CA ILE H 351 -39.65 40.97 57.59
C ILE H 351 -38.39 40.41 58.22
N ILE H 352 -37.96 40.85 59.41
CA ILE H 352 -36.83 40.19 60.09
C ILE H 352 -37.18 38.75 60.52
N LEU H 353 -38.45 38.44 60.77
CA LEU H 353 -38.89 37.09 61.11
C LEU H 353 -39.06 36.24 59.84
N TYR H 354 -39.63 36.82 58.79
CA TYR H 354 -39.74 36.20 57.46
C TYR H 354 -38.39 35.82 56.83
N TYR H 355 -37.31 36.46 57.27
CA TYR H 355 -35.95 36.15 56.85
C TYR H 355 -35.17 35.35 57.91
N TYR H 356 -35.80 34.93 59.01
CA TYR H 356 -35.18 34.06 60.01
C TYR H 356 -35.74 32.64 59.92
N GLU H 357 -37.06 32.50 59.77
CA GLU H 357 -37.57 31.33 59.06
C GLU H 357 -37.17 31.51 57.59
N LEU H 358 -36.70 30.48 56.88
CA LEU H 358 -35.80 30.64 55.72
C LEU H 358 -34.48 31.30 56.11
N TYR H 359 -33.36 30.83 55.56
CA TYR H 359 -32.06 31.50 55.70
C TYR H 359 -31.59 31.86 57.13
N PRO H 360 -31.90 31.10 58.21
CA PRO H 360 -31.25 31.34 59.49
C PRO H 360 -29.74 31.11 59.35
N THR H 361 -28.95 31.66 60.26
CA THR H 361 -27.50 31.94 60.08
C THR H 361 -27.22 32.95 58.97
N MET H 362 -27.62 32.69 57.74
CA MET H 362 -27.26 33.54 56.59
C MET H 362 -27.75 34.99 56.78
N THR H 363 -28.93 35.20 57.37
CA THR H 363 -29.44 36.54 57.70
C THR H 363 -29.06 37.03 59.09
N VAL H 364 -28.79 36.14 60.05
CA VAL H 364 -28.23 36.54 61.35
C VAL H 364 -26.87 37.20 61.16
N VAL H 365 -26.08 36.71 60.21
CA VAL H 365 -24.86 37.38 59.76
C VAL H 365 -25.19 38.80 59.29
N VAL H 366 -26.09 39.01 58.31
CA VAL H 366 -26.29 40.37 57.78
C VAL H 366 -26.81 41.34 58.83
N VAL H 367 -27.77 40.97 59.68
CA VAL H 367 -28.27 41.92 60.69
C VAL H 367 -27.23 42.21 61.77
N SER H 368 -26.39 41.25 62.14
CA SER H 368 -25.34 41.51 63.13
C SER H 368 -24.23 42.40 62.57
N VAL H 369 -23.66 42.09 61.40
CA VAL H 369 -22.61 42.96 60.82
C VAL H 369 -23.15 44.34 60.47
N ALA H 370 -24.37 44.45 59.93
CA ALA H 370 -24.98 45.75 59.63
C ALA H 370 -25.21 46.57 60.90
N SER H 371 -25.86 46.01 61.92
CA SER H 371 -26.12 46.77 63.14
C SER H 371 -24.84 47.16 63.87
N PHE H 372 -23.79 46.34 63.83
CA PHE H 372 -22.48 46.74 64.37
C PHE H 372 -21.82 47.88 63.57
N VAL H 373 -21.73 47.81 62.23
CA VAL H 373 -21.09 48.91 61.48
C VAL H 373 -21.87 50.21 61.62
N LEU H 374 -23.20 50.18 61.55
CA LEU H 374 -24.04 51.36 61.74
C LEU H 374 -23.87 51.95 63.15
N LEU H 375 -23.83 51.11 64.18
CA LEU H 375 -23.58 51.56 65.56
C LEU H 375 -22.19 52.22 65.69
N SER H 376 -21.17 51.66 65.05
CA SER H 376 -19.84 52.29 65.01
C SER H 376 -19.85 53.62 64.24
N MET H 377 -20.66 53.75 63.18
CA MET H 377 -20.75 54.97 62.39
C MET H 377 -21.50 56.09 63.10
N VAL H 378 -22.58 55.83 63.83
CA VAL H 378 -23.17 56.87 64.70
C VAL H 378 -22.23 57.22 65.86
N GLY H 379 -21.41 56.28 66.33
CA GLY H 379 -20.29 56.56 67.23
C GLY H 379 -19.25 57.50 66.62
N VAL H 380 -18.81 57.26 65.39
CA VAL H 380 -17.90 58.16 64.64
C VAL H 380 -18.53 59.53 64.37
N ALA H 381 -19.83 59.59 64.08
CA ALA H 381 -20.53 60.87 63.96
C ALA H 381 -20.56 61.65 65.29
N VAL H 382 -20.86 61.00 66.41
CA VAL H 382 -20.71 61.59 67.76
C VAL H 382 -19.24 61.97 68.05
N GLY H 383 -18.29 61.32 67.37
CA GLY H 383 -16.88 61.68 67.36
C GLY H 383 -16.57 63.11 66.90
N MET H 384 -17.51 63.85 66.29
CA MET H 384 -17.33 65.30 66.10
C MET H 384 -17.27 66.05 67.45
N CYS H 385 -18.02 65.67 68.49
CA CYS H 385 -17.91 66.30 69.81
C CYS H 385 -16.52 66.07 70.42
N MET H 386 -15.88 64.96 70.08
CA MET H 386 -14.55 64.61 70.59
C MET H 386 -13.42 65.36 69.86
N CYS H 387 -13.70 65.98 68.70
CA CYS H 387 -12.68 66.57 67.84
C CYS H 387 -13.08 67.96 67.27
N ALA H 388 -14.17 68.05 66.52
CA ALA H 388 -14.66 69.29 65.93
C ALA H 388 -14.99 70.35 67.00
N ARG H 389 -15.70 69.97 68.06
CA ARG H 389 -16.02 70.90 69.16
C ARG H 389 -14.74 71.53 69.73
N ARG H 390 -13.73 70.73 70.06
CA ARG H 390 -12.46 71.24 70.60
C ARG H 390 -11.70 72.12 69.60
N ARG H 391 -11.63 71.74 68.32
CA ARG H 391 -10.95 72.55 67.29
C ARG H 391 -11.63 73.91 67.04
N CYS H 392 -12.94 74.03 67.25
CA CYS H 392 -13.59 75.33 67.26
C CYS H 392 -13.42 76.08 68.59
N ILE H 393 -13.66 75.41 69.73
CA ILE H 393 -13.91 76.09 71.01
C ILE H 393 -12.65 76.35 71.86
N THR H 394 -11.57 75.57 71.72
CA THR H 394 -10.43 75.73 72.64
C THR H 394 -9.82 77.14 72.73
N PRO H 395 -9.70 77.98 71.68
CA PRO H 395 -9.24 79.36 71.85
C PRO H 395 -10.06 80.17 72.86
N TYR H 396 -11.38 79.94 72.94
CA TYR H 396 -12.28 80.61 73.88
C TYR H 396 -12.14 80.05 75.30
N GLU H 397 -11.57 78.86 75.46
CA GLU H 397 -11.19 78.31 76.76
C GLU H 397 -9.78 78.75 77.19
N LEU H 398 -8.86 78.98 76.25
CA LEU H 398 -7.49 79.43 76.56
C LEU H 398 -7.39 80.93 76.85
N THR H 399 -8.14 81.78 76.17
CA THR H 399 -7.91 83.23 76.17
C THR H 399 -8.21 83.87 77.52
N PRO H 400 -7.37 84.78 78.05
CA PRO H 400 -7.66 85.46 79.30
C PRO H 400 -8.80 86.47 79.13
N GLY H 401 -9.78 86.45 80.04
CA GLY H 401 -10.86 87.44 80.17
C GLY H 401 -11.85 87.62 79.01
N ALA H 402 -11.56 87.07 77.83
CA ALA H 402 -12.46 87.10 76.67
C ALA H 402 -13.73 86.25 76.89
N THR H 403 -14.72 86.44 76.04
CA THR H 403 -16.00 85.72 76.05
C THR H 403 -16.38 85.24 74.64
N VAL H 404 -16.96 84.04 74.53
CA VAL H 404 -17.48 83.48 73.27
C VAL H 404 -18.78 84.16 72.82
N PRO H 405 -18.97 84.47 71.52
CA PRO H 405 -20.24 85.00 71.02
C PRO H 405 -21.43 84.10 71.36
N PHE H 406 -22.57 84.71 71.68
CA PHE H 406 -23.75 83.99 72.17
C PHE H 406 -24.23 82.92 71.19
N LEU H 407 -24.26 83.23 69.89
CA LEU H 407 -24.66 82.29 68.84
C LEU H 407 -23.87 80.98 68.89
N LEU H 408 -22.54 81.07 68.90
CA LEU H 408 -21.67 79.91 69.02
C LEU H 408 -21.84 79.18 70.37
N SER H 409 -22.19 79.90 71.43
CA SER H 409 -22.38 79.28 72.74
C SER H 409 -23.51 78.25 72.74
N LEU H 410 -24.60 78.52 72.03
CA LEU H 410 -25.71 77.58 71.85
C LEU H 410 -25.30 76.42 70.94
N ILE H 411 -24.66 76.72 69.80
CA ILE H 411 -24.27 75.72 68.79
C ILE H 411 -23.43 74.60 69.41
N CYS H 412 -22.44 74.95 70.22
CA CYS H 412 -21.59 73.97 70.91
C CYS H 412 -22.10 73.55 72.31
N CYS H 413 -23.31 73.96 72.70
CA CYS H 413 -23.96 73.61 73.99
C CYS H 413 -23.12 73.93 75.23
N ILE H 414 -22.25 74.95 75.17
CA ILE H 414 -21.15 75.11 76.14
C ILE H 414 -21.52 75.83 77.44
N ARG H 415 -22.52 76.72 77.43
CA ARG H 415 -22.74 77.69 78.52
C ARG H 415 -24.22 78.03 78.73
N THR H 416 -24.57 78.44 79.96
CA THR H 416 -25.80 79.18 80.25
C THR H 416 -25.68 80.66 79.84
N ALA H 417 -24.51 81.27 80.04
CA ALA H 417 -24.19 82.64 79.64
C ALA H 417 -22.71 82.79 79.23
N LYS H 418 -21.80 83.07 80.19
CA LYS H 418 -20.33 83.20 79.98
C LYS H 418 -19.52 82.61 81.15
N ASN I 1 24.27 108.25 58.25
CA ASN I 1 23.79 106.95 58.80
C ASN I 1 24.42 105.78 58.04
N ASP I 2 24.33 104.57 58.59
CA ASP I 2 25.00 103.38 58.10
C ASP I 2 24.41 102.83 56.78
N CYS I 3 25.26 102.50 55.81
CA CYS I 3 24.92 101.66 54.64
C CYS I 3 25.28 100.17 54.85
N ILE I 4 25.80 99.78 56.03
CA ILE I 4 26.53 98.54 56.32
C ILE I 4 25.76 97.22 56.11
N PHE I 5 24.48 97.30 55.80
CA PHE I 5 23.59 96.16 55.49
C PHE I 5 23.72 95.68 54.04
N GLU I 6 24.30 96.48 53.14
CA GLU I 6 24.70 96.05 51.79
C GLU I 6 25.77 94.96 51.84
N VAL I 7 25.70 93.97 50.95
CA VAL I 7 26.78 93.00 50.68
C VAL I 7 27.10 93.00 49.19
N LYS I 8 28.36 93.19 48.79
CA LYS I 8 28.75 93.28 47.37
C LYS I 8 28.65 91.93 46.65
N HIS I 9 28.57 91.92 45.32
CA HIS I 9 28.83 90.74 44.50
C HIS I 9 29.91 90.97 43.42
N GLU I 10 30.78 89.96 43.24
CA GLU I 10 31.92 89.84 42.29
C GLU I 10 33.02 90.93 42.35
N GLY I 11 34.27 90.51 42.07
CA GLY I 11 35.45 91.37 41.88
C GLY I 11 35.42 92.16 40.56
N LYS I 12 34.31 92.83 40.28
CA LYS I 12 33.98 93.58 39.05
C LYS I 12 33.23 94.87 39.41
N VAL I 13 33.13 95.79 38.46
CA VAL I 13 32.03 96.76 38.43
C VAL I 13 30.76 96.00 38.07
N THR I 14 29.86 95.75 39.03
CA THR I 14 28.61 95.00 38.80
C THR I 14 27.52 95.28 39.85
N GLY I 15 27.81 95.28 41.15
CA GLY I 15 26.86 95.75 42.17
C GLY I 15 26.85 95.03 43.51
N TYR I 16 25.73 95.16 44.22
CA TYR I 16 25.51 94.72 45.60
C TYR I 16 24.12 94.09 45.77
N ALA I 17 23.88 93.40 46.89
CA ALA I 17 22.60 92.90 47.34
C ALA I 17 22.29 93.42 48.75
N CYS I 18 21.00 93.52 49.08
CA CYS I 18 20.51 94.12 50.33
C CYS I 18 19.86 93.09 51.23
N LEU I 19 20.24 93.05 52.50
CA LEU I 19 19.60 92.23 53.53
C LEU I 19 18.44 93.04 54.16
N VAL I 20 17.19 92.73 53.80
CA VAL I 20 16.01 93.56 54.12
C VAL I 20 14.85 92.72 54.66
N GLY I 21 14.28 93.10 55.81
CA GLY I 21 13.13 92.38 56.36
C GLY I 21 13.37 90.88 56.56
N ASP I 22 12.68 90.03 55.81
CA ASP I 22 12.82 88.57 55.83
C ASP I 22 13.72 87.99 54.71
N LYS I 23 14.36 88.81 53.88
CA LYS I 23 15.00 88.33 52.64
C LYS I 23 16.29 89.05 52.25
N VAL I 24 17.12 88.35 51.49
CA VAL I 24 18.10 88.97 50.61
C VAL I 24 17.38 89.40 49.35
N MET I 25 17.65 90.60 48.85
CA MET I 25 17.09 91.10 47.60
C MET I 25 18.15 91.83 46.76
N LYS I 26 18.08 91.68 45.44
CA LYS I 26 19.16 92.03 44.50
C LYS I 26 18.58 92.47 43.14
N PRO I 27 19.24 93.34 42.38
CA PRO I 27 18.87 93.64 41.00
C PRO I 27 19.20 92.49 40.04
N ALA I 28 18.30 92.20 39.09
CA ALA I 28 18.40 91.06 38.19
C ALA I 28 19.22 91.27 36.92
N HIS I 29 19.38 92.52 36.47
CA HIS I 29 20.12 92.84 35.24
C HIS I 29 21.65 92.77 35.37
N VAL I 30 22.16 92.35 36.54
CA VAL I 30 23.59 92.25 36.88
C VAL I 30 23.91 90.97 37.65
N LYS I 31 25.18 90.54 37.61
CA LYS I 31 25.61 89.15 37.84
C LYS I 31 26.90 89.02 38.64
N GLY I 32 27.19 87.80 39.08
CA GLY I 32 28.50 87.38 39.57
C GLY I 32 28.55 86.85 41.01
N THR I 33 27.55 87.16 41.83
CA THR I 33 27.28 86.61 43.17
C THR I 33 28.44 86.62 44.20
N ILE I 34 29.41 85.72 44.11
CA ILE I 34 30.20 85.22 45.25
C ILE I 34 31.37 86.12 45.74
N ASP I 35 31.11 87.41 45.98
CA ASP I 35 31.92 88.14 46.98
C ASP I 35 31.51 87.82 48.42
N ASN I 36 30.32 87.25 48.64
CA ASN I 36 29.82 86.92 49.97
C ASN I 36 29.24 85.49 50.04
N ALA I 37 29.47 84.80 51.15
CA ALA I 37 29.28 83.36 51.29
C ALA I 37 27.81 82.90 51.39
N ASP I 38 26.87 83.81 51.67
CA ASP I 38 25.44 83.52 51.69
C ASP I 38 24.80 83.62 50.30
N LEU I 39 25.29 84.53 49.46
CA LEU I 39 24.91 84.61 48.04
C LEU I 39 25.32 83.34 47.26
N ALA I 40 26.34 82.63 47.72
CA ALA I 40 26.79 81.36 47.13
C ALA I 40 25.78 80.22 47.34
N LYS I 41 25.11 80.17 48.49
CA LYS I 41 24.25 79.04 48.90
C LYS I 41 22.77 79.23 48.58
N LEU I 42 22.26 80.45 48.64
CA LEU I 42 20.82 80.70 48.54
C LEU I 42 20.27 80.42 47.13
N ALA I 43 19.01 79.97 47.09
CA ALA I 43 18.24 79.78 45.86
C ALA I 43 17.31 80.98 45.63
N PHE I 44 17.40 81.62 44.47
CA PHE I 44 16.74 82.90 44.19
C PHE I 44 15.51 82.74 43.29
N LYS I 45 14.40 83.35 43.69
CA LYS I 45 13.27 83.67 42.81
C LYS I 45 13.65 84.89 41.96
N ARG I 46 13.07 85.06 40.76
CA ARG I 46 13.32 86.25 39.92
C ARG I 46 12.16 86.63 39.02
N SER I 47 12.13 87.88 38.57
CA SER I 47 11.07 88.39 37.68
C SER I 47 11.56 89.55 36.81
N SER I 48 11.70 89.34 35.50
CA SER I 48 12.13 90.40 34.57
C SER I 48 11.10 91.51 34.35
N LYS I 49 9.89 91.40 34.93
CA LYS I 49 8.92 92.50 34.99
C LYS I 49 9.21 93.49 36.13
N TYR I 50 9.93 93.09 37.17
CA TYR I 50 10.37 93.97 38.26
C TYR I 50 11.89 94.09 38.39
N ASP I 51 12.66 93.23 37.72
CA ASP I 51 14.12 93.18 37.80
C ASP I 51 14.68 92.90 39.21
N LEU I 52 13.93 92.20 40.05
CA LEU I 52 14.44 91.61 41.28
C LEU I 52 14.94 90.18 41.10
N GLU I 53 15.91 89.81 41.93
CA GLU I 53 16.17 88.46 42.39
C GLU I 53 16.07 88.48 43.92
N CYS I 54 15.34 87.56 44.55
CA CYS I 54 15.23 87.52 46.02
C CYS I 54 15.27 86.10 46.58
N ALA I 55 15.74 85.96 47.81
CA ALA I 55 15.79 84.70 48.54
C ALA I 55 15.46 84.94 50.02
N GLN I 56 14.71 84.05 50.66
CA GLN I 56 14.38 84.20 52.09
C GLN I 56 15.64 83.99 52.96
N ILE I 57 15.78 84.71 54.06
CA ILE I 57 17.05 84.82 54.80
C ILE I 57 17.58 83.48 55.36
N PRO I 58 18.90 83.25 55.34
CA PRO I 58 19.53 82.11 55.99
C PRO I 58 19.56 82.28 57.51
N VAL I 59 19.44 81.17 58.24
CA VAL I 59 19.10 81.09 59.68
C VAL I 59 20.27 81.46 60.62
N HIS I 60 21.09 82.44 60.22
CA HIS I 60 22.17 83.04 61.01
C HIS I 60 22.29 84.57 60.80
N MET I 61 21.50 85.14 59.88
CA MET I 61 21.64 86.53 59.42
C MET I 61 20.48 87.46 59.75
N LYS I 62 19.30 86.97 60.16
CA LYS I 62 18.09 87.81 60.22
C LYS I 62 18.23 89.00 61.20
N SER I 63 19.04 88.85 62.24
CA SER I 63 19.38 89.97 63.13
C SER I 63 20.09 91.14 62.44
N ASP I 64 20.79 90.91 61.34
CA ASP I 64 21.57 91.93 60.63
C ASP I 64 20.75 92.61 59.52
N ALA I 65 19.52 92.15 59.25
CA ALA I 65 18.68 92.73 58.21
C ALA I 65 18.21 94.14 58.58
N SER I 66 18.28 95.05 57.61
CA SER I 66 17.73 96.40 57.73
C SER I 66 16.20 96.38 57.82
N LYS I 67 15.62 97.27 58.63
CA LYS I 67 14.17 97.48 58.71
C LYS I 67 13.65 98.13 57.44
N PHE I 68 12.35 98.03 57.18
CA PHE I 68 11.72 98.51 55.94
C PHE I 68 10.32 99.08 56.20
N THR I 69 9.84 99.94 55.30
CA THR I 69 8.45 100.39 55.28
C THR I 69 7.98 100.73 53.87
N HIS I 70 6.69 100.75 53.64
CA HIS I 70 6.04 101.26 52.42
C HIS I 70 5.79 102.77 52.45
N GLU I 71 5.88 103.44 53.61
CA GLU I 71 5.53 104.85 53.78
C GLU I 71 6.51 105.79 53.06
N LYS I 72 6.00 106.67 52.16
CA LYS I 72 6.83 107.54 51.31
C LYS I 72 6.24 108.96 51.11
N PRO I 73 6.17 109.80 52.14
CA PRO I 73 5.86 111.23 51.99
C PRO I 73 6.80 111.96 51.00
N GLU I 74 6.36 113.09 50.46
CA GLU I 74 7.24 114.07 49.79
C GLU I 74 8.41 114.46 50.70
N GLY I 75 9.64 114.53 50.18
CA GLY I 75 10.78 115.07 50.92
C GLY I 75 12.13 114.41 50.64
N TYR I 76 13.01 114.45 51.63
CA TYR I 76 14.41 114.03 51.52
C TYR I 76 14.70 112.72 52.25
N TYR I 77 15.45 111.86 51.57
CA TYR I 77 15.80 110.49 51.90
C TYR I 77 17.31 110.32 51.72
N ASN I 78 17.89 109.21 52.19
CA ASN I 78 19.33 109.03 52.26
C ASN I 78 19.80 107.81 51.47
N TRP I 79 20.96 107.90 50.82
CA TRP I 79 21.68 106.75 50.25
C TRP I 79 23.19 106.97 50.29
N HIS I 80 23.97 106.04 49.74
CA HIS I 80 25.43 106.09 49.84
C HIS I 80 26.02 107.39 49.31
N HIS I 81 25.49 107.93 48.20
CA HIS I 81 25.94 109.21 47.64
C HIS I 81 25.19 110.42 48.23
N GLY I 82 24.77 110.34 49.49
CA GLY I 82 24.20 111.45 50.25
C GLY I 82 22.69 111.57 50.14
N ALA I 83 22.20 112.81 50.03
CA ALA I 83 20.78 113.12 49.99
C ALA I 83 20.13 112.80 48.63
N VAL I 84 18.88 112.34 48.67
CA VAL I 84 18.05 111.96 47.53
C VAL I 84 16.60 112.38 47.80
N GLN I 85 15.96 113.04 46.84
CA GLN I 85 14.66 113.69 47.05
C GLN I 85 13.55 112.93 46.33
N TYR I 86 12.50 112.55 47.07
CA TYR I 86 11.30 111.94 46.52
C TYR I 86 10.21 113.01 46.32
N SER I 87 9.88 113.29 45.07
CA SER I 87 8.87 114.28 44.69
C SER I 87 8.16 113.95 43.38
N GLY I 88 6.88 114.31 43.27
CA GLY I 88 6.05 113.97 42.10
C GLY I 88 5.97 112.47 41.81
N GLY I 89 6.15 111.62 42.82
CA GLY I 89 6.27 110.17 42.69
C GLY I 89 7.65 109.65 42.23
N ARG I 90 8.56 110.52 41.77
CA ARG I 90 9.94 110.15 41.39
C ARG I 90 10.86 110.18 42.61
N PHE I 91 11.87 109.31 42.64
CA PHE I 91 13.11 109.60 43.38
C PHE I 91 14.08 110.35 42.45
N THR I 92 14.79 111.35 42.97
CA THR I 92 15.64 112.26 42.19
C THR I 92 16.90 112.65 42.97
N ILE I 93 17.98 112.99 42.26
CA ILE I 93 19.30 113.26 42.85
C ILE I 93 20.00 114.44 42.18
N PRO I 94 21.01 115.05 42.83
CA PRO I 94 21.99 115.88 42.15
C PRO I 94 22.61 115.15 40.96
N THR I 95 22.66 115.81 39.80
CA THR I 95 23.23 115.24 38.59
C THR I 95 24.70 114.86 38.79
N GLY I 96 25.08 113.68 38.30
CA GLY I 96 26.45 113.17 38.39
C GLY I 96 26.77 112.37 39.64
N ALA I 97 25.91 112.39 40.67
CA ALA I 97 25.90 111.33 41.67
C ALA I 97 25.36 110.03 41.05
N GLY I 98 25.76 108.87 41.57
CA GLY I 98 25.49 107.57 40.97
C GLY I 98 26.30 107.30 39.69
N LYS I 99 26.59 106.03 39.43
CA LYS I 99 27.35 105.56 38.27
C LYS I 99 27.07 104.08 37.99
N PRO I 100 27.35 103.58 36.76
CA PRO I 100 27.38 102.16 36.48
C PRO I 100 28.21 101.39 37.52
N GLY I 101 27.60 100.38 38.14
CA GLY I 101 28.12 99.63 39.28
C GLY I 101 27.52 100.05 40.63
N ASP I 102 26.72 101.11 40.70
CA ASP I 102 26.00 101.58 41.89
C ASP I 102 24.47 101.43 41.81
N SER I 103 23.98 100.49 40.98
CA SER I 103 22.68 99.86 41.18
C SER I 103 22.68 98.89 42.36
N GLY I 104 21.49 98.47 42.81
CA GLY I 104 21.33 97.51 43.89
C GLY I 104 21.60 98.07 45.28
N ARG I 105 21.54 99.39 45.43
CA ARG I 105 21.78 100.14 46.68
C ARG I 105 20.48 100.67 47.28
N PRO I 106 20.23 100.53 48.59
CA PRO I 106 18.95 100.87 49.20
C PRO I 106 18.82 102.38 49.45
N ILE I 107 17.59 102.89 49.43
CA ILE I 107 17.22 104.24 49.82
C ILE I 107 16.54 104.19 51.19
N PHE I 108 17.00 105.02 52.14
CA PHE I 108 16.54 105.03 53.52
C PHE I 108 15.64 106.23 53.84
N ASP I 109 14.55 105.92 54.54
CA ASP I 109 13.76 106.87 55.33
C ASP I 109 14.64 107.51 56.40
N ASN I 110 14.37 108.76 56.78
CA ASN I 110 15.18 109.45 57.78
C ASN I 110 15.14 108.79 59.17
N LYS I 111 14.13 107.94 59.44
CA LYS I 111 14.04 107.09 60.63
C LYS I 111 14.88 105.80 60.57
N GLY I 112 15.73 105.64 59.55
CA GLY I 112 16.71 104.56 59.49
C GLY I 112 16.12 103.21 59.07
N ARG I 113 15.31 103.20 58.01
CA ARG I 113 14.65 102.00 57.43
C ARG I 113 14.49 102.16 55.92
N VAL I 114 14.50 101.07 55.17
CA VAL I 114 14.51 101.08 53.70
C VAL I 114 13.12 101.34 53.13
N VAL I 115 13.06 102.11 52.04
CA VAL I 115 11.81 102.38 51.31
C VAL I 115 11.88 102.06 49.83
N ALA I 116 13.08 101.91 49.25
CA ALA I 116 13.27 101.54 47.86
C ALA I 116 14.68 100.96 47.62
N ILE I 117 14.91 100.32 46.48
CA ILE I 117 16.25 99.93 46.01
C ILE I 117 16.51 100.56 44.63
N VAL I 118 17.70 101.12 44.40
CA VAL I 118 18.09 101.71 43.11
C VAL I 118 18.32 100.66 42.02
N LEU I 119 17.87 100.94 40.79
CA LEU I 119 18.21 100.15 39.60
C LEU I 119 19.11 100.91 38.60
N GLY I 120 18.86 102.19 38.38
CA GLY I 120 19.54 102.97 37.33
C GLY I 120 19.01 104.40 37.25
N GLY I 121 19.57 105.23 36.37
CA GLY I 121 19.27 106.67 36.31
C GLY I 121 18.91 107.19 34.93
N ALA I 122 17.85 108.01 34.86
CA ALA I 122 17.56 108.91 33.75
C ALA I 122 18.15 110.31 34.00
N ASN I 123 18.51 111.03 32.94
CA ASN I 123 18.98 112.39 33.01
C ASN I 123 18.40 113.29 31.90
N GLU I 124 18.01 114.52 32.25
CA GLU I 124 17.58 115.57 31.32
C GLU I 124 18.20 116.89 31.78
N GLY I 125 19.26 117.34 31.11
CA GLY I 125 20.05 118.49 31.56
C GLY I 125 20.58 118.30 32.97
N ALA I 126 20.25 119.25 33.87
CA ALA I 126 20.56 119.20 35.30
C ALA I 126 19.49 118.48 36.17
N ARG I 127 18.57 117.73 35.54
CA ARG I 127 17.51 116.97 36.20
C ARG I 127 17.86 115.48 36.15
N THR I 128 17.90 114.79 37.29
CA THR I 128 18.26 113.36 37.34
C THR I 128 17.28 112.58 38.20
N ALA I 129 16.75 111.48 37.66
CA ALA I 129 15.67 110.70 38.28
C ALA I 129 15.98 109.20 38.21
N LEU I 130 15.57 108.46 39.22
CA LEU I 130 15.98 107.07 39.38
C LEU I 130 14.89 106.09 38.98
N SER I 131 15.26 105.03 38.26
CA SER I 131 14.53 103.78 38.26
C SER I 131 14.78 103.05 39.58
N VAL I 132 13.72 102.65 40.27
CA VAL I 132 13.79 102.01 41.59
C VAL I 132 12.69 100.98 41.75
N VAL I 133 12.81 100.12 42.76
CA VAL I 133 11.75 99.20 43.18
C VAL I 133 11.36 99.46 44.63
N THR I 134 10.09 99.24 44.96
CA THR I 134 9.49 99.60 46.25
C THR I 134 8.21 98.80 46.48
N TRP I 135 7.65 98.79 47.69
CA TRP I 135 6.58 97.88 48.12
C TRP I 135 5.34 98.62 48.61
N ASN I 136 4.91 99.63 47.86
CA ASN I 136 3.64 100.32 48.08
C ASN I 136 2.47 99.33 48.06
N LYS I 137 1.47 99.51 48.93
CA LYS I 137 0.33 98.57 49.07
C LYS I 137 0.80 97.12 49.24
N ASP I 138 1.84 96.93 50.05
CA ASP I 138 2.36 95.64 50.53
C ASP I 138 2.97 94.70 49.47
N ILE I 139 2.97 95.07 48.18
CA ILE I 139 3.41 94.24 47.06
C ILE I 139 4.38 95.03 46.18
N VAL I 140 5.44 94.38 45.72
CA VAL I 140 6.50 95.02 44.93
C VAL I 140 5.95 95.72 43.69
N THR I 141 6.49 96.89 43.36
CA THR I 141 6.35 97.55 42.04
C THR I 141 7.67 98.15 41.60
N LYS I 142 7.80 98.42 40.29
CA LYS I 142 8.95 99.15 39.71
C LYS I 142 8.51 100.52 39.21
N ILE I 143 9.33 101.54 39.50
CA ILE I 143 9.24 102.89 38.94
C ILE I 143 10.35 103.04 37.90
N THR I 144 10.08 103.63 36.74
CA THR I 144 11.10 103.84 35.70
C THR I 144 10.80 105.10 34.88
N PRO I 145 11.55 106.20 35.11
CA PRO I 145 11.42 107.43 34.33
C PRO I 145 11.99 107.26 32.91
N GLU I 146 11.58 108.13 31.99
CA GLU I 146 11.92 108.04 30.57
C GLU I 146 13.44 107.96 30.33
N GLY I 147 13.86 107.02 29.47
CA GLY I 147 15.26 106.94 29.00
C GLY I 147 16.28 106.50 30.06
N ALA I 148 15.85 105.96 31.19
CA ALA I 148 16.75 105.55 32.26
C ALA I 148 17.75 104.47 31.81
N GLU I 149 18.99 104.58 32.30
CA GLU I 149 20.10 103.67 32.06
C GLU I 149 20.38 102.86 33.34
N GLU I 150 20.43 101.53 33.24
CA GLU I 150 20.74 100.66 34.37
C GLU I 150 22.20 100.84 34.85
N TRP I 151 22.41 100.72 36.16
CA TRP I 151 23.74 100.77 36.78
C TRP I 151 24.14 99.43 37.43
N GLU J 1 -21.62 -35.73 -30.32
CA GLU J 1 -20.38 -36.00 -29.55
C GLU J 1 -19.35 -36.74 -30.40
N ILE J 2 -18.13 -36.92 -29.91
CA ILE J 2 -17.08 -37.74 -30.54
C ILE J 2 -17.26 -39.21 -30.14
N VAL J 3 -16.93 -40.16 -31.02
CA VAL J 3 -16.93 -41.61 -30.75
C VAL J 3 -15.60 -42.23 -31.16
N MET J 4 -15.15 -43.26 -30.44
CA MET J 4 -13.82 -43.88 -30.61
C MET J 4 -13.93 -45.33 -31.10
N THR J 5 -12.93 -45.81 -31.84
CA THR J 5 -12.95 -47.13 -32.50
C THR J 5 -11.53 -47.65 -32.73
N GLN J 6 -11.39 -48.97 -32.88
CA GLN J 6 -10.20 -49.64 -33.39
C GLN J 6 -10.55 -50.65 -34.48
N SER J 7 -9.61 -50.94 -35.38
CA SER J 7 -9.75 -52.07 -36.31
C SER J 7 -9.73 -53.42 -35.57
N PRO J 8 -8.64 -53.81 -34.86
CA PRO J 8 -8.66 -55.00 -34.03
C PRO J 8 -9.39 -54.73 -32.71
N ALA J 9 -10.58 -55.31 -32.53
CA ALA J 9 -11.22 -55.40 -31.20
C ALA J 9 -10.46 -56.36 -30.27
N THR J 10 -9.66 -57.27 -30.83
CA THR J 10 -8.67 -58.11 -30.16
C THR J 10 -7.56 -58.44 -31.17
N LEU J 11 -6.33 -58.70 -30.71
CA LEU J 11 -5.16 -58.84 -31.57
C LEU J 11 -4.33 -60.06 -31.20
N SER J 12 -4.51 -61.16 -31.93
CA SER J 12 -3.75 -62.40 -31.76
C SER J 12 -2.37 -62.34 -32.46
N LEU J 13 -1.30 -62.18 -31.68
CA LEU J 13 0.10 -62.15 -32.12
C LEU J 13 0.99 -62.92 -31.15
N SER J 14 1.87 -63.80 -31.65
CA SER J 14 2.80 -64.55 -30.79
C SER J 14 3.91 -63.63 -30.24
N PRO J 15 4.56 -63.96 -29.11
CA PRO J 15 5.67 -63.16 -28.62
C PRO J 15 6.80 -63.12 -29.66
N GLY J 16 7.41 -61.96 -29.82
CA GLY J 16 8.39 -61.70 -30.89
C GLY J 16 7.83 -61.19 -32.22
N GLU J 17 6.51 -61.18 -32.44
CA GLU J 17 5.92 -60.41 -33.54
C GLU J 17 5.97 -58.88 -33.28
N ARG J 18 5.57 -58.05 -34.25
CA ARG J 18 5.46 -56.57 -34.10
C ARG J 18 3.98 -56.16 -33.99
N ALA J 19 3.61 -55.39 -32.97
CA ALA J 19 2.24 -54.87 -32.84
C ALA J 19 2.01 -53.68 -33.78
N THR J 20 0.77 -53.46 -34.20
CA THR J 20 0.34 -52.27 -34.96
C THR J 20 -1.13 -51.98 -34.65
N LEU J 21 -1.42 -51.80 -33.35
CA LEU J 21 -2.76 -51.43 -32.88
C LEU J 21 -3.20 -50.13 -33.55
N SER J 22 -4.43 -50.10 -34.07
CA SER J 22 -4.88 -49.05 -34.98
C SER J 22 -6.25 -48.50 -34.58
N CYS J 23 -6.40 -47.18 -34.68
CA CYS J 23 -7.44 -46.38 -34.03
C CYS J 23 -8.13 -45.42 -35.02
N ARG J 24 -9.45 -45.21 -34.83
CA ARG J 24 -10.28 -44.22 -35.52
C ARG J 24 -11.02 -43.35 -34.51
N ALA J 25 -11.18 -42.08 -34.81
CA ALA J 25 -12.16 -41.19 -34.19
C ALA J 25 -13.27 -40.86 -35.18
N SER J 26 -14.52 -40.78 -34.73
CA SER J 26 -15.69 -40.54 -35.60
C SER J 26 -15.81 -39.11 -36.13
N GLN J 27 -14.88 -38.22 -35.75
CA GLN J 27 -14.89 -36.79 -36.02
C GLN J 27 -13.46 -36.26 -36.05
N SER J 28 -13.25 -35.08 -36.64
CA SER J 28 -11.95 -34.44 -36.89
C SER J 28 -11.19 -33.99 -35.62
N VAL J 29 -10.74 -34.95 -34.81
CA VAL J 29 -9.67 -34.77 -33.82
C VAL J 29 -8.37 -34.36 -34.56
N SER J 30 -7.42 -33.74 -33.86
CA SER J 30 -6.15 -33.28 -34.46
C SER J 30 -5.06 -33.22 -33.40
N SER J 31 -4.26 -34.28 -33.29
CA SER J 31 -3.50 -34.57 -32.06
C SER J 31 -4.45 -34.57 -30.84
N TYR J 32 -3.98 -34.23 -29.63
CA TYR J 32 -4.75 -34.36 -28.40
C TYR J 32 -5.27 -35.78 -28.17
N LEU J 33 -4.40 -36.76 -28.38
CA LEU J 33 -4.64 -38.18 -28.12
C LEU J 33 -3.63 -38.74 -27.12
N ALA J 34 -3.97 -39.86 -26.52
CA ALA J 34 -3.08 -40.64 -25.67
C ALA J 34 -3.29 -42.13 -25.91
N TRP J 35 -2.30 -42.94 -25.55
CA TRP J 35 -2.39 -44.39 -25.48
C TRP J 35 -2.09 -44.87 -24.07
N TYR J 36 -2.87 -45.83 -23.60
CA TYR J 36 -2.77 -46.45 -22.28
C TYR J 36 -2.66 -47.96 -22.43
N GLN J 37 -2.02 -48.62 -21.45
CA GLN J 37 -2.19 -50.06 -21.24
C GLN J 37 -2.80 -50.34 -19.87
N GLN J 38 -3.59 -51.39 -19.76
CA GLN J 38 -4.03 -51.96 -18.49
C GLN J 38 -3.64 -53.43 -18.41
N LYS J 39 -2.82 -53.79 -17.42
CA LYS J 39 -2.57 -55.20 -17.09
C LYS J 39 -3.82 -55.76 -16.39
N PRO J 40 -4.28 -56.98 -16.70
CA PRO J 40 -5.40 -57.59 -15.99
C PRO J 40 -5.17 -57.61 -14.47
N GLY J 41 -6.17 -57.17 -13.70
CA GLY J 41 -6.08 -57.08 -12.24
C GLY J 41 -5.27 -55.89 -11.70
N GLN J 42 -4.99 -54.86 -12.52
CA GLN J 42 -4.24 -53.66 -12.13
C GLN J 42 -4.88 -52.37 -12.67
N ALA J 43 -4.43 -51.22 -12.16
CA ALA J 43 -4.79 -49.90 -12.70
C ALA J 43 -4.11 -49.61 -14.06
N PRO J 44 -4.73 -48.84 -14.97
CA PRO J 44 -4.09 -48.40 -16.21
C PRO J 44 -2.79 -47.60 -16.00
N ARG J 45 -1.98 -47.48 -17.05
CA ARG J 45 -0.84 -46.55 -17.11
C ARG J 45 -0.67 -45.92 -18.49
N LEU J 46 -0.21 -44.68 -18.51
CA LEU J 46 -0.02 -43.86 -19.70
C LEU J 46 1.24 -44.29 -20.45
N LEU J 47 1.15 -44.44 -21.78
CA LEU J 47 2.27 -44.77 -22.65
C LEU J 47 2.70 -43.60 -23.53
N ILE J 48 1.75 -43.01 -24.24
CA ILE J 48 1.97 -41.99 -25.26
C ILE J 48 1.03 -40.81 -25.00
N TYR J 49 1.48 -39.58 -25.24
CA TYR J 49 0.67 -38.35 -25.16
C TYR J 49 0.89 -37.43 -26.37
N ASP J 50 0.01 -36.44 -26.53
CA ASP J 50 -0.25 -35.63 -27.73
C ASP J 50 -0.62 -36.44 -28.97
N ALA J 51 0.28 -37.28 -29.43
CA ALA J 51 0.09 -38.29 -30.46
C ALA J 51 1.27 -39.27 -30.50
N SER J 52 2.49 -38.78 -30.26
CA SER J 52 3.73 -39.53 -30.54
C SER J 52 4.78 -39.48 -29.39
N ASN J 53 4.64 -38.58 -28.43
CA ASN J 53 5.61 -38.48 -27.33
C ASN J 53 5.39 -39.60 -26.32
N ARG J 54 6.41 -40.37 -25.97
CA ARG J 54 6.30 -41.41 -24.92
C ARG J 54 6.56 -40.85 -23.53
N ALA J 55 5.92 -41.42 -22.51
CA ALA J 55 6.14 -41.05 -21.11
C ALA J 55 7.54 -41.41 -20.59
N THR J 56 7.93 -40.84 -19.44
CA THR J 56 9.32 -40.91 -18.93
C THR J 56 9.78 -42.32 -18.59
N GLY J 57 8.90 -43.15 -18.04
CA GLY J 57 9.24 -44.50 -17.56
C GLY J 57 9.13 -45.60 -18.61
N ILE J 58 8.77 -45.27 -19.85
CA ILE J 58 8.28 -46.25 -20.83
C ILE J 58 9.40 -46.64 -21.80
N PRO J 59 9.70 -47.95 -21.97
CA PRO J 59 10.72 -48.44 -22.89
C PRO J 59 10.56 -47.93 -24.32
N ASP J 60 11.67 -47.82 -25.03
CA ASP J 60 11.69 -47.36 -26.43
C ASP J 60 11.08 -48.34 -27.44
N ARG J 61 10.46 -49.44 -27.00
CA ARG J 61 9.66 -50.33 -27.86
C ARG J 61 8.45 -49.65 -28.47
N PHE J 62 7.82 -48.74 -27.74
CA PHE J 62 6.58 -48.07 -28.14
C PHE J 62 6.85 -46.85 -29.01
N SER J 63 6.00 -46.62 -30.00
CA SER J 63 5.88 -45.34 -30.72
C SER J 63 4.46 -45.13 -31.25
N GLY J 64 4.04 -43.87 -31.37
CA GLY J 64 2.73 -43.49 -31.91
C GLY J 64 2.81 -43.03 -33.37
N SER J 65 1.66 -42.86 -34.03
CA SER J 65 1.56 -42.30 -35.37
C SER J 65 0.15 -41.80 -35.67
N GLY J 66 -0.01 -41.08 -36.77
CA GLY J 66 -1.27 -40.47 -37.18
C GLY J 66 -1.57 -39.15 -36.46
N SER J 67 -2.46 -38.35 -37.05
CA SER J 67 -2.73 -36.98 -36.60
C SER J 67 -4.21 -36.61 -36.56
N GLY J 68 -4.96 -36.94 -37.61
CA GLY J 68 -6.34 -36.49 -37.83
C GLY J 68 -7.37 -37.44 -37.24
N THR J 69 -8.23 -38.02 -38.09
CA THR J 69 -9.21 -39.05 -37.68
C THR J 69 -8.57 -40.39 -37.30
N ASP J 70 -7.32 -40.65 -37.70
CA ASP J 70 -6.68 -41.97 -37.63
C ASP J 70 -5.37 -41.93 -36.83
N PHE J 71 -5.11 -42.97 -36.03
CA PHE J 71 -3.91 -43.09 -35.19
C PHE J 71 -3.45 -44.53 -35.08
N THR J 72 -2.19 -44.76 -34.70
CA THR J 72 -1.68 -46.11 -34.41
C THR J 72 -0.70 -46.12 -33.24
N LEU J 73 -0.55 -47.28 -32.62
CA LEU J 73 0.49 -47.62 -31.66
C LEU J 73 1.31 -48.80 -32.21
N THR J 74 2.61 -48.61 -32.34
CA THR J 74 3.55 -49.68 -32.74
C THR J 74 4.33 -50.15 -31.51
N ILE J 75 4.44 -51.46 -31.32
CA ILE J 75 5.40 -52.05 -30.38
C ILE J 75 6.41 -52.83 -31.22
N SER J 76 7.68 -52.45 -31.17
CA SER J 76 8.73 -52.96 -32.08
C SER J 76 8.93 -54.47 -32.01
N ARG J 77 8.61 -55.08 -30.86
CA ARG J 77 8.57 -56.52 -30.62
C ARG J 77 7.69 -56.80 -29.40
N LEU J 78 6.70 -57.70 -29.49
CA LEU J 78 5.91 -58.11 -28.33
C LEU J 78 6.79 -58.85 -27.32
N GLU J 79 6.62 -58.55 -26.05
CA GLU J 79 7.36 -59.11 -24.91
C GLU J 79 6.39 -59.62 -23.84
N PRO J 80 6.77 -60.59 -22.99
CA PRO J 80 5.82 -61.30 -22.13
C PRO J 80 5.13 -60.39 -21.10
N GLU J 81 5.82 -59.32 -20.68
CA GLU J 81 5.23 -58.27 -19.84
C GLU J 81 4.25 -57.32 -20.58
N ASP J 82 4.34 -57.20 -21.92
CA ASP J 82 3.56 -56.25 -22.72
C ASP J 82 2.18 -56.77 -23.13
N PHE J 83 1.87 -58.04 -22.90
CA PHE J 83 0.54 -58.59 -23.14
C PHE J 83 -0.46 -58.00 -22.14
N ALA J 84 -1.36 -57.16 -22.64
CA ALA J 84 -2.22 -56.28 -21.86
C ALA J 84 -3.45 -55.85 -22.67
N VAL J 85 -4.42 -55.23 -22.00
CA VAL J 85 -5.43 -54.41 -22.68
C VAL J 85 -4.79 -53.08 -23.08
N TYR J 86 -5.14 -52.55 -24.24
CA TYR J 86 -4.72 -51.24 -24.73
C TYR J 86 -5.93 -50.34 -24.99
N TYR J 87 -5.79 -49.04 -24.71
CA TYR J 87 -6.83 -48.04 -24.95
C TYR J 87 -6.24 -46.80 -25.61
N CYS J 88 -7.00 -46.19 -26.51
CA CYS J 88 -6.84 -44.79 -26.88
C CYS J 88 -7.55 -43.89 -25.84
N GLN J 89 -7.17 -42.62 -25.74
CA GLN J 89 -8.00 -41.59 -25.12
C GLN J 89 -7.95 -40.29 -25.93
N GLN J 90 -9.09 -39.64 -26.12
CA GLN J 90 -9.25 -38.41 -26.89
C GLN J 90 -9.51 -37.22 -25.97
N TYR J 91 -8.87 -36.07 -26.24
CA TYR J 91 -9.05 -34.82 -25.49
C TYR J 91 -8.96 -33.54 -26.35
N ALA J 92 -9.29 -33.61 -27.65
CA ALA J 92 -9.58 -32.42 -28.44
C ALA J 92 -10.93 -31.77 -28.08
N ASN J 93 -11.73 -32.43 -27.23
CA ASN J 93 -13.08 -32.03 -26.84
C ASN J 93 -13.31 -32.30 -25.34
N SER J 94 -14.22 -31.56 -24.70
CA SER J 94 -14.50 -31.65 -23.26
C SER J 94 -14.89 -33.05 -22.81
N ARG J 95 -15.57 -33.79 -23.69
CA ARG J 95 -15.99 -35.18 -23.50
C ARG J 95 -14.79 -36.12 -23.68
N ARG J 96 -13.91 -36.09 -22.68
CA ARG J 96 -12.71 -36.94 -22.57
C ARG J 96 -13.09 -38.41 -22.67
N THR J 97 -12.86 -38.99 -23.84
CA THR J 97 -13.42 -40.31 -24.22
C THR J 97 -12.32 -41.34 -24.35
N PHE J 98 -12.45 -42.46 -23.65
CA PHE J 98 -11.58 -43.62 -23.83
C PHE J 98 -12.07 -44.50 -24.99
N GLY J 99 -11.14 -45.13 -25.71
CA GLY J 99 -11.43 -45.98 -26.85
C GLY J 99 -11.54 -47.46 -26.50
N GLN J 100 -12.69 -47.88 -25.94
CA GLN J 100 -13.22 -49.26 -25.81
C GLN J 100 -12.39 -50.38 -25.15
N GLY J 101 -11.07 -50.29 -25.13
CA GLY J 101 -10.17 -51.40 -24.85
C GLY J 101 -10.00 -52.32 -26.06
N THR J 102 -8.83 -52.94 -26.19
CA THR J 102 -8.54 -54.07 -27.08
C THR J 102 -7.43 -54.91 -26.46
N LYS J 103 -7.47 -56.24 -26.59
CA LYS J 103 -6.54 -57.16 -25.91
C LYS J 103 -5.56 -57.77 -26.90
N VAL J 104 -4.27 -57.73 -26.60
CA VAL J 104 -3.25 -58.51 -27.32
C VAL J 104 -3.15 -59.92 -26.72
N GLU J 105 -3.23 -60.95 -27.56
CA GLU J 105 -3.31 -62.37 -27.18
C GLU J 105 -2.19 -63.18 -27.86
N ILE J 106 -1.59 -64.16 -27.18
CA ILE J 106 -0.59 -65.03 -27.81
C ILE J 106 -1.28 -65.94 -28.84
N LYS J 107 -1.00 -65.70 -30.12
CA LYS J 107 -1.40 -66.58 -31.24
C LYS J 107 -0.69 -67.93 -31.15
N ARG J 108 -1.42 -69.03 -31.36
CA ARG J 108 -0.97 -70.41 -31.13
C ARG J 108 -1.66 -71.42 -32.05
N THR J 109 -1.08 -72.60 -32.19
CA THR J 109 -1.74 -73.78 -32.81
C THR J 109 -2.92 -74.28 -31.97
N VAL J 110 -4.04 -74.56 -32.64
CA VAL J 110 -5.33 -74.93 -32.03
C VAL J 110 -5.30 -76.34 -31.41
N ALA J 111 -6.18 -76.60 -30.44
CA ALA J 111 -6.33 -77.90 -29.77
C ALA J 111 -7.70 -78.03 -29.08
N ALA J 112 -8.40 -79.14 -29.30
CA ALA J 112 -9.70 -79.40 -28.65
C ALA J 112 -9.53 -79.64 -27.15
N PRO J 113 -10.44 -79.13 -26.29
CA PRO J 113 -10.40 -79.46 -24.87
C PRO J 113 -10.89 -80.89 -24.62
N SER J 114 -10.33 -81.56 -23.62
CA SER J 114 -11.04 -82.72 -23.03
C SER J 114 -12.28 -82.22 -22.27
N VAL J 115 -13.38 -82.98 -22.34
CA VAL J 115 -14.64 -82.63 -21.67
C VAL J 115 -14.87 -83.57 -20.49
N PHE J 116 -15.23 -83.02 -19.34
CA PHE J 116 -15.78 -83.75 -18.19
C PHE J 116 -17.18 -83.23 -17.85
N ILE J 117 -18.01 -84.11 -17.29
CA ILE J 117 -19.32 -83.77 -16.73
C ILE J 117 -19.37 -84.16 -15.26
N PHE J 118 -20.07 -83.40 -14.43
CA PHE J 118 -20.28 -83.76 -13.03
C PHE J 118 -21.75 -83.54 -12.58
N PRO J 119 -22.38 -84.53 -11.94
CA PRO J 119 -23.67 -84.35 -11.25
C PRO J 119 -23.59 -83.51 -9.97
N PRO J 120 -24.74 -83.05 -9.45
CA PRO J 120 -24.86 -82.55 -8.07
C PRO J 120 -24.61 -83.64 -7.02
N SER J 121 -24.02 -83.26 -5.90
CA SER J 121 -23.68 -84.20 -4.80
C SER J 121 -24.89 -84.63 -3.97
N ASP J 122 -24.74 -85.68 -3.16
CA ASP J 122 -25.75 -86.09 -2.15
C ASP J 122 -26.06 -84.96 -1.14
N GLU J 123 -25.04 -84.17 -0.78
CA GLU J 123 -25.22 -83.01 0.11
C GLU J 123 -26.15 -81.97 -0.53
N GLN J 124 -25.95 -81.73 -1.82
CA GLN J 124 -26.70 -80.77 -2.64
C GLN J 124 -28.15 -81.21 -2.84
N LEU J 125 -28.36 -82.49 -3.18
CA LEU J 125 -29.69 -83.07 -3.40
C LEU J 125 -30.48 -83.29 -2.10
N LYS J 126 -29.83 -83.45 -0.95
CA LYS J 126 -30.48 -83.39 0.38
C LYS J 126 -30.80 -81.96 0.81
N SER J 127 -30.04 -80.98 0.32
CA SER J 127 -30.28 -79.54 0.53
C SER J 127 -31.35 -78.92 -0.40
N GLY J 128 -32.05 -79.72 -1.20
CA GLY J 128 -33.17 -79.24 -2.02
C GLY J 128 -32.76 -78.48 -3.29
N THR J 129 -31.57 -78.71 -3.84
CA THR J 129 -31.04 -77.96 -4.99
C THR J 129 -30.18 -78.85 -5.90
N ALA J 130 -29.93 -78.43 -7.14
CA ALA J 130 -29.14 -79.16 -8.12
C ALA J 130 -28.39 -78.21 -9.09
N SER J 131 -27.32 -78.70 -9.71
CA SER J 131 -26.65 -78.11 -10.87
C SER J 131 -25.70 -79.13 -11.48
N VAL J 132 -25.96 -79.60 -12.71
CA VAL J 132 -24.98 -80.40 -13.47
C VAL J 132 -23.95 -79.44 -14.07
N VAL J 133 -22.69 -79.86 -14.09
CA VAL J 133 -21.53 -79.03 -14.46
C VAL J 133 -20.82 -79.61 -15.69
N CYS J 134 -20.45 -78.75 -16.63
CA CYS J 134 -19.63 -79.09 -17.79
C CYS J 134 -18.28 -78.36 -17.70
N LEU J 135 -17.17 -79.11 -17.76
CA LEU J 135 -15.81 -78.60 -17.63
C LEU J 135 -15.00 -78.90 -18.89
N LEU J 136 -14.44 -77.88 -19.53
CA LEU J 136 -13.55 -77.99 -20.70
C LEU J 136 -12.13 -77.62 -20.29
N ASN J 137 -11.15 -78.50 -20.52
CA ASN J 137 -9.75 -78.26 -20.13
C ASN J 137 -8.88 -77.85 -21.34
N ASN J 138 -8.10 -76.78 -21.22
CA ASN J 138 -6.98 -76.49 -22.13
C ASN J 138 -7.36 -76.32 -23.62
N PHE J 139 -8.51 -75.72 -23.93
CA PHE J 139 -8.91 -75.37 -25.29
C PHE J 139 -7.94 -74.34 -25.90
N TYR J 140 -7.62 -74.43 -27.19
CA TYR J 140 -7.18 -73.27 -27.96
C TYR J 140 -7.91 -73.25 -29.32
N PRO J 141 -8.47 -72.13 -29.81
CA PRO J 141 -8.62 -70.81 -29.17
C PRO J 141 -9.74 -70.80 -28.11
N ARG J 142 -10.82 -69.99 -28.21
CA ARG J 142 -11.80 -69.85 -27.11
C ARG J 142 -13.27 -69.56 -27.46
N GLU J 143 -13.63 -69.46 -28.74
CA GLU J 143 -14.96 -69.05 -29.23
C GLU J 143 -16.03 -70.16 -29.31
N ALA J 144 -15.82 -71.30 -28.64
CA ALA J 144 -16.71 -72.46 -28.67
C ALA J 144 -18.05 -72.26 -27.92
N LYS J 145 -19.01 -73.14 -28.22
CA LYS J 145 -20.32 -73.21 -27.53
C LYS J 145 -20.55 -74.61 -26.94
N VAL J 146 -21.35 -74.69 -25.87
CA VAL J 146 -21.65 -75.92 -25.14
C VAL J 146 -23.17 -76.16 -25.05
N GLN J 147 -23.58 -77.43 -25.05
CA GLN J 147 -24.98 -77.85 -24.88
C GLN J 147 -25.06 -79.18 -24.12
N TRP J 148 -26.17 -79.45 -23.43
CA TRP J 148 -26.27 -80.54 -22.44
C TRP J 148 -26.85 -81.89 -22.92
N LYS J 149 -27.66 -81.88 -23.99
CA LYS J 149 -28.25 -83.09 -24.65
C LYS J 149 -28.95 -84.08 -23.68
N VAL J 150 -29.46 -83.60 -22.54
CA VAL J 150 -30.03 -84.42 -21.45
C VAL J 150 -31.27 -85.18 -21.92
N ASP J 151 -31.36 -86.49 -21.67
CA ASP J 151 -32.38 -87.37 -22.24
C ASP J 151 -32.55 -87.20 -23.77
N ASN J 152 -31.43 -86.99 -24.46
CA ASN J 152 -31.33 -86.67 -25.89
C ASN J 152 -31.93 -85.31 -26.32
N ALA J 153 -32.44 -84.49 -25.39
CA ALA J 153 -33.03 -83.20 -25.67
C ALA J 153 -31.96 -82.10 -25.73
N LEU J 154 -31.84 -81.39 -26.86
CA LEU J 154 -30.96 -80.25 -27.03
C LEU J 154 -31.38 -79.07 -26.13
N GLN J 155 -30.44 -78.55 -25.33
CA GLN J 155 -30.65 -77.40 -24.44
C GLN J 155 -29.32 -76.72 -24.09
N SER J 156 -29.37 -75.42 -23.81
CA SER J 156 -28.20 -74.60 -23.45
C SER J 156 -28.53 -73.26 -22.78
N GLY J 157 -29.65 -72.60 -23.11
CA GLY J 157 -29.90 -71.19 -22.76
C GLY J 157 -29.98 -70.84 -21.27
N ASN J 158 -30.45 -71.76 -20.42
CA ASN J 158 -30.59 -71.57 -18.96
C ASN J 158 -29.31 -71.93 -18.17
N SER J 159 -28.13 -71.68 -18.73
CA SER J 159 -26.83 -72.00 -18.14
C SER J 159 -26.08 -70.74 -17.67
N GLN J 160 -25.45 -70.79 -16.50
CA GLN J 160 -24.55 -69.75 -16.00
C GLN J 160 -23.10 -70.22 -16.07
N GLU J 161 -22.20 -69.36 -16.56
CA GLU J 161 -20.90 -69.73 -17.12
C GLU J 161 -19.79 -68.73 -16.79
N SER J 162 -18.53 -69.16 -16.89
CA SER J 162 -17.34 -68.27 -16.89
C SER J 162 -16.17 -68.93 -17.64
N VAL J 163 -15.19 -68.13 -18.04
CA VAL J 163 -13.97 -68.60 -18.72
C VAL J 163 -12.71 -68.08 -18.01
N THR J 164 -11.61 -68.83 -18.15
CA THR J 164 -10.29 -68.45 -17.67
C THR J 164 -9.40 -68.04 -18.85
N GLU J 165 -8.68 -66.93 -18.70
CA GLU J 165 -7.77 -66.30 -19.68
C GLU J 165 -6.55 -67.17 -20.05
N GLN J 166 -5.73 -66.69 -21.01
CA GLN J 166 -4.66 -67.48 -21.62
C GLN J 166 -3.71 -68.04 -20.55
N ASP J 167 -3.47 -69.34 -20.59
CA ASP J 167 -2.81 -70.06 -19.51
C ASP J 167 -1.30 -69.76 -19.40
N SER J 168 -0.80 -69.61 -18.17
CA SER J 168 0.64 -69.58 -17.87
C SER J 168 1.35 -70.86 -18.26
N LYS J 169 0.63 -71.99 -18.33
CA LYS J 169 1.13 -73.28 -18.84
C LYS J 169 1.51 -73.20 -20.32
N ASP J 170 0.56 -72.87 -21.20
CA ASP J 170 0.71 -73.04 -22.66
C ASP J 170 -0.19 -72.11 -23.51
N SER J 171 -0.75 -71.06 -22.90
CA SER J 171 -1.68 -70.11 -23.55
C SER J 171 -3.03 -70.68 -24.01
N THR J 172 -3.43 -71.88 -23.59
CA THR J 172 -4.83 -72.35 -23.75
C THR J 172 -5.82 -71.62 -22.83
N TYR J 173 -7.10 -71.96 -22.95
CA TYR J 173 -8.22 -71.42 -22.18
C TYR J 173 -9.04 -72.58 -21.59
N SER J 174 -9.61 -72.39 -20.41
CA SER J 174 -10.44 -73.39 -19.72
C SER J 174 -11.78 -72.77 -19.34
N LEU J 175 -12.85 -73.53 -19.46
CA LEU J 175 -14.23 -73.02 -19.48
C LEU J 175 -15.12 -73.81 -18.52
N SER J 176 -16.05 -73.13 -17.85
CA SER J 176 -17.01 -73.74 -16.93
C SER J 176 -18.43 -73.33 -17.29
N SER J 177 -19.34 -74.30 -17.27
CA SER J 177 -20.78 -74.09 -17.48
C SER J 177 -21.60 -74.88 -16.46
N THR J 178 -22.70 -74.31 -15.98
CA THR J 178 -23.60 -74.94 -15.00
C THR J 178 -25.07 -74.78 -15.42
N LEU J 179 -25.85 -75.85 -15.31
CA LEU J 179 -27.25 -75.88 -15.73
C LEU J 179 -28.19 -75.56 -14.56
N THR J 180 -29.14 -74.64 -14.77
CA THR J 180 -30.13 -74.27 -13.75
C THR J 180 -31.14 -75.39 -13.48
N LEU J 181 -31.11 -75.98 -12.27
CA LEU J 181 -31.95 -77.14 -11.89
C LEU J 181 -32.52 -77.00 -10.48
N SER J 182 -33.81 -77.32 -10.30
CA SER J 182 -34.39 -77.66 -9.00
C SER J 182 -34.16 -79.14 -8.69
N LYS J 183 -34.24 -79.56 -7.41
CA LYS J 183 -33.97 -80.95 -6.95
C LYS J 183 -34.62 -82.02 -7.83
N ALA J 184 -35.90 -81.84 -8.16
CA ALA J 184 -36.67 -82.82 -8.93
C ALA J 184 -36.15 -83.04 -10.35
N ASP J 185 -35.55 -82.02 -10.96
CA ASP J 185 -35.11 -82.07 -12.36
C ASP J 185 -33.97 -83.08 -12.56
N TYR J 186 -32.96 -83.05 -11.69
CA TYR J 186 -31.84 -84.00 -11.73
C TYR J 186 -32.27 -85.47 -11.48
N GLU J 187 -33.35 -85.68 -10.72
CA GLU J 187 -33.93 -87.01 -10.51
C GLU J 187 -34.84 -87.46 -11.68
N LYS J 188 -35.53 -86.53 -12.35
CA LYS J 188 -36.43 -86.80 -13.48
C LYS J 188 -35.65 -87.16 -14.76
N HIS J 189 -34.60 -86.40 -15.06
CA HIS J 189 -33.66 -86.72 -16.13
C HIS J 189 -32.92 -88.03 -15.85
N LYS J 190 -32.64 -88.84 -16.87
CA LYS J 190 -32.04 -90.18 -16.75
C LYS J 190 -30.61 -90.27 -17.32
N VAL J 191 -30.28 -89.54 -18.39
CA VAL J 191 -28.96 -89.63 -19.05
C VAL J 191 -28.43 -88.24 -19.38
N TYR J 192 -27.14 -87.99 -19.11
CA TYR J 192 -26.45 -86.73 -19.39
C TYR J 192 -25.24 -86.92 -20.33
N ALA J 193 -25.02 -86.00 -21.26
CA ALA J 193 -23.91 -86.07 -22.22
C ALA J 193 -23.61 -84.69 -22.86
N CYS J 194 -23.08 -83.74 -22.07
CA CYS J 194 -22.79 -82.39 -22.57
C CYS J 194 -21.60 -82.33 -23.54
N GLU J 195 -21.70 -81.46 -24.55
CA GLU J 195 -20.84 -81.45 -25.75
C GLU J 195 -20.18 -80.08 -25.96
N VAL J 196 -18.98 -80.03 -26.55
CA VAL J 196 -18.34 -78.79 -27.05
C VAL J 196 -18.37 -78.70 -28.58
N THR J 197 -18.72 -77.52 -29.11
CA THR J 197 -18.85 -77.26 -30.56
C THR J 197 -18.08 -75.98 -30.96
N HIS J 198 -17.31 -76.01 -32.06
CA HIS J 198 -16.47 -74.89 -32.52
C HIS J 198 -16.17 -74.93 -34.03
N GLN J 199 -15.71 -73.83 -34.61
CA GLN J 199 -15.26 -73.71 -36.01
C GLN J 199 -13.83 -74.23 -36.26
N GLY J 200 -12.91 -74.01 -35.32
CA GLY J 200 -11.49 -74.37 -35.45
C GLY J 200 -11.18 -75.80 -35.02
N LEU J 201 -12.01 -76.41 -34.17
CA LEU J 201 -11.97 -77.83 -33.85
C LEU J 201 -12.67 -78.68 -34.94
N SER J 202 -12.13 -79.87 -35.25
CA SER J 202 -12.57 -80.66 -36.41
C SER J 202 -13.86 -81.47 -36.22
N SER J 203 -14.31 -81.70 -34.99
CA SER J 203 -15.57 -82.38 -34.63
C SER J 203 -15.96 -82.12 -33.17
N PRO J 204 -17.24 -82.33 -32.77
CA PRO J 204 -17.67 -82.25 -31.37
C PRO J 204 -16.97 -83.26 -30.44
N VAL J 205 -16.77 -82.88 -29.19
CA VAL J 205 -16.19 -83.74 -28.13
C VAL J 205 -17.12 -83.78 -26.91
N THR J 206 -17.31 -84.98 -26.34
CA THR J 206 -18.39 -85.30 -25.38
C THR J 206 -17.99 -86.43 -24.44
N LYS J 207 -18.53 -86.46 -23.21
CA LYS J 207 -18.53 -87.62 -22.30
C LYS J 207 -19.93 -87.86 -21.73
N SER J 208 -20.31 -89.12 -21.59
CA SER J 208 -21.71 -89.56 -21.37
C SER J 208 -21.88 -90.41 -20.11
N PHE J 209 -23.09 -90.33 -19.53
CA PHE J 209 -23.35 -90.72 -18.15
C PHE J 209 -24.82 -91.12 -17.92
N ASN J 210 -25.10 -92.38 -17.62
CA ASN J 210 -26.38 -92.81 -17.06
C ASN J 210 -26.45 -92.40 -15.58
N ARG J 211 -27.53 -91.73 -15.15
CA ARG J 211 -27.53 -90.94 -13.90
C ARG J 211 -27.15 -91.72 -12.63
N GLY J 212 -26.52 -91.00 -11.69
CA GLY J 212 -26.17 -91.47 -10.34
C GLY J 212 -25.02 -92.47 -10.23
N GLU J 213 -24.91 -93.44 -11.13
CA GLU J 213 -24.01 -94.60 -11.00
C GLU J 213 -22.50 -94.29 -11.18
N GLN K 1 8.75 -39.56 -8.15
CA GLN K 1 7.44 -40.04 -8.66
C GLN K 1 6.34 -39.53 -7.74
N VAL K 2 5.07 -39.60 -8.16
CA VAL K 2 3.89 -39.28 -7.34
C VAL K 2 3.10 -40.57 -7.12
N GLN K 3 2.54 -40.76 -5.92
CA GLN K 3 1.67 -41.89 -5.61
C GLN K 3 0.25 -41.43 -5.35
N LEU K 4 -0.71 -42.12 -5.95
CA LEU K 4 -2.14 -41.92 -5.72
C LEU K 4 -2.67 -43.13 -4.93
N VAL K 5 -3.37 -42.91 -3.82
CA VAL K 5 -3.96 -43.99 -3.02
C VAL K 5 -5.39 -43.62 -2.61
N GLN K 6 -6.33 -44.55 -2.76
CA GLN K 6 -7.73 -44.36 -2.33
C GLN K 6 -8.20 -45.44 -1.37
N SER K 7 -9.05 -45.07 -0.42
CA SER K 7 -9.37 -45.90 0.74
C SER K 7 -10.35 -47.04 0.45
N GLY K 8 -10.01 -48.26 0.88
CA GLY K 8 -10.91 -49.41 0.96
C GLY K 8 -11.51 -49.91 -0.35
N ALA K 9 -12.52 -50.76 -0.22
CA ALA K 9 -13.44 -51.20 -1.28
C ALA K 9 -14.79 -51.56 -0.63
N GLU K 10 -15.90 -51.46 -1.35
CA GLU K 10 -17.23 -51.44 -0.73
C GLU K 10 -18.32 -52.19 -1.50
N VAL K 11 -19.31 -52.68 -0.76
CA VAL K 11 -20.57 -53.21 -1.28
C VAL K 11 -21.74 -52.65 -0.46
N LYS K 12 -22.77 -52.14 -1.13
CA LYS K 12 -23.83 -51.32 -0.52
C LYS K 12 -25.19 -51.54 -1.20
N LYS K 13 -26.25 -51.28 -0.44
CA LYS K 13 -27.65 -51.43 -0.88
C LYS K 13 -28.08 -50.29 -1.82
N PRO K 14 -28.95 -50.53 -2.82
CA PRO K 14 -29.55 -49.48 -3.64
C PRO K 14 -30.19 -48.35 -2.81
N GLY K 15 -30.20 -47.14 -3.36
CA GLY K 15 -30.73 -45.92 -2.73
C GLY K 15 -29.81 -45.27 -1.68
N SER K 16 -28.83 -46.00 -1.16
CA SER K 16 -27.78 -45.44 -0.30
C SER K 16 -26.81 -44.52 -1.07
N ALA K 17 -25.80 -44.00 -0.38
CA ALA K 17 -24.73 -43.18 -0.92
C ALA K 17 -23.36 -43.65 -0.40
N VAL K 18 -22.31 -43.32 -1.16
CA VAL K 18 -20.92 -43.76 -0.94
C VAL K 18 -19.99 -42.55 -0.98
N LYS K 19 -18.96 -42.50 -0.13
CA LYS K 19 -17.94 -41.44 -0.12
C LYS K 19 -16.52 -42.00 -0.17
N VAL K 20 -15.94 -42.03 -1.36
CA VAL K 20 -14.54 -42.43 -1.57
C VAL K 20 -13.61 -41.26 -1.22
N SER K 21 -12.39 -41.54 -0.75
CA SER K 21 -11.34 -40.53 -0.55
C SER K 21 -10.02 -40.95 -1.17
N CYS K 22 -9.20 -39.97 -1.54
CA CYS K 22 -7.94 -40.10 -2.27
C CYS K 22 -6.87 -39.19 -1.67
N LYS K 23 -5.64 -39.67 -1.53
CA LYS K 23 -4.43 -38.84 -1.37
C LYS K 23 -3.60 -38.89 -2.64
N ALA K 24 -3.14 -37.74 -3.10
CA ALA K 24 -2.00 -37.58 -3.99
C ALA K 24 -0.80 -37.07 -3.18
N SER K 25 0.39 -37.63 -3.36
CA SER K 25 1.59 -37.17 -2.63
C SER K 25 2.91 -37.40 -3.36
N GLY K 26 3.91 -36.54 -3.08
CA GLY K 26 5.30 -36.70 -3.51
C GLY K 26 5.67 -36.07 -4.86
N GLY K 27 4.72 -35.48 -5.58
CA GLY K 27 4.98 -34.81 -6.86
C GLY K 27 5.76 -33.50 -6.73
N THR K 28 6.48 -33.10 -7.78
CA THR K 28 7.20 -31.82 -7.87
C THR K 28 6.31 -30.64 -8.31
N LEU K 29 5.27 -30.90 -9.09
CA LEU K 29 4.28 -29.89 -9.53
C LEU K 29 3.23 -29.61 -8.44
N ARG K 30 2.39 -28.56 -8.59
CA ARG K 30 1.46 -28.11 -7.52
C ARG K 30 0.00 -27.87 -7.93
N LYS K 31 -0.30 -27.00 -8.89
CA LYS K 31 -1.69 -26.69 -9.29
C LYS K 31 -2.39 -27.77 -10.13
N TYR K 32 -1.92 -29.02 -10.15
CA TYR K 32 -2.50 -30.09 -10.99
C TYR K 32 -3.95 -30.37 -10.62
N ALA K 33 -4.76 -30.82 -11.58
CA ALA K 33 -6.11 -31.29 -11.30
C ALA K 33 -6.08 -32.75 -10.82
N ILE K 34 -7.04 -33.14 -9.98
CA ILE K 34 -7.35 -34.53 -9.66
C ILE K 34 -8.67 -34.86 -10.34
N SER K 35 -8.72 -35.96 -11.05
CA SER K 35 -9.90 -36.41 -11.78
C SER K 35 -10.34 -37.78 -11.29
N TRP K 36 -11.64 -38.07 -11.36
CA TRP K 36 -12.22 -39.37 -11.07
C TRP K 36 -12.73 -40.04 -12.34
N LEU K 37 -12.26 -41.26 -12.56
CA LEU K 37 -12.53 -42.08 -13.74
C LEU K 37 -13.10 -43.42 -13.27
N ARG K 38 -14.04 -44.02 -13.99
CA ARG K 38 -14.73 -45.24 -13.55
C ARG K 38 -14.83 -46.30 -14.63
N GLN K 39 -14.59 -47.55 -14.25
CA GLN K 39 -14.55 -48.72 -15.13
C GLN K 39 -15.63 -49.73 -14.73
N ALA K 40 -16.52 -50.06 -15.65
CA ALA K 40 -17.55 -51.07 -15.44
C ALA K 40 -16.95 -52.50 -15.29
N PRO K 41 -17.73 -53.51 -14.84
CA PRO K 41 -17.29 -54.90 -14.68
C PRO K 41 -16.84 -55.66 -15.96
N GLY K 42 -16.60 -54.97 -17.07
CA GLY K 42 -16.33 -55.54 -18.40
C GLY K 42 -16.79 -54.64 -19.55
N GLN K 43 -17.76 -53.77 -19.29
CA GLN K 43 -18.08 -52.61 -20.13
C GLN K 43 -16.96 -51.53 -20.08
N GLY K 44 -17.20 -50.37 -20.69
CA GLY K 44 -16.19 -49.33 -20.91
C GLY K 44 -15.65 -48.60 -19.67
N LEU K 45 -14.88 -47.54 -19.96
CA LEU K 45 -14.15 -46.68 -19.03
C LEU K 45 -14.52 -45.21 -19.26
N GLU K 46 -14.86 -44.46 -18.21
CA GLU K 46 -15.44 -43.12 -18.33
C GLU K 46 -14.76 -42.08 -17.43
N TRP K 47 -14.57 -40.87 -17.95
CA TRP K 47 -14.40 -39.67 -17.13
C TRP K 47 -15.70 -39.31 -16.43
N MET K 48 -15.67 -39.11 -15.11
CA MET K 48 -16.79 -38.55 -14.37
C MET K 48 -16.69 -37.04 -14.25
N GLY K 49 -15.51 -36.56 -13.86
CA GLY K 49 -15.29 -35.20 -13.44
C GLY K 49 -13.90 -35.00 -12.86
N GLY K 50 -13.68 -33.84 -12.26
CA GLY K 50 -12.46 -33.54 -11.53
C GLY K 50 -12.51 -32.19 -10.82
N ILE K 51 -11.45 -31.90 -10.07
CA ILE K 51 -11.25 -30.64 -9.35
C ILE K 51 -9.80 -30.20 -9.42
N ILE K 52 -9.56 -28.90 -9.30
CA ILE K 52 -8.23 -28.36 -9.00
C ILE K 52 -8.22 -28.07 -7.50
N PRO K 53 -7.59 -28.90 -6.66
CA PRO K 53 -7.86 -28.91 -5.22
C PRO K 53 -7.36 -27.69 -4.41
N ILE K 54 -6.62 -26.76 -5.01
CA ILE K 54 -6.37 -25.45 -4.38
C ILE K 54 -7.59 -24.52 -4.55
N PHE K 55 -8.13 -24.39 -5.75
CA PHE K 55 -9.28 -23.52 -5.99
C PHE K 55 -10.60 -24.11 -5.48
N GLY K 56 -10.71 -25.44 -5.42
CA GLY K 56 -11.99 -26.11 -5.18
C GLY K 56 -13.00 -25.96 -6.34
N THR K 57 -12.56 -25.51 -7.52
CA THR K 57 -13.39 -25.50 -8.72
C THR K 57 -13.56 -26.94 -9.22
N ALA K 58 -14.77 -27.32 -9.59
CA ALA K 58 -15.12 -28.67 -10.04
C ALA K 58 -15.70 -28.65 -11.45
N ASN K 59 -15.42 -29.70 -12.23
CA ASN K 59 -15.96 -29.91 -13.57
C ASN K 59 -16.52 -31.34 -13.66
N TYR K 60 -17.58 -31.55 -14.44
CA TYR K 60 -18.25 -32.84 -14.60
C TYR K 60 -18.66 -33.10 -16.06
N ALA K 61 -18.80 -34.36 -16.46
CA ALA K 61 -19.60 -34.68 -17.64
C ALA K 61 -21.10 -34.60 -17.33
N GLN K 62 -21.94 -34.34 -18.34
CA GLN K 62 -23.36 -34.02 -18.12
C GLN K 62 -24.18 -35.15 -17.47
N LYS K 63 -23.69 -36.39 -17.55
CA LYS K 63 -24.33 -37.57 -16.96
C LYS K 63 -24.19 -37.65 -15.43
N PHE K 64 -23.12 -37.09 -14.89
CA PHE K 64 -22.77 -37.23 -13.47
C PHE K 64 -23.06 -35.99 -12.63
N GLN K 65 -23.18 -34.80 -13.24
CA GLN K 65 -23.59 -33.61 -12.48
C GLN K 65 -24.97 -33.83 -11.86
N GLY K 66 -25.10 -33.49 -10.59
CA GLY K 66 -26.30 -33.75 -9.79
C GLY K 66 -26.50 -35.19 -9.33
N ARG K 67 -25.77 -36.18 -9.86
CA ARG K 67 -25.60 -37.50 -9.20
C ARG K 67 -24.51 -37.46 -8.12
N VAL K 68 -23.49 -36.65 -8.36
CA VAL K 68 -22.16 -36.72 -7.73
C VAL K 68 -21.72 -35.39 -7.12
N THR K 69 -20.98 -35.44 -6.01
CA THR K 69 -20.21 -34.30 -5.48
C THR K 69 -18.72 -34.66 -5.48
N ILE K 70 -17.87 -33.87 -6.14
CA ILE K 70 -16.39 -33.99 -6.03
C ILE K 70 -15.87 -32.81 -5.21
N THR K 71 -15.03 -33.06 -4.22
CA THR K 71 -14.53 -32.00 -3.32
C THR K 71 -13.14 -32.28 -2.75
N ALA K 72 -12.46 -31.29 -2.19
CA ALA K 72 -11.12 -31.41 -1.63
C ALA K 72 -10.93 -30.55 -0.37
N ASP K 73 -9.90 -30.89 0.39
CA ASP K 73 -9.53 -30.27 1.66
C ASP K 73 -8.34 -29.33 1.48
N GLU K 74 -8.37 -28.13 2.05
CA GLU K 74 -7.26 -27.17 1.98
C GLU K 74 -5.97 -27.75 2.58
N SER K 75 -4.92 -27.87 1.77
CA SER K 75 -3.68 -28.54 2.16
C SER K 75 -2.76 -27.67 3.04
N THR K 76 -2.55 -26.40 2.66
CA THR K 76 -1.72 -25.40 3.34
C THR K 76 -1.96 -24.04 2.68
N THR K 77 -2.22 -22.99 3.47
CA THR K 77 -2.45 -21.62 2.96
C THR K 77 -1.19 -20.73 2.95
N THR K 78 -0.17 -21.02 3.77
CA THR K 78 1.10 -20.28 3.81
C THR K 78 1.94 -20.47 2.53
N PRO K 79 2.73 -19.47 2.10
CA PRO K 79 3.55 -19.52 0.88
C PRO K 79 4.85 -20.33 1.07
N TYR K 80 4.68 -21.61 1.41
CA TYR K 80 5.73 -22.55 1.79
C TYR K 80 5.50 -23.92 1.10
N THR K 81 5.57 -25.03 1.84
CA THR K 81 5.74 -26.41 1.35
C THR K 81 7.07 -26.61 0.61
N THR K 82 8.19 -26.40 1.33
CA THR K 82 9.49 -27.01 0.95
C THR K 82 9.56 -28.48 1.38
N THR K 83 8.71 -28.88 2.35
CA THR K 83 8.25 -30.26 2.55
C THR K 83 7.62 -30.85 1.28
N PRO K 84 7.46 -32.18 1.16
CA PRO K 84 6.78 -32.77 0.01
C PRO K 84 5.31 -32.33 -0.04
N TYR K 85 4.82 -31.97 -1.24
CA TYR K 85 3.44 -31.53 -1.42
C TYR K 85 2.46 -32.70 -1.45
N THR K 86 1.26 -32.46 -0.93
CA THR K 86 0.16 -33.41 -0.87
C THR K 86 -1.17 -32.72 -1.14
N SER K 87 -2.12 -33.43 -1.72
CA SER K 87 -3.50 -32.95 -1.86
C SER K 87 -4.49 -34.11 -1.71
N THR K 88 -5.63 -33.80 -1.11
CA THR K 88 -6.64 -34.81 -0.72
C THR K 88 -7.96 -34.51 -1.39
N ALA K 89 -8.55 -35.50 -2.08
CA ALA K 89 -9.83 -35.38 -2.77
C ALA K 89 -10.84 -36.42 -2.28
N TYR K 90 -12.12 -36.11 -2.39
CA TYR K 90 -13.24 -36.97 -2.03
C TYR K 90 -14.30 -36.94 -3.12
N ILE K 91 -14.97 -38.07 -3.37
CA ILE K 91 -16.12 -38.15 -4.28
C ILE K 91 -17.28 -38.86 -3.60
N GLU K 92 -18.46 -38.26 -3.69
CA GLU K 92 -19.71 -38.86 -3.23
C GLU K 92 -20.58 -39.27 -4.41
N LEU K 93 -21.04 -40.51 -4.42
CA LEU K 93 -22.06 -41.02 -5.34
C LEU K 93 -23.37 -41.20 -4.57
N THR K 94 -24.48 -40.69 -5.12
CA THR K 94 -25.77 -40.63 -4.42
C THR K 94 -26.90 -41.28 -5.21
N SER K 95 -27.92 -41.76 -4.49
CA SER K 95 -29.07 -42.50 -5.04
C SER K 95 -28.65 -43.67 -5.92
N LEU K 96 -27.87 -44.59 -5.36
CA LEU K 96 -27.23 -45.69 -6.09
C LEU K 96 -28.22 -46.71 -6.68
N ARG K 97 -27.98 -47.15 -7.92
CA ARG K 97 -28.64 -48.29 -8.58
C ARG K 97 -27.60 -49.37 -8.89
N SER K 98 -28.00 -50.63 -9.03
CA SER K 98 -27.12 -51.76 -9.37
C SER K 98 -26.16 -51.46 -10.53
N GLU K 99 -26.64 -50.78 -11.57
CA GLU K 99 -25.85 -50.40 -12.75
C GLU K 99 -24.80 -49.30 -12.51
N ASP K 100 -24.76 -48.66 -11.34
CA ASP K 100 -23.64 -47.80 -10.91
C ASP K 100 -22.40 -48.60 -10.42
N THR K 101 -22.50 -49.93 -10.34
CA THR K 101 -21.39 -50.81 -9.92
C THR K 101 -20.19 -50.70 -10.88
N ALA K 102 -19.01 -50.46 -10.34
CA ALA K 102 -17.78 -50.26 -11.11
C ALA K 102 -16.55 -50.24 -10.18
N VAL K 103 -15.34 -50.26 -10.75
CA VAL K 103 -14.15 -49.80 -10.04
C VAL K 103 -13.87 -48.34 -10.38
N TYR K 104 -13.55 -47.54 -9.37
CA TYR K 104 -13.34 -46.11 -9.44
C TYR K 104 -11.87 -45.80 -9.19
N TYR K 105 -11.27 -44.94 -10.02
CA TYR K 105 -9.89 -44.46 -9.90
C TYR K 105 -9.87 -42.94 -9.77
N CYS K 106 -9.09 -42.43 -8.83
CA CYS K 106 -8.52 -41.08 -8.95
C CYS K 106 -7.29 -41.11 -9.86
N ALA K 107 -7.07 -40.04 -10.62
CA ALA K 107 -5.91 -39.87 -11.49
C ALA K 107 -5.46 -38.40 -11.55
N ARG K 108 -4.15 -38.17 -11.70
CA ARG K 108 -3.59 -36.81 -11.84
C ARG K 108 -3.73 -36.27 -13.25
N ASP K 109 -4.09 -35.01 -13.36
CA ASP K 109 -4.37 -34.32 -14.62
C ASP K 109 -3.55 -33.02 -14.77
N LEU K 110 -2.82 -32.91 -15.89
CA LEU K 110 -1.98 -31.78 -16.25
C LEU K 110 -2.71 -30.67 -17.02
N GLY K 111 -4.00 -30.82 -17.33
CA GLY K 111 -4.80 -29.87 -18.09
C GLY K 111 -4.64 -28.40 -17.68
N PRO K 112 -4.77 -28.01 -16.40
CA PRO K 112 -4.63 -26.62 -16.01
C PRO K 112 -3.20 -26.12 -16.18
N LEU K 113 -2.21 -26.90 -15.75
CA LEU K 113 -0.80 -26.52 -15.84
C LEU K 113 -0.33 -26.33 -17.29
N THR K 114 -0.82 -27.16 -18.21
CA THR K 114 -0.47 -27.12 -19.63
C THR K 114 -1.30 -26.08 -20.40
N GLY K 115 -1.45 -24.90 -19.82
CA GLY K 115 -2.15 -23.77 -20.44
C GLY K 115 -3.68 -23.89 -20.45
N TYR K 116 -4.27 -24.50 -19.42
CA TYR K 116 -5.71 -24.78 -19.40
C TYR K 116 -6.21 -25.59 -20.60
N SER K 117 -5.41 -26.54 -21.05
CA SER K 117 -5.79 -27.57 -22.01
C SER K 117 -6.79 -28.56 -21.41
N TYR K 118 -7.55 -29.27 -22.24
CA TYR K 118 -8.24 -30.46 -21.79
C TYR K 118 -7.28 -31.59 -21.39
N SER K 119 -7.75 -32.44 -20.50
CA SER K 119 -6.96 -33.41 -19.74
C SER K 119 -6.33 -34.53 -20.55
N TYR K 120 -5.17 -35.00 -20.10
CA TYR K 120 -4.72 -36.37 -20.31
C TYR K 120 -4.12 -36.87 -19.00
N PHE K 121 -4.35 -38.12 -18.63
CA PHE K 121 -4.18 -38.55 -17.24
C PHE K 121 -2.83 -39.22 -17.05
N ASP K 122 -2.06 -38.76 -16.07
CA ASP K 122 -0.61 -38.96 -15.99
C ASP K 122 -0.19 -40.07 -15.01
N TYR K 123 -0.86 -40.15 -13.87
CA TYR K 123 -0.69 -41.18 -12.83
C TYR K 123 -2.07 -41.60 -12.32
N TRP K 124 -2.23 -42.87 -11.97
CA TRP K 124 -3.48 -43.44 -11.50
C TRP K 124 -3.28 -44.07 -10.13
N GLY K 125 -4.29 -44.02 -9.26
CA GLY K 125 -4.26 -44.80 -8.03
C GLY K 125 -4.59 -46.28 -8.27
N GLN K 126 -4.51 -47.11 -7.23
CA GLN K 126 -4.72 -48.56 -7.33
C GLN K 126 -6.16 -48.99 -7.67
N GLY K 127 -7.12 -48.06 -7.62
CA GLY K 127 -8.54 -48.31 -7.85
C GLY K 127 -9.28 -48.83 -6.62
N THR K 128 -10.57 -48.55 -6.53
CA THR K 128 -11.46 -49.09 -5.49
C THR K 128 -12.73 -49.65 -6.13
N LEU K 129 -13.23 -50.79 -5.66
CA LEU K 129 -14.50 -51.35 -6.11
C LEU K 129 -15.66 -50.75 -5.32
N VAL K 130 -16.66 -50.22 -6.01
CA VAL K 130 -17.95 -49.86 -5.41
C VAL K 130 -19.02 -50.75 -6.03
N THR K 131 -19.67 -51.54 -5.17
CA THR K 131 -20.66 -52.54 -5.58
C THR K 131 -22.04 -52.16 -5.09
N VAL K 132 -23.03 -52.13 -5.98
CA VAL K 132 -24.41 -51.84 -5.61
C VAL K 132 -25.26 -53.10 -5.82
N SER K 133 -25.86 -53.63 -4.75
CA SER K 133 -26.69 -54.85 -4.80
C SER K 133 -27.57 -54.99 -3.55
N SER K 134 -28.70 -55.67 -3.67
CA SER K 134 -29.64 -55.85 -2.56
C SER K 134 -29.19 -56.91 -1.55
N ALA K 135 -28.37 -57.88 -1.94
CA ALA K 135 -28.00 -59.03 -1.12
C ALA K 135 -27.21 -58.64 0.13
N SER K 136 -27.56 -59.24 1.27
CA SER K 136 -26.79 -59.17 2.52
C SER K 136 -25.68 -60.24 2.54
N THR K 137 -24.80 -60.18 3.54
CA THR K 137 -23.74 -61.18 3.73
C THR K 137 -24.32 -62.58 3.90
N LYS K 138 -23.82 -63.56 3.15
CA LYS K 138 -24.22 -64.96 3.26
C LYS K 138 -23.03 -65.89 3.04
N GLY K 139 -22.90 -66.92 3.88
CA GLY K 139 -21.87 -67.96 3.76
C GLY K 139 -22.21 -69.01 2.69
N PRO K 140 -21.21 -69.65 2.07
CA PRO K 140 -21.41 -70.54 0.93
C PRO K 140 -22.01 -71.89 1.29
N SER K 141 -22.69 -72.50 0.31
CA SER K 141 -22.81 -73.95 0.19
C SER K 141 -21.51 -74.49 -0.44
N VAL K 142 -21.00 -75.62 0.03
CA VAL K 142 -19.57 -76.02 -0.13
C VAL K 142 -19.39 -77.41 -0.74
N PHE K 143 -20.27 -77.79 -1.66
CA PHE K 143 -20.41 -79.14 -2.21
C PHE K 143 -19.13 -79.72 -2.86
N PRO K 144 -18.88 -81.03 -2.76
CA PRO K 144 -17.92 -81.71 -3.63
C PRO K 144 -18.46 -81.76 -5.06
N LEU K 145 -17.60 -81.59 -6.06
CA LEU K 145 -17.98 -81.70 -7.47
C LEU K 145 -18.03 -83.20 -7.85
N ALA K 146 -19.18 -83.83 -7.58
CA ALA K 146 -19.30 -85.28 -7.53
C ALA K 146 -18.93 -86.01 -8.84
N PRO K 147 -17.90 -86.88 -8.85
CA PRO K 147 -17.61 -87.77 -9.98
C PRO K 147 -18.50 -89.02 -9.98
N SER K 148 -18.59 -89.69 -11.13
CA SER K 148 -19.44 -90.87 -11.40
C SER K 148 -18.78 -91.82 -12.42
N SER K 149 -19.50 -92.83 -12.92
CA SER K 149 -19.05 -93.74 -13.99
C SER K 149 -18.84 -93.10 -15.38
N LYS K 150 -18.90 -91.77 -15.50
CA LYS K 150 -18.75 -90.95 -16.73
C LYS K 150 -17.43 -91.05 -17.53
N SER K 151 -16.55 -92.00 -17.20
CA SER K 151 -15.31 -92.36 -17.92
C SER K 151 -14.63 -93.60 -17.32
N THR K 152 -14.69 -93.76 -15.98
CA THR K 152 -14.01 -94.81 -15.18
C THR K 152 -12.47 -94.71 -15.22
N SER K 153 -11.76 -95.74 -14.73
CA SER K 153 -10.30 -95.76 -14.55
C SER K 153 -9.47 -95.63 -15.84
N GLY K 154 -8.18 -95.31 -15.70
CA GLY K 154 -7.19 -95.28 -16.80
C GLY K 154 -7.15 -93.99 -17.61
N GLY K 155 -8.27 -93.27 -17.74
CA GLY K 155 -8.37 -92.03 -18.52
C GLY K 155 -7.72 -90.81 -17.87
N THR K 156 -7.75 -89.68 -18.57
CA THR K 156 -7.58 -88.35 -17.96
C THR K 156 -8.83 -87.98 -17.13
N ALA K 157 -8.65 -87.25 -16.04
CA ALA K 157 -9.72 -86.91 -15.10
C ALA K 157 -9.50 -85.56 -14.41
N ALA K 158 -10.51 -85.12 -13.67
CA ALA K 158 -10.40 -84.07 -12.68
C ALA K 158 -11.27 -84.38 -11.45
N LEU K 159 -10.86 -83.84 -10.30
CA LEU K 159 -11.63 -83.86 -9.06
C LEU K 159 -11.74 -82.41 -8.55
N GLY K 160 -12.86 -82.02 -7.93
CA GLY K 160 -13.19 -80.60 -7.77
C GLY K 160 -14.12 -80.28 -6.61
N CYS K 161 -14.46 -78.99 -6.50
CA CYS K 161 -15.44 -78.46 -5.56
C CYS K 161 -16.30 -77.39 -6.24
N LEU K 162 -17.59 -77.31 -5.87
CA LEU K 162 -18.53 -76.30 -6.35
C LEU K 162 -18.98 -75.44 -5.16
N VAL K 163 -18.69 -74.14 -5.19
CA VAL K 163 -19.01 -73.20 -4.10
C VAL K 163 -20.18 -72.31 -4.55
N LYS K 164 -21.29 -72.24 -3.79
CA LYS K 164 -22.56 -71.69 -4.30
C LYS K 164 -23.32 -70.81 -3.29
N ASP K 165 -24.01 -69.80 -3.81
CA ASP K 165 -24.97 -68.93 -3.13
C ASP K 165 -24.43 -68.28 -1.83
N TYR K 166 -23.22 -67.74 -1.93
CA TYR K 166 -22.62 -66.79 -0.99
C TYR K 166 -22.73 -65.35 -1.54
N PHE K 167 -22.22 -64.38 -0.79
CA PHE K 167 -22.04 -63.01 -1.27
C PHE K 167 -20.63 -62.46 -0.97
N PRO K 168 -20.25 -61.31 -1.57
CA PRO K 168 -18.87 -60.93 -1.91
C PRO K 168 -17.98 -62.00 -2.57
N GLU K 169 -17.11 -61.59 -3.48
CA GLU K 169 -16.21 -62.50 -4.22
C GLU K 169 -14.98 -63.10 -3.49
N PRO K 170 -14.52 -62.68 -2.29
CA PRO K 170 -13.35 -63.27 -1.63
C PRO K 170 -13.65 -64.60 -0.90
N VAL K 171 -14.17 -65.60 -1.62
CA VAL K 171 -14.16 -67.03 -1.25
C VAL K 171 -12.83 -67.69 -1.64
N THR K 172 -11.70 -67.03 -1.38
CA THR K 172 -10.36 -67.44 -1.87
C THR K 172 -10.05 -68.90 -1.51
N VAL K 173 -9.82 -69.74 -2.53
CA VAL K 173 -9.78 -71.20 -2.40
C VAL K 173 -8.54 -71.80 -3.07
N SER K 174 -8.06 -72.92 -2.54
CA SER K 174 -6.80 -73.58 -2.93
C SER K 174 -6.90 -75.09 -2.68
N TRP K 175 -5.85 -75.85 -3.05
CA TRP K 175 -5.81 -77.30 -2.98
C TRP K 175 -4.69 -77.84 -2.08
N ASN K 176 -4.99 -78.93 -1.38
CA ASN K 176 -4.10 -79.69 -0.50
C ASN K 176 -3.36 -78.79 0.51
N SER K 177 -3.99 -77.73 1.01
CA SER K 177 -3.40 -76.73 1.92
C SER K 177 -2.08 -76.13 1.39
N GLY K 178 -1.99 -75.97 0.07
CA GLY K 178 -0.84 -75.42 -0.65
C GLY K 178 0.13 -76.46 -1.22
N ALA K 179 -0.03 -77.74 -0.89
CA ALA K 179 0.83 -78.82 -1.40
C ALA K 179 0.56 -79.20 -2.88
N LEU K 180 -0.48 -78.65 -3.51
CA LEU K 180 -0.86 -78.94 -4.90
C LEU K 180 -0.99 -77.64 -5.71
N THR K 181 -0.54 -77.65 -6.98
CA THR K 181 -0.40 -76.44 -7.80
C THR K 181 -0.49 -76.70 -9.32
N SER K 182 0.21 -77.71 -9.84
CA SER K 182 0.14 -78.10 -11.25
C SER K 182 -1.24 -78.62 -11.65
N GLY K 183 -1.68 -78.34 -12.87
CA GLY K 183 -2.93 -78.87 -13.44
C GLY K 183 -4.22 -78.39 -12.76
N VAL K 184 -4.16 -77.38 -11.89
CA VAL K 184 -5.32 -76.77 -11.21
C VAL K 184 -6.04 -75.79 -12.13
N HIS K 185 -7.34 -75.61 -11.93
CA HIS K 185 -8.06 -74.39 -12.28
C HIS K 185 -8.97 -73.97 -11.13
N THR K 186 -9.00 -72.68 -10.83
CA THR K 186 -10.10 -72.04 -10.10
C THR K 186 -10.60 -70.87 -10.93
N PHE K 187 -11.91 -70.82 -11.18
CA PHE K 187 -12.52 -69.83 -12.08
C PHE K 187 -12.63 -68.44 -11.41
N PRO K 188 -12.94 -67.37 -12.16
CA PRO K 188 -13.01 -66.02 -11.57
C PRO K 188 -14.18 -65.90 -10.57
N ALA K 189 -15.40 -65.74 -11.08
CA ALA K 189 -16.66 -65.76 -10.31
C ALA K 189 -17.84 -65.88 -11.28
N VAL K 190 -19.00 -66.32 -10.78
CA VAL K 190 -20.28 -66.29 -11.50
C VAL K 190 -21.29 -65.51 -10.68
N LEU K 191 -21.81 -64.41 -11.21
CA LEU K 191 -22.90 -63.66 -10.60
C LEU K 191 -24.22 -64.41 -10.84
N GLN K 192 -24.74 -65.04 -9.80
CA GLN K 192 -26.00 -65.79 -9.83
C GLN K 192 -27.18 -64.86 -10.11
N SER K 193 -28.17 -65.34 -10.87
CA SER K 193 -29.40 -64.57 -11.15
C SER K 193 -30.18 -64.17 -9.89
N SER K 194 -29.96 -64.86 -8.76
CA SER K 194 -30.49 -64.51 -7.44
C SER K 194 -29.79 -63.32 -6.75
N GLY K 195 -28.81 -62.68 -7.38
CA GLY K 195 -28.01 -61.61 -6.76
C GLY K 195 -26.95 -62.13 -5.76
N LEU K 196 -26.54 -63.39 -5.92
CA LEU K 196 -25.51 -64.07 -5.13
C LEU K 196 -24.34 -64.51 -6.03
N TYR K 197 -23.36 -65.23 -5.51
CA TYR K 197 -22.19 -65.70 -6.28
C TYR K 197 -22.03 -67.23 -6.26
N SER K 198 -21.41 -67.77 -7.31
CA SER K 198 -20.91 -69.16 -7.34
C SER K 198 -19.53 -69.26 -8.01
N LEU K 199 -18.85 -70.39 -7.80
CA LEU K 199 -17.47 -70.63 -8.25
C LEU K 199 -17.19 -72.12 -8.50
N SER K 200 -16.44 -72.41 -9.57
CA SER K 200 -15.92 -73.74 -9.93
C SER K 200 -14.42 -73.85 -9.63
N SER K 201 -13.99 -74.96 -9.01
CA SER K 201 -12.57 -75.28 -8.79
C SER K 201 -12.27 -76.76 -9.05
N VAL K 202 -11.14 -77.08 -9.69
CA VAL K 202 -10.74 -78.45 -10.04
C VAL K 202 -9.22 -78.65 -9.99
N VAL K 203 -8.79 -79.89 -9.74
CA VAL K 203 -7.44 -80.37 -10.06
C VAL K 203 -7.51 -81.52 -11.07
N THR K 204 -6.81 -81.37 -12.19
CA THR K 204 -6.68 -82.42 -13.21
C THR K 204 -5.66 -83.49 -12.77
N VAL K 205 -5.99 -84.76 -13.00
CA VAL K 205 -5.32 -85.94 -12.42
C VAL K 205 -5.50 -87.17 -13.33
N PRO K 206 -4.68 -88.24 -13.18
CA PRO K 206 -4.97 -89.53 -13.77
C PRO K 206 -6.18 -90.18 -13.08
N SER K 207 -7.11 -90.77 -13.85
CA SER K 207 -8.39 -91.29 -13.30
C SER K 207 -8.23 -92.42 -12.27
N SER K 208 -7.11 -93.13 -12.30
CA SER K 208 -6.74 -94.12 -11.28
C SER K 208 -6.57 -93.54 -9.86
N SER K 209 -6.32 -92.24 -9.72
CA SER K 209 -6.09 -91.60 -8.41
C SER K 209 -7.35 -91.34 -7.58
N LEU K 210 -8.53 -91.20 -8.21
CA LEU K 210 -9.79 -90.87 -7.53
C LEU K 210 -10.21 -91.99 -6.56
N GLY K 211 -10.68 -91.61 -5.37
CA GLY K 211 -11.16 -92.58 -4.38
C GLY K 211 -10.07 -93.48 -3.79
N THR K 212 -8.80 -93.08 -3.86
CA THR K 212 -7.67 -93.80 -3.24
C THR K 212 -6.56 -92.83 -2.81
N GLN K 213 -6.13 -91.89 -3.67
CA GLN K 213 -5.27 -90.78 -3.28
C GLN K 213 -6.05 -89.70 -2.52
N THR K 214 -5.35 -88.81 -1.80
CA THR K 214 -5.98 -87.72 -1.03
C THR K 214 -5.89 -86.39 -1.77
N TYR K 215 -7.05 -85.76 -2.02
CA TYR K 215 -7.14 -84.41 -2.60
C TYR K 215 -8.13 -83.57 -1.79
N ILE K 216 -7.74 -82.34 -1.41
CA ILE K 216 -8.46 -81.52 -0.43
C ILE K 216 -8.63 -80.08 -0.95
N CYS K 217 -9.80 -79.50 -0.71
CA CYS K 217 -10.17 -78.16 -1.12
C CYS K 217 -10.28 -77.23 0.09
N ASN K 218 -9.65 -76.06 0.03
CA ASN K 218 -9.50 -75.08 1.12
C ASN K 218 -10.47 -73.88 0.98
N VAL K 219 -11.79 -74.07 1.14
CA VAL K 219 -12.73 -72.93 0.98
C VAL K 219 -12.63 -71.97 2.16
N ASN K 220 -11.99 -70.81 1.96
CA ASN K 220 -11.96 -69.71 2.93
C ASN K 220 -12.77 -68.51 2.43
N HIS K 221 -13.75 -68.05 3.23
CA HIS K 221 -14.53 -66.85 2.94
C HIS K 221 -14.14 -65.74 3.91
N LYS K 222 -13.86 -64.53 3.40
CA LYS K 222 -13.55 -63.35 4.23
C LYS K 222 -14.80 -62.85 5.00
N PRO K 223 -15.94 -62.53 4.35
CA PRO K 223 -17.23 -62.51 5.04
C PRO K 223 -17.56 -63.86 5.67
N SER K 224 -18.37 -63.89 6.73
CA SER K 224 -18.76 -65.10 7.48
C SER K 224 -17.60 -65.99 8.03
N ASN K 225 -16.33 -65.63 7.80
CA ASN K 225 -15.12 -66.23 8.37
C ASN K 225 -15.03 -67.77 8.27
N THR K 226 -15.58 -68.37 7.21
CA THR K 226 -15.57 -69.83 7.03
C THR K 226 -14.19 -70.35 6.61
N LYS K 227 -13.88 -71.59 6.98
CA LYS K 227 -12.61 -72.27 6.67
C LYS K 227 -12.86 -73.76 6.45
N VAL K 228 -13.57 -74.10 5.38
CA VAL K 228 -13.96 -75.48 5.07
C VAL K 228 -12.85 -76.18 4.28
N ASP K 229 -11.77 -76.52 4.99
CA ASP K 229 -10.67 -77.36 4.51
C ASP K 229 -11.09 -78.84 4.54
N LYS K 230 -11.48 -79.43 3.40
CA LYS K 230 -11.93 -80.85 3.36
C LYS K 230 -11.63 -81.60 2.06
N LYS K 231 -11.51 -82.93 2.15
CA LYS K 231 -11.39 -83.83 0.98
C LYS K 231 -12.73 -84.15 0.32
N VAL K 232 -12.69 -84.37 -0.99
CA VAL K 232 -13.85 -84.30 -1.91
C VAL K 232 -14.11 -85.62 -2.63
N GLU K 233 -14.28 -86.71 -1.90
CA GLU K 233 -14.29 -88.09 -2.43
C GLU K 233 -15.49 -88.41 -3.35
N PRO K 234 -15.37 -89.41 -4.25
CA PRO K 234 -16.46 -89.90 -5.10
C PRO K 234 -17.75 -90.30 -4.36
N LYS K 235 -18.85 -89.57 -4.62
CA LYS K 235 -20.22 -89.92 -4.17
C LYS K 235 -21.26 -89.25 -5.08
N SER K 236 -21.95 -90.04 -5.89
CA SER K 236 -23.01 -89.60 -6.81
C SER K 236 -24.34 -90.33 -6.58
N CYS K 237 -24.28 -91.62 -6.23
CA CYS K 237 -25.42 -92.44 -5.77
C CYS K 237 -24.89 -93.73 -5.12
N ASP K 238 -23.80 -94.24 -5.69
CA ASP K 238 -22.75 -95.04 -5.05
C ASP K 238 -22.19 -94.41 -3.75
N LYS K 239 -21.26 -95.11 -3.08
CA LYS K 239 -20.47 -94.59 -1.94
C LYS K 239 -18.99 -94.96 -2.08
N THR K 240 -18.09 -94.04 -1.74
CA THR K 240 -16.63 -94.26 -1.71
C THR K 240 -15.91 -93.21 -0.85
N HIS K 241 -14.94 -93.67 -0.07
CA HIS K 241 -13.83 -92.87 0.47
C HIS K 241 -12.61 -93.79 0.64
N THR K 242 -11.38 -93.25 0.59
CA THR K 242 -10.14 -94.03 0.77
C THR K 242 -10.06 -94.69 2.15
N GLU L 1 -3.27 -22.17 -59.33
CA GLU L 1 -4.59 -21.86 -58.72
C GLU L 1 -4.95 -22.91 -57.67
N ILE L 2 -5.62 -22.50 -56.59
CA ILE L 2 -6.38 -23.45 -55.75
C ILE L 2 -7.72 -23.72 -56.43
N VAL L 3 -7.89 -24.91 -56.98
CA VAL L 3 -9.13 -25.32 -57.64
C VAL L 3 -10.05 -25.97 -56.61
N MET L 4 -11.23 -25.39 -56.41
CA MET L 4 -12.28 -25.95 -55.55
C MET L 4 -13.13 -26.97 -56.31
N THR L 5 -13.83 -27.83 -55.59
CA THR L 5 -14.82 -28.76 -56.14
C THR L 5 -15.83 -29.13 -55.05
N GLN L 6 -17.11 -29.23 -55.39
CA GLN L 6 -18.11 -29.89 -54.55
C GLN L 6 -18.59 -31.16 -55.26
N SER L 7 -18.43 -32.34 -54.65
CA SER L 7 -18.65 -33.62 -55.35
C SER L 7 -20.11 -33.86 -55.75
N PRO L 8 -21.10 -33.82 -54.85
CA PRO L 8 -22.51 -33.80 -55.25
C PRO L 8 -22.85 -32.42 -55.83
N ALA L 9 -23.09 -32.35 -57.14
CA ALA L 9 -23.68 -31.14 -57.74
C ALA L 9 -25.12 -30.89 -57.23
N THR L 10 -25.82 -31.97 -56.89
CA THR L 10 -27.12 -31.97 -56.21
C THR L 10 -27.17 -33.12 -55.20
N LEU L 11 -27.93 -32.94 -54.12
CA LEU L 11 -28.23 -33.98 -53.14
C LEU L 11 -29.74 -34.05 -52.91
N SER L 12 -30.39 -35.17 -53.23
CA SER L 12 -31.81 -35.39 -52.99
C SER L 12 -32.03 -36.38 -51.83
N LEU L 13 -32.83 -35.97 -50.84
CA LEU L 13 -33.14 -36.74 -49.65
C LEU L 13 -34.44 -36.27 -48.98
N SER L 14 -35.05 -37.11 -48.15
CA SER L 14 -36.29 -36.75 -47.46
C SER L 14 -36.01 -36.13 -46.09
N PRO L 15 -36.85 -35.20 -45.59
CA PRO L 15 -36.64 -34.59 -44.28
C PRO L 15 -36.53 -35.63 -43.16
N GLY L 16 -35.64 -35.39 -42.21
CA GLY L 16 -35.21 -36.38 -41.21
C GLY L 16 -33.95 -37.18 -41.60
N GLU L 17 -33.57 -37.28 -42.88
CA GLU L 17 -32.29 -37.89 -43.27
C GLU L 17 -31.07 -37.01 -42.91
N ARG L 18 -29.90 -37.62 -42.73
CA ARG L 18 -28.62 -36.90 -42.73
C ARG L 18 -28.29 -36.35 -44.11
N ALA L 19 -28.24 -35.03 -44.25
CA ALA L 19 -27.51 -34.42 -45.35
C ALA L 19 -26.00 -34.48 -45.06
N THR L 20 -25.18 -34.72 -46.08
CA THR L 20 -23.74 -34.56 -46.00
C THR L 20 -23.19 -34.19 -47.38
N LEU L 21 -22.63 -32.98 -47.45
CA LEU L 21 -22.08 -32.37 -48.64
C LEU L 21 -20.56 -32.33 -48.51
N SER L 22 -19.82 -32.54 -49.61
CA SER L 22 -18.37 -32.75 -49.58
C SER L 22 -17.61 -31.86 -50.56
N CYS L 23 -16.45 -31.39 -50.13
CA CYS L 23 -15.61 -30.41 -50.80
C CYS L 23 -14.16 -30.88 -50.93
N ARG L 24 -13.54 -30.57 -52.06
CA ARG L 24 -12.11 -30.80 -52.33
C ARG L 24 -11.42 -29.52 -52.76
N ALA L 25 -10.14 -29.40 -52.42
CA ALA L 25 -9.23 -28.38 -52.95
C ALA L 25 -7.95 -29.02 -53.51
N SER L 26 -7.41 -28.47 -54.60
CA SER L 26 -6.25 -29.06 -55.31
C SER L 26 -4.94 -29.09 -54.51
N GLN L 27 -4.79 -28.25 -53.49
CA GLN L 27 -3.66 -28.22 -52.56
C GLN L 27 -4.15 -27.83 -51.16
N SER L 28 -3.39 -28.13 -50.10
CA SER L 28 -3.87 -27.93 -48.72
C SER L 28 -4.24 -26.47 -48.44
N VAL L 29 -5.49 -26.24 -48.04
CA VAL L 29 -5.97 -24.98 -47.46
C VAL L 29 -5.83 -24.97 -45.93
N SER L 30 -5.74 -26.13 -45.29
CA SER L 30 -5.35 -26.29 -43.88
C SER L 30 -6.20 -25.46 -42.92
N SER L 31 -7.45 -25.89 -42.70
CA SER L 31 -8.52 -25.01 -42.23
C SER L 31 -8.75 -23.88 -43.27
N TYR L 32 -9.12 -22.67 -42.86
CA TYR L 32 -9.44 -21.55 -43.76
C TYR L 32 -10.51 -21.88 -44.82
N LEU L 33 -11.42 -22.81 -44.49
CA LEU L 33 -12.68 -23.00 -45.20
C LEU L 33 -13.83 -22.32 -44.44
N ALA L 34 -14.95 -22.09 -45.11
CA ALA L 34 -16.24 -21.73 -44.52
C ALA L 34 -17.38 -22.33 -45.33
N TRP L 35 -18.55 -22.48 -44.72
CA TRP L 35 -19.76 -23.01 -45.37
C TRP L 35 -20.91 -22.02 -45.29
N TYR L 36 -21.68 -21.89 -46.36
CA TYR L 36 -22.86 -21.01 -46.47
C TYR L 36 -24.08 -21.78 -46.95
N GLN L 37 -25.28 -21.33 -46.56
CA GLN L 37 -26.52 -21.68 -47.27
C GLN L 37 -27.03 -20.45 -48.02
N GLN L 38 -27.63 -20.67 -49.18
CA GLN L 38 -28.13 -19.64 -50.08
C GLN L 38 -29.56 -19.97 -50.53
N LYS L 39 -30.43 -18.95 -50.50
CA LYS L 39 -31.87 -19.09 -50.74
C LYS L 39 -32.29 -18.28 -51.96
N PRO L 40 -33.30 -18.72 -52.73
CA PRO L 40 -33.74 -18.00 -53.92
C PRO L 40 -34.32 -16.63 -53.52
N GLY L 41 -33.90 -15.57 -54.22
CA GLY L 41 -34.28 -14.19 -53.89
C GLY L 41 -33.59 -13.61 -52.64
N GLN L 42 -32.44 -14.15 -52.23
CA GLN L 42 -31.65 -13.67 -51.08
C GLN L 42 -30.15 -13.68 -51.40
N ALA L 43 -29.36 -12.96 -50.60
CA ALA L 43 -27.91 -13.16 -50.50
C ALA L 43 -27.58 -14.33 -49.54
N PRO L 44 -26.40 -14.98 -49.67
CA PRO L 44 -25.99 -16.07 -48.79
C PRO L 44 -26.03 -15.72 -47.31
N ARG L 45 -25.99 -16.74 -46.45
CA ARG L 45 -25.72 -16.58 -45.01
C ARG L 45 -24.73 -17.62 -44.51
N LEU L 46 -23.88 -17.21 -43.58
CA LEU L 46 -22.80 -18.02 -43.02
C LEU L 46 -23.36 -19.17 -42.17
N LEU L 47 -22.74 -20.35 -42.23
CA LEU L 47 -23.04 -21.50 -41.37
C LEU L 47 -21.85 -21.82 -40.46
N ILE L 48 -20.67 -22.04 -41.06
CA ILE L 48 -19.48 -22.52 -40.39
C ILE L 48 -18.29 -21.65 -40.79
N TYR L 49 -17.45 -21.27 -39.82
CA TYR L 49 -16.13 -20.66 -40.05
C TYR L 49 -15.03 -21.55 -39.48
N ASP L 50 -13.80 -21.39 -39.99
CA ASP L 50 -12.76 -22.41 -39.87
C ASP L 50 -13.27 -23.79 -40.33
N ALA L 51 -12.59 -24.88 -39.95
CA ALA L 51 -13.08 -26.22 -40.29
C ALA L 51 -14.44 -26.54 -39.64
N SER L 52 -14.72 -26.04 -38.43
CA SER L 52 -15.70 -26.68 -37.53
C SER L 52 -16.50 -25.76 -36.59
N ASN L 53 -16.39 -24.43 -36.68
CA ASN L 53 -17.03 -23.54 -35.70
C ASN L 53 -18.35 -23.00 -36.25
N ARG L 54 -19.45 -23.14 -35.50
CA ARG L 54 -20.75 -22.58 -35.93
C ARG L 54 -20.76 -21.06 -35.87
N ALA L 55 -21.26 -20.43 -36.93
CA ALA L 55 -21.49 -18.99 -36.98
C ALA L 55 -22.56 -18.52 -35.99
N THR L 56 -22.67 -17.20 -35.83
CA THR L 56 -23.53 -16.53 -34.84
C THR L 56 -24.98 -17.03 -34.90
N GLY L 57 -25.45 -17.68 -33.84
CA GLY L 57 -26.85 -18.11 -33.71
C GLY L 57 -27.28 -19.29 -34.61
N ILE L 58 -26.38 -19.89 -35.39
CA ILE L 58 -26.65 -21.12 -36.15
C ILE L 58 -26.87 -22.27 -35.16
N PRO L 59 -28.00 -23.01 -35.25
CA PRO L 59 -28.59 -23.64 -34.07
C PRO L 59 -27.78 -24.81 -33.49
N ASP L 60 -27.73 -25.93 -34.20
CA ASP L 60 -27.14 -27.20 -33.73
C ASP L 60 -26.99 -28.21 -34.88
N ARG L 61 -27.94 -28.20 -35.82
CA ARG L 61 -28.07 -29.19 -36.89
C ARG L 61 -26.81 -29.32 -37.75
N PHE L 62 -26.21 -28.19 -38.11
CA PHE L 62 -25.02 -28.13 -38.96
C PHE L 62 -23.75 -28.48 -38.19
N SER L 63 -22.82 -29.19 -38.82
CA SER L 63 -21.45 -29.36 -38.33
C SER L 63 -20.45 -29.44 -39.49
N GLY L 64 -19.26 -28.87 -39.31
CA GLY L 64 -18.19 -28.88 -40.31
C GLY L 64 -17.02 -29.79 -39.91
N SER L 65 -16.42 -30.46 -40.88
CA SER L 65 -15.35 -31.42 -40.64
C SER L 65 -14.33 -31.40 -41.78
N GLY L 66 -13.08 -31.77 -41.48
CA GLY L 66 -12.01 -31.91 -42.47
C GLY L 66 -10.75 -31.13 -42.15
N SER L 67 -9.72 -31.32 -42.97
CA SER L 67 -8.40 -30.68 -42.86
C SER L 67 -7.62 -30.88 -44.16
N GLY L 68 -6.53 -30.13 -44.35
CA GLY L 68 -5.71 -30.24 -45.55
C GLY L 68 -6.47 -29.88 -46.82
N THR L 69 -6.77 -30.88 -47.65
CA THR L 69 -7.43 -30.77 -48.97
C THR L 69 -8.88 -31.22 -49.01
N ASP L 70 -9.39 -31.94 -48.00
CA ASP L 70 -10.69 -32.62 -48.05
C ASP L 70 -11.60 -32.24 -46.86
N PHE L 71 -12.85 -31.85 -47.13
CA PHE L 71 -13.79 -31.30 -46.14
C PHE L 71 -15.24 -31.73 -46.37
N THR L 72 -16.08 -31.66 -45.33
CA THR L 72 -17.50 -31.93 -45.43
C THR L 72 -18.33 -31.08 -44.47
N LEU L 73 -19.55 -30.76 -44.89
CA LEU L 73 -20.63 -30.21 -44.07
C LEU L 73 -21.65 -31.32 -43.85
N THR L 74 -22.01 -31.60 -42.60
CA THR L 74 -23.05 -32.56 -42.23
C THR L 74 -24.21 -31.85 -41.56
N ILE L 75 -25.44 -32.26 -41.85
CA ILE L 75 -26.64 -31.85 -41.13
C ILE L 75 -27.19 -33.08 -40.39
N SER L 76 -27.40 -32.97 -39.08
CA SER L 76 -27.67 -34.13 -38.21
C SER L 76 -28.96 -34.90 -38.59
N ARG L 77 -30.03 -34.15 -38.90
CA ARG L 77 -31.26 -34.61 -39.53
C ARG L 77 -31.97 -33.42 -40.16
N LEU L 78 -32.05 -33.43 -41.49
CA LEU L 78 -32.44 -32.29 -42.30
C LEU L 78 -33.88 -31.84 -42.03
N GLU L 79 -34.07 -30.59 -41.60
CA GLU L 79 -35.41 -30.02 -41.39
C GLU L 79 -35.98 -29.43 -42.68
N PRO L 80 -37.32 -29.27 -42.79
CA PRO L 80 -37.95 -28.76 -44.00
C PRO L 80 -37.60 -27.30 -44.36
N GLU L 81 -37.06 -26.51 -43.42
CA GLU L 81 -36.52 -25.18 -43.71
C GLU L 81 -35.09 -25.17 -44.29
N ASP L 82 -34.32 -26.24 -44.16
CA ASP L 82 -32.90 -26.29 -44.54
C ASP L 82 -32.65 -26.52 -46.04
N PHE L 83 -33.66 -26.93 -46.81
CA PHE L 83 -33.51 -27.18 -48.25
C PHE L 83 -33.17 -25.89 -48.99
N ALA L 84 -31.98 -25.82 -49.58
CA ALA L 84 -31.34 -24.60 -50.07
C ALA L 84 -30.17 -24.93 -51.03
N VAL L 85 -29.56 -23.92 -51.65
CA VAL L 85 -28.21 -24.06 -52.21
C VAL L 85 -27.17 -23.98 -51.09
N TYR L 86 -26.04 -24.66 -51.20
CA TYR L 86 -24.94 -24.66 -50.23
C TYR L 86 -23.57 -24.49 -50.91
N TYR L 87 -22.72 -23.66 -50.31
CA TYR L 87 -21.38 -23.32 -50.83
C TYR L 87 -20.30 -23.57 -49.81
N CYS L 88 -19.19 -24.16 -50.24
CA CYS L 88 -17.91 -24.01 -49.56
C CYS L 88 -17.23 -22.70 -50.00
N GLN L 89 -16.33 -22.16 -49.19
CA GLN L 89 -15.42 -21.07 -49.59
C GLN L 89 -14.05 -21.23 -48.94
N GLN L 90 -13.00 -20.96 -49.72
CA GLN L 90 -11.60 -20.95 -49.33
C GLN L 90 -11.10 -19.52 -49.03
N TYR L 91 -10.24 -19.37 -48.01
CA TYR L 91 -9.51 -18.13 -47.69
C TYR L 91 -8.09 -18.42 -47.18
N ALA L 92 -7.38 -19.32 -47.86
CA ALA L 92 -5.96 -19.58 -47.65
C ALA L 92 -5.04 -18.63 -48.44
N ASN L 93 -5.53 -17.92 -49.46
CA ASN L 93 -4.76 -16.92 -50.22
C ASN L 93 -5.63 -15.79 -50.79
N SER L 94 -5.00 -14.72 -51.30
CA SER L 94 -5.69 -13.49 -51.74
C SER L 94 -6.81 -13.72 -52.77
N ARG L 95 -6.74 -14.77 -53.59
CA ARG L 95 -7.89 -15.25 -54.36
C ARG L 95 -8.79 -16.13 -53.49
N ARG L 96 -9.53 -15.49 -52.59
CA ARG L 96 -10.71 -16.09 -51.95
C ARG L 96 -11.60 -16.67 -53.04
N THR L 97 -12.03 -17.93 -52.89
CA THR L 97 -12.75 -18.66 -53.94
C THR L 97 -13.91 -19.45 -53.34
N PHE L 98 -15.09 -19.34 -53.94
CA PHE L 98 -16.25 -20.17 -53.61
C PHE L 98 -16.29 -21.43 -54.48
N GLY L 99 -16.88 -22.51 -53.98
CA GLY L 99 -17.16 -23.68 -54.81
C GLY L 99 -18.24 -23.45 -55.89
N GLN L 100 -18.50 -24.46 -56.72
CA GLN L 100 -19.56 -24.42 -57.74
C GLN L 100 -20.98 -24.33 -57.14
N GLY L 101 -21.13 -24.61 -55.84
CA GLY L 101 -22.42 -24.74 -55.16
C GLY L 101 -23.06 -26.12 -55.36
N THR L 102 -23.93 -26.49 -54.42
CA THR L 102 -24.71 -27.74 -54.42
C THR L 102 -26.15 -27.39 -54.08
N LYS L 103 -27.16 -27.95 -54.76
CA LYS L 103 -28.57 -27.81 -54.36
C LYS L 103 -29.03 -29.02 -53.54
N VAL L 104 -29.70 -28.78 -52.41
CA VAL L 104 -30.27 -29.83 -51.56
C VAL L 104 -31.78 -29.88 -51.78
N GLU L 105 -32.31 -31.06 -52.08
CA GLU L 105 -33.61 -31.26 -52.73
C GLU L 105 -34.48 -32.27 -51.99
N ILE L 106 -35.78 -31.99 -51.83
CA ILE L 106 -36.71 -32.93 -51.20
C ILE L 106 -36.89 -34.14 -52.12
N LYS L 107 -36.47 -35.33 -51.67
CA LYS L 107 -36.77 -36.61 -52.32
C LYS L 107 -38.20 -37.04 -51.99
N ARG L 108 -38.94 -37.47 -53.02
CA ARG L 108 -40.35 -37.90 -52.96
C ARG L 108 -40.59 -39.07 -53.94
N THR L 109 -41.75 -39.72 -53.86
CA THR L 109 -42.15 -40.72 -54.86
C THR L 109 -42.31 -40.14 -56.28
N VAL L 110 -42.10 -40.95 -57.31
CA VAL L 110 -42.09 -40.53 -58.73
C VAL L 110 -43.47 -40.05 -59.21
N ALA L 111 -43.50 -39.01 -60.05
CA ALA L 111 -44.63 -38.63 -60.89
C ALA L 111 -44.16 -38.24 -62.30
N ALA L 112 -44.83 -38.74 -63.35
CA ALA L 112 -44.45 -38.50 -64.74
C ALA L 112 -45.13 -37.24 -65.34
N PRO L 113 -44.56 -36.61 -66.39
CA PRO L 113 -45.10 -35.39 -67.00
C PRO L 113 -46.33 -35.62 -67.89
N SER L 114 -47.27 -34.67 -67.86
CA SER L 114 -48.29 -34.51 -68.90
C SER L 114 -47.85 -33.44 -69.92
N VAL L 115 -48.16 -33.68 -71.20
CA VAL L 115 -47.73 -32.85 -72.33
C VAL L 115 -48.87 -31.97 -72.82
N PHE L 116 -48.63 -30.69 -73.10
CA PHE L 116 -49.60 -29.78 -73.72
C PHE L 116 -48.97 -29.00 -74.88
N ILE L 117 -49.81 -28.48 -75.78
CA ILE L 117 -49.39 -27.66 -76.93
C ILE L 117 -50.46 -26.60 -77.27
N PHE L 118 -50.06 -25.45 -77.83
CA PHE L 118 -50.97 -24.31 -78.11
C PHE L 118 -50.69 -23.59 -79.44
N PRO L 119 -51.72 -23.26 -80.26
CA PRO L 119 -51.60 -22.41 -81.44
C PRO L 119 -51.30 -20.92 -81.17
N PRO L 120 -50.96 -20.13 -82.22
CA PRO L 120 -50.97 -18.68 -82.20
C PRO L 120 -52.40 -18.09 -82.14
N SER L 121 -52.46 -16.77 -81.92
CA SER L 121 -53.70 -16.00 -81.83
C SER L 121 -53.64 -14.68 -82.60
N ASP L 122 -54.81 -14.09 -82.84
CA ASP L 122 -55.05 -13.04 -83.83
C ASP L 122 -54.13 -11.82 -83.73
N GLU L 123 -53.76 -11.38 -82.52
CA GLU L 123 -52.83 -10.26 -82.32
C GLU L 123 -51.44 -10.52 -82.92
N GLN L 124 -50.92 -11.74 -82.83
CA GLN L 124 -49.68 -12.11 -83.50
C GLN L 124 -49.90 -12.19 -85.01
N LEU L 125 -50.98 -12.84 -85.44
CA LEU L 125 -51.26 -13.06 -86.87
C LEU L 125 -51.47 -11.75 -87.64
N LYS L 126 -52.05 -10.72 -87.01
CA LYS L 126 -52.11 -9.34 -87.57
C LYS L 126 -50.76 -8.62 -87.56
N SER L 127 -49.88 -8.98 -86.62
CA SER L 127 -48.51 -8.47 -86.47
C SER L 127 -47.47 -9.25 -87.31
N GLY L 128 -47.89 -9.90 -88.39
CA GLY L 128 -47.01 -10.68 -89.28
C GLY L 128 -46.40 -11.95 -88.66
N THR L 129 -46.84 -12.36 -87.47
CA THR L 129 -46.10 -13.26 -86.57
C THR L 129 -46.93 -14.46 -86.17
N ALA L 130 -46.31 -15.61 -85.90
CA ALA L 130 -46.96 -16.73 -85.23
C ALA L 130 -46.09 -17.27 -84.09
N SER L 131 -46.71 -17.57 -82.96
CA SER L 131 -46.07 -18.09 -81.74
C SER L 131 -46.81 -19.31 -81.19
N VAL L 132 -46.07 -20.36 -80.88
CA VAL L 132 -46.60 -21.70 -80.53
C VAL L 132 -45.94 -22.16 -79.24
N VAL L 133 -46.68 -22.77 -78.32
CA VAL L 133 -46.17 -23.17 -76.99
C VAL L 133 -46.22 -24.68 -76.80
N CYS L 134 -45.22 -25.24 -76.13
CA CYS L 134 -45.08 -26.62 -75.69
C CYS L 134 -44.82 -26.65 -74.17
N LEU L 135 -45.52 -27.50 -73.41
CA LEU L 135 -45.35 -27.63 -71.96
C LEU L 135 -45.08 -29.07 -71.51
N LEU L 136 -44.25 -29.27 -70.49
CA LEU L 136 -44.31 -30.44 -69.60
C LEU L 136 -44.80 -29.99 -68.23
N ASN L 137 -45.84 -30.62 -67.67
CA ASN L 137 -46.38 -30.22 -66.38
C ASN L 137 -46.11 -31.24 -65.26
N ASN L 138 -45.71 -30.70 -64.10
CA ASN L 138 -45.85 -31.28 -62.76
C ASN L 138 -45.29 -32.71 -62.62
N PHE L 139 -43.97 -32.85 -62.72
CA PHE L 139 -43.27 -34.13 -62.67
C PHE L 139 -42.03 -34.15 -61.75
N TYR L 140 -41.62 -35.35 -61.33
CA TYR L 140 -40.49 -35.61 -60.45
C TYR L 140 -40.03 -37.07 -60.59
N PRO L 141 -38.72 -37.38 -60.71
CA PRO L 141 -37.61 -36.45 -60.90
C PRO L 141 -37.64 -35.81 -62.31
N ARG L 142 -36.85 -34.75 -62.49
CA ARG L 142 -37.05 -33.75 -63.56
C ARG L 142 -36.17 -33.85 -64.81
N GLU L 143 -35.33 -34.86 -64.90
CA GLU L 143 -34.25 -34.99 -65.89
C GLU L 143 -34.71 -35.33 -67.35
N ALA L 144 -35.88 -34.83 -67.75
CA ALA L 144 -36.47 -35.07 -69.07
C ALA L 144 -35.73 -34.34 -70.21
N LYS L 145 -35.87 -34.87 -71.44
CA LYS L 145 -35.47 -34.23 -72.70
C LYS L 145 -36.68 -34.04 -73.61
N VAL L 146 -36.76 -32.94 -74.35
CA VAL L 146 -37.91 -32.57 -75.20
C VAL L 146 -37.46 -31.94 -76.52
N GLN L 147 -38.25 -32.14 -77.59
CA GLN L 147 -38.06 -31.51 -78.90
C GLN L 147 -39.39 -31.22 -79.59
N TRP L 148 -39.43 -30.23 -80.47
CA TRP L 148 -40.66 -29.78 -81.14
C TRP L 148 -41.19 -30.71 -82.23
N LYS L 149 -40.31 -31.48 -82.90
CA LYS L 149 -40.64 -32.57 -83.86
C LYS L 149 -41.78 -32.24 -84.86
N VAL L 150 -41.84 -31.00 -85.36
CA VAL L 150 -42.89 -30.53 -86.28
C VAL L 150 -42.70 -31.17 -87.66
N ASP L 151 -43.75 -31.79 -88.22
CA ASP L 151 -43.65 -32.73 -89.34
C ASP L 151 -42.50 -33.75 -89.13
N ASN L 152 -42.42 -34.28 -87.91
CA ASN L 152 -41.33 -35.10 -87.34
C ASN L 152 -39.94 -34.43 -87.23
N ALA L 153 -39.66 -33.32 -87.94
CA ALA L 153 -38.35 -32.69 -87.98
C ALA L 153 -38.06 -31.79 -86.76
N LEU L 154 -36.79 -31.75 -86.34
CA LEU L 154 -36.33 -30.87 -85.25
C LEU L 154 -36.53 -29.39 -85.60
N GLN L 155 -37.23 -28.66 -84.74
CA GLN L 155 -37.30 -27.20 -84.75
C GLN L 155 -36.59 -26.66 -83.50
N SER L 156 -35.61 -25.77 -83.69
CA SER L 156 -34.67 -25.35 -82.64
C SER L 156 -34.06 -23.97 -82.90
N GLY L 157 -33.80 -23.62 -84.17
CA GLY L 157 -33.15 -22.36 -84.57
C GLY L 157 -33.92 -21.10 -84.18
N ASN L 158 -35.20 -21.23 -83.85
CA ASN L 158 -36.05 -20.15 -83.32
C ASN L 158 -36.56 -20.40 -81.87
N SER L 159 -36.29 -21.58 -81.29
CA SER L 159 -37.08 -22.13 -80.18
C SER L 159 -36.30 -22.28 -78.88
N GLN L 160 -36.76 -21.65 -77.80
CA GLN L 160 -36.08 -21.60 -76.49
C GLN L 160 -36.62 -22.67 -75.51
N GLU L 161 -35.93 -22.86 -74.38
CA GLU L 161 -36.32 -23.72 -73.25
C GLU L 161 -36.36 -22.93 -71.93
N SER L 162 -37.27 -23.30 -71.02
CA SER L 162 -37.37 -22.73 -69.68
C SER L 162 -37.86 -23.76 -68.65
N VAL L 163 -37.55 -23.53 -67.38
CA VAL L 163 -37.74 -24.48 -66.27
C VAL L 163 -38.44 -23.79 -65.09
N THR L 164 -39.18 -24.53 -64.28
CA THR L 164 -39.47 -24.13 -62.89
C THR L 164 -39.18 -25.29 -61.93
N GLU L 165 -38.71 -24.92 -60.74
CA GLU L 165 -38.24 -25.71 -59.61
C GLU L 165 -39.30 -26.60 -58.95
N GLN L 166 -38.92 -27.34 -57.89
CA GLN L 166 -39.87 -27.95 -56.99
C GLN L 166 -40.82 -26.89 -56.40
N ASP L 167 -42.12 -27.05 -56.63
CA ASP L 167 -43.12 -26.31 -55.90
C ASP L 167 -43.11 -26.67 -54.39
N SER L 168 -43.26 -25.68 -53.52
CA SER L 168 -43.14 -25.83 -52.05
C SER L 168 -44.20 -26.74 -51.41
N LYS L 169 -45.32 -26.97 -52.08
CA LYS L 169 -46.46 -27.78 -51.62
C LYS L 169 -46.50 -29.12 -52.34
N ASP L 170 -46.38 -29.09 -53.67
CA ASP L 170 -46.53 -30.25 -54.55
C ASP L 170 -45.24 -31.04 -54.81
N SER L 171 -44.05 -30.43 -54.65
CA SER L 171 -42.76 -31.08 -54.91
C SER L 171 -42.68 -31.70 -56.33
N THR L 172 -42.94 -30.86 -57.35
CA THR L 172 -42.78 -31.20 -58.77
C THR L 172 -42.25 -30.03 -59.60
N TYR L 173 -41.52 -30.36 -60.66
CA TYR L 173 -41.00 -29.46 -61.69
C TYR L 173 -41.94 -29.39 -62.91
N SER L 174 -41.76 -28.37 -63.76
CA SER L 174 -42.43 -28.20 -65.06
C SER L 174 -41.49 -27.52 -66.07
N LEU L 175 -41.73 -27.70 -67.38
CA LEU L 175 -41.02 -27.01 -68.47
C LEU L 175 -41.97 -26.20 -69.35
N SER L 176 -41.47 -25.11 -69.93
CA SER L 176 -42.15 -24.39 -71.01
C SER L 176 -41.18 -24.05 -72.15
N SER L 177 -41.60 -24.28 -73.39
CA SER L 177 -40.86 -23.96 -74.61
C SER L 177 -41.76 -23.24 -75.60
N THR L 178 -41.16 -22.35 -76.41
CA THR L 178 -41.86 -21.58 -77.44
C THR L 178 -41.17 -21.76 -78.80
N LEU L 179 -41.97 -21.90 -79.85
CA LEU L 179 -41.57 -21.80 -81.25
C LEU L 179 -42.18 -20.50 -81.82
N THR L 180 -41.41 -19.66 -82.51
CA THR L 180 -41.92 -18.38 -83.06
C THR L 180 -41.22 -17.99 -84.35
N LEU L 181 -42.00 -17.61 -85.35
CA LEU L 181 -41.56 -17.26 -86.70
C LEU L 181 -42.51 -16.22 -87.33
N SER L 182 -42.20 -15.77 -88.55
CA SER L 182 -43.22 -15.16 -89.42
C SER L 182 -44.45 -16.07 -89.56
N LYS L 183 -45.65 -15.50 -89.62
CA LYS L 183 -46.91 -16.25 -89.85
C LYS L 183 -46.89 -17.06 -91.14
N ALA L 184 -46.14 -16.62 -92.15
CA ALA L 184 -45.98 -17.33 -93.42
C ALA L 184 -45.07 -18.56 -93.33
N ASP L 185 -44.10 -18.56 -92.41
CA ASP L 185 -43.25 -19.74 -92.15
C ASP L 185 -44.00 -20.79 -91.31
N TYR L 186 -44.84 -20.35 -90.37
CA TYR L 186 -45.67 -21.22 -89.53
C TYR L 186 -46.64 -22.11 -90.34
N GLU L 187 -47.03 -21.70 -91.55
CA GLU L 187 -47.84 -22.49 -92.47
C GLU L 187 -47.07 -23.62 -93.21
N LYS L 188 -45.74 -23.66 -93.14
CA LYS L 188 -44.88 -24.64 -93.85
C LYS L 188 -45.08 -26.10 -93.38
N HIS L 189 -45.85 -26.31 -92.32
CA HIS L 189 -46.05 -27.59 -91.64
C HIS L 189 -47.52 -27.90 -91.39
N LYS L 190 -47.84 -29.14 -91.01
CA LYS L 190 -49.22 -29.53 -90.63
C LYS L 190 -49.31 -30.40 -89.37
N VAL L 191 -48.21 -30.97 -88.87
CA VAL L 191 -48.15 -31.77 -87.63
C VAL L 191 -47.21 -31.12 -86.62
N TYR L 192 -47.71 -30.17 -85.85
CA TYR L 192 -47.02 -29.64 -84.66
C TYR L 192 -47.18 -30.64 -83.52
N ALA L 193 -46.11 -31.37 -83.17
CA ALA L 193 -46.20 -32.52 -82.27
C ALA L 193 -44.93 -32.72 -81.43
N CYS L 194 -44.83 -32.01 -80.30
CA CYS L 194 -43.69 -32.05 -79.38
C CYS L 194 -43.56 -33.41 -78.66
N GLU L 195 -42.31 -33.85 -78.44
CA GLU L 195 -41.95 -35.10 -77.76
C GLU L 195 -41.42 -34.90 -76.33
N VAL L 196 -41.47 -35.96 -75.52
CA VAL L 196 -40.78 -36.06 -74.21
C VAL L 196 -40.12 -37.42 -74.03
N THR L 197 -38.87 -37.42 -73.55
CA THR L 197 -38.15 -38.60 -73.03
C THR L 197 -37.92 -38.40 -71.53
N HIS L 198 -38.34 -39.36 -70.70
CA HIS L 198 -38.36 -39.24 -69.23
C HIS L 198 -38.10 -40.59 -68.54
N GLN L 199 -37.65 -40.54 -67.29
CA GLN L 199 -37.27 -41.70 -66.47
C GLN L 199 -38.46 -42.36 -65.75
N GLY L 200 -39.54 -41.62 -65.50
CA GLY L 200 -40.79 -42.15 -64.92
C GLY L 200 -41.78 -42.70 -65.96
N LEU L 201 -41.73 -42.20 -67.20
CA LEU L 201 -42.41 -42.80 -68.36
C LEU L 201 -41.78 -44.14 -68.78
N SER L 202 -42.57 -45.05 -69.37
CA SER L 202 -42.09 -46.36 -69.85
C SER L 202 -41.38 -46.29 -71.22
N SER L 203 -41.71 -45.29 -72.03
CA SER L 203 -41.25 -45.04 -73.40
C SER L 203 -41.51 -43.56 -73.72
N PRO L 204 -40.83 -42.91 -74.68
CA PRO L 204 -41.15 -41.54 -75.06
C PRO L 204 -42.63 -41.30 -75.40
N VAL L 205 -43.13 -40.10 -75.09
CA VAL L 205 -44.53 -39.69 -75.31
C VAL L 205 -44.57 -38.48 -76.25
N THR L 206 -45.65 -38.32 -77.01
CA THR L 206 -45.87 -37.20 -77.94
C THR L 206 -47.37 -36.90 -78.06
N LYS L 207 -47.75 -35.63 -78.30
CA LYS L 207 -49.14 -35.22 -78.58
C LYS L 207 -49.16 -34.23 -79.74
N SER L 208 -50.18 -34.31 -80.60
CA SER L 208 -50.15 -33.71 -81.94
C SER L 208 -51.26 -32.69 -82.17
N PHE L 209 -50.97 -31.68 -82.98
CA PHE L 209 -51.86 -30.57 -83.32
C PHE L 209 -51.62 -30.07 -84.77
N ASN L 210 -52.62 -29.43 -85.39
CA ASN L 210 -52.56 -29.02 -86.80
C ASN L 210 -52.88 -27.52 -86.97
N ARG L 211 -52.10 -26.82 -87.79
CA ARG L 211 -52.39 -25.41 -88.12
C ARG L 211 -53.64 -25.29 -89.00
N GLY L 212 -54.43 -24.23 -88.79
CA GLY L 212 -55.69 -24.00 -89.50
C GLY L 212 -56.96 -24.49 -88.78
N GLU L 213 -56.87 -25.04 -87.57
CA GLU L 213 -58.02 -25.38 -86.70
C GLU L 213 -57.82 -24.99 -85.22
N GLN M 1 -28.35 -7.67 -34.36
CA GLN M 1 -26.89 -7.92 -34.43
C GLN M 1 -26.19 -6.81 -35.22
N VAL M 2 -26.21 -6.85 -36.56
CA VAL M 2 -25.60 -5.89 -37.51
C VAL M 2 -26.34 -5.97 -38.84
N GLN M 3 -26.34 -4.93 -39.67
CA GLN M 3 -26.90 -5.02 -41.03
C GLN M 3 -26.19 -4.13 -42.05
N LEU M 4 -26.26 -4.52 -43.32
CA LEU M 4 -25.76 -3.78 -44.46
C LEU M 4 -26.92 -3.50 -45.44
N VAL M 5 -26.94 -2.30 -46.02
CA VAL M 5 -27.97 -1.82 -46.94
C VAL M 5 -27.30 -1.13 -48.12
N GLN M 6 -27.78 -1.35 -49.33
CA GLN M 6 -27.10 -0.90 -50.55
C GLN M 6 -28.09 -0.40 -51.61
N SER M 7 -27.59 0.35 -52.60
CA SER M 7 -28.37 0.93 -53.69
C SER M 7 -29.39 -0.03 -54.31
N GLY M 8 -30.54 0.51 -54.73
CA GLY M 8 -31.49 -0.21 -55.57
C GLY M 8 -30.89 -0.66 -56.91
N ALA M 9 -31.47 -1.71 -57.50
CA ALA M 9 -31.03 -2.28 -58.76
C ALA M 9 -31.12 -1.27 -59.92
N GLU M 10 -30.28 -1.44 -60.94
CA GLU M 10 -30.08 -0.42 -61.98
C GLU M 10 -29.84 -1.04 -63.38
N VAL M 11 -30.25 -0.33 -64.43
CA VAL M 11 -30.15 -0.77 -65.83
C VAL M 11 -29.45 0.30 -66.69
N LYS M 12 -28.48 -0.12 -67.52
CA LYS M 12 -27.52 0.77 -68.20
C LYS M 12 -27.13 0.31 -69.60
N LYS M 13 -26.78 1.29 -70.46
CA LYS M 13 -26.18 1.07 -71.79
C LYS M 13 -24.71 0.62 -71.67
N PRO M 14 -24.22 -0.34 -72.47
CA PRO M 14 -22.82 -0.77 -72.43
C PRO M 14 -21.86 0.34 -72.90
N GLY M 15 -20.64 0.33 -72.36
CA GLY M 15 -19.63 1.38 -72.57
C GLY M 15 -19.79 2.60 -71.65
N SER M 16 -20.91 2.71 -70.92
CA SER M 16 -21.05 3.65 -69.80
C SER M 16 -20.40 3.10 -68.52
N ALA M 17 -20.69 3.72 -67.38
CA ALA M 17 -20.25 3.28 -66.05
C ALA M 17 -21.39 3.46 -65.03
N VAL M 18 -21.31 2.76 -63.90
CA VAL M 18 -22.29 2.86 -62.80
C VAL M 18 -21.62 2.67 -61.44
N LYS M 19 -22.10 3.38 -60.42
CA LYS M 19 -21.60 3.26 -59.04
C LYS M 19 -22.65 2.66 -58.13
N VAL M 20 -22.30 1.61 -57.39
CA VAL M 20 -23.15 1.01 -56.36
C VAL M 20 -22.69 1.51 -55.01
N SER M 21 -23.60 2.00 -54.17
CA SER M 21 -23.31 2.47 -52.82
C SER M 21 -23.82 1.50 -51.76
N CYS M 22 -23.02 1.29 -50.72
CA CYS M 22 -23.30 0.44 -49.57
C CYS M 22 -23.16 1.24 -48.27
N LYS M 23 -23.98 0.92 -47.28
CA LYS M 23 -23.90 1.42 -45.91
C LYS M 23 -23.96 0.25 -44.93
N ALA M 24 -23.19 0.28 -43.86
CA ALA M 24 -23.19 -0.75 -42.81
C ALA M 24 -23.36 -0.10 -41.44
N SER M 25 -24.02 -0.77 -40.49
CA SER M 25 -24.24 -0.19 -39.14
C SER M 25 -24.54 -1.21 -38.05
N GLY M 26 -24.35 -0.79 -36.80
CA GLY M 26 -24.94 -1.42 -35.62
C GLY M 26 -24.12 -2.53 -34.94
N GLY M 27 -23.04 -3.01 -35.56
CA GLY M 27 -22.14 -3.96 -34.93
C GLY M 27 -21.29 -3.31 -33.82
N THR M 28 -20.77 -4.11 -32.89
CA THR M 28 -19.86 -3.60 -31.84
C THR M 28 -18.45 -3.28 -32.37
N LEU M 29 -17.95 -4.03 -33.36
CA LEU M 29 -16.59 -3.89 -33.89
C LEU M 29 -16.39 -2.62 -34.72
N ARG M 30 -15.20 -2.03 -34.68
CA ARG M 30 -14.89 -0.71 -35.26
C ARG M 30 -14.24 -0.72 -36.66
N LYS M 31 -13.26 -1.58 -36.92
CA LYS M 31 -12.32 -1.40 -38.07
C LYS M 31 -12.24 -2.58 -39.04
N TYR M 32 -13.35 -3.28 -39.24
CA TYR M 32 -13.50 -4.32 -40.26
C TYR M 32 -13.31 -3.78 -41.69
N ALA M 33 -13.01 -4.64 -42.65
CA ALA M 33 -13.08 -4.28 -44.06
C ALA M 33 -14.52 -4.41 -44.58
N ILE M 34 -14.87 -3.66 -45.63
CA ILE M 34 -16.07 -3.92 -46.43
C ILE M 34 -15.63 -4.36 -47.81
N SER M 35 -16.23 -5.44 -48.30
CA SER M 35 -15.83 -6.13 -49.52
C SER M 35 -16.98 -6.34 -50.48
N TRP M 36 -16.69 -6.32 -51.78
CA TRP M 36 -17.65 -6.50 -52.85
C TRP M 36 -17.46 -7.83 -53.57
N LEU M 37 -18.55 -8.55 -53.75
CA LEU M 37 -18.61 -9.81 -54.49
C LEU M 37 -19.67 -9.73 -55.59
N ARG M 38 -19.54 -10.54 -56.65
CA ARG M 38 -20.55 -10.57 -57.72
C ARG M 38 -20.82 -11.95 -58.27
N GLN M 39 -22.01 -12.09 -58.85
CA GLN M 39 -22.58 -13.35 -59.28
C GLN M 39 -23.44 -13.14 -60.54
N ALA M 40 -22.91 -13.56 -61.70
CA ALA M 40 -23.74 -13.79 -62.88
C ALA M 40 -24.74 -14.92 -62.54
N PRO M 41 -26.05 -14.80 -62.84
CA PRO M 41 -27.11 -15.58 -62.20
C PRO M 41 -26.85 -17.10 -62.10
N GLY M 42 -26.50 -17.56 -60.90
CA GLY M 42 -26.17 -18.96 -60.60
C GLY M 42 -24.90 -19.52 -61.25
N GLN M 43 -24.18 -18.74 -62.06
CA GLN M 43 -23.01 -19.19 -62.82
C GLN M 43 -21.71 -19.21 -62.00
N GLY M 44 -21.69 -18.53 -60.84
CA GLY M 44 -20.53 -18.46 -59.94
C GLY M 44 -20.74 -17.46 -58.81
N LEU M 45 -19.68 -17.21 -58.05
CA LEU M 45 -19.64 -16.22 -56.97
C LEU M 45 -18.19 -15.74 -56.77
N GLU M 46 -17.88 -14.52 -57.19
CA GLU M 46 -16.52 -13.97 -57.28
C GLU M 46 -16.30 -12.84 -56.26
N TRP M 47 -15.26 -12.93 -55.43
CA TRP M 47 -14.79 -11.79 -54.64
C TRP M 47 -14.02 -10.82 -55.54
N MET M 48 -14.37 -9.53 -55.51
CA MET M 48 -13.79 -8.52 -56.40
C MET M 48 -12.70 -7.70 -55.74
N GLY M 49 -12.88 -7.37 -54.46
CA GLY M 49 -12.03 -6.42 -53.75
C GLY M 49 -12.71 -5.86 -52.51
N GLY M 50 -12.09 -4.85 -51.91
CA GLY M 50 -12.59 -4.18 -50.73
C GLY M 50 -11.73 -2.99 -50.30
N ILE M 51 -12.16 -2.35 -49.22
CA ILE M 51 -11.49 -1.24 -48.56
C ILE M 51 -11.61 -1.41 -47.05
N ILE M 52 -10.76 -0.72 -46.31
CA ILE M 52 -10.98 -0.55 -44.88
C ILE M 52 -11.42 0.91 -44.72
N PRO M 53 -12.65 1.21 -44.31
CA PRO M 53 -13.19 2.56 -44.43
C PRO M 53 -12.44 3.60 -43.60
N ILE M 54 -11.69 3.16 -42.58
CA ILE M 54 -10.79 4.01 -41.79
C ILE M 54 -9.54 4.41 -42.59
N PHE M 55 -8.87 3.46 -43.27
CA PHE M 55 -7.58 3.69 -43.94
C PHE M 55 -7.70 4.00 -45.42
N GLY M 56 -8.88 3.88 -46.03
CA GLY M 56 -8.98 3.75 -47.50
C GLY M 56 -8.36 2.43 -47.92
N THR M 57 -7.16 2.46 -48.49
CA THR M 57 -6.34 1.26 -48.74
C THR M 57 -7.09 0.24 -49.60
N ALA M 58 -7.54 0.69 -50.76
CA ALA M 58 -8.28 -0.16 -51.69
C ALA M 58 -7.46 -1.37 -52.15
N ASN M 59 -8.11 -2.52 -52.17
CA ASN M 59 -7.51 -3.81 -52.40
C ASN M 59 -8.37 -4.62 -53.38
N TYR M 60 -7.76 -5.29 -54.36
CA TYR M 60 -8.47 -5.86 -55.50
C TYR M 60 -8.05 -7.29 -55.79
N ALA M 61 -8.99 -8.15 -56.17
CA ALA M 61 -8.68 -9.35 -56.91
C ALA M 61 -8.20 -8.95 -58.31
N GLN M 62 -7.07 -9.49 -58.77
CA GLN M 62 -6.39 -9.00 -59.98
C GLN M 62 -7.29 -8.99 -61.23
N LYS M 63 -8.25 -9.92 -61.31
CA LYS M 63 -9.26 -10.05 -62.37
C LYS M 63 -10.10 -8.79 -62.61
N PHE M 64 -10.25 -7.92 -61.62
CA PHE M 64 -11.11 -6.72 -61.72
C PHE M 64 -10.34 -5.41 -61.88
N GLN M 65 -9.01 -5.40 -61.72
CA GLN M 65 -8.24 -4.16 -61.87
C GLN M 65 -8.36 -3.58 -63.28
N GLY M 66 -8.55 -2.27 -63.37
CA GLY M 66 -8.89 -1.55 -64.60
C GLY M 66 -10.40 -1.49 -64.91
N ARG M 67 -11.15 -2.57 -64.68
CA ARG M 67 -12.62 -2.63 -64.91
C ARG M 67 -13.46 -2.14 -63.72
N VAL M 68 -12.84 -1.92 -62.55
CA VAL M 68 -13.51 -1.40 -61.35
C VAL M 68 -12.61 -0.46 -60.54
N THR M 69 -13.23 0.42 -59.77
CA THR M 69 -12.61 1.19 -58.68
C THR M 69 -13.44 1.00 -57.41
N ILE M 70 -12.82 0.98 -56.24
CA ILE M 70 -13.48 0.89 -54.94
C ILE M 70 -13.10 2.10 -54.09
N THR M 71 -14.06 2.64 -53.35
CA THR M 71 -13.86 3.79 -52.44
C THR M 71 -14.73 3.65 -51.20
N ALA M 72 -14.43 4.43 -50.17
CA ALA M 72 -15.27 4.56 -48.98
C ALA M 72 -15.17 6.00 -48.45
N ASP M 73 -16.19 6.44 -47.71
CA ASP M 73 -16.23 7.79 -47.17
C ASP M 73 -15.86 7.80 -45.70
N GLU M 74 -14.80 8.50 -45.36
CA GLU M 74 -14.51 8.91 -43.98
C GLU M 74 -15.49 10.02 -43.54
N SER M 75 -15.66 10.16 -42.23
CA SER M 75 -16.68 11.00 -41.60
C SER M 75 -16.12 11.72 -40.37
N THR M 76 -16.82 12.75 -39.87
CA THR M 76 -16.45 13.52 -38.67
C THR M 76 -16.63 12.75 -37.36
N THR M 77 -16.42 11.43 -37.37
CA THR M 77 -16.44 10.56 -36.19
C THR M 77 -15.27 10.89 -35.26
N THR M 78 -15.58 11.31 -34.04
CA THR M 78 -14.58 11.67 -33.03
C THR M 78 -13.83 10.44 -32.50
N PRO M 79 -12.65 10.59 -31.85
CA PRO M 79 -11.94 9.46 -31.24
C PRO M 79 -12.79 8.65 -30.25
N TYR M 80 -13.74 9.28 -29.55
CA TYR M 80 -14.69 8.61 -28.67
C TYR M 80 -15.93 8.04 -29.42
N THR M 81 -16.42 8.74 -30.46
CA THR M 81 -17.59 8.40 -31.30
C THR M 81 -18.94 8.36 -30.56
N THR M 82 -19.12 7.50 -29.54
CA THR M 82 -20.32 7.37 -28.68
C THR M 82 -21.65 7.38 -29.45
N THR M 83 -21.77 6.50 -30.44
CA THR M 83 -22.99 6.18 -31.21
C THR M 83 -22.94 4.69 -31.58
N PRO M 84 -24.01 4.09 -32.15
CA PRO M 84 -23.81 2.96 -33.04
C PRO M 84 -22.85 3.36 -34.17
N TYR M 85 -21.89 2.50 -34.50
CA TYR M 85 -20.91 2.81 -35.55
C TYR M 85 -21.50 2.59 -36.94
N THR M 86 -20.98 3.30 -37.95
CA THR M 86 -21.46 3.26 -39.33
C THR M 86 -20.33 3.39 -40.35
N SER M 87 -20.54 2.93 -41.58
CA SER M 87 -19.55 3.01 -42.68
C SER M 87 -20.25 3.17 -44.03
N THR M 88 -19.59 3.75 -45.04
CA THR M 88 -20.13 3.89 -46.41
C THR M 88 -19.09 3.48 -47.44
N ALA M 89 -19.45 2.68 -48.43
CA ALA M 89 -18.52 2.08 -49.39
C ALA M 89 -19.10 1.99 -50.81
N TYR M 90 -18.26 1.85 -51.84
CA TYR M 90 -18.70 1.84 -53.24
C TYR M 90 -17.88 0.92 -54.14
N ILE M 91 -18.50 0.38 -55.19
CA ILE M 91 -17.84 -0.08 -56.42
C ILE M 91 -18.28 0.82 -57.56
N GLU M 92 -17.34 1.40 -58.30
CA GLU M 92 -17.62 2.04 -59.59
C GLU M 92 -17.23 1.07 -60.71
N LEU M 93 -18.23 0.41 -61.28
CA LEU M 93 -18.11 -0.46 -62.45
C LEU M 93 -17.98 0.41 -63.69
N THR M 94 -16.95 0.20 -64.50
CA THR M 94 -16.58 1.16 -65.56
C THR M 94 -16.14 0.45 -66.84
N SER M 95 -16.36 1.10 -67.98
CA SER M 95 -16.28 0.49 -69.32
C SER M 95 -17.17 -0.76 -69.44
N LEU M 96 -18.46 -0.61 -69.11
CA LEU M 96 -19.41 -1.74 -68.97
C LEU M 96 -19.52 -2.63 -70.22
N ARG M 97 -19.54 -3.94 -70.03
CA ARG M 97 -19.80 -4.98 -71.04
C ARG M 97 -21.06 -5.75 -70.63
N SER M 98 -21.82 -6.32 -71.57
CA SER M 98 -23.07 -7.00 -71.20
C SER M 98 -22.84 -8.19 -70.25
N GLU M 99 -21.67 -8.84 -70.33
CA GLU M 99 -21.21 -9.88 -69.40
C GLU M 99 -21.06 -9.41 -67.93
N ASP M 100 -21.01 -8.10 -67.66
CA ASP M 100 -21.04 -7.55 -66.29
C ASP M 100 -22.43 -7.66 -65.63
N THR M 101 -23.47 -8.04 -66.38
CA THR M 101 -24.82 -8.23 -65.87
C THR M 101 -24.85 -9.32 -64.81
N ALA M 102 -25.08 -8.93 -63.55
CA ALA M 102 -24.93 -9.78 -62.38
C ALA M 102 -25.60 -9.17 -61.15
N VAL M 103 -25.80 -9.97 -60.10
CA VAL M 103 -26.06 -9.43 -58.76
C VAL M 103 -24.74 -9.20 -58.03
N TYR M 104 -24.62 -8.03 -57.41
CA TYR M 104 -23.46 -7.56 -56.65
C TYR M 104 -23.83 -7.50 -55.17
N TYR M 105 -23.02 -8.10 -54.32
CA TYR M 105 -23.18 -8.12 -52.87
C TYR M 105 -22.08 -7.29 -52.20
N CYS M 106 -22.45 -6.46 -51.23
CA CYS M 106 -21.50 -6.01 -50.22
C CYS M 106 -21.48 -7.02 -49.07
N ALA M 107 -20.33 -7.22 -48.43
CA ALA M 107 -20.20 -8.06 -47.26
C ALA M 107 -19.09 -7.58 -46.31
N ARG M 108 -19.26 -7.82 -45.02
CA ARG M 108 -18.28 -7.52 -43.98
C ARG M 108 -17.16 -8.55 -43.96
N ASP M 109 -15.91 -8.09 -43.99
CA ASP M 109 -14.71 -8.94 -43.98
C ASP M 109 -13.85 -8.61 -42.74
N LEU M 110 -13.63 -9.60 -41.89
CA LEU M 110 -12.92 -9.46 -40.61
C LEU M 110 -11.40 -9.58 -40.75
N GLY M 111 -10.86 -9.63 -41.96
CA GLY M 111 -9.45 -9.89 -42.23
C GLY M 111 -8.46 -9.01 -41.47
N PRO M 112 -8.61 -7.67 -41.44
CA PRO M 112 -7.75 -6.79 -40.66
C PRO M 112 -7.78 -7.11 -39.18
N LEU M 113 -8.98 -7.23 -38.60
CA LEU M 113 -9.15 -7.45 -37.16
C LEU M 113 -8.64 -8.83 -36.72
N THR M 114 -8.77 -9.84 -37.56
CA THR M 114 -8.30 -11.21 -37.30
C THR M 114 -6.81 -11.36 -37.60
N GLY M 115 -6.00 -10.47 -37.01
CA GLY M 115 -4.55 -10.52 -37.12
C GLY M 115 -4.00 -10.23 -38.51
N TYR M 116 -4.61 -9.32 -39.26
CA TYR M 116 -4.19 -8.95 -40.63
C TYR M 116 -3.97 -10.16 -41.54
N SER M 117 -5.03 -10.95 -41.67
CA SER M 117 -5.06 -12.17 -42.47
C SER M 117 -6.30 -12.19 -43.37
N TYR M 118 -6.44 -13.18 -44.24
CA TYR M 118 -7.66 -13.34 -45.01
C TYR M 118 -8.82 -13.80 -44.12
N SER M 119 -10.06 -13.49 -44.50
CA SER M 119 -11.22 -14.01 -43.77
C SER M 119 -12.41 -14.36 -44.65
N TYR M 120 -13.35 -15.10 -44.07
CA TYR M 120 -14.67 -15.40 -44.60
C TYR M 120 -15.61 -14.18 -44.56
N PHE M 121 -16.69 -14.21 -45.32
CA PHE M 121 -17.61 -13.07 -45.41
C PHE M 121 -18.72 -13.21 -44.36
N ASP M 122 -18.62 -12.38 -43.33
CA ASP M 122 -19.26 -12.55 -42.03
C ASP M 122 -20.76 -12.18 -42.02
N TYR M 123 -21.11 -11.07 -42.65
CA TYR M 123 -22.48 -10.57 -42.81
C TYR M 123 -22.61 -9.93 -44.19
N TRP M 124 -23.81 -10.01 -44.77
CA TRP M 124 -24.06 -9.72 -46.17
C TRP M 124 -25.18 -8.69 -46.33
N GLY M 125 -25.07 -7.84 -47.35
CA GLY M 125 -26.19 -6.99 -47.80
C GLY M 125 -27.33 -7.81 -48.41
N GLN M 126 -28.37 -7.12 -48.88
CA GLN M 126 -29.48 -7.75 -49.62
C GLN M 126 -29.05 -8.30 -50.98
N GLY M 127 -27.93 -7.80 -51.52
CA GLY M 127 -27.58 -7.95 -52.93
C GLY M 127 -28.37 -6.98 -53.80
N THR M 128 -27.78 -6.56 -54.92
CA THR M 128 -28.44 -5.66 -55.87
C THR M 128 -28.02 -5.94 -57.32
N LEU M 129 -28.91 -5.70 -58.27
CA LEU M 129 -28.81 -6.19 -59.65
C LEU M 129 -28.38 -5.09 -60.62
N VAL M 130 -27.36 -5.35 -61.43
CA VAL M 130 -26.94 -4.48 -62.53
C VAL M 130 -27.28 -5.15 -63.85
N THR M 131 -28.05 -4.48 -64.71
CA THR M 131 -28.42 -4.98 -66.05
C THR M 131 -27.72 -4.15 -67.12
N VAL M 132 -26.94 -4.78 -68.01
CA VAL M 132 -26.21 -4.08 -69.07
C VAL M 132 -26.69 -4.52 -70.46
N SER M 133 -27.33 -3.61 -71.20
CA SER M 133 -27.75 -3.83 -72.59
C SER M 133 -28.07 -2.53 -73.34
N SER M 134 -28.02 -2.55 -74.67
CA SER M 134 -28.32 -1.39 -75.54
C SER M 134 -29.82 -1.17 -75.78
N ALA M 135 -30.67 -2.15 -75.49
CA ALA M 135 -32.11 -2.14 -75.76
C ALA M 135 -32.87 -0.91 -75.20
N SER M 136 -33.95 -0.52 -75.89
CA SER M 136 -34.91 0.49 -75.42
C SER M 136 -35.95 -0.13 -74.48
N THR M 137 -36.56 0.67 -73.61
CA THR M 137 -37.56 0.26 -72.60
C THR M 137 -38.93 -0.09 -73.21
N LYS M 138 -38.95 -1.07 -74.11
CA LYS M 138 -40.16 -1.58 -74.77
C LYS M 138 -41.12 -2.27 -73.79
N GLY M 139 -42.38 -1.86 -73.80
CA GLY M 139 -43.47 -2.58 -73.13
C GLY M 139 -43.94 -3.80 -73.92
N PRO M 140 -44.44 -4.86 -73.25
CA PRO M 140 -44.59 -6.18 -73.84
C PRO M 140 -45.60 -6.28 -74.99
N SER M 141 -45.39 -7.29 -75.84
CA SER M 141 -46.47 -7.95 -76.60
C SER M 141 -47.27 -8.81 -75.62
N VAL M 142 -48.59 -8.62 -75.56
CA VAL M 142 -49.44 -9.12 -74.47
C VAL M 142 -50.60 -10.00 -74.94
N PHE M 143 -50.50 -10.59 -76.13
CA PHE M 143 -51.56 -11.39 -76.75
C PHE M 143 -52.05 -12.58 -75.88
N PRO M 144 -53.32 -13.02 -76.00
CA PRO M 144 -53.81 -14.20 -75.32
C PRO M 144 -53.29 -15.48 -75.99
N LEU M 145 -52.80 -16.45 -75.21
CA LEU M 145 -52.44 -17.77 -75.74
C LEU M 145 -53.73 -18.55 -76.04
N ALA M 146 -53.87 -19.12 -77.24
CA ALA M 146 -55.07 -19.85 -77.63
C ALA M 146 -54.96 -21.34 -77.23
N PRO M 147 -55.87 -21.91 -76.42
CA PRO M 147 -55.95 -23.36 -76.22
C PRO M 147 -56.12 -24.11 -77.55
N SER M 148 -55.45 -25.25 -77.67
CA SER M 148 -55.45 -26.09 -78.88
C SER M 148 -56.77 -26.84 -79.13
N SER M 149 -56.89 -27.48 -80.29
CA SER M 149 -58.03 -28.33 -80.68
C SER M 149 -58.26 -29.42 -79.62
N LYS M 150 -59.41 -29.33 -78.92
CA LYS M 150 -59.59 -29.87 -77.58
C LYS M 150 -59.54 -31.40 -77.54
N SER M 151 -58.76 -31.96 -76.61
CA SER M 151 -58.66 -33.42 -76.37
C SER M 151 -59.87 -34.03 -75.65
N THR M 152 -60.80 -33.20 -75.16
CA THR M 152 -62.05 -33.59 -74.47
C THR M 152 -61.85 -34.32 -73.12
N SER M 153 -62.96 -34.65 -72.45
CA SER M 153 -63.04 -35.17 -71.07
C SER M 153 -62.50 -36.60 -70.87
N GLY M 154 -62.51 -37.08 -69.63
CA GLY M 154 -61.85 -38.33 -69.20
C GLY M 154 -60.41 -38.14 -68.73
N GLY M 155 -59.96 -36.89 -68.57
CA GLY M 155 -58.59 -36.53 -68.19
C GLY M 155 -58.38 -35.03 -68.13
N THR M 156 -57.12 -34.61 -68.27
CA THR M 156 -56.64 -33.22 -68.16
C THR M 156 -56.13 -32.70 -69.50
N ALA M 157 -56.35 -31.41 -69.77
CA ALA M 157 -56.09 -30.74 -71.05
C ALA M 157 -55.49 -29.33 -70.87
N ALA M 158 -54.93 -28.80 -71.97
CA ALA M 158 -54.16 -27.57 -72.00
C ALA M 158 -54.97 -26.30 -71.67
N LEU M 159 -54.38 -25.39 -70.88
CA LEU M 159 -54.88 -24.04 -70.61
C LEU M 159 -53.74 -23.14 -70.11
N GLY M 160 -53.60 -21.94 -70.64
CA GLY M 160 -52.53 -21.02 -70.25
C GLY M 160 -52.53 -19.68 -70.99
N CYS M 161 -51.42 -18.95 -70.85
CA CYS M 161 -51.21 -17.56 -71.22
C CYS M 161 -49.72 -17.32 -71.56
N LEU M 162 -49.42 -16.30 -72.36
CA LEU M 162 -48.07 -15.93 -72.83
C LEU M 162 -47.89 -14.40 -72.81
N VAL M 163 -46.69 -13.93 -72.47
CA VAL M 163 -46.24 -12.53 -72.49
C VAL M 163 -44.86 -12.47 -73.15
N LYS M 164 -44.63 -11.53 -74.06
CA LYS M 164 -43.38 -11.48 -74.85
C LYS M 164 -42.88 -10.06 -75.06
N ASP M 165 -41.67 -9.93 -75.58
CA ASP M 165 -41.19 -8.73 -76.27
C ASP M 165 -41.10 -7.47 -75.39
N TYR M 166 -40.53 -7.58 -74.19
CA TYR M 166 -40.31 -6.44 -73.28
C TYR M 166 -38.85 -6.29 -72.88
N PHE M 167 -38.44 -5.07 -72.54
CA PHE M 167 -37.20 -4.78 -71.79
C PHE M 167 -37.56 -4.31 -70.37
N PRO M 168 -36.58 -4.10 -69.45
CA PRO M 168 -36.82 -4.27 -68.01
C PRO M 168 -37.64 -5.50 -67.61
N GLU M 169 -36.95 -6.51 -67.14
CA GLU M 169 -37.49 -7.82 -66.75
C GLU M 169 -38.64 -7.83 -65.71
N PRO M 170 -38.78 -6.88 -64.76
CA PRO M 170 -39.78 -6.93 -63.68
C PRO M 170 -41.27 -6.77 -64.04
N VAL M 171 -41.80 -7.51 -65.02
CA VAL M 171 -43.27 -7.70 -65.19
C VAL M 171 -43.89 -8.48 -64.02
N THR M 172 -45.21 -8.38 -63.84
CA THR M 172 -46.00 -9.28 -62.97
C THR M 172 -47.33 -9.66 -63.63
N VAL M 173 -47.95 -10.77 -63.19
CA VAL M 173 -49.21 -11.30 -63.77
C VAL M 173 -50.16 -11.81 -62.67
N SER M 174 -51.47 -11.88 -62.94
CA SER M 174 -52.46 -12.37 -61.96
C SER M 174 -53.79 -12.83 -62.60
N TRP M 175 -54.13 -14.10 -62.44
CA TRP M 175 -55.38 -14.72 -62.92
C TRP M 175 -56.60 -14.31 -62.09
N ASN M 176 -57.68 -13.91 -62.75
CA ASN M 176 -58.95 -13.49 -62.15
C ASN M 176 -58.76 -12.49 -60.98
N SER M 177 -57.76 -11.62 -61.11
CA SER M 177 -57.30 -10.64 -60.10
C SER M 177 -57.03 -11.27 -58.72
N GLY M 178 -56.48 -12.48 -58.71
CA GLY M 178 -56.11 -13.23 -57.50
C GLY M 178 -57.15 -14.25 -57.04
N ALA M 179 -58.33 -14.34 -57.67
CA ALA M 179 -59.33 -15.36 -57.33
C ALA M 179 -58.91 -16.79 -57.74
N LEU M 180 -57.95 -16.94 -58.66
CA LEU M 180 -57.26 -18.20 -58.94
C LEU M 180 -55.82 -18.16 -58.40
N THR M 181 -55.46 -19.16 -57.59
CA THR M 181 -54.20 -19.21 -56.83
C THR M 181 -53.45 -20.53 -57.04
N SER M 182 -54.01 -21.65 -56.57
CA SER M 182 -53.52 -23.01 -56.84
C SER M 182 -53.66 -23.39 -58.32
N GLY M 183 -52.85 -24.35 -58.78
CA GLY M 183 -52.84 -24.84 -60.16
C GLY M 183 -52.11 -23.95 -61.16
N VAL M 184 -51.83 -22.69 -60.80
CA VAL M 184 -51.03 -21.75 -61.61
C VAL M 184 -49.54 -22.05 -61.51
N HIS M 185 -48.88 -22.39 -62.62
CA HIS M 185 -47.42 -22.30 -62.77
C HIS M 185 -47.09 -21.12 -63.68
N THR M 186 -46.22 -20.20 -63.25
CA THR M 186 -45.70 -19.11 -64.10
C THR M 186 -44.21 -19.33 -64.33
N PHE M 187 -43.81 -19.53 -65.59
CA PHE M 187 -42.42 -19.78 -65.97
C PHE M 187 -41.63 -18.48 -65.93
N PRO M 188 -40.55 -18.41 -65.13
CA PRO M 188 -40.09 -17.13 -64.57
C PRO M 188 -39.52 -16.16 -65.61
N ALA M 189 -38.64 -16.64 -66.50
CA ALA M 189 -38.00 -15.80 -67.50
C ALA M 189 -37.47 -16.61 -68.70
N VAL M 190 -37.29 -15.90 -69.82
CA VAL M 190 -36.58 -16.32 -71.03
C VAL M 190 -35.89 -15.09 -71.62
N LEU M 191 -34.73 -15.23 -72.24
CA LEU M 191 -34.05 -14.16 -72.97
C LEU M 191 -34.11 -14.46 -74.48
N GLN M 192 -34.70 -13.55 -75.26
CA GLN M 192 -35.03 -13.75 -76.69
C GLN M 192 -33.85 -13.50 -77.66
N SER M 193 -32.64 -13.90 -77.27
CA SER M 193 -31.40 -13.82 -78.08
C SER M 193 -30.96 -12.42 -78.54
N SER M 194 -31.66 -11.36 -78.11
CA SER M 194 -31.44 -9.95 -78.46
C SER M 194 -32.18 -9.05 -77.47
N GLY M 195 -31.83 -9.16 -76.19
CA GLY M 195 -32.21 -8.25 -75.10
C GLY M 195 -33.65 -8.35 -74.57
N LEU M 196 -34.65 -8.68 -75.39
CA LEU M 196 -36.05 -8.78 -74.95
C LEU M 196 -36.30 -10.03 -74.10
N TYR M 197 -37.21 -9.93 -73.14
CA TYR M 197 -37.63 -11.00 -72.24
C TYR M 197 -38.92 -11.69 -72.72
N SER M 198 -39.30 -12.82 -72.11
CA SER M 198 -40.61 -13.48 -72.26
C SER M 198 -40.99 -14.30 -71.01
N LEU M 199 -42.29 -14.55 -70.85
CA LEU M 199 -42.91 -15.22 -69.69
C LEU M 199 -44.15 -15.99 -70.15
N SER M 200 -44.49 -17.10 -69.50
CA SER M 200 -45.75 -17.81 -69.74
C SER M 200 -46.37 -18.27 -68.41
N SER M 201 -47.70 -18.34 -68.35
CA SER M 201 -48.44 -18.71 -67.14
C SER M 201 -49.52 -19.72 -67.50
N VAL M 202 -49.68 -20.80 -66.73
CA VAL M 202 -50.44 -21.98 -67.16
C VAL M 202 -51.26 -22.56 -66.02
N VAL M 203 -52.38 -23.21 -66.35
CA VAL M 203 -53.34 -23.72 -65.36
C VAL M 203 -53.77 -25.13 -65.77
N THR M 204 -53.19 -26.16 -65.14
CA THR M 204 -53.55 -27.55 -65.49
C THR M 204 -54.95 -27.86 -64.97
N VAL M 205 -55.87 -28.25 -65.85
CA VAL M 205 -57.29 -28.50 -65.50
C VAL M 205 -57.81 -29.82 -66.09
N PRO M 206 -58.80 -30.47 -65.46
CA PRO M 206 -59.72 -31.37 -66.17
C PRO M 206 -60.36 -30.65 -67.36
N SER M 207 -60.69 -31.35 -68.45
CA SER M 207 -61.11 -30.74 -69.72
C SER M 207 -62.50 -30.06 -69.72
N SER M 208 -63.09 -29.78 -68.56
CA SER M 208 -64.51 -29.43 -68.37
C SER M 208 -64.94 -28.05 -68.87
N SER M 209 -64.06 -27.05 -68.91
CA SER M 209 -64.48 -25.63 -68.82
C SER M 209 -63.91 -24.68 -69.89
N LEU M 210 -63.24 -25.18 -70.93
CA LEU M 210 -62.86 -24.37 -72.10
C LEU M 210 -64.09 -23.92 -72.89
N GLY M 211 -64.07 -22.69 -73.41
CA GLY M 211 -65.27 -22.10 -74.05
C GLY M 211 -66.44 -21.82 -73.10
N THR M 212 -66.22 -21.88 -71.78
CA THR M 212 -67.29 -21.95 -70.77
C THR M 212 -67.03 -21.03 -69.56
N GLN M 213 -65.85 -21.13 -68.92
CA GLN M 213 -65.47 -20.30 -67.77
C GLN M 213 -64.83 -18.97 -68.19
N THR M 214 -65.02 -17.92 -67.37
CA THR M 214 -64.36 -16.60 -67.51
C THR M 214 -62.90 -16.60 -67.04
N TYR M 215 -62.04 -17.47 -67.60
CA TYR M 215 -60.60 -17.41 -67.37
C TYR M 215 -60.02 -16.10 -67.93
N ILE M 216 -59.45 -15.26 -67.06
CA ILE M 216 -58.95 -13.92 -67.39
C ILE M 216 -57.65 -13.64 -66.64
N CYS M 217 -56.70 -12.90 -67.23
CA CYS M 217 -55.41 -12.64 -66.59
C CYS M 217 -54.91 -11.20 -66.79
N ASN M 218 -54.45 -10.61 -65.69
CA ASN M 218 -53.77 -9.32 -65.64
C ASN M 218 -52.30 -9.47 -66.06
N VAL M 219 -51.74 -8.45 -66.71
CA VAL M 219 -50.29 -8.27 -66.94
C VAL M 219 -49.90 -6.84 -66.56
N ASN M 220 -48.79 -6.68 -65.86
CA ASN M 220 -48.30 -5.42 -65.31
C ASN M 220 -46.81 -5.25 -65.65
N HIS M 221 -46.39 -4.02 -65.99
CA HIS M 221 -45.02 -3.69 -66.36
C HIS M 221 -44.68 -2.26 -65.92
N LYS M 222 -43.37 -1.97 -65.76
CA LYS M 222 -42.91 -0.72 -65.14
C LYS M 222 -42.62 0.40 -66.15
N PRO M 223 -41.92 0.15 -67.28
CA PRO M 223 -41.87 1.07 -68.41
C PRO M 223 -43.24 1.63 -68.81
N SER M 224 -43.32 2.96 -68.89
CA SER M 224 -44.54 3.74 -69.16
C SER M 224 -45.71 3.46 -68.18
N ASN M 225 -45.45 2.80 -67.05
CA ASN M 225 -46.42 2.24 -66.10
C ASN M 225 -47.54 1.45 -66.81
N THR M 226 -47.19 0.65 -67.82
CA THR M 226 -48.14 -0.12 -68.64
C THR M 226 -48.79 -1.27 -67.86
N LYS M 227 -50.13 -1.39 -67.97
CA LYS M 227 -50.94 -2.45 -67.34
C LYS M 227 -52.06 -2.91 -68.27
N VAL M 228 -52.36 -4.21 -68.25
CA VAL M 228 -53.15 -4.94 -69.24
C VAL M 228 -54.01 -6.02 -68.56
N ASP M 229 -55.12 -6.41 -69.19
CA ASP M 229 -56.02 -7.51 -68.74
C ASP M 229 -56.66 -8.21 -69.96
N LYS M 230 -56.74 -9.55 -69.99
CA LYS M 230 -57.25 -10.32 -71.16
C LYS M 230 -57.88 -11.68 -70.81
N LYS M 231 -58.88 -12.13 -71.57
CA LYS M 231 -59.40 -13.51 -71.54
C LYS M 231 -58.56 -14.44 -72.41
N VAL M 232 -58.61 -15.75 -72.17
CA VAL M 232 -57.75 -16.76 -72.83
C VAL M 232 -58.52 -17.85 -73.59
N GLU M 233 -59.73 -17.53 -74.07
CA GLU M 233 -60.57 -18.49 -74.80
C GLU M 233 -60.00 -18.90 -76.17
N PRO M 234 -60.33 -20.09 -76.69
CA PRO M 234 -59.95 -20.52 -78.04
C PRO M 234 -60.37 -19.53 -79.14
N LYS M 235 -59.36 -18.89 -79.77
CA LYS M 235 -59.49 -18.10 -81.00
C LYS M 235 -58.20 -18.20 -81.82
N SER M 236 -58.30 -18.81 -83.00
CA SER M 236 -57.23 -18.88 -84.01
C SER M 236 -57.86 -18.71 -85.41
N CYS M 237 -57.97 -19.78 -86.20
CA CYS M 237 -58.65 -19.78 -87.51
C CYS M 237 -60.19 -19.60 -87.40
N ASP M 238 -60.78 -20.04 -86.28
CA ASP M 238 -62.18 -19.82 -85.88
C ASP M 238 -62.25 -19.55 -84.35
N LYS M 239 -63.45 -19.56 -83.75
CA LYS M 239 -63.66 -19.19 -82.33
C LYS M 239 -64.72 -20.04 -81.61
N THR M 240 -64.52 -20.28 -80.30
CA THR M 240 -65.50 -20.87 -79.36
C THR M 240 -65.27 -20.29 -77.96
N HIS M 241 -66.19 -19.46 -77.45
CA HIS M 241 -66.00 -18.72 -76.19
C HIS M 241 -67.29 -18.55 -75.37
N THR M 242 -67.15 -18.32 -74.06
CA THR M 242 -68.21 -18.13 -73.05
C THR M 242 -69.19 -17.00 -73.40
N GLU N 1 13.33 -45.34 -37.75
CA GLU N 1 13.92 -44.05 -38.19
C GLU N 1 13.18 -43.48 -39.39
N ILE N 2 13.33 -42.19 -39.67
CA ILE N 2 12.53 -41.49 -40.70
C ILE N 2 13.09 -41.73 -42.11
N VAL N 3 12.75 -42.88 -42.70
CA VAL N 3 13.12 -43.23 -44.09
C VAL N 3 12.24 -42.47 -45.10
N MET N 4 12.87 -41.95 -46.15
CA MET N 4 12.21 -41.20 -47.23
C MET N 4 12.28 -42.01 -48.53
N THR N 5 11.14 -42.33 -49.14
CA THR N 5 11.06 -43.15 -50.35
C THR N 5 10.43 -42.37 -51.49
N GLN N 6 11.15 -42.16 -52.59
CA GLN N 6 10.57 -41.54 -53.80
C GLN N 6 10.04 -42.65 -54.73
N SER N 7 8.75 -42.59 -55.09
CA SER N 7 8.07 -43.69 -55.77
C SER N 7 8.64 -44.02 -57.16
N PRO N 8 8.78 -43.06 -58.09
CA PRO N 8 9.56 -43.28 -59.31
C PRO N 8 11.06 -43.28 -59.01
N ALA N 9 11.74 -44.40 -59.23
CA ALA N 9 13.21 -44.42 -59.30
C ALA N 9 13.71 -43.70 -60.57
N THR N 10 12.93 -43.79 -61.66
CA THR N 10 13.05 -42.94 -62.85
C THR N 10 11.65 -42.58 -63.38
N LEU N 11 11.60 -41.53 -64.20
CA LEU N 11 10.38 -40.96 -64.77
C LEU N 11 10.70 -40.50 -66.21
N SER N 12 9.73 -40.42 -67.12
CA SER N 12 10.00 -39.98 -68.50
C SER N 12 8.86 -39.18 -69.14
N LEU N 13 9.23 -38.14 -69.90
CA LEU N 13 8.32 -37.26 -70.65
C LEU N 13 9.08 -36.35 -71.64
N SER N 14 8.36 -35.73 -72.58
CA SER N 14 8.93 -34.68 -73.45
C SER N 14 9.18 -33.39 -72.68
N PRO N 15 9.93 -32.43 -73.25
CA PRO N 15 9.86 -31.04 -72.81
C PRO N 15 8.41 -30.51 -72.90
N GLY N 16 8.13 -29.38 -72.26
CA GLY N 16 6.84 -28.70 -72.35
C GLY N 16 5.67 -29.39 -71.64
N GLU N 17 5.94 -30.39 -70.81
CA GLU N 17 4.93 -31.17 -70.09
C GLU N 17 5.25 -31.29 -68.59
N ARG N 18 4.21 -31.47 -67.77
CA ARG N 18 4.26 -31.48 -66.30
C ARG N 18 4.65 -32.82 -65.68
N ALA N 19 5.88 -32.94 -65.22
CA ALA N 19 6.32 -34.06 -64.38
C ALA N 19 5.69 -33.96 -62.97
N THR N 20 5.33 -35.10 -62.38
CA THR N 20 4.70 -35.19 -61.05
C THR N 20 5.49 -36.16 -60.17
N LEU N 21 6.50 -35.67 -59.48
CA LEU N 21 7.34 -36.46 -58.58
C LEU N 21 6.67 -36.58 -57.21
N SER N 22 6.95 -37.66 -56.46
CA SER N 22 6.34 -37.87 -55.15
C SER N 22 7.27 -38.59 -54.17
N CYS N 23 7.06 -38.35 -52.88
CA CYS N 23 7.77 -39.01 -51.78
C CYS N 23 6.81 -39.52 -50.71
N ARG N 24 7.18 -40.65 -50.09
CA ARG N 24 6.55 -41.24 -48.92
C ARG N 24 7.48 -41.08 -47.72
N ALA N 25 6.99 -40.47 -46.64
CA ALA N 25 7.69 -40.43 -45.37
C ALA N 25 7.27 -41.60 -44.47
N SER N 26 8.24 -42.38 -43.99
CA SER N 26 7.99 -43.59 -43.17
C SER N 26 7.17 -43.32 -41.89
N GLN N 27 7.29 -42.10 -41.35
CA GLN N 27 6.56 -41.58 -40.18
C GLN N 27 6.27 -40.10 -40.40
N SER N 28 5.34 -39.51 -39.65
CA SER N 28 4.92 -38.11 -39.86
C SER N 28 6.09 -37.13 -39.71
N VAL N 29 6.35 -36.34 -40.75
CA VAL N 29 7.31 -35.21 -40.71
C VAL N 29 6.62 -33.87 -40.45
N SER N 30 5.30 -33.79 -40.69
CA SER N 30 4.46 -32.62 -40.37
C SER N 30 4.96 -31.33 -41.01
N SER N 31 4.96 -31.28 -42.35
CA SER N 31 5.79 -30.36 -43.13
C SER N 31 7.28 -30.63 -42.85
N TYR N 32 8.14 -29.61 -42.72
CA TYR N 32 9.59 -29.79 -42.48
C TYR N 32 10.30 -30.64 -43.54
N LEU N 33 9.93 -30.43 -44.80
CA LEU N 33 10.45 -31.16 -45.96
C LEU N 33 10.90 -30.17 -47.03
N ALA N 34 11.95 -30.49 -47.78
CA ALA N 34 12.50 -29.67 -48.85
C ALA N 34 12.77 -30.50 -50.11
N TRP N 35 12.82 -29.84 -51.26
CA TRP N 35 13.14 -30.43 -52.55
C TRP N 35 14.34 -29.75 -53.19
N TYR N 36 15.22 -30.55 -53.78
CA TYR N 36 16.45 -30.13 -54.43
C TYR N 36 16.53 -30.74 -55.83
N GLN N 37 17.40 -30.18 -56.68
CA GLN N 37 17.84 -30.84 -57.90
C GLN N 37 19.36 -30.80 -58.01
N GLN N 38 19.92 -31.67 -58.86
CA GLN N 38 21.36 -31.77 -59.09
C GLN N 38 21.67 -32.14 -60.54
N LYS N 39 22.83 -31.67 -61.02
CA LYS N 39 23.45 -32.09 -62.29
C LYS N 39 24.85 -32.67 -62.04
N PRO N 40 25.34 -33.60 -62.86
CA PRO N 40 26.62 -34.24 -62.62
C PRO N 40 27.76 -33.22 -62.56
N GLY N 41 28.71 -33.43 -61.65
CA GLY N 41 29.80 -32.49 -61.38
C GLY N 41 29.40 -31.21 -60.64
N GLN N 42 28.20 -31.14 -60.09
CA GLN N 42 27.70 -30.01 -59.30
C GLN N 42 27.14 -30.48 -57.96
N ALA N 43 27.25 -29.63 -56.93
CA ALA N 43 26.44 -29.80 -55.73
C ALA N 43 24.95 -29.52 -56.04
N PRO N 44 24.02 -29.99 -55.20
CA PRO N 44 22.61 -29.68 -55.38
C PRO N 44 22.32 -28.18 -55.40
N ARG N 45 21.12 -27.83 -55.87
CA ARG N 45 20.48 -26.52 -55.63
C ARG N 45 19.08 -26.73 -55.09
N LEU N 46 18.71 -25.93 -54.10
CA LEU N 46 17.40 -25.96 -53.44
C LEU N 46 16.31 -25.43 -54.38
N LEU N 47 15.16 -26.08 -54.40
CA LEU N 47 13.97 -25.60 -55.12
C LEU N 47 12.89 -25.13 -54.15
N ILE N 48 12.49 -25.99 -53.21
CA ILE N 48 11.32 -25.79 -52.33
C ILE N 48 11.71 -26.06 -50.87
N TYR N 49 11.23 -25.26 -49.92
CA TYR N 49 11.37 -25.50 -48.47
C TYR N 49 10.04 -25.35 -47.75
N ASP N 50 9.85 -26.12 -46.68
CA ASP N 50 8.51 -26.54 -46.23
C ASP N 50 7.67 -27.09 -47.40
N ALA N 51 6.36 -27.19 -47.27
CA ALA N 51 5.54 -27.79 -48.32
C ALA N 51 5.62 -27.03 -49.66
N SER N 52 5.69 -25.69 -49.64
CA SER N 52 5.35 -24.88 -50.82
C SER N 52 6.01 -23.51 -50.95
N ASN N 53 6.94 -23.11 -50.09
CA ASN N 53 7.76 -21.94 -50.37
C ASN N 53 8.88 -22.32 -51.36
N ARG N 54 9.01 -21.59 -52.47
CA ARG N 54 10.17 -21.73 -53.36
C ARG N 54 11.35 -20.90 -52.85
N ALA N 55 12.58 -21.32 -53.11
CA ALA N 55 13.75 -20.48 -52.82
C ALA N 55 13.74 -19.21 -53.67
N THR N 56 14.30 -18.10 -53.18
CA THR N 56 14.07 -16.77 -53.78
C THR N 56 14.72 -16.57 -55.16
N GLY N 57 15.53 -17.51 -55.65
CA GLY N 57 16.05 -17.56 -57.03
C GLY N 57 15.26 -18.41 -58.04
N ILE N 58 14.12 -18.98 -57.65
CA ILE N 58 13.43 -20.05 -58.42
C ILE N 58 12.19 -19.56 -59.18
N PRO N 59 12.04 -19.87 -60.48
CA PRO N 59 10.87 -19.51 -61.29
C PRO N 59 9.65 -20.42 -61.05
N ASP N 60 8.47 -20.00 -61.49
CA ASP N 60 7.21 -20.75 -61.36
C ASP N 60 7.10 -22.04 -62.20
N ARG N 61 8.24 -22.56 -62.69
CA ARG N 61 8.32 -23.91 -63.27
C ARG N 61 8.23 -25.01 -62.22
N PHE N 62 8.32 -24.69 -60.93
CA PHE N 62 8.31 -25.66 -59.83
C PHE N 62 7.20 -25.34 -58.83
N SER N 63 6.62 -26.36 -58.19
CA SER N 63 5.59 -26.20 -57.14
C SER N 63 5.53 -27.46 -56.26
N GLY N 64 5.02 -27.35 -55.03
CA GLY N 64 5.02 -28.45 -54.07
C GLY N 64 3.77 -28.54 -53.20
N SER N 65 3.57 -29.69 -52.54
CA SER N 65 2.50 -29.91 -51.55
C SER N 65 2.79 -31.10 -50.63
N GLY N 66 2.10 -31.15 -49.49
CA GLY N 66 2.11 -32.25 -48.52
C GLY N 66 2.06 -31.77 -47.06
N SER N 67 1.41 -32.50 -46.16
CA SER N 67 1.04 -31.97 -44.83
C SER N 67 1.12 -33.00 -43.68
N GLY N 68 1.78 -34.14 -43.88
CA GLY N 68 1.91 -35.17 -42.83
C GLY N 68 2.96 -36.21 -43.18
N THR N 69 2.63 -37.08 -44.14
CA THR N 69 3.51 -38.15 -44.67
C THR N 69 3.63 -38.18 -46.19
N ASP N 70 2.73 -37.50 -46.90
CA ASP N 70 2.54 -37.67 -48.34
C ASP N 70 2.88 -36.38 -49.10
N PHE N 71 3.86 -36.43 -49.99
CA PHE N 71 4.44 -35.24 -50.59
C PHE N 71 4.54 -35.34 -52.12
N THR N 72 4.37 -34.20 -52.78
CA THR N 72 4.38 -34.06 -54.24
C THR N 72 5.21 -32.86 -54.68
N LEU N 73 6.00 -33.03 -55.74
CA LEU N 73 6.64 -31.96 -56.49
C LEU N 73 6.09 -31.98 -57.91
N THR N 74 5.39 -30.92 -58.30
CA THR N 74 4.83 -30.76 -59.65
C THR N 74 5.60 -29.70 -60.41
N ILE N 75 6.24 -30.12 -61.49
CA ILE N 75 6.97 -29.22 -62.39
C ILE N 75 5.98 -28.74 -63.46
N SER N 76 5.79 -27.44 -63.60
CA SER N 76 4.69 -26.87 -64.40
C SER N 76 4.82 -27.22 -65.90
N ARG N 77 6.05 -27.20 -66.41
CA ARG N 77 6.47 -27.69 -67.73
C ARG N 77 8.00 -27.77 -67.77
N LEU N 78 8.58 -28.91 -68.16
CA LEU N 78 10.04 -29.02 -68.28
C LEU N 78 10.56 -28.20 -69.47
N GLU N 79 11.45 -27.25 -69.23
CA GLU N 79 12.32 -26.74 -70.28
C GLU N 79 13.45 -27.75 -70.56
N PRO N 80 14.09 -27.73 -71.75
CA PRO N 80 15.13 -28.69 -72.17
C PRO N 80 16.49 -28.48 -71.48
N GLU N 81 16.43 -28.21 -70.19
CA GLU N 81 17.54 -27.93 -69.26
C GLU N 81 17.15 -28.29 -67.81
N ASP N 82 15.87 -28.56 -67.54
CA ASP N 82 15.36 -29.00 -66.23
C ASP N 82 15.49 -30.52 -66.02
N PHE N 83 15.88 -31.29 -67.05
CA PHE N 83 16.11 -32.73 -66.95
C PHE N 83 17.35 -33.01 -66.11
N ALA N 84 17.13 -33.55 -64.90
CA ALA N 84 18.10 -33.56 -63.81
C ALA N 84 17.77 -34.67 -62.79
N VAL N 85 18.64 -34.87 -61.80
CA VAL N 85 18.28 -35.62 -60.58
C VAL N 85 17.50 -34.72 -59.63
N TYR N 86 16.49 -35.25 -58.95
CA TYR N 86 15.73 -34.56 -57.91
C TYR N 86 15.72 -35.37 -56.61
N TYR N 87 15.85 -34.70 -55.47
CA TYR N 87 15.78 -35.33 -54.15
C TYR N 87 14.81 -34.58 -53.23
N CYS N 88 14.04 -35.30 -52.44
CA CYS N 88 13.47 -34.76 -51.22
C CYS N 88 14.53 -34.79 -50.10
N GLN N 89 14.30 -34.02 -49.04
CA GLN N 89 14.94 -34.16 -47.74
C GLN N 89 13.96 -33.79 -46.64
N GLN N 90 14.04 -34.42 -45.48
CA GLN N 90 13.30 -33.97 -44.29
C GLN N 90 14.24 -33.44 -43.21
N TYR N 91 13.70 -32.53 -42.40
CA TYR N 91 14.34 -31.94 -41.22
C TYR N 91 13.36 -31.88 -40.05
N ALA N 92 12.47 -32.87 -39.93
CA ALA N 92 11.59 -33.03 -38.78
C ALA N 92 12.30 -33.65 -37.57
N ASN N 93 13.49 -34.22 -37.75
CA ASN N 93 14.17 -35.07 -36.78
C ASN N 93 15.69 -34.91 -36.88
N SER N 94 16.41 -35.19 -35.78
CA SER N 94 17.87 -35.07 -35.69
C SER N 94 18.63 -35.82 -36.77
N ARG N 95 18.10 -36.98 -37.21
CA ARG N 95 18.59 -37.72 -38.38
C ARG N 95 17.98 -37.09 -39.63
N ARG N 96 18.64 -36.07 -40.16
CA ARG N 96 18.29 -35.43 -41.43
C ARG N 96 18.53 -36.43 -42.57
N THR N 97 17.48 -36.87 -43.26
CA THR N 97 17.57 -37.85 -44.36
C THR N 97 17.08 -37.28 -45.68
N PHE N 98 17.89 -37.47 -46.71
CA PHE N 98 17.46 -37.32 -48.11
C PHE N 98 16.84 -38.62 -48.61
N GLY N 99 16.01 -38.55 -49.66
CA GLY N 99 15.64 -39.74 -50.42
C GLY N 99 16.79 -40.28 -51.27
N GLN N 100 16.65 -41.50 -51.81
CA GLN N 100 17.60 -42.05 -52.79
C GLN N 100 17.53 -41.37 -54.17
N GLY N 101 16.55 -40.48 -54.38
CA GLY N 101 16.45 -39.61 -55.55
C GLY N 101 15.61 -40.15 -56.70
N THR N 102 15.33 -39.29 -57.68
CA THR N 102 14.63 -39.60 -58.93
C THR N 102 15.34 -38.91 -60.09
N LYS N 103 15.61 -39.65 -61.17
CA LYS N 103 16.20 -39.14 -62.41
C LYS N 103 15.12 -39.07 -63.49
N VAL N 104 15.07 -37.97 -64.25
CA VAL N 104 14.08 -37.80 -65.33
C VAL N 104 14.74 -38.07 -66.69
N GLU N 105 14.12 -38.94 -67.48
CA GLU N 105 14.53 -39.32 -68.84
C GLU N 105 13.74 -38.54 -69.90
N ILE N 106 14.47 -37.81 -70.74
CA ILE N 106 13.94 -37.05 -71.87
C ILE N 106 13.32 -37.99 -72.91
N LYS N 107 11.99 -38.01 -73.03
CA LYS N 107 11.29 -38.97 -73.89
C LYS N 107 11.45 -38.64 -75.37
N ARG N 108 11.64 -39.69 -76.17
CA ARG N 108 11.87 -39.66 -77.63
C ARG N 108 11.42 -40.97 -78.28
N THR N 109 11.32 -40.98 -79.61
CA THR N 109 11.13 -42.22 -80.39
C THR N 109 12.32 -43.17 -80.23
N VAL N 110 12.04 -44.46 -80.12
CA VAL N 110 13.05 -45.51 -79.89
C VAL N 110 14.01 -45.70 -81.06
N ALA N 111 15.20 -46.20 -80.76
CA ALA N 111 16.16 -46.69 -81.73
C ALA N 111 16.87 -47.92 -81.14
N ALA N 112 16.91 -49.03 -81.88
CA ALA N 112 17.59 -50.24 -81.44
C ALA N 112 19.13 -50.11 -81.55
N PRO N 113 19.91 -50.79 -80.68
CA PRO N 113 21.35 -50.76 -80.75
C PRO N 113 21.92 -51.63 -81.88
N SER N 114 22.91 -51.12 -82.61
CA SER N 114 23.91 -51.99 -83.26
C SER N 114 24.88 -52.46 -82.17
N VAL N 115 24.93 -53.77 -81.92
CA VAL N 115 25.48 -54.30 -80.64
C VAL N 115 27.00 -54.51 -80.66
N PHE N 116 27.55 -54.93 -81.81
CA PHE N 116 28.99 -55.11 -82.05
C PHE N 116 29.73 -56.00 -81.02
N ILE N 117 31.05 -56.20 -81.20
CA ILE N 117 31.87 -57.07 -80.32
C ILE N 117 33.39 -56.73 -80.28
N PHE N 118 33.94 -56.05 -81.30
CA PHE N 118 35.28 -55.45 -81.38
C PHE N 118 36.45 -56.22 -80.68
N PRO N 119 37.21 -57.05 -81.44
CA PRO N 119 38.30 -57.89 -80.92
C PRO N 119 39.49 -57.16 -80.25
N PRO N 120 40.21 -57.84 -79.34
CA PRO N 120 41.48 -57.39 -78.76
C PRO N 120 42.66 -57.42 -79.75
N SER N 121 43.82 -56.95 -79.31
CA SER N 121 45.00 -56.72 -80.16
C SER N 121 46.32 -57.08 -79.45
N ASP N 122 47.38 -57.22 -80.26
CA ASP N 122 48.74 -57.56 -79.83
C ASP N 122 49.32 -56.59 -78.78
N GLU N 123 48.86 -55.34 -78.74
CA GLU N 123 49.30 -54.36 -77.74
C GLU N 123 48.88 -54.72 -76.31
N GLN N 124 47.80 -55.51 -76.17
CA GLN N 124 47.35 -56.06 -74.90
C GLN N 124 47.89 -57.49 -74.67
N LEU N 125 47.93 -58.31 -75.72
CA LEU N 125 48.42 -59.69 -75.66
C LEU N 125 49.94 -59.79 -75.38
N LYS N 126 50.72 -58.73 -75.61
CA LYS N 126 52.11 -58.62 -75.10
C LYS N 126 52.23 -58.49 -73.57
N SER N 127 51.11 -58.24 -72.88
CA SER N 127 51.05 -58.05 -71.42
C SER N 127 50.12 -59.04 -70.70
N GLY N 128 49.90 -60.23 -71.28
CA GLY N 128 49.29 -61.37 -70.57
C GLY N 128 47.76 -61.41 -70.50
N THR N 129 47.03 -60.58 -71.26
CA THR N 129 45.55 -60.50 -71.18
C THR N 129 44.90 -59.95 -72.47
N ALA N 130 43.59 -60.15 -72.64
CA ALA N 130 42.81 -59.74 -73.80
C ALA N 130 41.41 -59.25 -73.40
N SER N 131 40.94 -58.12 -73.96
CA SER N 131 39.61 -57.54 -73.71
C SER N 131 38.76 -57.45 -74.98
N VAL N 132 37.57 -58.04 -74.96
CA VAL N 132 36.59 -58.03 -76.05
C VAL N 132 35.53 -56.97 -75.74
N VAL N 133 35.20 -56.09 -76.70
CA VAL N 133 34.44 -54.86 -76.43
C VAL N 133 33.09 -54.85 -77.14
N CYS N 134 32.06 -55.43 -76.51
CA CYS N 134 30.68 -55.24 -76.97
C CYS N 134 30.23 -53.80 -76.69
N LEU N 135 29.56 -53.17 -77.66
CA LEU N 135 29.52 -51.72 -77.81
C LEU N 135 28.18 -51.25 -78.41
N LEU N 136 27.09 -51.39 -77.65
CA LEU N 136 25.75 -51.01 -78.08
C LEU N 136 25.69 -49.50 -78.33
N ASN N 137 25.55 -49.06 -79.58
CA ASN N 137 25.76 -47.65 -79.93
C ASN N 137 24.46 -46.92 -80.35
N ASN N 138 24.34 -45.65 -79.95
CA ASN N 138 23.38 -44.66 -80.45
C ASN N 138 21.89 -45.08 -80.34
N PHE N 139 21.50 -45.65 -79.22
CA PHE N 139 20.23 -46.33 -79.01
C PHE N 139 19.36 -45.68 -77.93
N TYR N 140 18.05 -45.89 -77.98
CA TYR N 140 17.11 -45.43 -76.94
C TYR N 140 15.94 -46.40 -76.80
N PRO N 141 15.41 -46.62 -75.58
CA PRO N 141 15.97 -46.19 -74.30
C PRO N 141 17.12 -47.11 -73.85
N ARG N 142 17.89 -46.73 -72.83
CA ARG N 142 19.00 -47.55 -72.29
C ARG N 142 18.59 -48.78 -71.46
N GLU N 143 17.39 -49.31 -71.72
CA GLU N 143 16.81 -50.50 -71.09
C GLU N 143 17.42 -51.84 -71.58
N ALA N 144 18.51 -51.80 -72.34
CA ALA N 144 19.17 -53.02 -72.83
C ALA N 144 19.84 -53.81 -71.69
N LYS N 145 19.78 -55.15 -71.76
CA LYS N 145 20.61 -56.08 -70.99
C LYS N 145 21.55 -56.84 -71.92
N VAL N 146 22.77 -57.08 -71.48
CA VAL N 146 23.85 -57.69 -72.27
C VAL N 146 24.41 -58.93 -71.55
N GLN N 147 24.73 -60.01 -72.27
CA GLN N 147 25.41 -61.18 -71.68
C GLN N 147 26.42 -61.81 -72.65
N TRP N 148 27.45 -62.46 -72.09
CA TRP N 148 28.65 -62.89 -72.79
C TRP N 148 28.80 -64.41 -72.82
N LYS N 149 29.34 -64.94 -73.93
CA LYS N 149 29.60 -66.37 -74.15
C LYS N 149 30.96 -66.61 -74.85
N VAL N 150 31.70 -67.63 -74.42
CA VAL N 150 32.97 -68.05 -75.04
C VAL N 150 32.95 -69.56 -75.25
N ASP N 151 33.21 -70.01 -76.49
CA ASP N 151 32.85 -71.37 -76.97
C ASP N 151 31.42 -71.78 -76.56
N ASN N 152 30.50 -70.80 -76.59
CA ASN N 152 29.10 -70.88 -76.16
C ASN N 152 28.85 -71.21 -74.66
N ALA N 153 29.88 -71.35 -73.83
CA ALA N 153 29.73 -71.33 -72.38
C ALA N 153 29.57 -69.88 -71.87
N LEU N 154 28.65 -69.65 -70.92
CA LEU N 154 28.34 -68.32 -70.38
C LEU N 154 29.52 -67.71 -69.57
N GLN N 155 29.71 -66.38 -69.69
CA GLN N 155 30.76 -65.62 -69.00
C GLN N 155 30.20 -64.37 -68.31
N SER N 156 29.24 -64.57 -67.40
CA SER N 156 28.55 -63.50 -66.65
C SER N 156 29.39 -62.83 -65.54
N GLY N 157 30.51 -63.43 -65.13
CA GLY N 157 31.32 -62.95 -64.00
C GLY N 157 32.11 -61.67 -64.27
N ASN N 158 33.26 -61.80 -64.95
CA ASN N 158 34.21 -60.69 -65.11
C ASN N 158 33.74 -59.57 -66.07
N SER N 159 32.80 -59.88 -66.96
CA SER N 159 32.47 -59.14 -68.18
C SER N 159 31.65 -57.86 -67.93
N GLN N 160 32.21 -56.93 -67.16
CA GLN N 160 31.54 -55.72 -66.67
C GLN N 160 30.98 -54.79 -67.78
N GLU N 161 30.08 -53.89 -67.40
CA GLU N 161 29.38 -52.96 -68.29
C GLU N 161 29.52 -51.52 -67.79
N SER N 162 29.49 -50.56 -68.73
CA SER N 162 29.43 -49.12 -68.44
C SER N 162 28.52 -48.42 -69.45
N VAL N 163 27.80 -47.39 -69.02
CA VAL N 163 26.75 -46.73 -69.83
C VAL N 163 27.09 -45.25 -69.99
N THR N 164 26.76 -44.65 -71.13
CA THR N 164 26.82 -43.19 -71.28
C THR N 164 25.83 -42.49 -70.36
N GLU N 165 25.99 -41.18 -70.20
CA GLU N 165 24.88 -40.31 -69.80
C GLU N 165 23.82 -40.18 -70.92
N GLN N 166 22.84 -39.29 -70.76
CA GLN N 166 21.90 -38.83 -71.80
C GLN N 166 22.64 -38.05 -72.92
N ASP N 167 23.54 -38.73 -73.60
CA ASP N 167 24.54 -38.14 -74.48
C ASP N 167 23.94 -37.67 -75.83
N SER N 168 24.74 -36.89 -76.57
CA SER N 168 24.34 -36.12 -77.76
C SER N 168 23.34 -34.99 -77.45
N LYS N 169 22.99 -34.22 -78.48
CA LYS N 169 21.89 -33.23 -78.48
C LYS N 169 20.46 -33.82 -78.38
N ASP N 170 20.32 -35.14 -78.20
CA ASP N 170 19.03 -35.85 -78.29
C ASP N 170 18.90 -37.10 -77.38
N SER N 171 19.80 -37.27 -76.40
CA SER N 171 19.85 -38.42 -75.48
C SER N 171 19.95 -39.80 -76.18
N THR N 172 20.70 -39.89 -77.29
CA THR N 172 21.14 -41.19 -77.83
C THR N 172 22.16 -41.84 -76.89
N TYR N 173 21.70 -42.78 -76.06
CA TYR N 173 22.56 -43.55 -75.17
C TYR N 173 23.45 -44.55 -75.91
N SER N 174 24.51 -45.00 -75.26
CA SER N 174 25.31 -46.16 -75.65
C SER N 174 25.76 -46.95 -74.42
N LEU N 175 26.18 -48.20 -74.60
CA LEU N 175 26.75 -49.06 -73.54
C LEU N 175 28.05 -49.71 -74.03
N SER N 176 29.11 -49.70 -73.22
CA SER N 176 30.39 -50.35 -73.50
C SER N 176 30.72 -51.40 -72.42
N SER N 177 30.97 -52.64 -72.83
CA SER N 177 31.20 -53.80 -71.95
C SER N 177 32.45 -54.58 -72.34
N THR N 178 33.20 -55.09 -71.37
CA THR N 178 34.60 -55.52 -71.56
C THR N 178 34.92 -56.89 -70.97
N LEU N 179 34.39 -57.97 -71.57
CA LEU N 179 34.84 -59.35 -71.30
C LEU N 179 36.37 -59.41 -71.37
N THR N 180 37.02 -59.76 -70.26
CA THR N 180 38.49 -59.69 -70.16
C THR N 180 39.07 -60.98 -69.61
N LEU N 181 40.04 -61.53 -70.33
CA LEU N 181 40.58 -62.88 -70.12
C LEU N 181 42.11 -62.84 -70.03
N SER N 182 42.71 -63.75 -69.27
CA SER N 182 44.17 -63.97 -69.31
C SER N 182 44.58 -64.60 -70.64
N LYS N 183 45.79 -64.33 -71.14
CA LYS N 183 46.25 -64.72 -72.49
C LYS N 183 46.08 -66.20 -72.78
N ALA N 184 46.44 -67.07 -71.84
CA ALA N 184 46.27 -68.51 -71.97
C ALA N 184 44.78 -68.90 -72.13
N ASP N 185 43.88 -68.32 -71.35
CA ASP N 185 42.43 -68.57 -71.43
C ASP N 185 41.77 -67.96 -72.67
N TYR N 186 42.32 -66.87 -73.20
CA TYR N 186 41.92 -66.31 -74.50
C TYR N 186 42.32 -67.25 -75.65
N GLU N 187 43.49 -67.87 -75.58
CA GLU N 187 44.00 -68.85 -76.57
C GLU N 187 43.35 -70.24 -76.46
N LYS N 188 42.82 -70.63 -75.29
CA LYS N 188 42.16 -71.95 -75.08
C LYS N 188 40.75 -72.07 -75.67
N HIS N 189 40.21 -71.02 -76.27
CA HIS N 189 38.88 -70.97 -76.87
C HIS N 189 38.92 -70.28 -78.24
N LYS N 190 37.90 -70.51 -79.08
CA LYS N 190 37.95 -70.06 -80.49
C LYS N 190 36.73 -69.28 -80.96
N VAL N 191 35.59 -69.34 -80.27
CA VAL N 191 34.40 -68.54 -80.58
C VAL N 191 34.14 -67.56 -79.43
N TYR N 192 34.06 -66.26 -79.73
CA TYR N 192 33.60 -65.24 -78.79
C TYR N 192 32.23 -64.72 -79.22
N ALA N 193 31.27 -64.64 -78.31
CA ALA N 193 29.89 -64.26 -78.60
C ALA N 193 29.33 -63.32 -77.52
N CYS N 194 28.51 -62.34 -77.92
CA CYS N 194 27.82 -61.45 -76.99
C CYS N 194 26.36 -61.21 -77.44
N GLU N 195 25.43 -61.16 -76.49
CA GLU N 195 23.98 -61.23 -76.70
C GLU N 195 23.24 -60.09 -76.00
N VAL N 196 22.25 -59.50 -76.68
CA VAL N 196 21.51 -58.32 -76.20
C VAL N 196 20.00 -58.53 -76.24
N THR N 197 19.32 -58.10 -75.17
CA THR N 197 17.87 -57.95 -75.07
C THR N 197 17.52 -56.47 -74.93
N HIS N 198 16.57 -55.93 -75.72
CA HIS N 198 16.19 -54.51 -75.70
C HIS N 198 14.74 -54.28 -76.15
N GLN N 199 14.14 -53.15 -75.75
CA GLN N 199 12.77 -52.78 -76.11
C GLN N 199 12.58 -52.46 -77.60
N GLY N 200 13.60 -51.88 -78.26
CA GLY N 200 13.58 -51.51 -79.69
C GLY N 200 13.87 -52.69 -80.63
N LEU N 201 14.46 -53.78 -80.12
CA LEU N 201 14.60 -55.05 -80.84
C LEU N 201 13.27 -55.82 -80.88
N SER N 202 13.12 -56.72 -81.87
CA SER N 202 11.98 -57.65 -81.98
C SER N 202 12.11 -58.85 -81.02
N SER N 203 13.32 -59.37 -80.86
CA SER N 203 13.74 -60.47 -79.98
C SER N 203 15.27 -60.47 -79.85
N PRO N 204 15.87 -61.18 -78.87
CA PRO N 204 17.30 -61.13 -78.61
C PRO N 204 18.19 -61.38 -79.84
N VAL N 205 19.31 -60.65 -79.90
CA VAL N 205 20.33 -60.76 -80.96
C VAL N 205 21.68 -61.15 -80.36
N THR N 206 22.35 -62.12 -80.97
CA THR N 206 23.73 -62.51 -80.61
C THR N 206 24.67 -62.19 -81.77
N LYS N 207 25.82 -61.57 -81.48
CA LYS N 207 26.91 -61.35 -82.45
C LYS N 207 28.19 -62.04 -81.99
N SER N 208 28.98 -62.55 -82.93
CA SER N 208 30.13 -63.39 -82.64
C SER N 208 31.30 -63.16 -83.61
N PHE N 209 32.52 -63.44 -83.16
CA PHE N 209 33.73 -63.51 -83.99
C PHE N 209 34.64 -64.64 -83.49
N ASN N 210 35.58 -65.10 -84.32
CA ASN N 210 36.40 -66.27 -84.02
C ASN N 210 37.90 -65.96 -83.92
N ARG N 211 38.63 -66.71 -83.07
CA ARG N 211 40.06 -66.50 -82.85
C ARG N 211 40.87 -66.81 -84.13
N GLY N 212 41.71 -65.86 -84.54
CA GLY N 212 42.51 -65.92 -85.78
C GLY N 212 41.92 -65.19 -86.98
N GLU N 213 40.73 -64.57 -86.86
CA GLU N 213 40.10 -63.71 -87.90
C GLU N 213 40.62 -62.27 -87.94
N GLN O 1 24.41 -13.18 -54.68
CA GLN O 1 23.70 -13.69 -53.47
C GLN O 1 24.69 -14.07 -52.37
N VAL O 2 25.19 -15.32 -52.35
CA VAL O 2 26.16 -15.90 -51.42
C VAL O 2 26.97 -16.95 -52.19
N GLN O 3 28.21 -17.24 -51.80
CA GLN O 3 28.89 -18.44 -52.30
C GLN O 3 29.71 -19.13 -51.22
N LEU O 4 29.83 -20.44 -51.36
CA LEU O 4 30.74 -21.29 -50.59
C LEU O 4 31.86 -21.73 -51.53
N VAL O 5 33.11 -21.67 -51.08
CA VAL O 5 34.27 -22.23 -51.79
C VAL O 5 34.96 -23.25 -50.89
N GLN O 6 35.57 -24.27 -51.46
CA GLN O 6 36.23 -25.35 -50.72
C GLN O 6 37.46 -25.88 -51.44
N SER O 7 38.39 -26.48 -50.71
CA SER O 7 39.66 -26.98 -51.26
C SER O 7 39.47 -28.07 -52.34
N GLY O 8 40.45 -28.14 -53.25
CA GLY O 8 40.47 -29.11 -54.37
C GLY O 8 40.57 -30.58 -53.94
N ALA O 9 40.30 -31.48 -54.89
CA ALA O 9 40.16 -32.91 -54.63
C ALA O 9 41.40 -33.57 -54.02
N GLU O 10 41.20 -34.72 -53.38
CA GLU O 10 42.19 -35.45 -52.61
C GLU O 10 42.30 -36.92 -53.04
N VAL O 11 43.51 -37.48 -52.95
CA VAL O 11 43.76 -38.91 -53.12
C VAL O 11 44.75 -39.39 -52.06
N LYS O 12 44.42 -40.52 -51.42
CA LYS O 12 44.97 -40.91 -50.11
C LYS O 12 45.10 -42.43 -49.99
N LYS O 13 46.06 -42.89 -49.20
CA LYS O 13 46.15 -44.29 -48.73
C LYS O 13 45.16 -44.52 -47.57
N PRO O 14 44.56 -45.71 -47.43
CA PRO O 14 43.91 -46.13 -46.19
C PRO O 14 44.79 -45.88 -44.96
N GLY O 15 44.20 -45.56 -43.82
CA GLY O 15 44.94 -45.30 -42.59
C GLY O 15 45.66 -43.93 -42.54
N SER O 16 45.31 -43.00 -43.42
CA SER O 16 45.81 -41.60 -43.40
C SER O 16 44.70 -40.61 -42.99
N ALA O 17 45.02 -39.31 -42.95
CA ALA O 17 44.13 -38.25 -42.49
C ALA O 17 43.98 -37.09 -43.51
N VAL O 18 42.86 -36.36 -43.44
CA VAL O 18 42.49 -35.28 -44.38
C VAL O 18 41.94 -34.07 -43.64
N LYS O 19 42.39 -32.86 -44.00
CA LYS O 19 41.93 -31.58 -43.46
C LYS O 19 41.19 -30.81 -44.56
N VAL O 20 39.98 -31.21 -44.89
CA VAL O 20 39.15 -30.49 -45.89
C VAL O 20 38.69 -29.17 -45.29
N SER O 21 38.54 -28.12 -46.10
CA SER O 21 38.20 -26.78 -45.62
C SER O 21 37.30 -26.03 -46.60
N CYS O 22 36.57 -25.03 -46.10
CA CYS O 22 35.69 -24.18 -46.88
C CYS O 22 35.58 -22.75 -46.31
N LYS O 23 35.18 -21.80 -47.15
CA LYS O 23 34.91 -20.41 -46.79
C LYS O 23 33.54 -19.97 -47.29
N ALA O 24 32.88 -19.11 -46.53
CA ALA O 24 31.60 -18.49 -46.88
C ALA O 24 31.72 -16.97 -46.93
N SER O 25 30.94 -16.31 -47.80
CA SER O 25 30.96 -14.84 -47.91
C SER O 25 29.68 -14.24 -48.51
N GLY O 26 29.51 -12.94 -48.32
CA GLY O 26 28.54 -12.10 -49.02
C GLY O 26 27.11 -12.09 -48.47
N GLY O 27 26.79 -12.93 -47.48
CA GLY O 27 25.46 -12.94 -46.87
C GLY O 27 25.21 -11.76 -45.94
N THR O 28 23.96 -11.29 -45.85
CA THR O 28 23.55 -10.31 -44.83
C THR O 28 23.41 -10.93 -43.42
N LEU O 29 23.12 -12.24 -43.32
CA LEU O 29 22.98 -12.96 -42.05
C LEU O 29 24.34 -13.31 -41.44
N ARG O 30 24.54 -13.13 -40.12
CA ARG O 30 25.82 -13.35 -39.43
C ARG O 30 25.98 -14.70 -38.75
N LYS O 31 24.91 -15.28 -38.21
CA LYS O 31 24.96 -16.43 -37.27
C LYS O 31 24.54 -17.77 -37.89
N TYR O 32 24.62 -17.94 -39.20
CA TYR O 32 24.32 -19.22 -39.86
C TYR O 32 25.31 -20.31 -39.43
N ALA O 33 24.89 -21.56 -39.44
CA ALA O 33 25.77 -22.70 -39.26
C ALA O 33 26.39 -23.14 -40.59
N ILE O 34 27.57 -23.74 -40.56
CA ILE O 34 28.16 -24.45 -41.71
C ILE O 34 28.06 -25.93 -41.44
N SER O 35 27.57 -26.67 -42.42
CA SER O 35 27.31 -28.10 -42.34
C SER O 35 28.05 -28.84 -43.44
N TRP O 36 28.48 -30.07 -43.15
CA TRP O 36 29.16 -30.95 -44.09
C TRP O 36 28.32 -32.17 -44.39
N LEU O 37 28.25 -32.51 -45.66
CA LEU O 37 27.50 -33.65 -46.19
C LEU O 37 28.39 -34.45 -47.13
N ARG O 38 28.02 -35.70 -47.45
CA ARG O 38 28.71 -36.46 -48.49
C ARG O 38 27.78 -37.32 -49.33
N GLN O 39 28.23 -37.66 -50.53
CA GLN O 39 27.72 -38.81 -51.28
C GLN O 39 28.87 -39.56 -51.97
N ALA O 40 28.89 -40.89 -51.87
CA ALA O 40 29.54 -41.72 -52.87
C ALA O 40 28.58 -41.89 -54.07
N PRO O 41 29.07 -42.12 -55.31
CA PRO O 41 28.18 -42.25 -56.46
C PRO O 41 27.26 -43.48 -56.37
N GLY O 42 27.66 -44.49 -55.61
CA GLY O 42 26.86 -45.67 -55.27
C GLY O 42 25.99 -45.53 -54.01
N GLN O 43 25.77 -44.32 -53.50
CA GLN O 43 25.00 -44.03 -52.29
C GLN O 43 24.07 -42.82 -52.49
N GLY O 44 23.11 -42.66 -51.58
CA GLY O 44 22.38 -41.41 -51.40
C GLY O 44 23.24 -40.30 -50.79
N LEU O 45 22.58 -39.24 -50.34
CA LEU O 45 23.19 -38.03 -49.78
C LEU O 45 22.97 -37.98 -48.26
N GLU O 46 24.02 -37.82 -47.46
CA GLU O 46 23.93 -37.85 -45.99
C GLU O 46 24.61 -36.66 -45.32
N TRP O 47 23.95 -36.08 -44.31
CA TRP O 47 24.54 -35.08 -43.42
C TRP O 47 25.48 -35.74 -42.41
N MET O 48 26.70 -35.22 -42.28
CA MET O 48 27.69 -35.73 -41.32
C MET O 48 27.66 -34.98 -40.00
N GLY O 49 27.67 -33.66 -40.07
CA GLY O 49 27.80 -32.77 -38.93
C GLY O 49 28.00 -31.32 -39.32
N GLY O 50 28.04 -30.42 -38.34
CA GLY O 50 28.20 -28.99 -38.58
C GLY O 50 28.55 -28.21 -37.32
N ILE O 51 28.80 -26.92 -37.49
CA ILE O 51 29.20 -25.97 -36.45
C ILE O 51 28.53 -24.62 -36.67
N ILE O 52 28.44 -23.82 -35.62
CA ILE O 52 28.19 -22.40 -35.76
C ILE O 52 29.54 -21.72 -35.52
N PRO O 53 30.19 -21.13 -36.53
CA PRO O 53 31.61 -20.83 -36.45
C PRO O 53 31.96 -19.79 -35.38
N ILE O 54 31.02 -18.93 -34.99
CA ILE O 54 31.21 -17.96 -33.91
C ILE O 54 31.46 -18.66 -32.56
N PHE O 55 30.67 -19.68 -32.26
CA PHE O 55 30.75 -20.41 -31.00
C PHE O 55 31.75 -21.58 -31.02
N GLY O 56 31.94 -22.19 -32.19
CA GLY O 56 32.38 -23.58 -32.29
C GLY O 56 31.19 -24.52 -32.18
N THR O 57 31.08 -25.25 -31.07
CA THR O 57 29.88 -26.01 -30.68
C THR O 57 29.41 -26.99 -31.77
N ALA O 58 30.27 -27.93 -32.14
CA ALA O 58 29.94 -28.91 -33.19
C ALA O 58 28.79 -29.86 -32.82
N ASN O 59 28.07 -30.32 -33.83
CA ASN O 59 26.92 -31.21 -33.75
C ASN O 59 27.06 -32.28 -34.84
N TYR O 60 26.78 -33.56 -34.55
CA TYR O 60 27.10 -34.70 -35.43
C TYR O 60 25.96 -35.70 -35.58
N ALA O 61 25.87 -36.36 -36.72
CA ALA O 61 25.14 -37.61 -36.85
C ALA O 61 25.86 -38.75 -36.11
N GLN O 62 25.13 -39.68 -35.48
CA GLN O 62 25.75 -40.77 -34.70
C GLN O 62 26.57 -41.76 -35.56
N LYS O 63 26.35 -41.77 -36.88
CA LYS O 63 27.20 -42.49 -37.85
C LYS O 63 28.65 -41.99 -37.86
N PHE O 64 28.88 -40.72 -37.54
CA PHE O 64 30.17 -40.05 -37.71
C PHE O 64 30.76 -39.45 -36.43
N GLN O 65 30.03 -39.40 -35.33
CA GLN O 65 30.53 -38.86 -34.07
C GLN O 65 31.83 -39.57 -33.68
N GLY O 66 32.94 -38.85 -33.56
CA GLY O 66 34.27 -39.41 -33.30
C GLY O 66 35.05 -39.87 -34.55
N ARG O 67 34.39 -40.17 -35.68
CA ARG O 67 35.06 -40.43 -36.97
C ARG O 67 35.64 -39.16 -37.60
N VAL O 68 35.18 -37.99 -37.18
CA VAL O 68 35.56 -36.71 -37.76
C VAL O 68 35.52 -35.62 -36.68
N THR O 69 36.38 -34.62 -36.80
CA THR O 69 36.40 -33.44 -35.93
C THR O 69 36.20 -32.18 -36.77
N ILE O 70 35.20 -31.36 -36.44
CA ILE O 70 34.84 -30.15 -37.19
C ILE O 70 35.19 -28.90 -36.38
N THR O 71 35.82 -27.89 -37.01
CA THR O 71 36.33 -26.68 -36.36
C THR O 71 36.28 -25.46 -37.29
N ALA O 72 36.46 -24.25 -36.75
CA ALA O 72 36.44 -23.00 -37.50
C ALA O 72 37.50 -22.00 -37.04
N ASP O 73 37.76 -20.97 -37.85
CA ASP O 73 38.62 -19.85 -37.45
C ASP O 73 37.96 -18.95 -36.37
N GLU O 74 38.74 -18.11 -35.68
CA GLU O 74 38.18 -16.89 -35.09
C GLU O 74 37.94 -15.88 -36.22
N SER O 75 36.70 -15.77 -36.70
CA SER O 75 36.38 -15.14 -37.99
C SER O 75 36.46 -13.60 -38.03
N THR O 76 37.27 -12.98 -37.16
CA THR O 76 37.31 -11.52 -36.89
C THR O 76 35.92 -10.99 -36.52
N THR O 77 35.25 -11.67 -35.60
CA THR O 77 33.86 -11.44 -35.18
C THR O 77 33.70 -10.21 -34.26
N THR O 78 34.37 -9.11 -34.57
CA THR O 78 34.36 -7.88 -33.75
C THR O 78 32.98 -7.19 -33.78
N PRO O 79 32.66 -6.36 -32.77
CA PRO O 79 31.72 -5.25 -32.96
C PRO O 79 32.10 -4.40 -34.19
N TYR O 80 31.16 -3.62 -34.71
CA TYR O 80 31.33 -2.89 -35.98
C TYR O 80 31.71 -3.83 -37.14
N THR O 81 30.92 -4.90 -37.32
CA THR O 81 31.05 -5.90 -38.39
C THR O 81 30.59 -5.34 -39.75
N THR O 82 31.08 -4.15 -40.10
CA THR O 82 30.68 -3.38 -41.29
C THR O 82 31.46 -3.78 -42.54
N THR O 83 32.65 -4.37 -42.38
CA THR O 83 33.29 -5.18 -43.44
C THR O 83 32.35 -6.34 -43.84
N PRO O 84 32.44 -6.87 -45.07
CA PRO O 84 31.60 -7.99 -45.47
C PRO O 84 31.84 -9.19 -44.55
N TYR O 85 30.79 -9.83 -44.06
CA TYR O 85 30.96 -10.96 -43.13
C TYR O 85 31.40 -12.23 -43.87
N THR O 86 32.39 -12.92 -43.31
CA THR O 86 33.00 -14.13 -43.87
C THR O 86 33.44 -15.06 -42.75
N SER O 87 33.56 -16.37 -43.02
CA SER O 87 34.07 -17.35 -42.05
C SER O 87 34.65 -18.59 -42.73
N THR O 88 35.52 -19.32 -42.03
CA THR O 88 36.18 -20.55 -42.53
C THR O 88 35.81 -21.74 -41.67
N ALA O 89 35.51 -22.90 -42.28
CA ALA O 89 35.21 -24.13 -41.55
C ALA O 89 35.97 -25.34 -42.11
N TYR O 90 36.40 -26.23 -41.22
CA TYR O 90 37.32 -27.33 -41.46
C TYR O 90 36.74 -28.64 -40.94
N ILE O 91 37.03 -29.77 -41.61
CA ILE O 91 36.78 -31.12 -41.07
C ILE O 91 38.04 -31.98 -41.14
N GLU O 92 38.23 -32.85 -40.14
CA GLU O 92 39.39 -33.72 -40.00
C GLU O 92 39.02 -35.20 -40.07
N LEU O 93 38.99 -35.78 -41.28
CA LEU O 93 38.84 -37.23 -41.47
C LEU O 93 40.13 -37.93 -41.00
N THR O 94 40.03 -39.00 -40.21
CA THR O 94 41.21 -39.62 -39.58
C THR O 94 41.24 -41.14 -39.74
N SER O 95 42.40 -41.71 -40.07
CA SER O 95 42.59 -43.15 -40.28
C SER O 95 41.60 -43.77 -41.28
N LEU O 96 41.26 -43.03 -42.34
CA LEU O 96 40.12 -43.35 -43.20
C LEU O 96 40.20 -44.72 -43.90
N ARG O 97 39.03 -45.27 -44.23
CA ARG O 97 38.84 -46.57 -44.90
C ARG O 97 38.37 -46.39 -46.34
N SER O 98 38.46 -47.41 -47.18
CA SER O 98 38.07 -47.31 -48.60
C SER O 98 36.63 -46.82 -48.80
N GLU O 99 35.73 -47.16 -47.88
CA GLU O 99 34.33 -46.70 -47.85
C GLU O 99 34.15 -45.18 -47.67
N ASP O 100 35.15 -44.47 -47.14
CA ASP O 100 35.13 -43.01 -47.05
C ASP O 100 35.42 -42.30 -48.40
N THR O 101 35.62 -43.05 -49.48
CA THR O 101 35.71 -42.52 -50.86
C THR O 101 34.38 -41.94 -51.31
N ALA O 102 34.27 -40.61 -51.38
CA ALA O 102 33.04 -39.88 -51.67
C ALA O 102 33.32 -38.42 -52.05
N VAL O 103 32.32 -37.72 -52.60
CA VAL O 103 32.30 -36.25 -52.69
C VAL O 103 31.76 -35.69 -51.37
N TYR O 104 32.48 -34.75 -50.76
CA TYR O 104 32.11 -34.06 -49.53
C TYR O 104 31.73 -32.61 -49.84
N TYR O 105 30.54 -32.16 -49.43
CA TYR O 105 30.01 -30.82 -49.67
C TYR O 105 29.98 -29.94 -48.42
N CYS O 106 30.44 -28.70 -48.55
CA CYS O 106 30.12 -27.60 -47.66
C CYS O 106 28.73 -27.03 -47.99
N ALA O 107 27.87 -26.83 -46.99
CA ALA O 107 26.57 -26.19 -47.17
C ALA O 107 26.11 -25.36 -45.96
N ARG O 108 25.38 -24.28 -46.23
CA ARG O 108 24.91 -23.30 -45.23
C ARG O 108 23.62 -23.76 -44.57
N ASP O 109 23.55 -23.69 -43.25
CA ASP O 109 22.40 -24.11 -42.44
C ASP O 109 21.82 -22.95 -41.60
N LEU O 110 20.55 -22.62 -41.82
CA LEU O 110 19.85 -21.54 -41.12
C LEU O 110 19.24 -21.98 -39.78
N GLY O 111 19.44 -23.20 -39.32
CA GLY O 111 18.76 -23.72 -38.14
C GLY O 111 18.82 -22.84 -36.89
N PRO O 112 19.99 -22.30 -36.49
CA PRO O 112 20.09 -21.38 -35.36
C PRO O 112 19.32 -20.07 -35.56
N LEU O 113 19.31 -19.52 -36.77
CA LEU O 113 18.63 -18.27 -37.09
C LEU O 113 17.10 -18.44 -37.20
N THR O 114 16.61 -19.61 -37.58
CA THR O 114 15.16 -19.93 -37.64
C THR O 114 14.59 -20.34 -36.29
N GLY O 115 15.15 -19.83 -35.18
CA GLY O 115 14.73 -20.17 -33.83
C GLY O 115 15.27 -21.54 -33.38
N TYR O 116 16.57 -21.77 -33.57
CA TYR O 116 17.28 -22.98 -33.13
C TYR O 116 16.51 -24.27 -33.41
N SER O 117 16.28 -24.56 -34.69
CA SER O 117 15.55 -25.75 -35.14
C SER O 117 16.30 -26.47 -36.26
N TYR O 118 16.10 -27.77 -36.44
CA TYR O 118 16.72 -28.48 -37.58
C TYR O 118 16.26 -27.87 -38.91
N SER O 119 17.08 -27.92 -39.95
CA SER O 119 16.81 -27.21 -41.21
C SER O 119 17.36 -27.88 -42.45
N TYR O 120 16.73 -27.59 -43.59
CA TYR O 120 17.29 -27.75 -44.92
C TYR O 120 18.53 -26.88 -45.14
N PHE O 121 19.23 -27.12 -46.25
CA PHE O 121 20.50 -26.49 -46.57
C PHE O 121 20.32 -25.44 -47.66
N ASP O 122 20.73 -24.22 -47.37
CA ASP O 122 20.32 -23.02 -48.09
C ASP O 122 21.13 -22.80 -49.38
N TYR O 123 22.45 -22.95 -49.30
CA TYR O 123 23.40 -22.82 -50.40
C TYR O 123 24.53 -23.83 -50.20
N TRP O 124 25.21 -24.20 -51.30
CA TRP O 124 26.22 -25.27 -51.38
C TRP O 124 27.47 -24.78 -52.11
N GLY O 125 28.60 -25.46 -51.89
CA GLY O 125 29.81 -25.28 -52.71
C GLY O 125 29.74 -26.01 -54.06
N GLN O 126 30.90 -26.46 -54.58
CA GLN O 126 30.98 -27.48 -55.65
C GLN O 126 31.25 -28.89 -55.11
N GLY O 127 31.76 -29.01 -53.88
CA GLY O 127 32.20 -30.26 -53.26
C GLY O 127 33.66 -30.62 -53.53
N THR O 128 34.26 -31.37 -52.61
CA THR O 128 35.60 -31.93 -52.69
C THR O 128 35.50 -33.44 -52.83
N LEU O 129 36.00 -34.03 -53.93
CA LEU O 129 36.15 -35.48 -54.03
C LEU O 129 37.33 -35.96 -53.16
N VAL O 130 37.10 -36.93 -52.28
CA VAL O 130 38.17 -37.58 -51.50
C VAL O 130 38.27 -39.03 -51.91
N THR O 131 39.46 -39.46 -52.31
CA THR O 131 39.69 -40.78 -52.93
C THR O 131 40.59 -41.63 -52.04
N VAL O 132 40.11 -42.79 -51.57
CA VAL O 132 40.93 -43.71 -50.75
C VAL O 132 41.25 -44.96 -51.55
N SER O 133 42.53 -45.28 -51.74
CA SER O 133 42.96 -46.46 -52.49
C SER O 133 44.31 -47.00 -52.02
N SER O 134 44.51 -48.31 -52.17
CA SER O 134 45.82 -48.96 -52.05
C SER O 134 46.77 -48.63 -53.22
N ALA O 135 46.24 -48.13 -54.33
CA ALA O 135 47.00 -47.83 -55.55
C ALA O 135 48.02 -46.69 -55.38
N SER O 136 48.78 -46.44 -56.45
CA SER O 136 49.87 -45.48 -56.51
C SER O 136 49.99 -44.86 -57.91
N THR O 137 50.80 -43.81 -58.06
CA THR O 137 50.91 -43.00 -59.28
C THR O 137 51.17 -43.83 -60.54
N LYS O 138 50.23 -43.84 -61.51
CA LYS O 138 50.39 -44.49 -62.83
C LYS O 138 49.75 -43.69 -63.98
N GLY O 139 50.48 -43.58 -65.09
CA GLY O 139 49.93 -43.21 -66.40
C GLY O 139 49.26 -44.40 -67.11
N PRO O 140 48.52 -44.17 -68.21
CA PRO O 140 47.71 -45.18 -68.86
C PRO O 140 48.48 -46.17 -69.74
N SER O 141 48.06 -47.43 -69.71
CA SER O 141 48.21 -48.35 -70.83
C SER O 141 47.12 -48.07 -71.86
N VAL O 142 47.43 -48.18 -73.15
CA VAL O 142 46.51 -47.84 -74.25
C VAL O 142 46.59 -48.88 -75.38
N PHE O 143 45.47 -49.18 -76.02
CA PHE O 143 45.37 -50.22 -77.07
C PHE O 143 44.53 -49.76 -78.29
N PRO O 144 44.92 -50.12 -79.51
CA PRO O 144 44.06 -50.04 -80.69
C PRO O 144 43.01 -51.16 -80.68
N LEU O 145 41.81 -50.86 -81.14
CA LEU O 145 40.66 -51.77 -81.16
C LEU O 145 40.39 -52.24 -82.60
N ALA O 146 40.31 -53.55 -82.83
CA ALA O 146 40.00 -54.11 -84.14
C ALA O 146 38.48 -53.98 -84.45
N PRO O 147 38.07 -53.66 -85.69
CA PRO O 147 36.66 -53.65 -86.08
C PRO O 147 35.93 -54.97 -85.81
N SER O 148 34.63 -54.91 -85.51
CA SER O 148 33.81 -56.11 -85.26
C SER O 148 33.71 -57.01 -86.49
N SER O 149 34.11 -58.29 -86.39
CA SER O 149 34.15 -59.24 -87.50
C SER O 149 34.96 -58.67 -88.69
N LYS O 150 36.26 -58.41 -88.45
CA LYS O 150 37.03 -57.37 -89.17
C LYS O 150 37.01 -57.54 -90.70
N SER O 151 36.64 -56.45 -91.38
CA SER O 151 36.28 -56.46 -92.81
C SER O 151 36.91 -55.31 -93.62
N THR O 152 37.23 -54.18 -92.98
CA THR O 152 37.88 -53.00 -93.60
C THR O 152 37.15 -52.52 -94.88
N SER O 153 35.83 -52.28 -94.78
CA SER O 153 34.98 -51.97 -95.94
C SER O 153 33.65 -51.27 -95.60
N GLY O 154 32.86 -51.79 -94.65
CA GLY O 154 31.55 -51.18 -94.32
C GLY O 154 30.64 -51.92 -93.32
N GLY O 155 31.02 -53.09 -92.80
CA GLY O 155 30.16 -53.93 -91.95
C GLY O 155 29.97 -53.50 -90.49
N THR O 156 30.46 -52.32 -90.10
CA THR O 156 30.36 -51.74 -88.75
C THR O 156 30.45 -50.21 -88.80
N ALA O 157 29.86 -49.52 -87.82
CA ALA O 157 29.66 -48.06 -87.80
C ALA O 157 30.30 -47.36 -86.58
N ALA O 158 31.38 -47.91 -86.03
CA ALA O 158 32.29 -47.20 -85.12
C ALA O 158 33.74 -47.69 -85.25
N LEU O 159 34.69 -46.85 -84.86
CA LEU O 159 36.13 -47.15 -84.77
C LEU O 159 36.67 -46.58 -83.44
N GLY O 160 37.50 -47.34 -82.72
CA GLY O 160 37.62 -47.13 -81.27
C GLY O 160 39.00 -47.40 -80.66
N CYS O 161 39.08 -47.18 -79.35
CA CYS O 161 40.29 -47.38 -78.55
C CYS O 161 39.94 -47.79 -77.11
N LEU O 162 40.90 -48.43 -76.42
CA LEU O 162 40.76 -48.83 -75.02
C LEU O 162 41.94 -48.30 -74.19
N VAL O 163 41.65 -47.85 -72.97
CA VAL O 163 42.61 -47.24 -72.04
C VAL O 163 42.49 -47.95 -70.69
N LYS O 164 43.60 -48.31 -70.04
CA LYS O 164 43.60 -49.22 -68.86
C LYS O 164 44.77 -48.97 -67.91
N ASP O 165 44.63 -49.37 -66.64
CA ASP O 165 45.67 -49.43 -65.62
C ASP O 165 46.37 -48.09 -65.29
N TYR O 166 45.63 -46.98 -65.33
CA TYR O 166 46.08 -45.69 -64.79
C TYR O 166 45.57 -45.46 -63.36
N PHE O 167 46.07 -44.41 -62.70
CA PHE O 167 45.62 -43.92 -61.39
C PHE O 167 45.45 -42.38 -61.45
N PRO O 168 44.72 -41.75 -60.49
CA PRO O 168 43.99 -40.50 -60.75
C PRO O 168 43.15 -40.49 -62.02
N GLU O 169 41.84 -40.31 -61.85
CA GLU O 169 40.84 -40.42 -62.93
C GLU O 169 41.05 -39.52 -64.17
N PRO O 170 41.56 -38.27 -64.10
CA PRO O 170 41.45 -37.32 -65.20
C PRO O 170 42.46 -37.53 -66.35
N VAL O 171 42.51 -38.73 -66.91
CA VAL O 171 42.92 -38.89 -68.32
C VAL O 171 41.89 -38.15 -69.19
N THR O 172 42.32 -37.67 -70.35
CA THR O 172 41.39 -37.10 -71.34
C THR O 172 41.78 -37.57 -72.74
N VAL O 173 40.77 -37.81 -73.58
CA VAL O 173 40.92 -38.43 -74.91
C VAL O 173 40.34 -37.52 -75.99
N SER O 174 41.00 -37.45 -77.13
CA SER O 174 40.68 -36.54 -78.23
C SER O 174 40.95 -37.21 -79.58
N TRP O 175 40.15 -36.89 -80.61
CA TRP O 175 40.15 -37.61 -81.88
C TRP O 175 40.73 -36.77 -83.02
N ASN O 176 41.72 -37.31 -83.73
CA ASN O 176 42.60 -36.56 -84.63
C ASN O 176 43.11 -35.26 -83.97
N SER O 177 43.75 -35.41 -82.80
CA SER O 177 44.20 -34.33 -81.90
C SER O 177 43.09 -33.35 -81.47
N GLY O 178 41.83 -33.77 -81.53
CA GLY O 178 40.65 -32.97 -81.21
C GLY O 178 39.94 -32.35 -82.42
N ALA O 179 40.49 -32.44 -83.64
CA ALA O 179 39.83 -31.93 -84.83
C ALA O 179 38.53 -32.70 -85.18
N LEU O 180 38.52 -34.02 -84.96
CA LEU O 180 37.36 -34.89 -85.20
C LEU O 180 36.40 -34.87 -83.99
N THR O 181 36.05 -33.68 -83.50
CA THR O 181 35.24 -33.51 -82.29
C THR O 181 33.77 -33.98 -82.48
N SER O 182 33.22 -33.86 -83.69
CA SER O 182 31.89 -34.39 -84.01
C SER O 182 31.87 -35.93 -84.10
N GLY O 183 30.73 -36.53 -83.77
CA GLY O 183 30.55 -37.99 -83.89
C GLY O 183 31.34 -38.84 -82.90
N VAL O 184 31.91 -38.27 -81.85
CA VAL O 184 32.58 -38.99 -80.75
C VAL O 184 31.56 -39.59 -79.77
N HIS O 185 31.81 -40.79 -79.26
CA HIS O 185 31.15 -41.35 -78.07
C HIS O 185 32.24 -41.82 -77.09
N THR O 186 32.03 -41.64 -75.79
CA THR O 186 32.97 -42.04 -74.72
C THR O 186 32.22 -42.54 -73.50
N PHE O 187 32.82 -43.47 -72.77
CA PHE O 187 32.20 -44.18 -71.65
C PHE O 187 32.93 -43.85 -70.34
N PRO O 188 32.23 -43.81 -69.19
CA PRO O 188 32.63 -42.97 -68.05
C PRO O 188 33.99 -43.35 -67.44
N ALA O 189 34.02 -44.40 -66.62
CA ALA O 189 35.22 -45.05 -66.10
C ALA O 189 34.83 -46.37 -65.41
N VAL O 190 35.80 -47.27 -65.24
CA VAL O 190 35.68 -48.41 -64.30
C VAL O 190 36.99 -48.57 -63.53
N LEU O 191 36.92 -48.62 -62.20
CA LEU O 191 37.98 -49.16 -61.36
C LEU O 191 37.87 -50.69 -61.39
N GLN O 192 38.93 -51.38 -61.81
CA GLN O 192 39.01 -52.84 -61.67
C GLN O 192 39.18 -53.24 -60.20
N SER O 193 39.01 -54.54 -59.90
CA SER O 193 39.32 -55.11 -58.58
C SER O 193 40.81 -54.97 -58.21
N SER O 194 41.69 -54.72 -59.18
CA SER O 194 43.10 -54.33 -58.99
C SER O 194 43.31 -52.89 -58.50
N GLY O 195 42.24 -52.10 -58.31
CA GLY O 195 42.32 -50.73 -57.80
C GLY O 195 42.76 -49.68 -58.80
N LEU O 196 42.81 -50.01 -60.10
CA LEU O 196 43.23 -49.12 -61.18
C LEU O 196 42.13 -48.90 -62.22
N TYR O 197 42.18 -47.73 -62.86
CA TYR O 197 41.13 -47.22 -63.73
C TYR O 197 41.17 -47.84 -65.14
N SER O 198 40.08 -47.68 -65.89
CA SER O 198 39.96 -48.00 -67.31
C SER O 198 38.86 -47.16 -67.98
N LEU O 199 38.95 -46.97 -69.30
CA LEU O 199 38.05 -46.15 -70.12
C LEU O 199 38.00 -46.69 -71.57
N SER O 200 36.88 -46.45 -72.27
CA SER O 200 36.74 -46.71 -73.71
C SER O 200 36.14 -45.50 -74.44
N SER O 201 36.55 -45.29 -75.68
CA SER O 201 36.11 -44.17 -76.52
C SER O 201 36.11 -44.56 -78.00
N VAL O 202 35.22 -43.95 -78.79
CA VAL O 202 35.05 -44.23 -80.23
C VAL O 202 34.70 -42.98 -81.02
N VAL O 203 35.00 -43.02 -82.32
CA VAL O 203 34.34 -42.20 -83.34
C VAL O 203 33.35 -43.07 -84.12
N THR O 204 32.13 -42.59 -84.31
CA THR O 204 30.98 -43.33 -84.85
C THR O 204 31.01 -43.48 -86.39
N VAL O 205 32.19 -43.69 -86.96
CA VAL O 205 32.44 -43.73 -88.42
C VAL O 205 32.13 -45.09 -89.05
N PRO O 206 31.69 -45.14 -90.32
CA PRO O 206 31.59 -46.38 -91.07
C PRO O 206 32.99 -46.93 -91.41
N SER O 207 33.12 -48.26 -91.55
CA SER O 207 34.43 -48.90 -91.83
C SER O 207 35.04 -48.51 -93.20
N SER O 208 34.24 -47.98 -94.12
CA SER O 208 34.70 -47.37 -95.40
C SER O 208 35.62 -46.16 -95.22
N SER O 209 35.66 -45.57 -94.02
CA SER O 209 36.56 -44.46 -93.68
C SER O 209 38.03 -44.87 -93.61
N LEU O 210 38.35 -46.16 -93.41
CA LEU O 210 39.70 -46.63 -93.11
C LEU O 210 40.69 -46.41 -94.26
N GLY O 211 41.64 -45.48 -94.06
CA GLY O 211 42.57 -45.02 -95.09
C GLY O 211 41.99 -44.01 -96.09
N THR O 212 40.66 -43.86 -96.14
CA THR O 212 39.98 -42.78 -96.86
C THR O 212 40.29 -41.43 -96.20
N GLN O 213 40.41 -41.44 -94.87
CA GLN O 213 41.22 -40.51 -94.07
C GLN O 213 42.00 -41.35 -93.03
N THR O 214 42.98 -40.77 -92.35
CA THR O 214 43.65 -41.45 -91.22
C THR O 214 42.94 -41.16 -89.89
N TYR O 215 42.83 -42.18 -89.03
CA TYR O 215 42.09 -42.10 -87.76
C TYR O 215 42.97 -42.42 -86.55
N ILE O 216 43.06 -41.47 -85.63
CA ILE O 216 43.90 -41.55 -84.42
C ILE O 216 43.13 -41.02 -83.20
N CYS O 217 43.62 -41.36 -82.00
CA CYS O 217 43.25 -40.63 -80.80
C CYS O 217 44.49 -40.25 -79.97
N ASN O 218 44.48 -39.03 -79.46
CA ASN O 218 45.53 -38.43 -78.65
C ASN O 218 45.03 -38.28 -77.20
N VAL O 219 45.82 -38.78 -76.25
CA VAL O 219 45.50 -38.83 -74.82
C VAL O 219 46.47 -37.98 -74.02
N ASN O 220 45.94 -37.26 -73.04
CA ASN O 220 46.71 -36.55 -72.02
C ASN O 220 46.38 -37.09 -70.63
N HIS O 221 47.35 -37.08 -69.74
CA HIS O 221 47.17 -37.37 -68.32
C HIS O 221 48.10 -36.47 -67.48
N LYS O 222 47.73 -36.23 -66.22
CA LYS O 222 48.47 -35.31 -65.33
C LYS O 222 49.65 -35.99 -64.61
N PRO O 223 49.51 -37.17 -63.96
CA PRO O 223 50.63 -37.78 -63.26
C PRO O 223 51.81 -38.12 -64.17
N SER O 224 53.00 -37.88 -63.64
CA SER O 224 54.32 -37.98 -64.31
C SER O 224 54.40 -37.24 -65.65
N ASN O 225 53.51 -36.27 -65.89
CA ASN O 225 53.27 -35.57 -67.17
C ASN O 225 53.13 -36.51 -68.39
N THR O 226 52.48 -37.67 -68.19
CA THR O 226 52.34 -38.70 -69.24
C THR O 226 51.36 -38.30 -70.36
N LYS O 227 51.79 -38.49 -71.61
CA LYS O 227 51.04 -38.15 -72.83
C LYS O 227 51.30 -39.19 -73.92
N VAL O 228 50.28 -39.59 -74.68
CA VAL O 228 50.39 -40.71 -75.64
C VAL O 228 49.39 -40.59 -76.80
N ASP O 229 49.73 -41.18 -77.95
CA ASP O 229 48.85 -41.29 -79.12
C ASP O 229 49.16 -42.56 -79.94
N LYS O 230 48.17 -43.05 -80.70
CA LYS O 230 48.29 -44.17 -81.65
C LYS O 230 47.17 -44.16 -82.70
N LYS O 231 47.38 -44.85 -83.82
CA LYS O 231 46.32 -45.13 -84.82
C LYS O 231 45.22 -46.00 -84.22
N VAL O 232 43.99 -45.89 -84.75
CA VAL O 232 42.92 -46.86 -84.48
C VAL O 232 42.58 -47.75 -85.69
N GLU O 233 43.21 -47.50 -86.84
CA GLU O 233 43.10 -48.34 -88.05
C GLU O 233 43.58 -49.78 -87.77
N PRO O 234 43.05 -50.81 -88.46
CA PRO O 234 43.24 -52.23 -88.10
C PRO O 234 44.68 -52.66 -87.78
N LYS O 235 44.82 -53.29 -86.60
CA LYS O 235 46.08 -53.68 -85.94
C LYS O 235 45.79 -54.80 -84.94
N SER O 236 45.68 -56.04 -85.42
CA SER O 236 45.52 -57.24 -84.57
C SER O 236 46.08 -58.49 -85.25
N CYS O 237 45.26 -59.36 -85.85
CA CYS O 237 45.70 -60.62 -86.46
C CYS O 237 46.54 -60.41 -87.74
N ASP O 238 46.28 -59.34 -88.51
CA ASP O 238 47.04 -58.97 -89.71
C ASP O 238 47.03 -57.44 -89.96
N LYS O 239 47.89 -56.96 -90.86
CA LYS O 239 48.15 -55.55 -91.15
C LYS O 239 47.20 -54.90 -92.17
N THR O 240 46.03 -55.49 -92.49
CA THR O 240 45.05 -54.92 -93.45
C THR O 240 44.30 -53.69 -92.91
N HIS O 241 45.02 -52.58 -92.75
CA HIS O 241 44.55 -51.31 -92.21
C HIS O 241 43.73 -50.46 -93.20
N THR O 242 43.81 -50.78 -94.49
CA THR O 242 43.01 -50.19 -95.58
C THR O 242 42.95 -51.15 -96.76
N GLU P 1 -46.29 -63.56 39.79
CA GLU P 1 -47.05 -62.60 38.97
C GLU P 1 -48.51 -62.57 39.41
N ILE P 2 -49.21 -61.42 39.30
CA ILE P 2 -50.67 -61.38 39.46
C ILE P 2 -51.34 -61.66 38.12
N VAL P 3 -51.98 -62.82 38.00
CA VAL P 3 -52.91 -63.16 36.91
C VAL P 3 -54.25 -62.49 37.18
N MET P 4 -54.79 -61.78 36.19
CA MET P 4 -56.13 -61.15 36.24
C MET P 4 -57.08 -61.84 35.27
N THR P 5 -58.31 -62.13 35.71
CA THR P 5 -59.32 -62.83 34.89
C THR P 5 -60.73 -62.23 35.08
N GLN P 6 -61.56 -62.31 34.04
CA GLN P 6 -62.96 -61.87 34.06
C GLN P 6 -63.87 -63.02 33.63
N SER P 7 -65.02 -63.18 34.31
CA SER P 7 -65.72 -64.48 34.38
C SER P 7 -66.29 -64.93 33.02
N PRO P 8 -67.24 -64.22 32.39
CA PRO P 8 -67.55 -64.40 30.98
C PRO P 8 -66.57 -63.59 30.11
N ALA P 9 -66.09 -64.19 29.01
CA ALA P 9 -65.35 -63.46 27.97
C ALA P 9 -66.25 -62.44 27.24
N THR P 10 -67.51 -62.80 27.00
CA THR P 10 -68.59 -61.90 26.56
C THR P 10 -69.90 -62.33 27.21
N LEU P 11 -70.83 -61.40 27.41
CA LEU P 11 -72.16 -61.69 27.94
C LEU P 11 -73.20 -60.82 27.21
N SER P 12 -74.44 -61.28 27.08
CA SER P 12 -75.50 -60.52 26.40
C SER P 12 -76.75 -60.39 27.26
N LEU P 13 -77.33 -59.19 27.24
CA LEU P 13 -78.33 -58.71 28.19
C LEU P 13 -79.30 -57.75 27.49
N SER P 14 -80.55 -57.69 27.93
CA SER P 14 -81.53 -56.74 27.37
C SER P 14 -81.29 -55.34 27.92
N PRO P 15 -81.60 -54.25 27.18
CA PRO P 15 -81.62 -52.93 27.77
C PRO P 15 -82.66 -52.88 28.90
N GLY P 16 -82.31 -52.25 30.01
CA GLY P 16 -83.09 -52.28 31.26
C GLY P 16 -82.84 -53.49 32.18
N GLU P 17 -82.00 -54.47 31.82
CA GLU P 17 -81.54 -55.52 32.75
C GLU P 17 -80.43 -55.04 33.71
N ARG P 18 -80.05 -55.91 34.67
CA ARG P 18 -78.97 -55.70 35.66
C ARG P 18 -77.78 -56.58 35.30
N ALA P 19 -76.63 -55.99 34.99
CA ALA P 19 -75.37 -56.71 34.73
C ALA P 19 -74.55 -56.95 36.02
N THR P 20 -73.67 -57.95 36.04
CA THR P 20 -72.98 -58.42 37.26
C THR P 20 -71.54 -58.88 36.95
N LEU P 21 -70.78 -58.05 36.22
CA LEU P 21 -69.44 -58.42 35.73
C LEU P 21 -68.54 -58.76 36.92
N SER P 22 -67.79 -59.87 36.82
CA SER P 22 -67.09 -60.44 37.98
C SER P 22 -65.67 -60.90 37.64
N CYS P 23 -64.72 -60.58 38.53
CA CYS P 23 -63.28 -60.69 38.34
C CYS P 23 -62.62 -61.51 39.46
N ARG P 24 -61.58 -62.27 39.09
CA ARG P 24 -60.71 -63.04 40.00
C ARG P 24 -59.24 -62.76 39.71
N ALA P 25 -58.47 -62.57 40.76
CA ALA P 25 -57.03 -62.38 40.74
C ALA P 25 -56.29 -63.53 41.45
N SER P 26 -55.09 -63.90 41.00
CA SER P 26 -54.27 -64.89 41.69
C SER P 26 -53.58 -64.28 42.92
N GLN P 27 -53.96 -64.72 44.13
CA GLN P 27 -53.56 -64.14 45.42
C GLN P 27 -54.03 -62.68 45.62
N SER P 28 -54.28 -62.29 46.87
CA SER P 28 -55.03 -61.07 47.19
C SER P 28 -54.33 -59.78 46.74
N VAL P 29 -55.02 -58.96 45.96
CA VAL P 29 -54.62 -57.57 45.65
C VAL P 29 -55.20 -56.57 46.66
N SER P 30 -56.31 -56.92 47.33
CA SER P 30 -56.86 -56.21 48.50
C SER P 30 -57.13 -54.72 48.26
N SER P 31 -58.20 -54.40 47.53
CA SER P 31 -58.45 -53.05 47.00
C SER P 31 -57.32 -52.63 46.04
N TYR P 32 -57.14 -51.34 45.79
CA TYR P 32 -56.21 -50.85 44.76
C TYR P 32 -56.59 -51.38 43.37
N LEU P 33 -57.90 -51.43 43.08
CA LEU P 33 -58.44 -52.02 41.86
C LEU P 33 -59.48 -51.13 41.20
N ALA P 34 -59.34 -50.92 39.90
CA ALA P 34 -60.22 -50.08 39.09
C ALA P 34 -61.08 -50.88 38.11
N TRP P 35 -62.13 -50.25 37.59
CA TRP P 35 -62.85 -50.73 36.41
C TRP P 35 -63.00 -49.62 35.37
N TYR P 36 -63.05 -50.00 34.10
CA TYR P 36 -63.14 -49.12 32.94
C TYR P 36 -64.20 -49.61 31.97
N GLN P 37 -64.62 -48.70 31.10
CA GLN P 37 -65.49 -48.94 29.94
C GLN P 37 -64.74 -48.51 28.67
N GLN P 38 -65.02 -49.13 27.53
CA GLN P 38 -64.50 -48.70 26.23
C GLN P 38 -65.59 -48.80 25.17
N LYS P 39 -66.12 -47.65 24.74
CA LYS P 39 -67.00 -47.56 23.56
C LYS P 39 -66.21 -48.03 22.34
N PRO P 40 -66.83 -48.67 21.34
CA PRO P 40 -66.10 -49.29 20.24
C PRO P 40 -65.27 -48.27 19.45
N GLY P 41 -63.98 -48.55 19.28
CA GLY P 41 -63.02 -47.68 18.59
C GLY P 41 -62.56 -46.43 19.36
N GLN P 42 -63.16 -46.11 20.51
CA GLN P 42 -62.78 -44.97 21.33
C GLN P 42 -61.71 -45.35 22.37
N ALA P 43 -61.07 -44.35 23.00
CA ALA P 43 -60.21 -44.58 24.15
C ALA P 43 -61.02 -45.03 25.39
N PRO P 44 -60.42 -45.77 26.34
CA PRO P 44 -61.09 -46.17 27.57
C PRO P 44 -61.58 -44.99 28.43
N ARG P 45 -62.53 -45.28 29.33
CA ARG P 45 -63.14 -44.35 30.29
C ARG P 45 -63.15 -45.01 31.67
N LEU P 46 -62.74 -44.30 32.72
CA LEU P 46 -62.74 -44.84 34.08
C LEU P 46 -64.17 -44.92 34.65
N LEU P 47 -64.53 -46.01 35.33
CA LEU P 47 -65.79 -46.15 36.04
C LEU P 47 -65.62 -46.03 37.55
N ILE P 48 -64.67 -46.79 38.11
CA ILE P 48 -64.42 -46.78 39.57
C ILE P 48 -62.92 -46.72 39.82
N TYR P 49 -62.51 -45.89 40.79
CA TYR P 49 -61.11 -45.57 41.03
C TYR P 49 -60.47 -46.41 42.14
N ASP P 50 -61.29 -46.99 43.01
CA ASP P 50 -60.92 -48.10 43.88
C ASP P 50 -62.17 -48.99 44.07
N ALA P 51 -62.01 -50.19 44.62
CA ALA P 51 -63.01 -51.26 44.59
C ALA P 51 -64.43 -50.87 45.03
N SER P 52 -64.57 -49.90 45.96
CA SER P 52 -65.87 -49.39 46.41
C SER P 52 -66.19 -47.96 45.94
N ASN P 53 -65.28 -47.29 45.21
CA ASN P 53 -65.34 -45.84 45.01
C ASN P 53 -65.50 -45.45 43.54
N ARG P 54 -66.62 -44.78 43.25
CA ARG P 54 -67.07 -44.35 41.92
C ARG P 54 -66.30 -43.13 41.40
N ALA P 55 -65.96 -43.11 40.11
CA ALA P 55 -65.28 -42.00 39.46
C ALA P 55 -66.18 -40.77 39.20
N THR P 56 -65.58 -39.66 38.73
CA THR P 56 -66.30 -38.42 38.41
C THR P 56 -67.06 -38.50 37.08
N GLY P 57 -68.31 -38.03 37.06
CA GLY P 57 -69.15 -38.07 35.86
C GLY P 57 -69.77 -39.43 35.55
N ILE P 58 -69.99 -40.26 36.57
CA ILE P 58 -70.58 -41.60 36.44
C ILE P 58 -72.03 -41.57 36.95
N PRO P 59 -73.04 -41.82 36.07
CA PRO P 59 -74.43 -41.44 36.32
C PRO P 59 -75.21 -42.47 37.17
N ASP P 60 -74.67 -42.85 38.33
CA ASP P 60 -75.31 -43.64 39.40
C ASP P 60 -75.80 -45.08 39.07
N ARG P 61 -75.89 -45.47 37.79
CA ARG P 61 -76.23 -46.85 37.38
C ARG P 61 -75.22 -47.89 37.87
N PHE P 62 -73.96 -47.48 37.98
CA PHE P 62 -72.79 -48.31 38.22
C PHE P 62 -72.43 -48.42 39.71
N SER P 63 -71.93 -49.56 40.15
CA SER P 63 -71.26 -49.67 41.45
C SER P 63 -70.13 -50.71 41.43
N GLY P 64 -69.14 -50.54 42.29
CA GLY P 64 -68.08 -51.53 42.54
C GLY P 64 -68.29 -52.26 43.87
N SER P 65 -67.77 -53.48 43.95
CA SER P 65 -67.52 -54.17 45.23
C SER P 65 -66.36 -55.17 45.09
N GLY P 66 -65.66 -55.48 46.17
CA GLY P 66 -64.61 -56.50 46.15
C GLY P 66 -63.67 -56.48 47.35
N SER P 67 -62.99 -57.60 47.57
CA SER P 67 -62.04 -57.83 48.65
C SER P 67 -61.09 -58.98 48.30
N GLY P 68 -59.85 -58.94 48.79
CA GLY P 68 -58.86 -60.01 48.59
C GLY P 68 -58.58 -60.29 47.12
N THR P 69 -59.05 -61.44 46.62
CA THR P 69 -58.95 -61.91 45.23
C THR P 69 -60.17 -61.62 44.36
N ASP P 70 -61.31 -61.22 44.93
CA ASP P 70 -62.63 -61.27 44.28
C ASP P 70 -63.25 -59.88 44.11
N PHE P 71 -63.66 -59.53 42.90
CA PHE P 71 -64.14 -58.18 42.58
C PHE P 71 -65.31 -58.20 41.59
N THR P 72 -66.16 -57.17 41.60
CA THR P 72 -67.31 -57.07 40.70
C THR P 72 -67.66 -55.62 40.36
N LEU P 73 -68.19 -55.42 39.15
CA LEU P 73 -68.85 -54.20 38.70
C LEU P 73 -70.32 -54.54 38.42
N THR P 74 -71.26 -53.84 39.04
CA THR P 74 -72.70 -54.01 38.75
C THR P 74 -73.22 -52.81 37.97
N ILE P 75 -73.98 -53.05 36.91
CA ILE P 75 -74.69 -51.99 36.17
C ILE P 75 -76.20 -52.23 36.33
N SER P 76 -76.91 -51.27 36.90
CA SER P 76 -78.36 -51.36 37.11
C SER P 76 -79.11 -50.55 36.06
N ARG P 77 -80.11 -51.17 35.42
CA ARG P 77 -80.81 -50.65 34.23
C ARG P 77 -79.85 -50.29 33.09
N LEU P 78 -79.14 -51.30 32.59
CA LEU P 78 -78.20 -51.22 31.46
C LEU P 78 -78.84 -50.49 30.25
N GLU P 79 -78.34 -49.31 29.91
CA GLU P 79 -78.92 -48.47 28.84
C GLU P 79 -78.37 -48.83 27.45
N PRO P 80 -79.04 -48.43 26.35
CA PRO P 80 -78.59 -48.75 24.98
C PRO P 80 -77.23 -48.15 24.60
N GLU P 81 -76.71 -47.19 25.38
CA GLU P 81 -75.36 -46.64 25.26
C GLU P 81 -74.32 -47.28 26.22
N ASP P 82 -74.74 -48.17 27.13
CA ASP P 82 -73.85 -48.93 28.03
C ASP P 82 -73.27 -50.22 27.40
N PHE P 83 -73.76 -50.62 26.23
CA PHE P 83 -73.20 -51.76 25.49
C PHE P 83 -71.82 -51.39 24.94
N ALA P 84 -70.79 -52.00 25.52
CA ALA P 84 -69.38 -51.64 25.37
C ALA P 84 -68.48 -52.79 25.85
N VAL P 85 -67.15 -52.64 25.73
CA VAL P 85 -66.19 -53.50 26.45
C VAL P 85 -65.94 -52.96 27.85
N TYR P 86 -65.72 -53.83 28.84
CA TYR P 86 -65.43 -53.49 30.23
C TYR P 86 -64.19 -54.21 30.75
N TYR P 87 -63.35 -53.52 31.53
CA TYR P 87 -62.09 -54.06 32.05
C TYR P 87 -61.94 -53.80 33.54
N CYS P 88 -61.46 -54.77 34.32
CA CYS P 88 -60.85 -54.49 35.60
C CYS P 88 -59.37 -54.08 35.42
N GLN P 89 -58.73 -53.57 36.47
CA GLN P 89 -57.27 -53.41 36.54
C GLN P 89 -56.82 -53.33 37.99
N GLN P 90 -55.87 -54.16 38.38
CA GLN P 90 -55.18 -53.98 39.66
C GLN P 90 -54.04 -52.96 39.55
N TYR P 91 -53.81 -52.21 40.62
CA TYR P 91 -52.64 -51.36 40.83
C TYR P 91 -52.04 -51.63 42.24
N ALA P 92 -52.12 -52.86 42.72
CA ALA P 92 -51.50 -53.28 43.98
C ALA P 92 -50.02 -53.70 43.84
N ASN P 93 -49.45 -53.69 42.63
CA ASN P 93 -48.10 -54.18 42.36
C ASN P 93 -47.44 -53.44 41.18
N SER P 94 -46.10 -53.51 41.05
CA SER P 94 -45.33 -52.69 40.10
C SER P 94 -45.64 -52.98 38.64
N ARG P 95 -45.99 -54.23 38.32
CA ARG P 95 -46.69 -54.60 37.07
C ARG P 95 -48.15 -54.24 37.25
N ARG P 96 -48.58 -53.15 36.61
CA ARG P 96 -49.95 -52.64 36.65
C ARG P 96 -50.78 -53.42 35.63
N THR P 97 -51.64 -54.35 36.07
CA THR P 97 -52.25 -55.36 35.18
C THR P 97 -53.72 -55.08 34.90
N PHE P 98 -54.07 -54.91 33.64
CA PHE P 98 -55.47 -54.89 33.19
C PHE P 98 -56.03 -56.30 33.04
N GLY P 99 -57.32 -56.48 33.34
CA GLY P 99 -58.04 -57.71 33.04
C GLY P 99 -58.29 -57.91 31.54
N GLN P 100 -58.78 -59.10 31.18
CA GLN P 100 -58.83 -59.53 29.78
C GLN P 100 -59.81 -58.76 28.90
N GLY P 101 -60.79 -58.07 29.50
CA GLY P 101 -61.85 -57.34 28.79
C GLY P 101 -63.08 -58.20 28.50
N THR P 102 -64.25 -57.76 28.95
CA THR P 102 -65.55 -58.41 28.76
C THR P 102 -66.46 -57.51 27.91
N LYS P 103 -66.96 -57.98 26.77
CA LYS P 103 -68.02 -57.28 26.04
C LYS P 103 -69.39 -57.56 26.67
N VAL P 104 -70.24 -56.53 26.75
CA VAL P 104 -71.68 -56.66 27.03
C VAL P 104 -72.48 -56.35 25.77
N GLU P 105 -73.36 -57.26 25.32
CA GLU P 105 -74.03 -57.20 24.01
C GLU P 105 -75.57 -57.29 24.08
N ILE P 106 -76.28 -56.64 23.16
CA ILE P 106 -77.75 -56.51 23.22
C ILE P 106 -78.45 -57.86 23.00
N LYS P 107 -79.12 -58.39 24.03
CA LYS P 107 -79.86 -59.67 23.97
C LYS P 107 -80.97 -59.65 22.90
N ARG P 108 -81.19 -60.80 22.27
CA ARG P 108 -82.14 -60.99 21.16
C ARG P 108 -82.64 -62.44 21.14
N THR P 109 -83.75 -62.69 20.45
CA THR P 109 -84.17 -64.05 20.06
C THR P 109 -83.30 -64.60 18.92
N VAL P 110 -83.13 -65.92 18.87
CA VAL P 110 -82.30 -66.61 17.85
C VAL P 110 -82.86 -66.41 16.44
N ALA P 111 -81.99 -66.15 15.47
CA ALA P 111 -82.32 -66.07 14.05
C ALA P 111 -81.23 -66.75 13.20
N ALA P 112 -81.61 -67.55 12.21
CA ALA P 112 -80.67 -68.23 11.33
C ALA P 112 -80.14 -67.35 10.19
N PRO P 113 -78.86 -67.52 9.77
CA PRO P 113 -78.30 -66.76 8.66
C PRO P 113 -78.88 -67.17 7.31
N SER P 114 -79.30 -66.19 6.52
CA SER P 114 -79.44 -66.38 5.07
C SER P 114 -78.06 -66.44 4.41
N VAL P 115 -77.93 -67.20 3.32
CA VAL P 115 -76.63 -67.66 2.77
C VAL P 115 -76.39 -67.14 1.36
N PHE P 116 -75.13 -66.83 1.06
CA PHE P 116 -74.66 -66.45 -0.29
C PHE P 116 -73.27 -67.02 -0.57
N ILE P 117 -72.98 -67.21 -1.87
CA ILE P 117 -71.64 -67.48 -2.40
C ILE P 117 -71.46 -66.81 -3.78
N PHE P 118 -70.25 -66.34 -4.08
CA PHE P 118 -69.95 -65.53 -5.26
C PHE P 118 -68.63 -65.94 -5.96
N PRO P 119 -68.55 -65.81 -7.29
CA PRO P 119 -67.40 -66.17 -8.12
C PRO P 119 -66.32 -65.08 -8.16
N PRO P 120 -65.15 -65.37 -8.76
CA PRO P 120 -64.26 -64.33 -9.28
C PRO P 120 -64.90 -63.63 -10.49
N SER P 121 -64.70 -62.32 -10.62
CA SER P 121 -64.93 -61.58 -11.87
C SER P 121 -63.68 -61.55 -12.74
N ASP P 122 -63.87 -61.29 -14.04
CA ASP P 122 -62.86 -61.46 -15.10
C ASP P 122 -61.51 -60.75 -14.84
N GLU P 123 -61.54 -59.60 -14.19
CA GLU P 123 -60.33 -58.81 -13.90
C GLU P 123 -59.35 -59.54 -12.97
N GLN P 124 -59.84 -60.35 -12.02
CA GLN P 124 -59.01 -61.18 -11.15
C GLN P 124 -58.21 -62.19 -11.97
N LEU P 125 -58.91 -62.84 -12.91
CA LEU P 125 -58.43 -63.94 -13.74
C LEU P 125 -57.47 -63.46 -14.83
N LYS P 126 -57.75 -62.30 -15.44
CA LYS P 126 -56.77 -61.58 -16.28
C LYS P 126 -55.53 -61.13 -15.51
N SER P 127 -55.65 -60.89 -14.20
CA SER P 127 -54.52 -60.63 -13.29
C SER P 127 -53.83 -61.90 -12.74
N GLY P 128 -54.23 -63.10 -13.17
CA GLY P 128 -53.60 -64.37 -12.78
C GLY P 128 -54.10 -64.97 -11.46
N THR P 129 -55.28 -64.57 -10.96
CA THR P 129 -55.78 -64.90 -9.61
C THR P 129 -57.29 -65.21 -9.59
N ALA P 130 -57.76 -65.90 -8.55
CA ALA P 130 -59.17 -66.13 -8.32
C ALA P 130 -59.50 -66.12 -6.81
N SER P 131 -60.62 -65.50 -6.43
CA SER P 131 -61.13 -65.55 -5.07
C SER P 131 -62.64 -65.82 -5.03
N VAL P 132 -63.06 -66.69 -4.11
CA VAL P 132 -64.43 -67.16 -3.92
C VAL P 132 -64.92 -66.69 -2.56
N VAL P 133 -66.06 -66.00 -2.52
CA VAL P 133 -66.50 -65.21 -1.35
C VAL P 133 -67.88 -65.66 -0.90
N CYS P 134 -68.13 -65.69 0.41
CA CYS P 134 -69.40 -66.14 0.97
C CYS P 134 -69.93 -65.20 2.06
N LEU P 135 -71.23 -65.29 2.35
CA LEU P 135 -71.88 -64.59 3.45
C LEU P 135 -72.78 -65.55 4.25
N LEU P 136 -72.74 -65.44 5.57
CA LEU P 136 -73.79 -65.92 6.48
C LEU P 136 -74.34 -64.69 7.19
N ASN P 137 -75.56 -64.26 6.86
CA ASN P 137 -75.92 -62.85 7.01
C ASN P 137 -77.15 -62.60 7.91
N ASN P 138 -77.17 -61.44 8.57
CA ASN P 138 -78.29 -60.86 9.32
C ASN P 138 -78.90 -61.75 10.42
N PHE P 139 -78.07 -62.35 11.28
CA PHE P 139 -78.42 -63.48 12.14
C PHE P 139 -78.10 -63.27 13.63
N TYR P 140 -78.58 -64.17 14.51
CA TYR P 140 -78.28 -64.13 15.94
C TYR P 140 -78.39 -65.51 16.61
N PRO P 141 -77.63 -65.82 17.69
CA PRO P 141 -76.48 -65.08 18.20
C PRO P 141 -75.28 -65.12 17.24
N ARG P 142 -74.27 -64.32 17.54
CA ARG P 142 -73.01 -64.06 16.82
C ARG P 142 -72.06 -65.27 16.61
N GLU P 143 -72.61 -66.45 16.34
CA GLU P 143 -71.99 -67.75 16.67
C GLU P 143 -72.07 -68.81 15.55
N ALA P 144 -72.19 -68.41 14.29
CA ALA P 144 -72.15 -69.30 13.13
C ALA P 144 -70.74 -69.86 12.82
N LYS P 145 -70.67 -70.79 11.86
CA LYS P 145 -69.51 -71.62 11.45
C LYS P 145 -69.44 -71.73 9.92
N VAL P 146 -68.22 -71.67 9.36
CA VAL P 146 -67.95 -71.77 7.90
C VAL P 146 -66.70 -72.62 7.59
N GLN P 147 -66.76 -73.43 6.53
CA GLN P 147 -65.58 -74.05 5.87
C GLN P 147 -65.86 -74.35 4.39
N TRP P 148 -64.80 -74.61 3.62
CA TRP P 148 -64.82 -74.56 2.15
C TRP P 148 -64.79 -75.92 1.45
N LYS P 149 -65.68 -76.07 0.46
CA LYS P 149 -65.78 -77.23 -0.45
C LYS P 149 -65.20 -76.87 -1.81
N VAL P 150 -64.26 -77.68 -2.32
CA VAL P 150 -63.66 -77.53 -3.65
C VAL P 150 -63.57 -78.90 -4.30
N ASP P 151 -64.13 -79.08 -5.50
CA ASP P 151 -64.42 -80.42 -6.05
C ASP P 151 -65.14 -81.33 -5.02
N ASN P 152 -66.03 -80.71 -4.24
CA ASN P 152 -66.74 -81.22 -3.06
C ASN P 152 -65.87 -81.74 -1.87
N ALA P 153 -64.54 -81.76 -1.99
CA ALA P 153 -63.62 -82.05 -0.89
C ALA P 153 -63.37 -80.81 0.01
N LEU P 154 -63.07 -81.02 1.28
CA LEU P 154 -62.61 -79.95 2.18
C LEU P 154 -61.19 -79.49 1.80
N GLN P 155 -61.00 -78.19 1.56
CA GLN P 155 -59.68 -77.54 1.64
C GLN P 155 -59.83 -76.05 2.01
N SER P 156 -59.07 -75.58 2.99
CA SER P 156 -59.31 -74.26 3.63
C SER P 156 -58.06 -73.57 4.21
N GLY P 157 -56.86 -74.14 4.08
CA GLY P 157 -55.61 -73.53 4.53
C GLY P 157 -55.20 -72.25 3.78
N ASN P 158 -55.88 -71.93 2.67
CA ASN P 158 -55.74 -70.68 1.92
C ASN P 158 -56.54 -69.50 2.52
N SER P 159 -57.59 -69.78 3.31
CA SER P 159 -58.74 -68.88 3.43
C SER P 159 -58.61 -67.81 4.52
N GLN P 160 -59.32 -66.70 4.33
CA GLN P 160 -59.49 -65.61 5.31
C GLN P 160 -60.88 -65.65 5.98
N GLU P 161 -61.06 -64.91 7.06
CA GLU P 161 -62.36 -64.66 7.73
C GLU P 161 -62.52 -63.20 8.16
N SER P 162 -63.76 -62.72 8.24
CA SER P 162 -64.13 -61.40 8.77
C SER P 162 -65.60 -61.36 9.21
N VAL P 163 -65.97 -60.37 10.02
CA VAL P 163 -67.35 -60.19 10.53
C VAL P 163 -67.76 -58.73 10.52
N THR P 164 -69.07 -58.50 10.47
CA THR P 164 -69.67 -57.18 10.72
C THR P 164 -70.23 -57.21 12.14
N GLU P 165 -69.87 -56.22 12.94
CA GLU P 165 -70.34 -56.08 14.33
C GLU P 165 -71.87 -55.92 14.43
N GLN P 166 -72.40 -56.00 15.64
CA GLN P 166 -73.85 -55.93 15.88
C GLN P 166 -74.50 -54.68 15.27
N ASP P 167 -75.61 -54.86 14.57
CA ASP P 167 -76.48 -53.79 14.08
C ASP P 167 -76.99 -52.91 15.24
N SER P 168 -76.66 -51.62 15.25
CA SER P 168 -77.07 -50.71 16.34
C SER P 168 -78.60 -50.57 16.48
N LYS P 169 -79.35 -50.88 15.43
CA LYS P 169 -80.82 -50.93 15.44
C LYS P 169 -81.40 -52.24 15.98
N ASP P 170 -80.69 -53.36 15.76
CA ASP P 170 -81.30 -54.71 15.70
C ASP P 170 -80.52 -55.80 16.46
N SER P 171 -79.32 -55.50 16.96
CA SER P 171 -78.30 -56.43 17.49
C SER P 171 -77.73 -57.46 16.50
N THR P 172 -78.47 -57.80 15.43
CA THR P 172 -78.11 -58.81 14.43
C THR P 172 -76.71 -58.64 13.82
N TYR P 173 -76.15 -59.77 13.40
CA TYR P 173 -74.72 -59.96 13.17
C TYR P 173 -74.49 -60.62 11.80
N SER P 174 -73.27 -60.56 11.26
CA SER P 174 -72.93 -61.10 9.95
C SER P 174 -71.50 -61.62 9.87
N LEU P 175 -71.26 -62.64 9.05
CA LEU P 175 -70.00 -63.39 8.95
C LEU P 175 -69.63 -63.61 7.47
N SER P 176 -68.35 -63.47 7.12
CA SER P 176 -67.83 -63.78 5.77
C SER P 176 -66.49 -64.50 5.81
N SER P 177 -66.25 -65.35 4.81
CA SER P 177 -64.94 -65.94 4.51
C SER P 177 -64.62 -65.78 3.03
N THR P 178 -63.33 -65.71 2.68
CA THR P 178 -62.85 -65.76 1.30
C THR P 178 -61.88 -66.94 1.11
N LEU P 179 -62.18 -67.82 0.17
CA LEU P 179 -61.24 -68.79 -0.39
C LEU P 179 -60.48 -68.17 -1.59
N THR P 180 -59.22 -68.54 -1.82
CA THR P 180 -58.42 -67.96 -2.92
C THR P 180 -57.43 -68.95 -3.55
N LEU P 181 -57.17 -68.77 -4.85
CA LEU P 181 -56.39 -69.64 -5.74
C LEU P 181 -55.62 -68.82 -6.80
N SER P 182 -54.53 -69.38 -7.33
CA SER P 182 -53.95 -68.93 -8.61
C SER P 182 -54.84 -69.39 -9.78
N LYS P 183 -54.76 -68.73 -10.94
CA LYS P 183 -55.61 -69.02 -12.11
C LYS P 183 -55.56 -70.50 -12.54
N ALA P 184 -54.39 -71.12 -12.50
CA ALA P 184 -54.22 -72.53 -12.87
C ALA P 184 -55.06 -73.50 -12.00
N ASP P 185 -55.09 -73.30 -10.69
CA ASP P 185 -55.90 -74.13 -9.78
C ASP P 185 -57.39 -73.79 -9.84
N TYR P 186 -57.74 -72.53 -10.18
CA TYR P 186 -59.14 -72.17 -10.43
C TYR P 186 -59.70 -72.85 -11.69
N GLU P 187 -58.90 -72.97 -12.75
CA GLU P 187 -59.29 -73.71 -13.96
C GLU P 187 -59.41 -75.23 -13.72
N LYS P 188 -58.55 -75.80 -12.85
CA LYS P 188 -58.60 -77.20 -12.41
C LYS P 188 -59.89 -77.50 -11.66
N HIS P 189 -60.17 -76.79 -10.57
CA HIS P 189 -61.31 -77.09 -9.71
C HIS P 189 -62.64 -76.63 -10.34
N LYS P 190 -63.66 -77.51 -10.35
CA LYS P 190 -64.87 -77.33 -11.17
C LYS P 190 -66.10 -76.85 -10.41
N VAL P 191 -66.20 -77.16 -9.12
CA VAL P 191 -67.31 -76.71 -8.27
C VAL P 191 -66.82 -76.17 -6.93
N TYR P 192 -67.52 -75.16 -6.42
CA TYR P 192 -67.19 -74.46 -5.17
C TYR P 192 -68.45 -74.26 -4.30
N ALA P 193 -68.30 -74.45 -2.98
CA ALA P 193 -69.35 -74.16 -2.00
C ALA P 193 -68.78 -73.77 -0.62
N CYS P 194 -69.52 -72.99 0.15
CA CYS P 194 -69.23 -72.72 1.55
C CYS P 194 -70.23 -73.48 2.45
N GLU P 195 -69.73 -74.36 3.31
CA GLU P 195 -70.54 -75.11 4.27
C GLU P 195 -70.98 -74.21 5.43
N VAL P 196 -72.20 -74.44 5.94
CA VAL P 196 -72.92 -73.52 6.85
C VAL P 196 -73.33 -74.22 8.13
N THR P 197 -73.18 -73.60 9.30
CA THR P 197 -73.74 -74.08 10.58
C THR P 197 -73.98 -72.92 11.54
N HIS P 198 -74.94 -73.06 12.45
CA HIS P 198 -75.33 -72.06 13.45
C HIS P 198 -76.02 -72.70 14.66
N GLN P 199 -76.06 -72.02 15.80
CA GLN P 199 -76.78 -72.46 17.01
C GLN P 199 -78.28 -72.69 16.76
N GLY P 200 -78.86 -71.89 15.86
CA GLY P 200 -80.26 -71.99 15.42
C GLY P 200 -80.48 -72.80 14.13
N LEU P 201 -79.48 -73.55 13.64
CA LEU P 201 -79.61 -74.44 12.48
C LEU P 201 -79.32 -75.91 12.85
N SER P 202 -80.15 -76.83 12.37
CA SER P 202 -79.91 -78.28 12.47
C SER P 202 -79.03 -78.84 11.34
N SER P 203 -79.00 -78.18 10.17
CA SER P 203 -78.31 -78.65 8.97
C SER P 203 -77.86 -77.46 8.09
N PRO P 204 -76.76 -77.57 7.31
CA PRO P 204 -76.32 -76.53 6.38
C PRO P 204 -77.38 -76.10 5.35
N VAL P 205 -77.57 -74.79 5.18
CA VAL P 205 -78.35 -74.19 4.08
C VAL P 205 -77.41 -73.91 2.88
N THR P 206 -76.63 -74.90 2.47
CA THR P 206 -75.51 -74.76 1.51
C THR P 206 -75.98 -74.20 0.16
N LYS P 207 -75.16 -73.32 -0.44
CA LYS P 207 -75.27 -72.89 -1.85
C LYS P 207 -73.93 -73.08 -2.57
N SER P 208 -73.97 -73.37 -3.87
CA SER P 208 -72.82 -73.81 -4.68
C SER P 208 -72.84 -73.17 -6.07
N PHE P 209 -71.68 -73.13 -6.75
CA PHE P 209 -71.59 -72.73 -8.16
C PHE P 209 -70.44 -73.43 -8.91
N ASN P 210 -70.55 -73.51 -10.24
CA ASN P 210 -69.57 -74.14 -11.13
C ASN P 210 -68.58 -73.11 -11.70
N ARG P 211 -67.32 -73.48 -11.95
CA ARG P 211 -66.31 -72.53 -12.46
C ARG P 211 -66.66 -72.03 -13.87
N GLY P 212 -66.77 -70.71 -14.03
CA GLY P 212 -67.01 -70.05 -15.33
C GLY P 212 -68.45 -70.18 -15.89
N GLU P 213 -69.45 -70.41 -15.03
CA GLU P 213 -70.87 -70.60 -15.41
C GLU P 213 -71.85 -69.77 -14.58
N GLN Q 1 -62.48 -29.57 31.85
CA GLN Q 1 -61.63 -30.49 32.63
C GLN Q 1 -60.39 -30.88 31.82
N VAL Q 2 -59.46 -31.66 32.41
CA VAL Q 2 -58.21 -32.08 31.76
C VAL Q 2 -58.45 -32.84 30.46
N GLN Q 3 -57.52 -32.74 29.51
CA GLN Q 3 -57.44 -33.63 28.36
C GLN Q 3 -55.99 -33.92 27.97
N LEU Q 4 -55.78 -35.09 27.37
CA LEU Q 4 -54.54 -35.47 26.71
C LEU Q 4 -54.79 -35.46 25.20
N VAL Q 5 -53.91 -34.85 24.42
CA VAL Q 5 -53.94 -34.90 22.96
C VAL Q 5 -52.61 -35.46 22.45
N GLN Q 6 -52.65 -36.46 21.57
CA GLN Q 6 -51.46 -37.14 21.05
C GLN Q 6 -51.51 -37.21 19.53
N SER Q 7 -50.38 -36.91 18.89
CA SER Q 7 -50.36 -36.46 17.50
C SER Q 7 -49.73 -37.46 16.54
N GLY Q 8 -50.48 -37.79 15.49
CA GLY Q 8 -50.06 -38.67 14.40
C GLY Q 8 -50.33 -40.16 14.63
N ALA Q 9 -50.81 -40.84 13.59
CA ALA Q 9 -50.95 -42.29 13.49
C ALA Q 9 -50.24 -42.75 12.20
N GLU Q 10 -49.53 -43.88 12.24
CA GLU Q 10 -48.39 -44.12 11.32
C GLU Q 10 -48.21 -45.58 10.89
N VAL Q 11 -47.47 -45.79 9.80
CA VAL Q 11 -46.87 -47.09 9.43
C VAL Q 11 -45.39 -46.89 9.10
N LYS Q 12 -44.50 -47.76 9.62
CA LYS Q 12 -43.04 -47.63 9.45
C LYS Q 12 -42.34 -48.99 9.29
N LYS Q 13 -41.19 -48.99 8.61
CA LYS Q 13 -40.43 -50.21 8.26
C LYS Q 13 -39.84 -50.88 9.52
N PRO Q 14 -39.81 -52.20 9.62
CA PRO Q 14 -39.13 -52.87 10.72
C PRO Q 14 -37.63 -52.51 10.74
N GLY Q 15 -37.09 -52.28 11.95
CA GLY Q 15 -35.72 -51.78 12.17
C GLY Q 15 -35.57 -50.25 12.15
N SER Q 16 -36.59 -49.49 11.74
CA SER Q 16 -36.66 -48.03 11.93
C SER Q 16 -37.33 -47.66 13.26
N ALA Q 17 -37.49 -46.38 13.59
CA ALA Q 17 -37.93 -45.91 14.91
C ALA Q 17 -38.99 -44.78 14.87
N VAL Q 18 -39.79 -44.64 15.93
CA VAL Q 18 -40.80 -43.57 16.09
C VAL Q 18 -40.78 -42.96 17.49
N LYS Q 19 -41.30 -41.73 17.60
CA LYS Q 19 -41.48 -41.00 18.86
C LYS Q 19 -42.90 -40.46 18.96
N VAL Q 20 -43.82 -41.28 19.46
CA VAL Q 20 -45.23 -40.90 19.64
C VAL Q 20 -45.29 -39.75 20.65
N SER Q 21 -45.94 -38.65 20.29
CA SER Q 21 -45.89 -37.37 21.02
C SER Q 21 -47.22 -37.02 21.68
N CYS Q 22 -47.19 -36.64 22.96
CA CYS Q 22 -48.35 -36.30 23.79
C CYS Q 22 -48.24 -34.85 24.33
N LYS Q 23 -49.38 -34.16 24.45
CA LYS Q 23 -49.54 -32.93 25.23
C LYS Q 23 -50.72 -33.04 26.21
N ALA Q 24 -50.49 -32.68 27.47
CA ALA Q 24 -51.49 -32.65 28.53
C ALA Q 24 -51.91 -31.21 28.83
N SER Q 25 -53.20 -30.96 29.05
CA SER Q 25 -53.71 -29.59 29.27
C SER Q 25 -54.94 -29.53 30.17
N GLY Q 26 -55.15 -28.38 30.80
CA GLY Q 26 -56.42 -28.02 31.45
C GLY Q 26 -56.69 -28.58 32.85
N GLY Q 27 -55.79 -29.39 33.41
CA GLY Q 27 -55.93 -29.87 34.80
C GLY Q 27 -55.76 -28.77 35.85
N THR Q 28 -56.20 -29.04 37.08
CA THR Q 28 -55.93 -28.19 38.26
C THR Q 28 -54.63 -28.53 38.97
N LEU Q 29 -54.24 -29.82 38.95
CA LEU Q 29 -53.03 -30.34 39.59
C LEU Q 29 -51.76 -30.08 38.76
N ARG Q 30 -50.59 -30.27 39.38
CA ARG Q 30 -49.28 -29.85 38.85
C ARG Q 30 -48.17 -30.90 38.96
N LYS Q 31 -48.50 -32.11 39.43
CA LYS Q 31 -47.55 -33.17 39.80
C LYS Q 31 -47.89 -34.55 39.23
N TYR Q 32 -48.89 -34.66 38.35
CA TYR Q 32 -49.24 -35.94 37.73
C TYR Q 32 -48.05 -36.55 36.98
N ALA Q 33 -48.03 -37.87 36.82
CA ALA Q 33 -47.25 -38.52 35.78
C ALA Q 33 -48.03 -38.55 34.46
N ILE Q 34 -47.33 -38.61 33.33
CA ILE Q 34 -47.92 -39.03 32.06
C ILE Q 34 -47.34 -40.40 31.76
N SER Q 35 -48.23 -41.38 31.61
CA SER Q 35 -47.89 -42.78 31.53
C SER Q 35 -48.39 -43.39 30.23
N TRP Q 36 -47.61 -44.31 29.66
CA TRP Q 36 -47.85 -44.87 28.34
C TRP Q 36 -48.36 -46.30 28.44
N LEU Q 37 -49.37 -46.59 27.64
CA LEU Q 37 -50.01 -47.88 27.53
C LEU Q 37 -50.16 -48.25 26.05
N ARG Q 38 -50.17 -49.55 25.72
CA ARG Q 38 -50.57 -50.00 24.38
C ARG Q 38 -51.76 -50.96 24.45
N GLN Q 39 -52.65 -50.89 23.47
CA GLN Q 39 -53.72 -51.85 23.25
C GLN Q 39 -53.38 -52.64 21.98
N ALA Q 40 -53.26 -53.96 22.14
CA ALA Q 40 -52.85 -54.85 21.06
C ALA Q 40 -53.94 -54.97 19.97
N PRO Q 41 -53.56 -55.14 18.70
CA PRO Q 41 -54.50 -55.06 17.57
C PRO Q 41 -55.51 -56.21 17.53
N GLY Q 42 -55.19 -57.33 18.19
CA GLY Q 42 -56.14 -58.38 18.53
C GLY Q 42 -56.81 -58.11 19.89
N GLN Q 43 -56.15 -58.51 20.97
CA GLN Q 43 -56.62 -58.35 22.35
C GLN Q 43 -55.46 -58.21 23.34
N GLY Q 44 -55.71 -57.52 24.45
CA GLY Q 44 -54.74 -57.19 25.48
C GLY Q 44 -54.46 -55.70 25.61
N LEU Q 45 -53.97 -55.30 26.79
CA LEU Q 45 -53.79 -53.90 27.21
C LEU Q 45 -52.57 -53.83 28.14
N GLU Q 46 -51.47 -53.26 27.66
CA GLU Q 46 -50.13 -53.37 28.26
C GLU Q 46 -49.64 -52.08 28.94
N TRP Q 47 -49.14 -52.22 30.17
CA TRP Q 47 -48.35 -51.23 30.91
C TRP Q 47 -46.95 -51.05 30.28
N MET Q 48 -46.57 -49.83 29.90
CA MET Q 48 -45.21 -49.54 29.41
C MET Q 48 -44.33 -48.84 30.46
N GLY Q 49 -44.86 -47.85 31.17
CA GLY Q 49 -44.09 -47.01 32.09
C GLY Q 49 -44.67 -45.59 32.19
N GLY Q 50 -43.93 -44.67 32.81
CA GLY Q 50 -44.29 -43.25 32.85
C GLY Q 50 -43.16 -42.32 33.23
N ILE Q 51 -43.41 -41.02 33.08
CA ILE Q 51 -42.52 -39.92 33.49
C ILE Q 51 -43.26 -38.94 34.38
N ILE Q 52 -42.55 -38.24 35.26
CA ILE Q 52 -43.09 -37.13 36.03
C ILE Q 52 -42.44 -35.85 35.49
N PRO Q 53 -43.12 -35.04 34.66
CA PRO Q 53 -42.44 -34.04 33.83
C PRO Q 53 -41.74 -32.93 34.63
N ILE Q 54 -42.19 -32.60 35.84
CA ILE Q 54 -41.51 -31.62 36.69
C ILE Q 54 -40.10 -32.05 37.10
N PHE Q 55 -39.85 -33.36 37.21
CA PHE Q 55 -38.55 -33.93 37.54
C PHE Q 55 -37.76 -34.44 36.33
N GLY Q 56 -38.45 -34.77 35.24
CA GLY Q 56 -37.87 -35.52 34.11
C GLY Q 56 -37.54 -36.98 34.42
N THR Q 57 -37.81 -37.48 35.63
CA THR Q 57 -37.55 -38.88 36.00
C THR Q 57 -38.45 -39.82 35.24
N ALA Q 58 -37.94 -41.01 34.88
CA ALA Q 58 -38.65 -42.03 34.11
C ALA Q 58 -38.52 -43.41 34.77
N ASN Q 59 -39.56 -44.24 34.68
CA ASN Q 59 -39.45 -45.67 34.97
C ASN Q 59 -40.39 -46.53 34.11
N TYR Q 60 -40.06 -47.82 33.99
CA TYR Q 60 -40.55 -48.71 32.93
C TYR Q 60 -41.08 -50.03 33.48
N ALA Q 61 -42.00 -50.66 32.74
CA ALA Q 61 -42.32 -52.06 32.92
C ALA Q 61 -41.12 -52.94 32.53
N GLN Q 62 -40.86 -54.00 33.29
CA GLN Q 62 -39.69 -54.87 33.06
C GLN Q 62 -39.67 -55.52 31.67
N LYS Q 63 -40.82 -55.67 30.99
CA LYS Q 63 -40.94 -56.16 29.62
C LYS Q 63 -40.73 -55.11 28.52
N PHE Q 64 -40.38 -53.87 28.85
CA PHE Q 64 -40.11 -52.80 27.88
C PHE Q 64 -38.78 -52.06 28.07
N GLN Q 65 -38.18 -52.11 29.25
CA GLN Q 65 -37.01 -51.30 29.62
C GLN Q 65 -35.78 -51.44 28.70
N GLY Q 66 -35.69 -52.49 27.89
CA GLY Q 66 -34.64 -52.62 26.86
C GLY Q 66 -34.93 -51.86 25.55
N ARG Q 67 -36.20 -51.71 25.16
CA ARG Q 67 -36.60 -51.28 23.80
C ARG Q 67 -36.85 -49.80 23.65
N VAL Q 68 -37.45 -49.18 24.65
CA VAL Q 68 -38.11 -47.87 24.57
C VAL Q 68 -37.46 -46.87 25.51
N THR Q 69 -37.42 -45.59 25.15
CA THR Q 69 -37.09 -44.50 26.08
C THR Q 69 -38.30 -43.58 26.26
N ILE Q 70 -38.82 -43.45 27.48
CA ILE Q 70 -39.84 -42.43 27.79
C ILE Q 70 -39.11 -41.14 28.14
N THR Q 71 -39.59 -39.98 27.68
CA THR Q 71 -39.00 -38.68 28.03
C THR Q 71 -40.03 -37.55 27.98
N ALA Q 72 -39.69 -36.37 28.50
CA ALA Q 72 -40.61 -35.24 28.65
C ALA Q 72 -39.92 -33.88 28.51
N ASP Q 73 -40.69 -32.83 28.21
CA ASP Q 73 -40.29 -31.42 28.39
C ASP Q 73 -40.35 -31.03 29.88
N GLU Q 74 -39.29 -30.41 30.42
CA GLU Q 74 -39.07 -30.30 31.87
C GLU Q 74 -39.86 -29.19 32.62
N SER Q 75 -40.00 -29.40 33.94
CA SER Q 75 -40.27 -28.40 34.98
C SER Q 75 -41.72 -27.85 35.10
N THR Q 76 -41.95 -27.03 36.14
CA THR Q 76 -43.18 -26.24 36.36
C THR Q 76 -42.85 -24.91 37.07
N THR Q 77 -43.69 -23.91 36.88
CA THR Q 77 -43.34 -22.51 37.18
C THR Q 77 -43.64 -22.05 38.62
N THR Q 78 -44.65 -22.61 39.30
CA THR Q 78 -45.37 -21.85 40.35
C THR Q 78 -45.91 -22.70 41.52
N PRO Q 79 -46.00 -22.15 42.74
CA PRO Q 79 -46.81 -22.68 43.86
C PRO Q 79 -48.27 -22.16 43.92
N TYR Q 80 -48.77 -21.44 42.91
CA TYR Q 80 -49.98 -20.60 43.05
C TYR Q 80 -51.31 -21.36 43.19
N THR Q 81 -51.37 -22.66 42.91
CA THR Q 81 -52.55 -23.49 43.24
C THR Q 81 -53.86 -23.14 42.51
N THR Q 82 -53.84 -22.40 41.39
CA THR Q 82 -55.02 -22.23 40.48
C THR Q 82 -54.70 -21.81 39.03
N THR Q 83 -53.56 -21.17 38.74
CA THR Q 83 -53.18 -20.72 37.38
C THR Q 83 -52.82 -21.85 36.38
N PRO Q 84 -52.82 -21.61 35.06
CA PRO Q 84 -52.62 -22.64 34.02
C PRO Q 84 -51.34 -23.48 34.12
N TYR Q 85 -51.41 -24.74 33.66
CA TYR Q 85 -50.25 -25.61 33.44
C TYR Q 85 -50.49 -26.58 32.29
N THR Q 86 -49.41 -26.98 31.61
CA THR Q 86 -49.38 -27.88 30.46
C THR Q 86 -48.07 -28.67 30.45
N SER Q 87 -48.06 -29.87 29.86
CA SER Q 87 -46.87 -30.73 29.82
C SER Q 87 -46.80 -31.51 28.50
N THR Q 88 -45.61 -31.92 28.04
CA THR Q 88 -45.47 -32.80 26.87
C THR Q 88 -44.60 -34.03 27.18
N ALA Q 89 -44.90 -35.15 26.55
CA ALA Q 89 -44.32 -36.46 26.85
C ALA Q 89 -44.15 -37.32 25.59
N TYR Q 90 -43.24 -38.30 25.63
CA TYR Q 90 -42.88 -39.10 24.46
C TYR Q 90 -42.50 -40.54 24.82
N ILE Q 91 -42.74 -41.48 23.90
CA ILE Q 91 -42.08 -42.81 23.86
C ILE Q 91 -41.27 -42.94 22.57
N GLU Q 92 -39.97 -43.05 22.69
CA GLU Q 92 -39.04 -43.38 21.61
C GLU Q 92 -38.99 -44.90 21.44
N LEU Q 93 -39.78 -45.44 20.51
CA LEU Q 93 -39.74 -46.85 20.11
C LEU Q 93 -38.64 -47.06 19.08
N THR Q 94 -37.47 -47.50 19.55
CA THR Q 94 -36.35 -47.89 18.69
C THR Q 94 -36.62 -49.25 18.02
N SER Q 95 -36.04 -49.48 16.84
CA SER Q 95 -35.99 -50.78 16.17
C SER Q 95 -37.34 -51.52 16.05
N LEU Q 96 -38.31 -50.92 15.37
CA LEU Q 96 -39.67 -51.45 15.27
C LEU Q 96 -39.74 -52.91 14.77
N ARG Q 97 -40.64 -53.70 15.37
CA ARG Q 97 -40.92 -55.12 15.04
C ARG Q 97 -42.41 -55.31 14.78
N SER Q 98 -42.80 -56.36 14.06
CA SER Q 98 -44.19 -56.59 13.64
C SER Q 98 -45.23 -56.39 14.76
N GLU Q 99 -45.00 -57.01 15.92
CA GLU Q 99 -45.89 -56.95 17.08
C GLU Q 99 -45.92 -55.59 17.81
N ASP Q 100 -45.04 -54.65 17.48
CA ASP Q 100 -45.16 -53.24 17.91
C ASP Q 100 -46.35 -52.54 17.23
N THR Q 101 -46.96 -53.16 16.22
CA THR Q 101 -48.25 -52.71 15.67
C THR Q 101 -49.31 -52.74 16.76
N ALA Q 102 -49.87 -51.58 17.11
CA ALA Q 102 -50.83 -51.42 18.21
C ALA Q 102 -51.45 -50.01 18.21
N VAL Q 103 -52.45 -49.78 19.07
CA VAL Q 103 -52.87 -48.42 19.43
C VAL Q 103 -52.19 -48.04 20.74
N TYR Q 104 -51.49 -46.91 20.75
CA TYR Q 104 -50.77 -46.40 21.92
C TYR Q 104 -51.55 -45.27 22.57
N TYR Q 105 -51.73 -45.33 23.88
CA TYR Q 105 -52.33 -44.27 24.69
C TYR Q 105 -51.30 -43.64 25.62
N CYS Q 106 -51.32 -42.32 25.73
CA CYS Q 106 -50.88 -41.64 26.96
C CYS Q 106 -52.06 -41.51 27.93
N ALA Q 107 -51.81 -41.47 29.24
CA ALA Q 107 -52.83 -41.24 30.25
C ALA Q 107 -52.28 -40.50 31.48
N ARG Q 108 -53.11 -39.68 32.13
CA ARG Q 108 -52.76 -38.93 33.35
C ARG Q 108 -52.80 -39.84 34.57
N ASP Q 109 -51.72 -39.86 35.33
CA ASP Q 109 -51.45 -40.86 36.35
C ASP Q 109 -51.15 -40.22 37.71
N LEU Q 110 -51.89 -40.60 38.75
CA LEU Q 110 -51.83 -39.98 40.08
C LEU Q 110 -50.87 -40.67 41.05
N GLY Q 111 -50.05 -41.60 40.58
CA GLY Q 111 -49.07 -42.26 41.44
C GLY Q 111 -48.16 -41.34 42.25
N PRO Q 112 -47.65 -40.22 41.69
CA PRO Q 112 -46.83 -39.25 42.42
C PRO Q 112 -47.57 -38.32 43.41
N LEU Q 113 -48.89 -38.44 43.57
CA LEU Q 113 -49.63 -37.62 44.53
C LEU Q 113 -50.76 -38.34 45.30
N THR Q 114 -50.98 -39.61 45.03
CA THR Q 114 -51.79 -40.51 45.86
C THR Q 114 -50.91 -41.06 47.00
N GLY Q 115 -50.38 -40.15 47.82
CA GLY Q 115 -49.09 -40.43 48.48
C GLY Q 115 -48.02 -40.56 47.40
N TYR Q 116 -47.07 -41.48 47.56
CA TYR Q 116 -46.35 -42.04 46.41
C TYR Q 116 -46.71 -43.52 46.30
N SER Q 117 -47.40 -43.90 45.22
CA SER Q 117 -48.02 -45.22 45.09
C SER Q 117 -48.28 -45.57 43.62
N TYR Q 118 -48.59 -46.82 43.31
CA TYR Q 118 -49.11 -47.20 41.99
C TYR Q 118 -50.58 -46.75 41.86
N SER Q 119 -51.13 -46.66 40.65
CA SER Q 119 -52.45 -46.03 40.44
C SER Q 119 -53.26 -46.59 39.28
N TYR Q 120 -54.57 -46.38 39.32
CA TYR Q 120 -55.43 -46.34 38.13
C TYR Q 120 -55.05 -45.17 37.21
N PHE Q 121 -55.56 -45.14 35.97
CA PHE Q 121 -55.24 -44.13 34.98
C PHE Q 121 -56.49 -43.31 34.66
N ASP Q 122 -56.46 -42.00 34.93
CA ASP Q 122 -57.69 -41.24 35.22
C ASP Q 122 -58.33 -40.60 33.98
N TYR Q 123 -57.51 -40.12 33.04
CA TYR Q 123 -57.91 -39.52 31.76
C TYR Q 123 -56.94 -40.00 30.68
N TRP Q 124 -57.43 -40.25 29.47
CA TRP Q 124 -56.73 -40.97 28.41
C TRP Q 124 -56.65 -40.14 27.13
N GLY Q 125 -55.58 -40.32 26.35
CA GLY Q 125 -55.41 -39.65 25.06
C GLY Q 125 -56.32 -40.16 23.94
N GLN Q 126 -56.17 -39.59 22.74
CA GLN Q 126 -56.94 -39.98 21.55
C GLN Q 126 -56.73 -41.44 21.11
N GLY Q 127 -55.62 -42.07 21.50
CA GLY Q 127 -55.19 -43.38 20.99
C GLY Q 127 -54.64 -43.29 19.58
N THR Q 128 -53.34 -43.45 19.39
CA THR Q 128 -52.69 -43.37 18.08
C THR Q 128 -52.27 -44.76 17.60
N LEU Q 129 -52.79 -45.16 16.45
CA LEU Q 129 -52.44 -46.40 15.77
C LEU Q 129 -51.04 -46.30 15.14
N VAL Q 130 -50.19 -47.28 15.44
CA VAL Q 130 -48.88 -47.46 14.78
C VAL Q 130 -48.82 -48.87 14.20
N THR Q 131 -48.24 -49.02 13.01
CA THR Q 131 -48.19 -50.29 12.25
C THR Q 131 -46.80 -50.58 11.68
N VAL Q 132 -46.39 -51.84 11.65
CA VAL Q 132 -45.06 -52.25 11.18
C VAL Q 132 -45.13 -53.30 10.07
N SER Q 133 -44.59 -52.97 8.89
CA SER Q 133 -44.34 -53.90 7.77
C SER Q 133 -43.28 -53.32 6.82
N SER Q 134 -42.63 -54.18 6.04
CA SER Q 134 -41.73 -53.82 4.93
C SER Q 134 -42.46 -53.49 3.61
N ALA Q 135 -43.79 -53.61 3.56
CA ALA Q 135 -44.61 -53.22 2.41
C ALA Q 135 -44.56 -51.71 2.11
N SER Q 136 -45.13 -51.32 0.96
CA SER Q 136 -45.07 -49.96 0.40
C SER Q 136 -46.46 -49.42 0.07
N THR Q 137 -46.59 -48.09 0.01
CA THR Q 137 -47.85 -47.41 -0.31
C THR Q 137 -48.34 -47.79 -1.71
N LYS Q 138 -49.59 -48.24 -1.81
CA LYS Q 138 -50.24 -48.58 -3.08
C LYS Q 138 -51.74 -48.34 -3.03
N GLY Q 139 -52.33 -48.15 -4.21
CA GLY Q 139 -53.78 -48.09 -4.40
C GLY Q 139 -54.44 -49.47 -4.51
N PRO Q 140 -55.75 -49.55 -4.24
CA PRO Q 140 -56.48 -50.82 -4.20
C PRO Q 140 -56.67 -51.48 -5.58
N SER Q 141 -56.72 -52.80 -5.57
CA SER Q 141 -57.47 -53.62 -6.53
C SER Q 141 -58.94 -53.63 -6.08
N VAL Q 142 -59.90 -53.58 -7.01
CA VAL Q 142 -61.26 -53.02 -6.74
C VAL Q 142 -62.43 -53.87 -7.24
N PHE Q 143 -62.21 -55.17 -7.41
CA PHE Q 143 -63.07 -56.07 -8.20
C PHE Q 143 -64.55 -56.15 -7.77
N PRO Q 144 -65.51 -56.18 -8.71
CA PRO Q 144 -66.91 -56.50 -8.40
C PRO Q 144 -67.09 -58.00 -8.11
N LEU Q 145 -68.09 -58.35 -7.31
CA LEU Q 145 -68.69 -59.70 -7.29
C LEU Q 145 -69.97 -59.68 -8.15
N ALA Q 146 -70.51 -60.85 -8.49
CA ALA Q 146 -71.69 -60.95 -9.35
C ALA Q 146 -72.41 -62.31 -9.20
N PRO Q 147 -73.67 -62.43 -9.67
CA PRO Q 147 -74.34 -63.71 -9.87
C PRO Q 147 -73.57 -64.73 -10.74
N SER Q 148 -73.80 -66.01 -10.46
CA SER Q 148 -73.27 -67.23 -11.10
C SER Q 148 -74.36 -68.32 -11.15
N SER Q 149 -74.16 -69.39 -11.93
CA SER Q 149 -75.21 -70.38 -12.27
C SER Q 149 -75.86 -71.04 -11.05
N LYS Q 150 -77.00 -70.45 -10.66
CA LYS Q 150 -77.83 -70.64 -9.47
C LYS Q 150 -79.23 -70.12 -9.83
N SER Q 151 -80.25 -70.44 -9.04
CA SER Q 151 -81.62 -69.90 -9.26
C SER Q 151 -81.70 -68.37 -9.21
N THR Q 152 -80.73 -67.69 -8.58
CA THR Q 152 -80.58 -66.22 -8.61
C THR Q 152 -81.83 -65.48 -8.10
N SER Q 153 -82.63 -66.16 -7.25
CA SER Q 153 -84.01 -65.78 -6.89
C SER Q 153 -84.41 -66.31 -5.51
N GLY Q 154 -85.44 -65.71 -4.92
CA GLY Q 154 -86.05 -66.11 -3.65
C GLY Q 154 -85.35 -65.52 -2.42
N GLY Q 155 -86.12 -65.07 -1.44
CA GLY Q 155 -85.61 -64.50 -0.18
C GLY Q 155 -84.70 -63.27 -0.37
N THR Q 156 -83.59 -63.22 0.36
CA THR Q 156 -82.55 -62.19 0.21
C THR Q 156 -81.74 -62.34 -1.09
N ALA Q 157 -81.54 -61.23 -1.79
CA ALA Q 157 -80.65 -61.10 -2.94
C ALA Q 157 -79.60 -60.00 -2.70
N ALA Q 158 -78.40 -60.16 -3.28
CA ALA Q 158 -77.25 -59.26 -3.16
C ALA Q 158 -76.26 -59.51 -4.31
N LEU Q 159 -75.34 -58.57 -4.57
CA LEU Q 159 -74.31 -58.70 -5.63
C LEU Q 159 -72.90 -58.58 -5.04
N GLY Q 160 -72.61 -57.44 -4.41
CA GLY Q 160 -71.38 -57.18 -3.65
C GLY Q 160 -70.16 -56.77 -4.47
N CYS Q 161 -69.13 -56.32 -3.78
CA CYS Q 161 -67.81 -55.97 -4.34
C CYS Q 161 -66.69 -56.16 -3.30
N LEU Q 162 -65.47 -56.25 -3.81
CA LEU Q 162 -64.25 -56.60 -3.07
C LEU Q 162 -63.20 -55.51 -3.27
N VAL Q 163 -62.42 -55.23 -2.23
CA VAL Q 163 -61.26 -54.32 -2.28
C VAL Q 163 -60.07 -55.03 -1.65
N LYS Q 164 -58.88 -54.94 -2.26
CA LYS Q 164 -57.65 -55.56 -1.75
C LYS Q 164 -56.40 -54.83 -2.25
N ASP Q 165 -55.21 -55.23 -1.79
CA ASP Q 165 -53.89 -54.74 -2.23
C ASP Q 165 -53.56 -53.28 -1.89
N TYR Q 166 -54.42 -52.56 -1.17
CA TYR Q 166 -54.12 -51.21 -0.68
C TYR Q 166 -53.30 -51.27 0.61
N PHE Q 167 -52.50 -50.23 0.86
CA PHE Q 167 -51.69 -50.08 2.08
C PHE Q 167 -52.16 -48.84 2.85
N PRO Q 168 -51.97 -48.82 4.18
CA PRO Q 168 -52.84 -48.09 5.09
C PRO Q 168 -54.35 -48.22 4.89
N GLU Q 169 -55.03 -48.47 6.01
CA GLU Q 169 -56.44 -48.85 6.10
C GLU Q 169 -57.51 -47.83 5.63
N PRO Q 170 -57.30 -46.50 5.56
CA PRO Q 170 -58.38 -45.56 5.20
C PRO Q 170 -58.75 -45.55 3.69
N VAL Q 171 -59.34 -46.65 3.23
CA VAL Q 171 -60.28 -46.63 2.10
C VAL Q 171 -61.58 -46.01 2.61
N THR Q 172 -62.25 -45.22 1.77
CA THR Q 172 -63.65 -44.84 1.95
C THR Q 172 -64.47 -45.55 0.89
N VAL Q 173 -65.49 -46.30 1.31
CA VAL Q 173 -66.33 -47.12 0.43
C VAL Q 173 -67.81 -46.87 0.73
N SER Q 174 -68.61 -46.73 -0.33
CA SER Q 174 -70.03 -46.40 -0.25
C SER Q 174 -70.78 -46.90 -1.50
N TRP Q 175 -72.11 -46.80 -1.47
CA TRP Q 175 -73.00 -47.29 -2.51
C TRP Q 175 -73.89 -46.17 -3.09
N ASN Q 176 -74.36 -46.39 -4.32
CA ASN Q 176 -75.35 -45.56 -4.99
C ASN Q 176 -74.89 -44.10 -5.21
N SER Q 177 -73.58 -43.83 -5.13
CA SER Q 177 -72.99 -42.49 -5.29
C SER Q 177 -73.56 -41.45 -4.31
N GLY Q 178 -73.80 -41.85 -3.06
CA GLY Q 178 -74.31 -40.99 -2.00
C GLY Q 178 -75.83 -41.02 -1.83
N ALA Q 179 -76.44 -42.20 -1.92
CA ALA Q 179 -77.89 -42.40 -1.74
C ALA Q 179 -78.21 -43.76 -1.08
N LEU Q 180 -79.43 -43.89 -0.53
CA LEU Q 180 -80.04 -45.14 -0.07
C LEU Q 180 -79.10 -45.98 0.82
N THR Q 181 -78.71 -45.42 1.96
CA THR Q 181 -77.71 -45.99 2.88
C THR Q 181 -78.24 -47.14 3.76
N SER Q 182 -79.55 -47.38 3.78
CA SER Q 182 -80.15 -48.56 4.43
C SER Q 182 -79.89 -49.83 3.61
N GLY Q 183 -79.66 -50.95 4.31
CA GLY Q 183 -79.29 -52.24 3.70
C GLY Q 183 -77.83 -52.34 3.22
N VAL Q 184 -77.01 -51.29 3.38
CA VAL Q 184 -75.55 -51.33 3.18
C VAL Q 184 -74.90 -52.11 4.33
N HIS Q 185 -73.92 -52.97 4.02
CA HIS Q 185 -73.09 -53.67 5.01
C HIS Q 185 -71.64 -53.79 4.52
N THR Q 186 -70.70 -53.83 5.46
CA THR Q 186 -69.27 -53.99 5.16
C THR Q 186 -68.58 -54.91 6.17
N PHE Q 187 -67.55 -55.60 5.68
CA PHE Q 187 -66.62 -56.40 6.46
C PHE Q 187 -65.32 -55.58 6.49
N PRO Q 188 -65.11 -54.74 7.52
CA PRO Q 188 -64.32 -53.52 7.40
C PRO Q 188 -62.85 -53.73 7.05
N ALA Q 189 -62.20 -54.72 7.65
CA ALA Q 189 -60.79 -55.00 7.39
C ALA Q 189 -60.41 -56.46 7.68
N VAL Q 190 -59.40 -56.92 6.94
CA VAL Q 190 -58.50 -58.02 7.28
C VAL Q 190 -57.16 -57.76 6.59
N LEU Q 191 -56.08 -58.37 7.07
CA LEU Q 191 -54.74 -58.21 6.51
C LEU Q 191 -54.36 -59.42 5.66
N GLN Q 192 -54.09 -59.17 4.38
CA GLN Q 192 -53.46 -60.10 3.45
C GLN Q 192 -51.94 -60.16 3.68
N SER Q 193 -51.29 -61.14 3.06
CA SER Q 193 -49.85 -61.42 3.23
C SER Q 193 -48.97 -60.20 3.01
N SER Q 194 -47.94 -60.05 3.85
CA SER Q 194 -47.08 -58.85 4.00
C SER Q 194 -47.78 -57.57 4.50
N GLY Q 195 -49.06 -57.64 4.86
CA GLY Q 195 -49.78 -56.54 5.53
C GLY Q 195 -50.59 -55.61 4.62
N LEU Q 196 -50.88 -56.01 3.38
CA LEU Q 196 -51.84 -55.29 2.51
C LEU Q 196 -53.29 -55.55 2.99
N TYR Q 197 -54.14 -54.54 2.93
CA TYR Q 197 -55.50 -54.62 3.48
C TYR Q 197 -56.50 -55.24 2.50
N SER Q 198 -57.61 -55.75 3.02
CA SER Q 198 -58.78 -56.15 2.22
C SER Q 198 -60.12 -55.91 2.94
N LEU Q 199 -61.16 -55.59 2.15
CA LEU Q 199 -62.51 -55.19 2.57
C LEU Q 199 -63.54 -55.81 1.61
N SER Q 200 -64.66 -56.29 2.14
CA SER Q 200 -65.83 -56.71 1.35
C SER Q 200 -67.02 -55.81 1.64
N SER Q 201 -67.74 -55.37 0.62
CA SER Q 201 -68.85 -54.42 0.72
C SER Q 201 -70.07 -54.92 -0.07
N VAL Q 202 -71.27 -54.76 0.50
CA VAL Q 202 -72.52 -55.31 -0.06
C VAL Q 202 -73.71 -54.38 0.22
N VAL Q 203 -74.76 -54.57 -0.58
CA VAL Q 203 -76.14 -54.16 -0.30
C VAL Q 203 -77.05 -55.37 -0.47
N THR Q 204 -78.02 -55.55 0.43
CA THR Q 204 -78.91 -56.74 0.45
C THR Q 204 -80.39 -56.32 0.41
N VAL Q 205 -81.19 -57.02 -0.39
CA VAL Q 205 -82.55 -56.61 -0.80
C VAL Q 205 -83.50 -57.81 -0.94
N PRO Q 206 -84.83 -57.60 -1.01
CA PRO Q 206 -85.79 -58.60 -1.49
C PRO Q 206 -85.50 -59.11 -2.92
N SER Q 207 -85.93 -60.33 -3.24
CA SER Q 207 -85.65 -61.04 -4.50
C SER Q 207 -85.89 -60.22 -5.78
N SER Q 208 -87.04 -59.56 -5.89
CA SER Q 208 -87.43 -58.75 -7.07
C SER Q 208 -86.62 -57.46 -7.26
N SER Q 209 -85.85 -57.04 -6.25
CA SER Q 209 -84.99 -55.85 -6.30
C SER Q 209 -83.59 -56.11 -6.91
N LEU Q 210 -83.27 -57.35 -7.31
CA LEU Q 210 -81.94 -57.74 -7.82
C LEU Q 210 -81.64 -57.24 -9.23
N GLY Q 211 -82.55 -57.51 -10.18
CA GLY Q 211 -82.39 -57.19 -11.61
C GLY Q 211 -83.01 -55.85 -12.04
N THR Q 212 -83.25 -54.92 -11.10
CA THR Q 212 -84.21 -53.81 -11.30
C THR Q 212 -83.71 -52.41 -10.89
N GLN Q 213 -82.41 -52.21 -10.68
CA GLN Q 213 -81.81 -50.86 -10.45
C GLN Q 213 -80.35 -50.76 -10.89
N THR Q 214 -79.83 -49.54 -11.02
CA THR Q 214 -78.40 -49.29 -11.21
C THR Q 214 -77.65 -49.45 -9.88
N TYR Q 215 -77.19 -50.67 -9.58
CA TYR Q 215 -76.25 -50.91 -8.49
C TYR Q 215 -74.86 -50.37 -8.87
N ILE Q 216 -74.39 -49.37 -8.13
CA ILE Q 216 -73.08 -48.74 -8.31
C ILE Q 216 -72.35 -48.67 -6.96
N CYS Q 217 -71.07 -49.08 -6.95
CA CYS Q 217 -70.21 -49.04 -5.78
C CYS Q 217 -69.10 -48.01 -6.00
N ASN Q 218 -68.79 -47.28 -4.93
CA ASN Q 218 -67.87 -46.16 -4.90
C ASN Q 218 -66.68 -46.52 -4.00
N VAL Q 219 -65.45 -46.43 -4.51
CA VAL Q 219 -64.22 -46.69 -3.73
C VAL Q 219 -63.23 -45.54 -3.91
N ASN Q 220 -62.66 -45.05 -2.81
CA ASN Q 220 -61.61 -44.03 -2.80
C ASN Q 220 -60.57 -44.35 -1.72
N HIS Q 221 -59.28 -44.05 -1.93
CA HIS Q 221 -58.20 -44.37 -0.99
C HIS Q 221 -57.21 -43.21 -0.85
N LYS Q 222 -57.35 -42.41 0.21
CA LYS Q 222 -56.59 -41.16 0.41
C LYS Q 222 -55.06 -41.32 0.30
N PRO Q 223 -54.43 -42.35 0.92
CA PRO Q 223 -52.98 -42.56 0.83
C PRO Q 223 -52.41 -42.77 -0.59
N SER Q 224 -53.25 -43.00 -1.61
CA SER Q 224 -52.81 -43.16 -3.01
C SER Q 224 -53.59 -42.31 -4.03
N ASN Q 225 -54.48 -41.42 -3.56
CA ASN Q 225 -55.43 -40.61 -4.34
C ASN Q 225 -56.27 -41.38 -5.39
N THR Q 226 -56.46 -42.69 -5.20
CA THR Q 226 -57.23 -43.57 -6.12
C THR Q 226 -58.74 -43.32 -5.97
N LYS Q 227 -59.49 -43.26 -7.08
CA LYS Q 227 -60.96 -43.19 -7.12
C LYS Q 227 -61.54 -44.14 -8.17
N VAL Q 228 -62.60 -44.88 -7.83
CA VAL Q 228 -63.29 -45.83 -8.73
C VAL Q 228 -64.80 -45.83 -8.46
N ASP Q 229 -65.60 -45.50 -9.47
CA ASP Q 229 -67.07 -45.66 -9.47
C ASP Q 229 -67.49 -46.63 -10.60
N LYS Q 230 -68.15 -47.76 -10.29
CA LYS Q 230 -68.59 -48.74 -11.30
C LYS Q 230 -69.73 -49.65 -10.85
N LYS Q 231 -70.42 -50.26 -11.82
CA LYS Q 231 -71.54 -51.20 -11.64
C LYS Q 231 -71.10 -52.64 -11.34
N VAL Q 232 -72.04 -53.47 -10.88
CA VAL Q 232 -71.80 -54.83 -10.31
C VAL Q 232 -72.73 -55.90 -10.92
N GLU Q 233 -73.08 -55.77 -12.19
CA GLU Q 233 -73.99 -56.66 -12.94
C GLU Q 233 -73.48 -58.11 -13.12
N PRO Q 234 -74.37 -59.09 -13.42
CA PRO Q 234 -73.99 -60.47 -13.76
C PRO Q 234 -72.86 -60.62 -14.79
N LYS Q 235 -71.83 -61.41 -14.45
CA LYS Q 235 -70.58 -61.55 -15.22
C LYS Q 235 -70.04 -62.99 -15.33
N SER Q 236 -70.79 -64.01 -14.93
CA SER Q 236 -70.32 -65.41 -14.98
C SER Q 236 -70.46 -66.06 -16.36
N CYS Q 237 -71.64 -65.97 -16.98
CA CYS Q 237 -71.90 -66.49 -18.33
C CYS Q 237 -72.95 -65.66 -19.10
N ASP Q 238 -74.03 -65.28 -18.43
CA ASP Q 238 -75.00 -64.26 -18.88
C ASP Q 238 -74.41 -62.85 -18.71
N LYS Q 239 -73.37 -62.55 -19.50
CA LYS Q 239 -72.59 -61.29 -19.47
C LYS Q 239 -73.52 -60.07 -19.64
N THR Q 240 -73.70 -59.31 -18.56
CA THR Q 240 -74.72 -58.26 -18.42
C THR Q 240 -74.10 -56.90 -18.08
N HIS Q 241 -74.66 -55.81 -18.62
CA HIS Q 241 -74.23 -54.42 -18.35
C HIS Q 241 -75.38 -53.45 -18.01
N THR Q 242 -76.65 -53.87 -18.16
CA THR Q 242 -77.87 -53.08 -17.91
C THR Q 242 -79.00 -53.98 -17.42
N PRO R 1 -12.64 -41.02 16.71
CA PRO R 1 -13.40 -40.94 17.99
C PRO R 1 -12.45 -40.78 19.19
N VAL R 2 -12.99 -40.60 20.40
CA VAL R 2 -12.22 -40.62 21.65
C VAL R 2 -11.77 -42.04 22.02
N MET R 3 -10.53 -42.19 22.49
CA MET R 3 -9.90 -43.49 22.79
C MET R 3 -9.54 -43.63 24.27
N CYS R 4 -9.70 -44.84 24.82
CA CYS R 4 -9.34 -45.18 26.21
C CYS R 4 -8.61 -46.54 26.31
N LEU R 5 -7.95 -46.79 27.44
CA LEU R 5 -7.07 -47.94 27.69
C LEU R 5 -7.66 -48.91 28.73
N LEU R 6 -7.78 -50.20 28.39
CA LEU R 6 -8.24 -51.27 29.30
C LEU R 6 -7.11 -51.73 30.26
N ALA R 7 -5.98 -52.14 29.68
CA ALA R 7 -4.78 -52.61 30.36
C ALA R 7 -3.61 -52.68 29.35
N ASN R 8 -3.64 -53.68 28.46
CA ASN R 8 -2.75 -53.77 27.28
C ASN R 8 -3.41 -53.29 25.96
N THR R 9 -4.73 -53.11 25.96
CA THR R 9 -5.56 -52.85 24.77
C THR R 9 -6.14 -51.43 24.82
N THR R 10 -5.86 -50.63 23.80
CA THR R 10 -6.53 -49.35 23.53
C THR R 10 -7.76 -49.54 22.63
N PHE R 11 -8.84 -48.78 22.86
CA PHE R 11 -10.14 -48.99 22.19
C PHE R 11 -10.91 -47.69 21.90
N PRO R 12 -11.82 -47.69 20.91
CA PRO R 12 -12.79 -46.61 20.68
C PRO R 12 -13.94 -46.69 21.70
N CYS R 13 -14.26 -45.56 22.34
CA CYS R 13 -15.25 -45.53 23.42
C CYS R 13 -16.71 -45.76 22.95
N SER R 14 -16.97 -45.69 21.64
CA SER R 14 -18.23 -46.12 21.03
C SER R 14 -18.38 -47.65 20.91
N GLN R 15 -17.29 -48.42 21.04
CA GLN R 15 -17.31 -49.89 20.94
C GLN R 15 -16.16 -50.52 21.77
N PRO R 16 -16.18 -50.40 23.10
CA PRO R 16 -15.13 -50.93 23.97
C PRO R 16 -15.09 -52.46 23.93
N PRO R 17 -13.96 -53.09 24.27
CA PRO R 17 -13.66 -54.49 23.92
C PRO R 17 -14.58 -55.49 24.62
N CYS R 18 -15.14 -55.11 25.76
CA CYS R 18 -16.09 -55.87 26.56
C CYS R 18 -17.50 -56.02 25.93
N THR R 19 -17.88 -55.18 24.97
CA THR R 19 -19.27 -55.01 24.48
C THR R 19 -19.85 -56.32 23.92
N PRO R 20 -21.14 -56.65 24.14
CA PRO R 20 -22.17 -55.93 24.89
C PRO R 20 -22.17 -56.20 26.41
N CYS R 21 -23.07 -55.53 27.13
CA CYS R 21 -23.53 -55.86 28.49
C CYS R 21 -22.42 -56.11 29.53
N CYS R 22 -21.43 -55.22 29.58
CA CYS R 22 -20.23 -55.40 30.42
C CYS R 22 -20.55 -55.59 31.91
N TYR R 23 -21.35 -54.74 32.55
CA TYR R 23 -21.64 -54.93 33.98
C TYR R 23 -22.57 -56.13 34.27
N GLU R 24 -23.39 -56.56 33.31
CA GLU R 24 -24.21 -57.77 33.46
C GLU R 24 -23.36 -59.06 33.47
N LYS R 25 -22.33 -59.12 32.60
CA LYS R 25 -21.36 -60.23 32.57
C LYS R 25 -20.33 -60.16 33.69
N GLU R 26 -19.72 -58.99 33.86
CA GLU R 26 -18.38 -58.84 34.45
C GLU R 26 -18.16 -57.50 35.17
N PRO R 27 -18.81 -57.28 36.35
CA PRO R 27 -18.56 -56.13 37.21
C PRO R 27 -17.09 -55.88 37.52
N GLU R 28 -16.32 -56.91 37.88
CA GLU R 28 -14.91 -56.74 38.23
C GLU R 28 -14.04 -56.33 37.02
N GLU R 29 -14.31 -56.85 35.82
CA GLU R 29 -13.65 -56.35 34.60
C GLU R 29 -13.99 -54.87 34.35
N THR R 30 -15.24 -54.48 34.62
CA THR R 30 -15.69 -53.08 34.53
C THR R 30 -14.94 -52.19 35.54
N LEU R 31 -14.76 -52.66 36.79
CA LEU R 31 -13.93 -52.01 37.81
C LEU R 31 -12.48 -51.84 37.30
N ARG R 32 -11.86 -52.95 36.89
CA ARG R 32 -10.46 -52.99 36.45
C ARG R 32 -10.20 -52.09 35.24
N MET R 33 -11.19 -51.94 34.34
CA MET R 33 -11.16 -50.99 33.23
C MET R 33 -11.30 -49.54 33.71
N LEU R 34 -12.36 -49.24 34.46
CA LEU R 34 -12.71 -47.87 34.85
C LEU R 34 -11.70 -47.21 35.80
N GLU R 35 -10.95 -47.98 36.60
CA GLU R 35 -9.94 -47.46 37.54
C GLU R 35 -8.89 -46.54 36.91
N ASP R 36 -8.51 -46.78 35.65
CA ASP R 36 -7.55 -45.93 34.91
C ASP R 36 -8.24 -44.93 33.98
N ASN R 37 -9.57 -44.94 33.88
CA ASN R 37 -10.32 -44.09 32.94
C ASN R 37 -11.07 -42.94 33.65
N VAL R 38 -10.94 -42.83 34.97
CA VAL R 38 -11.51 -41.81 35.90
C VAL R 38 -11.13 -40.35 35.63
N MET R 39 -10.45 -40.10 34.50
CA MET R 39 -9.67 -38.89 34.20
C MET R 39 -9.51 -38.67 32.69
N ARG R 40 -10.46 -39.17 31.89
CA ARG R 40 -10.47 -39.11 30.42
C ARG R 40 -11.73 -38.43 29.89
N PRO R 41 -11.67 -37.70 28.76
CA PRO R 41 -12.81 -37.00 28.17
C PRO R 41 -13.82 -37.95 27.50
N GLY R 42 -13.62 -39.26 27.57
CA GLY R 42 -14.57 -40.31 27.18
C GLY R 42 -15.20 -41.10 28.34
N TYR R 43 -14.99 -40.71 29.61
CA TYR R 43 -15.44 -41.49 30.78
C TYR R 43 -16.94 -41.80 30.75
N TYR R 44 -17.76 -40.77 30.51
CA TYR R 44 -19.21 -40.90 30.42
C TYR R 44 -19.65 -41.74 29.20
N GLN R 45 -18.97 -41.64 28.06
CA GLN R 45 -19.25 -42.52 26.91
C GLN R 45 -18.98 -43.98 27.25
N LEU R 46 -17.89 -44.27 27.97
CA LEU R 46 -17.60 -45.63 28.43
C LEU R 46 -18.63 -46.12 29.45
N LEU R 47 -19.16 -45.26 30.32
CA LEU R 47 -20.27 -45.59 31.22
C LEU R 47 -21.54 -45.93 30.43
N GLN R 48 -21.83 -45.17 29.38
CA GLN R 48 -22.94 -45.37 28.45
C GLN R 48 -22.77 -46.62 27.57
N ALA R 49 -21.55 -47.09 27.34
CA ALA R 49 -21.27 -48.34 26.62
C ALA R 49 -21.24 -49.60 27.53
N SER R 50 -20.88 -49.46 28.81
CA SER R 50 -20.62 -50.61 29.70
C SER R 50 -21.78 -50.98 30.63
N LEU R 51 -22.58 -50.02 31.13
CA LEU R 51 -23.59 -50.32 32.14
C LEU R 51 -24.86 -49.43 32.14
N THR R 52 -24.79 -48.19 31.67
CA THR R 52 -25.97 -47.31 31.58
C THR R 52 -26.50 -47.30 30.15
N CYS R 53 -27.81 -47.55 29.95
CA CYS R 53 -28.52 -47.61 28.66
C CYS R 53 -28.06 -48.72 27.68
N SER R 54 -26.87 -49.30 27.88
CA SER R 54 -26.26 -50.36 27.06
C SER R 54 -26.82 -51.76 27.36
N PRO R 55 -26.77 -52.28 28.61
CA PRO R 55 -27.49 -53.50 28.98
C PRO R 55 -28.98 -53.50 28.62
N HIS R 56 -29.50 -54.67 28.24
CA HIS R 56 -30.92 -54.93 27.98
C HIS R 56 -31.27 -56.43 28.09
N ARG R 57 -32.56 -56.73 28.27
CA ARG R 57 -33.13 -58.10 28.18
C ARG R 57 -34.01 -58.29 26.93
N GLN R 58 -34.91 -57.35 26.63
CA GLN R 58 -35.60 -57.32 25.34
C GLN R 58 -34.62 -56.99 24.22
N ARG R 59 -34.65 -57.76 23.12
CA ARG R 59 -33.94 -57.41 21.86
C ARG R 59 -34.37 -56.03 21.36
N ARG R 60 -33.38 -55.16 21.07
CA ARG R 60 -33.60 -53.78 20.60
C ARG R 60 -33.76 -53.75 19.09
N PRO S 1 -39.03 -24.55 12.09
CA PRO S 1 -38.96 -23.98 10.74
C PRO S 1 -39.01 -22.45 10.70
N VAL S 2 -38.99 -21.87 9.49
CA VAL S 2 -39.23 -20.45 9.20
C VAL S 2 -39.84 -20.33 7.80
N MET S 3 -40.67 -19.30 7.53
CA MET S 3 -41.56 -19.24 6.35
C MET S 3 -41.20 -18.15 5.31
N CYS S 4 -41.02 -18.55 4.06
CA CYS S 4 -40.85 -17.69 2.88
C CYS S 4 -42.10 -16.93 2.47
N LEU S 5 -41.92 -15.84 1.73
CA LEU S 5 -42.98 -15.10 1.03
C LEU S 5 -42.88 -15.38 -0.47
N LEU S 6 -44.00 -15.77 -1.11
CA LEU S 6 -44.05 -16.07 -2.55
C LEU S 6 -44.67 -14.91 -3.36
N ALA S 7 -45.86 -14.46 -2.95
CA ALA S 7 -46.58 -13.29 -3.45
C ALA S 7 -47.75 -12.96 -2.50
N ASN S 8 -48.52 -13.99 -2.15
CA ASN S 8 -49.43 -14.06 -1.00
C ASN S 8 -49.20 -15.31 -0.13
N THR S 9 -48.85 -16.42 -0.78
CA THR S 9 -48.60 -17.76 -0.20
C THR S 9 -47.27 -17.82 0.55
N THR S 10 -47.14 -18.76 1.50
CA THR S 10 -45.91 -19.02 2.27
C THR S 10 -45.52 -20.49 2.28
N PHE S 11 -44.22 -20.78 2.43
CA PHE S 11 -43.65 -22.14 2.46
C PHE S 11 -42.38 -22.20 3.34
N PRO S 12 -42.00 -23.34 3.93
CA PRO S 12 -40.80 -23.43 4.76
C PRO S 12 -39.52 -23.16 3.97
N CYS S 13 -38.56 -22.41 4.53
CA CYS S 13 -37.40 -21.88 3.77
C CYS S 13 -36.44 -22.93 3.18
N SER S 14 -36.35 -24.12 3.77
CA SER S 14 -35.61 -25.25 3.19
C SER S 14 -36.32 -25.88 1.97
N GLN S 15 -37.65 -25.75 1.91
CA GLN S 15 -38.49 -26.34 0.86
C GLN S 15 -38.64 -25.43 -0.37
N PRO S 16 -38.94 -26.01 -1.55
CA PRO S 16 -39.18 -25.24 -2.77
C PRO S 16 -40.58 -24.60 -2.80
N PRO S 17 -40.75 -23.47 -3.52
CA PRO S 17 -42.06 -22.96 -3.91
C PRO S 17 -42.70 -23.81 -5.04
N CYS S 18 -41.86 -24.26 -5.97
CA CYS S 18 -42.22 -25.00 -7.17
C CYS S 18 -41.08 -25.99 -7.50
N THR S 19 -41.41 -27.19 -7.97
CA THR S 19 -40.45 -28.26 -8.31
C THR S 19 -41.10 -29.25 -9.30
N PRO S 20 -40.31 -30.06 -10.03
CA PRO S 20 -38.85 -30.17 -10.02
C PRO S 20 -38.17 -29.01 -10.76
N CYS S 21 -36.84 -28.93 -10.69
CA CYS S 21 -36.01 -28.07 -11.55
C CYS S 21 -36.45 -26.60 -11.61
N CYS S 22 -36.57 -25.94 -10.45
CA CYS S 22 -37.27 -24.67 -10.22
C CYS S 22 -37.05 -23.60 -11.31
N TYR S 23 -35.81 -23.11 -11.47
CA TYR S 23 -35.45 -22.10 -12.48
C TYR S 23 -35.63 -22.63 -13.92
N GLU S 24 -35.25 -23.88 -14.16
CA GLU S 24 -35.25 -24.47 -15.50
C GLU S 24 -36.66 -24.58 -16.10
N LYS S 25 -37.69 -24.71 -15.24
CA LYS S 25 -39.10 -24.62 -15.62
C LYS S 25 -39.50 -23.20 -16.02
N GLU S 26 -39.26 -22.22 -15.14
CA GLU S 26 -39.92 -20.91 -15.21
C GLU S 26 -39.05 -19.74 -14.68
N PRO S 27 -38.10 -19.22 -15.48
CA PRO S 27 -37.23 -18.11 -15.09
C PRO S 27 -37.97 -16.87 -14.59
N GLU S 28 -38.92 -16.36 -15.37
CA GLU S 28 -39.66 -15.13 -15.07
C GLU S 28 -40.65 -15.29 -13.89
N GLU S 29 -40.95 -16.54 -13.49
CA GLU S 29 -41.68 -16.82 -12.25
C GLU S 29 -40.71 -16.94 -11.07
N THR S 30 -39.53 -17.55 -11.28
CA THR S 30 -38.48 -17.69 -10.24
C THR S 30 -37.90 -16.32 -9.80
N LEU S 31 -38.09 -15.29 -10.63
CA LEU S 31 -37.99 -13.88 -10.25
C LEU S 31 -38.79 -13.52 -8.98
N ARG S 32 -40.01 -14.03 -8.79
CA ARG S 32 -40.97 -13.53 -7.77
C ARG S 32 -40.39 -13.46 -6.36
N MET S 33 -39.69 -14.49 -5.90
CA MET S 33 -39.12 -14.52 -4.55
C MET S 33 -37.81 -13.71 -4.48
N LEU S 34 -36.99 -13.81 -5.52
CA LEU S 34 -35.67 -13.17 -5.57
C LEU S 34 -35.77 -11.65 -5.74
N GLU S 35 -36.94 -11.12 -6.06
CA GLU S 35 -37.28 -9.69 -5.92
C GLU S 35 -37.08 -9.15 -4.49
N ASP S 36 -37.53 -9.90 -3.47
CA ASP S 36 -37.90 -9.31 -2.17
C ASP S 36 -37.47 -10.13 -0.96
N ASN S 37 -37.13 -11.41 -1.12
CA ASN S 37 -36.54 -12.23 -0.07
C ASN S 37 -35.10 -11.80 0.27
N VAL S 38 -34.53 -10.79 -0.39
CA VAL S 38 -33.18 -10.26 -0.16
C VAL S 38 -32.91 -9.85 1.30
N MET S 39 -33.91 -9.35 2.03
CA MET S 39 -33.75 -8.99 3.45
C MET S 39 -33.86 -10.18 4.41
N ARG S 40 -34.37 -11.33 3.95
CA ARG S 40 -34.71 -12.46 4.83
C ARG S 40 -33.52 -13.39 5.08
N PRO S 41 -33.42 -14.04 6.24
CA PRO S 41 -32.33 -14.98 6.53
C PRO S 41 -32.39 -16.26 5.68
N GLY S 42 -33.59 -16.67 5.27
CA GLY S 42 -33.81 -17.89 4.49
C GLY S 42 -33.33 -17.83 3.04
N TYR S 43 -32.89 -16.67 2.54
CA TYR S 43 -32.53 -16.47 1.13
C TYR S 43 -31.52 -17.52 0.61
N TYR S 44 -30.45 -17.81 1.35
CA TYR S 44 -29.46 -18.81 0.90
C TYR S 44 -29.92 -20.28 1.03
N GLN S 45 -30.97 -20.58 1.80
CA GLN S 45 -31.62 -21.90 1.76
C GLN S 45 -32.50 -22.02 0.50
N LEU S 46 -33.33 -21.00 0.26
CA LEU S 46 -34.17 -20.88 -0.93
C LEU S 46 -33.35 -20.90 -2.23
N LEU S 47 -32.23 -20.18 -2.26
CA LEU S 47 -31.33 -20.13 -3.41
C LEU S 47 -30.68 -21.49 -3.69
N GLN S 48 -30.21 -22.19 -2.65
CA GLN S 48 -29.63 -23.53 -2.81
C GLN S 48 -30.62 -24.47 -3.47
N ALA S 49 -31.83 -24.57 -2.94
CA ALA S 49 -32.90 -25.41 -3.50
C ALA S 49 -33.25 -25.01 -4.94
N SER S 50 -33.32 -23.70 -5.22
CA SER S 50 -33.73 -23.16 -6.52
C SER S 50 -32.66 -23.20 -7.62
N LEU S 51 -31.36 -23.18 -7.29
CA LEU S 51 -30.29 -22.84 -8.24
C LEU S 51 -28.90 -23.50 -8.05
N THR S 52 -28.60 -24.29 -7.00
CA THR S 52 -27.20 -24.76 -6.78
C THR S 52 -26.97 -26.05 -5.97
N CYS S 53 -27.90 -26.52 -5.13
CA CYS S 53 -27.56 -27.48 -4.06
C CYS S 53 -27.00 -28.82 -4.61
N SER S 54 -27.63 -29.36 -5.65
CA SER S 54 -27.36 -30.69 -6.22
C SER S 54 -27.67 -30.73 -7.73
N PRO S 55 -27.23 -29.71 -8.48
CA PRO S 55 -27.59 -29.46 -9.88
C PRO S 55 -28.99 -29.93 -10.35
N HIS S 56 -30.01 -29.59 -9.56
CA HIS S 56 -31.43 -29.87 -9.79
C HIS S 56 -31.81 -31.35 -9.95
N ARG S 57 -30.98 -32.28 -9.45
CA ARG S 57 -31.19 -33.74 -9.51
C ARG S 57 -31.22 -34.38 -8.12
N GLN S 58 -30.14 -35.04 -7.68
CA GLN S 58 -30.10 -35.87 -6.46
C GLN S 58 -29.62 -35.07 -5.22
N ARG S 59 -28.56 -35.52 -4.53
CA ARG S 59 -28.18 -35.11 -3.16
C ARG S 59 -26.78 -34.47 -3.13
N ARG S 60 -26.57 -33.53 -2.21
CA ARG S 60 -25.28 -32.84 -1.97
C ARG S 60 -24.25 -33.75 -1.31
N PRO T 1 -4.47 24.68 -71.51
CA PRO T 1 -3.98 23.49 -70.78
C PRO T 1 -2.65 23.72 -70.04
N VAL T 2 -2.25 22.76 -69.19
CA VAL T 2 -0.94 22.71 -68.52
C VAL T 2 -0.05 21.65 -69.20
N MET T 3 1.22 21.97 -69.44
CA MET T 3 2.03 21.29 -70.46
C MET T 3 3.16 20.39 -69.93
N CYS T 4 3.29 19.22 -70.53
CA CYS T 4 4.43 18.30 -70.41
C CYS T 4 5.64 18.72 -71.27
N LEU T 5 6.76 18.02 -71.05
CA LEU T 5 8.00 18.15 -71.83
C LEU T 5 8.62 16.76 -72.08
N LEU T 6 9.17 16.53 -73.28
CA LEU T 6 10.00 15.36 -73.64
C LEU T 6 11.18 15.77 -74.55
N ALA T 7 11.76 16.95 -74.29
CA ALA T 7 12.84 17.63 -75.03
C ALA T 7 12.54 17.98 -76.51
N ASN T 8 12.18 17.00 -77.34
CA ASN T 8 11.80 17.21 -78.74
C ASN T 8 10.34 17.69 -78.91
N THR T 9 9.49 17.52 -77.90
CA THR T 9 8.04 17.79 -78.00
C THR T 9 7.40 18.20 -76.67
N THR T 10 6.25 18.87 -76.76
CA THR T 10 5.41 19.34 -75.66
C THR T 10 3.93 19.14 -76.02
N PHE T 11 3.12 18.77 -75.02
CA PHE T 11 1.73 18.34 -75.14
C PHE T 11 1.01 18.46 -73.77
N PRO T 12 -0.33 18.53 -73.69
CA PRO T 12 -1.03 18.68 -72.42
C PRO T 12 -0.80 17.51 -71.44
N CYS T 13 -0.85 17.81 -70.14
CA CYS T 13 -0.95 16.81 -69.06
C CYS T 13 -2.35 16.15 -69.01
N SER T 14 -2.89 15.73 -70.16
CA SER T 14 -4.24 15.19 -70.36
C SER T 14 -4.36 14.36 -71.66
N GLN T 15 -3.22 13.86 -72.15
CA GLN T 15 -3.11 12.87 -73.23
C GLN T 15 -1.88 11.99 -72.95
N PRO T 16 -1.81 10.74 -73.45
CA PRO T 16 -0.68 9.86 -73.15
C PRO T 16 0.63 10.43 -73.74
N PRO T 17 1.69 10.62 -72.93
CA PRO T 17 2.98 11.12 -73.40
C PRO T 17 3.60 10.27 -74.52
N CYS T 18 3.36 8.96 -74.46
CA CYS T 18 3.78 7.99 -75.46
C CYS T 18 2.70 6.90 -75.67
N THR T 19 2.26 6.26 -74.59
CA THR T 19 1.34 5.11 -74.62
C THR T 19 0.71 4.87 -73.22
N PRO T 20 -0.44 4.19 -73.06
CA PRO T 20 -0.98 3.82 -71.74
C PRO T 20 -0.05 2.91 -70.92
N CYS T 21 0.01 3.13 -69.59
CA CYS T 21 0.86 2.41 -68.64
C CYS T 21 2.31 2.23 -69.13
N CYS T 22 2.98 3.35 -69.42
CA CYS T 22 4.24 3.42 -70.17
C CYS T 22 5.36 2.54 -69.60
N TYR T 23 5.46 2.50 -68.27
CA TYR T 23 6.55 1.86 -67.54
C TYR T 23 6.72 0.37 -67.88
N GLU T 24 5.63 -0.35 -68.18
CA GLU T 24 5.69 -1.77 -68.56
C GLU T 24 6.25 -1.99 -69.97
N LYS T 25 6.08 -1.02 -70.89
CA LYS T 25 6.50 -1.13 -72.29
C LYS T 25 7.91 -0.58 -72.52
N GLU T 26 8.26 0.47 -71.79
CA GLU T 26 9.44 1.32 -72.06
C GLU T 26 10.07 1.82 -70.74
N PRO T 27 10.59 0.93 -69.86
CA PRO T 27 10.91 1.29 -68.48
C PRO T 27 12.06 2.29 -68.34
N GLU T 28 13.25 1.99 -68.88
CA GLU T 28 14.45 2.81 -68.66
C GLU T 28 14.39 4.21 -69.33
N GLU T 29 13.49 4.43 -70.30
CA GLU T 29 13.14 5.78 -70.77
C GLU T 29 11.88 6.35 -70.09
N THR T 30 10.98 5.56 -69.50
CA THR T 30 9.96 6.09 -68.58
C THR T 30 10.58 6.66 -67.31
N LEU T 31 11.73 6.12 -66.86
CA LEU T 31 12.60 6.78 -65.87
C LEU T 31 12.99 8.21 -66.29
N ARG T 32 13.18 8.45 -67.59
CA ARG T 32 13.56 9.74 -68.17
C ARG T 32 12.39 10.67 -68.44
N MET T 33 11.18 10.17 -68.71
CA MET T 33 10.00 11.03 -68.80
C MET T 33 9.80 11.85 -67.52
N LEU T 34 10.14 11.30 -66.35
CA LEU T 34 10.14 12.02 -65.08
C LEU T 34 11.44 12.78 -64.74
N GLU T 35 12.48 12.66 -65.58
CA GLU T 35 13.59 13.63 -65.61
C GLU T 35 13.29 14.84 -66.53
N ASP T 36 12.40 14.70 -67.52
CA ASP T 36 11.91 15.82 -68.33
C ASP T 36 10.71 16.55 -67.69
N ASN T 37 9.65 15.84 -67.31
CA ASN T 37 8.48 16.39 -66.59
C ASN T 37 8.76 16.65 -65.10
N VAL T 38 10.03 16.79 -64.72
CA VAL T 38 10.52 16.57 -63.36
C VAL T 38 9.92 17.50 -62.30
N MET T 39 9.73 18.79 -62.61
CA MET T 39 9.39 19.81 -61.62
C MET T 39 8.43 20.85 -62.21
N ARG T 40 7.27 20.36 -62.64
CA ARG T 40 6.13 21.14 -63.17
C ARG T 40 4.80 20.62 -62.59
N PRO T 41 3.76 21.48 -62.48
CA PRO T 41 2.58 21.16 -61.71
C PRO T 41 1.65 20.11 -62.35
N GLY T 42 1.66 19.98 -63.68
CA GLY T 42 0.63 19.19 -64.36
C GLY T 42 0.85 17.68 -64.32
N TYR T 43 2.07 17.17 -64.61
CA TYR T 43 2.24 15.74 -64.91
C TYR T 43 2.00 14.83 -63.69
N TYR T 44 2.26 15.32 -62.48
CA TYR T 44 1.93 14.58 -61.26
C TYR T 44 0.42 14.43 -61.00
N GLN T 45 -0.44 15.04 -61.83
CA GLN T 45 -1.86 14.74 -61.96
C GLN T 45 -2.25 14.02 -63.27
N LEU T 46 -1.33 13.83 -64.22
CA LEU T 46 -1.51 12.89 -65.34
C LEU T 46 -1.02 11.47 -64.99
N LEU T 47 -0.05 11.32 -64.09
CA LEU T 47 0.35 9.99 -63.57
C LEU T 47 -0.85 9.18 -63.05
N GLN T 48 -1.83 9.85 -62.45
CA GLN T 48 -3.12 9.29 -62.03
C GLN T 48 -3.85 8.51 -63.15
N ALA T 49 -3.61 8.85 -64.42
CA ALA T 49 -4.12 8.17 -65.62
C ALA T 49 -3.02 7.60 -66.54
N SER T 50 -1.75 7.57 -66.11
CA SER T 50 -0.58 7.16 -66.91
C SER T 50 0.28 6.03 -66.30
N LEU T 51 -0.12 5.49 -65.15
CA LEU T 51 0.43 4.29 -64.49
C LEU T 51 -0.72 3.64 -63.69
N THR T 52 -1.79 3.28 -64.41
CA THR T 52 -3.15 3.25 -63.82
C THR T 52 -3.98 1.99 -64.03
N CYS T 53 -4.01 1.43 -65.24
CA CYS T 53 -5.07 0.49 -65.66
C CYS T 53 -4.50 -0.73 -66.40
N SER T 54 -5.32 -1.45 -67.15
CA SER T 54 -4.91 -2.65 -67.90
C SER T 54 -4.61 -2.37 -69.38
N PRO T 55 -3.32 -2.45 -69.80
CA PRO T 55 -2.94 -2.79 -71.16
C PRO T 55 -3.49 -4.15 -71.63
N HIS T 56 -3.07 -4.62 -72.81
CA HIS T 56 -3.55 -5.87 -73.43
C HIS T 56 -3.04 -7.18 -72.81
N ARG T 57 -2.41 -7.14 -71.62
CA ARG T 57 -2.17 -8.30 -70.72
C ARG T 57 -1.98 -7.94 -69.25
N GLN T 58 -1.22 -6.88 -68.95
CA GLN T 58 -1.02 -6.36 -67.58
C GLN T 58 -2.30 -5.74 -67.02
N ARG T 59 -2.51 -5.74 -65.70
CA ARG T 59 -3.77 -5.29 -65.06
C ARG T 59 -3.65 -4.05 -64.15
N ARG T 60 -2.44 -3.72 -63.71
CA ARG T 60 -2.06 -2.50 -62.96
C ARG T 60 -0.58 -2.22 -63.19
N PRO U 1 57.49 -38.16 -19.56
CA PRO U 1 56.02 -38.03 -19.53
C PRO U 1 55.43 -38.02 -18.12
N VAL U 2 54.30 -37.34 -17.96
CA VAL U 2 53.56 -37.25 -16.69
C VAL U 2 52.76 -38.53 -16.43
N MET U 3 52.75 -39.01 -15.18
CA MET U 3 52.08 -40.25 -14.79
C MET U 3 50.89 -40.04 -13.86
N CYS U 4 49.78 -40.70 -14.19
CA CYS U 4 48.62 -40.94 -13.35
C CYS U 4 48.92 -41.86 -12.16
N LEU U 5 47.95 -41.93 -11.26
CA LEU U 5 47.98 -42.69 -10.01
C LEU U 5 46.73 -43.58 -9.89
N LEU U 6 46.87 -44.78 -9.32
CA LEU U 6 45.76 -45.66 -8.95
C LEU U 6 45.97 -46.23 -7.53
N ALA U 7 46.51 -45.39 -6.64
CA ALA U 7 47.07 -45.67 -5.32
C ALA U 7 48.19 -46.72 -5.28
N ASN U 8 47.90 -47.98 -5.64
CA ASN U 8 48.84 -49.10 -5.61
C ASN U 8 49.75 -49.19 -6.85
N THR U 9 49.48 -48.43 -7.91
CA THR U 9 50.28 -48.41 -9.15
C THR U 9 50.23 -47.02 -9.82
N THR U 10 51.22 -46.72 -10.66
CA THR U 10 51.34 -45.45 -11.41
C THR U 10 51.72 -45.71 -12.87
N PHE U 11 51.11 -44.97 -13.81
CA PHE U 11 51.27 -45.18 -15.25
C PHE U 11 51.14 -43.88 -16.06
N PRO U 12 51.75 -43.75 -17.25
CA PRO U 12 51.66 -42.56 -18.10
C PRO U 12 50.22 -42.10 -18.40
N CYS U 13 49.98 -40.79 -18.45
CA CYS U 13 48.66 -40.20 -18.72
C CYS U 13 48.26 -40.14 -20.21
N SER U 14 49.20 -40.33 -21.15
CA SER U 14 48.89 -40.30 -22.59
C SER U 14 47.96 -41.45 -23.02
N GLN U 15 48.00 -42.58 -22.30
CA GLN U 15 47.15 -43.75 -22.49
C GLN U 15 46.41 -44.14 -21.19
N PRO U 16 45.14 -44.57 -21.27
CA PRO U 16 44.41 -45.09 -20.10
C PRO U 16 44.99 -46.42 -19.62
N PRO U 17 44.75 -46.81 -18.36
CA PRO U 17 45.12 -48.14 -17.88
C PRO U 17 44.29 -49.22 -18.58
N CYS U 18 42.98 -49.01 -18.70
CA CYS U 18 42.05 -50.00 -19.24
C CYS U 18 41.80 -49.79 -20.75
N THR U 19 40.99 -48.78 -21.09
CA THR U 19 40.52 -48.45 -22.45
C THR U 19 40.17 -46.94 -22.52
N PRO U 20 40.13 -46.31 -23.70
CA PRO U 20 39.67 -44.93 -23.84
C PRO U 20 38.15 -44.79 -23.63
N CYS U 21 37.37 -45.82 -23.94
CA CYS U 21 35.95 -45.91 -23.61
C CYS U 21 35.68 -46.34 -22.14
N CYS U 22 36.54 -45.96 -21.20
CA CYS U 22 36.46 -46.43 -19.81
C CYS U 22 35.15 -46.02 -19.11
N TYR U 23 34.56 -44.87 -19.43
CA TYR U 23 33.26 -44.50 -18.85
C TYR U 23 32.12 -45.40 -19.37
N GLU U 24 32.19 -45.87 -20.62
CA GLU U 24 31.22 -46.82 -21.16
C GLU U 24 31.47 -48.26 -20.66
N LYS U 25 32.73 -48.67 -20.45
CA LYS U 25 33.08 -49.99 -19.90
C LYS U 25 32.82 -50.11 -18.39
N GLU U 26 33.10 -49.05 -17.63
CA GLU U 26 33.13 -49.05 -16.17
C GLU U 26 32.95 -47.62 -15.60
N PRO U 27 31.73 -47.07 -15.67
CA PRO U 27 31.48 -45.68 -15.29
C PRO U 27 31.75 -45.44 -13.80
N GLU U 28 31.31 -46.35 -12.93
CA GLU U 28 31.46 -46.22 -11.48
C GLU U 28 32.92 -46.38 -11.02
N GLU U 29 33.74 -47.14 -11.76
CA GLU U 29 35.19 -47.21 -11.52
C GLU U 29 35.85 -45.88 -11.94
N THR U 30 35.56 -45.42 -13.15
CA THR U 30 36.11 -44.18 -13.74
C THR U 30 35.76 -42.95 -12.90
N LEU U 31 34.57 -42.95 -12.27
CA LEU U 31 34.12 -41.96 -11.27
C LEU U 31 35.16 -41.74 -10.16
N ARG U 32 35.87 -42.79 -9.76
CA ARG U 32 36.83 -42.79 -8.64
C ARG U 32 38.27 -42.66 -9.10
N MET U 33 38.60 -43.09 -10.32
CA MET U 33 39.90 -42.82 -10.92
C MET U 33 40.18 -41.32 -11.03
N LEU U 34 39.25 -40.56 -11.62
CA LEU U 34 39.42 -39.11 -11.80
C LEU U 34 39.40 -38.34 -10.48
N GLU U 35 38.71 -38.84 -9.46
CA GLU U 35 38.78 -38.33 -8.08
C GLU U 35 40.20 -38.42 -7.51
N ASP U 36 40.75 -39.62 -7.43
CA ASP U 36 42.03 -39.88 -6.78
C ASP U 36 43.24 -39.27 -7.52
N ASN U 37 43.02 -38.68 -8.70
CA ASN U 37 44.03 -37.99 -9.49
C ASN U 37 43.91 -36.46 -9.46
N VAL U 38 43.00 -35.87 -8.69
CA VAL U 38 42.78 -34.40 -8.66
C VAL U 38 44.03 -33.58 -8.29
N MET U 39 45.02 -34.20 -7.64
CA MET U 39 46.32 -33.60 -7.32
C MET U 39 47.30 -33.50 -8.51
N ARG U 40 47.07 -34.26 -9.60
CA ARG U 40 48.02 -34.46 -10.71
C ARG U 40 47.55 -33.74 -11.99
N PRO U 41 48.39 -32.94 -12.66
CA PRO U 41 48.06 -32.41 -13.99
C PRO U 41 47.78 -33.48 -15.06
N GLY U 42 48.35 -34.68 -14.89
CA GLY U 42 48.35 -35.76 -15.90
C GLY U 42 46.98 -36.31 -16.27
N TYR U 43 46.21 -36.85 -15.32
CA TYR U 43 44.92 -37.46 -15.65
C TYR U 43 43.94 -36.44 -16.25
N TYR U 44 44.08 -35.14 -15.98
CA TYR U 44 43.26 -34.11 -16.63
C TYR U 44 43.58 -33.89 -18.13
N GLN U 45 44.67 -34.48 -18.64
CA GLN U 45 44.83 -34.78 -20.08
C GLN U 45 44.08 -36.06 -20.48
N LEU U 46 44.21 -37.13 -19.70
CA LEU U 46 43.54 -38.42 -19.94
C LEU U 46 42.00 -38.32 -19.93
N LEU U 47 41.45 -37.36 -19.18
CA LEU U 47 40.04 -36.96 -19.16
C LEU U 47 39.56 -36.66 -20.58
N GLN U 48 40.37 -36.00 -21.40
CA GLN U 48 40.01 -35.74 -22.80
C GLN U 48 39.91 -37.05 -23.58
N ALA U 49 40.91 -37.92 -23.43
CA ALA U 49 40.91 -39.28 -23.97
C ALA U 49 40.03 -40.29 -23.19
N SER U 50 39.05 -39.81 -22.40
CA SER U 50 38.09 -40.62 -21.64
C SER U 50 36.64 -40.14 -21.77
N LEU U 51 36.42 -38.82 -21.77
CA LEU U 51 35.08 -38.19 -21.78
C LEU U 51 34.87 -37.27 -23.00
N THR U 52 35.89 -36.52 -23.41
CA THR U 52 35.95 -35.79 -24.71
C THR U 52 36.32 -36.76 -25.86
N CYS U 53 35.83 -38.00 -25.76
CA CYS U 53 36.42 -39.22 -26.33
C CYS U 53 35.73 -39.68 -27.63
N SER U 54 36.31 -40.70 -28.26
CA SER U 54 35.81 -41.42 -29.45
C SER U 54 36.05 -42.93 -29.30
N PRO U 55 35.06 -43.69 -28.80
CA PRO U 55 35.11 -45.16 -28.69
C PRO U 55 35.45 -45.88 -30.01
N HIS U 56 36.09 -47.06 -29.92
CA HIS U 56 36.87 -47.67 -31.02
C HIS U 56 36.15 -47.87 -32.35
N ARG U 57 34.83 -48.12 -32.35
CA ARG U 57 34.06 -48.26 -33.60
C ARG U 57 34.04 -47.00 -34.45
N GLN U 58 34.26 -45.84 -33.84
CA GLN U 58 34.39 -44.54 -34.49
C GLN U 58 35.88 -44.28 -34.81
N ARG U 59 36.36 -44.87 -35.91
CA ARG U 59 37.79 -44.92 -36.29
C ARG U 59 38.46 -43.53 -36.33
N ARG U 60 39.63 -43.43 -35.68
CA ARG U 60 40.40 -42.20 -35.36
C ARG U 60 41.91 -42.50 -35.37
N ASN V 1 62.52 104.08 43.86
CA ASN V 1 62.63 102.89 42.99
C ASN V 1 62.03 101.68 43.68
N ASP V 2 61.12 100.95 43.01
CA ASP V 2 60.53 99.71 43.52
C ASP V 2 61.05 98.50 42.73
N CYS V 3 61.69 97.56 43.43
CA CYS V 3 62.17 96.30 42.85
C CYS V 3 61.09 95.18 42.87
N ILE V 4 59.88 95.50 43.32
CA ILE V 4 58.87 94.55 43.84
C ILE V 4 58.16 93.71 42.78
N PHE V 5 58.33 94.02 41.50
CA PHE V 5 57.54 93.44 40.40
C PHE V 5 58.00 92.05 39.97
N GLU V 6 59.04 91.49 40.57
CA GLU V 6 59.33 90.06 40.54
C GLU V 6 58.15 89.23 41.05
N VAL V 7 58.07 87.98 40.60
CA VAL V 7 57.11 86.99 41.10
C VAL V 7 57.85 85.67 41.31
N LYS V 8 58.20 85.39 42.57
CA LYS V 8 58.82 84.12 42.99
C LYS V 8 57.87 82.94 42.78
N HIS V 9 58.40 81.73 42.78
CA HIS V 9 57.65 80.48 42.68
C HIS V 9 58.27 79.33 43.49
N GLU V 10 57.41 78.40 43.90
CA GLU V 10 57.62 77.30 44.85
C GLU V 10 58.06 77.70 46.28
N GLY V 11 57.75 76.85 47.27
CA GLY V 11 58.27 76.92 48.64
C GLY V 11 59.75 76.48 48.75
N LYS V 12 60.60 77.02 47.87
CA LYS V 12 62.01 76.63 47.66
C LYS V 12 62.86 77.85 47.29
N VAL V 13 64.18 77.75 47.48
CA VAL V 13 65.14 78.61 46.77
C VAL V 13 65.32 78.04 45.36
N THR V 14 65.01 78.82 44.33
CA THR V 14 65.00 78.31 42.94
C THR V 14 65.20 79.37 41.84
N GLY V 15 65.38 80.64 42.19
CA GLY V 15 65.27 81.75 41.23
C GLY V 15 63.85 82.34 41.14
N TYR V 16 63.66 83.22 40.17
CA TYR V 16 62.53 84.14 40.10
C TYR V 16 62.02 84.34 38.67
N ALA V 17 60.77 84.76 38.54
CA ALA V 17 60.22 85.30 37.31
C ALA V 17 59.97 86.81 37.46
N CYS V 18 59.73 87.50 36.35
CA CYS V 18 59.59 88.95 36.26
C CYS V 18 58.42 89.37 35.37
N LEU V 19 58.01 90.64 35.49
CA LEU V 19 56.88 91.21 34.78
C LEU V 19 57.38 92.41 33.95
N VAL V 20 57.53 92.24 32.63
CA VAL V 20 58.26 93.20 31.76
C VAL V 20 57.46 93.50 30.50
N GLY V 21 57.25 94.78 30.18
CA GLY V 21 56.54 95.16 28.95
C GLY V 21 55.15 94.53 28.85
N ASP V 22 54.92 93.68 27.85
CA ASP V 22 53.66 92.93 27.66
C ASP V 22 53.63 91.57 28.38
N LYS V 23 54.75 91.06 28.91
CA LYS V 23 54.92 89.62 29.21
C LYS V 23 55.49 89.26 30.58
N VAL V 24 55.00 88.15 31.13
CA VAL V 24 55.68 87.40 32.18
C VAL V 24 56.90 86.75 31.53
N MET V 25 58.04 86.75 32.21
CA MET V 25 59.23 86.03 31.74
C MET V 25 60.01 85.39 32.88
N LYS V 26 60.58 84.22 32.63
CA LYS V 26 61.12 83.29 33.60
C LYS V 26 62.30 82.53 32.98
N PRO V 27 63.33 82.11 33.73
CA PRO V 27 64.38 81.25 33.21
C PRO V 27 63.90 79.79 33.04
N ALA V 28 64.47 79.07 32.08
CA ALA V 28 64.02 77.74 31.69
C ALA V 28 64.56 76.61 32.57
N HIS V 29 65.70 76.79 33.23
CA HIS V 29 66.32 75.79 34.10
C HIS V 29 65.76 75.78 35.54
N VAL V 30 64.54 76.27 35.75
CA VAL V 30 63.87 76.35 37.06
C VAL V 30 62.40 75.88 36.97
N LYS V 31 61.80 75.44 38.09
CA LYS V 31 60.57 74.63 38.11
C LYS V 31 59.56 75.01 39.21
N GLY V 32 58.40 74.34 39.24
CA GLY V 32 57.32 74.53 40.23
C GLY V 32 56.40 75.70 39.92
N THR V 33 56.97 76.85 39.58
CA THR V 33 56.42 78.00 38.82
C THR V 33 55.18 78.76 39.31
N ILE V 34 54.24 78.17 40.04
CA ILE V 34 52.85 78.70 40.11
C ILE V 34 52.57 79.75 41.19
N ASP V 35 53.45 79.98 42.17
CA ASP V 35 53.11 80.65 43.44
C ASP V 35 52.94 82.18 43.37
N ASN V 36 52.33 82.71 42.30
CA ASN V 36 51.86 84.08 42.17
C ASN V 36 50.56 84.10 41.33
N ALA V 37 49.76 85.15 41.49
CA ALA V 37 48.30 85.12 41.29
C ALA V 37 47.80 84.31 40.07
N ASP V 38 48.27 84.66 38.87
CA ASP V 38 47.87 83.98 37.62
C ASP V 38 48.94 83.04 37.03
N LEU V 39 50.10 82.85 37.67
CA LEU V 39 51.11 81.91 37.15
C LEU V 39 50.62 80.44 37.13
N ALA V 40 49.60 80.12 37.92
CA ALA V 40 48.92 78.82 37.88
C ALA V 40 48.10 78.57 36.59
N LYS V 41 47.75 79.61 35.81
CA LYS V 41 46.84 79.50 34.66
C LYS V 41 47.43 79.85 33.28
N LEU V 42 48.48 80.66 33.20
CA LEU V 42 49.03 81.16 31.94
C LEU V 42 49.78 80.06 31.16
N ALA V 43 49.56 80.00 29.84
CA ALA V 43 50.24 79.07 28.94
C ALA V 43 51.55 79.67 28.41
N PHE V 44 52.70 79.10 28.81
CA PHE V 44 54.04 79.57 28.46
C PHE V 44 54.53 79.08 27.10
N LYS V 45 55.31 79.92 26.41
CA LYS V 45 56.29 79.50 25.38
C LYS V 45 57.64 79.20 26.02
N ARG V 46 58.51 78.44 25.37
CA ARG V 46 59.88 78.15 25.86
C ARG V 46 60.88 77.90 24.75
N SER V 47 62.17 78.11 25.02
CA SER V 47 63.25 77.70 24.10
C SER V 47 64.60 77.54 24.79
N SER V 48 65.14 76.32 24.78
CA SER V 48 66.50 76.02 25.26
C SER V 48 67.62 76.69 24.47
N LYS V 49 67.32 77.31 23.31
CA LYS V 49 68.28 78.14 22.57
C LYS V 49 68.53 79.50 23.25
N TYR V 50 67.62 79.93 24.14
CA TYR V 50 67.68 81.22 24.84
C TYR V 50 67.48 81.09 26.37
N ASP V 51 66.96 79.97 26.86
CA ASP V 51 66.61 79.72 28.27
C ASP V 51 65.54 80.65 28.86
N LEU V 52 64.69 81.25 28.02
CA LEU V 52 63.45 81.87 28.46
C LEU V 52 62.31 80.86 28.53
N GLU V 53 61.37 81.14 29.42
CA GLU V 53 59.96 80.75 29.32
C GLU V 53 59.12 82.01 29.51
N CYS V 54 58.17 82.29 28.63
CA CYS V 54 57.43 83.56 28.65
C CYS V 54 55.94 83.37 28.37
N ALA V 55 55.10 84.32 28.81
CA ALA V 55 53.66 84.30 28.61
C ALA V 55 53.09 85.74 28.52
N GLN V 56 51.94 85.92 27.89
CA GLN V 56 51.24 87.21 27.91
C GLN V 56 50.73 87.56 29.30
N ILE V 57 50.90 88.82 29.71
CA ILE V 57 50.30 89.35 30.95
C ILE V 57 48.77 89.48 30.76
N PRO V 58 47.93 89.00 31.70
CA PRO V 58 46.49 89.22 31.65
C PRO V 58 46.16 90.69 31.96
N VAL V 59 45.16 91.26 31.31
CA VAL V 59 45.02 92.73 31.19
C VAL V 59 44.95 93.50 32.51
N HIS V 60 44.49 92.88 33.60
CA HIS V 60 44.44 93.51 34.93
C HIS V 60 45.81 93.67 35.60
N MET V 61 46.80 92.83 35.28
CA MET V 61 48.17 92.90 35.80
C MET V 61 49.04 93.97 35.10
N LYS V 62 48.62 94.50 33.95
CA LYS V 62 49.46 95.33 33.05
C LYS V 62 50.05 96.57 33.73
N SER V 63 49.33 97.19 34.67
CA SER V 63 49.83 98.37 35.39
C SER V 63 51.09 98.11 36.21
N ASP V 64 51.31 96.88 36.67
CA ASP V 64 52.51 96.49 37.42
C ASP V 64 53.71 96.17 36.51
N ALA V 65 53.51 96.01 35.20
CA ALA V 65 54.59 95.61 34.31
C ALA V 65 55.69 96.69 34.28
N SER V 66 56.90 96.28 34.64
CA SER V 66 58.07 97.16 34.68
C SER V 66 58.46 97.63 33.27
N LYS V 67 58.95 98.86 33.18
CA LYS V 67 59.33 99.50 31.92
C LYS V 67 60.70 98.97 31.48
N PHE V 68 60.99 99.03 30.19
CA PHE V 68 62.15 98.36 29.59
C PHE V 68 62.77 99.15 28.44
N THR V 69 64.01 98.82 28.09
CA THR V 69 64.69 99.36 26.91
C THR V 69 65.76 98.42 26.37
N HIS V 70 66.13 98.60 25.11
CA HIS V 70 67.32 98.03 24.48
C HIS V 70 68.59 98.86 24.78
N GLU V 71 68.46 100.10 25.24
CA GLU V 71 69.59 101.00 25.48
C GLU V 71 70.50 100.47 26.60
N LYS V 72 71.79 100.31 26.31
CA LYS V 72 72.81 99.86 27.28
C LYS V 72 74.14 100.60 27.12
N PRO V 73 74.22 101.90 27.43
CA PRO V 73 75.49 102.61 27.53
C PRO V 73 76.50 101.92 28.46
N GLU V 74 77.79 102.14 28.23
CA GLU V 74 78.84 101.78 29.19
C GLU V 74 78.59 102.44 30.56
N GLY V 75 78.74 101.71 31.67
CA GLY V 75 78.61 102.30 33.01
C GLY V 75 78.08 101.35 34.07
N TYR V 76 77.15 101.84 34.90
CA TYR V 76 76.64 101.13 36.07
C TYR V 76 75.12 100.96 36.04
N TYR V 77 74.69 99.83 36.57
CA TYR V 77 73.33 99.29 36.53
C TYR V 77 72.99 98.71 37.90
N ASN V 78 71.71 98.47 38.17
CA ASN V 78 71.21 98.19 39.51
C ASN V 78 70.40 96.90 39.54
N TRP V 79 70.48 96.12 40.63
CA TRP V 79 69.72 94.89 40.80
C TRP V 79 69.51 94.54 42.28
N HIS V 80 68.99 93.34 42.54
CA HIS V 80 68.61 92.93 43.90
C HIS V 80 69.75 92.95 44.92
N HIS V 81 70.99 92.70 44.48
CA HIS V 81 72.20 92.87 45.30
C HIS V 81 72.93 94.18 44.98
N GLY V 82 72.20 95.26 44.76
CA GLY V 82 72.77 96.61 44.64
C GLY V 82 73.40 96.90 43.28
N ALA V 83 74.71 97.16 43.25
CA ALA V 83 75.42 97.60 42.05
C ALA V 83 75.91 96.45 41.15
N VAL V 84 75.90 96.70 39.84
CA VAL V 84 76.44 95.83 38.77
C VAL V 84 76.97 96.70 37.63
N GLN V 85 78.09 96.32 37.04
CA GLN V 85 78.82 97.11 36.04
C GLN V 85 78.71 96.49 34.66
N TYR V 86 78.38 97.28 33.64
CA TYR V 86 78.38 96.84 32.25
C TYR V 86 79.45 97.57 31.44
N SER V 87 80.43 96.81 30.96
CA SER V 87 81.49 97.28 30.06
C SER V 87 81.96 96.17 29.13
N GLY V 88 82.38 96.52 27.92
CA GLY V 88 82.90 95.55 26.94
C GLY V 88 81.92 94.42 26.60
N GLY V 89 80.61 94.67 26.73
CA GLY V 89 79.56 93.69 26.49
C GLY V 89 79.28 92.71 27.64
N ARG V 90 80.04 92.76 28.74
CA ARG V 90 79.82 91.90 29.93
C ARG V 90 79.16 92.70 31.05
N PHE V 91 78.07 92.17 31.61
CA PHE V 91 77.69 92.52 32.98
C PHE V 91 78.61 91.82 33.97
N THR V 92 79.06 92.54 35.00
CA THR V 92 80.02 92.08 36.01
C THR V 92 79.70 92.62 37.39
N ILE V 93 80.05 91.87 38.43
CA ILE V 93 79.78 92.18 39.84
C ILE V 93 80.99 91.80 40.71
N PRO V 94 81.12 92.37 41.91
CA PRO V 94 82.09 91.90 42.88
C PRO V 94 81.87 90.41 43.18
N THR V 95 82.94 89.62 43.16
CA THR V 95 82.84 88.17 43.35
C THR V 95 82.21 87.81 44.69
N GLY V 96 81.26 86.89 44.69
CA GLY V 96 80.51 86.51 45.90
C GLY V 96 79.24 87.33 46.13
N ALA V 97 79.03 88.45 45.43
CA ALA V 97 77.67 88.87 45.15
C ALA V 97 77.04 87.83 44.21
N GLY V 98 75.76 87.52 44.41
CA GLY V 98 75.08 86.44 43.69
C GLY V 98 75.50 85.04 44.13
N LYS V 99 74.59 84.08 43.97
CA LYS V 99 74.73 82.66 44.31
C LYS V 99 73.60 81.86 43.62
N PRO V 100 73.70 80.53 43.51
CA PRO V 100 72.58 79.68 43.12
C PRO V 100 71.29 80.04 43.88
N GLY V 101 70.19 80.21 43.15
CA GLY V 101 68.94 80.76 43.66
C GLY V 101 68.76 82.27 43.45
N ASP V 102 69.82 83.08 43.42
CA ASP V 102 69.75 84.47 42.94
C ASP V 102 69.83 84.50 41.41
N SER V 103 68.75 84.08 40.77
CA SER V 103 68.66 83.83 39.32
C SER V 103 67.27 84.11 38.78
N GLY V 104 67.15 84.42 37.48
CA GLY V 104 65.90 84.93 36.90
C GLY V 104 65.55 86.35 37.34
N ARG V 105 66.50 87.06 37.97
CA ARG V 105 66.30 88.41 38.53
C ARG V 105 66.61 89.48 37.47
N PRO V 106 65.88 90.61 37.45
CA PRO V 106 66.08 91.65 36.45
C PRO V 106 67.27 92.55 36.77
N ILE V 107 67.85 93.17 35.75
CA ILE V 107 68.82 94.26 35.86
C ILE V 107 68.19 95.56 35.36
N PHE V 108 68.36 96.66 36.09
CA PHE V 108 67.80 97.96 35.75
C PHE V 108 68.86 98.98 35.33
N ASP V 109 68.58 99.70 34.26
CA ASP V 109 69.15 101.02 33.94
C ASP V 109 68.79 101.99 35.08
N ASN V 110 69.64 102.98 35.34
CA ASN V 110 69.48 103.90 36.48
C ASN V 110 68.23 104.81 36.40
N LYS V 111 67.48 104.81 35.29
CA LYS V 111 66.13 105.40 35.21
C LYS V 111 65.02 104.49 35.75
N GLY V 112 65.38 103.34 36.33
CA GLY V 112 64.44 102.39 36.96
C GLY V 112 63.80 101.39 36.00
N ARG V 113 64.44 101.09 34.87
CA ARG V 113 63.85 100.31 33.74
C ARG V 113 64.73 99.14 33.30
N VAL V 114 64.11 98.02 32.96
CA VAL V 114 64.77 96.72 32.75
C VAL V 114 65.57 96.68 31.46
N VAL V 115 66.76 96.08 31.51
CA VAL V 115 67.63 95.85 30.35
C VAL V 115 68.03 94.39 30.17
N ALA V 116 67.91 93.55 31.19
CA ALA V 116 68.33 92.15 31.15
C ALA V 116 67.67 91.32 32.25
N ILE V 117 67.73 89.99 32.13
CA ILE V 117 67.48 89.04 33.21
C ILE V 117 68.74 88.20 33.43
N VAL V 118 69.15 87.98 34.67
CA VAL V 118 70.31 87.14 35.01
C VAL V 118 69.93 85.66 35.00
N LEU V 119 70.83 84.80 34.51
CA LEU V 119 70.67 83.34 34.52
C LEU V 119 71.72 82.60 35.39
N GLY V 120 72.85 83.22 35.67
CA GLY V 120 74.01 82.51 36.21
C GLY V 120 75.28 83.36 36.16
N GLY V 121 76.42 82.79 36.54
CA GLY V 121 77.68 83.52 36.55
C GLY V 121 78.95 82.69 36.45
N ALA V 122 80.05 83.36 36.19
CA ALA V 122 81.41 82.84 36.05
C ALA V 122 82.39 83.76 36.79
N ASN V 123 83.63 83.33 37.03
CA ASN V 123 84.60 84.14 37.76
C ASN V 123 86.07 83.99 37.31
N GLU V 124 86.86 85.04 37.49
CA GLU V 124 88.32 85.01 37.60
C GLU V 124 88.73 86.04 38.68
N GLY V 125 89.16 85.59 39.84
CA GLY V 125 89.53 86.46 40.96
C GLY V 125 88.34 87.29 41.48
N ALA V 126 88.44 88.62 41.42
CA ALA V 126 87.35 89.55 41.73
C ALA V 126 86.39 89.79 40.54
N ARG V 127 86.72 89.26 39.35
CA ARG V 127 86.05 89.56 38.08
C ARG V 127 84.90 88.57 37.84
N THR V 128 83.87 88.58 38.70
CA THR V 128 82.66 87.80 38.42
C THR V 128 81.86 88.43 37.27
N ALA V 129 81.46 87.61 36.30
CA ALA V 129 80.73 87.99 35.09
C ALA V 129 79.44 87.17 34.98
N LEU V 130 78.41 87.72 34.34
CA LEU V 130 77.05 87.15 34.36
C LEU V 130 76.62 86.53 33.04
N SER V 131 75.95 85.38 33.12
CA SER V 131 75.07 84.90 32.04
C SER V 131 73.75 85.67 32.09
N VAL V 132 73.31 86.25 30.98
CA VAL V 132 72.14 87.13 30.95
C VAL V 132 71.37 87.01 29.64
N VAL V 133 70.09 87.34 29.65
CA VAL V 133 69.27 87.51 28.45
C VAL V 133 68.77 88.94 28.33
N THR V 134 68.72 89.47 27.12
CA THR V 134 68.49 90.88 26.80
C THR V 134 67.99 91.01 25.36
N TRP V 135 67.62 92.20 24.89
CA TRP V 135 66.87 92.39 23.63
C TRP V 135 67.44 93.54 22.79
N ASN V 136 68.73 93.44 22.46
CA ASN V 136 69.34 94.25 21.41
C ASN V 136 68.68 93.94 20.05
N LYS V 137 68.79 94.85 19.06
CA LYS V 137 68.11 94.70 17.76
C LYS V 137 66.59 94.43 17.92
N ASP V 138 66.04 94.86 19.05
CA ASP V 138 64.66 94.64 19.49
C ASP V 138 64.23 93.15 19.62
N ILE V 139 65.18 92.21 19.62
CA ILE V 139 64.94 90.76 19.62
C ILE V 139 65.81 90.04 20.67
N VAL V 140 65.26 89.05 21.35
CA VAL V 140 65.94 88.41 22.48
C VAL V 140 67.25 87.74 22.06
N THR V 141 68.31 87.92 22.86
CA THR V 141 69.57 87.20 22.76
C THR V 141 70.07 86.78 24.14
N LYS V 142 70.94 85.77 24.19
CA LYS V 142 71.61 85.31 25.41
C LYS V 142 73.10 85.61 25.32
N ILE V 143 73.66 86.14 26.40
CA ILE V 143 75.11 86.28 26.63
C ILE V 143 75.51 85.28 27.69
N THR V 144 76.65 84.60 27.54
CA THR V 144 77.13 83.60 28.51
C THR V 144 78.65 83.48 28.44
N PRO V 145 79.37 83.86 29.50
CA PRO V 145 80.83 83.81 29.52
C PRO V 145 81.37 82.39 29.70
N GLU V 146 82.65 82.20 29.40
CA GLU V 146 83.30 80.89 29.47
C GLU V 146 83.30 80.34 30.91
N GLY V 147 82.96 79.06 31.08
CA GLY V 147 82.94 78.39 32.39
C GLY V 147 81.76 78.75 33.30
N ALA V 148 80.74 79.44 32.81
CA ALA V 148 79.61 79.89 33.62
C ALA V 148 78.75 78.74 34.18
N GLU V 149 78.14 79.01 35.34
CA GLU V 149 77.15 78.15 36.01
C GLU V 149 75.79 78.83 36.04
N GLU V 150 74.74 78.13 35.60
CA GLU V 150 73.35 78.56 35.78
C GLU V 150 72.96 78.52 37.26
N TRP V 151 72.46 79.65 37.79
CA TRP V 151 72.04 79.82 39.18
C TRP V 151 70.55 79.55 39.36
N ASN W 1 52.39 81.11 75.93
CA ASN W 1 53.55 80.48 75.26
C ASN W 1 53.40 80.58 73.74
N ASP W 2 54.50 80.52 73.00
CA ASP W 2 54.50 80.67 71.54
C ASP W 2 53.81 79.50 70.81
N CYS W 3 53.04 79.82 69.76
CA CYS W 3 52.14 78.88 69.08
C CYS W 3 52.26 78.93 67.54
N ILE W 4 53.44 79.29 67.01
CA ILE W 4 53.76 79.15 65.57
C ILE W 4 53.66 77.69 65.07
N PHE W 5 53.61 76.74 66.00
CA PHE W 5 53.45 75.30 65.81
C PHE W 5 52.04 74.87 65.41
N GLU W 6 51.02 75.72 65.62
CA GLU W 6 49.62 75.38 65.34
C GLU W 6 49.18 75.91 63.98
N VAL W 7 48.47 75.10 63.20
CA VAL W 7 47.82 75.53 61.95
C VAL W 7 46.34 75.13 61.93
N LYS W 8 45.49 75.96 61.34
CA LYS W 8 44.02 75.80 61.27
C LYS W 8 43.56 75.74 59.80
N HIS W 9 42.44 75.07 59.55
CA HIS W 9 41.99 74.70 58.20
C HIS W 9 40.46 74.81 58.04
N GLU W 10 40.01 75.26 56.88
CA GLU W 10 38.63 75.65 56.53
C GLU W 10 38.08 76.86 57.32
N GLY W 11 37.18 77.63 56.71
CA GLY W 11 36.49 78.77 57.33
C GLY W 11 35.47 78.38 58.39
N LYS W 12 35.81 77.46 59.30
CA LYS W 12 34.90 76.81 60.26
C LYS W 12 35.55 76.58 61.64
N VAL W 13 34.68 76.35 62.61
CA VAL W 13 35.00 75.96 63.99
C VAL W 13 35.41 74.47 64.01
N THR W 14 36.69 74.18 63.72
CA THR W 14 37.12 72.81 63.38
C THR W 14 38.55 72.45 63.81
N GLY W 15 39.09 73.15 64.81
CA GLY W 15 40.34 72.75 65.48
C GLY W 15 41.61 73.05 64.69
N TYR W 16 42.71 72.39 65.10
CA TYR W 16 44.07 72.68 64.65
C TYR W 16 44.87 71.38 64.40
N ALA W 17 45.97 71.48 63.66
CA ALA W 17 47.01 70.47 63.56
C ALA W 17 48.33 71.00 64.14
N CYS W 18 49.11 70.15 64.80
CA CYS W 18 50.33 70.54 65.51
C CYS W 18 51.62 70.04 64.85
N LEU W 19 52.61 70.93 64.75
CA LEU W 19 53.96 70.64 64.28
C LEU W 19 54.84 70.15 65.45
N VAL W 20 54.71 68.89 65.86
CA VAL W 20 55.43 68.30 67.02
C VAL W 20 56.55 67.37 66.58
N GLY W 21 57.75 67.54 67.14
CA GLY W 21 58.85 66.57 67.02
C GLY W 21 59.25 66.27 65.58
N ASP W 22 58.85 65.12 65.08
CA ASP W 22 59.13 64.63 63.73
C ASP W 22 57.89 64.49 62.83
N LYS W 23 56.65 64.62 63.35
CA LYS W 23 55.43 64.46 62.55
C LYS W 23 54.32 65.44 62.90
N VAL W 24 53.69 65.97 61.85
CA VAL W 24 52.43 66.70 61.96
C VAL W 24 51.40 65.75 62.54
N MET W 25 50.61 66.20 63.51
CA MET W 25 49.54 65.39 64.07
C MET W 25 48.27 66.22 64.30
N LYS W 26 47.14 65.63 63.92
CA LYS W 26 45.83 66.27 63.81
C LYS W 26 44.74 65.35 64.40
N PRO W 27 43.70 65.89 65.03
CA PRO W 27 42.55 65.09 65.44
C PRO W 27 41.70 64.64 64.23
N ALA W 28 41.27 63.38 64.23
CA ALA W 28 40.70 62.72 63.07
C ALA W 28 39.22 63.01 62.81
N HIS W 29 38.44 63.33 63.83
CA HIS W 29 36.99 63.51 63.69
C HIS W 29 36.60 64.82 62.99
N VAL W 30 37.50 65.80 62.91
CA VAL W 30 37.23 67.14 62.34
C VAL W 30 37.70 67.28 60.89
N LYS W 31 36.79 67.75 60.03
CA LYS W 31 37.01 68.05 58.61
C LYS W 31 37.65 69.43 58.38
N GLY W 32 38.16 69.66 57.18
CA GLY W 32 38.74 70.93 56.72
C GLY W 32 40.09 70.76 56.01
N THR W 33 40.74 69.61 56.23
CA THR W 33 41.72 69.00 55.32
C THR W 33 42.88 69.92 54.91
N ILE W 34 43.26 69.95 53.63
CA ILE W 34 44.49 70.51 53.05
C ILE W 34 44.69 72.03 53.18
N ASP W 35 43.84 72.75 53.91
CA ASP W 35 43.80 74.22 53.92
C ASP W 35 44.88 74.90 54.80
N ASN W 36 46.15 74.48 54.65
CA ASN W 36 47.31 75.21 55.15
C ASN W 36 48.61 74.75 54.45
N ALA W 37 49.72 75.45 54.66
CA ALA W 37 50.91 75.43 53.81
C ALA W 37 51.42 74.03 53.40
N ASP W 38 51.61 73.10 54.35
CA ASP W 38 52.02 71.72 54.05
C ASP W 38 50.90 70.68 54.15
N LEU W 39 49.76 71.02 54.76
CA LEU W 39 48.54 70.23 54.57
C LEU W 39 48.19 70.14 53.07
N ALA W 40 48.56 71.17 52.28
CA ALA W 40 48.41 71.24 50.83
C ALA W 40 49.09 70.11 50.03
N LYS W 41 49.97 69.32 50.66
CA LYS W 41 50.87 68.37 49.97
C LYS W 41 51.14 67.07 50.73
N LEU W 42 51.03 67.07 52.06
CA LEU W 42 51.25 65.89 52.89
C LEU W 42 50.13 64.85 52.70
N ALA W 43 50.44 63.58 52.92
CA ALA W 43 49.49 62.47 52.87
C ALA W 43 49.54 61.70 54.19
N PHE W 44 48.37 61.42 54.78
CA PHE W 44 48.25 61.12 56.21
C PHE W 44 47.96 59.65 56.50
N LYS W 45 48.68 59.10 57.48
CA LYS W 45 48.28 57.88 58.21
C LYS W 45 47.20 58.25 59.23
N ARG W 46 46.38 57.30 59.69
CA ARG W 46 45.33 57.55 60.70
C ARG W 46 44.95 56.30 61.49
N SER W 47 44.31 56.48 62.65
CA SER W 47 43.75 55.37 63.44
C SER W 47 42.61 55.83 64.34
N SER W 48 41.40 55.32 64.09
CA SER W 48 40.19 55.69 64.82
C SER W 48 40.20 55.26 66.29
N LYS W 49 41.04 54.29 66.69
CA LYS W 49 41.19 53.91 68.11
C LYS W 49 41.89 54.99 68.94
N TYR W 50 42.50 55.99 68.30
CA TYR W 50 43.15 57.12 68.99
C TYR W 50 42.73 58.49 68.45
N ASP W 51 41.92 58.55 67.39
CA ASP W 51 41.53 59.78 66.69
C ASP W 51 42.71 60.63 66.18
N LEU W 52 43.81 60.01 65.77
CA LEU W 52 44.91 60.71 65.09
C LEU W 52 44.82 60.64 63.57
N GLU W 53 45.30 61.70 62.93
CA GLU W 53 45.84 61.67 61.56
C GLU W 53 47.25 62.28 61.60
N CYS W 54 48.24 61.65 60.95
CA CYS W 54 49.64 62.08 61.04
C CYS W 54 50.40 61.96 59.72
N ALA W 55 51.41 62.81 59.53
CA ALA W 55 52.32 62.77 58.40
C ALA W 55 53.70 63.28 58.81
N GLN W 56 54.77 62.80 58.18
CA GLN W 56 56.14 63.18 58.56
C GLN W 56 56.43 64.66 58.22
N ILE W 57 57.13 65.38 59.10
CA ILE W 57 57.48 66.78 58.88
C ILE W 57 58.51 66.89 57.75
N PRO W 58 58.25 67.67 56.68
CA PRO W 58 59.21 67.84 55.59
C PRO W 58 60.43 68.65 56.05
N VAL W 59 61.61 68.36 55.49
CA VAL W 59 62.89 68.79 56.06
C VAL W 59 63.02 70.30 56.31
N HIS W 60 62.43 71.15 55.47
CA HIS W 60 62.51 72.60 55.62
C HIS W 60 61.77 73.14 56.85
N MET W 61 60.83 72.37 57.41
CA MET W 61 60.09 72.73 58.62
C MET W 61 60.77 72.33 59.92
N LYS W 62 61.85 71.56 59.88
CA LYS W 62 62.50 71.01 61.09
C LYS W 62 62.95 72.08 62.08
N SER W 63 63.25 73.29 61.59
CA SER W 63 63.59 74.46 62.41
C SER W 63 62.40 74.99 63.23
N ASP W 64 61.16 74.81 62.78
CA ASP W 64 59.94 75.26 63.48
C ASP W 64 59.36 74.21 64.43
N ALA W 65 59.72 72.93 64.33
CA ALA W 65 59.04 71.87 65.08
C ALA W 65 59.19 72.00 66.61
N SER W 66 58.07 71.96 67.32
CA SER W 66 58.03 72.05 68.78
C SER W 66 58.57 70.80 69.46
N LYS W 67 59.09 70.97 70.68
CA LYS W 67 59.71 69.89 71.48
C LYS W 67 58.65 69.16 72.31
N PHE W 68 58.92 67.96 72.80
CA PHE W 68 57.92 67.14 73.50
C PHE W 68 58.55 66.19 74.53
N THR W 69 57.75 65.70 75.49
CA THR W 69 58.18 64.67 76.45
C THR W 69 57.03 63.82 76.97
N HIS W 70 57.33 62.64 77.51
CA HIS W 70 56.42 61.74 78.21
C HIS W 70 56.22 62.12 79.69
N GLU W 71 57.10 62.94 80.26
CA GLU W 71 57.10 63.26 81.68
C GLU W 71 55.86 64.03 82.12
N LYS W 72 55.15 63.52 83.14
CA LYS W 72 53.94 64.15 83.72
C LYS W 72 53.89 64.01 85.25
N PRO W 73 54.72 64.76 86.00
CA PRO W 73 54.47 64.99 87.42
C PRO W 73 53.11 65.66 87.67
N GLU W 74 52.53 65.45 88.84
CA GLU W 74 51.41 66.24 89.37
C GLU W 74 51.71 67.75 89.34
N GLY W 75 50.79 68.57 88.83
CA GLY W 75 51.00 70.03 88.80
C GLY W 75 50.26 70.78 87.69
N TYR W 76 50.74 71.98 87.39
CA TYR W 76 50.09 72.94 86.50
C TYR W 76 50.86 73.12 85.19
N TYR W 77 50.15 72.90 84.10
CA TYR W 77 50.58 72.94 82.71
C TYR W 77 49.86 74.11 82.01
N ASN W 78 50.13 74.34 80.73
CA ASN W 78 49.66 75.54 80.03
C ASN W 78 48.96 75.17 78.72
N TRP W 79 48.00 75.99 78.30
CA TRP W 79 47.53 76.03 76.91
C TRP W 79 47.01 77.43 76.56
N HIS W 80 46.39 77.56 75.38
CA HIS W 80 45.89 78.84 74.88
C HIS W 80 44.81 79.47 75.76
N HIS W 81 44.02 78.66 76.49
CA HIS W 81 43.01 79.11 77.46
C HIS W 81 43.50 79.03 78.90
N GLY W 82 44.76 79.40 79.13
CA GLY W 82 45.32 79.64 80.47
C GLY W 82 46.00 78.42 81.11
N ALA W 83 46.04 78.41 82.44
CA ALA W 83 46.56 77.29 83.21
C ALA W 83 45.63 76.06 83.10
N VAL W 84 46.22 74.88 83.05
CA VAL W 84 45.53 73.59 82.94
C VAL W 84 46.23 72.58 83.85
N GLN W 85 45.48 71.91 84.71
CA GLN W 85 46.01 71.17 85.85
C GLN W 85 45.98 69.67 85.58
N TYR W 86 47.11 69.00 85.75
CA TYR W 86 47.20 67.55 85.71
C TYR W 86 47.21 67.00 87.14
N SER W 87 46.10 66.38 87.54
CA SER W 87 45.96 65.76 88.86
C SER W 87 45.06 64.53 88.84
N GLY W 88 45.33 63.57 89.72
CA GLY W 88 44.56 62.32 89.80
C GLY W 88 44.52 61.53 88.49
N GLY W 89 45.56 61.62 87.67
CA GLY W 89 45.63 60.98 86.36
C GLY W 89 44.80 61.66 85.25
N ARG W 90 44.20 62.83 85.52
CA ARG W 90 43.35 63.58 84.58
C ARG W 90 43.97 64.94 84.26
N PHE W 91 43.78 65.42 83.04
CA PHE W 91 43.90 66.85 82.73
C PHE W 91 42.58 67.55 83.03
N THR W 92 42.64 68.71 83.68
CA THR W 92 41.48 69.43 84.23
C THR W 92 41.62 70.94 84.11
N ILE W 93 40.49 71.62 84.00
CA ILE W 93 40.41 73.08 83.78
C ILE W 93 39.20 73.68 84.51
N PRO W 94 39.22 74.99 84.81
CA PRO W 94 38.01 75.75 85.07
C PRO W 94 37.02 75.64 83.90
N THR W 95 35.73 75.54 84.19
CA THR W 95 34.67 75.38 83.18
C THR W 95 34.58 76.56 82.23
N GLY W 96 34.09 76.35 81.01
CA GLY W 96 33.89 77.40 80.00
C GLY W 96 35.16 77.77 79.22
N ALA W 97 36.35 77.52 79.76
CA ALA W 97 37.56 77.41 78.95
C ALA W 97 37.49 76.14 78.09
N GLY W 98 37.99 76.20 76.86
CA GLY W 98 37.80 75.13 75.88
C GLY W 98 36.35 75.03 75.37
N LYS W 99 36.21 74.61 74.12
CA LYS W 99 34.94 74.47 73.41
C LYS W 99 35.17 73.62 72.15
N PRO W 100 34.11 73.13 71.48
CA PRO W 100 34.21 72.73 70.08
C PRO W 100 34.90 73.82 69.27
N GLY W 101 35.96 73.45 68.54
CA GLY W 101 36.85 74.38 67.84
C GLY W 101 38.25 74.48 68.45
N ASP W 102 38.45 73.98 69.67
CA ASP W 102 39.75 73.94 70.35
C ASP W 102 40.29 72.51 70.55
N SER W 103 39.75 71.52 69.84
CA SER W 103 40.42 70.23 69.67
C SER W 103 41.69 70.36 68.81
N GLY W 104 42.67 69.50 69.02
CA GLY W 104 43.93 69.46 68.28
C GLY W 104 44.97 70.46 68.75
N ARG W 105 44.81 71.01 69.97
CA ARG W 105 45.70 72.02 70.55
C ARG W 105 46.61 71.41 71.61
N PRO W 106 47.90 71.77 71.67
CA PRO W 106 48.87 71.13 72.52
C PRO W 106 48.80 71.63 73.97
N ILE W 107 48.87 70.72 74.93
CA ILE W 107 49.19 71.03 76.31
C ILE W 107 50.71 71.19 76.43
N PHE W 108 51.18 72.30 76.96
CA PHE W 108 52.60 72.54 77.22
C PHE W 108 52.97 72.29 78.69
N ASP W 109 54.09 71.64 78.91
CA ASP W 109 54.85 71.77 80.15
C ASP W 109 55.27 73.24 80.36
N ASN W 110 55.55 73.65 81.59
CA ASN W 110 56.08 74.99 81.87
C ASN W 110 57.44 75.23 81.19
N LYS W 111 58.19 74.17 80.85
CA LYS W 111 59.41 74.23 80.02
C LYS W 111 59.16 74.39 78.51
N GLY W 112 57.90 74.57 78.09
CA GLY W 112 57.52 74.87 76.70
C GLY W 112 57.45 73.67 75.75
N ARG W 113 57.93 72.50 76.18
CA ARG W 113 57.74 71.21 75.50
C ARG W 113 56.31 70.67 75.66
N VAL W 114 55.76 70.04 74.63
CA VAL W 114 54.40 69.47 74.61
C VAL W 114 54.32 68.17 75.41
N VAL W 115 53.19 67.93 76.07
CA VAL W 115 52.94 66.68 76.82
C VAL W 115 51.63 65.97 76.48
N ALA W 116 50.69 66.62 75.81
CA ALA W 116 49.44 66.00 75.36
C ALA W 116 48.77 66.85 74.27
N ILE W 117 47.80 66.28 73.56
CA ILE W 117 46.92 67.02 72.63
C ILE W 117 45.48 66.98 73.16
N VAL W 118 44.81 68.12 73.21
CA VAL W 118 43.40 68.24 73.65
C VAL W 118 42.47 67.69 72.58
N LEU W 119 41.54 66.80 72.93
CA LEU W 119 40.58 66.22 71.98
C LEU W 119 39.12 66.60 72.26
N GLY W 120 38.74 66.76 73.53
CA GLY W 120 37.37 67.00 73.96
C GLY W 120 37.28 67.08 75.49
N GLY W 121 36.08 67.00 76.07
CA GLY W 121 35.95 67.08 77.54
C GLY W 121 34.62 66.61 78.13
N ALA W 122 34.62 66.48 79.46
CA ALA W 122 33.50 66.12 80.33
C ALA W 122 33.49 67.02 81.57
N ASN W 123 32.39 67.01 82.34
CA ASN W 123 32.25 67.91 83.49
C ASN W 123 31.41 67.36 84.65
N GLU W 124 31.61 67.92 85.84
CA GLU W 124 30.69 67.88 86.98
C GLU W 124 30.78 69.24 87.71
N GLY W 125 29.85 70.15 87.46
CA GLY W 125 29.86 71.48 88.07
C GLY W 125 31.03 72.34 87.58
N ALA W 126 31.98 72.64 88.46
CA ALA W 126 33.25 73.28 88.12
C ALA W 126 34.34 72.29 87.63
N ARG W 127 34.15 70.98 87.87
CA ARG W 127 35.14 69.90 87.71
C ARG W 127 35.31 69.49 86.23
N THR W 128 35.66 70.42 85.35
CA THR W 128 35.81 70.13 83.90
C THR W 128 37.12 69.42 83.61
N ALA W 129 37.06 68.32 82.87
CA ALA W 129 38.19 67.42 82.61
C ALA W 129 38.25 67.02 81.13
N LEU W 130 39.45 66.73 80.62
CA LEU W 130 39.72 66.66 79.19
C LEU W 130 39.94 65.24 78.67
N SER W 131 39.33 64.93 77.53
CA SER W 131 39.78 63.87 76.64
C SER W 131 41.06 64.32 75.92
N VAL W 132 42.11 63.53 75.98
CA VAL W 132 43.44 63.88 75.46
C VAL W 132 44.17 62.66 74.89
N VAL W 133 45.18 62.88 74.06
CA VAL W 133 46.18 61.86 73.73
C VAL W 133 47.56 62.30 74.19
N THR W 134 48.38 61.35 74.57
CA THR W 134 49.71 61.57 75.12
C THR W 134 50.59 60.34 74.90
N TRP W 135 51.90 60.48 75.02
CA TRP W 135 52.87 59.43 74.72
C TRP W 135 53.58 58.97 76.00
N ASN W 136 52.83 58.36 76.91
CA ASN W 136 53.43 57.59 78.01
C ASN W 136 54.12 56.32 77.48
N LYS W 137 55.11 55.79 78.21
CA LYS W 137 55.74 54.49 77.95
C LYS W 137 56.20 54.30 76.48
N ASP W 138 56.53 55.39 75.79
CA ASP W 138 56.92 55.42 74.38
C ASP W 138 55.88 54.83 73.38
N ILE W 139 54.58 54.94 73.70
CA ILE W 139 53.44 54.59 72.83
C ILE W 139 52.37 55.68 72.94
N VAL W 140 51.69 56.03 71.84
CA VAL W 140 50.54 56.96 71.94
C VAL W 140 49.36 56.26 72.61
N THR W 141 48.74 56.90 73.61
CA THR W 141 47.49 56.42 74.22
C THR W 141 46.47 57.54 74.37
N LYS W 142 45.18 57.20 74.38
CA LYS W 142 44.07 58.15 74.60
C LYS W 142 43.52 58.00 76.01
N ILE W 143 43.36 59.13 76.70
CA ILE W 143 42.64 59.23 77.97
C ILE W 143 41.28 59.84 77.67
N THR W 144 40.22 59.31 78.27
CA THR W 144 38.87 59.87 78.13
C THR W 144 38.07 59.66 79.41
N PRO W 145 37.65 60.74 80.10
CA PRO W 145 36.75 60.64 81.23
C PRO W 145 35.33 60.24 80.79
N GLU W 146 34.51 59.81 81.74
CA GLU W 146 33.15 59.33 81.44
C GLU W 146 32.25 60.40 80.84
N GLY W 147 31.41 60.03 79.86
CA GLY W 147 30.42 60.93 79.27
C GLY W 147 30.98 62.10 78.46
N ALA W 148 32.26 62.07 78.09
CA ALA W 148 32.92 63.16 77.36
C ALA W 148 32.38 63.39 75.95
N GLU W 149 32.67 64.57 75.40
CA GLU W 149 32.32 65.00 74.05
C GLU W 149 33.55 65.57 73.31
N GLU W 150 33.73 65.19 72.04
CA GLU W 150 34.78 65.72 71.18
C GLU W 150 34.57 67.21 70.79
N TRP W 151 35.68 67.95 70.65
CA TRP W 151 35.69 69.38 70.32
C TRP W 151 36.17 69.71 68.89
N ASN X 1 10.05 98.12 90.07
CA ASN X 1 8.65 97.73 89.77
C ASN X 1 8.48 96.23 90.01
N ASP X 2 7.29 95.75 90.38
CA ASP X 2 7.10 94.34 90.74
C ASP X 2 7.18 93.38 89.53
N CYS X 3 7.70 92.17 89.80
CA CYS X 3 7.88 91.09 88.83
C CYS X 3 7.47 89.69 89.39
N ILE X 4 6.74 89.65 90.52
CA ILE X 4 6.58 88.44 91.36
C ILE X 4 5.39 87.53 91.01
N PHE X 5 4.66 87.83 89.94
CA PHE X 5 3.31 87.31 89.65
C PHE X 5 3.24 85.91 89.00
N GLU X 6 4.38 85.25 88.78
CA GLU X 6 4.49 83.85 88.39
C GLU X 6 4.32 82.89 89.59
N VAL X 7 4.04 81.62 89.32
CA VAL X 7 4.34 80.49 90.22
C VAL X 7 5.08 79.40 89.44
N LYS X 8 6.13 78.79 90.02
CA LYS X 8 6.95 77.77 89.36
C LYS X 8 6.26 76.41 89.29
N HIS X 9 6.76 75.46 88.51
CA HIS X 9 6.29 74.06 88.55
C HIS X 9 7.45 73.04 88.51
N GLU X 10 7.28 71.91 89.19
CA GLU X 10 8.30 70.90 89.52
C GLU X 10 9.49 71.40 90.36
N GLY X 11 10.11 70.51 91.15
CA GLY X 11 11.41 70.69 91.80
C GLY X 11 12.61 70.68 90.83
N LYS X 12 12.47 71.37 89.69
CA LYS X 12 13.42 71.44 88.56
C LYS X 12 13.36 72.83 87.92
N VAL X 13 14.39 73.21 87.18
CA VAL X 13 14.41 74.44 86.36
C VAL X 13 13.65 74.18 85.06
N THR X 14 12.32 74.39 85.05
CA THR X 14 11.47 73.99 83.92
C THR X 14 10.31 74.94 83.58
N GLY X 15 10.31 76.17 84.09
CA GLY X 15 9.33 77.22 83.72
C GLY X 15 8.20 77.42 84.72
N TYR X 16 7.29 78.34 84.39
CA TYR X 16 6.34 78.93 85.35
C TYR X 16 4.94 79.10 84.77
N ALA X 17 3.95 79.19 85.64
CA ALA X 17 2.56 79.50 85.31
C ALA X 17 2.22 80.94 85.73
N CYS X 18 1.52 81.68 84.87
CA CYS X 18 1.12 83.07 85.10
C CYS X 18 -0.34 83.17 85.54
N LEU X 19 -0.59 84.00 86.54
CA LEU X 19 -1.92 84.29 87.08
C LEU X 19 -2.51 85.51 86.33
N VAL X 20 -3.20 85.30 85.20
CA VAL X 20 -3.59 86.37 84.25
C VAL X 20 -5.10 86.50 84.12
N GLY X 21 -5.64 87.70 84.32
CA GLY X 21 -7.06 87.97 84.07
C GLY X 21 -7.99 87.11 84.94
N ASP X 22 -8.66 86.13 84.34
CA ASP X 22 -9.52 85.16 85.03
C ASP X 22 -8.88 83.78 85.24
N LYS X 23 -7.68 83.52 84.71
CA LYS X 23 -7.11 82.17 84.60
C LYS X 23 -5.63 82.05 84.96
N VAL X 24 -5.27 80.91 85.54
CA VAL X 24 -3.89 80.42 85.55
C VAL X 24 -3.58 79.91 84.14
N MET X 25 -2.41 80.21 83.61
CA MET X 25 -1.96 79.61 82.34
C MET X 25 -0.48 79.28 82.32
N LYS X 26 -0.10 78.26 81.57
CA LYS X 26 1.20 77.58 81.66
C LYS X 26 1.63 77.02 80.28
N PRO X 27 2.92 76.88 79.98
CA PRO X 27 3.39 76.14 78.80
C PRO X 27 3.11 74.64 78.93
N ALA X 28 2.59 74.01 77.88
CA ALA X 28 2.17 72.61 77.87
C ALA X 28 3.31 71.61 77.68
N HIS X 29 4.42 72.00 77.05
CA HIS X 29 5.55 71.12 76.72
C HIS X 29 6.52 70.86 77.91
N VAL X 30 6.08 71.10 79.13
CA VAL X 30 6.83 70.95 80.39
C VAL X 30 5.93 70.48 81.53
N LYS X 31 6.49 69.77 82.51
CA LYS X 31 5.77 68.84 83.40
C LYS X 31 6.21 68.90 84.87
N GLY X 32 5.40 68.33 85.76
CA GLY X 32 5.73 68.10 87.18
C GLY X 32 5.10 69.06 88.21
N THR X 33 4.16 69.92 87.80
CA THR X 33 3.12 70.58 88.61
C THR X 33 3.49 71.21 89.97
N ILE X 34 3.60 70.44 91.05
CA ILE X 34 3.37 70.85 92.45
C ILE X 34 4.39 71.78 93.15
N ASP X 35 4.87 72.84 92.51
CA ASP X 35 5.52 73.97 93.20
C ASP X 35 4.52 75.03 93.70
N ASN X 36 3.22 74.81 93.56
CA ASN X 36 2.18 75.51 94.32
C ASN X 36 0.99 74.57 94.59
N ALA X 37 0.27 74.80 95.70
CA ALA X 37 -0.83 73.94 96.14
C ALA X 37 -2.09 74.05 95.26
N ASP X 38 -2.20 75.07 94.40
CA ASP X 38 -3.31 75.20 93.45
C ASP X 38 -3.08 74.41 92.16
N LEU X 39 -1.84 74.30 91.68
CA LEU X 39 -1.49 73.41 90.56
C LEU X 39 -1.79 71.93 90.87
N ALA X 40 -1.81 71.56 92.16
CA ALA X 40 -2.18 70.23 92.64
C ALA X 40 -3.68 69.89 92.49
N LYS X 41 -4.56 70.89 92.37
CA LYS X 41 -6.02 70.70 92.38
C LYS X 41 -6.74 71.18 91.11
N LEU X 42 -6.18 72.16 90.39
CA LEU X 42 -6.81 72.76 89.22
C LEU X 42 -6.94 71.76 88.06
N ALA X 43 -8.14 71.68 87.48
CA ALA X 43 -8.38 70.91 86.25
C ALA X 43 -8.02 71.77 85.02
N PHE X 44 -7.06 71.30 84.23
CA PHE X 44 -6.49 72.07 83.12
C PHE X 44 -7.04 71.63 81.76
N LYS X 45 -7.45 72.60 80.94
CA LYS X 45 -7.53 72.45 79.49
C LYS X 45 -6.11 72.41 78.90
N ARG X 46 -5.93 71.93 77.67
CA ARG X 46 -4.76 72.21 76.81
C ARG X 46 -5.08 72.14 75.33
N SER X 47 -4.28 72.76 74.47
CA SER X 47 -4.43 72.62 73.01
C SER X 47 -3.10 72.64 72.24
N SER X 48 -2.93 71.68 71.33
CA SER X 48 -1.66 71.41 70.64
C SER X 48 -1.19 72.51 69.69
N LYS X 49 -2.09 73.36 69.18
CA LYS X 49 -1.70 74.46 68.27
C LYS X 49 -0.94 75.57 68.99
N TYR X 50 -1.25 75.81 70.26
CA TYR X 50 -0.80 77.00 70.98
C TYR X 50 0.07 76.70 72.21
N ASP X 51 0.17 75.43 72.64
CA ASP X 51 1.03 75.03 73.76
C ASP X 51 0.68 75.67 75.11
N LEU X 52 -0.55 76.12 75.31
CA LEU X 52 -1.06 76.50 76.64
C LEU X 52 -1.69 75.32 77.36
N GLU X 53 -1.57 75.34 78.68
CA GLU X 53 -2.54 74.74 79.60
C GLU X 53 -3.23 75.88 80.35
N CYS X 54 -4.56 75.88 80.45
CA CYS X 54 -5.32 76.92 81.15
C CYS X 54 -6.30 76.37 82.18
N ALA X 55 -6.50 77.08 83.28
CA ALA X 55 -7.49 76.77 84.30
C ALA X 55 -8.04 78.03 84.97
N GLN X 56 -9.32 78.06 85.33
CA GLN X 56 -9.95 79.22 85.99
C GLN X 56 -9.37 79.43 87.41
N ILE X 57 -9.08 80.68 87.79
CA ILE X 57 -8.45 81.02 89.08
C ILE X 57 -9.35 80.58 90.26
N PRO X 58 -8.81 80.00 91.33
CA PRO X 58 -9.61 79.52 92.45
C PRO X 58 -10.17 80.66 93.32
N VAL X 59 -11.21 80.37 94.09
CA VAL X 59 -11.99 81.34 94.91
C VAL X 59 -11.17 82.17 95.90
N HIS X 60 -10.05 81.63 96.41
CA HIS X 60 -9.18 82.35 97.34
C HIS X 60 -8.16 83.27 96.66
N MET X 61 -7.82 83.02 95.39
CA MET X 61 -6.81 83.80 94.63
C MET X 61 -7.40 84.88 93.73
N LYS X 62 -8.72 84.99 93.63
CA LYS X 62 -9.42 85.87 92.67
C LYS X 62 -8.86 87.30 92.64
N SER X 63 -8.55 87.87 93.80
CA SER X 63 -8.10 89.26 93.95
C SER X 63 -6.69 89.54 93.40
N ASP X 64 -5.87 88.52 93.17
CA ASP X 64 -4.43 88.69 92.97
C ASP X 64 -3.97 88.64 91.50
N ALA X 65 -4.89 88.43 90.57
CA ALA X 65 -4.56 88.28 89.15
C ALA X 65 -3.87 89.52 88.57
N SER X 66 -2.85 89.29 87.75
CA SER X 66 -2.23 90.34 86.93
C SER X 66 -3.20 90.81 85.84
N LYS X 67 -3.23 92.12 85.59
CA LYS X 67 -3.98 92.72 84.48
C LYS X 67 -3.29 92.47 83.15
N PHE X 68 -4.02 92.59 82.05
CA PHE X 68 -3.54 92.26 80.71
C PHE X 68 -4.19 93.14 79.64
N THR X 69 -3.62 93.18 78.44
CA THR X 69 -4.26 93.77 77.27
C THR X 69 -3.81 93.05 76.00
N HIS X 70 -4.61 93.10 74.95
CA HIS X 70 -4.26 92.65 73.61
C HIS X 70 -3.38 93.64 72.84
N GLU X 71 -3.27 94.89 73.30
CA GLU X 71 -2.56 95.95 72.58
C GLU X 71 -1.05 95.71 72.50
N LYS X 72 -0.46 95.95 71.32
CA LYS X 72 1.00 95.88 71.09
C LYS X 72 1.51 96.99 70.18
N PRO X 73 1.60 98.25 70.65
CA PRO X 73 2.42 99.27 70.00
C PRO X 73 3.87 98.81 69.80
N GLU X 74 4.53 99.30 68.74
CA GLU X 74 5.98 99.15 68.56
C GLU X 74 6.78 99.72 69.75
N GLY X 75 7.98 99.21 69.99
CA GLY X 75 8.94 99.79 70.94
C GLY X 75 9.39 98.82 72.04
N TYR X 76 9.53 99.32 73.27
CA TYR X 76 10.12 98.58 74.39
C TYR X 76 9.10 98.11 75.44
N TYR X 77 9.32 96.90 75.94
CA TYR X 77 8.53 96.16 76.93
C TYR X 77 9.46 95.56 77.99
N ASN X 78 8.92 95.00 79.07
CA ASN X 78 9.72 94.43 80.16
C ASN X 78 9.41 92.94 80.37
N TRP X 79 10.42 92.18 80.79
CA TRP X 79 10.29 90.82 81.29
C TRP X 79 11.34 90.54 82.37
N HIS X 80 11.40 89.33 82.92
CA HIS X 80 12.26 89.06 84.08
C HIS X 80 13.76 89.25 83.82
N HIS X 81 14.26 88.99 82.60
CA HIS X 81 15.64 89.33 82.21
C HIS X 81 15.72 90.71 81.55
N GLY X 82 14.85 91.65 81.91
CA GLY X 82 14.99 93.08 81.63
C GLY X 82 14.19 93.59 80.44
N ALA X 83 14.75 94.55 79.72
CA ALA X 83 14.10 95.16 78.56
C ALA X 83 14.05 94.22 77.36
N VAL X 84 12.95 94.27 76.62
CA VAL X 84 12.68 93.50 75.41
C VAL X 84 12.05 94.40 74.36
N GLN X 85 12.51 94.35 73.11
CA GLN X 85 12.00 95.23 72.05
C GLN X 85 11.07 94.46 71.12
N TYR X 86 9.85 94.98 70.95
CA TYR X 86 8.85 94.51 70.00
C TYR X 86 8.85 95.42 68.76
N SER X 87 9.45 94.95 67.67
CA SER X 87 9.52 95.69 66.41
C SER X 87 9.52 94.78 65.18
N GLY X 88 8.98 95.26 64.06
CA GLY X 88 8.73 94.40 62.90
C GLY X 88 7.71 93.30 63.21
N GLY X 89 6.83 93.54 64.19
CA GLY X 89 5.84 92.58 64.66
C GLY X 89 6.38 91.41 65.50
N ARG X 90 7.66 91.45 65.92
CA ARG X 90 8.33 90.37 66.66
C ARG X 90 9.02 90.89 67.91
N PHE X 91 8.98 90.13 69.00
CA PHE X 91 9.77 90.40 70.20
C PHE X 91 11.22 89.94 70.03
N THR X 92 12.18 90.71 70.56
CA THR X 92 13.63 90.42 70.51
C THR X 92 14.35 90.79 71.82
N ILE X 93 15.39 90.03 72.16
CA ILE X 93 16.30 90.26 73.31
C ILE X 93 17.75 89.90 72.92
N PRO X 94 18.77 90.47 73.59
CA PRO X 94 20.17 90.06 73.39
C PRO X 94 20.36 88.55 73.61
N THR X 95 21.09 87.86 72.76
CA THR X 95 21.30 86.41 72.94
C THR X 95 22.11 86.13 74.21
N GLY X 96 21.74 85.07 74.93
CA GLY X 96 22.23 84.75 76.26
C GLY X 96 21.33 85.26 77.39
N ALA X 97 20.50 86.28 77.14
CA ALA X 97 19.32 86.52 77.96
C ALA X 97 18.23 85.49 77.60
N GLY X 98 17.55 84.95 78.60
CA GLY X 98 16.65 83.80 78.43
C GLY X 98 17.37 82.48 78.14
N LYS X 99 16.72 81.37 78.48
CA LYS X 99 17.27 80.01 78.36
C LYS X 99 16.16 78.95 78.40
N PRO X 100 16.44 77.70 77.98
CA PRO X 100 15.62 76.56 78.34
C PRO X 100 15.33 76.55 79.85
N GLY X 101 14.07 76.32 80.22
CA GLY X 101 13.59 76.42 81.61
C GLY X 101 13.20 77.84 82.05
N ASP X 102 13.58 78.90 81.33
CA ASP X 102 12.96 80.23 81.46
C ASP X 102 11.86 80.39 80.42
N SER X 103 10.69 79.85 80.75
CA SER X 103 9.54 79.74 79.86
C SER X 103 8.24 79.79 80.63
N GLY X 104 7.15 80.18 79.98
CA GLY X 104 5.93 80.57 80.67
C GLY X 104 5.99 81.95 81.32
N ARG X 105 7.06 82.72 81.07
CA ARG X 105 7.26 84.07 81.62
C ARG X 105 6.38 85.09 80.89
N PRO X 106 5.81 86.10 81.57
CA PRO X 106 5.05 87.15 80.92
C PRO X 106 5.99 88.16 80.23
N ILE X 107 5.45 88.87 79.24
CA ILE X 107 5.97 90.16 78.76
C ILE X 107 5.00 91.26 79.21
N PHE X 108 5.52 92.30 79.85
CA PHE X 108 4.75 93.41 80.42
C PHE X 108 4.82 94.70 79.59
N ASP X 109 3.65 95.29 79.37
CA ASP X 109 3.46 96.71 79.06
C ASP X 109 4.07 97.57 80.18
N ASN X 110 4.74 98.67 79.82
CA ASN X 110 5.25 99.65 80.77
C ASN X 110 4.16 100.28 81.66
N LYS X 111 2.88 100.20 81.29
CA LYS X 111 1.75 100.53 82.19
C LYS X 111 1.35 99.41 83.17
N GLY X 112 2.13 98.34 83.28
CA GLY X 112 1.98 97.31 84.33
C GLY X 112 0.92 96.23 84.06
N ARG X 113 0.88 95.70 82.84
CA ARG X 113 -0.07 94.66 82.40
C ARG X 113 0.52 93.74 81.32
N VAL X 114 0.10 92.47 81.27
CA VAL X 114 0.70 91.45 80.40
C VAL X 114 0.17 91.52 78.96
N VAL X 115 1.03 91.26 77.97
CA VAL X 115 0.68 91.28 76.54
C VAL X 115 1.07 90.02 75.77
N ALA X 116 1.95 89.19 76.32
CA ALA X 116 2.36 87.91 75.76
C ALA X 116 2.94 87.00 76.83
N ILE X 117 3.02 85.69 76.55
CA ILE X 117 3.78 84.72 77.34
C ILE X 117 4.89 84.11 76.48
N VAL X 118 6.11 84.00 77.02
CA VAL X 118 7.28 83.45 76.33
C VAL X 118 7.27 81.92 76.32
N LEU X 119 7.55 81.33 75.17
CA LEU X 119 7.60 79.88 74.95
C LEU X 119 8.96 79.36 74.47
N GLY X 120 9.87 80.23 74.04
CA GLY X 120 11.12 79.79 73.41
C GLY X 120 11.83 80.91 72.66
N GLY X 121 12.91 80.58 71.94
CA GLY X 121 13.69 81.58 71.21
C GLY X 121 14.52 81.02 70.04
N ALA X 122 14.93 81.90 69.14
CA ALA X 122 15.78 81.60 67.99
C ALA X 122 17.21 82.11 68.16
N ASN X 123 18.14 81.69 67.29
CA ASN X 123 19.55 82.09 67.34
C ASN X 123 20.09 82.50 65.95
N GLU X 124 19.24 83.10 65.12
CA GLU X 124 19.56 83.55 63.75
C GLU X 124 20.26 84.92 63.73
N GLY X 125 21.42 84.97 64.38
CA GLY X 125 22.14 86.18 64.76
C GLY X 125 21.91 86.48 66.25
N ALA X 126 22.91 87.03 66.93
CA ALA X 126 23.01 87.04 68.40
C ALA X 126 22.11 88.07 69.14
N ARG X 127 20.90 88.32 68.64
CA ARG X 127 19.87 89.18 69.23
C ARG X 127 18.51 88.48 69.14
N THR X 128 18.47 87.27 69.71
CA THR X 128 17.36 86.31 69.78
C THR X 128 15.94 86.89 69.72
N ALA X 129 15.20 86.50 68.68
CA ALA X 129 13.73 86.64 68.63
C ALA X 129 13.04 85.53 69.45
N LEU X 130 11.85 85.82 69.98
CA LEU X 130 11.11 84.91 70.87
C LEU X 130 9.93 84.20 70.20
N SER X 131 9.76 82.91 70.50
CA SER X 131 8.47 82.23 70.36
C SER X 131 7.56 82.65 71.49
N VAL X 132 6.33 83.06 71.19
CA VAL X 132 5.40 83.63 72.17
C VAL X 132 3.96 83.30 71.84
N VAL X 133 3.07 83.44 72.82
CA VAL X 133 1.62 83.49 72.63
C VAL X 133 1.05 84.80 73.12
N THR X 134 0.00 85.27 72.46
CA THR X 134 -0.64 86.57 72.70
C THR X 134 -2.10 86.50 72.27
N TRP X 135 -2.94 87.44 72.71
CA TRP X 135 -4.39 87.41 72.57
C TRP X 135 -4.90 88.55 71.70
N ASN X 136 -4.41 88.61 70.46
CA ASN X 136 -4.78 89.62 69.47
C ASN X 136 -6.30 89.72 69.31
N LYS X 137 -6.86 90.90 69.57
CA LYS X 137 -8.29 91.19 69.45
C LYS X 137 -9.16 90.13 70.13
N ASP X 138 -8.77 89.75 71.34
CA ASP X 138 -9.48 88.81 72.23
C ASP X 138 -9.58 87.34 71.76
N ILE X 139 -8.60 86.84 70.99
CA ILE X 139 -8.36 85.41 70.74
C ILE X 139 -6.88 85.06 70.83
N VAL X 140 -6.51 83.99 71.53
CA VAL X 140 -5.12 83.50 71.59
C VAL X 140 -4.59 83.04 70.23
N THR X 141 -3.36 83.41 69.90
CA THR X 141 -2.57 82.84 68.80
C THR X 141 -1.09 82.71 69.18
N LYS X 142 -0.33 81.88 68.45
CA LYS X 142 1.11 81.66 68.66
C LYS X 142 1.93 82.25 67.52
N ILE X 143 3.02 82.94 67.88
CA ILE X 143 4.06 83.44 66.99
C ILE X 143 5.33 82.60 67.17
N THR X 144 5.94 82.15 66.07
CA THR X 144 7.08 81.23 66.11
C THR X 144 8.10 81.59 65.03
N PRO X 145 9.25 82.21 65.37
CA PRO X 145 10.34 82.43 64.43
C PRO X 145 10.84 81.12 63.80
N GLU X 146 11.31 81.19 62.55
CA GLU X 146 11.83 79.99 61.87
C GLU X 146 13.01 79.37 62.63
N GLY X 147 12.96 78.07 62.88
CA GLY X 147 14.01 77.35 63.61
C GLY X 147 14.12 77.67 65.11
N ALA X 148 13.14 78.33 65.72
CA ALA X 148 13.14 78.60 67.15
C ALA X 148 13.05 77.31 68.01
N GLU X 149 13.58 77.37 69.22
CA GLU X 149 13.68 76.30 70.21
C GLU X 149 12.67 76.50 71.34
N GLU X 150 11.89 75.47 71.69
CA GLU X 150 11.00 75.53 72.85
C GLU X 150 11.79 75.52 74.17
N TRP X 151 11.52 76.49 75.06
CA TRP X 151 12.16 76.63 76.37
C TRP X 151 11.31 76.07 77.51
#